data_9C6S
#
_entry.id   9C6S
#
_cell.length_a   1.00
_cell.length_b   1.00
_cell.length_c   1.00
_cell.angle_alpha   90.00
_cell.angle_beta   90.00
_cell.angle_gamma   90.00
#
_symmetry.space_group_name_H-M   'P 1'
#
loop_
_entity.id
_entity.type
_entity.pdbx_description
1 polymer 'Detyrosinated tubulin alpha-1A chain'
2 polymer 'Tubulin beta-6 chain'
3 non-polymer "GUANOSINE-5'-TRIPHOSPHATE"
4 non-polymer "GUANOSINE-5'-DIPHOSPHATE"
5 non-polymer 'Cryptophycin 52'
#
loop_
_entity_poly.entity_id
_entity_poly.type
_entity_poly.pdbx_seq_one_letter_code
_entity_poly.pdbx_strand_id
1 'polypeptide(L)'
;MRECISIHVGQAGVQIGNACWELYCLEHGIQPDGQMPSDKTIGGGDDSFNTFFSETGAGKHVPRAVFVDLEPTVIDEVRT
GTYRQLFHPEQLITGKEDAANNYARGHYTIGKEIIDLVLDRIRKLADQCTGLQGFLVFHSFGGGTGSGFTSLLMERLSVD
YGKKSKLEFSIYPAPQVSTAVVEPYNSILTTHTTLEHSDCAFMVDNEAIYDICRRNLDIERPTYTNLNRLIGQIVSSITA
SLRFDGALNVDLTEFQTNLVPYPRIHFPLATYAPVISAEKAYHEQLSVAEITNACFEPANQMVKCDPRHGKYMACCLLYR
GDVVPKDVNAAIATIKTKRTIQFVDWCPTGFKVGINYQPPTVVPGGDLAKVQRAVCMLSNTTAIAEAWARLDHKFDLMYA
KRAFVHWYVGEGMEEGEFSEAREDMAALEKDYEEVGVDSVEGEGEEEGEEY
;
A,C,I,M,Q,U,Y,c,g
2 'polypeptide(L)'
;MREIVHLQIGQCGNQIGAKFWEVISDEHGIDIAGNYCGNASLQLERINVYFNEAYSHKYVPRSILVDLEPGTMDSVRSSK
IGPLFRPDNFIHGNSGAGNNWAKGHYTEGAELIENVMDVVRNECESCDCLQGFQLIHSLGGGTGSGMGTLLINKIREEYP
DRIMNTFSVVPSPKVSDTVVEPYNAILSIHQLIENTDETFCIDNEALYDICFRTLKLTNPTYGDLNHLVSLTMSGVTTSL
RFPGQLNADLRKLAVNMVPFPRLHFFMPGFAPLTARGSQQYRALSVPELTQQMFDARNMMAACDPRRGRYLTVACIFRGR
MSTREVDEQLLSVQTKNSSYFVEWIPNNVKVAVCDIPPRGLKMAATFIGNNTAIQELFIRVSEQFSAMFRRKAFLHWYTG
EGMDEMEFSEAEGNTNDLVSEYQQYQDATADVEEYEEAEASPEKET
;
B,F,J,N,R,V,Z,d,h
#
# COMPACT_ATOMS: atom_id res chain seq x y z
N MET A 1 -49.76 -126.62 -3.00
CA MET A 1 -49.40 -125.47 -2.18
C MET A 1 -48.43 -124.56 -2.93
N ARG A 2 -47.91 -125.05 -4.04
CA ARG A 2 -46.97 -124.29 -4.86
C ARG A 2 -47.37 -124.43 -6.33
N GLU A 3 -47.22 -123.32 -7.07
CA GLU A 3 -47.58 -123.27 -8.47
C GLU A 3 -46.45 -122.66 -9.27
N CYS A 4 -46.35 -123.06 -10.54
CA CYS A 4 -45.42 -122.44 -11.48
C CYS A 4 -46.14 -122.15 -12.78
N ILE A 5 -45.90 -120.98 -13.34
CA ILE A 5 -46.54 -120.52 -14.57
C ILE A 5 -45.48 -120.50 -15.65
N SER A 6 -45.57 -121.43 -16.60
CA SER A 6 -44.63 -121.47 -17.71
C SER A 6 -44.97 -120.42 -18.74
N ILE A 7 -43.96 -119.69 -19.21
CA ILE A 7 -44.11 -118.66 -20.22
C ILE A 7 -43.24 -119.02 -21.41
N HIS A 8 -43.84 -119.07 -22.60
CA HIS A 8 -43.13 -119.33 -23.84
C HIS A 8 -43.27 -118.13 -24.76
N VAL A 9 -42.14 -117.52 -25.11
CA VAL A 9 -42.11 -116.39 -26.04
C VAL A 9 -41.36 -116.82 -27.29
N GLY A 10 -41.88 -116.43 -28.45
CA GLY A 10 -41.26 -116.75 -29.72
C GLY A 10 -41.70 -118.08 -30.28
N GLN A 11 -41.33 -118.30 -31.55
CA GLN A 11 -41.62 -119.56 -32.22
C GLN A 11 -40.86 -120.71 -31.57
N ALA A 12 -39.58 -120.49 -31.25
CA ALA A 12 -38.78 -121.50 -30.55
C ALA A 12 -39.35 -121.81 -29.18
N GLY A 13 -39.76 -120.77 -28.45
CA GLY A 13 -40.36 -120.97 -27.14
C GLY A 13 -41.67 -121.73 -27.21
N VAL A 14 -42.51 -121.42 -28.19
CA VAL A 14 -43.80 -122.09 -28.33
C VAL A 14 -43.61 -123.56 -28.72
N GLN A 15 -42.72 -123.84 -29.67
CA GLN A 15 -42.48 -125.22 -30.10
C GLN A 15 -41.83 -126.05 -28.99
N ILE A 16 -40.85 -125.47 -28.29
CA ILE A 16 -40.18 -126.16 -27.19
C ILE A 16 -41.17 -126.40 -26.04
N GLY A 17 -42.03 -125.43 -25.76
CA GLY A 17 -43.04 -125.60 -24.72
C GLY A 17 -44.07 -126.65 -25.05
N ASN A 18 -44.50 -126.72 -26.32
CA ASN A 18 -45.44 -127.76 -26.73
C ASN A 18 -44.82 -129.14 -26.63
N ALA A 19 -43.56 -129.29 -27.07
CA ALA A 19 -42.87 -130.57 -26.94
C ALA A 19 -42.65 -130.95 -25.48
N CYS A 20 -42.33 -129.97 -24.64
CA CYS A 20 -42.08 -130.23 -23.22
C CYS A 20 -43.37 -130.62 -22.50
N TRP A 21 -44.48 -129.95 -22.80
CA TRP A 21 -45.75 -130.31 -22.16
C TRP A 21 -46.26 -131.65 -22.68
N GLU A 22 -45.98 -131.98 -23.93
CA GLU A 22 -46.27 -133.32 -24.43
C GLU A 22 -45.48 -134.39 -23.68
N LEU A 23 -44.20 -134.12 -23.42
CA LEU A 23 -43.39 -135.07 -22.66
C LEU A 23 -43.79 -135.12 -21.18
N TYR A 24 -44.29 -134.01 -20.64
CA TYR A 24 -44.77 -134.01 -19.27
C TYR A 24 -46.06 -134.80 -19.12
N CYS A 25 -46.96 -134.69 -20.12
CA CYS A 25 -48.15 -135.54 -20.14
C CYS A 25 -47.78 -137.00 -20.37
N LEU A 26 -46.72 -137.26 -21.12
CA LEU A 26 -46.28 -138.64 -21.33
C LEU A 26 -45.66 -139.24 -20.07
N GLU A 27 -44.85 -138.47 -19.36
CA GLU A 27 -44.13 -139.00 -18.20
C GLU A 27 -45.05 -139.19 -17.00
N HIS A 28 -45.97 -138.26 -16.79
CA HIS A 28 -46.90 -138.34 -15.66
C HIS A 28 -48.11 -139.22 -15.94
N GLY A 29 -48.23 -139.77 -17.15
CA GLY A 29 -49.38 -140.59 -17.48
C GLY A 29 -50.67 -139.83 -17.69
N ILE A 30 -50.59 -138.52 -17.93
CA ILE A 30 -51.77 -137.72 -18.21
C ILE A 30 -52.20 -137.96 -19.65
N GLN A 31 -53.50 -138.19 -19.83
CA GLN A 31 -54.04 -138.37 -21.17
C GLN A 31 -53.98 -137.06 -21.96
N PRO A 32 -53.84 -137.12 -23.28
CA PRO A 32 -53.78 -135.89 -24.09
C PRO A 32 -55.05 -135.04 -24.05
N ASP A 33 -56.21 -135.64 -23.77
CA ASP A 33 -57.43 -134.85 -23.67
C ASP A 33 -57.49 -134.03 -22.39
N GLY A 34 -56.73 -134.41 -21.36
CA GLY A 34 -56.67 -133.68 -20.11
C GLY A 34 -57.00 -134.51 -18.88
N GLN A 35 -57.66 -135.64 -19.04
CA GLN A 35 -58.02 -136.46 -17.89
C GLN A 35 -56.82 -137.29 -17.42
N MET A 36 -56.98 -137.89 -16.25
CA MET A 36 -55.95 -138.74 -15.65
C MET A 36 -56.58 -140.07 -15.27
N PRO A 37 -55.97 -141.21 -15.64
CA PRO A 37 -56.55 -142.51 -15.28
C PRO A 37 -56.53 -142.83 -13.80
N SER A 38 -55.38 -142.66 -13.16
CA SER A 38 -55.17 -143.13 -11.79
C SER A 38 -55.35 -142.03 -10.75
N ASP A 39 -54.73 -140.87 -10.95
CA ASP A 39 -54.68 -139.85 -9.91
C ASP A 39 -55.90 -138.94 -9.87
N LYS A 40 -56.89 -139.16 -10.73
CA LYS A 40 -58.12 -138.39 -10.72
C LYS A 40 -59.15 -138.94 -9.75
N THR A 41 -58.83 -140.02 -9.04
CA THR A 41 -59.73 -140.53 -8.00
C THR A 41 -59.85 -139.55 -6.85
N ILE A 42 -58.75 -138.89 -6.48
CA ILE A 42 -58.80 -137.85 -5.46
C ILE A 42 -59.57 -136.64 -5.95
N GLY A 43 -59.26 -136.18 -7.17
CA GLY A 43 -59.90 -135.01 -7.73
C GLY A 43 -59.33 -133.69 -7.29
N GLY A 44 -58.34 -133.69 -6.40
CA GLY A 44 -57.72 -132.48 -5.91
C GLY A 44 -56.27 -132.33 -6.34
N GLY A 45 -55.65 -131.29 -5.84
CA GLY A 45 -54.28 -130.96 -6.14
C GLY A 45 -53.30 -131.63 -5.19
N ASP A 46 -52.15 -130.96 -5.00
CA ASP A 46 -50.98 -131.34 -4.19
C ASP A 46 -50.59 -132.80 -4.32
N ASP A 47 -50.63 -133.35 -5.53
CA ASP A 47 -50.27 -134.73 -5.81
C ASP A 47 -48.94 -134.83 -6.55
N SER A 48 -48.02 -133.91 -6.25
CA SER A 48 -46.65 -133.76 -6.75
C SER A 48 -46.57 -133.27 -8.19
N PHE A 49 -47.69 -133.10 -8.88
CA PHE A 49 -47.71 -132.41 -10.17
C PHE A 49 -48.52 -131.12 -10.11
N ASN A 50 -48.91 -130.68 -8.92
CA ASN A 50 -49.64 -129.43 -8.76
C ASN A 50 -48.77 -128.20 -8.91
N THR A 51 -47.43 -128.38 -8.97
CA THR A 51 -46.56 -127.27 -9.27
C THR A 51 -46.72 -126.80 -10.71
N PHE A 52 -47.11 -127.70 -11.61
CA PHE A 52 -47.28 -127.39 -13.03
C PHE A 52 -48.72 -127.47 -13.50
N PHE A 53 -49.45 -128.51 -13.11
CA PHE A 53 -50.76 -128.80 -13.67
C PHE A 53 -51.87 -128.32 -12.74
N SER A 54 -52.88 -127.67 -13.30
CA SER A 54 -54.05 -127.21 -12.57
C SER A 54 -55.26 -128.05 -12.94
N GLU A 55 -56.14 -128.28 -11.98
CA GLU A 55 -57.36 -129.05 -12.20
C GLU A 55 -58.56 -128.10 -12.23
N THR A 56 -59.37 -128.23 -13.26
CA THR A 56 -60.58 -127.43 -13.41
C THR A 56 -61.74 -128.13 -12.69
N GLY A 57 -62.95 -127.59 -12.85
CA GLY A 57 -64.13 -128.20 -12.25
C GLY A 57 -64.56 -129.49 -12.92
N ALA A 58 -64.18 -129.70 -14.17
CA ALA A 58 -64.52 -130.92 -14.90
C ALA A 58 -63.48 -132.01 -14.73
N GLY A 59 -62.44 -131.79 -13.92
CA GLY A 59 -61.40 -132.78 -13.74
C GLY A 59 -60.30 -132.76 -14.77
N LYS A 60 -60.31 -131.80 -15.69
CA LYS A 60 -59.28 -131.71 -16.72
C LYS A 60 -58.00 -131.15 -16.12
N HIS A 61 -56.87 -131.80 -16.44
CA HIS A 61 -55.57 -131.35 -15.95
C HIS A 61 -54.95 -130.44 -17.00
N VAL A 62 -55.43 -129.20 -17.01
CA VAL A 62 -54.88 -128.19 -17.93
C VAL A 62 -53.56 -127.67 -17.36
N PRO A 63 -52.48 -127.66 -18.15
CA PRO A 63 -51.22 -127.09 -17.66
C PRO A 63 -51.31 -125.58 -17.49
N ARG A 64 -50.52 -125.07 -16.55
CA ARG A 64 -50.42 -123.63 -16.31
C ARG A 64 -49.40 -123.03 -17.27
N ALA A 65 -49.81 -122.94 -18.53
CA ALA A 65 -48.91 -122.53 -19.61
C ALA A 65 -49.46 -121.29 -20.30
N VAL A 66 -48.57 -120.36 -20.62
CA VAL A 66 -48.90 -119.19 -21.42
C VAL A 66 -48.05 -119.25 -22.69
N PHE A 67 -48.71 -119.37 -23.84
CA PHE A 67 -48.05 -119.39 -25.14
C PHE A 67 -48.23 -118.02 -25.77
N VAL A 68 -47.15 -117.24 -25.84
CA VAL A 68 -47.18 -115.91 -26.44
C VAL A 68 -46.24 -115.88 -27.62
N ASP A 69 -46.74 -115.42 -28.76
CA ASP A 69 -45.92 -115.20 -29.94
C ASP A 69 -46.58 -114.14 -30.80
N LEU A 70 -45.78 -113.43 -31.57
CA LEU A 70 -46.29 -112.40 -32.45
C LEU A 70 -46.69 -112.94 -33.82
N GLU A 71 -46.58 -114.24 -34.04
CA GLU A 71 -47.07 -114.91 -35.23
C GLU A 71 -48.05 -115.99 -34.82
N PRO A 72 -49.27 -116.01 -35.36
CA PRO A 72 -50.28 -116.97 -34.91
C PRO A 72 -50.19 -118.34 -35.55
N THR A 73 -49.17 -118.60 -36.38
CA THR A 73 -49.07 -119.88 -37.09
C THR A 73 -48.76 -121.01 -36.12
N VAL A 74 -47.75 -120.84 -35.26
CA VAL A 74 -47.39 -121.88 -34.31
C VAL A 74 -48.47 -122.04 -33.24
N ILE A 75 -49.14 -120.94 -32.86
CA ILE A 75 -50.23 -121.00 -31.90
C ILE A 75 -51.39 -121.80 -32.46
N ASP A 76 -51.73 -121.58 -33.74
CA ASP A 76 -52.78 -122.38 -34.38
C ASP A 76 -52.32 -123.81 -34.60
N GLU A 77 -51.02 -124.04 -34.77
CA GLU A 77 -50.49 -125.40 -34.87
C GLU A 77 -50.67 -126.16 -33.56
N VAL A 78 -50.42 -125.49 -32.43
CA VAL A 78 -50.70 -126.11 -31.13
C VAL A 78 -52.20 -126.28 -30.93
N ARG A 79 -52.99 -125.29 -31.34
CA ARG A 79 -54.45 -125.34 -31.23
C ARG A 79 -55.10 -126.34 -32.16
N THR A 80 -54.37 -126.89 -33.12
CA THR A 80 -54.91 -127.89 -34.05
C THR A 80 -54.20 -129.23 -33.96
N GLY A 81 -52.87 -129.24 -33.84
CA GLY A 81 -52.12 -130.47 -33.74
C GLY A 81 -51.18 -130.51 -32.56
N TYR A 83 -54.43 -131.68 -27.12
CA TYR A 83 -53.74 -130.42 -27.46
C TYR A 83 -54.74 -129.27 -27.51
N ARG A 84 -55.75 -129.40 -28.36
CA ARG A 84 -56.76 -128.35 -28.52
C ARG A 84 -57.62 -128.22 -27.28
N GLN A 85 -58.16 -129.33 -26.77
CA GLN A 85 -58.89 -129.32 -25.52
C GLN A 85 -57.97 -129.28 -24.31
N LEU A 86 -56.69 -129.63 -24.48
CA LEU A 86 -55.74 -129.59 -23.39
C LEU A 86 -55.40 -128.16 -22.99
N PHE A 87 -55.12 -127.31 -23.98
CA PHE A 87 -54.73 -125.92 -23.75
C PHE A 87 -55.94 -125.03 -24.00
N HIS A 88 -56.28 -124.21 -23.01
CA HIS A 88 -57.40 -123.28 -23.16
C HIS A 88 -57.02 -122.17 -24.15
N PRO A 89 -57.94 -121.77 -25.03
CA PRO A 89 -57.63 -120.69 -25.98
C PRO A 89 -57.50 -119.31 -25.33
N GLU A 90 -57.99 -119.13 -24.10
CA GLU A 90 -57.89 -117.83 -23.45
C GLU A 90 -56.44 -117.52 -23.04
N GLN A 91 -55.69 -118.54 -22.65
CA GLN A 91 -54.31 -118.34 -22.20
C GLN A 91 -53.30 -118.35 -23.33
N LEU A 92 -53.70 -118.71 -24.55
CA LEU A 92 -52.81 -118.72 -25.70
C LEU A 92 -52.94 -117.37 -26.41
N ILE A 93 -51.94 -116.51 -26.25
CA ILE A 93 -51.97 -115.16 -26.81
C ILE A 93 -51.20 -115.17 -28.12
N THR A 94 -51.84 -114.67 -29.18
CA THR A 94 -51.23 -114.53 -30.49
C THR A 94 -50.92 -113.05 -30.75
N GLY A 95 -50.18 -112.82 -31.84
CA GLY A 95 -49.88 -111.47 -32.28
C GLY A 95 -50.07 -111.34 -33.77
N LYS A 96 -50.09 -110.08 -34.22
CA LYS A 96 -50.39 -109.78 -35.61
C LYS A 96 -49.11 -109.69 -36.46
N GLU A 97 -48.19 -108.83 -36.06
CA GLU A 97 -46.98 -108.56 -36.82
C GLU A 97 -45.77 -109.05 -36.05
N ASP A 98 -44.88 -109.77 -36.73
CA ASP A 98 -43.66 -110.23 -36.09
C ASP A 98 -42.66 -109.09 -35.95
N ALA A 99 -41.71 -109.26 -35.04
CA ALA A 99 -40.64 -108.29 -34.89
C ALA A 99 -39.53 -108.48 -35.91
N ALA A 100 -39.49 -109.65 -36.57
CA ALA A 100 -38.67 -109.93 -37.76
C ALA A 100 -37.18 -109.74 -37.48
N ASN A 101 -36.67 -110.52 -36.52
CA ASN A 101 -35.26 -110.56 -36.13
C ASN A 101 -34.74 -109.20 -35.70
N ASN A 102 -35.59 -108.44 -34.99
CA ASN A 102 -35.21 -107.13 -34.49
C ASN A 102 -35.60 -107.04 -33.02
N TYR A 103 -34.63 -106.68 -32.18
CA TYR A 103 -34.90 -106.53 -30.75
C TYR A 103 -35.75 -105.29 -30.48
N ALA A 104 -35.45 -104.19 -31.16
CA ALA A 104 -36.13 -102.93 -30.89
C ALA A 104 -37.59 -102.98 -31.32
N ARG A 105 -37.91 -103.75 -32.36
CA ARG A 105 -39.30 -103.91 -32.78
C ARG A 105 -40.12 -104.65 -31.71
N GLY A 106 -39.56 -105.70 -31.14
CA GLY A 106 -40.23 -106.39 -30.06
C GLY A 106 -40.16 -105.70 -28.71
N HIS A 107 -39.32 -104.67 -28.57
CA HIS A 107 -39.12 -104.01 -27.29
C HIS A 107 -39.74 -102.62 -27.20
N TYR A 108 -40.02 -101.96 -28.32
CA TYR A 108 -40.48 -100.59 -28.21
C TYR A 108 -41.79 -100.30 -28.93
N THR A 109 -42.03 -100.93 -30.09
CA THR A 109 -43.20 -100.60 -30.89
C THR A 109 -44.19 -101.76 -31.00
N ILE A 110 -43.76 -102.93 -31.44
CA ILE A 110 -44.70 -104.00 -31.70
C ILE A 110 -45.07 -104.75 -30.42
N GLY A 111 -44.08 -104.97 -29.54
CA GLY A 111 -44.37 -105.60 -28.27
C GLY A 111 -45.06 -104.69 -27.28
N LYS A 112 -44.90 -103.36 -27.42
CA LYS A 112 -45.51 -102.44 -26.48
C LYS A 112 -47.01 -102.30 -26.69
N GLU A 113 -47.52 -102.64 -27.87
CA GLU A 113 -48.96 -102.61 -28.12
C GLU A 113 -49.66 -103.87 -27.63
N ILE A 114 -48.91 -104.86 -27.15
CA ILE A 114 -49.47 -106.14 -26.75
C ILE A 114 -49.03 -106.56 -25.36
N ILE A 115 -48.15 -105.80 -24.70
CA ILE A 115 -47.59 -106.18 -23.41
C ILE A 115 -48.67 -106.13 -22.30
N ASP A 116 -49.63 -105.21 -22.41
CA ASP A 116 -50.65 -105.05 -21.37
C ASP A 116 -51.60 -106.24 -21.34
N LEU A 117 -51.97 -106.77 -22.52
CA LEU A 117 -52.83 -107.94 -22.57
C LEU A 117 -52.15 -109.17 -22.02
N VAL A 118 -50.85 -109.33 -22.30
CA VAL A 118 -50.10 -110.46 -21.77
C VAL A 118 -49.93 -110.33 -20.25
N LEU A 119 -49.74 -109.10 -19.76
CA LEU A 119 -49.68 -108.87 -18.32
C LEU A 119 -51.00 -109.17 -17.64
N ASP A 120 -52.11 -108.81 -18.28
CA ASP A 120 -53.43 -109.11 -17.74
C ASP A 120 -53.71 -110.61 -17.73
N ARG A 121 -53.28 -111.32 -18.79
CA ARG A 121 -53.41 -112.78 -18.80
C ARG A 121 -52.52 -113.44 -17.74
N ILE A 122 -51.34 -112.87 -17.51
CA ILE A 122 -50.44 -113.37 -16.47
C ILE A 122 -51.07 -113.20 -15.09
N ARG A 123 -51.68 -112.04 -14.84
CA ARG A 123 -52.35 -111.79 -13.57
C ARG A 123 -53.59 -112.67 -13.41
N LYS A 124 -54.31 -112.92 -14.51
CA LYS A 124 -55.47 -113.81 -14.48
C LYS A 124 -55.08 -115.25 -14.17
N LEU A 125 -53.96 -115.71 -14.72
CA LEU A 125 -53.50 -117.05 -14.40
C LEU A 125 -52.89 -117.12 -13.00
N ALA A 126 -52.30 -116.02 -12.53
CA ALA A 126 -51.75 -115.97 -11.18
C ALA A 126 -52.80 -115.83 -10.10
N ASP A 127 -54.02 -115.40 -10.46
CA ASP A 127 -55.10 -115.30 -9.48
C ASP A 127 -55.55 -116.68 -9.02
N GLN A 128 -55.44 -117.70 -9.87
CA GLN A 128 -55.74 -119.06 -9.46
C GLN A 128 -54.62 -119.65 -8.60
N CYS A 129 -53.43 -119.08 -8.65
CA CYS A 129 -52.29 -119.58 -7.86
C CYS A 129 -52.23 -118.87 -6.53
N THR A 130 -52.22 -119.65 -5.44
CA THR A 130 -52.16 -119.09 -4.09
C THR A 130 -50.78 -119.14 -3.48
N GLY A 131 -49.93 -120.08 -3.91
CA GLY A 131 -48.59 -120.21 -3.37
C GLY A 131 -47.53 -120.27 -4.44
N LEU A 132 -47.69 -119.48 -5.50
CA LEU A 132 -46.85 -119.57 -6.68
C LEU A 132 -45.41 -119.16 -6.38
N GLN A 133 -44.47 -119.88 -6.98
CA GLN A 133 -43.04 -119.64 -6.78
C GLN A 133 -42.49 -118.62 -7.77
N GLY A 134 -42.81 -118.77 -9.04
CA GLY A 134 -42.29 -117.87 -10.05
C GLY A 134 -42.71 -118.31 -11.43
N PHE A 135 -41.88 -117.95 -12.42
CA PHE A 135 -42.19 -118.20 -13.82
C PHE A 135 -41.00 -118.83 -14.52
N LEU A 136 -41.31 -119.69 -15.48
CA LEU A 136 -40.32 -120.27 -16.38
C LEU A 136 -40.45 -119.57 -17.73
N VAL A 137 -39.46 -118.76 -18.07
CA VAL A 137 -39.47 -118.03 -19.33
C VAL A 137 -38.79 -118.89 -20.39
N PHE A 138 -39.54 -119.31 -21.40
CA PHE A 138 -39.01 -120.00 -22.56
C PHE A 138 -38.91 -119.00 -23.70
N HIS A 139 -37.71 -118.80 -24.23
CA HIS A 139 -37.51 -117.88 -25.34
C HIS A 139 -36.26 -118.30 -26.11
N SER A 140 -35.87 -117.47 -27.08
CA SER A 140 -34.67 -117.71 -27.87
C SER A 140 -33.94 -116.39 -28.05
N PHE A 141 -32.61 -116.47 -28.08
CA PHE A 141 -31.79 -115.26 -28.11
C PHE A 141 -31.78 -114.62 -29.50
N GLY A 142 -31.91 -115.42 -30.55
CA GLY A 142 -31.72 -114.91 -31.90
C GLY A 142 -32.87 -114.12 -32.47
N GLY A 143 -34.10 -114.48 -32.11
CA GLY A 143 -35.28 -113.92 -32.74
C GLY A 143 -35.56 -112.49 -32.33
N GLY A 144 -36.64 -111.97 -32.89
CA GLY A 144 -37.06 -110.61 -32.60
C GLY A 144 -38.10 -110.57 -31.50
N THR A 145 -39.06 -111.49 -31.57
CA THR A 145 -40.04 -111.61 -30.50
C THR A 145 -39.40 -112.14 -29.22
N GLY A 146 -38.63 -113.23 -29.35
CA GLY A 146 -38.03 -113.94 -28.22
C GLY A 146 -36.94 -113.19 -27.51
N SER A 147 -36.51 -112.05 -28.02
CA SER A 147 -35.60 -111.16 -27.31
C SER A 147 -36.27 -109.89 -26.83
N GLY A 148 -36.97 -109.18 -27.72
CA GLY A 148 -37.58 -107.92 -27.34
C GLY A 148 -38.77 -108.07 -26.41
N PHE A 149 -39.68 -108.98 -26.73
CA PHE A 149 -40.82 -109.19 -25.86
C PHE A 149 -40.42 -109.87 -24.57
N THR A 150 -39.38 -110.72 -24.61
CA THR A 150 -38.83 -111.30 -23.40
C THR A 150 -38.22 -110.23 -22.50
N SER A 151 -37.53 -109.25 -23.07
CA SER A 151 -36.94 -108.19 -22.28
C SER A 151 -38.00 -107.28 -21.67
N LEU A 152 -39.04 -106.95 -22.44
CA LEU A 152 -40.11 -106.12 -21.89
C LEU A 152 -40.91 -106.88 -20.84
N LEU A 153 -41.13 -108.17 -21.05
CA LEU A 153 -41.82 -109.01 -20.07
C LEU A 153 -41.01 -109.13 -18.79
N MET A 154 -39.69 -109.30 -18.90
CA MET A 154 -38.83 -109.36 -17.72
C MET A 154 -38.83 -108.04 -16.97
N GLU A 155 -38.82 -106.92 -17.68
CA GLU A 155 -38.91 -105.61 -17.04
C GLU A 155 -40.23 -105.43 -16.29
N ARG A 156 -41.34 -105.84 -16.92
CA ARG A 156 -42.64 -105.70 -16.29
C ARG A 156 -42.80 -106.65 -15.09
N LEU A 157 -42.27 -107.87 -15.20
CA LEU A 157 -42.34 -108.81 -14.08
C LEU A 157 -41.37 -108.46 -12.97
N SER A 158 -40.30 -107.72 -13.26
CA SER A 158 -39.44 -107.24 -12.18
C SER A 158 -40.03 -106.03 -11.49
N VAL A 159 -40.76 -105.18 -12.21
CA VAL A 159 -41.43 -104.05 -11.57
C VAL A 159 -42.62 -104.53 -10.73
N ASP A 160 -43.40 -105.46 -11.27
CA ASP A 160 -44.69 -105.81 -10.66
C ASP A 160 -44.61 -107.01 -9.71
N TYR A 161 -43.64 -107.90 -9.90
CA TYR A 161 -43.56 -109.16 -9.14
C TYR A 161 -42.19 -109.29 -8.49
N GLY A 162 -41.73 -108.22 -7.83
CA GLY A 162 -40.38 -108.12 -7.31
C GLY A 162 -40.06 -109.08 -6.18
N LYS A 163 -41.06 -109.69 -5.55
CA LYS A 163 -40.83 -110.68 -4.52
C LYS A 163 -40.70 -112.09 -5.07
N LYS A 164 -40.79 -112.26 -6.38
CA LYS A 164 -40.71 -113.57 -7.01
C LYS A 164 -39.38 -113.73 -7.76
N SER A 165 -39.00 -114.98 -7.96
CA SER A 165 -37.82 -115.33 -8.72
C SER A 165 -38.24 -115.90 -10.07
N LYS A 166 -37.56 -115.49 -11.13
CA LYS A 166 -37.88 -115.89 -12.49
C LYS A 166 -36.72 -116.65 -13.10
N LEU A 167 -37.01 -117.79 -13.70
CA LEU A 167 -35.99 -118.58 -14.39
C LEU A 167 -35.84 -118.06 -15.82
N GLU A 168 -35.01 -118.74 -16.62
CA GLU A 168 -34.89 -118.42 -18.03
C GLU A 168 -34.51 -119.69 -18.77
N PHE A 169 -35.09 -119.88 -19.95
CA PHE A 169 -34.77 -120.98 -20.85
C PHE A 169 -34.50 -120.37 -22.21
N SER A 170 -33.25 -119.98 -22.46
CA SER A 170 -32.87 -119.32 -23.69
C SER A 170 -32.24 -120.31 -24.66
N ILE A 171 -32.25 -119.94 -25.94
CA ILE A 171 -31.63 -120.71 -27.00
C ILE A 171 -30.49 -119.88 -27.55
N TYR A 172 -29.26 -120.34 -27.35
CA TYR A 172 -28.10 -119.64 -27.87
C TYR A 172 -27.99 -119.84 -29.38
N PRO A 173 -27.73 -118.78 -30.15
CA PRO A 173 -27.68 -118.91 -31.61
C PRO A 173 -26.50 -119.72 -32.10
N ALA A 174 -26.73 -120.42 -33.20
CA ALA A 174 -25.73 -121.31 -33.80
C ALA A 174 -25.57 -121.00 -35.27
N PRO A 175 -24.35 -121.12 -35.81
CA PRO A 175 -24.16 -120.88 -37.25
C PRO A 175 -24.70 -121.99 -38.14
N GLN A 176 -24.99 -123.17 -37.58
CA GLN A 176 -25.50 -124.27 -38.40
C GLN A 176 -26.93 -124.00 -38.86
N VAL A 177 -27.81 -123.59 -37.94
CA VAL A 177 -29.19 -123.24 -38.26
C VAL A 177 -29.46 -121.84 -37.70
N SER A 178 -29.29 -120.83 -38.53
CA SER A 178 -29.57 -119.45 -38.16
C SER A 178 -30.37 -118.81 -39.29
N THR A 179 -31.49 -118.19 -38.93
CA THR A 179 -32.35 -117.52 -39.90
C THR A 179 -32.09 -116.03 -39.98
N ALA A 180 -31.03 -115.52 -39.36
CA ALA A 180 -30.79 -114.09 -39.33
C ALA A 180 -29.30 -113.82 -39.19
N VAL A 181 -28.94 -112.56 -39.40
CA VAL A 181 -27.57 -112.09 -39.27
C VAL A 181 -27.36 -111.29 -37.99
N VAL A 182 -28.40 -110.64 -37.48
CA VAL A 182 -28.28 -109.77 -36.31
C VAL A 182 -28.61 -110.52 -35.02
N GLU A 183 -28.52 -111.86 -35.03
CA GLU A 183 -28.58 -112.62 -33.79
C GLU A 183 -27.53 -112.23 -32.75
N PRO A 184 -26.27 -111.88 -33.09
CA PRO A 184 -25.42 -111.23 -32.07
C PRO A 184 -26.00 -109.95 -31.48
N TYR A 185 -26.63 -109.10 -32.30
CA TYR A 185 -27.17 -107.85 -31.79
C TYR A 185 -28.34 -108.10 -30.84
N ASN A 186 -29.26 -108.98 -31.24
CA ASN A 186 -30.42 -109.32 -30.42
C ASN A 186 -29.98 -110.03 -29.13
N SER A 187 -29.01 -110.94 -29.24
CA SER A 187 -28.57 -111.69 -28.07
C SER A 187 -27.86 -110.79 -27.06
N ILE A 188 -26.99 -109.89 -27.52
CA ILE A 188 -26.30 -108.98 -26.61
C ILE A 188 -27.29 -108.00 -25.98
N LEU A 189 -28.26 -107.51 -26.75
CA LEU A 189 -29.22 -106.56 -26.20
C LEU A 189 -30.16 -107.21 -25.19
N THR A 190 -30.63 -108.43 -25.47
CA THR A 190 -31.49 -109.11 -24.51
C THR A 190 -30.72 -109.70 -23.34
N THR A 191 -29.40 -109.87 -23.46
CA THR A 191 -28.59 -110.23 -22.30
C THR A 191 -28.39 -109.02 -21.38
N HIS A 192 -28.14 -107.85 -21.97
CA HIS A 192 -27.96 -106.65 -21.16
C HIS A 192 -29.27 -106.21 -20.51
N THR A 193 -30.41 -106.39 -21.20
CA THR A 193 -31.67 -105.98 -20.60
C THR A 193 -32.16 -106.95 -19.53
N THR A 194 -32.00 -108.26 -19.76
CA THR A 194 -32.45 -109.27 -18.80
C THR A 194 -31.31 -109.83 -17.96
N LEU A 195 -30.31 -109.01 -17.64
CA LEU A 195 -29.28 -109.45 -16.71
C LEU A 195 -29.75 -109.31 -15.27
N GLU A 196 -30.41 -108.21 -14.95
CA GLU A 196 -30.88 -107.95 -13.59
C GLU A 196 -32.27 -108.53 -13.33
N HIS A 197 -32.92 -109.10 -14.33
CA HIS A 197 -34.28 -109.61 -14.18
C HIS A 197 -34.37 -111.12 -14.33
N SER A 198 -33.26 -111.81 -14.55
CA SER A 198 -33.25 -113.26 -14.67
C SER A 198 -32.32 -113.84 -13.62
N ASP A 199 -32.72 -114.97 -13.04
CA ASP A 199 -32.00 -115.56 -11.92
C ASP A 199 -31.40 -116.93 -12.23
N CYS A 200 -31.82 -117.58 -13.31
CA CYS A 200 -31.20 -118.84 -13.74
C CYS A 200 -31.49 -119.01 -15.22
N ALA A 201 -30.45 -118.94 -16.04
CA ALA A 201 -30.58 -118.99 -17.50
C ALA A 201 -29.91 -120.23 -18.04
N PHE A 202 -30.70 -121.22 -18.45
CA PHE A 202 -30.19 -122.44 -19.07
C PHE A 202 -30.07 -122.24 -20.57
N MET A 203 -29.07 -121.46 -20.97
CA MET A 203 -28.86 -121.18 -22.39
C MET A 203 -28.22 -122.39 -23.05
N VAL A 204 -28.93 -122.97 -24.01
CA VAL A 204 -28.47 -124.14 -24.75
C VAL A 204 -28.42 -123.78 -26.23
N ASP A 205 -27.28 -124.04 -26.88
CA ASP A 205 -27.13 -123.72 -28.28
C ASP A 205 -27.54 -124.91 -29.14
N ASN A 206 -28.07 -124.61 -30.32
CA ASN A 206 -28.49 -125.65 -31.25
C ASN A 206 -27.33 -126.31 -31.96
N GLU A 207 -26.12 -125.75 -31.89
CA GLU A 207 -24.97 -126.40 -32.48
C GLU A 207 -24.61 -127.69 -31.74
N ALA A 208 -24.69 -127.66 -30.40
CA ALA A 208 -24.40 -128.86 -29.62
C ALA A 208 -25.47 -129.93 -29.81
N ILE A 209 -26.74 -129.52 -29.86
CA ILE A 209 -27.84 -130.45 -30.11
C ILE A 209 -27.73 -131.06 -31.51
N TYR A 210 -27.36 -130.23 -32.49
CA TYR A 210 -27.16 -130.71 -33.85
C TYR A 210 -26.00 -131.68 -33.94
N ASP A 211 -24.90 -131.40 -33.23
CA ASP A 211 -23.75 -132.30 -33.23
C ASP A 211 -24.08 -133.63 -32.54
N ILE A 212 -24.86 -133.57 -31.45
CA ILE A 212 -25.29 -134.78 -30.77
C ILE A 212 -26.20 -135.61 -31.66
N CYS A 213 -27.14 -134.96 -32.35
CA CYS A 213 -28.03 -135.67 -33.28
C CYS A 213 -27.27 -136.22 -34.48
N ARG A 214 -26.18 -135.55 -34.89
CA ARG A 214 -25.38 -136.03 -36.01
C ARG A 214 -24.55 -137.25 -35.63
N ARG A 215 -23.90 -137.20 -34.46
CA ARG A 215 -22.91 -138.22 -34.12
C ARG A 215 -23.45 -139.37 -33.29
N ASN A 216 -24.60 -139.20 -32.64
CA ASN A 216 -25.21 -140.27 -31.86
C ASN A 216 -26.48 -140.82 -32.50
N LEU A 217 -27.41 -139.96 -32.88
CA LEU A 217 -28.64 -140.40 -33.51
C LEU A 217 -28.42 -140.70 -34.99
N ARG A 221 -29.01 -133.22 -42.83
CA ARG A 221 -28.97 -132.81 -41.43
C ARG A 221 -30.27 -133.15 -40.72
N PRO A 222 -30.22 -133.38 -39.41
CA PRO A 222 -31.46 -133.47 -38.63
C PRO A 222 -32.19 -132.14 -38.62
N THR A 223 -33.52 -132.22 -38.62
CA THR A 223 -34.38 -131.06 -38.79
C THR A 223 -34.67 -130.42 -37.44
N TYR A 224 -35.61 -129.46 -37.42
CA TYR A 224 -36.00 -128.82 -36.18
C TYR A 224 -36.88 -129.71 -35.31
N THR A 225 -37.47 -130.77 -35.89
CA THR A 225 -38.30 -131.67 -35.09
C THR A 225 -37.45 -132.55 -34.19
N ASN A 226 -36.35 -133.09 -34.71
CA ASN A 226 -35.44 -133.90 -33.88
C ASN A 226 -34.75 -133.05 -32.82
N LEU A 227 -34.35 -131.81 -33.19
CA LEU A 227 -33.79 -130.89 -32.23
C LEU A 227 -34.79 -130.51 -31.15
N ASN A 228 -36.06 -130.30 -31.55
CA ASN A 228 -37.11 -129.99 -30.59
C ASN A 228 -37.38 -131.15 -29.64
N ARG A 229 -37.38 -132.38 -30.16
CA ARG A 229 -37.62 -133.54 -29.31
C ARG A 229 -36.47 -133.78 -28.34
N LEU A 230 -35.23 -133.65 -28.81
CA LEU A 230 -34.08 -133.80 -27.92
C LEU A 230 -34.02 -132.70 -26.88
N ILE A 231 -34.30 -131.45 -27.27
CA ILE A 231 -34.31 -130.34 -26.33
C ILE A 231 -35.44 -130.50 -25.32
N GLY A 232 -36.59 -131.01 -25.75
CA GLY A 232 -37.67 -131.31 -24.83
C GLY A 232 -37.30 -132.41 -23.85
N GLN A 233 -36.56 -133.43 -24.29
CA GLN A 233 -36.06 -134.45 -23.39
C GLN A 233 -35.06 -133.87 -22.38
N ILE A 234 -34.18 -132.99 -22.85
CA ILE A 234 -33.17 -132.37 -21.98
C ILE A 234 -33.85 -131.52 -20.90
N VAL A 235 -34.79 -130.65 -21.31
CA VAL A 235 -35.49 -129.78 -20.38
C VAL A 235 -36.40 -130.59 -19.45
N SER A 236 -37.00 -131.68 -19.95
CA SER A 236 -37.84 -132.53 -19.10
C SER A 236 -37.01 -133.23 -18.01
N SER A 237 -35.81 -133.69 -18.35
CA SER A 237 -34.96 -134.28 -17.31
C SER A 237 -34.27 -133.21 -16.46
N ILE A 238 -34.17 -131.98 -16.93
CA ILE A 238 -33.73 -130.87 -16.08
C ILE A 238 -34.78 -130.58 -15.02
N THR A 239 -36.04 -130.49 -15.43
CA THR A 239 -37.14 -130.14 -14.55
C THR A 239 -37.90 -131.41 -14.11
N ALA A 240 -37.23 -132.56 -14.12
CA ALA A 240 -37.83 -133.77 -13.59
C ALA A 240 -37.97 -133.71 -12.07
N SER A 241 -37.00 -133.09 -11.38
CA SER A 241 -37.03 -133.02 -9.93
C SER A 241 -38.11 -132.09 -9.40
N LEU A 242 -38.57 -131.15 -10.22
CA LEU A 242 -39.58 -130.19 -9.75
C LEU A 242 -40.98 -130.79 -9.80
N ARG A 243 -41.20 -131.79 -10.66
CA ARG A 243 -42.50 -132.41 -10.81
C ARG A 243 -42.58 -133.79 -10.15
N PHE A 244 -41.58 -134.16 -9.36
CA PHE A 244 -41.55 -135.49 -8.75
C PHE A 244 -41.35 -135.40 -7.24
N ASP A 245 -41.09 -136.54 -6.60
CA ASP A 245 -40.86 -136.59 -5.16
C ASP A 245 -39.62 -135.79 -4.77
N GLY A 246 -39.65 -135.25 -3.55
CA GLY A 246 -38.67 -134.26 -3.14
C GLY A 246 -37.36 -134.81 -2.62
N ALA A 247 -36.30 -134.67 -3.41
CA ALA A 247 -34.94 -134.97 -2.97
C ALA A 247 -34.09 -133.71 -2.91
N LEU A 248 -33.98 -132.98 -4.02
CA LEU A 248 -33.34 -131.67 -4.06
C LEU A 248 -33.81 -130.95 -5.32
N ASN A 249 -33.59 -129.63 -5.33
CA ASN A 249 -33.91 -128.75 -6.46
C ASN A 249 -35.38 -128.81 -6.86
N VAL A 250 -36.26 -128.91 -5.85
CA VAL A 250 -37.69 -128.98 -6.09
C VAL A 250 -38.35 -127.62 -6.10
N ASP A 251 -37.59 -126.55 -5.92
CA ASP A 251 -38.14 -125.20 -5.90
C ASP A 251 -37.21 -124.27 -6.67
N LEU A 252 -37.77 -123.12 -7.05
CA LEU A 252 -36.99 -122.12 -7.77
C LEU A 252 -35.93 -121.49 -6.88
N THR A 253 -36.22 -121.36 -5.59
CA THR A 253 -35.22 -120.88 -4.63
C THR A 253 -34.08 -121.89 -4.48
N GLU A 254 -34.40 -123.19 -4.56
CA GLU A 254 -33.36 -124.21 -4.55
C GLU A 254 -32.47 -124.12 -5.79
N PHE A 255 -33.06 -123.87 -6.95
CA PHE A 255 -32.29 -123.65 -8.17
C PHE A 255 -31.42 -122.40 -8.07
N GLN A 256 -31.96 -121.33 -7.49
CA GLN A 256 -31.21 -120.08 -7.38
C GLN A 256 -30.12 -120.15 -6.33
N THR A 257 -30.25 -121.03 -5.33
CA THR A 257 -29.27 -121.09 -4.25
C THR A 257 -28.24 -122.19 -4.40
N ASN A 258 -28.57 -123.28 -5.11
CA ASN A 258 -27.60 -124.36 -5.28
C ASN A 258 -26.57 -124.08 -6.37
N LEU A 259 -26.83 -123.12 -7.25
CA LEU A 259 -25.98 -122.91 -8.42
C LEU A 259 -25.56 -121.47 -8.67
N VAL A 260 -26.24 -120.48 -8.10
CA VAL A 260 -26.06 -119.08 -8.49
C VAL A 260 -25.54 -118.32 -7.28
N PRO A 261 -24.22 -118.07 -7.20
CA PRO A 261 -23.69 -117.24 -6.11
C PRO A 261 -23.85 -115.75 -6.31
N TYR A 262 -23.78 -115.28 -7.55
CA TYR A 262 -23.71 -113.86 -7.85
C TYR A 262 -25.04 -113.35 -8.37
N PRO A 263 -25.31 -112.04 -8.26
CA PRO A 263 -26.50 -111.49 -8.94
C PRO A 263 -26.43 -111.53 -10.45
N ARG A 264 -25.25 -111.62 -11.04
CA ARG A 264 -25.08 -111.60 -12.49
C ARG A 264 -24.69 -112.92 -13.10
N ILE A 265 -23.98 -113.78 -12.36
CA ILE A 265 -23.47 -115.04 -12.91
C ILE A 265 -24.54 -116.09 -12.65
N HIS A 266 -25.48 -116.23 -13.58
CA HIS A 266 -26.58 -117.18 -13.45
C HIS A 266 -26.76 -117.98 -14.73
N PHE A 267 -25.66 -118.50 -15.26
CA PHE A 267 -25.66 -119.28 -16.50
C PHE A 267 -25.11 -120.67 -16.23
N PRO A 268 -25.94 -121.62 -15.84
CA PRO A 268 -25.47 -123.00 -15.64
C PRO A 268 -25.23 -123.70 -16.97
N LEU A 269 -24.70 -124.92 -16.86
CA LEU A 269 -24.42 -125.77 -18.00
C LEU A 269 -24.98 -127.16 -17.73
N ALA A 270 -25.67 -127.72 -18.72
CA ALA A 270 -26.19 -129.07 -18.63
C ALA A 270 -25.40 -130.01 -19.52
N THR A 271 -25.29 -131.27 -19.11
CA THR A 271 -24.59 -132.29 -19.88
C THR A 271 -25.35 -133.61 -19.74
N TYR A 272 -25.51 -134.32 -20.85
CA TYR A 272 -26.29 -135.55 -20.87
C TYR A 272 -25.49 -136.67 -21.53
N ALA A 273 -25.29 -137.75 -20.80
CA ALA A 273 -24.66 -138.97 -21.29
C ALA A 273 -25.52 -139.87 -22.18
N PRO A 274 -26.74 -140.33 -21.73
CA PRO A 274 -27.31 -141.48 -22.48
C PRO A 274 -28.11 -141.10 -23.75
N VAL A 275 -27.37 -140.79 -24.81
CA VAL A 275 -27.95 -140.55 -26.13
C VAL A 275 -27.57 -141.71 -27.02
N ILE A 276 -28.53 -142.60 -27.28
CA ILE A 276 -28.29 -143.79 -28.09
C ILE A 276 -29.36 -143.86 -29.18
N SER A 277 -29.05 -144.58 -30.25
CA SER A 277 -29.96 -144.71 -31.37
C SER A 277 -31.16 -145.58 -31.00
N ALA A 278 -32.34 -145.21 -31.51
CA ALA A 278 -33.55 -145.94 -31.24
C ALA A 278 -33.77 -147.05 -32.26
N GLN A 285 -24.08 -152.77 -22.25
CA GLN A 285 -24.86 -151.58 -21.94
C GLN A 285 -23.94 -150.42 -21.53
N LEU A 286 -24.36 -149.65 -20.53
CA LEU A 286 -23.60 -148.51 -20.04
C LEU A 286 -23.62 -148.52 -18.52
N SER A 287 -22.44 -148.51 -17.92
CA SER A 287 -22.32 -148.51 -16.47
C SER A 287 -22.52 -147.09 -15.93
N VAL A 288 -22.68 -147.00 -14.61
CA VAL A 288 -22.88 -145.71 -13.96
C VAL A 288 -21.61 -144.86 -14.00
N ALA A 289 -20.44 -145.50 -13.90
CA ALA A 289 -19.18 -144.77 -13.88
C ALA A 289 -18.89 -144.09 -15.22
N GLU A 290 -19.18 -144.77 -16.33
CA GLU A 290 -18.89 -144.18 -17.64
C GLU A 290 -19.88 -143.09 -17.99
N ILE A 291 -21.15 -143.25 -17.61
CA ILE A 291 -22.12 -142.19 -17.87
C ILE A 291 -21.95 -141.02 -16.92
N THR A 292 -21.34 -141.23 -15.76
CA THR A 292 -20.89 -140.08 -14.96
C THR A 292 -19.67 -139.43 -15.59
N ASN A 293 -18.78 -140.24 -16.17
CA ASN A 293 -17.62 -139.71 -16.88
C ASN A 293 -18.03 -138.97 -18.14
N ALA A 294 -19.06 -139.46 -18.84
CA ALA A 294 -19.53 -138.80 -20.05
C ALA A 294 -20.23 -137.48 -19.77
N CYS A 295 -20.71 -137.27 -18.54
CA CYS A 295 -21.24 -135.97 -18.15
C CYS A 295 -20.15 -134.93 -17.96
N PHE A 296 -18.89 -135.34 -17.86
CA PHE A 296 -17.77 -134.41 -17.82
C PHE A 296 -17.08 -134.26 -19.17
N GLU A 297 -17.59 -134.91 -20.21
CA GLU A 297 -17.01 -134.79 -21.55
C GLU A 297 -17.37 -133.44 -22.14
N PRO A 298 -16.40 -132.65 -22.61
CA PRO A 298 -16.71 -131.33 -23.18
C PRO A 298 -17.46 -131.39 -24.50
N ALA A 299 -17.43 -132.51 -25.21
CA ALA A 299 -18.11 -132.64 -26.48
C ALA A 299 -19.57 -133.06 -26.34
N ASN A 300 -20.00 -133.43 -25.13
CA ASN A 300 -21.39 -133.82 -24.89
C ASN A 300 -22.17 -132.76 -24.12
N GLN A 301 -21.58 -131.58 -23.91
CA GLN A 301 -22.26 -130.53 -23.16
C GLN A 301 -23.31 -129.85 -24.03
N MET A 302 -24.25 -129.18 -23.36
CA MET A 302 -25.27 -128.42 -24.04
C MET A 302 -24.80 -127.01 -24.42
N VAL A 303 -23.58 -126.64 -24.06
CA VAL A 303 -22.94 -125.42 -24.53
C VAL A 303 -21.59 -125.82 -25.12
N LYS A 304 -21.30 -125.33 -26.32
CA LYS A 304 -20.05 -125.66 -27.01
C LYS A 304 -18.92 -124.84 -26.38
N CYS A 305 -18.37 -125.37 -25.30
CA CYS A 305 -17.27 -124.73 -24.59
C CYS A 305 -16.48 -125.79 -23.85
N ASP A 306 -15.27 -125.41 -23.43
CA ASP A 306 -14.37 -126.31 -22.73
C ASP A 306 -14.34 -125.97 -21.25
N PRO A 307 -14.84 -126.83 -20.35
CA PRO A 307 -14.80 -126.51 -18.92
C PRO A 307 -13.45 -126.70 -18.28
N ARG A 308 -12.50 -127.35 -18.95
CA ARG A 308 -11.19 -127.61 -18.35
C ARG A 308 -10.34 -126.36 -18.25
N HIS A 309 -10.61 -125.33 -19.06
CA HIS A 309 -9.90 -124.07 -18.94
C HIS A 309 -10.49 -123.18 -17.86
N GLY A 310 -11.69 -123.49 -17.37
CA GLY A 310 -12.32 -122.75 -16.30
C GLY A 310 -12.37 -123.56 -15.01
N LYS A 311 -12.97 -122.94 -14.00
CA LYS A 311 -13.14 -123.55 -12.69
C LYS A 311 -14.62 -123.73 -12.40
N TYR A 312 -14.95 -124.88 -11.81
CA TYR A 312 -16.33 -125.15 -11.44
C TYR A 312 -16.76 -124.29 -10.27
N MET A 313 -18.06 -124.19 -10.07
CA MET A 313 -18.59 -123.48 -8.92
C MET A 313 -19.59 -124.35 -8.15
N ALA A 314 -20.30 -125.22 -8.86
CA ALA A 314 -21.29 -126.08 -8.23
C ALA A 314 -21.55 -127.27 -9.14
N CYS A 315 -22.21 -128.28 -8.59
CA CYS A 315 -22.63 -129.46 -9.35
C CYS A 315 -23.87 -130.03 -8.70
N CYS A 316 -24.92 -130.25 -9.47
CA CYS A 316 -26.15 -130.88 -9.00
C CYS A 316 -26.47 -132.04 -9.94
N LEU A 317 -25.90 -133.20 -9.65
CA LEU A 317 -26.12 -134.38 -10.49
C LEU A 317 -27.51 -134.95 -10.21
N LEU A 318 -28.33 -135.08 -11.26
CA LEU A 318 -29.68 -135.58 -11.13
C LEU A 318 -29.78 -136.89 -11.92
N TYR A 319 -29.99 -137.99 -11.21
CA TYR A 319 -30.05 -139.32 -11.82
C TYR A 319 -31.50 -139.74 -12.01
N ARG A 320 -31.78 -140.35 -13.16
CA ARG A 320 -33.09 -140.86 -13.48
C ARG A 320 -33.01 -142.36 -13.76
N GLY A 321 -34.09 -143.07 -13.44
CA GLY A 321 -34.14 -144.51 -13.62
C GLY A 321 -33.65 -145.27 -12.41
N ASP A 322 -33.58 -146.59 -12.57
CA ASP A 322 -33.17 -147.49 -11.48
C ASP A 322 -31.65 -147.47 -11.38
N VAL A 323 -31.15 -146.46 -10.67
CA VAL A 323 -29.71 -146.31 -10.41
C VAL A 323 -29.50 -146.52 -8.91
N VAL A 324 -28.71 -147.52 -8.57
CA VAL A 324 -28.41 -147.81 -7.16
C VAL A 324 -27.49 -146.73 -6.59
N PRO A 325 -27.81 -146.14 -5.44
CA PRO A 325 -27.00 -145.04 -4.92
C PRO A 325 -25.66 -145.45 -4.32
N LYS A 326 -25.37 -146.75 -4.22
CA LYS A 326 -24.09 -147.19 -3.66
C LYS A 326 -22.95 -146.93 -4.64
N ASP A 327 -23.15 -147.25 -5.91
CA ASP A 327 -22.09 -147.09 -6.91
C ASP A 327 -21.97 -145.66 -7.41
N VAL A 328 -22.94 -144.79 -7.10
CA VAL A 328 -22.83 -143.38 -7.48
C VAL A 328 -21.67 -142.71 -6.75
N ASN A 329 -21.48 -143.07 -5.48
CA ASN A 329 -20.35 -142.53 -4.72
C ASN A 329 -19.00 -143.05 -5.22
N ALA A 330 -18.97 -144.31 -5.68
CA ALA A 330 -17.75 -144.84 -6.30
C ALA A 330 -17.45 -144.14 -7.62
N ALA A 331 -18.49 -143.85 -8.41
CA ALA A 331 -18.34 -143.07 -9.63
C ALA A 331 -17.85 -141.65 -9.31
N ILE A 332 -18.36 -141.07 -8.22
CA ILE A 332 -17.93 -139.76 -7.76
C ILE A 332 -16.44 -139.78 -7.38
N ALA A 333 -16.01 -140.83 -6.68
CA ALA A 333 -14.61 -140.97 -6.30
C ALA A 333 -13.71 -141.14 -7.52
N THR A 334 -14.14 -141.95 -8.50
CA THR A 334 -13.34 -142.13 -9.71
C THR A 334 -13.31 -140.85 -10.56
N ILE A 335 -14.36 -140.04 -10.49
CA ILE A 335 -14.34 -138.74 -11.14
C ILE A 335 -13.36 -137.80 -10.44
N LYS A 336 -13.42 -137.76 -9.10
CA LYS A 336 -12.62 -136.82 -8.33
C LYS A 336 -11.15 -137.21 -8.27
N THR A 337 -10.80 -138.46 -8.57
CA THR A 337 -9.39 -138.84 -8.62
C THR A 337 -8.68 -138.20 -9.81
N LYS A 338 -9.41 -137.90 -10.87
CA LYS A 338 -8.82 -137.24 -12.03
C LYS A 338 -8.55 -135.77 -11.73
N ARG A 339 -7.49 -135.23 -12.32
CA ARG A 339 -7.05 -133.86 -12.08
C ARG A 339 -7.70 -132.86 -13.04
N THR A 340 -8.72 -133.28 -13.79
CA THR A 340 -9.35 -132.38 -14.75
C THR A 340 -10.18 -131.32 -14.06
N ILE A 341 -10.94 -131.70 -13.04
CA ILE A 341 -11.84 -130.77 -12.35
C ILE A 341 -11.04 -129.96 -11.34
N GLN A 342 -11.09 -128.64 -11.47
CA GLN A 342 -10.40 -127.72 -10.59
C GLN A 342 -11.43 -126.77 -9.99
N PHE A 343 -11.88 -127.08 -8.78
CA PHE A 343 -12.94 -126.32 -8.13
C PHE A 343 -12.42 -124.96 -7.65
N VAL A 344 -13.36 -124.12 -7.20
CA VAL A 344 -13.05 -122.84 -6.58
C VAL A 344 -12.59 -123.11 -5.15
N ASP A 345 -12.01 -122.10 -4.51
CA ASP A 345 -11.39 -122.27 -3.20
C ASP A 345 -12.10 -121.46 -2.12
N TRP A 346 -13.43 -121.44 -2.13
CA TRP A 346 -14.20 -121.00 -0.95
C TRP A 346 -15.37 -121.96 -0.77
N CYS A 347 -15.13 -123.05 -0.02
CA CYS A 347 -16.05 -124.15 0.28
C CYS A 347 -16.79 -124.65 -0.94
N PRO A 348 -16.11 -125.31 -1.89
CA PRO A 348 -16.74 -125.63 -3.17
C PRO A 348 -17.75 -126.77 -3.12
N THR A 349 -17.79 -127.52 -2.02
CA THR A 349 -18.67 -128.69 -1.78
C THR A 349 -18.40 -129.72 -2.89
N GLY A 350 -19.42 -130.31 -3.48
CA GLY A 350 -19.22 -131.32 -4.51
C GLY A 350 -20.48 -131.65 -5.29
N PHE A 351 -20.58 -132.90 -5.74
CA PHE A 351 -21.69 -133.35 -6.57
C PHE A 351 -22.87 -133.71 -5.67
N LYS A 352 -23.83 -132.79 -5.58
CA LYS A 352 -25.01 -132.98 -4.73
C LYS A 352 -26.01 -133.87 -5.46
N VAL A 353 -25.78 -135.18 -5.36
CA VAL A 353 -26.55 -136.17 -6.11
C VAL A 353 -27.90 -136.40 -5.44
N GLY A 354 -28.97 -136.26 -6.19
CA GLY A 354 -30.28 -136.73 -5.79
C GLY A 354 -30.84 -137.65 -6.84
N ILE A 355 -31.41 -138.78 -6.42
CA ILE A 355 -31.79 -139.85 -7.33
C ILE A 355 -33.31 -140.01 -7.30
N ASN A 356 -33.93 -139.93 -8.48
CA ASN A 356 -35.34 -140.23 -8.64
C ASN A 356 -35.49 -141.61 -9.27
N TYR A 357 -36.28 -142.47 -8.63
CA TYR A 357 -36.36 -143.86 -9.04
C TYR A 357 -37.34 -144.10 -10.18
N GLN A 358 -38.11 -143.10 -10.57
CA GLN A 358 -39.00 -143.25 -11.72
C GLN A 358 -38.18 -143.17 -13.00
N PRO A 359 -38.29 -144.15 -13.90
CA PRO A 359 -37.52 -144.08 -15.14
C PRO A 359 -38.09 -143.03 -16.07
N PRO A 360 -37.25 -142.36 -16.86
CA PRO A 360 -37.77 -141.39 -17.84
C PRO A 360 -38.43 -142.11 -19.01
N THR A 361 -39.48 -141.50 -19.54
CA THR A 361 -40.23 -142.05 -20.66
C THR A 361 -39.88 -141.30 -21.93
N VAL A 362 -39.57 -142.05 -22.98
CA VAL A 362 -39.24 -141.48 -24.28
C VAL A 362 -40.47 -141.52 -25.16
N VAL A 363 -40.43 -140.76 -26.24
CA VAL A 363 -41.52 -140.74 -27.23
C VAL A 363 -41.59 -142.09 -27.93
N PRO A 364 -42.77 -142.71 -28.03
CA PRO A 364 -42.88 -144.01 -28.73
C PRO A 364 -42.61 -143.85 -30.22
N GLY A 365 -41.54 -144.48 -30.69
CA GLY A 365 -41.11 -144.32 -32.07
C GLY A 365 -40.65 -142.91 -32.41
N GLY A 366 -39.88 -142.28 -31.52
CA GLY A 366 -39.42 -140.94 -31.75
C GLY A 366 -37.98 -140.85 -32.19
N ASP A 367 -37.12 -140.26 -31.36
CA ASP A 367 -35.71 -140.09 -31.69
C ASP A 367 -34.76 -140.66 -30.65
N LEU A 368 -35.18 -140.86 -29.41
CA LEU A 368 -34.34 -141.40 -28.36
C LEU A 368 -34.90 -142.71 -27.85
N ALA A 369 -34.03 -143.69 -27.66
CA ALA A 369 -34.44 -144.98 -27.16
C ALA A 369 -34.69 -144.94 -25.66
N LYS A 370 -35.55 -145.85 -25.20
CA LYS A 370 -35.81 -145.97 -23.77
C LYS A 370 -34.60 -146.58 -23.08
N VAL A 371 -34.14 -145.94 -22.01
CA VAL A 371 -32.94 -146.37 -21.29
C VAL A 371 -33.28 -146.47 -19.81
N GLN A 372 -32.46 -147.23 -19.09
CA GLN A 372 -32.67 -147.46 -17.67
C GLN A 372 -31.80 -146.57 -16.79
N ARG A 373 -30.65 -146.13 -17.28
CA ARG A 373 -29.75 -145.27 -16.52
C ARG A 373 -29.64 -143.93 -17.22
N ALA A 374 -30.04 -142.86 -16.52
CA ALA A 374 -29.98 -141.51 -17.07
C ALA A 374 -29.36 -140.58 -16.04
N VAL A 375 -28.56 -139.64 -16.51
CA VAL A 375 -27.78 -138.76 -15.64
C VAL A 375 -27.69 -137.37 -16.29
N CYS A 376 -27.87 -136.33 -15.49
CA CYS A 376 -27.76 -134.95 -15.93
C CYS A 376 -26.89 -134.19 -14.93
N MET A 377 -26.05 -133.30 -15.45
CA MET A 377 -25.06 -132.58 -14.64
C MET A 377 -25.32 -131.08 -14.73
N LEU A 378 -26.14 -130.56 -13.81
CA LEU A 378 -26.38 -129.12 -13.72
C LEU A 378 -25.19 -128.49 -13.00
N SER A 379 -24.20 -128.04 -13.76
CA SER A 379 -22.96 -127.55 -13.18
C SER A 379 -22.69 -126.13 -13.65
N ASN A 380 -22.38 -125.26 -12.71
CA ASN A 380 -21.94 -123.90 -13.01
C ASN A 380 -20.43 -123.89 -13.23
N THR A 381 -19.98 -123.08 -14.17
CA THR A 381 -18.56 -122.94 -14.44
C THR A 381 -18.29 -121.55 -14.99
N THR A 382 -17.02 -121.27 -15.25
CA THR A 382 -16.60 -120.04 -15.91
C THR A 382 -16.32 -120.23 -17.40
N ALA A 383 -16.70 -121.38 -17.95
CA ALA A 383 -16.48 -121.67 -19.36
C ALA A 383 -17.51 -121.04 -20.28
N ILE A 384 -18.61 -120.50 -19.73
CA ILE A 384 -19.58 -119.76 -20.54
C ILE A 384 -19.01 -118.42 -21.00
N ALA A 385 -17.96 -117.92 -20.33
CA ALA A 385 -17.31 -116.68 -20.72
C ALA A 385 -16.67 -116.78 -22.11
N GLU A 386 -16.28 -117.98 -22.53
CA GLU A 386 -15.83 -118.17 -23.91
C GLU A 386 -16.96 -117.94 -24.91
N ALA A 387 -18.16 -118.44 -24.60
CA ALA A 387 -19.32 -118.21 -25.46
C ALA A 387 -19.70 -116.73 -25.51
N TRP A 388 -19.65 -116.05 -24.36
CA TRP A 388 -19.94 -114.62 -24.34
C TRP A 388 -18.85 -113.81 -25.05
N ALA A 389 -17.60 -114.28 -25.00
CA ALA A 389 -16.53 -113.64 -25.76
C ALA A 389 -16.72 -113.81 -27.27
N ARG A 390 -17.20 -114.99 -27.69
CA ARG A 390 -17.53 -115.19 -29.10
C ARG A 390 -18.67 -114.29 -29.55
N LEU A 391 -19.70 -114.17 -28.72
CA LEU A 391 -20.85 -113.32 -29.03
C LEU A 391 -20.46 -111.85 -29.08
N ASP A 392 -19.59 -111.40 -28.17
CA ASP A 392 -19.14 -110.02 -28.19
C ASP A 392 -18.14 -109.76 -29.31
N HIS A 393 -17.39 -110.78 -29.73
CA HIS A 393 -16.51 -110.62 -30.89
C HIS A 393 -17.32 -110.47 -32.17
N LYS A 394 -18.41 -111.26 -32.31
CA LYS A 394 -19.33 -111.05 -33.42
C LYS A 394 -20.05 -109.71 -33.32
N PHE A 395 -20.34 -109.26 -32.10
CA PHE A 395 -20.95 -107.94 -31.90
C PHE A 395 -19.96 -106.84 -32.22
N ASP A 396 -18.69 -107.01 -31.90
CA ASP A 396 -17.70 -105.97 -32.18
C ASP A 396 -17.35 -105.89 -33.65
N LEU A 397 -17.46 -107.02 -34.37
CA LEU A 397 -17.17 -107.02 -35.80
C LEU A 397 -18.25 -106.28 -36.59
N MET A 398 -19.49 -106.31 -36.12
CA MET A 398 -20.60 -105.69 -36.81
C MET A 398 -20.94 -104.31 -36.24
N TYR A 399 -20.10 -103.77 -35.37
CA TYR A 399 -20.30 -102.44 -34.83
C TYR A 399 -19.13 -101.50 -35.09
N ALA A 400 -18.01 -102.00 -35.63
CA ALA A 400 -16.91 -101.12 -36.01
C ALA A 400 -17.31 -100.21 -37.16
N LYS A 401 -18.13 -100.71 -38.09
CA LYS A 401 -18.61 -99.93 -39.22
C LYS A 401 -20.09 -99.58 -39.10
N ARG A 402 -20.67 -99.76 -37.91
CA ARG A 402 -22.08 -99.46 -37.61
C ARG A 402 -23.04 -100.21 -38.53
N ALA A 403 -22.75 -101.49 -38.78
CA ALA A 403 -23.60 -102.30 -39.65
C ALA A 403 -24.92 -102.60 -38.98
N PHE A 404 -26.00 -102.57 -39.76
CA PHE A 404 -27.36 -102.94 -39.38
C PHE A 404 -27.91 -102.08 -38.24
N VAL A 405 -27.34 -100.89 -38.03
CA VAL A 405 -27.72 -100.07 -36.88
C VAL A 405 -29.12 -99.47 -37.07
N HIS A 406 -29.43 -99.05 -38.30
CA HIS A 406 -30.64 -98.26 -38.58
C HIS A 406 -31.93 -99.03 -38.38
N TRP A 407 -31.90 -100.36 -38.39
CA TRP A 407 -33.11 -101.13 -38.17
C TRP A 407 -33.59 -101.07 -36.73
N TYR A 408 -32.73 -100.69 -35.79
CA TYR A 408 -33.08 -100.55 -34.38
C TYR A 408 -33.40 -99.12 -33.99
N VAL A 409 -32.67 -98.14 -34.54
CA VAL A 409 -32.92 -96.74 -34.24
C VAL A 409 -34.26 -96.28 -34.82
N GLY A 410 -34.72 -96.93 -35.89
CA GLY A 410 -35.98 -96.57 -36.50
C GLY A 410 -37.20 -97.02 -35.72
N GLU A 411 -37.02 -97.79 -34.65
CA GLU A 411 -38.13 -98.22 -33.80
C GLU A 411 -38.10 -97.56 -32.43
N GLY A 412 -37.33 -96.47 -32.27
CA GLY A 412 -37.31 -95.71 -31.05
C GLY A 412 -36.08 -95.90 -30.19
N MET A 413 -35.26 -96.91 -30.47
CA MET A 413 -34.04 -97.12 -29.70
C MET A 413 -33.01 -96.06 -30.04
N GLU A 414 -32.02 -95.93 -29.16
CA GLU A 414 -30.96 -94.94 -29.33
C GLU A 414 -29.67 -95.61 -29.79
N GLU A 415 -28.73 -94.79 -30.24
CA GLU A 415 -27.41 -95.29 -30.61
C GLU A 415 -26.61 -95.72 -29.39
N GLY A 416 -26.80 -95.04 -28.25
CA GLY A 416 -26.04 -95.35 -27.05
C GLY A 416 -26.43 -96.65 -26.36
N GLU A 417 -27.55 -97.27 -26.76
CA GLU A 417 -27.94 -98.54 -26.18
C GLU A 417 -26.97 -99.65 -26.55
N PHE A 418 -26.42 -99.60 -27.77
CA PHE A 418 -25.43 -100.60 -28.19
C PHE A 418 -24.13 -100.44 -27.42
N SER A 419 -23.69 -99.21 -27.19
CA SER A 419 -22.49 -98.97 -26.38
C SER A 419 -22.72 -99.36 -24.93
N GLU A 420 -23.95 -99.14 -24.42
CA GLU A 420 -24.29 -99.57 -23.07
C GLU A 420 -24.27 -101.09 -22.93
N ALA A 421 -24.82 -101.80 -23.93
CA ALA A 421 -24.77 -103.26 -23.91
C ALA A 421 -23.35 -103.79 -24.07
N ARG A 422 -22.52 -103.10 -24.86
CA ARG A 422 -21.11 -103.46 -24.97
C ARG A 422 -20.37 -103.28 -23.65
N GLU A 423 -20.66 -102.17 -22.94
CA GLU A 423 -20.06 -101.95 -21.62
C GLU A 423 -20.52 -103.00 -20.62
N ASP A 424 -21.80 -103.37 -20.67
CA ASP A 424 -22.33 -104.40 -19.80
C ASP A 424 -21.69 -105.77 -20.07
N MET A 425 -21.50 -106.10 -21.36
CA MET A 425 -20.86 -107.37 -21.68
C MET A 425 -19.38 -107.37 -21.33
N ALA A 426 -18.71 -106.21 -21.45
CA ALA A 426 -17.34 -106.09 -20.99
C ALA A 426 -17.25 -106.27 -19.48
N ALA A 427 -18.22 -105.72 -18.74
CA ALA A 427 -18.26 -105.90 -17.29
C ALA A 427 -18.53 -107.36 -16.93
N LEU A 428 -19.39 -108.04 -17.69
CA LEU A 428 -19.66 -109.46 -17.45
C LEU A 428 -18.43 -110.31 -17.70
N GLU A 429 -17.69 -110.01 -18.78
CA GLU A 429 -16.45 -110.72 -19.06
C GLU A 429 -15.39 -110.45 -18.00
N LYS A 430 -15.31 -109.20 -17.54
CA LYS A 430 -14.37 -108.85 -16.48
C LYS A 430 -14.71 -109.54 -15.17
N ASP A 431 -16.00 -109.65 -14.85
CA ASP A 431 -16.41 -110.33 -13.63
C ASP A 431 -16.17 -111.83 -13.71
N TYR A 432 -16.36 -112.41 -14.90
CA TYR A 432 -16.03 -113.82 -15.10
C TYR A 432 -14.52 -114.07 -14.97
N GLU A 433 -13.71 -113.13 -15.46
CA GLU A 433 -12.27 -113.24 -15.29
C GLU A 433 -11.86 -113.07 -13.82
N GLU A 434 -12.52 -112.16 -13.11
CA GLU A 434 -12.20 -111.94 -11.69
C GLU A 434 -12.62 -113.12 -10.82
N VAL A 435 -13.70 -113.81 -11.20
CA VAL A 435 -14.03 -115.08 -10.55
C VAL A 435 -12.98 -116.13 -10.91
N GLY A 436 -12.54 -116.15 -12.17
CA GLY A 436 -11.57 -117.13 -12.62
C GLY A 436 -10.14 -116.88 -12.14
N VAL A 437 -9.86 -115.72 -11.56
CA VAL A 437 -8.53 -115.39 -11.05
C VAL A 437 -8.61 -115.32 -9.54
N ASP A 438 -7.79 -116.10 -8.85
CA ASP A 438 -7.77 -116.14 -7.39
C ASP A 438 -7.23 -114.84 -6.81
N MET B 1 -34.75 -120.46 46.38
CA MET B 1 -33.74 -120.78 45.37
C MET B 1 -34.06 -119.89 44.17
N ARG B 2 -33.02 -119.47 43.44
CA ARG B 2 -33.22 -118.63 42.27
C ARG B 2 -33.74 -119.47 41.10
N GLU B 3 -34.09 -118.78 40.01
CA GLU B 3 -34.73 -119.42 38.88
C GLU B 3 -34.05 -118.99 37.59
N ILE B 4 -33.64 -119.97 36.77
CA ILE B 4 -33.10 -119.72 35.45
C ILE B 4 -34.12 -120.18 34.42
N VAL B 5 -34.35 -119.35 33.41
CA VAL B 5 -35.23 -119.68 32.29
C VAL B 5 -34.35 -120.14 31.13
N HIS B 6 -34.58 -121.36 30.67
CA HIS B 6 -33.76 -121.94 29.61
C HIS B 6 -34.36 -121.62 28.25
N LEU B 7 -33.50 -121.23 27.31
CA LEU B 7 -33.93 -120.86 25.97
C LEU B 7 -33.10 -121.62 24.95
N GLN B 8 -33.77 -122.30 24.02
CA GLN B 8 -33.12 -123.03 22.94
C GLN B 8 -33.69 -122.53 21.62
N ILE B 9 -32.81 -122.08 20.74
CA ILE B 9 -33.21 -121.53 19.44
C ILE B 9 -32.51 -122.33 18.35
N GLY B 10 -33.28 -122.80 17.38
CA GLY B 10 -32.75 -123.60 16.28
C GLY B 10 -32.88 -125.09 16.55
N GLN B 11 -32.75 -125.86 15.46
CA GLN B 11 -32.84 -127.32 15.60
C GLN B 11 -31.61 -127.90 16.26
N CYS B 12 -30.44 -127.27 16.07
CA CYS B 12 -29.25 -127.66 16.80
C CYS B 12 -29.43 -127.40 18.29
N GLY B 13 -29.96 -126.22 18.63
CA GLY B 13 -30.26 -125.91 20.02
C GLY B 13 -31.31 -126.82 20.61
N ASN B 14 -32.33 -127.16 19.81
CA ASN B 14 -33.38 -128.07 20.29
C ASN B 14 -32.85 -129.48 20.52
N GLN B 15 -32.03 -129.99 19.61
CA GLN B 15 -31.50 -131.35 19.74
C GLN B 15 -30.51 -131.47 20.88
N ILE B 16 -29.57 -130.53 20.98
CA ILE B 16 -28.60 -130.55 22.07
C ILE B 16 -29.29 -130.28 23.40
N GLY B 17 -30.31 -129.41 23.42
CA GLY B 17 -31.05 -129.18 24.64
C GLY B 17 -31.85 -130.39 25.09
N ALA B 18 -32.43 -131.14 24.14
CA ALA B 18 -33.15 -132.36 24.51
C ALA B 18 -32.21 -133.42 25.07
N LYS B 19 -31.03 -133.60 24.44
CA LYS B 19 -30.05 -134.55 24.98
C LYS B 19 -29.51 -134.09 26.33
N PHE B 20 -29.28 -132.79 26.48
CA PHE B 20 -28.80 -132.23 27.74
C PHE B 20 -29.83 -132.40 28.86
N TRP B 21 -31.10 -132.15 28.56
CA TRP B 21 -32.16 -132.32 29.54
C TRP B 21 -32.33 -133.79 29.92
N GLU B 22 -32.14 -134.70 28.96
CA GLU B 22 -32.19 -136.12 29.27
C GLU B 22 -31.04 -136.53 30.19
N VAL B 23 -29.84 -136.00 29.94
CA VAL B 23 -28.69 -136.28 30.79
C VAL B 23 -28.90 -135.72 32.20
N ILE B 24 -29.47 -134.51 32.30
CA ILE B 24 -29.72 -133.89 33.60
C ILE B 24 -30.78 -134.67 34.38
N SER B 25 -31.88 -135.05 33.71
CA SER B 25 -32.95 -135.77 34.38
C SER B 25 -32.52 -137.19 34.76
N ASP B 26 -31.58 -137.77 34.02
CA ASP B 26 -30.98 -139.01 34.49
C ASP B 26 -30.07 -138.78 35.70
N GLU B 27 -29.33 -137.67 35.69
CA GLU B 27 -28.41 -137.38 36.79
C GLU B 27 -29.16 -136.95 38.05
N HIS B 28 -30.23 -136.16 37.90
CA HIS B 28 -30.96 -135.66 39.05
C HIS B 28 -32.02 -136.64 39.56
N GLY B 29 -32.16 -137.79 38.93
CA GLY B 29 -33.14 -138.78 39.35
C GLY B 29 -34.58 -138.36 39.13
N ILE B 30 -34.88 -137.75 37.98
CA ILE B 30 -36.22 -137.33 37.63
C ILE B 30 -36.70 -138.19 36.48
N ASP B 31 -37.90 -138.76 36.64
CA ASP B 31 -38.46 -139.65 35.63
C ASP B 31 -39.19 -138.82 34.57
N ILE B 32 -39.86 -139.51 33.63
CA ILE B 32 -40.55 -138.81 32.56
C ILE B 32 -41.85 -138.16 33.05
N ALA B 33 -42.36 -138.55 34.20
CA ALA B 33 -43.55 -137.94 34.77
C ALA B 33 -43.24 -136.75 35.67
N GLY B 34 -41.96 -136.41 35.85
CA GLY B 34 -41.59 -135.27 36.65
C GLY B 34 -41.53 -135.51 38.14
N ASN B 35 -41.56 -136.77 38.57
CA ASN B 35 -41.52 -137.11 39.99
C ASN B 35 -40.10 -137.53 40.38
N TYR B 36 -39.68 -137.16 41.58
CA TYR B 36 -38.35 -137.49 42.05
C TYR B 36 -38.25 -138.97 42.39
N CYS B 37 -37.20 -139.62 41.89
CA CYS B 37 -36.97 -141.03 42.18
C CYS B 37 -35.49 -141.32 42.47
N GLY B 38 -34.71 -140.29 42.81
CA GLY B 38 -33.31 -140.51 43.11
C GLY B 38 -33.08 -141.00 44.53
N ASN B 39 -31.82 -141.32 44.82
CA ASN B 39 -31.44 -141.86 46.11
C ASN B 39 -30.60 -140.90 46.94
N ALA B 40 -30.38 -139.67 46.48
CA ALA B 40 -29.55 -138.70 47.18
C ALA B 40 -30.34 -137.43 47.43
N SER B 41 -30.16 -136.85 48.62
CA SER B 41 -30.84 -135.61 48.94
C SER B 41 -30.21 -134.40 48.24
N LEU B 42 -29.00 -134.56 47.71
CA LEU B 42 -28.37 -133.47 46.96
C LEU B 42 -29.01 -133.28 45.59
N GLN B 43 -29.64 -134.32 45.04
CA GLN B 43 -30.30 -134.21 43.74
C GLN B 43 -31.52 -133.31 43.81
N LEU B 44 -32.29 -133.40 44.90
CA LEU B 44 -33.43 -132.52 45.08
C LEU B 44 -33.03 -131.12 45.52
N GLU B 45 -31.83 -130.97 46.06
CA GLU B 45 -31.32 -129.65 46.40
C GLU B 45 -30.88 -128.91 45.14
N ARG B 46 -31.14 -127.60 45.13
CA ARG B 46 -30.85 -126.69 44.00
C ARG B 46 -31.50 -127.17 42.71
N ILE B 47 -32.75 -127.63 42.80
CA ILE B 47 -33.50 -128.09 41.63
C ILE B 47 -34.40 -127.00 41.05
N ASN B 48 -34.63 -125.91 41.78
CA ASN B 48 -35.53 -124.86 41.31
C ASN B 48 -34.90 -123.94 40.28
N VAL B 49 -33.59 -124.06 40.03
CA VAL B 49 -32.96 -123.27 38.98
C VAL B 49 -33.39 -123.74 37.60
N TYR B 50 -33.66 -125.03 37.46
CA TYR B 50 -33.96 -125.63 36.16
C TYR B 50 -35.36 -126.19 36.04
N PHE B 51 -35.88 -126.82 37.09
CA PHE B 51 -37.13 -127.55 37.02
C PHE B 51 -38.20 -126.78 37.79
N ASN B 52 -39.29 -126.42 37.11
CA ASN B 52 -40.41 -125.78 37.75
C ASN B 52 -41.26 -126.81 38.47
N GLU B 53 -41.69 -126.46 39.69
CA GLU B 53 -42.49 -127.37 40.51
C GLU B 53 -43.96 -127.18 40.16
N ALA B 54 -44.54 -128.16 39.47
CA ALA B 54 -45.96 -128.13 39.14
C ALA B 54 -46.73 -128.87 40.25
N TYR B 55 -48.02 -129.10 40.01
CA TYR B 55 -48.86 -129.79 40.97
C TYR B 55 -48.57 -131.28 40.98
N SER B 56 -48.82 -131.91 42.13
CA SER B 56 -48.71 -133.36 42.36
C SER B 56 -47.31 -133.88 42.07
N HIS B 57 -46.31 -133.16 42.61
CA HIS B 57 -44.88 -133.55 42.58
C HIS B 57 -44.37 -133.70 41.15
N LYS B 58 -44.68 -132.71 40.31
CA LYS B 58 -44.29 -132.72 38.90
C LYS B 58 -43.22 -131.64 38.71
N TYR B 59 -41.99 -132.08 38.43
CA TYR B 59 -40.87 -131.17 38.21
C TYR B 59 -40.63 -131.07 36.71
N VAL B 60 -41.29 -130.11 36.07
CA VAL B 60 -41.15 -129.88 34.64
C VAL B 60 -40.09 -128.81 34.40
N PRO B 61 -39.27 -128.93 33.36
CA PRO B 61 -38.27 -127.89 33.08
C PRO B 61 -38.90 -126.61 32.56
N ARG B 62 -38.25 -125.49 32.88
CA ARG B 62 -38.65 -124.18 32.36
C ARG B 62 -37.92 -123.88 31.05
N SER B 63 -38.09 -124.77 30.08
CA SER B 63 -37.41 -124.69 28.81
C SER B 63 -38.33 -124.07 27.77
N ILE B 64 -37.80 -123.12 27.00
CA ILE B 64 -38.53 -122.47 25.93
C ILE B 64 -37.89 -122.94 24.62
N LEU B 65 -38.49 -123.94 24.00
CA LEU B 65 -38.01 -124.44 22.71
C LEU B 65 -38.52 -123.55 21.59
N VAL B 66 -37.61 -122.88 20.90
CA VAL B 66 -37.95 -121.93 19.84
C VAL B 66 -37.37 -122.43 18.53
N ASP B 67 -38.19 -122.49 17.49
CA ASP B 67 -37.74 -122.84 16.15
C ASP B 67 -38.69 -122.19 15.15
N LEU B 68 -38.39 -122.35 13.87
CA LEU B 68 -39.23 -121.84 12.80
C LEU B 68 -39.81 -122.95 11.93
N GLU B 69 -39.59 -124.21 12.30
CA GLU B 69 -40.15 -125.36 11.60
C GLU B 69 -40.76 -126.32 12.60
N PRO B 70 -41.95 -126.86 12.32
CA PRO B 70 -42.60 -127.76 13.28
C PRO B 70 -42.07 -129.18 13.28
N GLY B 71 -41.19 -129.53 12.34
CA GLY B 71 -40.59 -130.86 12.35
C GLY B 71 -39.69 -131.08 13.53
N THR B 72 -38.97 -130.04 13.95
CA THR B 72 -38.12 -130.14 15.14
C THR B 72 -38.95 -130.29 16.40
N MET B 73 -40.10 -129.60 16.47
CA MET B 73 -41.01 -129.77 17.60
C MET B 73 -41.63 -131.17 17.61
N ASP B 74 -41.95 -131.71 16.44
CA ASP B 74 -42.45 -133.08 16.37
C ASP B 74 -41.39 -134.09 16.77
N SER B 75 -40.13 -133.83 16.42
CA SER B 75 -39.04 -134.70 16.84
C SER B 75 -38.79 -134.61 18.34
N VAL B 76 -38.98 -133.42 18.93
CA VAL B 76 -38.87 -133.26 20.38
C VAL B 76 -40.00 -134.00 21.08
N ARG B 77 -41.23 -133.86 20.59
CA ARG B 77 -42.38 -134.53 21.20
C ARG B 77 -42.33 -136.04 21.00
N SER B 78 -41.73 -136.51 19.92
CA SER B 78 -41.60 -137.94 19.67
C SER B 78 -40.55 -138.62 20.56
N SER B 79 -39.68 -137.85 21.20
CA SER B 79 -38.64 -138.41 22.04
C SER B 79 -39.20 -138.76 23.42
N LYS B 80 -38.32 -139.21 24.31
CA LYS B 80 -38.73 -139.63 25.64
C LYS B 80 -39.05 -138.43 26.54
N ILE B 81 -38.36 -137.30 26.32
CA ILE B 81 -38.53 -136.14 27.19
C ILE B 81 -39.61 -135.18 26.67
N GLY B 82 -40.28 -135.54 25.58
CA GLY B 82 -41.36 -134.74 25.03
C GLY B 82 -42.54 -134.49 25.96
N PRO B 83 -43.13 -135.55 26.55
CA PRO B 83 -44.14 -135.31 27.59
C PRO B 83 -43.59 -134.66 28.85
N LEU B 84 -42.28 -134.75 29.11
CA LEU B 84 -41.72 -134.10 30.29
C LEU B 84 -41.69 -132.58 30.16
N PHE B 85 -41.47 -132.07 28.95
CA PHE B 85 -41.40 -130.64 28.74
C PHE B 85 -42.79 -130.00 28.86
N ARG B 86 -42.80 -128.69 29.07
CA ARG B 86 -44.05 -127.94 29.18
C ARG B 86 -44.67 -127.77 27.80
N PRO B 87 -45.90 -128.25 27.58
CA PRO B 87 -46.53 -128.07 26.26
C PRO B 87 -46.91 -126.63 25.95
N ASP B 88 -47.10 -125.78 26.97
CA ASP B 88 -47.43 -124.39 26.74
C ASP B 88 -46.23 -123.56 26.33
N ASN B 89 -45.02 -124.07 26.51
CA ASN B 89 -43.80 -123.35 26.20
C ASN B 89 -43.27 -123.63 24.80
N PHE B 90 -44.01 -124.40 23.99
CA PHE B 90 -43.59 -124.70 22.63
C PHE B 90 -43.92 -123.50 21.73
N ILE B 91 -42.91 -122.99 21.04
CA ILE B 91 -43.08 -121.92 20.05
C ILE B 91 -42.40 -122.38 18.77
N HIS B 92 -43.17 -122.42 17.67
CA HIS B 92 -42.64 -122.86 16.39
C HIS B 92 -43.25 -122.02 15.27
N GLY B 93 -42.41 -121.66 14.30
CA GLY B 93 -42.88 -120.93 13.15
C GLY B 93 -43.34 -121.85 12.03
N ASN B 94 -43.77 -121.24 10.93
CA ASN B 94 -44.27 -121.97 9.78
C ASN B 94 -43.18 -122.27 8.76
N SER B 95 -42.37 -121.27 8.44
CA SER B 95 -41.33 -121.40 7.44
C SER B 95 -39.97 -121.12 8.07
N GLY B 96 -39.04 -122.04 7.89
CA GLY B 96 -37.69 -121.82 8.40
C GLY B 96 -36.93 -120.81 7.57
N ALA B 97 -35.87 -120.27 8.18
CA ALA B 97 -35.04 -119.30 7.46
C ALA B 97 -34.12 -119.99 6.47
N GLY B 98 -33.65 -121.19 6.81
CA GLY B 98 -32.79 -121.96 5.92
C GLY B 98 -31.44 -121.32 5.66
N ASN B 99 -30.62 -121.23 6.72
CA ASN B 99 -29.27 -120.64 6.68
C ASN B 99 -29.27 -119.18 6.24
N ASN B 100 -30.37 -118.48 6.52
CA ASN B 100 -30.51 -117.06 6.21
C ASN B 100 -30.52 -116.29 7.53
N TRP B 101 -29.43 -115.56 7.81
CA TRP B 101 -29.36 -114.80 9.05
C TRP B 101 -30.25 -113.55 9.00
N ALA B 102 -30.33 -112.91 7.83
CA ALA B 102 -31.15 -111.71 7.69
C ALA B 102 -32.63 -112.03 7.83
N LYS B 103 -33.04 -113.20 7.34
CA LYS B 103 -34.45 -113.58 7.42
C LYS B 103 -34.84 -113.94 8.85
N GLY B 104 -33.90 -114.44 9.66
CA GLY B 104 -34.14 -114.73 11.05
C GLY B 104 -33.81 -113.60 11.99
N HIS B 105 -33.24 -112.51 11.48
CA HIS B 105 -32.89 -111.36 12.30
C HIS B 105 -33.71 -110.11 12.00
N TYR B 106 -34.39 -110.05 10.85
CA TYR B 106 -35.07 -108.81 10.49
C TYR B 106 -36.54 -109.01 10.15
N THR B 107 -36.91 -110.18 9.64
CA THR B 107 -38.30 -110.41 9.24
C THR B 107 -39.00 -111.47 10.08
N GLU B 108 -38.49 -112.69 10.11
CA GLU B 108 -39.21 -113.76 10.79
C GLU B 108 -38.89 -113.83 12.28
N GLY B 109 -37.62 -113.60 12.63
CA GLY B 109 -37.28 -113.41 14.03
C GLY B 109 -37.97 -112.19 14.62
N ALA B 110 -38.10 -111.12 13.82
CA ALA B 110 -38.84 -109.95 14.28
C ALA B 110 -40.33 -110.23 14.40
N GLU B 111 -40.89 -111.06 13.53
CA GLU B 111 -42.32 -111.35 13.61
C GLU B 111 -42.66 -112.36 14.69
N LEU B 112 -41.69 -113.16 15.18
CA LEU B 112 -41.96 -114.06 16.29
C LEU B 112 -41.35 -113.59 17.61
N ILE B 113 -40.57 -112.50 17.61
CA ILE B 113 -39.95 -112.03 18.84
C ILE B 113 -40.98 -111.43 19.80
N GLU B 114 -42.12 -110.96 19.29
CA GLU B 114 -43.17 -110.47 20.18
C GLU B 114 -43.81 -111.61 20.95
N ASN B 115 -44.06 -112.73 20.28
CA ASN B 115 -44.59 -113.91 20.96
C ASN B 115 -43.58 -114.49 21.95
N VAL B 116 -42.30 -114.54 21.57
CA VAL B 116 -41.32 -115.08 22.51
C VAL B 116 -41.08 -114.10 23.66
N MET B 117 -41.28 -112.79 23.44
CA MET B 117 -41.18 -111.83 24.53
C MET B 117 -42.37 -111.94 25.47
N ASP B 118 -43.56 -112.24 24.92
CA ASP B 118 -44.72 -112.48 25.76
C ASP B 118 -44.55 -113.73 26.61
N VAL B 119 -43.97 -114.79 26.03
CA VAL B 119 -43.70 -116.01 26.81
C VAL B 119 -42.63 -115.76 27.87
N VAL B 120 -41.60 -115.00 27.52
CA VAL B 120 -40.53 -114.67 28.46
C VAL B 120 -41.06 -113.80 29.60
N ARG B 121 -41.92 -112.83 29.28
CA ARG B 121 -42.51 -111.97 30.31
C ARG B 121 -43.49 -112.74 31.20
N ASN B 122 -44.21 -113.70 30.62
CA ASN B 122 -45.09 -114.56 31.40
C ASN B 122 -44.30 -115.42 32.37
N GLU B 123 -43.15 -115.93 31.93
CA GLU B 123 -42.30 -116.70 32.83
C GLU B 123 -41.64 -115.82 33.89
N CYS B 124 -41.22 -114.61 33.50
CA CYS B 124 -40.45 -113.73 34.38
C CYS B 124 -41.33 -113.04 35.42
N GLU B 125 -42.58 -112.72 35.09
CA GLU B 125 -43.44 -112.06 36.06
C GLU B 125 -43.91 -112.99 37.17
N SER B 126 -43.78 -114.31 36.99
CA SER B 126 -44.05 -115.26 38.04
C SER B 126 -42.81 -115.57 38.88
N CYS B 127 -41.65 -115.03 38.51
CA CYS B 127 -40.43 -115.26 39.28
C CYS B 127 -40.44 -114.45 40.56
N ASP B 128 -40.10 -115.11 41.67
CA ASP B 128 -39.79 -114.36 42.89
C ASP B 128 -38.54 -113.51 42.70
N CYS B 129 -37.52 -114.08 42.05
CA CYS B 129 -36.35 -113.35 41.64
C CYS B 129 -35.74 -114.06 40.45
N LEU B 130 -35.22 -113.29 39.50
CA LEU B 130 -34.63 -113.82 38.28
C LEU B 130 -33.13 -113.92 38.44
N GLN B 131 -32.58 -115.09 38.10
CA GLN B 131 -31.13 -115.27 38.14
C GLN B 131 -30.47 -114.91 36.82
N GLY B 132 -31.03 -115.39 35.71
CA GLY B 132 -30.50 -115.06 34.40
C GLY B 132 -31.17 -115.91 33.33
N PHE B 133 -30.62 -115.82 32.13
CA PHE B 133 -31.11 -116.59 31.00
C PHE B 133 -29.97 -117.38 30.39
N GLN B 134 -30.19 -118.69 30.22
CA GLN B 134 -29.23 -119.56 29.56
C GLN B 134 -29.70 -119.81 28.13
N LEU B 135 -28.85 -119.49 27.17
CA LEU B 135 -29.18 -119.59 25.75
C LEU B 135 -28.29 -120.62 25.10
N ILE B 136 -28.89 -121.51 24.32
CA ILE B 136 -28.15 -122.53 23.58
C ILE B 136 -28.59 -122.49 22.12
N HIS B 137 -27.66 -122.17 21.23
CA HIS B 137 -27.98 -121.97 19.83
C HIS B 137 -26.70 -122.13 19.01
N SER B 138 -26.87 -122.16 17.68
CA SER B 138 -25.78 -122.32 16.75
C SER B 138 -25.59 -121.04 15.93
N LEU B 139 -24.34 -120.65 15.74
CA LEU B 139 -24.03 -119.38 15.08
C LEU B 139 -24.09 -119.46 13.56
N GLY B 140 -24.28 -120.64 12.99
CA GLY B 140 -24.24 -120.79 11.53
C GLY B 140 -25.59 -120.80 10.84
N GLY B 141 -26.63 -121.26 11.52
CA GLY B 141 -27.92 -121.48 10.91
C GLY B 141 -28.69 -120.21 10.63
N GLY B 142 -29.94 -120.38 10.21
CA GLY B 142 -30.72 -119.24 9.79
C GLY B 142 -31.58 -118.61 10.86
N THR B 143 -32.42 -119.41 11.52
CA THR B 143 -33.22 -118.86 12.61
C THR B 143 -32.51 -118.97 13.95
N GLY B 144 -31.55 -119.88 14.08
CA GLY B 144 -30.79 -120.07 15.29
C GLY B 144 -30.01 -118.84 15.68
N SER B 145 -29.02 -118.48 14.86
CA SER B 145 -28.14 -117.35 15.20
C SER B 145 -28.90 -116.01 15.16
N GLY B 146 -29.73 -115.81 14.14
CA GLY B 146 -30.45 -114.56 14.01
C GLY B 146 -31.47 -114.33 15.10
N MET B 147 -32.29 -115.35 15.38
CA MET B 147 -33.29 -115.19 16.43
C MET B 147 -32.64 -115.23 17.81
N GLY B 148 -31.50 -115.90 17.96
CA GLY B 148 -30.78 -115.84 19.22
C GLY B 148 -30.23 -114.46 19.52
N THR B 149 -29.65 -113.79 18.51
CA THR B 149 -29.14 -112.45 18.74
C THR B 149 -30.28 -111.43 18.89
N LEU B 150 -31.42 -111.64 18.22
CA LEU B 150 -32.56 -110.76 18.44
C LEU B 150 -33.16 -110.95 19.83
N LEU B 151 -33.25 -112.20 20.30
CA LEU B 151 -33.69 -112.46 21.67
C LEU B 151 -32.72 -111.87 22.69
N ILE B 152 -31.42 -111.92 22.39
CA ILE B 152 -30.39 -111.34 23.25
C ILE B 152 -30.58 -109.83 23.35
N ASN B 153 -30.83 -109.17 22.22
CA ASN B 153 -31.05 -107.73 22.23
C ASN B 153 -32.33 -107.36 22.98
N LYS B 154 -33.39 -108.14 22.80
CA LYS B 154 -34.64 -107.84 23.48
C LYS B 154 -34.56 -108.10 24.98
N ILE B 155 -33.82 -109.13 25.39
CA ILE B 155 -33.62 -109.42 26.81
C ILE B 155 -32.76 -108.34 27.46
N ARG B 156 -31.70 -107.90 26.76
CA ARG B 156 -30.85 -106.84 27.29
C ARG B 156 -31.58 -105.51 27.36
N GLU B 157 -32.54 -105.27 26.45
CA GLU B 157 -33.38 -104.08 26.59
C GLU B 157 -34.35 -104.20 27.76
N GLU B 158 -35.00 -105.36 27.89
CA GLU B 158 -36.02 -105.50 28.93
C GLU B 158 -35.42 -105.66 30.32
N TYR B 159 -34.38 -106.46 30.48
CA TYR B 159 -33.78 -106.77 31.78
C TYR B 159 -32.30 -106.48 31.72
N PRO B 160 -31.89 -105.21 31.87
CA PRO B 160 -30.46 -104.87 31.77
C PRO B 160 -29.63 -105.30 32.97
N ASP B 161 -30.25 -105.71 34.07
CA ASP B 161 -29.54 -106.11 35.27
C ASP B 161 -29.49 -107.63 35.44
N ARG B 162 -29.60 -108.38 34.35
CA ARG B 162 -29.57 -109.83 34.41
C ARG B 162 -28.48 -110.36 33.48
N ILE B 163 -27.91 -111.50 33.87
CA ILE B 163 -26.82 -112.08 33.11
C ILE B 163 -27.36 -112.76 31.86
N MET B 164 -26.50 -112.93 30.86
CA MET B 164 -26.84 -113.59 29.60
C MET B 164 -25.76 -114.62 29.30
N ASN B 165 -26.09 -115.89 29.50
CA ASN B 165 -25.17 -116.99 29.28
C ASN B 165 -25.54 -117.69 27.98
N THR B 166 -24.58 -117.80 27.07
CA THR B 166 -24.84 -118.30 25.73
C THR B 166 -23.94 -119.49 25.41
N PHE B 167 -24.55 -120.60 25.00
CA PHE B 167 -23.81 -121.76 24.52
C PHE B 167 -23.73 -121.71 22.99
N SER B 168 -23.00 -120.71 22.51
CA SER B 168 -22.95 -120.43 21.08
C SER B 168 -22.06 -121.45 20.36
N VAL B 169 -22.64 -122.17 19.41
CA VAL B 169 -21.90 -123.17 18.65
C VAL B 169 -21.38 -122.52 17.38
N VAL B 170 -20.06 -122.39 17.28
CA VAL B 170 -19.43 -121.80 16.10
C VAL B 170 -19.43 -122.84 14.98
N PRO B 171 -19.90 -122.50 13.78
CA PRO B 171 -19.91 -123.46 12.68
C PRO B 171 -18.52 -123.74 12.13
N SER B 172 -18.40 -124.91 11.50
CA SER B 172 -17.14 -125.38 10.94
C SER B 172 -17.38 -125.95 9.55
N PRO B 173 -16.40 -125.84 8.65
CA PRO B 173 -16.57 -126.42 7.30
C PRO B 173 -16.49 -127.93 7.26
N LYS B 174 -15.97 -128.58 8.30
CA LYS B 174 -15.74 -130.02 8.23
C LYS B 174 -17.00 -130.83 8.54
N VAL B 175 -18.07 -130.20 9.02
CA VAL B 175 -19.27 -130.94 9.38
C VAL B 175 -20.49 -130.28 8.74
N SER B 176 -20.33 -129.07 8.23
CA SER B 176 -21.42 -128.29 7.66
C SER B 176 -21.14 -127.97 6.21
N ASP B 177 -22.09 -128.27 5.32
CA ASP B 177 -21.92 -128.10 3.89
C ASP B 177 -22.32 -126.72 3.40
N THR B 178 -23.07 -125.95 4.19
CA THR B 178 -23.47 -124.62 3.79
C THR B 178 -22.28 -123.67 3.76
N VAL B 179 -22.25 -122.80 2.75
CA VAL B 179 -21.09 -121.96 2.49
C VAL B 179 -21.22 -120.57 3.13
N VAL B 180 -22.45 -120.13 3.43
CA VAL B 180 -22.70 -118.76 3.86
C VAL B 180 -22.57 -118.61 5.37
N GLU B 181 -22.13 -119.66 6.04
CA GLU B 181 -22.04 -119.68 7.51
C GLU B 181 -21.04 -118.72 8.14
N PRO B 182 -19.89 -118.37 7.52
CA PRO B 182 -19.10 -117.24 8.09
C PRO B 182 -19.84 -115.91 8.19
N TYR B 183 -20.80 -115.63 7.31
CA TYR B 183 -21.58 -114.39 7.44
C TYR B 183 -22.41 -114.40 8.73
N ASN B 184 -23.14 -115.49 8.96
CA ASN B 184 -23.96 -115.62 10.17
C ASN B 184 -23.10 -115.65 11.42
N ALA B 185 -21.97 -116.37 11.36
CA ALA B 185 -21.07 -116.47 12.51
C ALA B 185 -20.47 -115.12 12.88
N ILE B 186 -20.00 -114.35 11.88
CA ILE B 186 -19.37 -113.07 12.17
C ILE B 186 -20.40 -112.05 12.63
N LEU B 187 -21.61 -112.07 12.04
CA LEU B 187 -22.66 -111.15 12.48
C LEU B 187 -23.13 -111.47 13.90
N SER B 188 -23.27 -112.76 14.24
CA SER B 188 -23.67 -113.12 15.59
C SER B 188 -22.55 -112.89 16.60
N ILE B 189 -21.29 -113.04 16.18
CA ILE B 189 -20.16 -112.72 17.05
C ILE B 189 -20.13 -111.22 17.35
N HIS B 190 -20.41 -110.38 16.35
CA HIS B 190 -20.49 -108.94 16.58
C HIS B 190 -21.67 -108.56 17.47
N GLN B 191 -22.78 -109.29 17.37
CA GLN B 191 -23.88 -109.02 18.29
C GLN B 191 -23.58 -109.49 19.70
N LEU B 192 -22.95 -110.65 19.84
CA LEU B 192 -22.64 -111.21 21.15
C LEU B 192 -21.52 -110.45 21.86
N ILE B 193 -20.64 -109.78 21.11
CA ILE B 193 -19.65 -108.92 21.75
C ILE B 193 -20.33 -107.74 22.43
N GLU B 194 -21.28 -107.11 21.75
CA GLU B 194 -21.86 -105.87 22.24
C GLU B 194 -23.05 -106.08 23.17
N ASN B 195 -23.68 -107.26 23.19
CA ASN B 195 -24.93 -107.39 23.93
C ASN B 195 -24.97 -108.65 24.80
N THR B 196 -23.84 -109.30 25.06
CA THR B 196 -23.81 -110.49 25.89
C THR B 196 -22.60 -110.46 26.81
N ASP B 197 -22.76 -111.03 28.00
CA ASP B 197 -21.71 -111.04 29.02
C ASP B 197 -21.02 -112.38 29.17
N GLU B 198 -21.55 -113.45 28.56
CA GLU B 198 -20.96 -114.77 28.66
C GLU B 198 -21.14 -115.52 27.36
N THR B 199 -20.16 -116.36 27.03
CA THR B 199 -20.22 -117.16 25.80
C THR B 199 -19.44 -118.44 26.01
N PHE B 200 -20.08 -119.59 25.79
CA PHE B 200 -19.42 -120.89 25.84
C PHE B 200 -19.13 -121.32 24.42
N CYS B 201 -17.91 -121.05 23.95
CA CYS B 201 -17.53 -121.31 22.57
C CYS B 201 -17.27 -122.80 22.40
N ILE B 202 -18.32 -123.54 22.06
CA ILE B 202 -18.22 -124.96 21.71
C ILE B 202 -18.14 -125.04 20.19
N ASP B 203 -17.03 -125.60 19.68
CA ASP B 203 -16.75 -125.59 18.25
C ASP B 203 -16.92 -126.99 17.67
N ASN B 204 -17.66 -127.08 16.57
CA ASN B 204 -17.90 -128.36 15.91
C ASN B 204 -16.66 -128.92 15.23
N GLU B 205 -15.69 -128.06 14.89
CA GLU B 205 -14.43 -128.53 14.32
C GLU B 205 -13.65 -129.37 15.31
N ALA B 206 -13.54 -128.89 16.55
CA ALA B 206 -12.86 -129.65 17.59
C ALA B 206 -13.66 -130.89 18.00
N LEU B 207 -14.99 -130.82 17.91
CA LEU B 207 -15.82 -132.01 18.16
C LEU B 207 -15.58 -133.09 17.10
N TYR B 208 -15.48 -132.68 15.82
CA TYR B 208 -15.17 -133.62 14.76
C TYR B 208 -13.76 -134.18 14.93
N ASP B 209 -12.81 -133.34 15.35
CA ASP B 209 -11.45 -133.81 15.60
C ASP B 209 -11.40 -134.81 16.76
N ILE B 210 -12.19 -134.56 17.82
CA ILE B 210 -12.24 -135.48 18.95
C ILE B 210 -12.86 -136.81 18.53
N CYS B 211 -13.95 -136.76 17.77
CA CYS B 211 -14.59 -137.99 17.30
C CYS B 211 -13.74 -138.74 16.27
N PHE B 212 -12.85 -138.04 15.57
CA PHE B 212 -11.99 -138.69 14.59
C PHE B 212 -10.76 -139.31 15.24
N ARG B 213 -10.06 -138.56 16.08
CA ARG B 213 -8.82 -139.03 16.68
C ARG B 213 -9.05 -139.87 17.93
N THR B 214 -9.80 -139.32 18.90
CA THR B 214 -9.94 -140.00 20.18
C THR B 214 -10.89 -141.19 20.08
N LEU B 215 -12.10 -140.97 19.57
CA LEU B 215 -13.09 -142.04 19.50
C LEU B 215 -12.88 -142.95 18.30
N LYS B 216 -11.99 -142.58 17.36
CA LYS B 216 -11.63 -143.36 16.17
C LYS B 216 -12.84 -143.64 15.28
N LEU B 217 -13.80 -142.72 15.25
CA LEU B 217 -14.98 -142.83 14.40
C LEU B 217 -14.83 -141.86 13.24
N THR B 218 -14.82 -142.40 12.01
CA THR B 218 -14.63 -141.56 10.83
C THR B 218 -15.84 -140.68 10.58
N ASN B 219 -17.05 -141.21 10.73
CA ASN B 219 -18.26 -140.46 10.44
C ASN B 219 -18.56 -139.48 11.56
N PRO B 220 -18.73 -138.19 11.27
CA PRO B 220 -19.16 -137.22 12.30
C PRO B 220 -20.69 -137.15 12.40
N THR B 221 -21.29 -138.21 12.92
CA THR B 221 -22.73 -138.25 13.10
C THR B 221 -23.16 -137.26 14.19
N TYR B 222 -24.36 -136.70 14.01
CA TYR B 222 -24.82 -135.64 14.90
C TYR B 222 -25.24 -136.17 16.28
N GLY B 223 -25.55 -137.47 16.38
CA GLY B 223 -25.86 -138.04 17.69
C GLY B 223 -24.68 -138.07 18.62
N ASP B 224 -23.50 -138.42 18.11
CA ASP B 224 -22.30 -138.45 18.94
C ASP B 224 -21.88 -137.06 19.38
N LEU B 225 -21.99 -136.08 18.47
CA LEU B 225 -21.71 -134.69 18.83
C LEU B 225 -22.72 -134.18 19.86
N ASN B 226 -23.99 -134.57 19.71
CA ASN B 226 -25.02 -134.22 20.69
C ASN B 226 -24.70 -134.80 22.06
N HIS B 227 -24.28 -136.06 22.09
CA HIS B 227 -23.92 -136.72 23.35
C HIS B 227 -22.71 -136.07 24.00
N LEU B 228 -21.71 -135.69 23.20
CA LEU B 228 -20.49 -135.08 23.75
C LEU B 228 -20.76 -133.68 24.29
N VAL B 229 -21.51 -132.86 23.55
CA VAL B 229 -21.84 -131.52 24.02
C VAL B 229 -22.78 -131.59 25.23
N SER B 230 -23.69 -132.58 25.26
CA SER B 230 -24.56 -132.73 26.43
C SER B 230 -23.78 -133.14 27.67
N LEU B 231 -22.79 -134.03 27.52
CA LEU B 231 -21.94 -134.41 28.65
C LEU B 231 -21.11 -133.23 29.14
N THR B 232 -20.57 -132.44 28.22
CA THR B 232 -19.78 -131.27 28.61
C THR B 232 -20.65 -130.19 29.24
N MET B 233 -21.89 -130.05 28.77
CA MET B 233 -22.80 -129.07 29.36
C MET B 233 -23.24 -129.50 30.75
N SER B 234 -23.46 -130.80 30.96
CA SER B 234 -23.77 -131.30 32.29
C SER B 234 -22.60 -131.10 33.25
N GLY B 235 -21.37 -131.36 32.78
CA GLY B 235 -20.21 -131.13 33.61
C GLY B 235 -19.94 -129.67 33.90
N VAL B 236 -20.31 -128.78 32.98
CA VAL B 236 -20.22 -127.36 33.24
C VAL B 236 -21.27 -126.92 34.27
N THR B 237 -22.51 -127.39 34.10
CA THR B 237 -23.60 -126.95 34.94
C THR B 237 -23.71 -127.72 36.25
N THR B 238 -22.79 -128.64 36.53
CA THR B 238 -22.75 -129.26 37.86
C THR B 238 -22.38 -128.27 38.97
N SER B 239 -21.80 -127.12 38.64
CA SER B 239 -21.60 -126.09 39.65
C SER B 239 -22.91 -125.41 40.01
N LEU B 240 -23.75 -125.14 39.02
CA LEU B 240 -25.03 -124.50 39.27
C LEU B 240 -26.06 -125.47 39.84
N ARG B 241 -25.96 -126.75 39.50
CA ARG B 241 -26.97 -127.71 39.90
C ARG B 241 -26.74 -128.29 41.29
N PHE B 242 -25.53 -128.16 41.83
CA PHE B 242 -25.23 -128.73 43.13
C PHE B 242 -24.50 -127.72 44.00
N PRO B 243 -24.83 -127.66 45.30
CA PRO B 243 -24.11 -126.75 46.19
C PRO B 243 -22.69 -127.24 46.45
N GLY B 244 -21.80 -126.28 46.69
CA GLY B 244 -20.41 -126.62 46.95
C GLY B 244 -19.63 -125.38 47.35
N GLN B 245 -18.30 -125.54 47.35
CA GLN B 245 -17.43 -124.41 47.63
C GLN B 245 -17.53 -123.35 46.56
N LEU B 246 -17.41 -123.75 45.29
CA LEU B 246 -17.60 -122.86 44.16
C LEU B 246 -19.05 -123.02 43.71
N ASN B 247 -19.91 -122.11 44.15
CA ASN B 247 -21.29 -122.09 43.67
C ASN B 247 -21.33 -121.73 42.18
N ALA B 248 -20.67 -120.63 41.82
CA ALA B 248 -20.57 -120.11 40.45
C ALA B 248 -21.95 -119.89 39.82
N ASP B 249 -22.88 -119.36 40.61
CA ASP B 249 -24.26 -119.18 40.19
C ASP B 249 -24.35 -117.98 39.25
N LEU B 250 -23.95 -118.22 37.99
CA LEU B 250 -24.09 -117.31 36.86
C LEU B 250 -23.33 -115.99 37.05
N ARG B 251 -23.75 -115.16 38.00
CA ARG B 251 -23.06 -113.91 38.25
C ARG B 251 -21.70 -114.14 38.88
N LYS B 252 -21.59 -115.12 39.78
CA LYS B 252 -20.29 -115.45 40.38
C LYS B 252 -19.32 -116.00 39.36
N LEU B 253 -19.81 -116.81 38.42
CA LEU B 253 -18.98 -117.32 37.34
C LEU B 253 -18.50 -116.20 36.43
N ALA B 254 -19.36 -115.21 36.18
CA ALA B 254 -18.96 -114.06 35.37
C ALA B 254 -17.97 -113.18 36.11
N VAL B 255 -18.09 -113.07 37.43
CA VAL B 255 -17.14 -112.27 38.21
C VAL B 255 -15.78 -112.96 38.23
N ASN B 256 -15.77 -114.28 38.40
CA ASN B 256 -14.51 -115.03 38.44
C ASN B 256 -13.82 -115.05 37.08
N MET B 257 -14.55 -115.39 36.02
CA MET B 257 -13.93 -115.79 34.76
C MET B 257 -13.77 -114.68 33.75
N VAL B 258 -14.48 -113.56 33.88
CA VAL B 258 -14.55 -112.55 32.84
C VAL B 258 -13.85 -111.29 33.36
N PRO B 259 -12.65 -110.97 32.88
CA PRO B 259 -12.01 -109.72 33.30
C PRO B 259 -12.41 -108.51 32.49
N PHE B 260 -12.93 -108.68 31.28
CA PHE B 260 -13.21 -107.56 30.40
C PHE B 260 -14.52 -107.79 29.67
N PRO B 261 -15.29 -106.72 29.38
CA PRO B 261 -16.61 -106.91 28.78
C PRO B 261 -16.60 -107.44 27.35
N ARG B 262 -15.46 -107.39 26.66
CA ARG B 262 -15.35 -107.95 25.33
C ARG B 262 -14.69 -109.33 25.32
N LEU B 263 -13.78 -109.59 26.26
CA LEU B 263 -13.02 -110.83 26.28
C LEU B 263 -13.68 -111.86 27.19
N HIS B 264 -14.92 -112.22 26.85
CA HIS B 264 -15.73 -113.15 27.64
C HIS B 264 -16.04 -114.42 26.88
N PHE B 265 -15.09 -114.92 26.11
CA PHE B 265 -15.29 -116.13 25.31
C PHE B 265 -14.56 -117.28 25.99
N PHE B 266 -15.32 -118.28 26.45
CA PHE B 266 -14.78 -119.35 27.27
C PHE B 266 -14.20 -120.44 26.38
N MET B 267 -13.88 -121.58 26.98
CA MET B 267 -13.36 -122.73 26.26
C MET B 267 -13.61 -124.01 27.06
N PRO B 268 -14.83 -124.55 27.05
CA PRO B 268 -15.13 -125.73 27.86
C PRO B 268 -14.46 -126.98 27.31
N GLY B 269 -14.25 -127.94 28.21
CA GLY B 269 -13.63 -129.20 27.84
C GLY B 269 -14.04 -130.30 28.80
N PHE B 270 -13.87 -131.53 28.35
CA PHE B 270 -14.29 -132.71 29.11
C PHE B 270 -13.21 -133.77 28.98
N ALA B 271 -12.58 -134.13 30.10
CA ALA B 271 -11.44 -135.04 30.06
C ALA B 271 -11.82 -136.50 29.83
N PRO B 272 -12.75 -137.15 30.61
CA PRO B 272 -13.00 -138.57 30.26
C PRO B 272 -14.09 -138.72 29.20
N LEU B 273 -13.73 -138.39 27.96
CA LEU B 273 -14.67 -138.44 26.84
C LEU B 273 -14.67 -139.84 26.23
N THR B 274 -15.81 -140.51 26.30
CA THR B 274 -15.97 -141.85 25.74
C THR B 274 -17.29 -141.92 24.99
N ALA B 275 -17.27 -142.59 23.83
CA ALA B 275 -18.45 -142.72 23.00
C ALA B 275 -19.42 -143.74 23.59
N ARG B 276 -20.58 -143.87 22.94
CA ARG B 276 -21.60 -144.82 23.37
C ARG B 276 -21.18 -146.26 23.12
N ARG B 282 -11.60 -149.19 31.66
CA ARG B 282 -11.40 -147.75 31.66
C ARG B 282 -11.09 -147.24 33.06
N ALA B 283 -9.82 -147.33 33.46
CA ALA B 283 -9.38 -146.85 34.76
C ALA B 283 -9.39 -145.33 34.78
N LEU B 284 -9.93 -144.76 35.86
CA LEU B 284 -10.01 -143.31 36.04
C LEU B 284 -9.36 -142.94 37.36
N SER B 285 -8.42 -141.99 37.29
CA SER B 285 -7.73 -141.52 38.48
C SER B 285 -7.41 -140.04 38.29
N VAL B 286 -6.83 -139.45 39.33
CA VAL B 286 -6.61 -138.00 39.39
C VAL B 286 -5.55 -137.48 38.42
N PRO B 287 -4.29 -137.97 38.38
CA PRO B 287 -3.30 -137.31 37.51
C PRO B 287 -3.54 -137.52 36.02
N GLU B 288 -4.10 -138.68 35.62
CA GLU B 288 -4.46 -138.86 34.22
C GLU B 288 -5.57 -137.92 33.81
N LEU B 289 -6.56 -137.70 34.69
CA LEU B 289 -7.64 -136.77 34.40
C LEU B 289 -7.12 -135.33 34.34
N THR B 290 -6.15 -134.99 35.20
CA THR B 290 -5.59 -133.64 35.17
C THR B 290 -4.72 -133.41 33.94
N GLN B 291 -3.95 -134.41 33.53
CA GLN B 291 -3.15 -134.27 32.32
C GLN B 291 -3.99 -134.37 31.04
N GLN B 292 -5.17 -134.97 31.12
CA GLN B 292 -6.14 -134.90 30.03
C GLN B 292 -6.99 -133.65 30.08
N MET B 293 -6.96 -132.91 31.19
CA MET B 293 -7.81 -131.74 31.34
C MET B 293 -7.32 -130.57 30.48
N PHE B 294 -6.01 -130.36 30.44
CA PHE B 294 -5.44 -129.20 29.76
C PHE B 294 -4.83 -129.56 28.41
N ASP B 295 -5.15 -130.73 27.87
CA ASP B 295 -4.62 -131.13 26.57
C ASP B 295 -5.31 -130.36 25.45
N ALA B 296 -4.53 -130.10 24.39
CA ALA B 296 -5.07 -129.41 23.21
C ALA B 296 -6.10 -130.27 22.49
N ARG B 297 -5.85 -131.57 22.41
CA ARG B 297 -6.76 -132.48 21.71
C ARG B 297 -8.08 -132.65 22.47
N ASN B 298 -8.03 -132.60 23.80
CA ASN B 298 -9.22 -132.86 24.60
C ASN B 298 -10.21 -131.70 24.58
N MET B 299 -9.72 -130.48 24.37
CA MET B 299 -10.58 -129.31 24.46
C MET B 299 -11.53 -129.21 23.27
N MET B 300 -12.73 -128.68 23.53
CA MET B 300 -13.81 -128.65 22.55
C MET B 300 -13.88 -127.32 21.81
N ALA B 301 -12.75 -126.66 21.62
CA ALA B 301 -12.66 -125.51 20.74
C ALA B 301 -11.35 -125.63 19.96
N ALA B 302 -11.40 -125.24 18.67
CA ALA B 302 -10.27 -125.40 17.77
C ALA B 302 -9.23 -124.32 18.11
N CYS B 303 -8.44 -124.61 19.14
CA CYS B 303 -7.49 -123.67 19.69
C CYS B 303 -6.20 -124.39 20.03
N ASP B 304 -5.14 -123.62 20.19
CA ASP B 304 -3.84 -124.14 20.64
C ASP B 304 -3.47 -123.46 21.95
N PRO B 305 -3.64 -124.14 23.10
CA PRO B 305 -3.34 -123.49 24.39
C PRO B 305 -1.87 -123.21 24.62
N ARG B 306 -0.96 -123.83 23.86
CA ARG B 306 0.45 -123.49 23.95
C ARG B 306 0.75 -122.10 23.40
N ARG B 307 -0.09 -121.58 22.51
CA ARG B 307 0.08 -120.26 21.93
C ARG B 307 -0.62 -119.17 22.71
N GLY B 308 -1.33 -119.51 23.79
CA GLY B 308 -2.09 -118.53 24.53
C GLY B 308 -1.91 -118.73 26.03
N ARG B 309 -2.47 -117.79 26.79
CA ARG B 309 -2.36 -117.78 28.24
C ARG B 309 -3.74 -117.89 28.87
N TYR B 310 -3.88 -118.80 29.83
CA TYR B 310 -5.13 -118.98 30.56
C TYR B 310 -5.36 -117.78 31.48
N LEU B 311 -6.36 -116.95 31.16
CA LEU B 311 -6.68 -115.83 32.04
C LEU B 311 -7.39 -116.30 33.31
N THR B 312 -8.34 -117.23 33.17
CA THR B 312 -9.03 -117.80 34.32
C THR B 312 -9.32 -119.26 34.01
N VAL B 313 -9.26 -120.10 35.04
CA VAL B 313 -9.52 -121.53 34.92
C VAL B 313 -10.46 -121.93 36.06
N ALA B 314 -11.53 -122.65 35.73
CA ALA B 314 -12.43 -123.21 36.74
C ALA B 314 -12.56 -124.70 36.47
N CYS B 315 -11.64 -125.48 37.01
CA CYS B 315 -11.64 -126.94 36.82
C CYS B 315 -12.52 -127.56 37.89
N ILE B 316 -13.52 -128.33 37.46
CA ILE B 316 -14.49 -128.95 38.36
C ILE B 316 -14.38 -130.46 38.21
N PHE B 317 -14.28 -131.16 39.33
CA PHE B 317 -14.21 -132.62 39.35
C PHE B 317 -15.53 -133.19 39.85
N ARG B 318 -15.94 -134.30 39.27
CA ARG B 318 -17.17 -134.99 39.65
C ARG B 318 -16.85 -136.44 39.96
N GLY B 319 -17.37 -136.94 41.07
CA GLY B 319 -17.20 -138.32 41.47
C GLY B 319 -16.62 -138.40 42.87
N ARG B 320 -16.22 -139.62 43.25
CA ARG B 320 -15.64 -139.89 44.57
C ARG B 320 -14.12 -139.89 44.42
N MET B 321 -13.50 -138.75 44.76
CA MET B 321 -12.06 -138.59 44.65
C MET B 321 -11.53 -137.91 45.91
N SER B 322 -10.24 -138.09 46.16
CA SER B 322 -9.58 -137.43 47.27
C SER B 322 -9.27 -135.99 46.88
N THR B 323 -9.73 -135.04 47.70
CA THR B 323 -9.59 -133.62 47.36
C THR B 323 -8.14 -133.16 47.51
N ARG B 324 -7.40 -133.72 48.45
CA ARG B 324 -6.00 -133.35 48.66
C ARG B 324 -5.14 -133.74 47.47
N GLU B 325 -5.37 -134.92 46.89
CA GLU B 325 -4.60 -135.34 45.73
C GLU B 325 -4.94 -134.51 44.50
N VAL B 326 -6.21 -134.11 44.37
CA VAL B 326 -6.63 -133.23 43.28
C VAL B 326 -5.97 -131.87 43.40
N ASP B 327 -5.95 -131.31 44.61
CA ASP B 327 -5.30 -130.03 44.85
C ASP B 327 -3.81 -130.09 44.62
N GLU B 328 -3.15 -131.17 45.07
CA GLU B 328 -1.72 -131.35 44.85
C GLU B 328 -1.38 -131.50 43.37
N GLN B 329 -2.18 -132.28 42.64
CA GLN B 329 -1.93 -132.47 41.21
C GLN B 329 -2.16 -131.19 40.42
N LEU B 330 -3.20 -130.42 40.77
CA LEU B 330 -3.44 -129.18 40.06
C LEU B 330 -2.43 -128.10 40.41
N LEU B 331 -1.94 -128.09 41.66
CA LEU B 331 -0.86 -127.18 42.02
C LEU B 331 0.44 -127.53 41.30
N SER B 332 0.72 -128.84 41.16
CA SER B 332 1.89 -129.28 40.40
C SER B 332 1.77 -128.92 38.92
N VAL B 333 0.55 -129.04 38.37
CA VAL B 333 0.31 -128.64 36.98
C VAL B 333 0.50 -127.14 36.80
N GLN B 334 -0.01 -126.34 37.75
CA GLN B 334 0.12 -124.89 37.66
C GLN B 334 1.56 -124.43 37.82
N THR B 335 2.33 -125.08 38.69
CA THR B 335 3.72 -124.69 38.87
C THR B 335 4.61 -125.18 37.73
N LYS B 336 4.31 -126.38 37.19
CA LYS B 336 5.11 -126.92 36.10
C LYS B 336 4.88 -126.18 34.79
N ASN B 337 3.75 -125.50 34.63
CA ASN B 337 3.37 -124.82 33.40
C ASN B 337 3.04 -123.36 33.70
N SER B 338 3.93 -122.71 34.45
CA SER B 338 3.70 -121.32 34.86
C SER B 338 3.82 -120.33 33.71
N SER B 339 4.44 -120.74 32.59
CA SER B 339 4.45 -119.90 31.41
C SER B 339 3.14 -119.92 30.65
N TYR B 340 2.27 -120.90 30.93
CA TYR B 340 0.99 -121.01 30.24
C TYR B 340 -0.12 -120.22 30.92
N PHE B 341 0.13 -119.68 32.10
CA PHE B 341 -0.85 -118.89 32.83
C PHE B 341 -0.35 -117.46 32.94
N VAL B 342 -1.28 -116.50 33.03
CA VAL B 342 -0.89 -115.11 33.22
C VAL B 342 -0.42 -114.92 34.66
N GLU B 343 0.65 -114.16 34.82
CA GLU B 343 1.22 -113.90 36.12
C GLU B 343 0.67 -112.65 36.78
N TRP B 344 -0.14 -111.86 36.06
CA TRP B 344 -0.74 -110.66 36.63
C TRP B 344 -2.14 -110.90 37.16
N ILE B 345 -2.66 -112.12 37.06
CA ILE B 345 -3.89 -112.51 37.73
C ILE B 345 -3.56 -113.69 38.65
N PRO B 346 -3.34 -113.43 39.93
CA PRO B 346 -2.90 -114.50 40.83
C PRO B 346 -4.05 -115.36 41.32
N ASN B 347 -3.75 -116.65 41.49
CA ASN B 347 -4.69 -117.70 41.91
C ASN B 347 -5.91 -117.75 40.98
N ASN B 348 -5.62 -118.06 39.71
CA ASN B 348 -6.64 -118.08 38.68
C ASN B 348 -7.27 -119.44 38.46
N VAL B 349 -6.87 -120.45 39.23
CA VAL B 349 -7.41 -121.81 39.10
C VAL B 349 -8.28 -122.08 40.32
N LYS B 350 -9.57 -122.26 40.09
CA LYS B 350 -10.53 -122.59 41.15
C LYS B 350 -10.98 -124.02 40.98
N VAL B 351 -10.88 -124.81 42.05
CA VAL B 351 -11.16 -126.23 42.02
C VAL B 351 -12.37 -126.51 42.91
N ALA B 352 -13.33 -127.25 42.38
CA ALA B 352 -14.47 -127.72 43.15
C ALA B 352 -14.68 -129.20 42.88
N VAL B 353 -15.22 -129.90 43.88
CA VAL B 353 -15.40 -131.35 43.81
C VAL B 353 -16.86 -131.65 44.16
N CYS B 354 -17.57 -132.30 43.26
CA CYS B 354 -18.92 -132.76 43.49
C CYS B 354 -18.93 -134.28 43.60
N ASP B 355 -19.69 -134.79 44.57
CA ASP B 355 -19.69 -136.21 44.86
C ASP B 355 -20.58 -137.02 43.92
N ILE B 356 -21.41 -136.38 43.12
CA ILE B 356 -22.35 -137.07 42.24
C ILE B 356 -21.76 -137.09 40.83
N PRO B 357 -21.37 -138.25 40.31
CA PRO B 357 -20.81 -138.30 38.96
C PRO B 357 -21.92 -138.35 37.93
N PRO B 358 -21.63 -137.97 36.68
CA PRO B 358 -22.61 -138.20 35.60
C PRO B 358 -22.82 -139.68 35.35
N ARG B 359 -24.02 -140.00 34.87
CA ARG B 359 -24.38 -141.39 34.64
C ARG B 359 -23.58 -141.97 33.47
N GLY B 360 -23.06 -143.19 33.67
CA GLY B 360 -22.19 -143.81 32.71
C GLY B 360 -20.71 -143.62 33.00
N LEU B 361 -20.35 -142.71 33.90
CA LEU B 361 -18.96 -142.42 34.23
C LEU B 361 -18.76 -142.50 35.73
N LYS B 362 -17.68 -143.15 36.16
CA LYS B 362 -17.36 -143.18 37.57
C LYS B 362 -16.79 -141.85 38.03
N MET B 363 -15.93 -141.23 37.23
CA MET B 363 -15.34 -139.94 37.54
C MET B 363 -15.42 -139.03 36.32
N ALA B 364 -15.48 -137.73 36.57
CA ALA B 364 -15.57 -136.74 35.51
C ALA B 364 -14.69 -135.55 35.84
N ALA B 365 -14.30 -134.83 34.79
CA ALA B 365 -13.38 -133.71 34.93
C ALA B 365 -13.71 -132.67 33.87
N THR B 366 -14.34 -131.58 34.27
CA THR B 366 -14.79 -130.54 33.35
C THR B 366 -14.06 -129.24 33.64
N PHE B 367 -13.54 -128.61 32.60
CA PHE B 367 -12.75 -127.39 32.72
C PHE B 367 -13.39 -126.28 31.90
N ILE B 368 -13.46 -125.08 32.49
CA ILE B 368 -13.88 -123.87 31.80
C ILE B 368 -12.72 -122.89 31.84
N GLY B 369 -12.44 -122.25 30.71
CA GLY B 369 -11.31 -121.34 30.67
C GLY B 369 -11.43 -120.19 29.69
N ASN B 370 -11.04 -118.99 30.14
CA ASN B 370 -10.95 -117.83 29.26
C ASN B 370 -9.53 -117.69 28.72
N ASN B 371 -9.11 -118.69 27.94
CA ASN B 371 -7.79 -118.69 27.35
C ASN B 371 -7.73 -117.68 26.21
N THR B 372 -6.51 -117.21 25.93
CA THR B 372 -6.25 -116.30 24.82
C THR B 372 -6.23 -117.04 23.48
N ALA B 373 -6.18 -118.38 23.52
CA ALA B 373 -6.14 -119.19 22.31
C ALA B 373 -7.45 -119.20 21.54
N ILE B 374 -8.53 -118.65 22.11
CA ILE B 374 -9.79 -118.52 21.38
C ILE B 374 -9.73 -117.50 20.26
N GLN B 375 -8.71 -116.63 20.24
CA GLN B 375 -8.58 -115.68 19.13
C GLN B 375 -8.12 -116.35 17.84
N GLU B 376 -7.60 -117.58 17.91
CA GLU B 376 -7.34 -118.34 16.69
C GLU B 376 -8.64 -118.72 16.00
N LEU B 377 -9.68 -119.02 16.78
CA LEU B 377 -11.00 -119.32 16.22
C LEU B 377 -11.62 -118.09 15.55
N PHE B 378 -11.50 -116.93 16.20
CA PHE B 378 -12.02 -115.70 15.63
C PHE B 378 -11.10 -115.10 14.57
N ILE B 379 -9.92 -115.68 14.36
CA ILE B 379 -9.13 -115.39 13.17
C ILE B 379 -9.51 -116.31 12.02
N ARG B 380 -9.76 -117.59 12.33
CA ARG B 380 -10.15 -118.57 11.32
C ARG B 380 -11.51 -118.23 10.71
N VAL B 381 -12.50 -117.93 11.55
CA VAL B 381 -13.84 -117.61 11.05
C VAL B 381 -13.83 -116.27 10.32
N SER B 382 -13.03 -115.31 10.81
CA SER B 382 -12.94 -114.03 10.12
C SER B 382 -12.20 -114.12 8.79
N GLU B 383 -11.21 -115.00 8.68
CA GLU B 383 -10.50 -115.16 7.42
C GLU B 383 -11.30 -116.00 6.42
N GLN B 384 -12.19 -116.88 6.90
CA GLN B 384 -13.15 -117.47 5.99
C GLN B 384 -14.20 -116.46 5.58
N PHE B 385 -14.54 -115.53 6.46
CA PHE B 385 -15.43 -114.42 6.13
C PHE B 385 -14.77 -113.47 5.13
N SER B 386 -13.45 -113.29 5.21
CA SER B 386 -12.75 -112.42 4.27
C SER B 386 -12.74 -113.02 2.87
N ALA B 387 -12.58 -114.33 2.76
CA ALA B 387 -12.61 -115.00 1.47
C ALA B 387 -14.02 -115.10 0.89
N MET B 388 -15.06 -114.83 1.70
CA MET B 388 -16.42 -114.83 1.21
C MET B 388 -17.00 -113.43 1.04
N PHE B 389 -16.31 -112.40 1.53
CA PHE B 389 -16.74 -111.02 1.35
C PHE B 389 -15.95 -110.27 0.30
N ARG B 390 -14.75 -110.73 -0.03
CA ARG B 390 -13.98 -110.09 -1.10
C ARG B 390 -14.56 -110.40 -2.48
N ARG B 391 -15.36 -111.45 -2.61
CA ARG B 391 -16.04 -111.76 -3.87
C ARG B 391 -17.55 -111.68 -3.76
N LYS B 392 -18.10 -111.25 -2.62
CA LYS B 392 -19.51 -110.92 -2.42
C LYS B 392 -20.44 -112.09 -2.71
N ALA B 393 -20.03 -113.30 -2.31
CA ALA B 393 -20.83 -114.49 -2.55
C ALA B 393 -22.08 -114.46 -1.67
N PHE B 394 -23.24 -114.63 -2.32
CA PHE B 394 -24.58 -114.64 -1.70
C PHE B 394 -24.89 -113.34 -0.95
N LEU B 395 -24.25 -112.24 -1.34
CA LEU B 395 -24.51 -110.96 -0.70
C LEU B 395 -25.84 -110.34 -1.11
N HIS B 396 -26.42 -110.79 -2.24
CA HIS B 396 -27.70 -110.26 -2.67
C HIS B 396 -28.86 -110.74 -1.81
N TRP B 397 -28.70 -111.89 -1.13
CA TRP B 397 -29.74 -112.38 -0.24
C TRP B 397 -29.88 -111.51 0.99
N TYR B 398 -28.76 -111.20 1.65
CA TYR B 398 -28.81 -110.47 2.91
C TYR B 398 -29.07 -108.99 2.69
N THR B 399 -28.46 -108.40 1.65
CA THR B 399 -28.64 -106.98 1.40
C THR B 399 -30.02 -106.65 0.85
N GLY B 400 -30.75 -107.64 0.34
CA GLY B 400 -32.11 -107.42 -0.10
C GLY B 400 -33.14 -107.44 0.99
N GLU B 401 -32.76 -107.82 2.21
CA GLU B 401 -33.65 -107.84 3.36
C GLU B 401 -33.57 -106.56 4.18
N GLY B 402 -32.94 -105.52 3.66
CA GLY B 402 -32.77 -104.27 4.37
C GLY B 402 -31.45 -104.14 5.10
N MET B 403 -30.64 -105.20 5.15
CA MET B 403 -29.33 -105.09 5.76
C MET B 403 -28.42 -104.27 4.88
N ASP B 404 -27.74 -103.29 5.48
CA ASP B 404 -26.74 -102.54 4.75
C ASP B 404 -25.49 -103.41 4.55
N GLU B 405 -24.71 -103.07 3.52
CA GLU B 405 -23.43 -103.74 3.32
C GLU B 405 -22.35 -103.20 4.24
N MET B 406 -22.60 -102.08 4.93
CA MET B 406 -21.68 -101.61 5.96
C MET B 406 -21.77 -102.42 7.23
N GLU B 407 -22.83 -103.22 7.39
CA GLU B 407 -22.97 -104.07 8.57
C GLU B 407 -21.91 -105.16 8.60
N PHE B 408 -21.59 -105.75 7.45
CA PHE B 408 -20.53 -106.75 7.38
C PHE B 408 -19.17 -106.13 7.65
N SER B 409 -18.96 -104.91 7.18
CA SER B 409 -17.70 -104.20 7.45
C SER B 409 -17.57 -103.85 8.93
N GLU B 410 -18.69 -103.46 9.56
CA GLU B 410 -18.69 -103.18 11.00
C GLU B 410 -18.41 -104.43 11.82
N ALA B 411 -19.02 -105.56 11.44
CA ALA B 411 -18.77 -106.82 12.14
C ALA B 411 -17.33 -107.30 11.96
N GLU B 412 -16.78 -107.16 10.75
CA GLU B 412 -15.39 -107.52 10.51
C GLU B 412 -14.43 -106.62 11.29
N GLY B 413 -14.73 -105.32 11.35
CA GLY B 413 -13.89 -104.40 12.12
C GLY B 413 -13.96 -104.66 13.61
N ASN B 414 -15.13 -105.02 14.12
CA ASN B 414 -15.25 -105.34 15.54
C ASN B 414 -14.53 -106.64 15.89
N THR B 415 -14.61 -107.64 15.03
CA THR B 415 -13.86 -108.88 15.29
C THR B 415 -12.36 -108.68 15.15
N ASN B 416 -11.92 -107.83 14.22
CA ASN B 416 -10.50 -107.51 14.11
C ASN B 416 -10.01 -106.73 15.32
N ASP B 417 -10.85 -105.83 15.86
CA ASP B 417 -10.50 -105.11 17.07
C ASP B 417 -10.43 -106.05 18.27
N LEU B 418 -11.33 -107.04 18.32
CA LEU B 418 -11.27 -108.04 19.39
C LEU B 418 -9.99 -108.88 19.30
N VAL B 419 -9.60 -109.25 18.08
CA VAL B 419 -8.36 -110.01 17.88
C VAL B 419 -7.15 -109.16 18.28
N SER B 420 -7.17 -107.87 17.92
CA SER B 420 -6.08 -106.97 18.28
C SER B 420 -5.97 -106.77 19.78
N GLU B 421 -7.11 -106.64 20.47
CA GLU B 421 -7.08 -106.47 21.92
C GLU B 421 -6.67 -107.76 22.63
N TYR B 422 -7.09 -108.91 22.10
CA TYR B 422 -6.65 -110.20 22.63
C TYR B 422 -5.14 -110.37 22.51
N GLN B 423 -4.58 -110.01 21.35
CA GLN B 423 -3.14 -110.13 21.16
C GLN B 423 -2.37 -109.11 22.00
N GLN B 424 -2.92 -107.90 22.15
CA GLN B 424 -2.29 -106.86 22.97
C GLN B 424 -2.25 -107.26 24.44
N TYR B 425 -3.35 -107.82 24.96
CA TYR B 425 -3.34 -108.27 26.34
C TYR B 425 -2.62 -109.60 26.52
N GLN B 426 -2.37 -110.35 25.45
CA GLN B 426 -1.48 -111.50 25.55
C GLN B 426 -0.03 -111.06 25.62
N ASP B 427 0.34 -110.02 24.87
CA ASP B 427 1.74 -109.58 24.83
C ASP B 427 2.17 -108.87 26.11
N ALA B 428 1.23 -108.35 26.89
CA ALA B 428 1.60 -107.69 28.14
C ALA B 428 1.99 -108.71 29.20
N THR B 429 3.00 -108.35 30.00
CA THR B 429 3.51 -109.22 31.05
C THR B 429 3.62 -108.45 32.35
N ALA B 430 3.50 -109.18 33.46
CA ALA B 430 3.58 -108.58 34.79
C ALA B 430 5.02 -108.21 35.13
N MET C 1 -25.81 -104.49 83.22
CA MET C 1 -25.56 -103.06 83.11
C MET C 1 -24.86 -102.72 81.81
N ARG C 2 -24.35 -103.74 81.13
CA ARG C 2 -23.65 -103.59 79.86
C ARG C 2 -24.14 -104.65 78.89
N GLU C 3 -24.33 -104.24 77.63
CA GLU C 3 -24.82 -105.12 76.59
C GLU C 3 -23.92 -105.03 75.37
N CYS C 4 -23.86 -106.13 74.62
CA CYS C 4 -23.17 -106.17 73.34
C CYS C 4 -24.09 -106.80 72.30
N ILE C 5 -24.13 -106.21 71.12
CA ILE C 5 -24.97 -106.67 70.02
C ILE C 5 -24.05 -107.23 68.95
N SER C 6 -24.06 -108.56 68.80
CA SER C 6 -23.25 -109.20 67.79
C SER C 6 -23.88 -109.05 66.41
N ILE C 7 -23.06 -108.70 65.42
CA ILE C 7 -23.50 -108.52 64.04
C ILE C 7 -22.69 -109.48 63.17
N HIS C 8 -23.39 -110.29 62.38
CA HIS C 8 -22.77 -111.22 61.45
C HIS C 8 -23.22 -110.87 60.04
N VAL C 9 -22.25 -110.53 59.17
CA VAL C 9 -22.51 -110.23 57.77
C VAL C 9 -21.82 -111.28 56.93
N GLY C 10 -22.52 -111.75 55.90
CA GLY C 10 -21.98 -112.74 54.98
C GLY C 10 -22.23 -114.16 55.43
N GLN C 11 -21.95 -115.09 54.51
CA GLN C 11 -22.07 -116.51 54.81
C GLN C 11 -21.05 -116.95 55.86
N ALA C 12 -19.82 -116.46 55.73
CA ALA C 12 -18.78 -116.74 56.72
C ALA C 12 -19.14 -116.16 58.08
N GLY C 13 -19.67 -114.93 58.10
CA GLY C 13 -20.09 -114.33 59.35
C GLY C 13 -21.23 -115.07 60.01
N VAL C 14 -22.21 -115.51 59.21
CA VAL C 14 -23.36 -116.23 59.76
C VAL C 14 -22.95 -117.60 60.30
N GLN C 15 -22.12 -118.34 59.56
CA GLN C 15 -21.68 -119.65 60.02
C GLN C 15 -20.78 -119.55 61.26
N ILE C 16 -19.85 -118.58 61.27
CA ILE C 16 -18.97 -118.38 62.41
C ILE C 16 -19.78 -117.93 63.63
N GLY C 17 -20.78 -117.08 63.43
CA GLY C 17 -21.62 -116.64 64.53
C GLY C 17 -22.47 -117.75 65.10
N ASN C 18 -23.00 -118.63 64.24
CA ASN C 18 -23.78 -119.77 64.72
C ASN C 18 -22.90 -120.73 65.52
N ALA C 19 -21.68 -121.01 65.02
CA ALA C 19 -20.76 -121.88 65.77
C ALA C 19 -20.33 -121.24 67.09
N CYS C 20 -20.11 -119.92 67.08
CA CYS C 20 -19.68 -119.23 68.30
C CYS C 20 -20.80 -119.18 69.34
N TRP C 21 -22.04 -118.94 68.91
CA TRP C 21 -23.15 -118.92 69.86
C TRP C 21 -23.46 -120.33 70.36
N GLU C 22 -23.24 -121.36 69.54
CA GLU C 22 -23.34 -122.74 70.01
C GLU C 22 -22.30 -123.02 71.09
N LEU C 23 -21.06 -122.55 70.88
CA LEU C 23 -20.02 -122.75 71.88
C LEU C 23 -20.26 -121.91 73.13
N TYR C 24 -20.91 -120.74 72.98
CA TYR C 24 -21.23 -119.93 74.15
C TYR C 24 -22.34 -120.57 74.98
N CYS C 25 -23.33 -121.18 74.31
CA CYS C 25 -24.34 -121.94 75.03
C CYS C 25 -23.75 -123.20 75.66
N LEU C 26 -22.72 -123.78 75.04
CA LEU C 26 -22.07 -124.96 75.61
C LEU C 26 -21.24 -124.59 76.83
N GLU C 27 -20.50 -123.48 76.77
CA GLU C 27 -19.58 -123.12 77.85
C GLU C 27 -20.33 -122.60 79.07
N HIS C 28 -21.39 -121.81 78.86
CA HIS C 28 -22.15 -121.25 79.95
C HIS C 28 -23.21 -122.22 80.49
N GLY C 29 -23.35 -123.40 79.90
CA GLY C 29 -24.36 -124.34 80.34
C GLY C 29 -25.77 -123.99 79.98
N ILE C 30 -25.97 -123.10 79.00
CA ILE C 30 -27.30 -122.74 78.54
C ILE C 30 -27.82 -123.85 77.64
N GLN C 31 -29.07 -124.25 77.86
CA GLN C 31 -29.70 -125.26 77.04
C GLN C 31 -29.95 -124.70 75.63
N PRO C 32 -29.91 -125.55 74.60
CA PRO C 32 -30.14 -125.06 73.22
C PRO C 32 -31.53 -124.49 72.97
N ASP C 33 -32.53 -124.89 73.74
CA ASP C 33 -33.87 -124.33 73.56
C ASP C 33 -33.97 -122.90 74.10
N GLY C 34 -33.08 -122.50 75.00
CA GLY C 34 -33.04 -121.16 75.53
C GLY C 34 -33.10 -121.07 77.05
N GLN C 35 -33.55 -122.13 77.72
CA GLN C 35 -33.66 -122.09 79.17
C GLN C 35 -32.29 -122.34 79.81
N MET C 36 -32.23 -122.11 81.12
CA MET C 36 -31.02 -122.29 81.90
C MET C 36 -31.34 -123.16 83.11
N PRO C 37 -30.56 -124.20 83.39
CA PRO C 37 -30.83 -125.06 84.55
C PRO C 37 -30.63 -124.38 85.89
N SER C 38 -29.46 -123.75 86.07
CA SER C 38 -29.05 -123.25 87.38
C SER C 38 -29.33 -121.76 87.57
N ASP C 39 -28.95 -120.93 86.61
CA ASP C 39 -28.97 -119.48 86.78
C ASP C 39 -30.33 -118.85 86.48
N LYS C 40 -31.34 -119.65 86.13
CA LYS C 40 -32.68 -119.12 85.89
C LYS C 40 -33.51 -119.03 87.17
N THR C 41 -32.94 -119.40 88.32
CA THR C 41 -33.63 -119.23 89.59
C THR C 41 -33.83 -117.75 89.91
N ILE C 42 -32.83 -116.91 89.59
CA ILE C 42 -32.97 -115.47 89.78
C ILE C 42 -34.00 -114.91 88.81
N GLY C 43 -33.90 -115.26 87.54
CA GLY C 43 -34.81 -114.77 86.53
C GLY C 43 -34.45 -113.40 85.96
N GLY C 44 -33.38 -112.77 86.46
CA GLY C 44 -32.96 -111.47 86.00
C GLY C 44 -31.61 -111.52 85.30
N GLY C 45 -31.15 -110.33 84.92
CA GLY C 45 -29.88 -110.17 84.25
C GLY C 45 -28.72 -110.00 85.20
N ASP C 46 -27.69 -109.29 84.73
CA ASP C 46 -26.40 -108.98 85.36
C ASP C 46 -25.77 -110.17 86.10
N ASP C 47 -25.84 -111.35 85.51
CA ASP C 47 -25.28 -112.57 86.09
C ASP C 47 -24.02 -113.01 85.35
N SER C 48 -23.24 -112.04 84.86
CA SER C 48 -21.95 -112.13 84.15
C SER C 48 -22.08 -112.65 82.73
N PHE C 49 -23.27 -113.04 82.28
CA PHE C 49 -23.51 -113.32 80.87
C PHE C 49 -24.50 -112.34 80.26
N ASN C 50 -24.88 -111.29 80.98
CA ASN C 50 -25.78 -110.27 80.45
C ASN C 50 -25.11 -109.34 79.44
N THR C 51 -23.79 -109.44 79.29
CA THR C 51 -23.10 -108.69 78.24
C THR C 51 -23.48 -109.21 76.86
N PHE C 52 -23.82 -110.49 76.75
CA PHE C 52 -24.18 -111.12 75.48
C PHE C 52 -25.62 -111.58 75.44
N PHE C 53 -26.12 -112.21 76.50
CA PHE C 53 -27.41 -112.88 76.48
C PHE C 53 -28.49 -112.00 77.10
N SER C 54 -29.66 -111.98 76.47
CA SER C 54 -30.81 -111.24 76.98
C SER C 54 -31.89 -112.22 77.42
N GLU C 55 -32.62 -111.85 78.47
CA GLU C 55 -33.70 -112.66 79.01
C GLU C 55 -35.04 -112.03 78.66
N THR C 56 -35.93 -112.84 78.10
CA THR C 56 -37.27 -112.39 77.76
C THR C 56 -38.20 -112.56 78.97
N GLY C 57 -39.50 -112.32 78.77
CA GLY C 57 -40.47 -112.51 79.83
C GLY C 57 -40.73 -113.96 80.18
N ALA C 58 -40.48 -114.87 79.25
CA ALA C 58 -40.68 -116.30 79.47
C ALA C 58 -39.45 -117.00 80.05
N GLY C 59 -38.39 -116.26 80.34
CA GLY C 59 -37.17 -116.85 80.86
C GLY C 59 -36.23 -117.41 79.84
N LYS C 60 -36.50 -117.23 78.55
CA LYS C 60 -35.63 -117.73 77.50
C LYS C 60 -34.41 -116.83 77.37
N HIS C 61 -33.22 -117.45 77.30
CA HIS C 61 -31.97 -116.69 77.16
C HIS C 61 -31.65 -116.59 75.67
N VAL C 62 -32.33 -115.67 75.01
CA VAL C 62 -32.07 -115.41 73.59
C VAL C 62 -30.82 -114.53 73.47
N PRO C 63 -29.85 -114.92 72.65
CA PRO C 63 -28.68 -114.07 72.45
C PRO C 63 -29.03 -112.80 71.69
N ARG C 64 -28.25 -111.75 71.96
CA ARG C 64 -28.40 -110.46 71.27
C ARG C 64 -27.60 -110.50 69.97
N ALA C 65 -28.13 -111.26 69.01
CA ALA C 65 -27.44 -111.54 67.76
C ALA C 65 -28.26 -111.06 66.58
N VAL C 66 -27.59 -110.47 65.60
CA VAL C 66 -28.19 -110.08 64.32
C VAL C 66 -27.48 -110.86 63.23
N PHE C 67 -28.22 -111.72 62.53
CA PHE C 67 -27.69 -112.49 61.41
C PHE C 67 -28.18 -111.82 60.13
N VAL C 68 -27.27 -111.18 59.40
CA VAL C 68 -27.60 -110.51 58.15
C VAL C 68 -26.81 -111.14 57.04
N ASP C 69 -27.50 -111.53 55.97
CA ASP C 69 -26.85 -112.04 54.77
C ASP C 69 -27.78 -111.80 53.59
N LEU C 70 -27.21 -111.67 52.41
CA LEU C 70 -28.00 -111.46 51.20
C LEU C 70 -28.42 -112.76 50.54
N GLU C 71 -28.06 -113.90 51.13
CA GLU C 71 -28.53 -115.20 50.71
C GLU C 71 -29.26 -115.88 51.87
N PRO C 72 -30.51 -116.29 51.70
CA PRO C 72 -31.28 -116.84 52.82
C PRO C 72 -31.01 -118.31 53.13
N THR C 73 -30.06 -118.94 52.43
CA THR C 73 -29.82 -120.37 52.65
C THR C 73 -29.19 -120.64 54.01
N VAL C 74 -28.16 -119.88 54.38
CA VAL C 74 -27.53 -120.07 55.68
C VAL C 74 -28.43 -119.61 56.81
N ILE C 75 -29.25 -118.58 56.57
CA ILE C 75 -30.20 -118.12 57.57
C ILE C 75 -31.26 -119.18 57.83
N ASP C 76 -31.76 -119.82 56.77
CA ASP C 76 -32.71 -120.92 56.95
C ASP C 76 -32.04 -122.15 57.56
N GLU C 77 -30.74 -122.34 57.30
CA GLU C 77 -30.00 -123.42 57.94
C GLU C 77 -29.88 -123.20 59.45
N VAL C 78 -29.65 -121.95 59.87
CA VAL C 78 -29.66 -121.63 61.30
C VAL C 78 -31.07 -121.77 61.87
N ARG C 79 -32.07 -121.33 61.12
CA ARG C 79 -33.47 -121.42 61.53
C ARG C 79 -34.01 -122.85 61.53
N THR C 80 -33.30 -123.80 60.94
CA THR C 80 -33.74 -125.19 60.92
C THR C 80 -32.79 -126.13 61.64
N GLY C 81 -31.49 -125.95 61.48
CA GLY C 81 -30.52 -126.81 62.14
C GLY C 81 -29.40 -126.04 62.80
N TYR C 83 -31.97 -124.09 68.35
CA TYR C 83 -31.48 -123.04 67.46
C TYR C 83 -32.64 -122.24 66.88
N ARG C 84 -33.70 -122.95 66.49
CA ARG C 84 -34.87 -122.31 65.90
C ARG C 84 -35.63 -121.48 66.93
N GLN C 85 -35.92 -122.05 68.10
CA GLN C 85 -36.51 -121.29 69.18
C GLN C 85 -35.50 -120.42 69.92
N LEU C 86 -34.21 -120.73 69.77
CA LEU C 86 -33.17 -119.93 70.41
C LEU C 86 -33.04 -118.56 69.77
N PHE C 87 -33.01 -118.51 68.45
CA PHE C 87 -32.87 -117.26 67.71
C PHE C 87 -34.23 -116.82 67.20
N HIS C 88 -34.63 -115.61 67.56
CA HIS C 88 -35.91 -115.08 67.08
C HIS C 88 -35.85 -114.80 65.59
N PRO C 89 -36.90 -115.12 64.84
CA PRO C 89 -36.89 -114.84 63.39
C PRO C 89 -36.96 -113.36 63.04
N GLU C 90 -37.36 -112.50 63.98
CA GLU C 90 -37.46 -111.07 63.68
C GLU C 90 -36.08 -110.43 63.52
N GLN C 91 -35.10 -110.90 64.30
CA GLN C 91 -33.77 -110.33 64.25
C GLN C 91 -32.88 -110.95 63.18
N LEU C 92 -33.31 -112.03 62.54
CA LEU C 92 -32.54 -112.67 61.48
C LEU C 92 -32.98 -112.09 60.15
N ILE C 93 -32.14 -111.24 59.57
CA ILE C 93 -32.46 -110.54 58.33
C ILE C 93 -31.84 -111.29 57.16
N THR C 94 -32.67 -111.64 56.18
CA THR C 94 -32.22 -112.28 54.96
C THR C 94 -32.23 -111.29 53.80
N GLY C 95 -31.66 -111.71 52.67
CA GLY C 95 -31.65 -110.91 51.48
C GLY C 95 -32.03 -111.74 50.26
N LYS C 96 -32.32 -111.04 49.17
CA LYS C 96 -32.80 -111.69 47.96
C LYS C 96 -31.67 -112.05 47.01
N GLU C 97 -30.88 -111.07 46.61
CA GLU C 97 -29.81 -111.25 45.63
C GLU C 97 -28.47 -111.05 46.31
N ASP C 98 -27.53 -111.95 46.03
CA ASP C 98 -26.18 -111.81 46.58
C ASP C 98 -25.42 -110.75 45.81
N ALA C 99 -24.37 -110.23 46.46
CA ALA C 99 -23.48 -109.29 45.79
C ALA C 99 -22.48 -109.99 44.89
N ALA C 100 -22.31 -111.31 45.06
CA ALA C 100 -21.58 -112.20 44.16
C ALA C 100 -20.11 -111.78 43.98
N ASN C 101 -19.40 -111.76 45.11
CA ASN C 101 -17.97 -111.44 45.19
C ASN C 101 -17.65 -110.06 44.60
N ASN C 102 -18.53 -109.09 44.85
CA ASN C 102 -18.33 -107.73 44.38
C ASN C 102 -18.55 -106.77 45.54
N TYR C 103 -17.57 -105.90 45.79
CA TYR C 103 -17.71 -104.91 46.85
C TYR C 103 -18.73 -103.85 46.48
N ALA C 104 -18.69 -103.36 45.24
CA ALA C 104 -19.55 -102.26 44.82
C ALA C 104 -21.01 -102.68 44.77
N ARG C 105 -21.29 -103.95 44.48
CA ARG C 105 -22.66 -104.44 44.50
C ARG C 105 -23.23 -104.42 45.91
N GLY C 106 -22.44 -104.86 46.90
CA GLY C 106 -22.89 -104.79 48.28
C GLY C 106 -22.81 -103.42 48.91
N HIS C 107 -22.15 -102.47 48.26
CA HIS C 107 -21.94 -101.14 48.82
C HIS C 107 -22.79 -100.05 48.18
N TYR C 108 -23.29 -100.25 46.97
CA TYR C 108 -23.97 -99.14 46.31
C TYR C 108 -25.38 -99.46 45.83
N THR C 109 -25.61 -100.68 45.34
CA THR C 109 -26.90 -101.04 44.74
C THR C 109 -27.67 -102.08 45.53
N ILE C 110 -27.06 -103.23 45.82
CA ILE C 110 -27.84 -104.32 46.43
C ILE C 110 -27.94 -104.12 47.94
N GLY C 111 -26.85 -103.67 48.58
CA GLY C 111 -26.91 -103.39 49.99
C GLY C 111 -27.66 -102.12 50.35
N LYS C 112 -27.75 -101.17 49.42
CA LYS C 112 -28.42 -99.91 49.70
C LYS C 112 -29.94 -100.05 49.74
N GLU C 113 -30.50 -101.09 49.12
CA GLU C 113 -31.93 -101.34 49.18
C GLU C 113 -32.34 -102.08 50.45
N ILE C 114 -31.39 -102.50 51.28
CA ILE C 114 -31.67 -103.30 52.45
C ILE C 114 -31.02 -102.73 53.72
N ILE C 115 -30.24 -101.65 53.59
CA ILE C 115 -29.51 -101.09 54.73
C ILE C 115 -30.45 -100.46 55.75
N ASP C 116 -31.58 -99.91 55.31
CA ASP C 116 -32.49 -99.23 56.22
C ASP C 116 -33.20 -100.20 57.14
N LEU C 117 -33.60 -101.38 56.61
CA LEU C 117 -34.23 -102.39 57.45
C LEU C 117 -33.27 -102.95 58.49
N VAL C 118 -32.00 -103.14 58.10
CA VAL C 118 -31.00 -103.62 59.05
C VAL C 118 -30.71 -102.57 60.11
N LEU C 119 -30.69 -101.29 59.72
CA LEU C 119 -30.52 -100.21 60.69
C LEU C 119 -31.70 -100.12 61.65
N ASP C 120 -32.91 -100.33 61.16
CA ASP C 120 -34.09 -100.33 62.01
C ASP C 120 -34.09 -101.51 62.98
N ARG C 121 -33.65 -102.68 62.50
CA ARG C 121 -33.53 -103.84 63.39
C ARG C 121 -32.42 -103.63 64.43
N ILE C 122 -31.34 -102.95 64.05
CA ILE C 122 -30.27 -102.64 64.99
C ILE C 122 -30.76 -101.69 66.07
N ARG C 123 -31.53 -100.67 65.68
CA ARG C 123 -32.10 -99.73 66.65
C ARG C 123 -33.14 -100.42 67.55
N LYS C 124 -33.92 -101.34 66.98
CA LYS C 124 -34.89 -102.09 67.76
C LYS C 124 -34.21 -103.00 68.79
N LEU C 125 -33.09 -103.63 68.42
CA LEU C 125 -32.37 -104.44 69.39
C LEU C 125 -31.61 -103.59 70.39
N ALA C 126 -31.19 -102.39 70.00
CA ALA C 126 -30.51 -101.49 70.92
C ALA C 126 -31.46 -100.79 71.87
N ASP C 127 -32.76 -100.75 71.54
CA ASP C 127 -33.72 -100.15 72.45
C ASP C 127 -33.92 -100.98 73.73
N GLN C 128 -33.70 -102.29 73.64
CA GLN C 128 -33.71 -103.13 74.82
C GLN C 128 -32.46 -102.98 75.67
N CYS C 129 -31.39 -102.43 75.11
CA CYS C 129 -30.14 -102.24 75.83
C CYS C 129 -30.07 -100.83 76.40
N THR C 130 -29.80 -100.74 77.70
CA THR C 130 -29.71 -99.45 78.38
C THR C 130 -28.28 -98.98 78.60
N GLY C 131 -27.32 -99.89 78.69
CA GLY C 131 -25.94 -99.54 78.94
C GLY C 131 -24.99 -100.20 77.96
N LEU C 132 -25.40 -100.28 76.69
CA LEU C 132 -24.69 -101.06 75.69
C LEU C 132 -23.31 -100.48 75.40
N GLN C 133 -22.35 -101.37 75.15
CA GLN C 133 -20.97 -100.99 74.92
C GLN C 133 -20.69 -100.73 73.45
N GLY C 134 -21.13 -101.63 72.58
CA GLY C 134 -20.87 -101.47 71.16
C GLY C 134 -21.36 -102.67 70.39
N PHE C 135 -20.72 -102.92 69.25
CA PHE C 135 -21.11 -104.00 68.35
C PHE C 135 -19.90 -104.83 67.96
N LEU C 136 -20.13 -106.14 67.82
CA LEU C 136 -19.13 -107.06 67.29
C LEU C 136 -19.51 -107.37 65.85
N VAL C 137 -18.72 -106.87 64.91
CA VAL C 137 -18.98 -107.09 63.49
C VAL C 137 -18.26 -108.36 63.06
N PHE C 138 -19.03 -109.37 62.67
CA PHE C 138 -18.50 -110.60 62.08
C PHE C 138 -18.68 -110.51 60.57
N HIS C 139 -17.59 -110.59 59.83
CA HIS C 139 -17.68 -110.55 58.38
C HIS C 139 -16.45 -111.25 57.80
N SER C 140 -16.31 -111.18 56.48
CA SER C 140 -15.17 -111.75 55.78
C SER C 140 -14.71 -110.78 54.69
N PHE C 141 -13.40 -110.74 54.48
CA PHE C 141 -12.82 -109.76 53.57
C PHE C 141 -13.06 -110.11 52.11
N GLY C 142 -13.17 -111.41 51.80
CA GLY C 142 -13.19 -111.84 50.41
C GLY C 142 -14.51 -111.66 49.70
N GLY C 143 -15.62 -111.83 50.41
CA GLY C 143 -16.93 -111.89 49.78
C GLY C 143 -17.44 -110.55 49.32
N GLY C 144 -18.65 -110.58 48.77
CA GLY C 144 -19.28 -109.39 48.27
C GLY C 144 -20.20 -108.76 49.29
N THR C 145 -20.98 -109.60 49.97
CA THR C 145 -21.82 -109.11 51.07
C THR C 145 -20.97 -108.68 52.26
N GLY C 146 -20.04 -109.54 52.67
CA GLY C 146 -19.22 -109.34 53.86
C GLY C 146 -18.20 -108.22 53.75
N SER C 147 -18.04 -107.61 52.59
CA SER C 147 -17.24 -106.41 52.42
C SER C 147 -18.10 -105.18 52.16
N GLY C 148 -19.00 -105.24 51.18
CA GLY C 148 -19.78 -104.07 50.83
C GLY C 148 -20.83 -103.71 51.87
N PHE C 149 -21.58 -104.70 52.35
CA PHE C 149 -22.58 -104.40 53.37
C PHE C 149 -21.92 -104.09 54.71
N THR C 150 -20.76 -104.70 54.98
CA THR C 150 -19.99 -104.33 56.16
C THR C 150 -19.50 -102.89 56.10
N SER C 151 -19.06 -102.44 54.93
CA SER C 151 -18.60 -101.06 54.79
C SER C 151 -19.74 -100.07 54.93
N LEU C 152 -20.90 -100.37 54.32
CA LEU C 152 -22.04 -99.47 54.46
C LEU C 152 -22.60 -99.47 55.88
N LEU C 153 -22.59 -100.64 56.53
CA LEU C 153 -23.01 -100.72 57.93
C LEU C 153 -22.07 -99.96 58.85
N MET C 154 -20.76 -100.05 58.61
CA MET C 154 -19.79 -99.30 59.40
C MET C 154 -19.95 -97.80 59.19
N GLU C 155 -20.22 -97.37 57.96
CA GLU C 155 -20.47 -95.95 57.70
C GLU C 155 -21.72 -95.47 58.42
N ARG C 156 -22.80 -96.26 58.37
CA ARG C 156 -24.04 -95.86 59.03
C ARG C 156 -23.91 -95.87 60.56
N LEU C 157 -23.19 -96.84 61.11
CA LEU C 157 -22.99 -96.88 62.55
C LEU C 157 -21.98 -95.84 63.03
N SER C 158 -21.08 -95.37 62.17
CA SER C 158 -20.23 -94.26 62.55
C SER C 158 -20.97 -92.93 62.48
N VAL C 159 -21.91 -92.78 61.54
CA VAL C 159 -22.71 -91.56 61.50
C VAL C 159 -23.70 -91.53 62.67
N ASP C 160 -24.35 -92.65 62.95
CA ASP C 160 -25.47 -92.64 63.89
C ASP C 160 -25.08 -92.99 65.33
N TYR C 161 -23.99 -93.72 65.53
CA TYR C 161 -23.60 -94.21 66.86
C TYR C 161 -22.17 -93.79 67.18
N GLY C 162 -21.87 -92.52 66.96
CA GLY C 162 -20.51 -92.00 67.04
C GLY C 162 -19.90 -92.00 68.43
N LYS C 163 -20.70 -92.17 69.48
CA LYS C 163 -20.19 -92.28 70.83
C LYS C 163 -19.85 -93.71 71.23
N LYS C 164 -20.04 -94.67 70.33
CA LYS C 164 -19.80 -96.08 70.61
C LYS C 164 -18.56 -96.56 69.87
N SER C 165 -17.98 -97.64 70.39
CA SER C 165 -16.82 -98.29 69.78
C SER C 165 -17.28 -99.61 69.17
N LYS C 166 -16.81 -99.88 67.95
CA LYS C 166 -17.19 -101.06 67.20
C LYS C 166 -15.96 -101.92 66.94
N LEU C 167 -16.07 -103.21 67.23
CA LEU C 167 -14.99 -104.16 66.96
C LEU C 167 -15.06 -104.60 65.50
N GLU C 168 -14.22 -105.57 65.14
CA GLU C 168 -14.27 -106.20 63.83
C GLU C 168 -13.75 -107.61 63.95
N PHE C 169 -14.42 -108.55 63.28
CA PHE C 169 -14.00 -109.95 63.20
C PHE C 169 -14.00 -110.31 61.72
N SER C 170 -12.89 -110.06 61.04
CA SER C 170 -12.78 -110.31 59.62
C SER C 170 -12.08 -111.63 59.35
N ILE C 171 -12.27 -112.13 58.14
CA ILE C 171 -11.60 -113.33 57.65
C ILE C 171 -10.70 -112.93 56.49
N TYR C 172 -9.40 -113.07 56.69
CA TYR C 172 -8.43 -112.75 55.65
C TYR C 172 -8.43 -113.84 54.58
N PRO C 173 -8.42 -113.46 53.30
CA PRO C 173 -8.50 -114.46 52.23
C PRO C 173 -7.26 -115.32 52.12
N ALA C 174 -7.46 -116.57 51.72
CA ALA C 174 -6.39 -117.54 51.60
C ALA C 174 -6.43 -118.20 50.23
N PRO C 175 -5.27 -118.52 49.66
CA PRO C 175 -5.28 -119.22 48.35
C PRO C 175 -5.69 -120.68 48.43
N GLN C 176 -5.70 -121.28 49.63
CA GLN C 176 -6.08 -122.68 49.74
C GLN C 176 -7.57 -122.88 49.51
N VAL C 177 -8.40 -122.05 50.13
CA VAL C 177 -9.85 -122.10 49.94
C VAL C 177 -10.33 -120.68 49.59
N SER C 178 -10.42 -120.39 48.29
CA SER C 178 -10.91 -119.12 47.80
C SER C 178 -11.95 -119.39 46.72
N THR C 179 -13.12 -118.78 46.86
CA THR C 179 -14.18 -118.94 45.87
C THR C 179 -14.20 -117.83 44.82
N ALA C 180 -13.21 -116.94 44.83
CA ALA C 180 -13.20 -115.83 43.90
C ALA C 180 -11.77 -115.39 43.64
N VAL C 181 -11.62 -114.53 42.62
CA VAL C 181 -10.33 -114.00 42.23
C VAL C 181 -10.18 -112.53 42.62
N VAL C 182 -11.28 -111.83 42.88
CA VAL C 182 -11.24 -110.41 43.20
C VAL C 182 -11.26 -110.19 44.72
N GLU C 183 -10.91 -111.21 45.50
CA GLU C 183 -10.74 -111.03 46.94
C GLU C 183 -9.68 -109.98 47.32
N PRO C 184 -8.54 -109.81 46.61
CA PRO C 184 -7.72 -108.60 46.87
C PRO C 184 -8.46 -107.29 46.65
N TYR C 185 -9.31 -107.18 45.63
CA TYR C 185 -10.02 -105.93 45.37
C TYR C 185 -11.02 -105.62 46.48
N ASN C 186 -11.82 -106.64 46.86
CA ASN C 186 -12.80 -106.48 47.93
C ASN C 186 -12.12 -106.20 49.27
N SER C 187 -11.02 -106.89 49.55
CA SER C 187 -10.33 -106.72 50.82
C SER C 187 -9.71 -105.34 50.94
N ILE C 188 -9.06 -104.84 49.88
CA ILE C 188 -8.46 -103.52 49.91
C ILE C 188 -9.54 -102.43 50.00
N LEU C 189 -10.65 -102.61 49.28
CA LEU C 189 -11.71 -101.61 49.31
C LEU C 189 -12.42 -101.57 50.67
N THR C 190 -12.70 -102.73 51.27
CA THR C 190 -13.33 -102.73 52.58
C THR C 190 -12.35 -102.39 53.71
N THR C 191 -11.04 -102.50 53.46
CA THR C 191 -10.07 -101.99 54.44
C THR C 191 -10.01 -100.47 54.38
N HIS C 192 -10.01 -99.90 53.17
CA HIS C 192 -9.97 -98.44 53.04
C HIS C 192 -11.27 -97.80 53.52
N THR C 193 -12.40 -98.45 53.30
CA THR C 193 -13.67 -97.85 53.73
C THR C 193 -13.88 -97.98 55.25
N THR C 194 -13.51 -99.11 55.84
CA THR C 194 -13.67 -99.32 57.28
C THR C 194 -12.37 -99.14 58.05
N LEU C 195 -11.47 -98.28 57.57
CA LEU C 195 -10.30 -97.95 58.36
C LEU C 195 -10.65 -97.02 59.52
N GLU C 196 -11.48 -96.03 59.26
CA GLU C 196 -11.85 -95.03 60.26
C GLU C 196 -13.05 -95.43 61.08
N HIS C 197 -13.71 -96.54 60.76
CA HIS C 197 -14.92 -96.96 61.46
C HIS C 197 -14.73 -98.23 62.27
N SER C 198 -13.54 -98.81 62.28
CA SER C 198 -13.25 -100.01 63.05
C SER C 198 -12.15 -99.71 64.06
N ASP C 199 -12.29 -100.28 65.25
CA ASP C 199 -11.37 -99.98 66.35
C ASP C 199 -10.57 -101.19 66.83
N CYS C 200 -10.97 -102.41 66.46
CA CYS C 200 -10.18 -103.61 66.76
C CYS C 200 -10.58 -104.67 65.75
N ALA C 201 -9.65 -105.04 64.88
CA ALA C 201 -9.91 -105.98 63.79
C ALA C 201 -9.08 -107.24 63.99
N PHE C 202 -9.73 -108.32 64.43
CA PHE C 202 -9.06 -109.60 64.58
C PHE C 202 -9.14 -110.38 63.27
N MET C 203 -8.34 -109.94 62.30
CA MET C 203 -8.33 -110.59 61.00
C MET C 203 -7.55 -111.89 61.07
N VAL C 204 -8.23 -113.00 60.82
CA VAL C 204 -7.65 -114.34 60.84
C VAL C 204 -7.81 -114.97 59.46
N ASP C 205 -6.71 -115.48 58.91
CA ASP C 205 -6.76 -116.10 57.60
C ASP C 205 -7.03 -117.59 57.73
N ASN C 206 -7.72 -118.14 56.73
CA ASN C 206 -8.04 -119.55 56.71
C ASN C 206 -6.84 -120.43 56.35
N GLU C 207 -5.77 -119.84 55.83
CA GLU C 207 -4.57 -120.63 55.54
C GLU C 207 -3.91 -121.13 56.82
N ALA C 208 -3.85 -120.29 57.85
CA ALA C 208 -3.27 -120.70 59.13
C ALA C 208 -4.14 -121.73 59.83
N ILE C 209 -5.46 -121.55 59.78
CA ILE C 209 -6.39 -122.52 60.37
C ILE C 209 -6.32 -123.85 59.63
N TYR C 210 -6.20 -123.79 58.30
CA TYR C 210 -6.06 -125.01 57.50
C TYR C 210 -4.75 -125.72 57.80
N ASP C 211 -3.66 -124.97 57.97
CA ASP C 211 -2.37 -125.58 58.30
C ASP C 211 -2.38 -126.20 59.68
N ILE C 212 -3.05 -125.54 60.64
CA ILE C 212 -3.18 -126.09 62.00
C ILE C 212 -4.02 -127.36 61.97
N CYS C 213 -5.12 -127.36 61.22
CA CYS C 213 -5.94 -128.57 61.09
C CYS C 213 -5.21 -129.69 60.35
N ARG C 214 -4.32 -129.33 59.43
CA ARG C 214 -3.55 -130.33 58.70
C ARG C 214 -2.48 -130.98 59.58
N ARG C 215 -1.73 -130.16 60.32
CA ARG C 215 -0.55 -130.67 61.02
C ARG C 215 -0.82 -131.07 62.47
N ASN C 216 -1.90 -130.61 63.07
CA ASN C 216 -2.25 -130.99 64.43
C ASN C 216 -3.49 -131.86 64.49
N LEU C 217 -4.58 -131.44 63.86
CA LEU C 217 -5.82 -132.20 63.86
C LEU C 217 -5.85 -133.22 62.73
N ARG C 221 -8.23 -132.70 52.42
CA ARG C 221 -8.17 -131.49 53.24
C ARG C 221 -9.33 -131.43 54.22
N PRO C 222 -9.13 -130.79 55.37
CA PRO C 222 -10.26 -130.48 56.26
C PRO C 222 -11.23 -129.51 55.59
N THR C 223 -12.51 -129.69 55.88
CA THR C 223 -13.57 -128.96 55.22
C THR C 223 -13.83 -127.63 55.94
N TYR C 224 -14.92 -126.95 55.56
CA TYR C 224 -15.29 -125.71 56.21
C TYR C 224 -15.89 -125.94 57.59
N THR C 225 -16.34 -127.17 57.89
CA THR C 225 -16.91 -127.44 59.21
C THR C 225 -15.82 -127.48 60.28
N ASN C 226 -14.70 -128.14 59.99
CA ASN C 226 -13.58 -128.17 60.95
C ASN C 226 -12.96 -126.79 61.12
N LEU C 227 -12.84 -126.03 60.03
CA LEU C 227 -12.36 -124.66 60.11
C LEU C 227 -13.32 -123.79 60.91
N ASN C 228 -14.62 -123.98 60.72
CA ASN C 228 -15.63 -123.24 61.48
C ASN C 228 -15.57 -123.56 62.96
N ARG C 229 -15.41 -124.84 63.31
CA ARG C 229 -15.34 -125.23 64.72
C ARG C 229 -14.07 -124.73 65.38
N LEU C 230 -12.93 -124.81 64.69
CA LEU C 230 -11.68 -124.30 65.24
C LEU C 230 -11.72 -122.78 65.39
N ILE C 231 -12.26 -122.07 64.39
CA ILE C 231 -12.37 -120.61 64.47
C ILE C 231 -13.36 -120.20 65.56
N GLY C 232 -14.42 -120.99 65.76
CA GLY C 232 -15.33 -120.74 66.86
C GLY C 232 -14.68 -120.94 68.21
N GLN C 233 -13.81 -121.95 68.34
CA GLN C 233 -13.03 -122.12 69.57
C GLN C 233 -12.07 -120.97 69.81
N ILE C 234 -11.42 -120.50 68.73
CA ILE C 234 -10.46 -119.40 68.84
C ILE C 234 -11.16 -118.12 69.29
N VAL C 235 -12.27 -117.78 68.63
CA VAL C 235 -13.02 -116.58 68.96
C VAL C 235 -13.68 -116.69 70.34
N SER C 236 -14.13 -117.89 70.73
CA SER C 236 -14.71 -118.10 72.04
C SER C 236 -13.68 -117.90 73.15
N SER C 237 -12.45 -118.36 72.95
CA SER C 237 -11.42 -118.09 73.96
C SER C 237 -10.82 -116.70 73.83
N ILE C 238 -11.00 -116.02 72.70
CA ILE C 238 -10.68 -114.59 72.61
C ILE C 238 -11.65 -113.79 73.46
N THR C 239 -12.94 -114.06 73.31
CA THR C 239 -13.98 -113.33 74.01
C THR C 239 -14.47 -114.09 75.24
N ALA C 240 -13.63 -114.95 75.81
CA ALA C 240 -13.98 -115.62 77.06
C ALA C 240 -14.00 -114.63 78.23
N SER C 241 -13.09 -113.64 78.22
CA SER C 241 -12.99 -112.69 79.32
C SER C 241 -14.17 -111.72 79.36
N LEU C 242 -14.87 -111.54 78.25
CA LEU C 242 -15.98 -110.59 78.21
C LEU C 242 -17.25 -111.20 78.81
N ARG C 243 -17.37 -112.52 78.80
CA ARG C 243 -18.54 -113.20 79.33
C ARG C 243 -18.28 -113.88 80.66
N PHE C 244 -17.15 -113.60 81.30
CA PHE C 244 -16.81 -114.26 82.57
C PHE C 244 -16.49 -113.24 83.65
N ASP C 245 -15.94 -113.72 84.77
CA ASP C 245 -15.57 -112.84 85.88
C ASP C 245 -14.47 -111.87 85.47
N GLY C 246 -14.47 -110.71 86.11
CA GLY C 246 -13.65 -109.60 85.65
C GLY C 246 -12.22 -109.60 86.14
N ALA C 247 -11.28 -109.89 85.23
CA ALA C 247 -9.85 -109.75 85.51
C ALA C 247 -9.24 -108.66 84.64
N LEU C 248 -9.37 -108.77 83.32
CA LEU C 248 -8.98 -107.72 82.38
C LEU C 248 -9.69 -107.98 81.07
N ASN C 249 -9.72 -106.94 80.22
CA ASN C 249 -10.30 -106.97 78.87
C ASN C 249 -11.77 -107.38 78.88
N VAL C 250 -12.51 -106.89 79.88
CA VAL C 250 -13.93 -107.21 80.02
C VAL C 250 -14.82 -106.20 79.32
N ASP C 251 -14.24 -105.21 78.65
CA ASP C 251 -15.01 -104.18 77.97
C ASP C 251 -14.37 -103.88 76.63
N LEU C 252 -15.16 -103.27 75.75
CA LEU C 252 -14.66 -102.88 74.44
C LEU C 252 -13.65 -101.74 74.54
N THR C 253 -13.83 -100.86 75.52
CA THR C 253 -12.84 -99.82 75.80
C THR C 253 -11.53 -100.42 76.31
N GLU C 254 -11.62 -101.51 77.08
CA GLU C 254 -10.42 -102.21 77.51
C GLU C 254 -9.67 -102.83 76.33
N PHE C 255 -10.42 -103.40 75.38
CA PHE C 255 -9.81 -103.93 74.16
C PHE C 255 -9.18 -102.81 73.33
N GLN C 256 -9.86 -101.68 73.24
CA GLN C 256 -9.35 -100.57 72.44
C GLN C 256 -8.16 -99.87 73.09
N THR C 257 -8.02 -99.95 74.41
CA THR C 257 -6.95 -99.25 75.10
C THR C 257 -5.75 -100.13 75.44
N ASN C 258 -5.95 -101.45 75.60
CA ASN C 258 -4.83 -102.32 75.92
C ASN C 258 -3.99 -102.70 74.71
N LEU C 259 -4.50 -102.51 73.50
CA LEU C 259 -3.83 -103.00 72.31
C LEU C 259 -3.70 -101.99 71.17
N VAL C 260 -4.49 -100.93 71.15
CA VAL C 260 -4.61 -100.06 69.99
C VAL C 260 -4.11 -98.67 70.36
N PRO C 261 -2.86 -98.33 70.01
CA PRO C 261 -2.37 -96.97 70.26
C PRO C 261 -2.83 -95.93 69.24
N TYR C 262 -2.97 -96.33 68.00
CA TYR C 262 -3.20 -95.39 66.90
C TYR C 262 -4.65 -95.43 66.46
N PRO C 263 -5.14 -94.37 65.78
CA PRO C 263 -6.47 -94.46 65.16
C PRO C 263 -6.55 -95.44 63.99
N ARG C 264 -5.42 -95.78 63.37
CA ARG C 264 -5.41 -96.66 62.21
C ARG C 264 -4.84 -98.05 62.47
N ILE C 265 -3.93 -98.19 63.42
CA ILE C 265 -3.25 -99.46 63.67
C ILE C 265 -4.07 -100.20 64.70
N HIS C 266 -5.05 -100.98 64.24
CA HIS C 266 -5.94 -101.74 65.11
C HIS C 266 -6.09 -103.17 64.63
N PHE C 267 -4.97 -103.81 64.30
CA PHE C 267 -4.95 -105.19 63.81
C PHE C 267 -4.12 -106.06 64.74
N PRO C 268 -4.74 -106.64 65.78
CA PRO C 268 -4.00 -107.55 66.66
C PRO C 268 -3.76 -108.90 66.01
N LEU C 269 -3.03 -109.74 66.72
CA LEU C 269 -2.70 -111.09 66.29
C LEU C 269 -2.95 -112.04 67.44
N ALA C 270 -3.66 -113.13 67.17
CA ALA C 270 -3.90 -114.17 68.17
C ALA C 270 -3.05 -115.40 67.87
N THR C 271 -2.67 -116.11 68.94
CA THR C 271 -1.90 -117.34 68.81
C THR C 271 -2.37 -118.33 69.86
N TYR C 272 -2.53 -119.59 69.46
CA TYR C 272 -3.07 -120.62 70.33
C TYR C 272 -2.14 -121.83 70.34
N ALA C 273 -1.67 -122.21 71.52
CA ALA C 273 -0.86 -123.40 71.75
C ALA C 273 -1.63 -124.72 71.78
N PRO C 274 -2.68 -124.92 72.63
CA PRO C 274 -3.08 -126.32 72.84
C PRO C 274 -4.05 -126.88 71.80
N VAL C 275 -3.50 -127.22 70.64
CA VAL C 275 -4.25 -127.88 69.58
C VAL C 275 -3.72 -129.31 69.49
N ILE C 276 -4.49 -130.26 70.03
CA ILE C 276 -4.10 -131.66 70.04
C ILE C 276 -5.27 -132.48 69.49
N SER C 277 -4.93 -133.63 68.90
CA SER C 277 -5.94 -134.49 68.31
C SER C 277 -6.76 -135.19 69.40
N ALA C 278 -8.04 -135.38 69.12
CA ALA C 278 -8.95 -136.02 70.07
C ALA C 278 -8.96 -137.53 69.89
N GLN C 285 2.01 -134.61 79.45
CA GLN C 285 1.05 -133.62 78.97
C GLN C 285 1.78 -132.40 78.41
N LEU C 286 1.34 -131.21 78.79
CA LEU C 286 1.93 -129.97 78.32
C LEU C 286 2.09 -129.02 79.50
N SER C 287 3.31 -128.54 79.70
CA SER C 287 3.58 -127.62 80.79
C SER C 287 3.17 -126.19 80.40
N VAL C 288 3.16 -125.31 81.40
CA VAL C 288 2.78 -123.92 81.17
C VAL C 288 3.88 -123.19 80.38
N ALA C 289 5.14 -123.53 80.61
CA ALA C 289 6.25 -122.85 79.96
C ALA C 289 6.28 -123.13 78.46
N GLU C 290 6.02 -124.38 78.05
CA GLU C 290 6.07 -124.71 76.63
C GLU C 290 4.86 -124.14 75.88
N ILE C 291 3.69 -124.15 76.52
CA ILE C 291 2.52 -123.57 75.85
C ILE C 291 2.57 -122.05 75.86
N THR C 292 3.32 -121.43 76.77
CA THR C 292 3.63 -120.02 76.63
C THR C 292 4.65 -119.80 75.51
N ASN C 293 5.60 -120.72 75.37
CA ASN C 293 6.58 -120.64 74.28
C ASN C 293 5.92 -120.90 72.93
N ALA C 294 4.94 -121.79 72.89
CA ALA C 294 4.24 -122.07 71.64
C ALA C 294 3.35 -120.91 71.19
N CYS C 295 2.96 -120.04 72.11
CA CYS C 295 2.24 -118.81 71.74
C CYS C 295 3.14 -117.81 71.03
N PHE C 296 4.45 -117.96 71.14
CA PHE C 296 5.39 -117.12 70.39
C PHE C 296 5.92 -117.80 69.13
N GLU C 297 5.43 -118.99 68.82
CA GLU C 297 5.86 -119.68 67.60
C GLU C 297 5.19 -119.04 66.40
N PRO C 298 5.96 -118.64 65.38
CA PRO C 298 5.34 -117.99 64.20
C PRO C 298 4.49 -118.93 63.35
N ALA C 299 4.66 -120.24 63.47
CA ALA C 299 3.88 -121.19 62.69
C ALA C 299 2.55 -121.55 63.33
N ASN C 300 2.31 -121.12 64.56
CA ASN C 300 1.05 -121.38 65.23
C ASN C 300 0.17 -120.15 65.35
N GLN C 301 0.54 -119.04 64.70
CA GLN C 301 -0.24 -117.83 64.78
C GLN C 301 -1.48 -117.92 63.89
N MET C 302 -2.45 -117.05 64.18
CA MET C 302 -3.67 -116.97 63.38
C MET C 302 -3.49 -116.08 62.16
N VAL C 303 -2.32 -115.46 61.98
CA VAL C 303 -1.95 -114.76 60.76
C VAL C 303 -0.62 -115.33 60.29
N LYS C 304 -0.54 -115.69 59.00
CA LYS C 304 0.67 -116.27 58.44
C LYS C 304 1.69 -115.16 58.22
N CYS C 305 2.43 -114.84 59.27
CA CYS C 305 3.46 -113.81 59.22
C CYS C 305 4.51 -114.10 60.28
N ASP C 306 5.65 -113.44 60.15
CA ASP C 306 6.76 -113.63 61.07
C ASP C 306 6.88 -112.43 62.00
N PRO C 307 6.63 -112.58 63.31
CA PRO C 307 6.75 -111.44 64.22
C PRO C 307 8.17 -111.07 64.56
N ARG C 308 9.16 -111.92 64.26
CA ARG C 308 10.54 -111.64 64.63
C ARG C 308 11.17 -110.53 63.79
N HIS C 309 10.62 -110.27 62.59
CA HIS C 309 11.10 -109.14 61.79
C HIS C 309 10.47 -107.82 62.21
N GLY C 310 9.40 -107.87 63.00
CA GLY C 310 8.76 -106.68 63.50
C GLY C 310 8.98 -106.50 65.01
N LYS C 311 8.37 -105.45 65.53
CA LYS C 311 8.45 -105.12 66.94
C LYS C 311 7.06 -105.20 67.56
N TYR C 312 7.00 -105.75 68.77
CA TYR C 312 5.73 -105.85 69.48
C TYR C 312 5.29 -104.48 69.95
N MET C 313 4.00 -104.38 70.30
CA MET C 313 3.47 -103.14 70.86
C MET C 313 2.74 -103.41 72.15
N ALA C 314 2.13 -104.58 72.27
CA ALA C 314 1.37 -104.94 73.47
C ALA C 314 1.25 -106.46 73.54
N CYS C 315 0.83 -106.94 74.71
CA CYS C 315 0.57 -108.36 74.91
C CYS C 315 -0.46 -108.50 76.01
N CYS C 316 -1.54 -109.24 75.73
CA CYS C 316 -2.57 -109.55 76.72
C CYS C 316 -2.77 -111.05 76.73
N LEU C 317 -1.98 -111.75 77.54
CA LEU C 317 -2.07 -113.20 77.64
C LEU C 317 -3.30 -113.57 78.46
N LEU C 318 -4.18 -114.39 77.89
CA LEU C 318 -5.40 -114.83 78.55
C LEU C 318 -5.32 -116.35 78.75
N TYR C 319 -5.29 -116.78 80.00
CA TYR C 319 -5.16 -118.19 80.33
C TYR C 319 -6.51 -118.76 80.72
N ARG C 320 -6.80 -119.97 80.24
CA ARG C 320 -8.02 -120.69 80.54
C ARG C 320 -7.70 -122.02 81.20
N GLY C 321 -8.59 -122.45 82.09
CA GLY C 321 -8.39 -123.69 82.83
C GLY C 321 -7.64 -123.49 84.12
N ASP C 322 -7.36 -124.62 84.77
CA ASP C 322 -6.68 -124.63 86.08
C ASP C 322 -5.19 -124.43 85.86
N VAL C 323 -4.78 -123.17 85.71
CA VAL C 323 -3.39 -122.79 85.56
C VAL C 323 -2.99 -122.01 86.81
N VAL C 324 -1.98 -122.50 87.51
CA VAL C 324 -1.49 -121.83 88.73
C VAL C 324 -0.78 -120.54 88.34
N PRO C 325 -1.09 -119.39 88.97
CA PRO C 325 -0.48 -118.12 88.56
C PRO C 325 0.97 -117.95 89.00
N LYS C 326 1.52 -118.86 89.81
CA LYS C 326 2.91 -118.74 90.23
C LYS C 326 3.86 -119.06 89.08
N ASP C 327 3.58 -120.13 88.34
CA ASP C 327 4.46 -120.57 87.27
C ASP C 327 4.29 -119.75 85.99
N VAL C 328 3.22 -118.95 85.89
CA VAL C 328 3.04 -118.08 84.73
C VAL C 328 4.12 -117.01 84.69
N ASN C 329 4.50 -116.48 85.87
CA ASN C 329 5.58 -115.49 85.92
C ASN C 329 6.93 -116.11 85.59
N ALA C 330 7.16 -117.37 85.98
CA ALA C 330 8.39 -118.06 85.60
C ALA C 330 8.43 -118.32 84.09
N ALA C 331 7.28 -118.67 83.51
CA ALA C 331 7.17 -118.80 82.05
C ALA C 331 7.43 -117.47 81.36
N ILE C 332 6.94 -116.37 81.95
CA ILE C 332 7.18 -115.02 81.45
C ILE C 332 8.66 -114.69 81.48
N ALA C 333 9.33 -115.04 82.57
CA ALA C 333 10.77 -114.79 82.69
C ALA C 333 11.57 -115.62 81.68
N THR C 334 11.19 -116.89 81.47
CA THR C 334 11.89 -117.70 80.49
C THR C 334 11.62 -117.24 79.06
N ILE C 335 10.45 -116.65 78.82
CA ILE C 335 10.16 -116.03 77.53
C ILE C 335 11.02 -114.79 77.33
N LYS C 336 11.08 -113.93 78.36
CA LYS C 336 11.78 -112.65 78.24
C LYS C 336 13.29 -112.80 78.24
N THR C 337 13.83 -113.94 78.70
CA THR C 337 15.27 -114.15 78.62
C THR C 337 15.73 -114.34 77.18
N LYS C 338 14.84 -114.83 76.30
CA LYS C 338 15.20 -114.97 74.90
C LYS C 338 15.21 -113.63 74.20
N ARG C 339 16.09 -113.50 73.21
CA ARG C 339 16.29 -112.24 72.49
C ARG C 339 15.40 -112.11 71.27
N THR C 340 14.42 -112.99 71.11
CA THR C 340 13.54 -112.94 69.93
C THR C 340 12.60 -111.74 70.00
N ILE C 341 12.01 -111.48 71.16
CA ILE C 341 11.04 -110.42 71.31
C ILE C 341 11.76 -109.09 71.47
N GLN C 342 11.46 -108.14 70.58
CA GLN C 342 12.06 -106.81 70.59
C GLN C 342 10.94 -105.78 70.69
N PHE C 343 10.67 -105.32 71.90
CA PHE C 343 9.57 -104.40 72.15
C PHE C 343 9.88 -103.00 71.62
N VAL C 344 8.85 -102.15 71.63
CA VAL C 344 9.01 -100.74 71.29
C VAL C 344 9.63 -100.02 72.47
N ASP C 345 10.08 -98.79 72.25
CA ASP C 345 10.85 -98.06 73.25
C ASP C 345 10.12 -96.80 73.74
N TRP C 346 8.80 -96.90 73.97
CA TRP C 346 8.10 -95.88 74.76
C TRP C 346 7.13 -96.61 75.70
N CYS C 347 7.64 -96.98 76.88
CA CYS C 347 6.97 -97.72 77.96
C CYS C 347 6.22 -98.94 77.45
N PRO C 348 6.91 -99.99 76.99
CA PRO C 348 6.22 -101.08 76.29
C PRO C 348 5.44 -102.02 77.20
N THR C 349 5.63 -101.92 78.52
CA THR C 349 5.00 -102.76 79.56
C THR C 349 5.33 -104.22 79.27
N GLY C 350 4.37 -105.15 79.36
CA GLY C 350 4.66 -106.55 79.13
C GLY C 350 3.42 -107.40 78.98
N PHE C 351 3.52 -108.66 79.40
CA PHE C 351 2.43 -109.63 79.24
C PHE C 351 1.44 -109.46 80.37
N LYS C 352 0.32 -108.79 80.09
CA LYS C 352 -0.71 -108.51 81.10
C LYS C 352 -1.58 -109.74 81.25
N VAL C 353 -1.10 -110.67 82.07
CA VAL C 353 -1.76 -111.97 82.23
C VAL C 353 -2.98 -111.81 83.14
N GLY C 354 -4.12 -112.27 82.66
CA GLY C 354 -5.28 -112.49 83.50
C GLY C 354 -5.75 -113.92 83.34
N ILE C 355 -6.09 -114.56 84.44
CA ILE C 355 -6.37 -115.99 84.48
C ILE C 355 -7.83 -116.20 84.87
N ASN C 356 -8.56 -116.93 84.04
CA ASN C 356 -9.91 -117.36 84.35
C ASN C 356 -9.88 -118.82 84.76
N TYR C 357 -10.47 -119.12 85.93
CA TYR C 357 -10.36 -120.46 86.51
C TYR C 357 -11.36 -121.45 85.93
N GLN C 358 -12.34 -120.98 85.17
CA GLN C 358 -13.28 -121.91 84.53
C GLN C 358 -12.61 -122.55 83.32
N PRO C 359 -12.58 -123.89 83.23
CA PRO C 359 -11.98 -124.53 82.08
C PRO C 359 -12.83 -124.35 80.84
N PRO C 360 -12.22 -124.24 79.66
CA PRO C 360 -13.01 -124.16 78.43
C PRO C 360 -13.62 -125.50 78.07
N THR C 361 -14.81 -125.46 77.51
CA THR C 361 -15.54 -126.66 77.12
C THR C 361 -15.47 -126.84 75.61
N VAL C 362 -15.11 -128.04 75.19
CA VAL C 362 -15.02 -128.36 73.77
C VAL C 362 -16.29 -129.09 73.35
N VAL C 363 -16.50 -129.15 72.04
CA VAL C 363 -17.65 -129.88 71.48
C VAL C 363 -17.49 -131.37 71.73
N PRO C 364 -18.50 -132.06 72.26
CA PRO C 364 -18.39 -133.50 72.50
C PRO C 364 -18.29 -134.28 71.19
N GLY C 365 -17.14 -134.92 70.98
CA GLY C 365 -16.87 -135.60 69.73
C GLY C 365 -16.74 -134.68 68.54
N GLY C 366 -16.05 -133.56 68.71
CA GLY C 366 -15.91 -132.59 67.65
C GLY C 366 -14.56 -132.64 66.96
N ASP C 367 -13.78 -131.56 67.08
CA ASP C 367 -12.49 -131.47 66.42
C ASP C 367 -11.34 -131.11 67.35
N LEU C 368 -11.58 -130.47 68.49
CA LEU C 368 -10.54 -130.07 69.41
C LEU C 368 -10.74 -130.82 70.72
N ALA C 369 -9.66 -131.42 71.22
CA ALA C 369 -9.75 -132.27 72.41
C ALA C 369 -9.87 -131.43 73.68
N LYS C 370 -10.49 -132.02 74.70
CA LYS C 370 -10.61 -131.35 75.98
C LYS C 370 -9.25 -131.29 76.67
N VAL C 371 -8.86 -130.08 77.11
CA VAL C 371 -7.56 -129.85 77.71
C VAL C 371 -7.76 -129.07 79.00
N GLN C 372 -6.76 -129.12 79.88
CA GLN C 372 -6.81 -128.43 81.16
C GLN C 372 -6.06 -127.11 81.15
N ARG C 373 -5.05 -126.96 80.29
CA ARG C 373 -4.26 -125.75 80.21
C ARG C 373 -4.46 -125.12 78.83
N ALA C 374 -4.99 -123.90 78.81
CA ALA C 374 -5.24 -123.18 77.56
C ALA C 374 -4.69 -121.76 77.69
N VAL C 375 -4.10 -121.27 76.60
CA VAL C 375 -3.42 -119.98 76.61
C VAL C 375 -3.66 -119.30 75.26
N CYS C 376 -3.91 -118.00 75.30
CA CYS C 376 -4.11 -117.19 74.10
C CYS C 376 -3.31 -115.90 74.24
N MET C 377 -2.70 -115.46 73.15
CA MET C 377 -1.80 -114.31 73.15
C MET C 377 -2.34 -113.22 72.23
N LEU C 378 -3.14 -112.32 72.77
CA LEU C 378 -3.62 -111.16 72.03
C LEU C 378 -2.51 -110.13 71.98
N SER C 379 -1.69 -110.17 70.93
CA SER C 379 -0.51 -109.33 70.85
C SER C 379 -0.54 -108.50 69.58
N ASN C 380 -0.31 -107.20 69.72
CA ASN C 380 -0.15 -106.30 68.58
C ASN C 380 1.31 -106.32 68.14
N THR C 381 1.52 -106.23 66.83
CA THR C 381 2.86 -106.16 66.27
C THR C 381 2.82 -105.41 64.96
N THR C 382 4.00 -105.25 64.35
CA THR C 382 4.12 -104.67 63.02
C THR C 382 4.27 -105.72 61.94
N ALA C 383 4.04 -107.00 62.27
CA ALA C 383 4.17 -108.09 61.31
C ALA C 383 2.95 -108.25 60.41
N ILE C 384 1.84 -107.56 60.70
CA ILE C 384 0.68 -107.58 59.82
C ILE C 384 0.96 -106.77 58.55
N ALA C 385 1.96 -105.89 58.58
CA ALA C 385 2.34 -105.11 57.40
C ALA C 385 2.84 -105.99 56.27
N GLU C 386 3.40 -107.17 56.58
CA GLU C 386 3.74 -108.13 55.54
C GLU C 386 2.50 -108.65 54.83
N ALA C 387 1.44 -108.95 55.59
CA ALA C 387 0.18 -109.39 55.00
C ALA C 387 -0.46 -108.31 54.16
N TRP C 388 -0.42 -107.06 54.63
CA TRP C 388 -0.95 -105.96 53.84
C TRP C 388 -0.11 -105.68 52.60
N ALA C 389 1.21 -105.92 52.68
CA ALA C 389 2.06 -105.81 51.50
C ALA C 389 1.75 -106.89 50.49
N ARG C 390 1.45 -108.11 50.95
CA ARG C 390 1.02 -109.17 50.04
C ARG C 390 -0.31 -108.83 49.37
N LEU C 391 -1.25 -108.29 50.13
CA LEU C 391 -2.56 -107.92 49.58
C LEU C 391 -2.45 -106.78 48.59
N ASP C 392 -1.58 -105.80 48.87
CA ASP C 392 -1.40 -104.69 47.94
C ASP C 392 -0.57 -105.12 46.72
N HIS C 393 0.29 -106.13 46.87
CA HIS C 393 1.00 -106.67 45.72
C HIS C 393 0.06 -107.40 44.78
N LYS C 394 -0.88 -108.17 45.35
CA LYS C 394 -1.92 -108.79 44.54
C LYS C 394 -2.86 -107.74 43.94
N PHE C 395 -3.12 -106.66 44.67
CA PHE C 395 -3.92 -105.56 44.14
C PHE C 395 -3.19 -104.83 43.02
N ASP C 396 -1.88 -104.63 43.16
CA ASP C 396 -1.15 -103.91 42.13
C ASP C 396 -0.96 -104.75 40.86
N LEU C 397 -0.91 -106.08 41.00
CA LEU C 397 -0.78 -106.95 39.83
C LEU C 397 -2.05 -106.95 38.99
N MET C 398 -3.21 -106.81 39.63
CA MET C 398 -4.49 -106.84 38.93
C MET C 398 -5.00 -105.45 38.59
N TYR C 399 -4.21 -104.40 38.80
CA TYR C 399 -4.60 -103.05 38.45
C TYR C 399 -3.64 -102.38 37.48
N ALA C 400 -2.53 -103.04 37.13
CA ALA C 400 -1.65 -102.49 36.11
C ALA C 400 -2.31 -102.54 34.74
N LYS C 401 -3.11 -103.57 34.47
CA LYS C 401 -3.83 -103.71 33.21
C LYS C 401 -5.33 -103.49 33.38
N ARG C 402 -5.77 -102.95 34.53
CA ARG C 402 -7.17 -102.66 34.86
C ARG C 402 -8.04 -103.90 34.78
N ALA C 403 -7.54 -105.02 35.30
CA ALA C 403 -8.29 -106.26 35.29
C ALA C 403 -9.47 -106.20 36.25
N PHE C 404 -10.61 -106.77 35.81
CA PHE C 404 -11.84 -106.92 36.60
C PHE C 404 -12.42 -105.59 37.06
N VAL C 405 -12.06 -104.49 36.40
CA VAL C 405 -12.46 -103.17 36.85
C VAL C 405 -13.96 -102.93 36.63
N HIS C 406 -14.46 -103.37 35.47
CA HIS C 406 -15.80 -103.03 35.00
C HIS C 406 -16.93 -103.60 35.86
N TRP C 407 -16.66 -104.65 36.64
CA TRP C 407 -17.69 -105.21 37.52
C TRP C 407 -18.05 -104.29 38.67
N TYR C 408 -17.17 -103.34 39.00
CA TYR C 408 -17.42 -102.39 40.08
C TYR C 408 -17.94 -101.05 39.57
N VAL C 409 -17.49 -100.61 38.39
CA VAL C 409 -17.93 -99.32 37.84
C VAL C 409 -19.38 -99.39 37.40
N GLY C 410 -19.89 -100.58 37.08
CA GLY C 410 -21.27 -100.71 36.68
C GLY C 410 -22.28 -100.58 37.80
N GLU C 411 -21.84 -100.50 39.05
CA GLU C 411 -22.73 -100.32 40.19
C GLU C 411 -22.65 -98.91 40.78
N GLY C 412 -22.03 -97.97 40.07
CA GLY C 412 -21.94 -96.60 40.52
C GLY C 412 -20.61 -96.19 41.10
N MET C 413 -19.73 -97.15 41.38
CA MET C 413 -18.39 -96.85 41.86
C MET C 413 -17.57 -96.19 40.75
N GLU C 414 -16.68 -95.29 41.15
CA GLU C 414 -15.84 -94.57 40.21
C GLU C 414 -14.50 -95.27 40.03
N GLU C 415 -13.76 -94.84 39.01
CA GLU C 415 -12.42 -95.37 38.79
C GLU C 415 -11.44 -94.89 39.84
N GLY C 416 -11.65 -93.68 40.37
CA GLY C 416 -10.75 -93.11 41.36
C GLY C 416 -10.82 -93.73 42.73
N GLU C 417 -11.84 -94.56 43.00
CA GLU C 417 -11.93 -95.24 44.29
C GLU C 417 -10.82 -96.26 44.46
N PHE C 418 -10.41 -96.93 43.38
CA PHE C 418 -9.32 -97.89 43.46
C PHE C 418 -7.98 -97.19 43.72
N SER C 419 -7.76 -96.04 43.08
CA SER C 419 -6.56 -95.27 43.33
C SER C 419 -6.56 -94.69 44.75
N GLU C 420 -7.74 -94.30 45.24
CA GLU C 420 -7.87 -93.82 46.61
C GLU C 420 -7.56 -94.92 47.63
N ALA C 421 -8.06 -96.14 47.38
CA ALA C 421 -7.75 -97.27 48.26
C ALA C 421 -6.28 -97.66 48.18
N ARG C 422 -5.67 -97.53 47.00
CA ARG C 422 -4.23 -97.78 46.87
C ARG C 422 -3.42 -96.74 47.65
N GLU C 423 -3.82 -95.47 47.59
CA GLU C 423 -3.16 -94.43 48.36
C GLU C 423 -3.32 -94.66 49.86
N ASP C 424 -4.52 -95.09 50.28
CA ASP C 424 -4.75 -95.38 51.69
C ASP C 424 -3.92 -96.57 52.17
N MET C 425 -3.79 -97.61 51.34
CA MET C 425 -2.97 -98.75 51.73
C MET C 425 -1.48 -98.40 51.72
N ALA C 426 -1.05 -97.53 50.81
CA ALA C 426 0.32 -97.03 50.83
C ALA C 426 0.59 -96.21 52.10
N ALA C 427 -0.39 -95.41 52.52
CA ALA C 427 -0.25 -94.66 53.77
C ALA C 427 -0.23 -95.59 54.98
N LEU C 428 -1.02 -96.66 54.95
CA LEU C 428 -1.00 -97.63 56.05
C LEU C 428 0.34 -98.37 56.12
N GLU C 429 0.90 -98.75 54.98
CA GLU C 429 2.21 -99.38 54.94
C GLU C 429 3.30 -98.41 55.40
N LYS C 430 3.21 -97.15 55.00
CA LYS C 430 4.17 -96.14 55.42
C LYS C 430 4.09 -95.89 56.92
N ASP C 431 2.88 -95.88 57.48
CA ASP C 431 2.74 -95.67 58.93
C ASP C 431 3.22 -96.88 59.70
N TYR C 432 3.02 -98.09 59.18
CA TYR C 432 3.58 -99.28 59.81
C TYR C 432 5.10 -99.27 59.77
N GLU C 433 5.68 -98.80 58.66
CA GLU C 433 7.14 -98.66 58.59
C GLU C 433 7.65 -97.58 59.54
N GLU C 434 6.91 -96.47 59.69
CA GLU C 434 7.33 -95.40 60.58
C GLU C 434 7.22 -95.81 62.05
N VAL C 435 6.25 -96.65 62.38
CA VAL C 435 6.22 -97.27 63.71
C VAL C 435 7.40 -98.23 63.86
N GLY C 436 7.71 -98.99 62.81
CA GLY C 436 8.80 -99.95 62.86
C GLY C 436 10.19 -99.35 62.82
N VAL C 437 10.31 -98.06 62.51
CA VAL C 437 11.60 -97.37 62.44
C VAL C 437 11.66 -96.37 63.59
N ASP C 438 12.68 -96.50 64.43
CA ASP C 438 12.87 -95.61 65.59
C ASP C 438 13.21 -94.19 65.14
N MET D 1 -6.91 -68.16 115.29
CA MET D 1 -6.04 -68.71 114.26
C MET D 1 -6.75 -68.69 112.91
N ARG D 2 -5.95 -68.70 111.83
CA ARG D 2 -6.50 -68.75 110.49
C ARG D 2 -7.00 -70.16 110.17
N GLU D 3 -7.63 -70.30 109.02
CA GLU D 3 -8.28 -71.55 108.63
C GLU D 3 -7.85 -71.95 107.24
N ILE D 4 -7.39 -73.20 107.10
CA ILE D 4 -7.05 -73.78 105.81
C ILE D 4 -8.07 -74.86 105.49
N VAL D 5 -8.55 -74.87 104.25
CA VAL D 5 -9.46 -75.89 103.76
C VAL D 5 -8.64 -76.90 102.96
N HIS D 6 -8.66 -78.15 103.38
CA HIS D 6 -7.87 -79.20 102.75
C HIS D 6 -8.65 -79.84 101.61
N LEU D 7 -7.97 -80.04 100.48
CA LEU D 7 -8.59 -80.63 99.29
C LEU D 7 -7.73 -81.79 98.81
N GLN D 8 -8.35 -82.95 98.65
CA GLN D 8 -7.70 -84.14 98.12
C GLN D 8 -8.47 -84.61 96.89
N ILE D 9 -7.78 -84.75 95.77
CA ILE D 9 -8.39 -85.16 94.50
C ILE D 9 -7.67 -86.41 94.01
N GLY D 10 -8.44 -87.45 93.69
CA GLY D 10 -7.89 -88.69 93.21
C GLY D 10 -7.70 -89.70 94.33
N GLN D 11 -7.55 -90.98 93.94
CA GLN D 11 -7.37 -92.03 94.92
C GLN D 11 -5.98 -91.97 95.55
N CYS D 12 -4.97 -91.51 94.80
CA CYS D 12 -3.66 -91.24 95.38
C CYS D 12 -3.74 -90.13 96.41
N GLY D 13 -4.45 -89.05 96.06
CA GLY D 13 -4.66 -87.97 97.02
C GLY D 13 -5.45 -88.40 98.22
N ASN D 14 -6.48 -89.24 98.01
CA ASN D 14 -7.29 -89.74 99.11
C ASN D 14 -6.49 -90.64 100.04
N GLN D 15 -5.68 -91.55 99.48
CA GLN D 15 -4.92 -92.49 100.30
C GLN D 15 -3.80 -91.78 101.08
N ILE D 16 -3.04 -90.91 100.40
CA ILE D 16 -1.99 -90.17 101.08
C ILE D 16 -2.58 -89.18 102.07
N GLY D 17 -3.73 -88.59 101.78
CA GLY D 17 -4.39 -87.72 102.73
C GLY D 17 -4.90 -88.45 103.95
N ALA D 18 -5.42 -89.67 103.78
CA ALA D 18 -5.86 -90.46 104.93
C ALA D 18 -4.69 -90.85 105.82
N LYS D 19 -3.58 -91.28 105.22
CA LYS D 19 -2.39 -91.62 106.01
C LYS D 19 -1.81 -90.37 106.69
N PHE D 20 -1.81 -89.24 105.98
CA PHE D 20 -1.31 -87.98 106.53
C PHE D 20 -2.18 -87.51 107.70
N TRP D 21 -3.50 -87.60 107.55
CA TRP D 21 -4.40 -87.21 108.63
C TRP D 21 -4.26 -88.13 109.84
N GLU D 22 -4.02 -89.43 109.60
CA GLU D 22 -3.76 -90.34 110.71
C GLU D 22 -2.47 -89.98 111.44
N VAL D 23 -1.43 -89.63 110.70
CA VAL D 23 -0.16 -89.23 111.32
C VAL D 23 -0.33 -87.92 112.11
N ILE D 24 -1.11 -86.99 111.57
CA ILE D 24 -1.32 -85.71 112.25
C ILE D 24 -2.15 -85.89 113.52
N SER D 25 -3.22 -86.66 113.44
CA SER D 25 -4.07 -86.90 114.60
C SER D 25 -3.37 -87.75 115.65
N ASP D 26 -2.40 -88.57 115.25
CA ASP D 26 -1.53 -89.21 116.24
C ASP D 26 -0.58 -88.19 116.87
N GLU D 27 -0.05 -87.26 116.07
CA GLU D 27 0.89 -86.27 116.59
C GLU D 27 0.20 -85.23 117.45
N HIS D 28 -1.00 -84.80 117.05
CA HIS D 28 -1.71 -83.75 117.77
C HIS D 28 -2.51 -84.29 118.96
N GLY D 29 -2.49 -85.60 119.20
CA GLY D 29 -3.23 -86.17 120.31
C GLY D 29 -4.73 -86.13 120.15
N ILE D 30 -5.25 -86.38 118.96
CA ILE D 30 -6.68 -86.37 118.68
C ILE D 30 -7.12 -87.81 118.43
N ASP D 31 -8.16 -88.24 119.13
CA ASP D 31 -8.65 -89.60 119.02
C ASP D 31 -9.62 -89.71 117.83
N ILE D 32 -10.25 -90.88 117.67
CA ILE D 32 -11.17 -91.08 116.56
C ILE D 32 -12.49 -90.36 116.76
N ALA D 33 -12.82 -89.98 117.99
CA ALA D 33 -14.04 -89.23 118.28
C ALA D 33 -13.85 -87.72 118.18
N GLY D 34 -12.64 -87.25 117.87
CA GLY D 34 -12.38 -85.84 117.72
C GLY D 34 -12.13 -85.09 119.01
N ASN D 35 -11.88 -85.78 120.11
CA ASN D 35 -11.63 -85.15 121.39
C ASN D 35 -10.14 -85.13 121.68
N TYR D 36 -9.68 -84.05 122.31
CA TYR D 36 -8.27 -83.91 122.61
C TYR D 36 -7.86 -84.84 123.75
N CYS D 37 -6.76 -85.57 123.55
CA CYS D 37 -6.25 -86.46 124.60
C CYS D 37 -4.74 -86.38 124.71
N GLY D 38 -4.12 -85.32 124.20
CA GLY D 38 -2.68 -85.17 124.30
C GLY D 38 -2.25 -84.65 125.66
N ASN D 39 -0.93 -84.60 125.85
CA ASN D 39 -0.32 -84.19 127.11
C ASN D 39 0.40 -82.86 127.03
N ALA D 40 0.35 -82.18 125.89
CA ALA D 40 1.05 -80.91 125.70
C ALA D 40 0.07 -79.84 125.26
N SER D 41 0.23 -78.63 125.81
CA SER D 41 -0.62 -77.51 125.41
C SER D 41 -0.27 -76.96 124.03
N LEU D 42 0.91 -77.31 123.50
CA LEU D 42 1.26 -76.87 122.15
C LEU D 42 0.47 -77.62 121.09
N GLN D 43 -0.01 -78.82 121.41
CA GLN D 43 -0.80 -79.59 120.44
C GLN D 43 -2.16 -78.95 120.20
N LEU D 44 -2.80 -78.43 121.25
CA LEU D 44 -4.06 -77.73 121.08
C LEU D 44 -3.88 -76.34 120.50
N GLU D 45 -2.68 -75.77 120.59
CA GLU D 45 -2.40 -74.49 119.96
C GLU D 45 -2.24 -74.67 118.46
N ARG D 46 -2.75 -73.69 117.71
CA ARG D 46 -2.75 -73.67 116.24
C ARG D 46 -3.41 -74.92 115.65
N ILE D 47 -4.54 -75.31 116.23
CA ILE D 47 -5.31 -76.46 115.74
C ILE D 47 -6.43 -76.05 114.80
N ASN D 48 -6.76 -74.76 114.73
CA ASN D 48 -7.88 -74.30 113.90
C ASN D 48 -7.51 -74.19 112.42
N VAL D 49 -6.23 -74.35 112.06
CA VAL D 49 -5.85 -74.35 110.65
C VAL D 49 -6.35 -75.60 109.95
N TYR D 50 -6.43 -76.72 110.66
CA TYR D 50 -6.73 -78.01 110.06
C TYR D 50 -8.03 -78.62 110.57
N PHE D 51 -8.32 -78.51 111.86
CA PHE D 51 -9.43 -79.22 112.48
C PHE D 51 -10.53 -78.22 112.82
N ASN D 52 -11.72 -78.44 112.26
CA ASN D 52 -12.88 -77.62 112.58
C ASN D 52 -13.43 -78.02 113.94
N GLU D 53 -13.79 -77.01 114.74
CA GLU D 53 -14.31 -77.24 116.09
C GLU D 53 -15.82 -77.44 116.00
N ALA D 54 -16.27 -78.67 116.16
CA ALA D 54 -17.70 -78.99 116.17
C ALA D 54 -18.21 -78.95 117.61
N TYR D 55 -19.44 -79.40 117.81
CA TYR D 55 -20.04 -79.40 119.13
C TYR D 55 -19.47 -80.54 119.99
N SER D 56 -19.48 -80.32 121.31
CA SER D 56 -19.09 -81.29 122.33
C SER D 56 -17.65 -81.77 122.16
N HIS D 57 -16.75 -80.80 121.94
CA HIS D 57 -15.29 -81.02 121.87
C HIS D 57 -14.91 -81.98 120.75
N LYS D 58 -15.50 -81.77 119.57
CA LYS D 58 -15.24 -82.62 118.41
C LYS D 58 -14.43 -81.83 117.40
N TYR D 59 -13.16 -82.22 117.24
CA TYR D 59 -12.26 -81.57 116.29
C TYR D 59 -12.20 -82.42 115.02
N VAL D 60 -13.09 -82.12 114.08
CA VAL D 60 -13.13 -82.82 112.81
C VAL D 60 -12.32 -82.05 111.78
N PRO D 61 -11.59 -82.72 110.89
CA PRO D 61 -10.83 -81.99 109.87
C PRO D 61 -11.74 -81.34 108.83
N ARG D 62 -11.26 -80.25 108.26
CA ARG D 62 -11.95 -79.57 107.16
C ARG D 62 -11.44 -80.09 105.82
N SER D 63 -11.54 -81.40 105.63
CA SER D 63 -11.02 -82.08 104.47
C SER D 63 -12.15 -82.33 103.48
N ILE D 64 -11.89 -82.02 102.21
CA ILE D 64 -12.82 -82.26 101.12
C ILE D 64 -12.24 -83.38 100.27
N LEU D 65 -12.68 -84.61 100.50
CA LEU D 65 -12.22 -85.75 99.72
C LEU D 65 -13.03 -85.80 98.42
N VAL D 66 -12.35 -85.62 97.29
CA VAL D 66 -12.98 -85.59 95.98
C VAL D 66 -12.42 -86.73 95.14
N ASP D 67 -13.33 -87.49 94.52
CA ASP D 67 -12.95 -88.55 93.60
C ASP D 67 -14.08 -88.75 92.61
N LEU D 68 -13.87 -89.66 91.65
CA LEU D 68 -14.90 -90.00 90.68
C LEU D 68 -15.33 -91.46 90.79
N GLU D 69 -14.85 -92.18 91.79
CA GLU D 69 -15.26 -93.56 92.04
C GLU D 69 -15.59 -93.74 93.52
N PRO D 70 -16.69 -94.44 93.83
CA PRO D 70 -17.07 -94.61 95.23
C PRO D 70 -16.26 -95.65 96.00
N GLY D 71 -15.43 -96.43 95.30
CA GLY D 71 -14.60 -97.41 95.99
C GLY D 71 -13.55 -96.77 96.88
N THR D 72 -13.01 -95.63 96.44
CA THR D 72 -12.05 -94.90 97.27
C THR D 72 -12.72 -94.31 98.51
N MET D 73 -13.95 -93.84 98.36
CA MET D 73 -14.69 -93.34 99.53
C MET D 73 -15.05 -94.48 100.48
N ASP D 74 -15.37 -95.66 99.95
CA ASP D 74 -15.62 -96.81 100.81
C ASP D 74 -14.35 -97.27 101.52
N SER D 75 -13.20 -97.17 100.84
CA SER D 75 -11.93 -97.49 101.50
C SER D 75 -11.56 -96.47 102.56
N VAL D 76 -11.91 -95.20 102.34
CA VAL D 76 -11.69 -94.16 103.36
C VAL D 76 -12.58 -94.41 104.56
N ARG D 77 -13.87 -94.70 104.33
CA ARG D 77 -14.80 -94.95 105.42
C ARG D 77 -14.51 -96.24 106.17
N SER D 78 -13.93 -97.24 105.49
CA SER D 78 -13.58 -98.50 106.13
C SER D 78 -12.34 -98.40 107.01
N SER D 79 -11.56 -97.33 106.89
CA SER D 79 -10.36 -97.17 107.70
C SER D 79 -10.71 -96.63 109.08
N LYS D 80 -9.68 -96.37 109.89
CA LYS D 80 -9.89 -95.91 111.26
C LYS D 80 -10.32 -94.44 111.30
N ILE D 81 -9.90 -93.65 110.32
CA ILE D 81 -10.18 -92.22 110.32
C ILE D 81 -11.46 -91.88 109.56
N GLY D 82 -12.18 -92.88 109.07
CA GLY D 82 -13.45 -92.70 108.39
C GLY D 82 -14.55 -92.01 109.19
N PRO D 83 -14.86 -92.52 110.40
CA PRO D 83 -15.77 -91.76 111.28
C PRO D 83 -15.21 -90.43 111.76
N LEU D 84 -13.88 -90.24 111.75
CA LEU D 84 -13.32 -88.97 112.17
C LEU D 84 -13.57 -87.86 111.16
N PHE D 85 -13.58 -88.19 109.87
CA PHE D 85 -13.79 -87.19 108.84
C PHE D 85 -15.24 -86.72 108.82
N ARG D 86 -15.46 -85.58 108.17
CA ARG D 86 -16.80 -85.03 108.04
C ARG D 86 -17.58 -85.82 106.99
N PRO D 87 -18.72 -86.41 107.36
CA PRO D 87 -19.50 -87.16 106.36
C PRO D 87 -20.18 -86.29 105.32
N ASP D 88 -20.44 -85.02 105.63
CA ASP D 88 -21.07 -84.12 104.66
C ASP D 88 -20.10 -83.63 103.60
N ASN D 89 -18.80 -83.80 103.82
CA ASN D 89 -17.78 -83.30 102.90
C ASN D 89 -17.36 -84.34 101.88
N PHE D 90 -17.99 -85.51 101.85
CA PHE D 90 -17.66 -86.54 100.88
C PHE D 90 -18.29 -86.18 99.53
N ILE D 91 -17.46 -86.13 98.48
CA ILE D 91 -17.93 -85.92 97.12
C ILE D 91 -17.31 -87.01 96.26
N HIS D 92 -18.16 -87.78 95.57
CA HIS D 92 -17.69 -88.89 94.75
C HIS D 92 -18.55 -88.96 93.49
N GLY D 93 -17.90 -89.22 92.35
CA GLY D 93 -18.59 -89.41 91.11
C GLY D 93 -18.99 -90.85 90.87
N ASN D 94 -19.62 -91.08 89.72
CA ASN D 94 -20.09 -92.42 89.37
C ASN D 94 -19.07 -93.19 88.54
N SER D 95 -18.49 -92.55 87.53
CA SER D 95 -17.54 -93.19 86.64
C SER D 95 -16.21 -92.46 86.70
N GLY D 96 -15.14 -93.21 86.96
CA GLY D 96 -13.81 -92.62 86.96
C GLY D 96 -13.33 -92.29 85.56
N ALA D 97 -12.34 -91.41 85.50
CA ALA D 97 -11.76 -91.04 84.21
C ALA D 97 -10.85 -92.13 83.67
N GLY D 98 -10.13 -92.81 84.56
CA GLY D 98 -9.24 -93.89 84.17
C GLY D 98 -8.07 -93.44 83.33
N ASN D 99 -7.18 -92.65 83.93
CA ASN D 99 -5.97 -92.10 83.29
C ASN D 99 -6.30 -91.25 82.08
N ASN D 100 -7.46 -90.60 82.09
CA ASN D 100 -7.88 -89.69 81.03
C ASN D 100 -7.90 -88.27 81.59
N TRP D 101 -6.95 -87.45 81.15
CA TRP D 101 -6.90 -86.08 81.64
C TRP D 101 -7.99 -85.21 81.03
N ALA D 102 -8.30 -85.44 79.75
CA ALA D 102 -9.34 -84.66 79.09
C ALA D 102 -10.71 -84.95 79.67
N LYS D 103 -10.96 -86.20 80.08
CA LYS D 103 -12.26 -86.56 80.64
C LYS D 103 -12.44 -85.98 82.04
N GLY D 104 -11.34 -85.80 82.77
CA GLY D 104 -11.40 -85.17 84.07
C GLY D 104 -11.17 -83.67 84.07
N HIS D 105 -10.87 -83.10 82.91
CA HIS D 105 -10.65 -81.67 82.80
C HIS D 105 -11.70 -80.94 81.97
N TYR D 106 -12.48 -81.66 81.16
CA TYR D 106 -13.40 -80.98 80.25
C TYR D 106 -14.84 -81.45 80.39
N THR D 107 -15.06 -82.71 80.78
CA THR D 107 -16.41 -83.26 80.85
C THR D 107 -16.83 -83.61 82.28
N GLU D 108 -16.11 -84.50 82.94
CA GLU D 108 -16.56 -84.97 84.25
C GLU D 108 -16.09 -84.08 85.38
N GLY D 109 -14.86 -83.59 85.28
CA GLY D 109 -14.41 -82.54 86.19
C GLY D 109 -15.25 -81.28 86.05
N ALA D 110 -15.65 -80.96 84.82
CA ALA D 110 -16.54 -79.82 84.60
C ALA D 110 -17.93 -80.08 85.15
N GLU D 111 -18.42 -81.32 85.07
CA GLU D 111 -19.76 -81.61 85.56
C GLU D 111 -19.82 -81.75 87.09
N LEU D 112 -18.69 -81.99 87.75
CA LEU D 112 -18.68 -82.02 89.21
C LEU D 112 -18.03 -80.80 89.85
N ILE D 113 -17.45 -79.89 89.05
CA ILE D 113 -16.80 -78.72 89.61
C ILE D 113 -17.81 -77.73 90.18
N GLU D 114 -19.07 -77.76 89.73
CA GLU D 114 -20.08 -76.89 90.33
C GLU D 114 -20.44 -77.35 91.73
N ASN D 115 -20.55 -78.66 91.93
CA ASN D 115 -20.80 -79.20 93.26
C ASN D 115 -19.61 -78.97 94.19
N VAL D 116 -18.39 -79.16 93.67
CA VAL D 116 -17.24 -78.93 94.55
C VAL D 116 -17.04 -77.43 94.81
N MET D 117 -17.48 -76.57 93.89
CA MET D 117 -17.43 -75.13 94.15
C MET D 117 -18.49 -74.71 95.17
N ASP D 118 -19.66 -75.37 95.14
CA ASP D 118 -20.67 -75.12 96.17
C ASP D 118 -20.18 -75.56 97.55
N VAL D 119 -19.50 -76.70 97.63
CA VAL D 119 -18.95 -77.16 98.90
C VAL D 119 -17.83 -76.23 99.38
N VAL D 120 -16.98 -75.78 98.46
CA VAL D 120 -15.89 -74.86 98.79
C VAL D 120 -16.45 -73.51 99.25
N ARG D 121 -17.50 -73.01 98.59
CA ARG D 121 -18.12 -71.75 98.99
C ARG D 121 -18.84 -71.88 100.32
N ASN D 122 -19.44 -73.04 100.59
CA ASN D 122 -20.07 -73.28 101.88
C ASN D 122 -19.04 -73.31 103.00
N GLU D 123 -17.87 -73.90 102.74
CA GLU D 123 -16.81 -73.88 103.74
C GLU D 123 -16.20 -72.48 103.90
N CYS D 124 -16.09 -71.74 102.80
CA CYS D 124 -15.41 -70.44 102.81
C CYS D 124 -16.27 -69.34 103.41
N GLU D 125 -17.59 -69.40 103.23
CA GLU D 125 -18.45 -68.36 103.78
C GLU D 125 -18.58 -68.45 105.30
N SER D 126 -18.24 -69.58 105.89
CA SER D 126 -18.19 -69.73 107.33
C SER D 126 -16.83 -69.36 107.91
N CYS D 127 -15.85 -69.05 107.08
CA CYS D 127 -14.53 -68.68 107.57
C CYS D 127 -14.56 -67.28 108.17
N ASP D 128 -13.95 -67.14 109.36
CA ASP D 128 -13.66 -65.80 109.86
C ASP D 128 -12.65 -65.09 108.97
N CYS D 129 -11.62 -65.81 108.54
CA CYS D 129 -10.69 -65.34 107.52
C CYS D 129 -10.08 -66.56 106.85
N LEU D 130 -9.87 -66.46 105.54
CA LEU D 130 -9.33 -67.57 104.76
C LEU D 130 -7.82 -67.40 104.63
N GLN D 131 -7.08 -68.45 104.96
CA GLN D 131 -5.64 -68.44 104.80
C GLN D 131 -5.21 -68.91 103.41
N GLY D 132 -5.78 -70.03 102.96
CA GLY D 132 -5.46 -70.56 101.66
C GLY D 132 -6.07 -71.94 101.48
N PHE D 133 -5.68 -72.58 100.39
CA PHE D 133 -6.13 -73.93 100.09
C PHE D 133 -4.93 -74.83 99.88
N GLN D 134 -4.93 -75.97 100.54
CA GLN D 134 -3.90 -76.98 100.37
C GLN D 134 -4.46 -78.10 99.50
N LEU D 135 -3.77 -78.40 98.40
CA LEU D 135 -4.21 -79.39 97.44
C LEU D 135 -3.21 -80.53 97.39
N ILE D 136 -3.71 -81.76 97.43
CA ILE D 136 -2.88 -82.94 97.35
C ILE D 136 -3.45 -83.86 96.28
N HIS D 137 -2.69 -84.09 95.21
CA HIS D 137 -3.16 -84.85 94.07
C HIS D 137 -1.97 -85.38 93.29
N SER D 138 -2.24 -86.23 92.31
CA SER D 138 -1.22 -86.85 91.47
C SER D 138 -1.35 -86.35 90.04
N LEU D 139 -0.22 -86.05 89.43
CA LEU D 139 -0.20 -85.46 88.09
C LEU D 139 -0.41 -86.48 86.97
N GLY D 140 -0.45 -87.77 87.29
CA GLY D 140 -0.52 -88.78 86.25
C GLY D 140 -1.90 -89.34 85.96
N GLY D 141 -2.79 -89.33 86.95
CA GLY D 141 -4.07 -90.00 86.85
C GLY D 141 -5.07 -89.23 86.00
N GLY D 142 -6.30 -89.72 86.01
CA GLY D 142 -7.31 -89.17 85.14
C GLY D 142 -8.16 -88.08 85.75
N THR D 143 -8.80 -88.35 86.88
CA THR D 143 -9.56 -87.31 87.54
C THR D 143 -8.73 -86.52 88.53
N GLY D 144 -7.62 -87.09 89.00
CA GLY D 144 -6.71 -86.43 89.92
C GLY D 144 -6.12 -85.17 89.35
N SER D 145 -5.30 -85.30 88.31
CA SER D 145 -4.61 -84.15 87.74
C SER D 145 -5.57 -83.18 87.04
N GLY D 146 -6.51 -83.72 86.25
CA GLY D 146 -7.44 -82.87 85.53
C GLY D 146 -8.40 -82.12 86.44
N MET D 147 -8.97 -82.81 87.43
CA MET D 147 -9.88 -82.15 88.34
C MET D 147 -9.13 -81.24 89.31
N GLY D 148 -7.87 -81.56 89.63
CA GLY D 148 -7.07 -80.67 90.44
C GLY D 148 -6.76 -79.36 89.73
N THR D 149 -6.41 -79.44 88.45
CA THR D 149 -6.15 -78.21 87.70
C THR D 149 -7.42 -77.41 87.43
N LEU D 150 -8.57 -78.10 87.25
CA LEU D 150 -9.82 -77.36 87.11
C LEU D 150 -10.25 -76.70 88.41
N LEU D 151 -10.04 -77.38 89.55
CA LEU D 151 -10.30 -76.77 90.85
C LEU D 151 -9.37 -75.59 91.11
N ILE D 152 -8.12 -75.71 90.67
CA ILE D 152 -7.15 -74.62 90.80
C ILE D 152 -7.60 -73.41 89.99
N ASN D 153 -8.07 -73.63 88.76
CA ASN D 153 -8.56 -72.52 87.94
C ASN D 153 -9.79 -71.87 88.54
N LYS D 154 -10.72 -72.69 89.07
CA LYS D 154 -11.93 -72.13 89.68
C LYS D 154 -11.63 -71.38 90.97
N ILE D 155 -10.68 -71.87 91.76
CA ILE D 155 -10.31 -71.19 93.00
C ILE D 155 -9.59 -69.88 92.69
N ARG D 156 -8.71 -69.88 91.69
CA ARG D 156 -8.02 -68.65 91.30
C ARG D 156 -8.98 -67.63 90.69
N GLU D 157 -10.04 -68.09 90.03
CA GLU D 157 -11.06 -67.15 89.57
C GLU D 157 -11.88 -66.60 90.74
N GLU D 158 -12.29 -67.46 91.66
CA GLU D 158 -13.17 -67.01 92.75
C GLU D 158 -12.41 -66.21 93.81
N TYR D 159 -11.22 -66.66 94.22
CA TYR D 159 -10.46 -66.03 95.29
C TYR D 159 -9.06 -65.72 94.80
N PRO D 160 -8.89 -64.61 94.07
CA PRO D 160 -7.57 -64.30 93.50
C PRO D 160 -6.55 -63.83 94.52
N ASP D 161 -6.98 -63.49 95.74
CA ASP D 161 -6.07 -63.00 96.78
C ASP D 161 -5.74 -64.06 97.82
N ARG D 162 -5.80 -65.33 97.44
CA ARG D 162 -5.51 -66.42 98.35
C ARG D 162 -4.42 -67.31 97.76
N ILE D 163 -3.62 -67.91 98.64
CA ILE D 163 -2.52 -68.76 98.20
C ILE D 163 -3.05 -70.11 97.75
N MET D 164 -2.27 -70.79 96.91
CA MET D 164 -2.62 -72.10 96.40
C MET D 164 -1.41 -73.02 96.58
N ASN D 165 -1.48 -73.90 97.57
CA ASN D 165 -0.38 -74.82 97.89
C ASN D 165 -0.76 -76.20 97.36
N THR D 166 0.11 -76.79 96.54
CA THR D 166 -0.17 -78.04 95.86
C THR D 166 0.89 -79.07 96.15
N PHE D 167 0.46 -80.24 96.61
CA PHE D 167 1.35 -81.39 96.80
C PHE D 167 1.27 -82.30 95.58
N SER D 168 1.75 -81.77 94.45
CA SER D 168 1.60 -82.44 93.17
C SER D 168 2.58 -83.60 93.05
N VAL D 169 2.06 -84.81 92.86
CA VAL D 169 2.88 -86.00 92.72
C VAL D 169 3.14 -86.25 91.24
N VAL D 170 4.40 -86.11 90.85
CA VAL D 170 4.80 -86.33 89.46
C VAL D 170 4.87 -87.84 89.21
N PRO D 171 4.23 -88.35 88.16
CA PRO D 171 4.29 -89.79 87.88
C PRO D 171 5.65 -90.23 87.38
N SER D 172 5.92 -91.52 87.55
CA SER D 172 7.18 -92.13 87.17
C SER D 172 6.91 -93.46 86.48
N PRO D 173 7.77 -93.88 85.54
CA PRO D 173 7.57 -95.17 84.87
C PRO D 173 7.94 -96.37 85.72
N LYS D 174 8.67 -96.20 86.82
CA LYS D 174 9.14 -97.34 87.58
C LYS D 174 8.10 -97.89 88.55
N VAL D 175 6.98 -97.19 88.75
CA VAL D 175 5.97 -97.63 89.71
C VAL D 175 4.60 -97.61 89.06
N SER D 176 4.49 -96.96 87.89
CA SER D 176 3.22 -96.82 87.20
C SER D 176 3.32 -97.44 85.82
N ASP D 177 2.34 -98.28 85.47
CA ASP D 177 2.36 -99.02 84.21
C ASP D 177 1.65 -98.29 83.08
N THR D 178 0.85 -97.27 83.38
CA THR D 178 0.15 -96.53 82.35
C THR D 178 1.13 -95.70 81.53
N VAL D 179 0.89 -95.64 80.22
CA VAL D 179 1.85 -95.05 79.29
C VAL D 179 1.53 -93.60 78.97
N VAL D 180 0.29 -93.17 79.18
CA VAL D 180 -0.17 -91.84 78.75
C VAL D 180 0.08 -90.79 79.82
N GLU D 181 0.78 -91.15 80.88
CA GLU D 181 1.02 -90.26 82.01
C GLU D 181 1.90 -89.03 81.74
N PRO D 182 2.88 -89.05 80.82
CA PRO D 182 3.51 -87.78 80.43
C PRO D 182 2.56 -86.73 79.86
N TYR D 183 1.48 -87.12 79.18
CA TYR D 183 0.49 -86.15 78.71
C TYR D 183 -0.17 -85.43 79.88
N ASN D 184 -0.65 -86.20 80.86
CA ASN D 184 -1.32 -85.62 82.02
C ASN D 184 -0.36 -84.79 82.85
N ALA D 185 0.88 -85.28 83.03
CA ALA D 185 1.88 -84.56 83.81
C ALA D 185 2.26 -83.24 83.16
N ILE D 186 2.48 -83.22 81.83
CA ILE D 186 2.88 -82.00 81.16
C ILE D 186 1.73 -81.00 81.10
N LEU D 187 0.50 -81.49 80.88
CA LEU D 187 -0.65 -80.58 80.86
C LEU D 187 -0.92 -79.98 82.24
N SER D 188 -0.80 -80.78 83.29
CA SER D 188 -1.00 -80.24 84.63
C SER D 188 0.15 -79.35 85.07
N ILE D 189 1.37 -79.63 84.60
CA ILE D 189 2.51 -78.75 84.88
C ILE D 189 2.30 -77.39 84.21
N HIS D 190 1.78 -77.39 82.98
CA HIS D 190 1.48 -76.13 82.30
C HIS D 190 0.35 -75.37 82.98
N GLN D 191 -0.63 -76.08 83.55
CA GLN D 191 -1.68 -75.38 84.29
C GLN D 191 -1.16 -74.85 85.63
N LEU D 192 -0.31 -75.62 86.32
CA LEU D 192 0.22 -75.21 87.61
C LEU D 192 1.24 -74.10 87.49
N ILE D 193 1.90 -73.95 86.35
CA ILE D 193 2.78 -72.81 86.12
C ILE D 193 1.97 -71.52 86.07
N GLU D 194 0.87 -71.55 85.35
CA GLU D 194 0.12 -70.32 85.09
C GLU D 194 -0.91 -69.98 86.15
N ASN D 195 -1.31 -70.95 86.99
CA ASN D 195 -2.43 -70.69 87.89
C ASN D 195 -2.17 -71.11 89.33
N THR D 196 -0.92 -71.37 89.70
CA THR D 196 -0.60 -71.77 91.07
C THR D 196 0.67 -71.07 91.52
N ASP D 197 0.73 -70.78 92.82
CA ASP D 197 1.86 -70.06 93.41
C ASP D 197 2.79 -70.96 94.23
N GLU D 198 2.42 -72.22 94.46
CA GLU D 198 3.25 -73.13 95.24
C GLU D 198 3.08 -74.55 94.72
N THR D 199 4.16 -75.32 94.78
CA THR D 199 4.14 -76.70 94.33
C THR D 199 5.16 -77.50 95.12
N PHE D 200 4.71 -78.59 95.75
CA PHE D 200 5.60 -79.52 96.44
C PHE D 200 5.83 -80.72 95.54
N CYS D 201 6.92 -80.70 94.78
CA CYS D 201 7.21 -81.72 93.78
C CYS D 201 7.72 -82.97 94.49
N ILE D 202 6.79 -83.85 94.88
CA ILE D 202 7.12 -85.16 95.42
C ILE D 202 7.08 -86.16 94.27
N ASP D 203 8.20 -86.83 94.02
CA ASP D 203 8.35 -87.70 92.86
C ASP D 203 8.37 -89.16 93.29
N ASN D 204 7.55 -89.98 92.64
CA ASN D 204 7.48 -91.41 92.96
C ASN D 204 8.73 -92.17 92.52
N GLU D 205 9.47 -91.63 91.54
CA GLU D 205 10.74 -92.25 91.14
C GLU D 205 11.74 -92.22 92.29
N ALA D 206 11.88 -91.07 92.93
CA ALA D 206 12.79 -90.95 94.07
C ALA D 206 12.27 -91.73 95.27
N LEU D 207 10.95 -91.86 95.42
CA LEU D 207 10.40 -92.70 96.48
C LEU D 207 10.73 -94.16 96.26
N TYR D 208 10.61 -94.63 95.02
CA TYR D 208 11.01 -96.00 94.70
C TYR D 208 12.50 -96.21 94.90
N ASP D 209 13.31 -95.21 94.54
CA ASP D 209 14.74 -95.30 94.76
C ASP D 209 15.10 -95.34 96.24
N ILE D 210 14.39 -94.56 97.06
CA ILE D 210 14.61 -94.57 98.51
C ILE D 210 14.22 -95.92 99.09
N CYS D 211 13.06 -96.46 98.69
CA CYS D 211 12.62 -97.76 99.18
C CYS D 211 13.50 -98.90 98.69
N PHE D 212 14.17 -98.73 97.54
CA PHE D 212 15.04 -99.76 97.01
C PHE D 212 16.43 -99.72 97.66
N ARG D 213 17.04 -98.54 97.74
CA ARG D 213 18.41 -98.45 98.24
C ARG D 213 18.44 -98.35 99.76
N THR D 214 17.70 -97.40 100.34
CA THR D 214 17.80 -97.14 101.78
C THR D 214 17.08 -98.22 102.58
N LEU D 215 15.81 -98.46 102.28
CA LEU D 215 15.02 -99.41 103.04
C LEU D 215 15.27 -100.87 102.61
N LYS D 216 15.99 -101.07 101.49
CA LYS D 216 16.35 -102.38 100.96
C LYS D 216 15.13 -103.25 100.65
N LEU D 217 14.02 -102.61 100.27
CA LEU D 217 12.81 -103.32 99.89
C LEU D 217 12.65 -103.26 98.37
N THR D 218 12.68 -104.43 97.72
CA THR D 218 12.59 -104.48 96.28
C THR D 218 11.22 -104.07 95.77
N ASN D 219 10.15 -104.52 96.44
CA ASN D 219 8.80 -104.22 95.99
C ASN D 219 8.43 -102.79 96.34
N PRO D 220 7.98 -101.97 95.38
CA PRO D 220 7.49 -100.63 95.70
C PRO D 220 5.99 -100.64 96.03
N THR D 221 5.65 -101.19 97.19
CA THR D 221 4.26 -101.23 97.63
C THR D 221 3.77 -99.83 97.96
N TYR D 222 2.48 -99.60 97.72
CA TYR D 222 1.91 -98.26 97.86
C TYR D 222 1.73 -97.86 99.31
N GLY D 223 1.67 -98.82 100.23
CA GLY D 223 1.59 -98.49 101.65
C GLY D 223 2.85 -97.83 102.18
N ASP D 224 4.02 -98.33 101.76
CA ASP D 224 5.28 -97.73 102.20
C ASP D 224 5.48 -96.34 101.60
N LEU D 225 5.10 -96.16 100.34
CA LEU D 225 5.16 -94.83 99.73
C LEU D 225 4.19 -93.87 100.41
N ASN D 226 2.99 -94.37 100.78
CA ASN D 226 2.02 -93.58 101.52
C ASN D 226 2.58 -93.15 102.87
N HIS D 227 3.23 -94.07 103.58
CA HIS D 227 3.82 -93.78 104.88
C HIS D 227 4.96 -92.77 104.76
N LEU D 228 5.80 -92.89 103.73
CA LEU D 228 6.92 -91.98 103.54
C LEU D 228 6.45 -90.56 103.18
N VAL D 229 5.50 -90.45 102.26
CA VAL D 229 4.98 -89.14 101.88
C VAL D 229 4.19 -88.52 103.04
N SER D 230 3.49 -89.34 103.83
CA SER D 230 2.78 -88.82 105.00
C SER D 230 3.74 -88.29 106.06
N LEU D 231 4.85 -89.01 106.29
CA LEU D 231 5.87 -88.54 107.23
C LEU D 231 6.50 -87.24 106.75
N THR D 232 6.82 -87.14 105.45
CA THR D 232 7.41 -85.93 104.92
C THR D 232 6.43 -84.77 104.92
N MET D 233 5.14 -85.04 104.70
CA MET D 233 4.14 -83.99 104.74
C MET D 233 3.91 -83.49 106.16
N SER D 234 3.95 -84.40 107.14
CA SER D 234 3.86 -83.98 108.55
C SER D 234 5.06 -83.13 108.96
N GLY D 235 6.25 -83.54 108.51
CA GLY D 235 7.45 -82.75 108.80
C GLY D 235 7.48 -81.41 108.10
N VAL D 236 6.86 -81.32 106.92
CA VAL D 236 6.74 -80.04 106.25
C VAL D 236 5.74 -79.15 106.97
N THR D 237 4.59 -79.71 107.37
CA THR D 237 3.51 -78.92 107.96
C THR D 237 3.68 -78.72 109.46
N THR D 238 4.78 -79.18 110.06
CA THR D 238 5.06 -78.84 111.44
C THR D 238 5.36 -77.35 111.65
N SER D 239 5.67 -76.61 110.59
CA SER D 239 5.79 -75.16 110.72
C SER D 239 4.41 -74.52 110.84
N LEU D 240 3.45 -75.00 110.06
CA LEU D 240 2.10 -74.45 110.12
C LEU D 240 1.33 -74.92 111.35
N ARG D 241 1.62 -76.13 111.83
CA ARG D 241 0.84 -76.71 112.92
C ARG D 241 1.30 -76.26 114.30
N PHE D 242 2.52 -75.72 114.41
CA PHE D 242 3.03 -75.33 115.71
C PHE D 242 3.64 -73.94 115.65
N PRO D 243 3.43 -73.13 116.68
CA PRO D 243 4.05 -71.80 116.70
C PRO D 243 5.56 -71.88 116.91
N GLY D 244 6.25 -70.91 116.35
CA GLY D 244 7.70 -70.88 116.45
C GLY D 244 8.26 -69.60 115.87
N GLN D 245 9.58 -69.58 115.75
CA GLN D 245 10.26 -68.45 115.12
C GLN D 245 9.88 -68.33 113.66
N LEU D 246 9.99 -69.43 112.91
CA LEU D 246 9.55 -69.50 111.52
C LEU D 246 8.13 -70.05 111.53
N ASN D 247 7.15 -69.15 111.49
CA ASN D 247 5.76 -69.58 111.37
C ASN D 247 5.52 -70.20 110.00
N ALA D 248 5.92 -69.50 108.93
CA ALA D 248 5.80 -69.93 107.53
C ALA D 248 4.35 -70.27 107.17
N ASP D 249 3.41 -69.46 107.65
CA ASP D 249 1.98 -69.71 107.47
C ASP D 249 1.58 -69.36 106.04
N LEU D 250 1.89 -70.28 105.12
CA LEU D 250 1.49 -70.28 103.72
C LEU D 250 2.00 -69.07 102.94
N ARG D 251 1.53 -67.87 103.28
CA ARG D 251 1.99 -66.67 102.59
C ARG D 251 3.43 -66.34 102.95
N LYS D 252 3.81 -66.54 104.23
CA LYS D 252 5.20 -66.31 104.63
C LYS D 252 6.15 -67.30 103.96
N LEU D 253 5.71 -68.55 103.82
CA LEU D 253 6.51 -69.56 103.11
C LEU D 253 6.67 -69.20 101.64
N ALA D 254 5.62 -68.64 101.03
CA ALA D 254 5.70 -68.21 99.64
C ALA D 254 6.58 -66.99 99.48
N VAL D 255 6.59 -66.08 100.47
CA VAL D 255 7.45 -64.91 100.40
C VAL D 255 8.92 -65.31 100.57
N ASN D 256 9.19 -66.25 101.49
CA ASN D 256 10.55 -66.68 101.74
C ASN D 256 11.11 -67.50 100.57
N MET D 257 10.35 -68.49 100.10
CA MET D 257 10.92 -69.54 99.24
C MET D 257 10.77 -69.28 97.75
N VAL D 258 9.89 -68.39 97.32
CA VAL D 258 9.54 -68.26 95.92
C VAL D 258 10.05 -66.91 95.42
N PRO D 259 11.12 -66.88 94.63
CA PRO D 259 11.58 -65.60 94.07
C PRO D 259 10.88 -65.19 92.79
N PHE D 260 10.27 -66.11 92.06
CA PHE D 260 9.70 -65.81 90.76
C PHE D 260 8.38 -66.54 90.58
N PRO D 261 7.42 -65.95 89.85
CA PRO D 261 6.09 -66.58 89.76
C PRO D 261 6.05 -67.88 88.97
N ARG D 262 7.09 -68.19 88.20
CA ARG D 262 7.17 -69.46 87.49
C ARG D 262 8.05 -70.48 88.20
N LEU D 263 9.08 -70.03 88.90
CA LEU D 263 10.06 -70.93 89.51
C LEU D 263 9.69 -71.21 90.97
N HIS D 264 8.51 -71.81 91.17
CA HIS D 264 8.00 -72.09 92.50
C HIS D 264 7.83 -73.59 92.75
N PHE D 265 8.77 -74.38 92.26
CA PHE D 265 8.73 -75.84 92.40
C PHE D 265 9.71 -76.24 93.49
N PHE D 266 9.19 -76.79 94.58
CA PHE D 266 9.99 -77.06 95.76
C PHE D 266 10.66 -78.43 95.62
N MET D 267 11.25 -78.92 96.71
CA MET D 267 11.89 -80.22 96.75
C MET D 267 11.94 -80.74 98.18
N PRO D 268 10.85 -81.26 98.72
CA PRO D 268 10.86 -81.70 100.12
C PRO D 268 11.68 -82.96 100.32
N GLY D 269 12.16 -83.14 101.55
CA GLY D 269 12.95 -84.29 101.90
C GLY D 269 12.85 -84.58 103.39
N PHE D 270 13.19 -85.81 103.76
CA PHE D 270 13.09 -86.27 105.14
C PHE D 270 14.32 -87.09 105.46
N ALA D 271 15.11 -86.62 106.42
CA ALA D 271 16.39 -87.27 106.72
C ALA D 271 16.25 -88.58 107.50
N PRO D 272 15.54 -88.67 108.66
CA PRO D 272 15.49 -90.01 109.30
C PRO D 272 14.36 -90.87 108.76
N LEU D 273 14.53 -91.36 107.54
CA LEU D 273 13.51 -92.16 106.88
C LEU D 273 13.72 -93.64 107.23
N THR D 274 12.73 -94.22 107.91
CA THR D 274 12.76 -95.61 108.32
C THR D 274 11.41 -96.26 108.01
N ALA D 275 11.46 -97.49 107.53
CA ALA D 275 10.25 -98.23 107.18
C ALA D 275 9.54 -98.74 108.44
N ARG D 276 8.36 -99.31 108.24
CA ARG D 276 7.56 -99.86 109.33
C ARG D 276 8.20 -101.12 109.91
N ARG D 282 18.92 -97.25 116.58
CA ARG D 282 18.89 -96.11 115.66
C ARG D 282 19.25 -94.81 116.36
N ALA D 283 20.54 -94.55 116.48
CA ALA D 283 21.00 -93.31 117.11
C ALA D 283 20.74 -92.12 116.21
N LEU D 284 20.21 -91.05 116.79
CA LEU D 284 19.88 -89.83 116.06
C LEU D 284 20.59 -88.66 116.73
N SER D 285 21.34 -87.89 115.93
CA SER D 285 22.05 -86.73 116.43
C SER D 285 22.08 -85.67 115.33
N VAL D 286 22.66 -84.51 115.65
CA VAL D 286 22.61 -83.34 114.79
C VAL D 286 23.45 -83.45 113.52
N PRO D 287 24.77 -83.76 113.55
CA PRO D 287 25.53 -83.71 112.28
C PRO D 287 25.18 -84.82 111.30
N GLU D 288 24.80 -86.01 111.80
CA GLU D 288 24.34 -87.06 110.89
C GLU D 288 23.03 -86.68 110.22
N LEU D 289 22.12 -86.04 110.97
CA LEU D 289 20.87 -85.57 110.39
C LEU D 289 21.11 -84.45 109.38
N THR D 290 22.08 -83.58 109.64
CA THR D 290 22.38 -82.50 108.71
C THR D 290 23.05 -83.02 107.44
N GLN D 291 23.95 -83.99 107.57
CA GLN D 291 24.58 -84.56 106.39
C GLN D 291 23.64 -85.50 105.63
N GLN D 292 22.61 -86.02 106.29
CA GLN D 292 21.53 -86.72 105.60
C GLN D 292 20.49 -85.78 105.03
N MET D 293 20.49 -84.52 105.45
CA MET D 293 19.45 -83.59 105.01
C MET D 293 19.64 -83.17 103.56
N PHE D 294 20.88 -82.92 103.14
CA PHE D 294 21.17 -82.40 101.82
C PHE D 294 21.70 -83.47 100.86
N ASP D 295 21.54 -84.73 101.21
CA ASP D 295 22.00 -85.81 100.35
C ASP D 295 21.08 -85.97 99.15
N ALA D 296 21.68 -86.36 98.01
CA ALA D 296 20.91 -86.60 96.79
C ALA D 296 19.99 -87.80 96.94
N ARG D 297 20.47 -88.86 97.61
CA ARG D 297 19.68 -90.07 97.79
C ARG D 297 18.51 -89.85 98.73
N ASN D 298 18.66 -88.99 99.74
CA ASN D 298 17.63 -88.80 100.74
C ASN D 298 16.44 -87.99 100.23
N MET D 299 16.65 -87.12 99.25
CA MET D 299 15.59 -86.23 98.79
C MET D 299 14.54 -86.98 98.00
N MET D 300 13.30 -86.50 98.09
CA MET D 300 12.13 -87.16 97.51
C MET D 300 11.76 -86.60 96.14
N ALA D 301 12.74 -86.12 95.39
CA ALA D 301 12.56 -85.75 94.00
C ALA D 301 13.77 -86.23 93.23
N ALA D 302 13.53 -86.73 92.01
CA ALA D 302 14.59 -87.32 91.19
C ALA D 302 15.45 -86.20 90.61
N CYS D 303 16.36 -85.71 91.44
CA CYS D 303 17.17 -84.55 91.12
C CYS D 303 18.61 -84.79 91.56
N ASP D 304 19.52 -83.99 91.01
CA ASP D 304 20.92 -84.00 91.42
C ASP D 304 21.29 -82.63 91.95
N PRO D 305 21.34 -82.44 93.27
CA PRO D 305 21.65 -81.12 93.83
C PRO D 305 23.07 -80.64 93.57
N ARG D 306 23.98 -81.53 93.19
CA ARG D 306 25.32 -81.10 92.81
C ARG D 306 25.32 -80.34 91.49
N ARG D 307 24.32 -80.57 90.64
CA ARG D 307 24.20 -79.88 89.35
C ARG D 307 23.38 -78.60 89.43
N GLY D 308 22.85 -78.26 90.61
CA GLY D 308 22.01 -77.09 90.74
C GLY D 308 22.35 -76.29 91.98
N ARG D 309 21.70 -75.14 92.10
CA ARG D 309 21.95 -74.20 93.19
C ARG D 309 20.68 -74.01 94.01
N TYR D 310 20.81 -74.13 95.33
CA TYR D 310 19.69 -73.92 96.24
C TYR D 310 19.34 -72.44 96.27
N LEU D 311 18.17 -72.07 95.72
CA LEU D 311 17.74 -70.68 95.79
C LEU D 311 17.26 -70.30 97.18
N THR D 312 16.48 -71.17 97.82
CA THR D 312 16.03 -70.95 99.18
C THR D 312 15.96 -72.30 99.88
N VAL D 313 16.31 -72.32 101.17
CA VAL D 313 16.29 -73.53 101.97
C VAL D 313 15.55 -73.22 103.27
N ALA D 314 14.60 -74.07 103.65
CA ALA D 314 13.93 -73.96 104.95
C ALA D 314 14.04 -75.30 105.65
N CYS D 315 15.15 -75.50 106.37
CA CYS D 315 15.39 -76.74 107.09
C CYS D 315 14.76 -76.65 108.47
N ILE D 316 13.88 -77.59 108.78
CA ILE D 316 13.14 -77.59 110.04
C ILE D 316 13.50 -78.85 110.81
N PHE D 317 13.85 -78.69 112.08
CA PHE D 317 14.18 -79.80 112.96
C PHE D 317 13.05 -80.04 113.96
N ARG D 318 12.79 -81.30 114.26
CA ARG D 318 11.76 -81.70 115.21
C ARG D 318 12.38 -82.61 116.25
N GLY D 319 12.06 -82.37 117.52
CA GLY D 319 12.52 -83.18 118.62
C GLY D 319 13.22 -82.33 119.66
N ARG D 320 13.87 -83.01 120.59
CA ARG D 320 14.61 -82.35 121.67
C ARG D 320 16.09 -82.30 121.28
N MET D 321 16.51 -81.16 120.73
CA MET D 321 17.89 -80.99 120.30
C MET D 321 18.40 -79.63 120.77
N SER D 322 19.72 -79.51 120.81
CA SER D 322 20.35 -78.24 121.13
C SER D 322 20.35 -77.34 119.91
N THR D 323 19.81 -76.13 120.06
CA THR D 323 19.66 -75.23 118.93
C THR D 323 20.99 -74.65 118.48
N ARG D 324 21.92 -74.44 119.42
CA ARG D 324 23.23 -73.89 119.09
C ARG D 324 24.04 -74.87 118.23
N GLU D 325 23.98 -76.16 118.54
CA GLU D 325 24.70 -77.15 117.76
C GLU D 325 24.09 -77.30 116.37
N VAL D 326 22.76 -77.18 116.27
CA VAL D 326 22.08 -77.23 114.97
C VAL D 326 22.50 -76.03 114.12
N ASP D 327 22.53 -74.84 114.72
CA ASP D 327 22.93 -73.63 114.00
C ASP D 327 24.40 -73.70 113.57
N GLU D 328 25.26 -74.21 114.45
CA GLU D 328 26.68 -74.35 114.12
C GLU D 328 26.91 -75.35 113.00
N GLN D 329 26.20 -76.49 113.05
CA GLN D 329 26.34 -77.51 112.01
C GLN D 329 25.81 -77.03 110.67
N LEU D 330 24.68 -76.31 110.68
CA LEU D 330 24.14 -75.80 109.42
C LEU D 330 24.98 -74.66 108.86
N LEU D 331 25.58 -73.84 109.73
CA LEU D 331 26.50 -72.80 109.25
C LEU D 331 27.77 -73.43 108.66
N SER D 332 28.27 -74.50 109.29
CA SER D 332 29.42 -75.21 108.74
C SER D 332 29.09 -75.87 107.40
N VAL D 333 27.88 -76.41 107.27
CA VAL D 333 27.42 -76.99 106.01
C VAL D 333 27.32 -75.91 104.93
N GLN D 334 26.76 -74.75 105.28
CA GLN D 334 26.60 -73.67 104.31
C GLN D 334 27.94 -73.09 103.87
N THR D 335 28.90 -72.99 104.80
CA THR D 335 30.21 -72.45 104.45
C THR D 335 31.06 -73.46 103.69
N LYS D 336 30.94 -74.74 104.04
CA LYS D 336 31.72 -75.78 103.37
C LYS D 336 31.24 -76.04 101.95
N ASN D 337 29.99 -75.72 101.63
CA ASN D 337 29.38 -75.99 100.34
C ASN D 337 28.82 -74.71 99.74
N SER D 338 29.63 -73.64 99.78
CA SER D 338 29.19 -72.34 99.30
C SER D 338 29.01 -72.29 97.79
N SER D 339 29.57 -73.24 97.05
CA SER D 339 29.32 -73.33 95.62
C SER D 339 27.97 -73.94 95.29
N TYR D 340 27.32 -74.59 96.27
CA TYR D 340 26.02 -75.21 96.05
C TYR D 340 24.86 -74.26 96.29
N PHE D 341 25.12 -73.08 96.84
CA PHE D 341 24.09 -72.08 97.11
C PHE D 341 24.33 -70.86 96.24
N VAL D 342 23.25 -70.15 95.91
CA VAL D 342 23.40 -68.91 95.15
C VAL D 342 23.97 -67.84 96.05
N GLU D 343 24.90 -67.06 95.50
CA GLU D 343 25.55 -66.00 96.25
C GLU D 343 24.85 -64.65 96.12
N TRP D 344 23.84 -64.55 95.26
CA TRP D 344 23.09 -63.32 95.10
C TRP D 344 21.82 -63.29 95.94
N ILE D 345 21.53 -64.34 96.68
CA ILE D 345 20.48 -64.34 97.69
C ILE D 345 21.11 -64.65 99.04
N PRO D 346 21.41 -63.63 99.85
CA PRO D 346 22.10 -63.86 101.12
C PRO D 346 21.17 -64.32 102.22
N ASN D 347 21.72 -65.19 103.08
CA ASN D 347 21.02 -65.82 104.21
C ASN D 347 19.75 -66.54 103.75
N ASN D 348 19.95 -67.54 102.90
CA ASN D 348 18.86 -68.28 102.28
C ASN D 348 18.47 -69.52 103.07
N VAL D 349 19.12 -69.81 104.19
CA VAL D 349 18.83 -70.98 104.99
C VAL D 349 18.15 -70.53 106.28
N LYS D 350 16.90 -70.93 106.46
CA LYS D 350 16.13 -70.62 107.65
C LYS D 350 15.92 -71.87 108.47
N VAL D 351 16.28 -71.80 109.75
CA VAL D 351 16.25 -72.94 110.65
C VAL D 351 15.20 -72.70 111.72
N ALA D 352 14.34 -73.68 111.95
CA ALA D 352 13.37 -73.64 113.04
C ALA D 352 13.41 -74.98 113.76
N VAL D 353 13.18 -74.95 115.07
CA VAL D 353 13.24 -76.14 115.91
C VAL D 353 11.91 -76.25 116.65
N CYS D 354 11.24 -77.39 116.47
CA CYS D 354 10.02 -77.71 117.18
C CYS D 354 10.30 -78.82 118.18
N ASP D 355 9.74 -78.69 119.39
CA ASP D 355 10.04 -79.63 120.46
C ASP D 355 9.21 -80.91 120.40
N ILE D 356 8.20 -80.97 119.54
CA ILE D 356 7.32 -82.14 119.45
C ILE D 356 7.76 -82.96 118.24
N PRO D 357 8.32 -84.16 118.44
CA PRO D 357 8.71 -84.99 117.32
C PRO D 357 7.52 -85.78 116.78
N PRO D 358 7.58 -86.27 115.55
CA PRO D 358 6.58 -87.21 115.08
C PRO D 358 6.64 -88.52 115.85
N ARG D 359 5.49 -89.18 115.96
CA ARG D 359 5.40 -90.41 116.73
C ARG D 359 6.14 -91.54 116.02
N GLY D 360 6.90 -92.31 116.78
CA GLY D 360 7.76 -93.33 116.24
C GLY D 360 9.19 -92.90 116.01
N LEU D 361 9.47 -91.60 116.07
CA LEU D 361 10.81 -91.06 115.86
C LEU D 361 11.18 -90.15 117.02
N LYS D 362 12.41 -90.29 117.52
CA LYS D 362 12.87 -89.39 118.58
C LYS D 362 13.22 -88.02 118.01
N MET D 363 13.84 -87.97 116.84
CA MET D 363 14.22 -86.73 116.19
C MET D 363 13.83 -86.78 114.72
N ALA D 364 13.56 -85.62 114.15
CA ALA D 364 13.17 -85.51 112.75
C ALA D 364 13.87 -84.32 112.11
N ALA D 365 14.00 -84.37 110.79
CA ALA D 365 14.73 -83.34 110.05
C ALA D 365 14.11 -83.23 108.66
N THR D 366 13.34 -82.16 108.43
CA THR D 366 12.62 -81.96 107.19
C THR D 366 13.15 -80.72 106.49
N PHE D 367 13.41 -80.82 105.19
CA PHE D 367 13.97 -79.75 104.40
C PHE D 367 13.05 -79.43 103.23
N ILE D 368 12.85 -78.14 102.98
CA ILE D 368 12.14 -77.65 101.80
C ILE D 368 13.11 -76.78 101.01
N GLY D 369 13.15 -76.97 99.71
CA GLY D 369 14.08 -76.19 98.90
C GLY D 369 13.66 -75.91 97.48
N ASN D 370 13.87 -74.67 97.03
CA ASN D 370 13.66 -74.32 95.62
C ASN D 370 14.97 -74.43 94.85
N ASN D 371 15.49 -75.65 94.80
CA ASN D 371 16.73 -75.91 94.07
C ASN D 371 16.49 -75.85 92.56
N THR D 372 17.57 -75.56 91.83
CA THR D 372 17.54 -75.54 90.38
C THR D 372 17.58 -76.95 89.80
N ALA D 373 17.88 -77.95 90.62
CA ALA D 373 17.95 -79.35 90.20
C ALA D 373 16.58 -79.94 89.86
N ILE D 374 15.48 -79.25 90.18
CA ILE D 374 14.15 -79.69 89.79
C ILE D 374 13.91 -79.59 88.29
N GLN D 375 14.74 -78.86 87.55
CA GLN D 375 14.58 -78.79 86.11
C GLN D 375 15.01 -80.08 85.41
N GLU D 376 15.76 -80.94 86.10
CA GLU D 376 16.04 -82.27 85.55
C GLU D 376 14.77 -83.11 85.49
N LEU D 377 13.90 -82.96 86.49
CA LEU D 377 12.60 -83.64 86.47
C LEU D 377 11.72 -83.14 85.35
N PHE D 378 11.69 -81.82 85.12
CA PHE D 378 10.91 -81.24 84.04
C PHE D 378 11.59 -81.37 82.68
N ILE D 379 12.82 -81.87 82.64
CA ILE D 379 13.44 -82.30 81.39
C ILE D 379 13.12 -83.77 81.12
N ARG D 380 13.13 -84.59 82.17
CA ARG D 380 12.82 -86.01 82.03
C ARG D 380 11.36 -86.24 81.63
N VAL D 381 10.43 -85.56 82.29
CA VAL D 381 9.01 -85.73 81.96
C VAL D 381 8.70 -85.11 80.59
N SER D 382 9.37 -84.02 80.24
CA SER D 382 9.16 -83.43 78.92
C SER D 382 9.76 -84.27 77.80
N GLU D 383 10.87 -84.95 78.06
CA GLU D 383 11.46 -85.81 77.03
C GLU D 383 10.73 -87.13 76.91
N GLN D 384 10.08 -87.60 77.98
CA GLN D 384 9.16 -88.72 77.83
C GLN D 384 7.90 -88.28 77.12
N PHE D 385 7.50 -87.02 77.30
CA PHE D 385 6.39 -86.46 76.55
C PHE D 385 6.75 -86.29 75.07
N SER D 386 8.01 -86.01 74.76
CA SER D 386 8.43 -85.87 73.36
C SER D 386 8.40 -87.21 72.64
N ALA D 387 8.80 -88.28 73.33
CA ALA D 387 8.75 -89.62 72.74
C ALA D 387 7.32 -90.15 72.60
N MET D 388 6.35 -89.53 73.26
CA MET D 388 4.96 -89.93 73.13
C MET D 388 4.15 -88.98 72.26
N PHE D 389 4.72 -87.83 71.88
CA PHE D 389 4.05 -86.90 70.98
C PHE D 389 4.62 -86.89 69.57
N ARG D 390 5.84 -87.41 69.39
CA ARG D 390 6.39 -87.53 68.05
C ARG D 390 5.72 -88.65 67.26
N ARG D 391 5.07 -89.60 67.94
CA ARG D 391 4.34 -90.66 67.27
C ARG D 391 2.84 -90.66 67.58
N LYS D 392 2.36 -89.65 68.32
CA LYS D 392 0.93 -89.39 68.57
C LYS D 392 0.21 -90.56 69.22
N ALA D 393 0.87 -91.20 70.19
CA ALA D 393 0.29 -92.35 70.87
C ALA D 393 -0.87 -91.91 71.75
N PHE D 394 -2.02 -92.54 71.56
CA PHE D 394 -3.27 -92.29 72.30
C PHE D 394 -3.75 -90.84 72.15
N LEU D 395 -3.37 -90.17 71.07
CA LEU D 395 -3.76 -88.79 70.85
C LEU D 395 -5.21 -88.65 70.43
N HIS D 396 -5.83 -89.72 69.94
CA HIS D 396 -7.23 -89.66 69.52
C HIS D 396 -8.18 -89.60 70.71
N TRP D 397 -7.74 -90.06 71.89
CA TRP D 397 -8.59 -90.00 73.08
C TRP D 397 -8.77 -88.56 73.55
N TYR D 398 -7.66 -87.83 73.67
CA TYR D 398 -7.73 -86.49 74.22
C TYR D 398 -8.26 -85.49 73.20
N THR D 399 -7.87 -85.63 71.94
CA THR D 399 -8.33 -84.69 70.92
C THR D 399 -9.79 -84.89 70.55
N GLY D 400 -10.37 -86.04 70.89
CA GLY D 400 -11.78 -86.26 70.66
C GLY D 400 -12.70 -85.68 71.71
N GLU D 401 -12.14 -85.18 72.81
CA GLU D 401 -12.91 -84.55 73.87
C GLU D 401 -12.99 -83.04 73.73
N GLY D 402 -12.61 -82.51 72.56
CA GLY D 402 -12.60 -81.08 72.34
C GLY D 402 -11.27 -80.40 72.57
N MET D 403 -10.28 -81.13 73.08
CA MET D 403 -8.95 -80.57 73.24
C MET D 403 -8.29 -80.41 71.89
N ASP D 404 -7.75 -79.22 71.63
CA ASP D 404 -6.98 -79.02 70.43
C ASP D 404 -5.62 -79.71 70.55
N GLU D 405 -5.02 -80.01 69.41
CA GLU D 405 -3.66 -80.56 69.41
C GLU D 405 -2.61 -79.48 69.61
N MET D 406 -2.99 -78.20 69.51
CA MET D 406 -2.08 -77.12 69.85
C MET D 406 -1.88 -76.96 71.35
N GLU D 407 -2.77 -77.58 72.15
CA GLU D 407 -2.64 -77.51 73.61
C GLU D 407 -1.39 -78.26 74.10
N PHE D 408 -1.09 -79.41 73.49
CA PHE D 408 0.12 -80.15 73.83
C PHE D 408 1.36 -79.38 73.42
N SER D 409 1.31 -78.70 72.27
CA SER D 409 2.44 -77.87 71.83
C SER D 409 2.64 -76.68 72.74
N GLU D 410 1.55 -76.07 73.21
CA GLU D 410 1.62 -74.96 74.16
C GLU D 410 2.21 -75.40 75.49
N ALA D 411 1.78 -76.57 75.99
CA ALA D 411 2.32 -77.09 77.24
C ALA D 411 3.80 -77.44 77.12
N GLU D 412 4.20 -78.05 76.00
CA GLU D 412 5.61 -78.36 75.75
C GLU D 412 6.45 -77.10 75.65
N GLY D 413 5.92 -76.08 74.96
CA GLY D 413 6.64 -74.82 74.85
C GLY D 413 6.78 -74.09 76.18
N ASN D 414 5.75 -74.15 77.02
CA ASN D 414 5.82 -73.52 78.33
C ASN D 414 6.81 -74.25 79.25
N THR D 415 6.83 -75.59 79.20
CA THR D 415 7.79 -76.33 80.00
C THR D 415 9.22 -76.13 79.49
N ASN D 416 9.40 -76.01 78.18
CA ASN D 416 10.74 -75.73 77.64
C ASN D 416 11.18 -74.32 78.00
N ASP D 417 10.25 -73.36 78.03
CA ASP D 417 10.58 -72.01 78.47
C ASP D 417 10.94 -71.98 79.95
N LEU D 418 10.25 -72.79 80.77
CA LEU D 418 10.59 -72.90 82.18
C LEU D 418 11.98 -73.50 82.38
N VAL D 419 12.32 -74.52 81.58
CA VAL D 419 13.66 -75.13 81.63
C VAL D 419 14.72 -74.12 81.20
N SER D 420 14.44 -73.35 80.15
CA SER D 420 15.36 -72.33 79.68
C SER D 420 15.57 -71.22 80.70
N GLU D 421 14.51 -70.78 81.37
CA GLU D 421 14.65 -69.75 82.39
C GLU D 421 15.36 -70.27 83.63
N TYR D 422 15.11 -71.54 84.00
CA TYR D 422 15.84 -72.17 85.11
C TYR D 422 17.33 -72.24 84.82
N GLN D 423 17.70 -72.65 83.60
CA GLN D 423 19.11 -72.73 83.24
C GLN D 423 19.75 -71.35 83.13
N GLN D 424 19.00 -70.36 82.62
CA GLN D 424 19.51 -69.00 82.50
C GLN D 424 19.76 -68.37 83.87
N TYR D 425 18.85 -68.58 84.83
CA TYR D 425 19.07 -68.06 86.16
C TYR D 425 20.05 -68.91 86.97
N GLN D 426 20.32 -70.14 86.55
CA GLN D 426 21.41 -70.88 87.16
C GLN D 426 22.77 -70.40 86.66
N ASP D 427 22.85 -70.03 85.38
CA ASP D 427 24.12 -69.61 84.81
C ASP D 427 24.55 -68.22 85.30
N ALA D 428 23.62 -67.41 85.79
CA ALA D 428 23.98 -66.09 86.29
C ALA D 428 24.66 -66.20 87.65
N THR D 429 25.66 -65.35 87.87
CA THR D 429 26.43 -65.34 89.11
C THR D 429 26.52 -63.92 89.65
N ALA D 430 26.64 -63.81 90.96
CA ALA D 430 26.76 -62.51 91.61
C ALA D 430 28.14 -61.90 91.40
N MET E 1 1.96 -31.44 132.26
CA MET E 1 1.97 -30.35 131.29
C MET E 1 2.44 -30.85 129.92
N ARG E 2 3.02 -32.04 129.90
CA ARG E 2 3.51 -32.66 128.67
C ARG E 2 3.07 -34.12 128.66
N GLU E 3 2.71 -34.60 127.47
CA GLU E 3 2.27 -35.98 127.29
C GLU E 3 3.00 -36.61 126.12
N CYS E 4 3.22 -37.92 126.20
CA CYS E 4 3.79 -38.70 125.12
C CYS E 4 2.94 -39.95 124.91
N ILE E 5 2.68 -40.26 123.65
CA ILE E 5 1.87 -41.41 123.27
C ILE E 5 2.78 -42.43 122.60
N SER E 6 3.01 -43.56 123.25
CA SER E 6 3.84 -44.61 122.69
C SER E 6 3.05 -45.40 121.65
N ILE E 7 3.70 -45.66 120.52
CA ILE E 7 3.10 -46.43 119.43
C ILE E 7 3.97 -47.65 119.17
N HIS E 8 3.36 -48.83 119.18
CA HIS E 8 4.04 -50.08 118.88
C HIS E 8 3.41 -50.72 117.65
N VAL E 9 4.21 -50.94 116.61
CA VAL E 9 3.76 -51.59 115.39
C VAL E 9 4.54 -52.89 115.23
N GLY E 10 3.85 -53.95 114.85
CA GLY E 10 4.46 -55.25 114.63
C GLY E 10 4.53 -56.09 115.89
N GLN E 11 4.88 -57.37 115.69
CA GLN E 11 5.05 -58.29 116.80
C GLN E 11 6.23 -57.89 117.68
N ALA E 12 7.34 -57.49 117.05
CA ALA E 12 8.50 -57.00 117.80
C ALA E 12 8.18 -55.74 118.58
N GLY E 13 7.44 -54.82 117.94
CA GLY E 13 7.04 -53.59 118.63
C GLY E 13 6.12 -53.85 119.80
N VAL E 14 5.17 -54.78 119.64
CA VAL E 14 4.22 -55.10 120.71
C VAL E 14 4.93 -55.78 121.88
N GLN E 15 5.81 -56.75 121.60
CA GLN E 15 6.52 -57.44 122.66
C GLN E 15 7.51 -56.53 123.38
N ILE E 16 8.23 -55.69 122.62
CA ILE E 16 9.16 -54.75 123.22
C ILE E 16 8.41 -53.70 124.05
N GLY E 17 7.26 -53.25 123.57
CA GLY E 17 6.47 -52.29 124.34
C GLY E 17 5.89 -52.87 125.61
N ASN E 18 5.45 -54.14 125.56
CA ASN E 18 4.95 -54.80 126.77
C ASN E 18 6.06 -54.97 127.80
N ALA E 19 7.25 -55.40 127.36
CA ALA E 19 8.38 -55.53 128.28
C ALA E 19 8.81 -54.18 128.84
N CYS E 20 8.79 -53.14 128.01
CA CYS E 20 9.19 -51.81 128.44
C CYS E 20 8.20 -51.21 129.43
N TRP E 21 6.90 -51.39 129.20
CA TRP E 21 5.91 -50.88 130.13
C TRP E 21 5.90 -51.68 131.44
N GLU E 22 6.23 -52.97 131.37
CA GLU E 22 6.43 -53.76 132.58
C GLU E 22 7.61 -53.22 133.39
N LEU E 23 8.71 -52.89 132.71
CA LEU E 23 9.86 -52.33 133.41
C LEU E 23 9.60 -50.91 133.91
N TYR E 24 8.73 -50.16 133.22
CA TYR E 24 8.38 -48.82 133.70
C TYR E 24 7.50 -48.90 134.93
N CYS E 25 6.58 -49.87 134.97
CA CYS E 25 5.80 -50.10 136.19
C CYS E 25 6.66 -50.63 137.32
N LEU E 26 7.71 -51.39 136.99
CA LEU E 26 8.63 -51.89 138.02
C LEU E 26 9.50 -50.77 138.59
N GLU E 27 10.00 -49.89 137.72
CA GLU E 27 10.94 -48.85 138.17
C GLU E 27 10.24 -47.75 138.95
N HIS E 28 9.04 -47.36 138.52
CA HIS E 28 8.29 -46.30 139.17
C HIS E 28 7.49 -46.79 140.37
N GLY E 29 7.51 -48.09 140.67
CA GLY E 29 6.76 -48.62 141.78
C GLY E 29 5.26 -48.69 141.55
N ILE E 30 4.83 -48.65 140.31
CA ILE E 30 3.41 -48.77 139.99
C ILE E 30 3.01 -50.24 140.07
N GLN E 31 1.90 -50.52 140.74
CA GLN E 31 1.38 -51.87 140.84
C GLN E 31 0.88 -52.33 139.47
N PRO E 32 0.97 -53.64 139.18
CA PRO E 32 0.53 -54.15 137.87
C PRO E 32 -0.97 -53.99 137.60
N ASP E 33 -1.79 -53.88 138.65
CA ASP E 33 -3.22 -53.66 138.42
C ASP E 33 -3.51 -52.23 137.98
N GLY E 34 -2.61 -51.29 138.25
CA GLY E 34 -2.77 -49.90 137.82
C GLY E 34 -2.69 -48.89 138.93
N GLN E 35 -2.87 -49.30 140.18
CA GLN E 35 -2.81 -48.36 141.29
C GLN E 35 -1.37 -48.05 141.66
N MET E 36 -1.20 -47.03 142.52
CA MET E 36 0.10 -46.62 143.01
C MET E 36 0.03 -46.54 144.53
N PRO E 37 0.99 -47.13 145.25
CA PRO E 37 0.96 -47.06 146.72
C PRO E 37 1.20 -45.67 147.29
N SER E 38 2.27 -45.01 146.83
CA SER E 38 2.72 -43.77 147.45
C SER E 38 2.20 -42.52 146.75
N ASP E 39 2.30 -42.45 145.43
CA ASP E 39 2.04 -41.22 144.70
C ASP E 39 0.56 -41.00 144.38
N LYS E 40 -0.32 -41.92 144.77
CA LYS E 40 -1.75 -41.76 144.56
C LYS E 40 -2.44 -40.98 145.66
N THR E 41 -1.69 -40.51 146.67
CA THR E 41 -2.25 -39.64 147.69
C THR E 41 -2.67 -38.30 147.10
N ILE E 42 -1.89 -37.77 146.16
CA ILE E 42 -2.26 -36.55 145.46
C ILE E 42 -3.47 -36.80 144.56
N GLY E 43 -3.42 -37.87 143.78
CA GLY E 43 -4.50 -38.19 142.86
C GLY E 43 -4.45 -37.46 141.54
N GLY E 44 -3.48 -36.57 141.34
CA GLY E 44 -3.36 -35.80 140.13
C GLY E 44 -2.10 -36.17 139.34
N GLY E 45 -1.91 -35.43 138.26
CA GLY E 45 -0.78 -35.62 137.37
C GLY E 45 0.43 -34.81 137.78
N ASP E 46 1.24 -34.45 136.78
CA ASP E 46 2.51 -33.72 136.83
C ASP E 46 3.44 -34.15 137.96
N ASP E 47 3.53 -35.45 138.20
CA ASP E 47 4.40 -36.01 139.23
C ASP E 47 5.62 -36.71 138.64
N SER E 48 6.11 -36.18 137.51
CA SER E 48 7.29 -36.58 136.73
C SER E 48 7.09 -37.88 135.96
N PHE E 49 5.97 -38.57 136.11
CA PHE E 49 5.62 -39.68 135.24
C PHE E 49 4.37 -39.39 134.42
N ASN E 50 3.88 -38.15 134.44
CA ASN E 50 2.70 -37.79 133.68
C ASN E 50 2.97 -37.64 132.18
N THR E 51 4.25 -37.65 131.78
CA THR E 51 4.57 -37.65 130.35
C THR E 51 4.24 -39.00 129.71
N PHE E 52 4.18 -40.07 130.51
CA PHE E 52 3.87 -41.41 130.03
C PHE E 52 2.56 -41.94 130.56
N PHE E 53 2.28 -41.79 131.86
CA PHE E 53 1.15 -42.43 132.51
C PHE E 53 0.02 -41.43 132.69
N SER E 54 -1.20 -41.87 132.38
CA SER E 54 -2.40 -41.08 132.56
C SER E 54 -3.23 -41.66 133.70
N GLU E 55 -3.89 -40.79 134.45
CA GLU E 55 -4.74 -41.20 135.57
C GLU E 55 -6.20 -41.06 135.17
N THR E 56 -6.98 -42.12 135.38
CA THR E 56 -8.40 -42.12 135.09
C THR E 56 -9.17 -41.60 136.31
N GLY E 57 -10.50 -41.66 136.25
CA GLY E 57 -11.31 -41.24 137.37
C GLY E 57 -11.26 -42.18 138.57
N ALA E 58 -10.89 -43.44 138.35
CA ALA E 58 -10.78 -44.41 139.43
C ALA E 58 -9.39 -44.45 140.05
N GLY E 59 -8.47 -43.59 139.61
CA GLY E 59 -7.13 -43.58 140.13
C GLY E 59 -6.18 -44.56 139.48
N LYS E 60 -6.60 -45.25 138.44
CA LYS E 60 -5.75 -46.22 137.76
C LYS E 60 -4.73 -45.48 136.89
N HIS E 61 -3.46 -45.89 136.98
CA HIS E 61 -2.40 -45.30 136.18
C HIS E 61 -2.25 -46.12 134.89
N VAL E 62 -3.16 -45.89 133.97
CA VAL E 62 -3.09 -46.55 132.66
C VAL E 62 -2.04 -45.87 131.80
N PRO E 63 -1.10 -46.61 131.21
CA PRO E 63 -0.12 -46.00 130.33
C PRO E 63 -0.75 -45.50 129.03
N ARG E 64 -0.14 -44.46 128.47
CA ARG E 64 -0.57 -43.90 127.19
C ARG E 64 0.08 -44.68 126.05
N ALA E 65 -0.40 -45.90 125.86
CA ALA E 65 0.18 -46.84 124.92
C ALA E 65 -0.85 -47.26 123.87
N VAL E 66 -0.39 -47.35 122.61
CA VAL E 66 -1.19 -47.87 121.52
C VAL E 66 -0.46 -49.10 120.98
N PHE E 67 -1.10 -50.26 121.09
CA PHE E 67 -0.55 -51.52 120.58
C PHE E 67 -1.26 -51.85 119.28
N VAL E 68 -0.56 -51.72 118.15
CA VAL E 68 -1.13 -52.01 116.84
C VAL E 68 -0.33 -53.15 116.22
N ASP E 69 -1.04 -54.18 115.76
CA ASP E 69 -0.43 -55.26 114.99
C ASP E 69 -1.51 -55.87 114.12
N LEU E 70 -1.08 -56.46 113.01
CA LEU E 70 -2.01 -57.10 112.10
C LEU E 70 -2.26 -58.56 112.44
N GLU E 71 -1.65 -59.06 113.51
CA GLU E 71 -1.92 -60.38 114.05
C GLU E 71 -2.38 -60.24 115.50
N PRO E 72 -3.55 -60.79 115.85
CA PRO E 72 -4.08 -60.58 117.20
C PRO E 72 -3.53 -61.50 118.27
N THR E 73 -2.55 -62.36 117.92
CA THR E 73 -2.01 -63.30 118.89
C THR E 73 -1.24 -62.60 120.01
N VAL E 74 -0.32 -61.70 119.65
CA VAL E 74 0.45 -60.98 120.65
C VAL E 74 -0.41 -59.99 121.41
N ILE E 75 -1.42 -59.40 120.75
CA ILE E 75 -2.34 -58.50 121.43
C ILE E 75 -3.17 -59.25 122.47
N ASP E 76 -3.64 -60.45 122.13
CA ASP E 76 -4.34 -61.26 123.12
C ASP E 76 -3.40 -61.79 124.20
N GLU E 77 -2.12 -61.96 123.87
CA GLU E 77 -1.13 -62.34 124.87
C GLU E 77 -0.92 -61.23 125.90
N VAL E 78 -0.88 -59.97 125.45
CA VAL E 78 -0.82 -58.85 126.38
C VAL E 78 -2.14 -58.72 127.14
N ARG E 79 -3.26 -58.95 126.46
CA ARG E 79 -4.58 -58.88 127.07
C ARG E 79 -4.87 -60.04 128.03
N THR E 80 -4.03 -61.07 128.04
CA THR E 80 -4.20 -62.20 128.95
C THR E 80 -3.05 -62.38 129.91
N GLY E 81 -1.81 -62.22 129.44
CA GLY E 81 -0.66 -62.37 130.30
C GLY E 81 0.32 -61.21 130.20
N TYR E 83 -1.92 -56.41 133.69
CA TYR E 83 -1.76 -56.35 132.25
C TYR E 83 -3.10 -56.15 131.55
N ARG E 84 -4.05 -57.03 131.86
CA ARG E 84 -5.38 -56.95 131.26
C ARG E 84 -6.14 -55.74 131.74
N GLN E 85 -6.17 -55.51 133.06
CA GLN E 85 -6.76 -54.30 133.60
C GLN E 85 -5.86 -53.09 133.45
N LEU E 86 -4.56 -53.31 133.23
CA LEU E 86 -3.63 -52.20 133.06
C LEU E 86 -3.85 -51.50 131.72
N PHE E 87 -3.99 -52.27 130.64
CA PHE E 87 -4.16 -51.72 129.31
C PHE E 87 -5.64 -51.80 128.92
N HIS E 88 -6.20 -50.66 128.54
CA HIS E 88 -7.59 -50.65 128.09
C HIS E 88 -7.72 -51.36 126.75
N PRO E 89 -8.77 -52.17 126.55
CA PRO E 89 -8.95 -52.86 125.26
C PRO E 89 -9.31 -51.93 124.11
N GLU E 90 -9.76 -50.70 124.38
CA GLU E 90 -10.12 -49.79 123.31
C GLU E 90 -8.90 -49.29 122.56
N GLN E 91 -7.78 -49.09 123.27
CA GLN E 91 -6.57 -48.57 122.64
C GLN E 91 -5.69 -49.64 122.04
N LEU E 92 -6.00 -50.93 122.27
CA LEU E 92 -5.22 -52.02 121.69
C LEU E 92 -5.90 -52.44 120.39
N ILE E 93 -5.29 -52.06 119.26
CA ILE E 93 -5.86 -52.31 117.94
C ILE E 93 -5.25 -53.58 117.36
N THR E 94 -6.10 -54.52 116.95
CA THR E 94 -5.67 -55.75 116.31
C THR E 94 -5.95 -55.68 114.81
N GLY E 95 -5.42 -56.68 114.09
CA GLY E 95 -5.67 -56.81 112.68
C GLY E 95 -6.01 -58.23 112.31
N LYS E 96 -6.51 -58.40 111.09
CA LYS E 96 -7.00 -59.70 110.64
C LYS E 96 -5.90 -60.48 109.91
N GLU E 97 -5.35 -59.90 108.85
CA GLU E 97 -4.37 -60.57 108.00
C GLU E 97 -3.02 -59.88 108.15
N ASP E 98 -1.97 -60.67 108.30
CA ASP E 98 -0.63 -60.11 108.38
C ASP E 98 -0.14 -59.69 107.01
N ALA E 99 0.87 -58.83 106.99
CA ALA E 99 1.49 -58.45 105.73
C ALA E 99 2.53 -59.47 105.28
N ALA E 100 2.96 -60.36 106.18
CA ALA E 100 3.75 -61.56 105.87
C ALA E 100 5.09 -61.22 105.21
N ASN E 101 5.88 -60.42 105.93
CA ASN E 101 7.23 -59.99 105.53
C ASN E 101 7.23 -59.26 104.19
N ASN E 102 6.19 -58.47 103.95
CA ASN E 102 6.08 -57.68 102.72
C ASN E 102 5.78 -56.24 103.08
N TYR E 103 6.61 -55.32 102.59
CA TYR E 103 6.39 -53.89 102.83
C TYR E 103 5.15 -53.39 102.09
N ALA E 104 4.98 -53.81 100.83
CA ALA E 104 3.90 -53.30 100.02
C ALA E 104 2.54 -53.76 100.53
N ARG E 105 2.46 -54.94 101.14
CA ARG E 105 1.21 -55.40 101.72
C ARG E 105 0.80 -54.54 102.91
N GLY E 106 1.75 -54.20 103.78
CA GLY E 106 1.44 -53.30 104.88
C GLY E 106 1.34 -51.84 104.52
N HIS E 107 1.75 -51.47 103.30
CA HIS E 107 1.76 -50.07 102.90
C HIS E 107 0.67 -49.70 101.90
N TYR E 108 0.11 -50.65 101.17
CA TYR E 108 -0.83 -50.25 100.13
C TYR E 108 -2.19 -50.94 100.22
N THR E 109 -2.24 -52.21 100.62
CA THR E 109 -3.50 -52.95 100.60
C THR E 109 -3.99 -53.34 101.99
N ILE E 110 -3.18 -54.01 102.79
CA ILE E 110 -3.66 -54.53 104.06
C ILE E 110 -3.65 -53.43 105.13
N GLY E 111 -2.61 -52.60 105.14
CA GLY E 111 -2.56 -51.50 106.08
C GLY E 111 -3.47 -50.34 105.74
N LYS E 112 -3.84 -50.20 104.47
CA LYS E 112 -4.68 -49.08 104.06
C LYS E 112 -6.14 -49.29 104.46
N GLU E 113 -6.56 -50.53 104.72
CA GLU E 113 -7.91 -50.80 105.18
C GLU E 113 -8.06 -50.63 106.69
N ILE E 114 -6.96 -50.36 107.40
CA ILE E 114 -6.97 -50.26 108.85
C ILE E 114 -6.30 -48.99 109.36
N ILE E 115 -5.75 -48.17 108.47
CA ILE E 115 -5.02 -46.96 108.87
C ILE E 115 -5.95 -45.91 109.47
N ASP E 116 -7.21 -45.85 109.00
CA ASP E 116 -8.15 -44.84 109.46
C ASP E 116 -8.58 -45.08 110.90
N LEU E 117 -8.80 -46.35 111.28
CA LEU E 117 -9.15 -46.67 112.65
C LEU E 117 -8.01 -46.38 113.61
N VAL E 118 -6.77 -46.66 113.20
CA VAL E 118 -5.61 -46.37 114.03
C VAL E 118 -5.41 -44.85 114.16
N LEU E 119 -5.67 -44.10 113.09
CA LEU E 119 -5.60 -42.64 113.16
C LEU E 119 -6.68 -42.07 114.08
N ASP E 120 -7.88 -42.65 114.03
CA ASP E 120 -8.95 -42.20 114.92
C ASP E 120 -8.65 -42.53 116.39
N ARG E 121 -8.05 -43.69 116.64
CA ARG E 121 -7.63 -44.03 118.01
C ARG E 121 -6.50 -43.14 118.48
N ILE E 122 -5.60 -42.75 117.58
CA ILE E 122 -4.51 -41.84 117.91
C ILE E 122 -5.07 -40.46 118.27
N ARG E 123 -6.04 -39.98 117.50
CA ARG E 123 -6.66 -38.69 117.79
C ARG E 123 -7.48 -38.75 119.09
N LYS E 124 -8.13 -39.88 119.35
CA LYS E 124 -8.88 -40.06 120.59
C LYS E 124 -7.97 -40.06 121.81
N LEU E 125 -6.80 -40.69 121.69
CA LEU E 125 -5.86 -40.67 122.81
C LEU E 125 -5.15 -39.32 122.94
N ALA E 126 -4.97 -38.62 121.83
CA ALA E 126 -4.37 -37.28 121.87
C ALA E 126 -5.34 -36.21 122.34
N ASP E 127 -6.64 -36.50 122.33
CA ASP E 127 -7.62 -35.54 122.85
C ASP E 127 -7.51 -35.39 124.36
N GLN E 128 -7.04 -36.42 125.07
CA GLN E 128 -6.74 -36.31 126.48
C GLN E 128 -5.43 -35.59 126.74
N CYS E 129 -4.58 -35.44 125.72
CA CYS E 129 -3.30 -34.76 125.86
C CYS E 129 -3.46 -33.29 125.54
N THR E 130 -3.06 -32.43 126.48
CA THR E 130 -3.14 -30.99 126.31
C THR E 130 -1.80 -30.35 125.93
N GLY E 131 -0.69 -30.98 126.28
CA GLY E 131 0.63 -30.44 126.01
C GLY E 131 1.51 -31.46 125.33
N LEU E 132 0.92 -32.24 124.42
CA LEU E 132 1.58 -33.39 123.81
C LEU E 132 2.82 -33.00 123.01
N GLN E 133 3.90 -33.73 123.23
CA GLN E 133 5.18 -33.47 122.58
C GLN E 133 5.29 -34.23 121.25
N GLY E 134 4.96 -35.50 121.26
CA GLY E 134 5.08 -36.30 120.06
C GLY E 134 4.77 -37.75 120.34
N PHE E 135 5.32 -38.63 119.50
CA PHE E 135 5.04 -40.05 119.59
C PHE E 135 6.33 -40.84 119.54
N LEU E 136 6.35 -41.95 120.29
CA LEU E 136 7.45 -42.92 120.26
C LEU E 136 6.99 -44.09 119.40
N VAL E 137 7.56 -44.21 118.20
CA VAL E 137 7.20 -45.29 117.29
C VAL E 137 8.10 -46.49 117.57
N PHE E 138 7.49 -47.58 118.02
CA PHE E 138 8.18 -48.85 118.20
C PHE E 138 7.83 -49.75 117.01
N HIS E 139 8.85 -50.19 116.27
CA HIS E 139 8.61 -51.07 115.14
C HIS E 139 9.87 -51.88 114.89
N SER E 140 9.88 -52.64 113.79
CA SER E 140 11.02 -53.43 113.38
C SER E 140 11.19 -53.33 111.87
N PHE E 141 12.44 -53.32 111.43
CA PHE E 141 12.75 -53.08 110.03
C PHE E 141 12.43 -54.30 109.16
N GLY E 142 12.52 -55.50 109.72
CA GLY E 142 12.44 -56.70 108.91
C GLY E 142 11.05 -57.12 108.50
N GLY E 143 10.06 -56.88 109.35
CA GLY E 143 8.74 -57.41 109.14
C GLY E 143 7.95 -56.69 108.05
N GLY E 144 6.73 -57.15 107.87
CA GLY E 144 5.84 -56.55 106.88
C GLY E 144 4.93 -55.52 107.48
N THR E 145 4.40 -55.82 108.67
CA THR E 145 3.60 -54.84 109.40
C THR E 145 4.46 -53.69 109.90
N GLY E 146 5.59 -54.03 110.55
CA GLY E 146 6.47 -53.06 111.20
C GLY E 146 7.24 -52.17 110.25
N SER E 147 7.16 -52.42 108.94
CA SER E 147 7.71 -51.52 107.95
C SER E 147 6.63 -50.79 107.16
N GLY E 148 5.67 -51.53 106.61
CA GLY E 148 4.64 -50.90 105.79
C GLY E 148 3.66 -50.06 106.57
N PHE E 149 3.15 -50.60 107.68
CA PHE E 149 2.23 -49.81 108.48
C PHE E 149 2.93 -48.68 109.20
N THR E 150 4.20 -48.88 109.56
CA THR E 150 5.01 -47.80 110.12
C THR E 150 5.21 -46.68 109.11
N SER E 151 5.45 -47.03 107.84
CA SER E 151 5.64 -46.01 106.82
C SER E 151 4.35 -45.24 106.53
N LEU E 152 3.22 -45.95 106.47
CA LEU E 152 1.95 -45.26 106.24
C LEU E 152 1.55 -44.42 107.45
N LEU E 153 1.83 -44.91 108.67
CA LEU E 153 1.57 -44.15 109.88
C LEU E 153 2.44 -42.89 109.95
N MET E 154 3.72 -43.00 109.56
CA MET E 154 4.60 -41.85 109.54
C MET E 154 4.15 -40.83 108.51
N GLU E 155 3.68 -41.30 107.34
CA GLU E 155 3.14 -40.38 106.33
C GLU E 155 1.90 -39.65 106.84
N ARG E 156 1.00 -40.38 107.49
CA ARG E 156 -0.22 -39.76 108.00
C ARG E 156 0.07 -38.80 109.16
N LEU E 157 1.01 -39.15 110.04
CA LEU E 157 1.36 -38.27 111.14
C LEU E 157 2.21 -37.07 110.68
N SER E 158 2.89 -37.18 109.54
CA SER E 158 3.57 -36.01 109.01
C SER E 158 2.61 -35.08 108.29
N VAL E 159 1.58 -35.62 107.64
CA VAL E 159 0.56 -34.77 107.03
C VAL E 159 -0.30 -34.09 108.09
N ASP E 160 -0.71 -34.83 109.13
CA ASP E 160 -1.71 -34.33 110.06
C ASP E 160 -1.13 -33.67 111.31
N TYR E 161 0.09 -34.02 111.70
CA TYR E 161 0.70 -33.54 112.95
C TYR E 161 2.05 -32.89 112.68
N GLY E 162 2.09 -32.02 111.68
CA GLY E 162 3.33 -31.45 111.17
C GLY E 162 4.08 -30.54 112.13
N LYS E 163 3.43 -30.09 113.20
CA LYS E 163 4.08 -29.29 114.22
C LYS E 163 4.72 -30.12 115.33
N LYS E 164 4.63 -31.45 115.24
CA LYS E 164 5.16 -32.34 116.25
C LYS E 164 6.39 -33.07 115.74
N SER E 165 7.21 -33.53 116.69
CA SER E 165 8.38 -34.32 116.40
C SER E 165 8.12 -35.77 116.81
N LYS E 166 8.50 -36.70 115.95
CA LYS E 166 8.26 -38.13 116.16
C LYS E 166 9.57 -38.87 116.25
N LEU E 167 9.71 -39.70 117.28
CA LEU E 167 10.91 -40.52 117.43
C LEU E 167 10.78 -41.79 116.58
N GLU E 168 11.75 -42.70 116.74
CA GLU E 168 11.68 -44.01 116.12
C GLU E 168 12.47 -44.98 116.97
N PHE E 169 11.91 -46.18 117.13
CA PHE E 169 12.58 -47.28 117.84
C PHE E 169 12.51 -48.49 116.91
N SER E 170 13.49 -48.62 116.03
CA SER E 170 13.51 -49.69 115.05
C SER E 170 14.41 -50.83 115.51
N ILE E 171 14.18 -52.00 114.92
CA ILE E 171 15.01 -53.18 115.15
C ILE E 171 15.70 -53.49 113.84
N TYR E 172 17.03 -53.38 113.83
CA TYR E 172 17.80 -53.70 112.64
C TYR E 172 17.89 -55.22 112.46
N PRO E 173 17.69 -55.72 111.24
CA PRO E 173 17.68 -57.17 111.02
C PRO E 173 19.05 -57.80 111.21
N ALA E 174 19.04 -59.04 111.69
CA ALA E 174 20.25 -59.78 111.98
C ALA E 174 20.20 -61.16 111.32
N PRO E 175 21.34 -61.67 110.85
CA PRO E 175 21.35 -63.02 110.26
C PRO E 175 21.21 -64.14 111.27
N GLN E 176 21.39 -63.88 112.57
CA GLN E 176 21.28 -64.93 113.57
C GLN E 176 19.83 -65.36 113.76
N VAL E 177 18.92 -64.39 113.90
CA VAL E 177 17.49 -64.67 114.02
C VAL E 177 16.75 -63.82 112.98
N SER E 178 16.51 -64.41 111.82
CA SER E 178 15.76 -63.75 110.76
C SER E 178 14.70 -64.71 110.25
N THR E 179 13.45 -64.24 110.18
CA THR E 179 12.35 -65.05 109.69
C THR E 179 12.02 -64.79 108.23
N ALA E 180 12.86 -64.04 107.52
CA ALA E 180 12.57 -63.69 106.13
C ALA E 180 13.88 -63.47 105.39
N VAL E 181 13.75 -63.34 104.07
CA VAL E 181 14.88 -63.18 103.16
C VAL E 181 14.81 -61.76 102.61
N VAL E 182 13.60 -61.18 102.60
CA VAL E 182 13.37 -59.87 102.02
C VAL E 182 13.45 -58.77 103.06
N GLU E 183 14.06 -59.08 104.21
CA GLU E 183 14.36 -58.05 105.20
C GLU E 183 15.23 -56.90 104.67
N PRO E 184 16.25 -57.09 103.82
CA PRO E 184 16.85 -55.92 103.16
C PRO E 184 15.88 -55.09 102.33
N TYR E 185 14.95 -55.71 101.61
CA TYR E 185 14.00 -54.97 100.80
C TYR E 185 13.07 -54.12 101.67
N ASN E 186 12.52 -54.74 102.73
CA ASN E 186 11.63 -54.03 103.65
C ASN E 186 12.36 -52.93 104.39
N SER E 187 13.60 -53.20 104.82
CA SER E 187 14.37 -52.21 105.58
C SER E 187 14.74 -51.01 104.72
N ILE E 188 15.17 -51.24 103.48
CA ILE E 188 15.51 -50.13 102.60
C ILE E 188 14.28 -49.32 102.23
N LEU E 189 13.14 -50.01 101.99
CA LEU E 189 11.93 -49.29 101.62
C LEU E 189 11.37 -48.47 102.79
N THR E 190 11.39 -49.01 104.00
CA THR E 190 10.91 -48.25 105.14
C THR E 190 11.92 -47.21 105.62
N THR E 191 13.20 -47.33 105.23
CA THR E 191 14.13 -46.25 105.49
C THR E 191 13.91 -45.10 104.52
N HIS E 192 13.67 -45.40 103.24
CA HIS E 192 13.42 -44.35 102.27
C HIS E 192 12.08 -43.66 102.51
N THR E 193 11.07 -44.40 102.95
CA THR E 193 9.77 -43.76 103.19
C THR E 193 9.75 -42.95 104.48
N THR E 194 10.38 -43.44 105.55
CA THR E 194 10.40 -42.75 106.83
C THR E 194 11.72 -42.01 107.06
N LEU E 195 12.34 -41.49 106.01
CA LEU E 195 13.52 -40.66 106.21
C LEU E 195 13.13 -39.23 106.59
N GLU E 196 12.12 -38.68 105.91
CA GLU E 196 11.68 -37.32 106.15
C GLU E 196 10.64 -37.22 107.26
N HIS E 197 10.18 -38.34 107.81
CA HIS E 197 9.14 -38.33 108.82
C HIS E 197 9.62 -38.80 110.18
N SER E 198 10.89 -39.14 110.32
CA SER E 198 11.46 -39.57 111.59
C SER E 198 12.60 -38.64 111.99
N ASP E 199 12.69 -38.34 113.28
CA ASP E 199 13.64 -37.36 113.78
C ASP E 199 14.68 -37.94 114.73
N CYS E 200 14.48 -39.14 115.25
CA CYS E 200 15.49 -39.82 116.07
C CYS E 200 15.21 -41.31 116.00
N ALA E 201 16.10 -42.07 115.38
CA ALA E 201 15.91 -43.49 115.15
C ALA E 201 16.97 -44.29 115.92
N PHE E 202 16.56 -44.94 117.00
CA PHE E 202 17.46 -45.79 117.77
C PHE E 202 17.40 -47.22 117.23
N MET E 203 18.02 -47.41 116.07
CA MET E 203 18.02 -48.72 115.44
C MET E 203 19.04 -49.61 116.14
N VAL E 204 18.55 -50.69 116.74
CA VAL E 204 19.38 -51.65 117.46
C VAL E 204 19.20 -53.02 116.80
N ASP E 205 20.30 -53.67 116.47
CA ASP E 205 20.23 -54.98 115.83
C ASP E 205 20.26 -56.08 116.88
N ASN E 206 19.58 -57.19 116.56
CA ASN E 206 19.53 -58.32 117.46
C ASN E 206 20.82 -59.13 117.47
N GLU E 207 21.71 -58.91 116.51
CA GLU E 207 23.00 -59.59 116.52
C GLU E 207 23.86 -59.14 117.70
N ALA E 208 23.86 -57.83 117.98
CA ALA E 208 24.63 -57.31 119.11
C ALA E 208 24.04 -57.75 120.43
N ILE E 209 22.70 -57.75 120.55
CA ILE E 209 22.03 -58.22 121.76
C ILE E 209 22.29 -59.71 121.97
N TYR E 210 22.27 -60.48 120.88
CA TYR E 210 22.56 -61.91 120.96
C TYR E 210 24.00 -62.17 121.38
N ASP E 211 24.94 -61.39 120.84
CA ASP E 211 26.35 -61.55 121.21
C ASP E 211 26.59 -61.16 122.66
N ILE E 212 25.91 -60.11 123.14
CA ILE E 212 26.02 -59.70 124.54
C ILE E 212 25.44 -60.77 125.45
N CYS E 213 24.28 -61.35 125.09
CA CYS E 213 23.70 -62.42 125.87
C CYS E 213 24.54 -63.70 125.83
N ARG E 214 25.26 -63.91 124.72
CA ARG E 214 26.11 -65.09 124.61
C ARG E 214 27.37 -64.95 125.46
N ARG E 215 28.03 -63.78 125.42
CA ARG E 215 29.34 -63.65 126.02
C ARG E 215 29.32 -63.10 127.44
N ASN E 216 28.23 -62.47 127.86
CA ASN E 216 28.12 -61.95 129.23
C ASN E 216 27.13 -62.74 130.07
N LEU E 217 25.92 -62.95 129.56
CA LEU E 217 24.91 -63.71 130.30
C LEU E 217 25.14 -65.20 130.16
N ARG E 221 21.28 -71.22 122.04
CA ARG E 221 21.22 -69.76 121.94
C ARG E 221 20.18 -69.20 122.90
N PRO E 222 20.39 -67.97 123.36
CA PRO E 222 19.31 -67.26 124.08
C PRO E 222 18.12 -67.00 123.17
N THR E 223 16.94 -67.07 123.75
CA THR E 223 15.69 -67.00 122.99
C THR E 223 15.27 -65.55 122.81
N TYR E 224 14.04 -65.35 122.32
CA TYR E 224 13.51 -64.01 122.15
C TYR E 224 13.10 -63.38 123.48
N THR E 225 12.93 -64.18 124.53
CA THR E 225 12.55 -63.62 125.82
C THR E 225 13.72 -62.90 126.47
N ASN E 226 14.92 -63.49 126.42
CA ASN E 226 16.10 -62.83 126.97
C ASN E 226 16.47 -61.60 126.16
N LEU E 227 16.35 -61.69 124.83
CA LEU E 227 16.56 -60.53 123.97
C LEU E 227 15.56 -59.43 124.25
N ASN E 228 14.29 -59.80 124.47
CA ASN E 228 13.26 -58.82 124.80
C ASN E 228 13.51 -58.15 126.14
N ARG E 229 13.95 -58.93 127.14
CA ARG E 229 14.21 -58.36 128.46
C ARG E 229 15.43 -57.44 128.44
N LEU E 230 16.50 -57.83 127.73
CA LEU E 230 17.67 -56.96 127.62
C LEU E 230 17.36 -55.70 126.81
N ILE E 231 16.60 -55.83 125.72
CA ILE E 231 16.23 -54.66 124.93
C ILE E 231 15.31 -53.73 125.71
N GLY E 232 14.41 -54.31 126.53
CA GLY E 232 13.59 -53.49 127.40
C GLY E 232 14.40 -52.76 128.45
N GLN E 233 15.44 -53.40 128.99
CA GLN E 233 16.35 -52.72 129.91
C GLN E 233 17.11 -51.59 129.22
N ILE E 234 17.56 -51.82 127.99
CA ILE E 234 18.30 -50.82 127.23
C ILE E 234 17.42 -49.60 126.95
N VAL E 235 16.21 -49.84 126.44
CA VAL E 235 15.29 -48.76 126.12
C VAL E 235 14.79 -48.05 127.39
N SER E 236 14.61 -48.80 128.49
CA SER E 236 14.21 -48.19 129.75
C SER E 236 15.28 -47.25 130.30
N SER E 237 16.56 -47.64 130.20
CA SER E 237 17.62 -46.73 130.62
C SER E 237 17.91 -45.65 129.59
N ILE E 238 17.51 -45.85 128.33
CA ILE E 238 17.55 -44.76 127.35
C ILE E 238 16.54 -43.69 127.71
N THR E 239 15.32 -44.10 128.03
CA THR E 239 14.22 -43.19 128.32
C THR E 239 14.03 -43.05 129.83
N ALA E 240 15.09 -43.31 130.61
CA ALA E 240 15.03 -43.08 132.05
C ALA E 240 15.00 -41.59 132.38
N SER E 241 15.71 -40.77 131.60
CA SER E 241 15.74 -39.34 131.85
C SER E 241 14.44 -38.65 131.52
N LEU E 242 13.61 -39.24 130.67
CA LEU E 242 12.36 -38.61 130.26
C LEU E 242 11.27 -38.81 131.32
N ARG E 243 11.38 -39.86 132.14
CA ARG E 243 10.38 -40.15 133.16
C ARG E 243 10.86 -39.79 134.56
N PHE E 244 11.98 -39.08 134.69
CA PHE E 244 12.53 -38.78 136.00
C PHE E 244 12.78 -37.29 136.18
N ASP E 245 13.50 -36.93 137.24
CA ASP E 245 13.82 -35.53 137.50
C ASP E 245 14.71 -34.96 136.40
N GLY E 246 14.56 -33.67 136.16
CA GLY E 246 15.12 -33.04 134.98
C GLY E 246 16.58 -32.62 135.08
N ALA E 247 17.45 -33.33 134.37
CA ALA E 247 18.84 -32.90 134.22
C ALA E 247 19.15 -32.53 132.77
N LEU E 248 18.91 -33.45 131.84
CA LEU E 248 18.99 -33.17 130.41
C LEU E 248 18.21 -34.26 129.68
N ASN E 249 17.92 -33.98 128.40
CA ASN E 249 17.23 -34.89 127.48
C ASN E 249 15.87 -35.33 128.02
N VAL E 250 15.15 -34.39 128.64
CA VAL E 250 13.84 -34.69 129.21
C VAL E 250 12.71 -34.43 128.25
N ASP E 251 13.01 -34.03 127.02
CA ASP E 251 11.98 -33.74 126.03
C ASP E 251 12.43 -34.26 124.68
N LEU E 252 11.46 -34.38 123.77
CA LEU E 252 11.74 -34.85 122.42
C LEU E 252 12.54 -33.81 121.63
N THR E 253 12.30 -32.53 121.90
CA THR E 253 13.11 -31.47 121.30
C THR E 253 14.54 -31.52 121.80
N GLU E 254 14.74 -31.88 123.07
CA GLU E 254 16.09 -32.06 123.61
C GLU E 254 16.81 -33.22 122.91
N PHE E 255 16.09 -34.32 122.67
CA PHE E 255 16.65 -35.44 121.91
C PHE E 255 16.98 -35.03 120.48
N GLN E 256 16.11 -34.25 119.85
CA GLN E 256 16.32 -33.86 118.47
C GLN E 256 17.43 -32.82 118.32
N THR E 257 17.70 -32.05 119.37
CA THR E 257 18.69 -30.98 119.29
C THR E 257 20.06 -31.35 119.85
N ASN E 258 20.13 -32.29 120.80
CA ASN E 258 21.41 -32.67 121.37
C ASN E 258 22.19 -33.65 120.50
N LEU E 259 21.53 -34.30 119.54
CA LEU E 259 22.17 -35.37 118.79
C LEU E 259 21.99 -35.28 117.27
N VAL E 260 21.02 -34.54 116.76
CA VAL E 260 20.63 -34.59 115.36
C VAL E 260 20.90 -33.24 114.72
N PRO E 261 22.02 -33.09 114.01
CA PRO E 261 22.28 -31.82 113.30
C PRO E 261 21.55 -31.70 111.96
N TYR E 262 21.37 -32.80 111.26
CA TYR E 262 20.88 -32.79 109.89
C TYR E 262 19.42 -33.23 109.83
N PRO E 263 18.69 -32.86 108.77
CA PRO E 263 17.34 -33.41 108.60
C PRO E 263 17.32 -34.90 108.29
N ARG E 264 18.42 -35.48 107.80
CA ARG E 264 18.46 -36.88 107.43
C ARG E 264 19.29 -37.75 108.36
N ILE E 265 20.31 -37.20 109.01
CA ILE E 265 21.23 -37.99 109.83
C ILE E 265 20.66 -37.98 111.25
N HIS E 266 19.79 -38.95 111.54
CA HIS E 266 19.15 -39.04 112.85
C HIS E 266 19.22 -40.46 113.38
N PHE E 267 20.41 -41.07 113.32
CA PHE E 267 20.62 -42.44 113.77
C PHE E 267 21.67 -42.47 114.87
N PRO E 268 21.27 -42.31 116.13
CA PRO E 268 22.23 -42.42 117.24
C PRO E 268 22.65 -43.86 117.48
N LEU E 269 23.62 -44.01 118.37
CA LEU E 269 24.14 -45.31 118.77
C LEU E 269 24.19 -45.37 120.29
N ALA E 270 23.63 -46.43 120.87
CA ALA E 270 23.68 -46.64 122.30
C ALA E 270 24.72 -47.71 122.65
N THR E 271 25.32 -47.57 123.83
CA THR E 271 26.30 -48.53 124.32
C THR E 271 26.12 -48.69 125.83
N TYR E 272 26.16 -49.93 126.31
CA TYR E 272 25.91 -50.23 127.71
C TYR E 272 27.03 -51.09 128.27
N ALA E 273 27.66 -50.61 129.32
CA ALA E 273 28.68 -51.33 130.08
C ALA E 273 28.16 -52.41 131.03
N PRO E 274 27.23 -52.12 132.00
CA PRO E 274 27.10 -53.12 133.08
C PRO E 274 26.17 -54.29 132.78
N VAL E 275 26.67 -55.23 131.99
CA VAL E 275 25.98 -56.48 131.70
C VAL E 275 26.75 -57.58 132.42
N ILE E 276 26.19 -58.06 133.53
CA ILE E 276 26.84 -59.09 134.33
C ILE E 276 25.83 -60.21 134.58
N SER E 277 26.35 -61.40 134.90
CA SER E 277 25.51 -62.57 135.14
C SER E 277 24.77 -62.42 136.47
N ALA E 278 23.52 -62.89 136.49
CA ALA E 278 22.71 -62.81 137.69
C ALA E 278 22.82 -64.10 138.51
N GLN E 285 34.18 -54.28 142.66
CA GLN E 285 33.15 -54.47 141.65
C GLN E 285 33.59 -53.89 140.30
N LEU E 286 33.00 -52.75 139.93
CA LEU E 286 33.31 -52.09 138.68
C LEU E 286 33.44 -50.60 138.94
N SER E 287 34.58 -50.01 138.57
CA SER E 287 34.79 -48.59 138.78
C SER E 287 34.10 -47.78 137.69
N VAL E 288 34.03 -46.46 137.92
CA VAL E 288 33.40 -45.56 136.96
C VAL E 288 34.24 -45.42 135.70
N ALA E 289 35.57 -45.44 135.84
CA ALA E 289 36.46 -45.25 134.70
C ALA E 289 36.37 -46.41 133.71
N GLU E 290 36.28 -47.65 134.22
CA GLU E 290 36.24 -48.80 133.32
C GLU E 290 34.87 -48.92 132.64
N ILE E 291 33.79 -48.61 133.35
CA ILE E 291 32.48 -48.66 132.73
C ILE E 291 32.25 -47.47 131.80
N THR E 292 32.98 -46.37 131.98
CA THR E 292 33.00 -45.34 130.95
C THR E 292 33.83 -45.80 129.76
N ASN E 293 34.92 -46.53 130.02
CA ASN E 293 35.74 -47.08 128.94
C ASN E 293 35.01 -48.18 128.19
N ALA E 294 34.20 -48.97 128.89
CA ALA E 294 33.43 -50.03 128.24
C ALA E 294 32.31 -49.47 127.36
N CYS E 295 31.86 -48.24 127.62
CA CYS E 295 30.90 -47.59 126.74
C CYS E 295 31.53 -47.14 125.42
N PHE E 296 32.85 -47.09 125.34
CA PHE E 296 33.54 -46.82 124.08
C PHE E 296 34.04 -48.08 123.39
N GLU E 297 33.76 -49.25 123.94
CA GLU E 297 34.17 -50.50 123.33
C GLU E 297 33.28 -50.81 122.13
N PRO E 298 33.87 -51.07 120.95
CA PRO E 298 33.04 -51.34 119.76
C PRO E 298 32.29 -52.66 119.82
N ALA E 299 32.70 -53.59 120.67
CA ALA E 299 32.03 -54.88 120.77
C ALA E 299 30.85 -54.87 121.74
N ASN E 300 30.66 -53.78 122.49
CA ASN E 300 29.54 -53.66 123.41
C ASN E 300 28.47 -52.70 122.92
N GLN E 301 28.57 -52.23 121.68
CA GLN E 301 27.60 -51.28 121.16
C GLN E 301 26.32 -52.01 120.75
N MET E 302 25.24 -51.24 120.64
CA MET E 302 23.96 -51.77 120.19
C MET E 302 23.86 -51.83 118.67
N VAL E 303 24.87 -51.37 117.95
CA VAL E 303 24.99 -51.56 116.50
C VAL E 303 26.35 -52.19 116.23
N LYS E 304 26.36 -53.26 115.44
CA LYS E 304 27.60 -53.97 115.13
C LYS E 304 28.37 -53.15 114.09
N CYS E 305 29.15 -52.19 114.59
CA CYS E 305 29.96 -51.33 113.72
C CYS E 305 31.13 -50.81 114.53
N ASP E 306 32.13 -50.29 113.82
CA ASP E 306 33.34 -49.76 114.44
C ASP E 306 33.32 -48.24 114.42
N PRO E 307 33.23 -47.57 115.57
CA PRO E 307 33.23 -46.10 115.58
C PRO E 307 34.59 -45.47 115.35
N ARG E 308 35.68 -46.25 115.43
CA ARG E 308 37.02 -45.69 115.30
C ARG E 308 37.34 -45.30 113.86
N HIS E 309 36.66 -45.88 112.88
CA HIS E 309 36.85 -45.47 111.49
C HIS E 309 36.03 -44.24 111.14
N GLY E 310 35.06 -43.85 111.98
CA GLY E 310 34.27 -42.67 111.78
C GLY E 310 34.61 -41.59 112.79
N LYS E 311 33.88 -40.48 112.66
CA LYS E 311 34.03 -39.33 113.54
C LYS E 311 32.75 -39.12 114.33
N TYR E 312 32.90 -38.79 115.61
CA TYR E 312 31.75 -38.53 116.45
C TYR E 312 31.10 -37.20 116.08
N MET E 313 29.86 -37.03 116.52
CA MET E 313 29.17 -35.77 116.31
C MET E 313 28.61 -35.24 117.63
N ALA E 314 28.27 -36.13 118.55
CA ALA E 314 27.69 -35.73 119.82
C ALA E 314 27.88 -36.85 120.82
N CYS E 315 27.62 -36.55 122.09
CA CYS E 315 27.68 -37.54 123.16
C CYS E 315 26.78 -37.07 124.30
N CYS E 316 25.85 -37.91 124.72
CA CYS E 316 24.98 -37.62 125.86
C CYS E 316 25.08 -38.80 126.82
N LEU E 317 26.05 -38.75 127.72
CA LEU E 317 26.25 -39.82 128.70
C LEU E 317 25.18 -39.70 129.78
N LEU E 318 24.43 -40.77 130.00
CA LEU E 318 23.37 -40.81 131.01
C LEU E 318 23.74 -41.86 132.05
N TYR E 319 24.04 -41.40 133.26
CA TYR E 319 24.45 -42.29 134.35
C TYR E 319 23.27 -42.60 135.25
N ARG E 320 23.17 -43.86 135.66
CA ARG E 320 22.12 -44.33 136.55
C ARG E 320 22.74 -44.92 137.82
N GLY E 321 22.03 -44.77 138.94
CA GLY E 321 22.51 -45.25 140.21
C GLY E 321 23.34 -44.22 140.95
N ASP E 322 23.88 -44.66 142.09
CA ASP E 322 24.67 -43.78 142.96
C ASP E 322 26.08 -43.66 142.37
N VAL E 323 26.23 -42.73 141.44
CA VAL E 323 27.50 -42.40 140.82
C VAL E 323 27.87 -40.99 141.25
N VAL E 324 29.01 -40.86 141.93
CA VAL E 324 29.47 -39.53 142.39
C VAL E 324 29.94 -38.71 141.18
N PRO E 325 29.49 -37.47 141.03
CA PRO E 325 29.84 -36.69 139.83
C PRO E 325 31.27 -36.17 139.81
N LYS E 326 32.04 -36.35 140.89
CA LYS E 326 33.42 -35.88 140.90
C LYS E 326 34.31 -36.76 140.01
N ASP E 327 34.14 -38.07 140.11
CA ASP E 327 34.98 -39.00 139.35
C ASP E 327 34.52 -39.18 137.92
N VAL E 328 33.32 -38.69 137.57
CA VAL E 328 32.87 -38.76 136.18
C VAL E 328 33.73 -37.87 135.29
N ASN E 329 34.11 -36.69 135.79
CA ASN E 329 35.00 -35.81 135.03
C ASN E 329 36.40 -36.39 134.90
N ALA E 330 36.89 -37.10 135.92
CA ALA E 330 38.17 -37.79 135.81
C ALA E 330 38.10 -38.93 134.80
N ALA E 331 36.98 -39.65 134.77
CA ALA E 331 36.76 -40.67 133.75
C ALA E 331 36.70 -40.05 132.35
N ILE E 332 36.09 -38.87 132.25
CA ILE E 332 36.02 -38.13 130.99
C ILE E 332 37.42 -37.74 130.53
N ALA E 333 38.25 -37.27 131.45
CA ALA E 333 39.63 -36.89 131.13
C ALA E 333 40.46 -38.10 130.69
N THR E 334 40.29 -39.24 131.38
CA THR E 334 41.03 -40.43 130.99
C THR E 334 40.54 -41.00 129.66
N ILE E 335 39.26 -40.79 129.33
CA ILE E 335 38.75 -41.15 128.01
C ILE E 335 39.34 -40.24 126.94
N LYS E 336 39.35 -38.92 127.20
CA LYS E 336 39.80 -37.95 126.21
C LYS E 336 41.30 -37.93 126.03
N THR E 337 42.07 -38.51 126.96
CA THR E 337 43.51 -38.62 126.75
C THR E 337 43.85 -39.61 125.64
N LYS E 338 42.99 -40.60 125.40
CA LYS E 338 43.21 -41.55 124.33
C LYS E 338 42.92 -40.92 122.98
N ARG E 339 43.67 -41.36 121.97
CA ARG E 339 43.57 -40.82 120.62
C ARG E 339 42.54 -41.54 119.76
N THR E 340 41.71 -42.39 120.37
CA THR E 340 40.71 -43.15 119.61
C THR E 340 39.59 -42.25 119.11
N ILE E 341 39.08 -41.38 119.97
CA ILE E 341 37.94 -40.54 119.62
C ILE E 341 38.43 -39.34 118.81
N GLN E 342 37.88 -39.18 117.61
CA GLN E 342 38.23 -38.08 116.71
C GLN E 342 36.96 -37.32 116.38
N PHE E 343 36.73 -36.22 117.09
CA PHE E 343 35.50 -35.45 116.94
C PHE E 343 35.49 -34.68 115.62
N VAL E 344 34.34 -34.08 115.32
CA VAL E 344 34.19 -33.19 114.18
C VAL E 344 34.80 -31.84 114.55
N ASP E 345 34.99 -30.98 113.55
CA ASP E 345 35.70 -29.71 113.74
C ASP E 345 34.81 -28.50 113.50
N TRP E 346 33.56 -28.54 114.00
CA TRP E 346 32.77 -27.32 114.14
C TRP E 346 32.05 -27.38 115.48
N CYS E 347 32.73 -26.90 116.53
CA CYS E 347 32.31 -26.86 117.93
C CYS E 347 31.74 -28.19 118.41
N PRO E 348 32.56 -29.24 118.55
CA PRO E 348 32.01 -30.57 118.80
C PRO E 348 31.51 -30.80 120.21
N THR E 349 31.81 -29.89 121.14
CA THR E 349 31.46 -29.94 122.59
C THR E 349 32.01 -31.24 123.16
N GLY E 350 31.26 -31.96 123.98
CA GLY E 350 31.77 -33.18 124.59
C GLY E 350 30.70 -34.04 125.22
N PHE E 351 31.06 -34.75 126.29
CA PHE E 351 30.17 -35.69 126.95
C PHE E 351 29.28 -34.93 127.92
N LYS E 352 28.03 -34.68 127.50
CA LYS E 352 27.07 -33.92 128.31
C LYS E 352 26.46 -34.86 129.33
N VAL E 353 27.17 -35.03 130.44
CA VAL E 353 26.79 -35.99 131.47
C VAL E 353 25.66 -35.42 132.32
N GLY E 354 24.57 -36.18 132.44
CA GLY E 354 23.56 -35.92 133.45
C GLY E 354 23.36 -37.18 134.27
N ILE E 355 23.25 -37.01 135.59
CA ILE E 355 23.26 -38.13 136.52
C ILE E 355 21.92 -38.17 137.23
N ASN E 356 21.25 -39.32 137.17
CA ASN E 356 20.04 -39.59 137.93
C ASN E 356 20.38 -40.47 139.11
N TYR E 357 20.00 -40.04 140.32
CA TYR E 357 20.41 -40.72 141.53
C TYR E 357 19.55 -41.93 141.87
N GLN E 358 18.44 -42.13 141.17
CA GLN E 358 17.63 -43.32 141.39
C GLN E 358 18.30 -44.53 140.73
N PRO E 359 18.54 -45.62 141.46
CA PRO E 359 19.16 -46.78 140.84
C PRO E 359 18.18 -47.48 139.91
N PRO E 360 18.68 -48.08 138.82
CA PRO E 360 17.78 -48.84 137.94
C PRO E 360 17.39 -50.16 138.58
N THR E 361 16.15 -50.57 138.34
CA THR E 361 15.60 -51.79 138.90
C THR E 361 15.54 -52.86 137.82
N VAL E 362 16.04 -54.05 138.14
CA VAL E 362 16.04 -55.17 137.22
C VAL E 362 14.86 -56.08 137.57
N VAL E 363 14.52 -56.96 136.62
CA VAL E 363 13.45 -57.93 136.83
C VAL E 363 13.87 -58.93 137.91
N PRO E 364 13.01 -59.20 138.91
CA PRO E 364 13.38 -60.16 139.96
C PRO E 364 13.49 -61.58 139.45
N GLY E 365 14.70 -62.14 139.49
CA GLY E 365 14.97 -63.45 138.91
C GLY E 365 14.83 -63.48 137.41
N GLY E 366 15.34 -62.46 136.72
CA GLY E 366 15.23 -62.40 135.27
C GLY E 366 16.51 -62.77 134.57
N ASP E 367 17.10 -61.81 133.87
CA ASP E 367 18.31 -62.05 133.09
C ASP E 367 19.47 -61.13 133.44
N LEU E 368 19.22 -59.96 134.04
CA LEU E 368 20.28 -59.02 134.40
C LEU E 368 20.28 -58.83 135.91
N ALA E 369 21.48 -58.83 136.49
CA ALA E 369 21.63 -58.63 137.92
C ALA E 369 21.46 -57.17 138.29
N LYS E 370 21.04 -56.93 139.54
CA LYS E 370 20.93 -55.58 140.05
C LYS E 370 22.33 -55.00 140.28
N VAL E 371 22.56 -53.80 139.75
CA VAL E 371 23.86 -53.15 139.83
C VAL E 371 23.66 -51.74 140.37
N GLN E 372 24.74 -51.17 140.90
CA GLN E 372 24.71 -49.83 141.49
C GLN E 372 25.22 -48.75 140.54
N ARG E 373 26.10 -49.10 139.61
CA ARG E 373 26.67 -48.15 138.67
C ARG E 373 26.24 -48.54 137.26
N ALA E 374 25.51 -47.66 136.59
CA ALA E 374 25.03 -47.88 135.24
C ALA E 374 25.32 -46.66 134.38
N VAL E 375 25.68 -46.91 133.13
CA VAL E 375 26.10 -45.84 132.23
C VAL E 375 25.63 -46.15 130.81
N CYS E 376 25.04 -45.16 130.15
CA CYS E 376 24.59 -45.29 128.77
C CYS E 376 25.18 -44.14 127.96
N MET E 377 25.59 -44.43 126.72
CA MET E 377 26.28 -43.48 125.87
C MET E 377 25.48 -43.26 124.59
N LEU E 378 24.58 -42.27 124.61
CA LEU E 378 23.85 -41.88 123.41
C LEU E 378 24.76 -41.02 122.55
N SER E 379 25.43 -41.63 121.59
CA SER E 379 26.42 -40.93 120.79
C SER E 379 26.09 -41.06 119.31
N ASN E 380 26.10 -39.93 118.61
CA ASN E 380 25.98 -39.92 117.16
C ASN E 380 27.35 -40.09 116.54
N THR E 381 27.41 -40.81 115.42
CA THR E 381 28.66 -41.00 114.70
C THR E 381 28.36 -41.26 113.24
N THR E 382 29.42 -41.43 112.45
CA THR E 382 29.30 -41.82 111.05
C THR E 382 29.53 -43.30 110.83
N ALA E 383 29.57 -44.10 111.90
CA ALA E 383 29.81 -45.53 111.79
C ALA E 383 28.56 -46.32 111.42
N ILE E 384 27.38 -45.69 111.45
CA ILE E 384 26.16 -46.35 110.98
C ILE E 384 26.16 -46.50 109.47
N ALA E 385 26.98 -45.71 108.76
CA ALA E 385 27.09 -45.81 107.31
C ALA E 385 27.63 -47.16 106.86
N GLU E 386 28.42 -47.83 107.70
CA GLU E 386 28.84 -49.21 107.42
C GLU E 386 27.64 -50.15 107.42
N ALA E 387 26.73 -50.00 108.39
CA ALA E 387 25.53 -50.82 108.45
C ALA E 387 24.62 -50.55 107.25
N TRP E 388 24.48 -49.28 106.86
CA TRP E 388 23.68 -48.97 105.69
C TRP E 388 24.34 -49.45 104.40
N ALA E 389 25.67 -49.48 104.35
CA ALA E 389 26.38 -50.05 103.22
C ALA E 389 26.17 -51.56 103.13
N ARG E 390 26.15 -52.25 104.28
CA ARG E 390 25.83 -53.68 104.30
C ARG E 390 24.40 -53.94 103.82
N LEU E 391 23.45 -53.12 104.27
CA LEU E 391 22.06 -53.28 103.87
C LEU E 391 21.86 -52.99 102.39
N ASP E 392 22.56 -51.99 101.85
CA ASP E 392 22.44 -51.70 100.43
C ASP E 392 23.20 -52.71 99.58
N HIS E 393 24.25 -53.33 100.14
CA HIS E 393 24.93 -54.40 99.43
C HIS E 393 24.04 -55.64 99.33
N LYS E 394 23.33 -55.96 100.42
CA LYS E 394 22.34 -57.04 100.35
C LYS E 394 21.17 -56.68 99.44
N PHE E 395 20.78 -55.40 99.41
CA PHE E 395 19.75 -54.94 98.49
C PHE E 395 20.21 -55.02 97.04
N ASP E 396 21.48 -54.68 96.78
CA ASP E 396 21.96 -54.70 95.40
C ASP E 396 22.19 -56.11 94.90
N LEU E 397 22.47 -57.07 95.81
CA LEU E 397 22.65 -58.45 95.39
C LEU E 397 21.34 -59.09 94.96
N MET E 398 20.23 -58.67 95.55
CA MET E 398 18.92 -59.23 95.26
C MET E 398 18.13 -58.40 94.27
N TYR E 399 18.75 -57.40 93.65
CA TYR E 399 18.10 -56.58 92.64
C TYR E 399 18.80 -56.60 91.29
N ALA E 400 19.98 -57.20 91.20
CA ALA E 400 20.63 -57.34 89.89
C ALA E 400 19.85 -58.30 89.00
N LYS E 401 19.26 -59.34 89.58
CA LYS E 401 18.45 -60.30 88.85
C LYS E 401 16.95 -60.16 89.12
N ARG E 402 16.56 -59.06 89.78
CA ARG E 402 15.17 -58.73 90.12
C ARG E 402 14.51 -59.83 90.97
N ALA E 403 15.25 -60.35 91.94
CA ALA E 403 14.73 -61.39 92.81
C ALA E 403 13.68 -60.83 93.75
N PHE E 404 12.63 -61.63 93.98
CA PHE E 404 11.54 -61.35 94.92
C PHE E 404 10.77 -60.08 94.59
N VAL E 405 10.84 -59.60 93.35
CA VAL E 405 10.27 -58.31 92.99
C VAL E 405 8.75 -58.40 92.94
N HIS E 406 8.21 -59.50 92.42
CA HIS E 406 6.79 -59.62 92.10
C HIS E 406 5.87 -59.61 93.32
N TRP E 407 6.40 -59.91 94.52
CA TRP E 407 5.56 -59.88 95.71
C TRP E 407 5.18 -58.46 96.11
N TYR E 408 5.90 -57.45 95.64
CA TYR E 408 5.61 -56.06 95.95
C TYR E 408 4.84 -55.36 94.85
N VAL E 409 5.09 -55.70 93.58
CA VAL E 409 4.37 -55.09 92.47
C VAL E 409 2.92 -55.55 92.45
N GLY E 410 2.63 -56.74 93.00
CA GLY E 410 1.28 -57.24 93.03
C GLY E 410 0.37 -56.57 94.04
N GLU E 411 0.91 -55.70 94.89
CA GLU E 411 0.12 -54.95 95.85
C GLU E 411 -0.03 -53.49 95.46
N GLY E 412 0.30 -53.14 94.22
CA GLY E 412 0.06 -51.80 93.69
C GLY E 412 1.29 -50.94 93.55
N MET E 413 2.42 -51.31 94.16
CA MET E 413 3.63 -50.52 93.99
C MET E 413 4.24 -50.72 92.61
N GLU E 414 5.09 -49.79 92.22
CA GLU E 414 5.72 -49.81 90.91
C GLU E 414 7.13 -50.38 91.01
N GLU E 415 7.72 -50.66 89.84
CA GLU E 415 9.10 -51.09 89.79
C GLU E 415 10.07 -49.97 90.16
N GLY E 416 9.69 -48.72 89.88
CA GLY E 416 10.57 -47.60 90.12
C GLY E 416 10.74 -47.21 91.58
N GLU E 417 9.92 -47.77 92.47
CA GLU E 417 10.09 -47.48 93.90
C GLU E 417 11.37 -48.08 94.46
N PHE E 418 11.79 -49.24 93.94
CA PHE E 418 13.06 -49.84 94.37
C PHE E 418 14.24 -49.02 93.89
N SER E 419 14.19 -48.50 92.66
CA SER E 419 15.24 -47.63 92.16
C SER E 419 15.27 -46.30 92.92
N GLU E 420 14.08 -45.79 93.30
CA GLU E 420 14.01 -44.59 94.10
C GLU E 420 14.60 -44.79 95.49
N ALA E 421 14.32 -45.92 96.13
CA ALA E 421 14.92 -46.23 97.43
C ALA E 421 16.41 -46.45 97.32
N ARG E 422 16.87 -47.05 96.21
CA ARG E 422 18.31 -47.20 95.98
C ARG E 422 18.99 -45.84 95.80
N GLU E 423 18.35 -44.92 95.08
CA GLU E 423 18.89 -43.57 94.94
C GLU E 423 18.92 -42.83 96.26
N ASP E 424 17.88 -43.01 97.08
CA ASP E 424 17.83 -42.40 98.41
C ASP E 424 18.92 -42.94 99.33
N MET E 425 19.16 -44.26 99.28
CA MET E 425 20.22 -44.83 100.10
C MET E 425 21.60 -44.44 99.60
N ALA E 426 21.76 -44.28 98.28
CA ALA E 426 23.02 -43.77 97.74
C ALA E 426 23.25 -42.33 98.18
N ALA E 427 22.19 -41.52 98.22
CA ALA E 427 22.30 -40.15 98.71
C ALA E 427 22.62 -40.12 100.20
N LEU E 428 22.05 -41.04 100.98
CA LEU E 428 22.35 -41.12 102.41
C LEU E 428 23.81 -41.52 102.64
N GLU E 429 24.31 -42.48 101.87
CA GLU E 429 25.72 -42.88 101.98
C GLU E 429 26.65 -41.75 101.55
N LYS E 430 26.27 -41.02 100.49
CA LYS E 430 27.07 -39.89 100.04
C LYS E 430 27.10 -38.78 101.06
N ASP E 431 25.97 -38.52 101.73
CA ASP E 431 25.92 -37.49 102.75
C ASP E 431 26.70 -37.89 104.00
N TYR E 432 26.68 -39.19 104.34
CA TYR E 432 27.51 -39.67 105.44
C TYR E 432 28.99 -39.55 105.11
N GLU E 433 29.37 -39.81 103.86
CA GLU E 433 30.76 -39.63 103.43
C GLU E 433 31.15 -38.15 103.43
N GLU E 434 30.23 -37.27 103.01
CA GLU E 434 30.53 -35.84 102.99
C GLU E 434 30.64 -35.26 104.39
N VAL E 435 29.87 -35.80 105.35
CA VAL E 435 30.10 -35.45 106.75
C VAL E 435 31.44 -36.00 107.22
N GLY E 436 31.78 -37.22 106.80
CA GLY E 436 33.03 -37.84 107.20
C GLY E 436 34.28 -37.27 106.54
N VAL E 437 34.13 -36.45 105.50
CA VAL E 437 35.24 -35.84 104.80
C VAL E 437 35.23 -34.34 105.09
N ASP E 438 36.34 -33.83 105.63
CA ASP E 438 36.46 -32.41 105.96
C ASP E 438 36.49 -31.54 104.71
N MET F 1 17.00 18.21 131.80
CA MET F 1 17.85 17.22 131.15
C MET F 1 17.02 16.32 130.24
N ARG F 2 17.69 15.75 129.23
CA ARG F 2 17.03 14.82 128.32
C ARG F 2 16.77 13.48 129.02
N GLU F 3 16.03 12.62 128.33
CA GLU F 3 15.59 11.36 128.92
C GLU F 3 15.95 10.21 127.99
N ILE F 4 16.64 9.20 128.54
CA ILE F 4 16.96 7.97 127.83
C ILE F 4 16.12 6.85 128.42
N VAL F 5 15.53 6.03 127.55
CA VAL F 5 14.79 4.84 127.96
C VAL F 5 15.70 3.64 127.78
N HIS F 6 15.94 2.92 128.86
CA HIS F 6 16.85 1.78 128.85
C HIS F 6 16.09 0.50 128.51
N LEU F 7 16.68 -0.30 127.63
CA LEU F 7 16.07 -1.55 127.19
C LEU F 7 17.07 -2.69 127.34
N GLN F 8 16.66 -3.75 128.04
CA GLN F 8 17.46 -4.96 128.21
C GLN F 8 16.67 -6.14 127.69
N ILE F 9 17.26 -6.88 126.76
CA ILE F 9 16.61 -8.04 126.15
C ILE F 9 17.50 -9.26 126.37
N GLY F 10 16.90 -10.33 126.88
CA GLY F 10 17.62 -11.55 127.16
C GLY F 10 18.09 -11.63 128.59
N GLN F 11 18.44 -12.85 129.02
CA GLN F 11 18.92 -13.03 130.39
C GLN F 11 20.32 -12.48 130.57
N CYS F 12 21.14 -12.50 129.51
CA CYS F 12 22.43 -11.83 129.56
C CYS F 12 22.25 -10.33 129.70
N GLY F 13 21.33 -9.76 128.93
CA GLY F 13 21.02 -8.35 129.05
C GLY F 13 20.43 -8.01 130.40
N ASN F 14 19.57 -8.88 130.94
CA ASN F 14 18.98 -8.65 132.25
C ASN F 14 20.02 -8.70 133.36
N GLN F 15 20.93 -9.68 133.31
CA GLN F 15 21.94 -9.84 134.36
C GLN F 15 22.95 -8.70 134.33
N ILE F 16 23.48 -8.39 133.14
CA ILE F 16 24.45 -7.30 133.02
C ILE F 16 23.79 -5.96 133.31
N GLY F 17 22.51 -5.80 132.93
CA GLY F 17 21.80 -4.57 133.26
C GLY F 17 21.56 -4.41 134.75
N ALA F 18 21.25 -5.51 135.45
CA ALA F 18 21.07 -5.44 136.90
C ALA F 18 22.38 -5.09 137.61
N LYS F 19 23.49 -5.71 137.19
CA LYS F 19 24.79 -5.36 137.78
C LYS F 19 25.19 -3.92 137.45
N PHE F 20 24.92 -3.49 136.22
CA PHE F 20 25.23 -2.12 135.79
C PHE F 20 24.41 -1.10 136.56
N TRP F 21 23.11 -1.37 136.76
CA TRP F 21 22.25 -0.48 137.52
C TRP F 21 22.66 -0.43 138.99
N GLU F 22 23.12 -1.56 139.54
CA GLU F 22 23.62 -1.56 140.91
C GLU F 22 24.89 -0.72 141.04
N VAL F 23 25.79 -0.83 140.07
CA VAL F 23 27.01 -0.03 140.07
C VAL F 23 26.69 1.46 139.93
N ILE F 24 25.72 1.80 139.07
CA ILE F 24 25.33 3.19 138.87
C ILE F 24 24.69 3.77 140.12
N SER F 25 23.76 3.02 140.74
CA SER F 25 23.08 3.50 141.93
C SER F 25 24.02 3.56 143.14
N ASP F 26 25.08 2.75 143.15
CA ASP F 26 26.13 2.95 144.14
C ASP F 26 26.94 4.20 143.83
N GLU F 27 27.22 4.45 142.55
CA GLU F 27 28.02 5.62 142.18
C GLU F 27 27.24 6.91 142.34
N HIS F 28 25.96 6.90 142.00
CA HIS F 28 25.14 8.10 142.07
C HIS F 28 24.57 8.38 143.45
N GLY F 29 24.84 7.52 144.43
CA GLY F 29 24.34 7.71 145.77
C GLY F 29 22.84 7.54 145.91
N ILE F 30 22.27 6.54 145.25
CA ILE F 30 20.84 6.24 145.31
C ILE F 30 20.66 4.94 146.07
N ASP F 31 19.80 4.94 147.07
CA ASP F 31 19.56 3.76 147.90
C ASP F 31 18.52 2.86 147.23
N ILE F 32 18.11 1.80 147.93
CA ILE F 32 17.15 0.86 147.37
C ILE F 32 15.74 1.44 147.36
N ALA F 33 15.47 2.48 148.15
CA ALA F 33 14.17 3.13 148.16
C ALA F 33 14.07 4.27 147.14
N GLY F 34 15.12 4.53 146.38
CA GLY F 34 15.09 5.56 145.37
C GLY F 34 15.34 6.97 145.86
N ASN F 35 15.81 7.13 147.09
CA ASN F 35 16.09 8.45 147.65
C ASN F 35 17.57 8.76 147.58
N TYR F 36 17.89 10.04 147.35
CA TYR F 36 19.28 10.44 147.24
C TYR F 36 19.96 10.44 148.59
N CYS F 37 21.14 9.82 148.65
CA CYS F 37 21.93 9.78 149.89
C CYS F 37 23.41 10.05 149.64
N GLY F 38 23.77 10.63 148.49
CA GLY F 38 25.15 10.92 148.20
C GLY F 38 25.62 12.20 148.87
N ASN F 39 26.92 12.45 148.73
CA ASN F 39 27.57 13.60 149.34
C ASN F 39 28.02 14.65 148.33
N ALA F 40 27.72 14.48 147.06
CA ALA F 40 28.16 15.40 146.02
C ALA F 40 26.97 15.90 145.22
N SER F 41 26.97 17.19 144.90
CA SER F 41 25.89 17.75 144.10
C SER F 41 25.99 17.37 142.63
N LEU F 42 27.13 16.85 142.19
CA LEU F 42 27.26 16.39 140.82
C LEU F 42 26.52 15.08 140.59
N GLN F 43 26.30 14.30 141.64
CA GLN F 43 25.56 13.04 141.50
C GLN F 43 24.09 13.28 141.19
N LEU F 44 23.49 14.29 141.82
CA LEU F 44 22.11 14.66 141.50
C LEU F 44 21.99 15.39 140.18
N GLU F 45 23.09 15.96 139.68
CA GLU F 45 23.08 16.59 138.36
C GLU F 45 23.10 15.52 137.28
N ARG F 46 22.34 15.78 136.20
CA ARG F 46 22.19 14.90 135.05
C ARG F 46 21.69 13.51 135.47
N ILE F 47 20.71 13.47 136.36
CA ILE F 47 20.12 12.22 136.82
C ILE F 47 18.85 11.86 136.04
N ASN F 48 18.29 12.79 135.27
CA ASN F 48 17.05 12.54 134.56
C ASN F 48 17.25 11.73 133.28
N VAL F 49 18.49 11.48 132.87
CA VAL F 49 18.73 10.64 131.71
C VAL F 49 18.40 9.18 132.00
N TYR F 50 18.61 8.74 133.24
CA TYR F 50 18.48 7.33 133.60
C TYR F 50 17.37 7.06 134.61
N PHE F 51 17.20 7.92 135.60
CA PHE F 51 16.30 7.68 136.72
C PHE F 51 15.07 8.58 136.61
N ASN F 52 13.90 7.97 136.54
CA ASN F 52 12.65 8.71 136.52
C ASN F 52 12.30 9.17 137.93
N GLU F 53 11.86 10.41 138.05
CA GLU F 53 11.51 10.99 139.34
C GLU F 53 10.05 10.66 139.66
N ALA F 54 9.84 9.76 140.61
CA ALA F 54 8.51 9.42 141.06
C ALA F 54 8.14 10.31 142.25
N TYR F 55 7.02 9.99 142.90
CA TYR F 55 6.58 10.78 144.05
C TYR F 55 7.41 10.47 145.28
N SER F 56 7.49 11.47 146.17
CA SER F 56 8.15 11.39 147.48
C SER F 56 9.64 11.01 147.35
N HIS F 57 10.32 11.72 146.44
CA HIS F 57 11.77 11.63 146.23
C HIS F 57 12.22 10.21 145.87
N LYS F 58 11.50 9.59 144.94
CA LYS F 58 11.77 8.23 144.49
C LYS F 58 12.34 8.29 143.08
N TYR F 59 13.63 7.98 142.95
CA TYR F 59 14.31 7.98 141.65
C TYR F 59 14.39 6.54 141.16
N VAL F 60 13.38 6.13 140.41
CA VAL F 60 13.34 4.78 139.85
C VAL F 60 13.90 4.80 138.43
N PRO F 61 14.62 3.77 138.01
CA PRO F 61 15.15 3.74 136.64
C PRO F 61 14.05 3.51 135.62
N ARG F 62 14.26 4.08 134.43
CA ARG F 62 13.35 3.85 133.30
C ARG F 62 13.82 2.67 132.46
N SER F 63 13.95 1.52 133.12
CA SER F 63 14.48 0.31 132.50
C SER F 63 13.33 -0.60 132.09
N ILE F 64 13.40 -1.10 130.87
CA ILE F 64 12.41 -2.05 130.34
C ILE F 64 13.11 -3.40 130.25
N LEU F 65 12.91 -4.24 131.26
CA LEU F 65 13.48 -5.58 131.26
C LEU F 65 12.59 -6.50 130.43
N VAL F 66 13.12 -7.02 129.32
CA VAL F 66 12.38 -7.86 128.40
C VAL F 66 13.05 -9.22 128.34
N ASP F 67 12.25 -10.28 128.49
CA ASP F 67 12.71 -11.65 128.36
C ASP F 67 11.54 -12.52 127.92
N LEU F 68 11.82 -13.80 127.69
CA LEU F 68 10.77 -14.75 127.33
C LEU F 68 10.62 -15.85 128.37
N GLU F 69 11.31 -15.75 129.51
CA GLU F 69 11.19 -16.69 130.60
C GLU F 69 11.05 -15.93 131.91
N PRO F 70 10.14 -16.37 132.80
CA PRO F 70 9.93 -15.63 134.05
C PRO F 70 10.96 -15.93 135.12
N GLY F 71 11.85 -16.91 134.90
CA GLY F 71 12.90 -17.18 135.87
C GLY F 71 13.90 -16.05 135.97
N THR F 72 14.19 -15.40 134.85
CA THR F 72 15.09 -14.25 134.87
C THR F 72 14.46 -13.06 135.61
N MET F 73 13.15 -12.87 135.43
CA MET F 73 12.45 -11.83 136.17
C MET F 73 12.40 -12.14 137.66
N ASP F 74 12.24 -13.41 138.02
CA ASP F 74 12.28 -13.79 139.43
C ASP F 74 13.67 -13.61 140.02
N SER F 75 14.71 -13.86 139.22
CA SER F 75 16.08 -13.61 139.68
C SER F 75 16.37 -12.12 139.83
N VAL F 76 15.77 -11.29 138.96
CA VAL F 76 15.90 -9.84 139.09
C VAL F 76 15.19 -9.35 140.34
N ARG F 77 13.97 -9.84 140.58
CA ARG F 77 13.21 -9.42 141.75
C ARG F 77 13.81 -9.95 143.05
N SER F 78 14.49 -11.09 143.00
CA SER F 78 15.13 -11.66 144.18
C SER F 78 16.41 -10.92 144.57
N SER F 79 16.97 -10.11 143.69
CA SER F 79 18.20 -9.38 143.98
C SER F 79 17.90 -8.14 144.82
N LYS F 80 18.96 -7.36 145.09
CA LYS F 80 18.81 -6.19 145.95
C LYS F 80 18.13 -5.04 145.22
N ILE F 81 18.28 -4.96 143.90
CA ILE F 81 17.74 -3.84 143.13
C ILE F 81 16.35 -4.13 142.58
N GLY F 82 15.77 -5.28 142.92
CA GLY F 82 14.44 -5.66 142.49
C GLY F 82 13.31 -4.72 142.88
N PRO F 83 13.19 -4.37 144.17
CA PRO F 83 12.23 -3.32 144.56
C PRO F 83 12.57 -1.94 144.01
N LEU F 84 13.83 -1.68 143.65
CA LEU F 84 14.19 -0.37 143.11
C LEU F 84 13.64 -0.19 141.69
N PHE F 85 13.60 -1.26 140.90
CA PHE F 85 13.12 -1.17 139.53
C PHE F 85 11.61 -0.95 139.49
N ARG F 86 11.13 -0.46 138.36
CA ARG F 86 9.70 -0.22 138.18
C ARG F 86 8.97 -1.55 137.98
N PRO F 87 7.99 -1.89 138.81
CA PRO F 87 7.27 -3.17 138.62
C PRO F 87 6.37 -3.19 137.41
N ASP F 88 5.90 -2.03 136.93
CA ASP F 88 5.04 -1.98 135.76
C ASP F 88 5.81 -2.18 134.46
N ASN F 89 7.13 -2.05 134.49
CA ASN F 89 7.95 -2.16 133.30
C ASN F 89 8.45 -3.57 133.04
N PHE F 90 8.02 -4.55 133.85
CA PHE F 90 8.44 -5.93 133.66
C PHE F 90 7.63 -6.56 132.53
N ILE F 91 8.33 -7.10 131.53
CA ILE F 91 7.70 -7.82 130.43
C ILE F 91 8.42 -9.16 130.30
N HIS F 92 7.67 -10.26 130.40
CA HIS F 92 8.24 -11.59 130.32
C HIS F 92 7.29 -12.50 129.56
N GLY F 93 7.86 -13.35 128.70
CA GLY F 93 7.10 -14.33 127.98
C GLY F 93 6.93 -15.62 128.76
N ASN F 94 6.24 -16.57 128.14
CA ASN F 94 5.97 -17.86 128.76
C ASN F 94 7.03 -18.89 128.40
N SER F 95 7.39 -18.99 127.13
CA SER F 95 8.35 -19.96 126.64
C SER F 95 9.52 -19.24 125.99
N GLY F 96 10.73 -19.59 126.43
CA GLY F 96 11.91 -19.01 125.84
C GLY F 96 12.20 -19.57 124.46
N ALA F 97 12.99 -18.83 123.70
CA ALA F 97 13.36 -19.28 122.37
C ALA F 97 14.41 -20.38 122.40
N GLY F 98 15.33 -20.31 123.37
CA GLY F 98 16.34 -21.32 123.55
C GLY F 98 17.33 -21.39 122.40
N ASN F 99 18.12 -20.34 122.23
CA ASN F 99 19.15 -20.21 121.18
C ASN F 99 18.56 -20.33 119.77
N ASN F 100 17.31 -19.93 119.61
CA ASN F 100 16.63 -19.92 118.31
C ASN F 100 16.40 -18.47 117.90
N TRP F 101 17.14 -18.02 116.89
CA TRP F 101 16.99 -16.63 116.43
C TRP F 101 15.71 -16.44 115.64
N ALA F 102 15.33 -17.45 114.84
CA ALA F 102 14.11 -17.34 114.04
C ALA F 102 12.87 -17.32 114.93
N LYS F 103 12.89 -18.06 116.04
CA LYS F 103 11.74 -18.10 116.93
C LYS F 103 11.60 -16.80 117.70
N GLY F 104 12.69 -16.11 117.97
CA GLY F 104 12.65 -14.82 118.62
C GLY F 104 12.59 -13.64 117.68
N HIS F 105 12.68 -13.88 116.37
CA HIS F 105 12.62 -12.82 115.38
C HIS F 105 11.38 -12.87 114.50
N TYR F 106 10.67 -13.99 114.46
CA TYR F 106 9.55 -14.10 113.53
C TYR F 106 8.24 -14.50 114.19
N THR F 107 8.31 -15.27 115.29
CA THR F 107 7.10 -15.75 115.94
C THR F 107 6.89 -15.19 117.33
N GLU F 108 7.83 -15.40 118.25
CA GLU F 108 7.62 -15.00 119.63
C GLU F 108 8.02 -13.55 119.87
N GLY F 109 9.11 -13.11 119.24
CA GLY F 109 9.42 -11.70 119.24
C GLY F 109 8.35 -10.88 118.54
N ALA F 110 7.76 -11.43 117.47
CA ALA F 110 6.66 -10.75 116.80
C ALA F 110 5.41 -10.75 117.66
N GLU F 111 5.18 -11.81 118.44
CA GLU F 111 3.98 -11.85 119.28
C GLU F 111 4.11 -11.02 120.55
N LEU F 112 5.32 -10.68 120.98
CA LEU F 112 5.48 -9.80 122.14
C LEU F 112 5.94 -8.39 121.77
N ILE F 113 6.23 -8.13 120.49
CA ILE F 113 6.68 -6.81 120.09
C ILE F 113 5.55 -5.79 120.13
N GLU F 114 4.29 -6.22 120.06
CA GLU F 114 3.18 -5.26 120.20
C GLU F 114 3.07 -4.79 121.64
N ASN F 115 3.25 -5.69 122.62
CA ASN F 115 3.25 -5.29 124.02
C ASN F 115 4.45 -4.42 124.35
N VAL F 116 5.63 -4.75 123.82
CA VAL F 116 6.79 -3.91 124.12
C VAL F 116 6.68 -2.57 123.36
N MET F 117 5.96 -2.55 122.23
CA MET F 117 5.67 -1.30 121.54
C MET F 117 4.71 -0.42 122.34
N ASP F 118 3.71 -1.03 122.98
CA ASP F 118 2.80 -0.27 123.84
C ASP F 118 3.55 0.30 125.04
N VAL F 119 4.47 -0.48 125.63
CA VAL F 119 5.25 0.01 126.77
C VAL F 119 6.19 1.14 126.34
N VAL F 120 6.85 0.99 125.19
CA VAL F 120 7.76 2.02 124.69
C VAL F 120 6.98 3.29 124.32
N ARG F 121 5.81 3.15 123.70
CA ARG F 121 4.99 4.31 123.36
C ARG F 121 4.42 4.99 124.61
N ASN F 122 4.08 4.23 125.64
CA ASN F 122 3.63 4.81 126.90
C ASN F 122 4.76 5.58 127.57
N GLU F 123 5.99 5.06 127.51
CA GLU F 123 7.12 5.80 128.07
C GLU F 123 7.45 7.03 127.24
N CYS F 124 7.38 6.92 125.92
CA CYS F 124 7.81 7.99 125.02
C CYS F 124 6.81 9.13 124.93
N GLU F 125 5.51 8.83 125.07
CA GLU F 125 4.51 9.90 125.00
C GLU F 125 4.51 10.77 126.24
N SER F 126 5.08 10.29 127.34
CA SER F 126 5.27 11.11 128.54
C SER F 126 6.60 11.86 128.53
N CYS F 127 7.45 11.63 127.54
CA CYS F 127 8.71 12.35 127.45
C CYS F 127 8.49 13.79 127.03
N ASP F 128 9.13 14.72 127.74
CA ASP F 128 9.22 16.09 127.25
C ASP F 128 10.04 16.15 125.96
N CYS F 129 11.15 15.41 125.92
CA CYS F 129 11.93 15.23 124.70
C CYS F 129 12.68 13.93 124.82
N LEU F 130 12.81 13.21 123.70
CA LEU F 130 13.48 11.93 123.66
C LEU F 130 14.91 12.12 123.19
N GLN F 131 15.86 11.57 123.94
CA GLN F 131 17.27 11.61 123.54
C GLN F 131 17.63 10.40 122.69
N GLY F 132 17.24 9.21 123.11
CA GLY F 132 17.52 8.01 122.36
C GLY F 132 17.17 6.78 123.17
N PHE F 133 17.56 5.63 122.64
CA PHE F 133 17.34 4.34 123.28
C PHE F 133 18.66 3.62 123.44
N GLN F 134 18.92 3.14 124.64
CA GLN F 134 20.11 2.34 124.93
C GLN F 134 19.68 0.87 125.03
N LEU F 135 20.29 0.02 124.23
CA LEU F 135 19.93 -1.39 124.15
C LEU F 135 21.12 -2.23 124.61
N ILE F 136 20.86 -3.20 125.47
CA ILE F 136 21.89 -4.10 125.96
C ILE F 136 21.39 -5.54 125.78
N HIS F 137 22.07 -6.31 124.94
CA HIS F 137 21.63 -7.65 124.59
C HIS F 137 22.82 -8.44 124.08
N SER F 138 22.60 -9.74 123.89
CA SER F 138 23.62 -10.67 123.41
C SER F 138 23.26 -11.17 122.02
N LEU F 139 24.25 -11.23 121.14
CA LEU F 139 24.02 -11.60 119.75
C LEU F 139 23.90 -13.11 119.54
N GLY F 140 24.14 -13.92 120.56
CA GLY F 140 24.15 -15.36 120.40
C GLY F 140 22.88 -16.10 120.76
N GLY F 141 22.13 -15.57 121.72
CA GLY F 141 20.99 -16.26 122.26
C GLY F 141 19.78 -16.24 121.35
N GLY F 142 18.67 -16.72 121.89
CA GLY F 142 17.48 -16.90 121.08
C GLY F 142 16.51 -15.74 121.07
N THR F 143 16.07 -15.30 122.24
CA THR F 143 15.20 -14.13 122.30
C THR F 143 15.97 -12.84 122.41
N GLY F 144 17.21 -12.89 122.90
CA GLY F 144 18.06 -11.72 123.04
C GLY F 144 18.34 -11.07 121.71
N SER F 145 19.07 -11.78 120.83
CA SER F 145 19.46 -11.20 119.55
C SER F 145 18.27 -10.96 118.63
N GLY F 146 17.36 -11.94 118.54
CA GLY F 146 16.22 -11.80 117.64
C GLY F 146 15.24 -10.72 118.07
N MET F 147 14.91 -10.69 119.36
CA MET F 147 14.00 -9.66 119.84
C MET F 147 14.65 -8.30 119.89
N GLY F 148 15.97 -8.24 120.10
CA GLY F 148 16.67 -6.98 120.03
C GLY F 148 16.69 -6.39 118.64
N THR F 149 16.91 -7.23 117.62
CA THR F 149 16.89 -6.73 116.26
C THR F 149 15.48 -6.38 115.80
N LEU F 150 14.46 -7.11 116.28
CA LEU F 150 13.08 -6.74 115.96
C LEU F 150 12.68 -5.43 116.64
N LEU F 151 13.11 -5.23 117.88
CA LEU F 151 12.87 -3.96 118.57
C LEU F 151 13.60 -2.81 117.89
N ILE F 152 14.82 -3.08 117.38
CA ILE F 152 15.59 -2.08 116.65
C ILE F 152 14.86 -1.67 115.38
N ASN F 153 14.34 -2.65 114.63
CA ASN F 153 13.59 -2.34 113.41
C ASN F 153 12.31 -1.58 113.72
N LYS F 154 11.62 -1.94 114.80
CA LYS F 154 10.37 -1.26 115.16
C LYS F 154 10.63 0.17 115.63
N ILE F 155 11.71 0.38 116.38
CA ILE F 155 12.05 1.72 116.86
C ILE F 155 12.50 2.60 115.70
N ARG F 156 13.29 2.05 114.77
CA ARG F 156 13.71 2.80 113.59
C ARG F 156 12.53 3.12 112.67
N GLU F 157 11.51 2.27 112.65
CA GLU F 157 10.30 2.62 111.90
C GLU F 157 9.52 3.72 112.60
N GLU F 158 9.35 3.63 113.92
CA GLU F 158 8.55 4.62 114.62
C GLU F 158 9.27 5.96 114.81
N TYR F 159 10.55 5.92 115.21
CA TYR F 159 11.30 7.14 115.52
C TYR F 159 12.56 7.18 114.69
N PRO F 160 12.48 7.61 113.42
CA PRO F 160 13.66 7.64 112.56
C PRO F 160 14.65 8.75 112.90
N ASP F 161 14.27 9.71 113.74
CA ASP F 161 15.14 10.82 114.10
C ASP F 161 15.73 10.65 115.49
N ARG F 162 15.85 9.42 115.99
CA ARG F 162 16.40 9.16 117.30
C ARG F 162 17.55 8.18 117.18
N ILE F 163 18.53 8.33 118.07
CA ILE F 163 19.72 7.49 118.02
C ILE F 163 19.41 6.11 118.59
N MET F 164 20.22 5.13 118.21
CA MET F 164 20.07 3.75 118.67
C MET F 164 21.44 3.26 119.13
N ASN F 165 21.63 3.18 120.44
CA ASN F 165 22.89 2.75 121.03
C ASN F 165 22.73 1.32 121.53
N THR F 166 23.61 0.43 121.08
CA THR F 166 23.48 -0.99 121.34
C THR F 166 24.74 -1.53 121.99
N PHE F 167 24.58 -2.19 123.13
CA PHE F 167 25.69 -2.89 123.79
C PHE F 167 25.66 -4.37 123.40
N SER F 168 25.91 -4.61 122.12
CA SER F 168 25.76 -5.94 121.54
C SER F 168 26.93 -6.83 121.96
N VAL F 169 26.62 -7.93 122.64
CA VAL F 169 27.63 -8.89 123.09
C VAL F 169 27.78 -9.96 122.04
N VAL F 170 28.94 -10.01 121.41
CA VAL F 170 29.23 -11.02 120.39
C VAL F 170 29.54 -12.35 121.09
N PRO F 171 28.92 -13.46 120.68
CA PRO F 171 29.20 -14.74 121.32
C PRO F 171 30.57 -15.28 120.95
N SER F 172 31.09 -16.15 121.80
CA SER F 172 32.39 -16.76 121.65
C SER F 172 32.32 -18.24 121.96
N PRO F 173 33.14 -19.07 121.32
CA PRO F 173 33.12 -20.51 121.62
C PRO F 173 33.77 -20.89 122.94
N LYS F 174 34.56 -20.01 123.55
CA LYS F 174 35.30 -20.38 124.75
C LYS F 174 34.48 -20.28 126.02
N VAL F 175 33.28 -19.70 125.96
CA VAL F 175 32.48 -19.54 127.17
C VAL F 175 31.06 -20.05 126.90
N SER F 176 30.72 -20.29 125.64
CA SER F 176 29.37 -20.70 125.25
C SER F 176 29.44 -22.05 124.56
N ASP F 177 28.58 -22.97 124.98
CA ASP F 177 28.58 -24.34 124.48
C ASP F 177 27.67 -24.54 123.28
N THR F 178 26.73 -23.63 123.04
CA THR F 178 25.82 -23.74 121.90
C THR F 178 26.58 -23.55 120.59
N VAL F 179 26.19 -24.31 119.58
CA VAL F 179 26.94 -24.36 118.33
C VAL F 179 26.33 -23.45 117.26
N VAL F 180 25.05 -23.09 117.38
CA VAL F 180 24.32 -22.37 116.34
C VAL F 180 24.48 -20.87 116.49
N GLU F 181 25.34 -20.43 117.40
CA GLU F 181 25.51 -19.00 117.69
C GLU F 181 26.12 -18.16 116.58
N PRO F 182 27.00 -18.66 115.69
CA PRO F 182 27.34 -17.86 114.50
C PRO F 182 26.17 -17.49 113.60
N TYR F 183 25.11 -18.30 113.52
CA TYR F 183 23.93 -17.92 112.75
C TYR F 183 23.26 -16.70 113.34
N ASN F 184 23.02 -16.72 114.66
CA ASN F 184 22.37 -15.61 115.35
C ASN F 184 23.25 -14.36 115.31
N ALA F 185 24.56 -14.53 115.50
CA ALA F 185 25.49 -13.40 115.48
C ALA F 185 25.56 -12.75 114.10
N ILE F 186 25.63 -13.55 113.03
CA ILE F 186 25.74 -12.97 111.69
C ILE F 186 24.41 -12.34 111.27
N LEU F 187 23.28 -12.95 111.63
CA LEU F 187 21.99 -12.35 111.31
C LEU F 187 21.76 -11.04 112.08
N SER F 188 22.15 -10.99 113.35
CA SER F 188 21.99 -9.76 114.11
C SER F 188 23.00 -8.70 113.69
N ILE F 189 24.18 -9.11 113.24
CA ILE F 189 25.16 -8.17 112.70
C ILE F 189 24.63 -7.54 111.41
N HIS F 190 23.99 -8.35 110.55
CA HIS F 190 23.39 -7.82 109.34
C HIS F 190 22.22 -6.89 109.64
N GLN F 191 21.46 -7.17 110.70
CA GLN F 191 20.38 -6.25 111.06
C GLN F 191 20.92 -4.96 111.68
N LEU F 192 21.97 -5.07 112.51
CA LEU F 192 22.54 -3.90 113.17
C LEU F 192 23.33 -3.02 112.21
N ILE F 193 23.83 -3.57 111.11
CA ILE F 193 24.46 -2.74 110.09
C ILE F 193 23.42 -1.84 109.42
N GLU F 194 22.27 -2.39 109.09
CA GLU F 194 21.29 -1.66 108.30
C GLU F 194 20.32 -0.84 109.12
N ASN F 195 20.20 -1.08 110.43
CA ASN F 195 19.15 -0.41 111.19
C ASN F 195 19.64 0.18 112.51
N THR F 196 20.95 0.32 112.70
CA THR F 196 21.47 0.88 113.94
C THR F 196 22.63 1.82 113.63
N ASP F 197 22.76 2.87 114.45
CA ASP F 197 23.80 3.87 114.26
C ASP F 197 24.94 3.75 115.27
N GLU F 198 24.85 2.88 116.26
CA GLU F 198 25.89 2.73 117.26
C GLU F 198 25.92 1.30 117.75
N THR F 199 27.13 0.81 118.06
CA THR F 199 27.31 -0.55 118.54
C THR F 199 28.54 -0.60 119.43
N PHE F 200 28.37 -1.09 120.66
CA PHE F 200 29.48 -1.31 121.59
C PHE F 200 29.83 -2.78 121.57
N CYS F 201 30.82 -3.15 120.76
CA CYS F 201 31.18 -4.55 120.55
C CYS F 201 31.98 -5.04 121.76
N ILE F 202 31.28 -5.55 122.76
CA ILE F 202 31.89 -6.20 123.91
C ILE F 202 31.92 -7.69 123.63
N ASP F 203 33.11 -8.28 123.62
CA ASP F 203 33.28 -9.68 123.22
C ASP F 203 33.62 -10.54 124.42
N ASN F 204 32.91 -11.65 124.55
CA ASN F 204 33.13 -12.57 125.67
C ASN F 204 34.44 -13.34 125.55
N GLU F 205 34.98 -13.47 124.33
CA GLU F 205 36.29 -14.09 124.16
C GLU F 205 37.39 -13.27 124.83
N ALA F 206 37.37 -11.95 124.60
CA ALA F 206 38.34 -11.08 125.25
C ALA F 206 38.10 -10.97 126.75
N LEU F 207 36.84 -11.09 127.19
CA LEU F 207 36.56 -11.13 128.63
C LEU F 207 37.12 -12.37 129.28
N TYR F 208 36.98 -13.53 128.61
CA TYR F 208 37.58 -14.77 129.12
C TYR F 208 39.11 -14.68 129.12
N ASP F 209 39.68 -14.05 128.09
CA ASP F 209 41.12 -13.86 128.04
C ASP F 209 41.61 -12.94 129.15
N ILE F 210 40.85 -11.88 129.45
CA ILE F 210 41.21 -10.98 130.54
C ILE F 210 41.13 -11.69 131.89
N CYS F 211 40.06 -12.45 132.11
CA CYS F 211 39.91 -13.19 133.35
C CYS F 211 40.93 -14.32 133.49
N PHE F 212 41.44 -14.84 132.37
CA PHE F 212 42.44 -15.91 132.43
C PHE F 212 43.85 -15.35 132.65
N ARG F 213 44.24 -14.34 131.89
CA ARG F 213 45.60 -13.82 131.96
C ARG F 213 45.77 -12.78 133.07
N THR F 214 44.93 -11.76 133.09
CA THR F 214 45.12 -10.66 134.04
C THR F 214 44.69 -11.06 135.44
N LEU F 215 43.46 -11.54 135.61
CA LEU F 215 42.95 -11.89 136.92
C LEU F 215 43.42 -13.24 137.41
N LYS F 216 44.05 -14.04 136.53
CA LYS F 216 44.60 -15.37 136.82
C LYS F 216 43.55 -16.34 137.35
N LEU F 217 42.31 -16.19 136.88
CA LEU F 217 41.21 -17.07 137.23
C LEU F 217 40.90 -17.98 136.05
N THR F 218 41.07 -19.29 136.25
CA THR F 218 40.86 -20.24 135.17
C THR F 218 39.38 -20.35 134.79
N ASN F 219 38.50 -20.37 135.78
CA ASN F 219 37.08 -20.52 135.50
C ASN F 219 36.48 -19.22 135.00
N PRO F 220 35.81 -19.22 133.85
CA PRO F 220 35.11 -18.01 133.37
C PRO F 220 33.68 -17.94 133.91
N THR F 221 33.56 -17.68 135.20
CA THR F 221 32.25 -17.56 135.83
C THR F 221 31.55 -16.29 135.35
N TYR F 222 30.22 -16.38 135.27
CA TYR F 222 29.43 -15.30 134.68
C TYR F 222 29.33 -14.09 135.61
N GLY F 223 29.54 -14.28 136.92
CA GLY F 223 29.53 -13.14 137.82
C GLY F 223 30.70 -12.20 137.59
N ASP F 224 31.89 -12.74 137.35
CA ASP F 224 33.06 -11.91 137.10
C ASP F 224 32.95 -11.18 135.77
N LEU F 225 32.42 -11.85 134.74
CA LEU F 225 32.17 -11.19 133.46
C LEU F 225 31.11 -10.11 133.60
N ASN F 226 30.07 -10.37 134.41
CA ASN F 226 29.05 -9.36 134.69
C ASN F 226 29.65 -8.13 135.37
N HIS F 227 30.52 -8.37 136.35
CA HIS F 227 31.18 -7.27 137.07
C HIS F 227 32.09 -6.47 136.16
N LEU F 228 32.83 -7.15 135.27
CA LEU F 228 33.74 -6.46 134.36
C LEU F 228 32.99 -5.62 133.33
N VAL F 229 31.95 -6.19 132.71
CA VAL F 229 31.17 -5.44 131.73
C VAL F 229 30.40 -4.31 132.41
N SER F 230 29.95 -4.50 133.65
CA SER F 230 29.27 -3.43 134.37
C SER F 230 30.22 -2.28 134.70
N LEU F 231 31.46 -2.61 135.09
CA LEU F 231 32.47 -1.57 135.33
C LEU F 231 32.81 -0.80 134.06
N THR F 232 32.96 -1.52 132.94
CA THR F 232 33.26 -0.86 131.67
C THR F 232 32.09 -0.03 131.16
N MET F 233 30.86 -0.49 131.41
CA MET F 233 29.68 0.27 131.00
C MET F 233 29.52 1.52 131.85
N SER F 234 29.83 1.43 133.15
CA SER F 234 29.80 2.62 134.01
C SER F 234 30.87 3.63 133.58
N GLY F 235 32.07 3.14 133.24
CA GLY F 235 33.10 4.04 132.77
C GLY F 235 32.81 4.65 131.39
N VAL F 236 32.06 3.93 130.55
CA VAL F 236 31.63 4.49 129.28
C VAL F 236 30.56 5.55 129.51
N THR F 237 29.59 5.26 130.37
CA THR F 237 28.45 6.15 130.58
C THR F 237 28.72 7.25 131.59
N THR F 238 29.94 7.36 132.12
CA THR F 238 30.28 8.52 132.94
C THR F 238 30.31 9.83 132.16
N SER F 239 30.37 9.77 130.83
CA SER F 239 30.24 11.00 130.04
C SER F 239 28.78 11.46 130.01
N LEU F 240 27.85 10.52 129.87
CA LEU F 240 26.44 10.87 129.85
C LEU F 240 25.90 11.18 131.24
N ARG F 241 26.45 10.56 132.27
CA ARG F 241 25.90 10.71 133.61
C ARG F 241 26.41 11.94 134.34
N PHE F 242 27.51 12.54 133.88
CA PHE F 242 28.07 13.70 134.56
C PHE F 242 28.39 14.80 133.55
N PRO F 243 28.13 16.06 133.89
CA PRO F 243 28.49 17.16 133.00
C PRO F 243 29.99 17.36 132.92
N GLY F 244 30.44 17.81 131.76
CA GLY F 244 31.86 18.03 131.56
C GLY F 244 32.12 18.72 130.24
N GLN F 245 33.40 18.78 129.88
CA GLN F 245 33.80 19.33 128.58
C GLN F 245 33.27 18.47 127.45
N LEU F 246 33.53 17.17 127.52
CA LEU F 246 32.99 16.20 126.56
C LEU F 246 31.71 15.65 127.17
N ASN F 247 30.57 16.25 126.79
CA ASN F 247 29.29 15.71 127.22
C ASN F 247 29.00 14.38 126.57
N ALA F 248 29.17 14.32 125.24
CA ALA F 248 28.98 13.12 124.41
C ALA F 248 27.60 12.50 124.59
N ASP F 249 26.57 13.37 124.65
CA ASP F 249 25.21 12.93 124.92
C ASP F 249 24.61 12.28 123.67
N LEU F 250 25.01 11.02 123.46
CA LEU F 250 24.48 10.11 122.44
C LEU F 250 24.68 10.60 121.02
N ARG F 251 24.02 11.70 120.64
CA ARG F 251 24.19 12.24 119.30
C ARG F 251 25.58 12.87 119.13
N LYS F 252 26.10 13.52 120.17
CA LYS F 252 27.44 14.07 120.10
C LYS F 252 28.50 12.96 120.01
N LEU F 253 28.28 11.85 120.72
CA LEU F 253 29.17 10.71 120.64
C LEU F 253 29.13 10.07 119.25
N ALA F 254 27.96 10.04 118.64
CA ALA F 254 27.85 9.50 117.29
C ALA F 254 28.45 10.43 116.25
N VAL F 255 28.38 11.75 116.48
CA VAL F 255 29.01 12.69 115.57
C VAL F 255 30.53 12.62 115.67
N ASN F 256 31.05 12.48 116.90
CA ASN F 256 32.50 12.41 117.09
C ASN F 256 33.08 11.09 116.58
N MET F 257 32.46 9.96 116.95
CA MET F 257 33.12 8.67 116.81
C MET F 257 32.81 7.93 115.52
N VAL F 258 31.71 8.27 114.84
CA VAL F 258 31.21 7.46 113.73
C VAL F 258 31.42 8.25 112.43
N PRO F 259 32.37 7.87 111.58
CA PRO F 259 32.52 8.56 110.30
C PRO F 259 31.64 8.02 109.19
N PHE F 260 31.11 6.81 109.30
CA PHE F 260 30.39 6.18 108.21
C PHE F 260 29.22 5.38 108.76
N PRO F 261 28.11 5.30 108.01
CA PRO F 261 26.91 4.65 108.57
C PRO F 261 27.04 3.14 108.73
N ARG F 262 28.04 2.51 108.11
CA ARG F 262 28.28 1.08 108.31
C ARG F 262 29.40 0.80 109.29
N LEU F 263 30.40 1.68 109.37
CA LEU F 263 31.58 1.45 110.21
C LEU F 263 31.41 2.10 111.58
N HIS F 264 30.39 1.66 112.31
CA HIS F 264 30.07 2.23 113.62
C HIS F 264 30.20 1.20 114.72
N PHE F 265 31.22 0.34 114.64
CA PHE F 265 31.45 -0.70 115.63
C PHE F 265 32.60 -0.26 116.54
N PHE F 266 32.29 -0.05 117.81
CA PHE F 266 33.24 0.54 118.74
C PHE F 266 34.15 -0.55 119.32
N MET F 267 34.93 -0.19 120.33
CA MET F 267 35.79 -1.14 121.03
C MET F 267 36.08 -0.63 122.44
N PRO F 268 35.15 -0.79 123.38
CA PRO F 268 35.38 -0.27 124.73
C PRO F 268 36.44 -1.06 125.49
N GLY F 269 37.05 -0.39 126.46
CA GLY F 269 38.07 -1.01 127.28
C GLY F 269 38.17 -0.31 128.62
N PHE F 270 38.77 -1.02 129.58
CA PHE F 270 38.88 -0.53 130.95
C PHE F 270 40.27 -0.87 131.48
N ALA F 271 41.05 0.16 131.79
CA ALA F 271 42.44 -0.06 132.17
C ALA F 271 42.62 -0.60 133.60
N PRO F 272 42.06 0.01 134.68
CA PRO F 272 42.33 -0.63 135.98
C PRO F 272 41.34 -1.74 136.32
N LEU F 273 41.47 -2.87 135.64
CA LEU F 273 40.56 -4.00 135.82
C LEU F 273 41.07 -4.89 136.94
N THR F 274 40.27 -5.00 138.01
CA THR F 274 40.60 -5.82 139.16
C THR F 274 39.38 -6.62 139.58
N ALA F 275 39.59 -7.88 139.94
CA ALA F 275 38.53 -8.77 140.35
C ALA F 275 38.04 -8.43 141.76
N ARG F 276 36.96 -9.10 142.17
CA ARG F 276 36.38 -8.91 143.49
C ARG F 276 37.29 -9.45 144.59
N ARG F 282 47.75 -1.52 145.30
CA ARG F 282 47.39 -1.19 143.92
C ARG F 282 47.59 0.29 143.63
N ALA F 283 48.81 0.67 143.30
CA ALA F 283 49.11 2.06 142.98
C ALA F 283 48.51 2.42 141.62
N LEU F 284 47.87 3.58 141.55
CA LEU F 284 47.24 4.07 140.34
C LEU F 284 47.78 5.45 140.01
N SER F 285 48.26 5.62 138.78
CA SER F 285 48.80 6.90 138.34
C SER F 285 48.54 7.04 136.84
N VAL F 286 48.92 8.19 136.30
CA VAL F 286 48.58 8.57 134.92
C VAL F 286 49.31 7.75 133.85
N PRO F 287 50.65 7.65 133.81
CA PRO F 287 51.27 6.97 132.66
C PRO F 287 51.04 5.46 132.63
N GLU F 288 50.93 4.81 133.80
CA GLU F 288 50.59 3.39 133.81
C GLU F 288 49.17 3.15 133.31
N LEU F 289 48.24 4.05 133.67
CA LEU F 289 46.88 3.94 133.16
C LEU F 289 46.81 4.20 131.67
N THR F 290 47.63 5.13 131.17
CA THR F 290 47.64 5.42 129.74
C THR F 290 48.28 4.27 128.94
N GLN F 291 49.34 3.67 129.47
CA GLN F 291 49.95 2.54 128.78
C GLN F 291 49.13 1.26 128.93
N GLN F 292 48.27 1.18 129.94
CA GLN F 292 47.28 0.11 130.02
C GLN F 292 46.03 0.40 129.20
N MET F 293 45.85 1.65 128.77
CA MET F 293 44.63 2.01 128.07
C MET F 293 44.58 1.44 126.65
N PHE F 294 45.72 1.48 125.94
CA PHE F 294 45.78 1.08 124.54
C PHE F 294 46.39 -0.30 124.35
N ASP F 295 46.49 -1.09 125.41
CA ASP F 295 47.06 -2.43 125.31
C ASP F 295 46.07 -3.38 124.64
N ALA F 296 46.61 -4.33 123.88
CA ALA F 296 45.78 -5.34 123.23
C ALA F 296 45.12 -6.26 124.25
N ARG F 297 45.84 -6.62 125.31
CA ARG F 297 45.30 -7.51 126.33
C ARG F 297 44.20 -6.85 127.14
N ASN F 298 44.30 -5.54 127.36
CA ASN F 298 43.36 -4.84 128.22
C ASN F 298 42.00 -4.64 127.55
N MET F 299 41.97 -4.57 126.23
CA MET F 299 40.75 -4.23 125.52
C MET F 299 39.76 -5.41 125.55
N MET F 300 38.47 -5.06 125.58
CA MET F 300 37.40 -6.04 125.75
C MET F 300 36.79 -6.48 124.43
N ALA F 301 37.58 -6.49 123.37
CA ALA F 301 37.18 -7.10 122.11
C ALA F 301 38.37 -7.86 121.56
N ALA F 302 38.11 -9.03 120.97
CA ALA F 302 39.17 -9.92 120.49
C ALA F 302 39.73 -9.34 119.20
N CYS F 303 40.62 -8.37 119.37
CA CYS F 303 41.17 -7.61 118.26
C CYS F 303 42.67 -7.40 118.49
N ASP F 304 43.36 -7.04 117.41
CA ASP F 304 44.78 -6.68 117.47
C ASP F 304 44.94 -5.25 116.99
N PRO F 305 45.10 -4.28 117.91
CA PRO F 305 45.22 -2.87 117.48
C PRO F 305 46.48 -2.55 116.71
N ARG F 306 47.51 -3.41 116.76
CA ARG F 306 48.69 -3.20 115.93
C ARG F 306 48.40 -3.44 114.45
N ARG F 307 47.37 -4.22 114.12
CA ARG F 307 47.01 -4.48 112.74
C ARG F 307 45.97 -3.49 112.20
N GLY F 308 45.51 -2.55 113.00
CA GLY F 308 44.49 -1.61 112.57
C GLY F 308 44.82 -0.20 113.00
N ARG F 309 43.98 0.73 112.54
CA ARG F 309 44.17 2.15 112.78
C ARG F 309 42.98 2.70 113.54
N TYR F 310 43.25 3.44 114.61
CA TYR F 310 42.21 4.08 115.41
C TYR F 310 41.60 5.22 114.62
N LEU F 311 40.34 5.08 114.21
CA LEU F 311 39.68 6.17 113.49
C LEU F 311 39.29 7.30 114.43
N THR F 312 38.75 6.96 115.60
CA THR F 312 38.39 7.96 116.60
C THR F 312 38.59 7.33 117.98
N VAL F 313 39.09 8.13 118.92
CA VAL F 313 39.38 7.69 120.28
C VAL F 313 38.76 8.68 121.25
N ALA F 314 37.99 8.19 122.21
CA ALA F 314 37.46 9.03 123.29
C ALA F 314 37.88 8.41 124.62
N CYS F 315 39.06 8.79 125.09
CA CYS F 315 39.59 8.30 126.35
C CYS F 315 39.09 9.18 127.48
N ILE F 316 38.43 8.57 128.46
CA ILE F 316 37.81 9.29 129.57
C ILE F 316 38.47 8.81 130.86
N PHE F 317 38.91 9.76 131.68
CA PHE F 317 39.53 9.47 132.97
C PHE F 317 38.57 9.82 134.10
N ARG F 318 38.53 8.98 135.12
CA ARG F 318 37.71 9.20 136.30
C ARG F 318 38.59 9.18 137.54
N GLY F 319 38.37 10.12 138.44
CA GLY F 319 39.08 10.22 139.69
C GLY F 319 39.72 11.57 139.86
N ARG F 320 40.58 11.68 140.87
CA ARG F 320 41.31 12.92 141.16
C ARG F 320 42.69 12.83 140.54
N MET F 321 42.85 13.42 139.36
CA MET F 321 44.12 13.40 138.64
C MET F 321 44.41 14.78 138.10
N SER F 322 45.69 15.03 137.83
CA SER F 322 46.11 16.29 137.22
C SER F 322 45.83 16.22 135.72
N THR F 323 45.09 17.21 135.21
CA THR F 323 44.65 17.18 133.83
C THR F 323 45.80 17.46 132.86
N ARG F 324 46.75 18.30 133.27
CA ARG F 324 47.91 18.61 132.44
C ARG F 324 48.79 17.40 132.20
N GLU F 325 49.00 16.58 133.24
CA GLU F 325 49.80 15.37 133.09
C GLU F 325 49.10 14.34 132.21
N VAL F 326 47.77 14.26 132.31
CA VAL F 326 47.00 13.37 131.46
C VAL F 326 47.10 13.80 129.99
N ASP F 327 46.97 15.11 129.74
CA ASP F 327 47.08 15.63 128.38
C ASP F 327 48.49 15.43 127.82
N GLU F 328 49.52 15.66 128.64
CA GLU F 328 50.90 15.45 128.20
C GLU F 328 51.19 13.98 127.90
N GLN F 329 50.71 13.07 128.76
CA GLN F 329 50.94 11.65 128.54
C GLN F 329 50.20 11.15 127.31
N LEU F 330 48.97 11.61 127.10
CA LEU F 330 48.22 11.16 125.93
C LEU F 330 48.76 11.78 124.63
N LEU F 331 49.27 13.01 124.70
CA LEU F 331 49.93 13.59 123.53
C LEU F 331 51.23 12.86 123.20
N SER F 332 51.98 12.45 124.24
CA SER F 332 53.19 11.66 124.03
C SER F 332 52.86 10.29 123.44
N VAL F 333 51.76 9.68 123.90
CA VAL F 333 51.31 8.40 123.35
C VAL F 333 50.90 8.55 121.89
N GLN F 334 50.17 9.63 121.57
CA GLN F 334 49.73 9.86 120.20
C GLN F 334 50.89 10.15 119.25
N THR F 335 51.90 10.89 119.73
CA THR F 335 53.04 11.19 118.88
C THR F 335 53.98 10.00 118.74
N LYS F 336 54.14 9.21 119.81
CA LYS F 336 55.02 8.04 119.76
C LYS F 336 54.46 6.92 118.91
N ASN F 337 53.14 6.89 118.69
CA ASN F 337 52.47 5.82 117.98
C ASN F 337 51.63 6.40 116.84
N SER F 338 52.23 7.31 116.08
CA SER F 338 51.52 8.00 115.01
C SER F 338 51.17 7.09 113.84
N SER F 339 51.83 5.93 113.73
CA SER F 339 51.46 4.96 112.72
C SER F 339 50.21 4.17 113.10
N TYR F 340 49.79 4.22 114.36
CA TYR F 340 48.61 3.48 114.81
C TYR F 340 47.33 4.29 114.66
N PHE F 341 47.43 5.57 114.33
CA PHE F 341 46.26 6.42 114.14
C PHE F 341 46.19 6.85 112.68
N VAL F 342 44.97 7.11 112.20
CA VAL F 342 44.81 7.62 110.85
C VAL F 342 45.25 9.07 110.80
N GLU F 343 45.96 9.43 109.74
CA GLU F 343 46.47 10.79 109.58
C GLU F 343 45.51 11.69 108.81
N TRP F 344 44.43 11.15 108.26
CA TRP F 344 43.45 11.95 107.53
C TRP F 344 42.28 12.39 108.40
N ILE F 345 42.25 12.01 109.68
CA ILE F 345 41.32 12.56 110.65
C ILE F 345 42.13 13.20 111.76
N PRO F 346 42.33 14.52 111.71
CA PRO F 346 43.19 15.18 112.69
C PRO F 346 42.46 15.44 114.00
N ASN F 347 43.24 15.34 115.09
CA ASN F 347 42.79 15.49 116.47
C ASN F 347 41.63 14.53 116.79
N ASN F 348 41.94 13.24 116.68
CA ASN F 348 40.96 12.19 116.86
C ASN F 348 40.88 11.67 118.30
N VAL F 349 41.67 12.22 119.21
CA VAL F 349 41.68 11.79 120.61
C VAL F 349 41.04 12.89 121.44
N LYS F 350 39.92 12.56 122.08
CA LYS F 350 39.21 13.49 122.95
C LYS F 350 39.31 13.01 124.39
N VAL F 351 39.77 13.90 125.27
CA VAL F 351 40.06 13.56 126.66
C VAL F 351 39.10 14.31 127.55
N ALA F 352 38.48 13.59 128.49
CA ALA F 352 37.62 14.20 129.50
C ALA F 352 37.99 13.62 130.86
N VAL F 353 37.87 14.46 131.89
CA VAL F 353 38.24 14.08 133.25
C VAL F 353 37.05 14.34 134.16
N CYS F 354 36.57 13.30 134.83
CA CYS F 354 35.51 13.42 135.82
C CYS F 354 36.08 13.18 137.21
N ASP F 355 35.63 13.99 138.17
CA ASP F 355 36.18 13.94 139.52
C ASP F 355 35.62 12.82 140.37
N ILE F 356 34.55 12.15 139.94
CA ILE F 356 33.88 11.12 140.72
C ILE F 356 34.35 9.76 140.21
N PRO F 357 35.12 9.00 140.97
CA PRO F 357 35.55 7.68 140.52
C PRO F 357 34.48 6.64 140.77
N PRO F 358 34.53 5.50 140.08
CA PRO F 358 33.66 4.38 140.44
C PRO F 358 34.01 3.83 141.81
N ARG F 359 33.00 3.27 142.47
CA ARG F 359 33.18 2.74 143.82
C ARG F 359 34.07 1.51 143.80
N GLY F 360 35.01 1.47 144.74
CA GLY F 360 36.02 0.43 144.79
C GLY F 360 37.32 0.76 144.10
N LEU F 361 37.37 1.84 143.32
CA LEU F 361 38.55 2.25 142.59
C LEU F 361 38.85 3.71 142.87
N LYS F 362 40.12 4.01 143.12
CA LYS F 362 40.51 5.41 143.31
C LYS F 362 40.56 6.16 141.99
N MET F 363 41.06 5.52 140.94
CA MET F 363 41.14 6.11 139.61
C MET F 363 40.65 5.12 138.58
N ALA F 364 40.09 5.64 137.48
CA ALA F 364 39.58 4.82 136.40
C ALA F 364 40.00 5.41 135.06
N ALA F 365 40.01 4.55 134.05
CA ALA F 365 40.45 4.95 132.71
C ALA F 365 39.69 4.12 131.69
N THR F 366 38.72 4.73 131.02
CA THR F 366 37.85 4.05 130.07
C THR F 366 38.06 4.64 128.68
N PHE F 367 38.23 3.76 127.70
CA PHE F 367 38.50 4.17 126.33
C PHE F 367 37.43 3.60 125.40
N ILE F 368 36.97 4.43 124.48
CA ILE F 368 36.06 4.02 123.41
C ILE F 368 36.76 4.29 122.08
N GLY F 369 36.71 3.34 121.16
CA GLY F 369 37.40 3.52 119.90
C GLY F 369 36.81 2.82 118.71
N ASN F 370 36.74 3.51 117.58
CA ASN F 370 36.33 2.90 116.31
C ASN F 370 37.55 2.44 115.54
N ASN F 371 38.28 1.49 116.12
CA ASN F 371 39.46 0.94 115.49
C ASN F 371 39.08 0.04 114.31
N THR F 372 40.00 -0.09 113.36
CA THR F 372 39.83 -0.98 112.23
C THR F 372 40.08 -2.44 112.62
N ALA F 373 40.63 -2.68 113.79
CA ALA F 373 40.90 -4.03 114.29
C ALA F 373 39.64 -4.82 114.63
N ILE F 374 38.48 -4.17 114.66
CA ILE F 374 37.21 -4.87 114.87
C ILE F 374 36.82 -5.74 113.68
N GLN F 375 37.44 -5.56 112.51
CA GLN F 375 37.14 -6.41 111.37
C GLN F 375 37.72 -7.81 111.52
N GLU F 376 38.67 -8.00 112.45
CA GLU F 376 39.13 -9.35 112.77
C GLU F 376 38.03 -10.16 113.46
N LEU F 377 37.23 -9.49 114.30
CA LEU F 377 36.10 -10.14 114.95
C LEU F 377 35.03 -10.53 113.94
N PHE F 378 34.73 -9.64 112.99
CA PHE F 378 33.76 -9.94 111.95
C PHE F 378 34.31 -10.81 110.85
N ILE F 379 35.61 -11.13 110.87
CA ILE F 379 36.15 -12.20 110.05
C ILE F 379 36.08 -13.53 110.78
N ARG F 380 36.36 -13.52 112.09
CA ARG F 380 36.30 -14.73 112.91
C ARG F 380 34.89 -15.29 113.01
N VAL F 381 33.91 -14.43 113.29
CA VAL F 381 32.52 -14.88 113.40
C VAL F 381 31.98 -15.29 112.04
N SER F 382 32.38 -14.59 110.98
CA SER F 382 31.93 -14.97 109.64
C SER F 382 32.58 -16.27 109.16
N GLU F 383 33.82 -16.54 109.56
CA GLU F 383 34.45 -17.80 109.16
C GLU F 383 33.98 -18.97 109.99
N GLN F 384 33.54 -18.73 111.24
CA GLN F 384 32.83 -19.77 111.96
C GLN F 384 31.44 -19.99 111.37
N PHE F 385 30.84 -18.92 110.83
CA PHE F 385 29.58 -19.04 110.12
C PHE F 385 29.75 -19.80 108.81
N SER F 386 30.91 -19.69 108.17
CA SER F 386 31.15 -20.41 106.92
C SER F 386 31.27 -21.91 107.17
N ALA F 387 31.91 -22.30 108.27
CA ALA F 387 32.03 -23.71 108.63
C ALA F 387 30.72 -24.30 109.14
N MET F 388 29.72 -23.47 109.46
CA MET F 388 28.42 -23.95 109.89
C MET F 388 27.37 -23.83 108.80
N PHE F 389 27.67 -23.16 107.69
CA PHE F 389 26.74 -23.05 106.58
C PHE F 389 27.13 -23.86 105.36
N ARG F 390 28.40 -24.26 105.25
CA ARG F 390 28.81 -25.13 104.16
C ARG F 390 28.32 -26.55 104.36
N ARG F 391 27.95 -26.94 105.59
CA ARG F 391 27.37 -28.25 105.85
C ARG F 391 25.95 -28.17 106.37
N LYS F 392 25.36 -26.96 106.45
CA LYS F 392 23.94 -26.72 106.76
C LYS F 392 23.52 -27.30 108.11
N ALA F 393 24.40 -27.15 109.12
CA ALA F 393 24.10 -27.66 110.44
C ALA F 393 22.98 -26.85 111.09
N PHE F 394 21.95 -27.57 111.55
CA PHE F 394 20.75 -27.01 112.20
C PHE F 394 20.00 -26.02 111.31
N LEU F 395 20.14 -26.14 109.99
CA LEU F 395 19.47 -25.24 109.07
C LEU F 395 17.99 -25.53 108.94
N HIS F 396 17.54 -26.72 109.31
CA HIS F 396 16.12 -27.05 109.23
C HIS F 396 15.30 -26.34 110.29
N TRP F 397 15.92 -25.92 111.40
CA TRP F 397 15.19 -25.20 112.43
C TRP F 397 14.81 -23.80 111.95
N TYR F 398 15.77 -23.07 111.39
CA TYR F 398 15.52 -21.69 111.02
C TYR F 398 14.71 -21.59 109.73
N THR F 399 15.00 -22.45 108.75
CA THR F 399 14.28 -22.40 107.48
C THR F 399 12.85 -22.91 107.60
N GLY F 400 12.53 -23.65 108.67
CA GLY F 400 11.15 -24.06 108.90
C GLY F 400 10.27 -23.02 109.54
N GLU F 401 10.84 -21.91 109.99
CA GLU F 401 10.08 -20.83 110.60
C GLU F 401 9.72 -19.74 109.60
N GLY F 402 9.86 -20.01 108.30
CA GLY F 402 9.58 -19.04 107.27
C GLY F 402 10.78 -18.26 106.79
N MET F 403 11.94 -18.42 107.44
CA MET F 403 13.14 -17.77 106.97
C MET F 403 13.62 -18.44 105.69
N ASP F 404 13.91 -17.63 104.68
CA ASP F 404 14.51 -18.15 103.46
C ASP F 404 15.98 -18.50 103.72
N GLU F 405 16.51 -19.40 102.89
CA GLU F 405 17.92 -19.71 102.97
C GLU F 405 18.78 -18.66 102.27
N MET F 406 18.17 -17.75 101.51
CA MET F 406 18.90 -16.63 100.94
C MET F 406 19.21 -15.56 101.98
N GLU F 407 18.55 -15.60 103.14
CA GLU F 407 18.79 -14.64 104.20
C GLU F 407 20.20 -14.80 104.79
N PHE F 408 20.64 -16.06 104.96
CA PHE F 408 21.99 -16.31 105.45
C PHE F 408 23.04 -15.87 104.43
N SER F 409 22.75 -16.07 103.14
CA SER F 409 23.65 -15.62 102.08
C SER F 409 23.72 -14.10 102.04
N GLU F 410 22.59 -13.42 102.23
CA GLU F 410 22.56 -11.96 102.27
C GLU F 410 23.33 -11.41 103.47
N ALA F 411 23.18 -12.04 104.64
CA ALA F 411 23.92 -11.63 105.83
C ALA F 411 25.42 -11.86 105.66
N GLU F 412 25.81 -13.00 105.08
CA GLU F 412 27.22 -13.28 104.83
C GLU F 412 27.81 -12.30 103.82
N GLY F 413 27.04 -11.97 102.77
CA GLY F 413 27.52 -11.00 101.79
C GLY F 413 27.64 -9.60 102.35
N ASN F 414 26.72 -9.21 103.23
CA ASN F 414 26.81 -7.89 103.86
C ASN F 414 27.98 -7.81 104.82
N THR F 415 28.25 -8.86 105.59
CA THR F 415 29.41 -8.85 106.48
C THR F 415 30.72 -8.90 105.69
N ASN F 416 30.75 -9.63 104.57
CA ASN F 416 31.95 -9.62 103.73
C ASN F 416 32.17 -8.27 103.08
N ASP F 417 31.08 -7.58 102.71
CA ASP F 417 31.20 -6.22 102.18
C ASP F 417 31.69 -5.25 103.24
N LEU F 418 31.24 -5.43 104.49
CA LEU F 418 31.74 -4.60 105.59
C LEU F 418 33.23 -4.84 105.84
N VAL F 419 33.66 -6.10 105.77
CA VAL F 419 35.07 -6.43 105.92
C VAL F 419 35.90 -5.83 104.78
N SER F 420 35.37 -5.90 103.55
CA SER F 420 36.05 -5.32 102.40
C SER F 420 36.16 -3.81 102.49
N GLU F 421 35.10 -3.14 102.95
CA GLU F 421 35.15 -1.69 103.10
C GLU F 421 36.07 -1.26 104.24
N TYR F 422 36.09 -2.04 105.33
CA TYR F 422 37.02 -1.80 106.44
C TYR F 422 38.47 -1.91 105.98
N GLN F 423 38.78 -2.95 105.20
CA GLN F 423 40.15 -3.13 104.71
C GLN F 423 40.51 -2.06 103.68
N GLN F 424 39.55 -1.67 102.83
CA GLN F 424 39.80 -0.64 101.83
C GLN F 424 40.07 0.72 102.48
N TYR F 425 39.30 1.07 103.51
CA TYR F 425 39.55 2.33 104.21
C TYR F 425 40.74 2.25 105.16
N GLN F 426 41.19 1.04 105.52
CA GLN F 426 42.45 0.91 106.23
C GLN F 426 43.64 1.12 105.30
N ASP F 427 43.54 0.61 104.06
CA ASP F 427 44.66 0.70 103.13
C ASP F 427 44.87 2.11 102.60
N ALA F 428 43.85 2.97 102.66
CA ALA F 428 44.01 4.35 102.20
C ALA F 428 44.81 5.16 103.22
N THR F 429 45.66 6.05 102.72
CA THR F 429 46.49 6.90 103.55
C THR F 429 46.40 8.34 103.07
N ALA F 430 46.63 9.27 103.99
CA ALA F 430 46.57 10.70 103.67
C ALA F 430 47.82 11.12 102.89
N MET G 1 20.72 58.15 121.27
CA MET G 1 20.40 58.39 119.87
C MET G 1 20.78 57.18 119.02
N ARG G 2 21.59 56.29 119.58
CA ARG G 2 22.03 55.09 118.89
C ARG G 2 21.90 53.90 119.83
N GLU G 3 21.53 52.75 119.27
CA GLU G 3 21.37 51.53 120.04
C GLU G 3 22.09 50.38 119.35
N CYS G 4 22.53 49.41 120.15
CA CYS G 4 23.11 48.18 119.66
C CYS G 4 22.47 47.00 120.38
N ILE G 5 22.17 45.96 119.62
CA ILE G 5 21.52 44.75 120.14
C ILE G 5 22.52 43.62 120.06
N SER G 6 23.01 43.18 121.21
CA SER G 6 23.96 42.07 121.26
C SER G 6 23.23 40.75 121.07
N ILE G 7 23.81 39.86 120.26
CA ILE G 7 23.26 38.55 119.99
C ILE G 7 24.31 37.51 120.36
N HIS G 8 23.94 36.57 121.22
CA HIS G 8 24.80 35.46 121.61
C HIS G 8 24.16 34.15 121.16
N VAL G 9 24.88 33.40 120.33
CA VAL G 9 24.44 32.09 119.87
C VAL G 9 25.42 31.04 120.37
N GLY G 10 24.89 29.92 120.86
CA GLY G 10 25.70 28.83 121.33
C GLY G 10 26.05 28.96 122.80
N GLN G 11 26.59 27.86 123.35
CA GLN G 11 27.04 27.84 124.74
C GLN G 11 28.21 28.80 124.95
N ALA G 12 29.17 28.80 124.02
CA ALA G 12 30.28 29.73 124.08
C ALA G 12 29.82 31.18 123.98
N GLY G 13 28.88 31.44 123.08
CA GLY G 13 28.32 32.78 122.95
C GLY G 13 27.60 33.24 124.19
N VAL G 14 26.82 32.35 124.81
CA VAL G 14 26.06 32.70 126.00
C VAL G 14 26.98 32.95 127.19
N GLN G 15 27.98 32.09 127.38
CA GLN G 15 28.92 32.27 128.49
C GLN G 15 29.78 33.51 128.31
N ILE G 16 30.26 33.75 127.09
CA ILE G 16 31.06 34.94 126.80
C ILE G 16 30.23 36.20 126.96
N GLY G 17 28.96 36.16 126.53
CA GLY G 17 28.08 37.30 126.70
C GLY G 17 27.75 37.60 128.16
N ASN G 18 27.55 36.56 128.96
CA ASN G 18 27.30 36.77 130.40
C ASN G 18 28.52 37.36 131.08
N ALA G 19 29.72 36.85 130.76
CA ALA G 19 30.94 37.41 131.33
C ALA G 19 31.17 38.85 130.88
N CYS G 20 30.88 39.13 129.61
CA CYS G 20 31.08 40.48 129.07
C CYS G 20 30.09 41.47 129.67
N TRP G 21 28.83 41.08 129.84
CA TRP G 21 27.87 41.99 130.44
C TRP G 21 28.13 42.18 131.94
N GLU G 22 28.68 41.15 132.61
CA GLU G 22 29.14 41.32 133.98
C GLU G 22 30.27 42.32 134.06
N LEU G 23 31.23 42.25 133.11
CA LEU G 23 32.33 43.22 133.10
C LEU G 23 31.86 44.62 132.69
N TYR G 24 30.81 44.71 131.87
CA TYR G 24 30.27 46.01 131.49
C TYR G 24 29.55 46.65 132.67
N CYS G 25 28.82 45.85 133.46
CA CYS G 25 28.22 46.36 134.68
C CYS G 25 29.28 46.73 135.72
N LEU G 26 30.40 46.01 135.72
CA LEU G 26 31.49 46.33 136.64
C LEU G 26 32.19 47.63 136.25
N GLU G 27 32.45 47.83 134.96
CA GLU G 27 33.23 48.97 134.50
C GLU G 27 32.41 50.25 134.57
N HIS G 28 31.14 50.19 134.22
CA HIS G 28 30.27 51.37 134.24
C HIS G 28 29.70 51.67 135.62
N GLY G 29 29.98 50.83 136.62
CA GLY G 29 29.45 51.06 137.95
C GLY G 29 27.98 50.75 138.10
N ILE G 30 27.41 49.97 137.18
CA ILE G 30 26.01 49.56 137.29
C ILE G 30 25.91 48.44 138.31
N GLN G 31 24.93 48.55 139.21
CA GLN G 31 24.68 47.51 140.19
C GLN G 31 24.14 46.25 139.50
N PRO G 32 24.44 45.07 140.04
CA PRO G 32 23.95 43.82 139.40
C PRO G 32 22.44 43.66 139.39
N ASP G 33 21.72 44.32 140.29
CA ASP G 33 20.26 44.24 140.27
C ASP G 33 19.66 45.05 139.13
N GLY G 34 20.38 46.03 138.60
CA GLY G 34 19.94 46.83 137.48
C GLY G 34 19.94 48.32 137.72
N GLN G 35 19.96 48.76 138.99
CA GLN G 35 19.94 50.18 139.28
C GLN G 35 21.34 50.78 139.11
N MET G 36 21.40 52.11 139.15
CA MET G 36 22.64 52.85 139.03
C MET G 36 22.73 53.84 140.17
N PRO G 37 23.86 53.90 140.88
CA PRO G 37 23.99 54.85 142.00
C PRO G 37 24.01 56.31 141.59
N SER G 38 24.86 56.65 140.61
CA SER G 38 25.14 58.04 140.27
C SER G 38 24.33 58.54 139.07
N ASP G 39 24.32 57.77 137.98
CA ASP G 39 23.76 58.25 136.72
C ASP G 39 22.25 58.09 136.61
N LYS G 40 21.59 57.54 137.63
CA LYS G 40 20.14 57.39 137.62
C LYS G 40 19.42 58.64 138.13
N THR G 41 20.16 59.68 138.50
CA THR G 41 19.54 60.95 138.87
C THR G 41 18.81 61.58 137.69
N ILE G 42 19.40 61.48 136.49
CA ILE G 42 18.74 61.97 135.28
C ILE G 42 17.51 61.11 134.96
N GLY G 43 17.68 59.79 134.98
CA GLY G 43 16.60 58.88 134.67
C GLY G 43 16.38 58.63 133.20
N GLY G 44 17.13 59.29 132.32
CA GLY G 44 17.00 59.13 130.90
C GLY G 44 18.20 58.48 130.26
N GLY G 45 18.15 58.39 128.94
CA GLY G 45 19.20 57.79 128.15
C GLY G 45 20.27 58.79 127.74
N ASP G 46 20.89 58.51 126.59
CA ASP G 46 22.00 59.21 125.94
C ASP G 46 23.10 59.69 126.89
N ASP G 47 23.46 58.85 127.86
CA ASP G 47 24.50 59.16 128.83
C ASP G 47 25.78 58.36 128.56
N SER G 48 26.06 58.10 127.28
CA SER G 48 27.22 57.41 126.70
C SER G 48 27.22 55.91 126.92
N PHE G 49 26.27 55.36 127.68
CA PHE G 49 26.07 53.92 127.76
C PHE G 49 24.71 53.51 127.19
N ASN G 50 23.99 54.43 126.56
CA ASN G 50 22.69 54.11 125.97
C ASN G 50 22.80 53.32 124.67
N THR G 51 24.01 53.17 124.12
CA THR G 51 24.20 52.31 122.96
C THR G 51 24.07 50.83 123.32
N PHE G 52 24.26 50.48 124.59
CA PHE G 52 24.15 49.11 125.06
C PHE G 52 23.02 48.89 126.04
N PHE G 53 22.85 49.80 127.00
CA PHE G 53 21.92 49.61 128.10
C PHE G 53 20.63 50.38 127.85
N SER G 54 19.49 49.74 128.11
CA SER G 54 18.18 50.34 127.99
C SER G 54 17.57 50.55 129.37
N GLU G 55 16.89 51.66 129.56
CA GLU G 55 16.24 51.99 130.83
C GLU G 55 14.74 51.74 130.71
N THR G 56 14.19 51.00 131.67
CA THR G 56 12.77 50.73 131.71
C THR G 56 12.06 51.84 132.49
N GLY G 57 10.76 51.65 132.74
CA GLY G 57 10.00 52.61 133.52
C GLY G 57 10.35 52.62 134.99
N ALA G 58 10.90 51.53 135.52
CA ALA G 58 11.28 51.44 136.91
C ALA G 58 12.72 51.89 137.17
N GLY G 59 13.42 52.36 136.13
CA GLY G 59 14.79 52.79 136.30
C GLY G 59 15.83 51.70 136.21
N LYS G 60 15.44 50.47 135.89
CA LYS G 60 16.38 49.37 135.78
C LYS G 60 17.15 49.47 134.47
N HIS G 61 18.48 49.32 134.55
CA HIS G 61 19.32 49.36 133.37
C HIS G 61 19.50 47.94 132.84
N VAL G 62 18.48 47.47 132.14
CA VAL G 62 18.53 46.16 131.51
C VAL G 62 19.34 46.25 130.22
N PRO G 63 20.34 45.40 130.02
CA PRO G 63 21.10 45.43 128.77
C PRO G 63 20.26 44.95 127.60
N ARG G 64 20.58 45.46 126.41
CA ARG G 64 19.93 45.06 125.16
C ARG G 64 20.59 43.80 124.63
N ALA G 65 20.33 42.69 125.31
CA ALA G 65 21.00 41.43 125.04
C ALA G 65 19.98 40.36 124.67
N VAL G 66 20.32 39.54 123.68
CA VAL G 66 19.54 38.38 123.30
C VAL G 66 20.42 37.16 123.49
N PHE G 67 20.02 36.27 124.40
CA PHE G 67 20.74 35.02 124.67
C PHE G 67 19.96 33.90 124.00
N VAL G 68 20.51 33.36 122.91
CA VAL G 68 19.88 32.26 122.18
C VAL G 68 20.81 31.06 122.22
N ASP G 69 20.26 29.92 122.61
CA ASP G 69 20.97 28.65 122.55
C ASP G 69 19.96 27.52 122.44
N LEU G 70 20.38 26.43 121.84
CA LEU G 70 19.50 25.27 121.69
C LEU G 70 19.56 24.33 122.89
N GLU G 71 20.36 24.65 123.90
CA GLU G 71 20.37 23.95 125.17
C GLU G 71 20.02 24.92 126.29
N PRO G 72 19.03 24.62 127.12
CA PRO G 72 18.59 25.57 128.14
C PRO G 72 19.41 25.57 129.42
N THR G 73 20.50 24.80 129.48
CA THR G 73 21.28 24.70 130.71
C THR G 73 22.02 26.00 131.01
N VAL G 74 22.71 26.55 130.01
CA VAL G 74 23.44 27.81 130.21
C VAL G 74 22.48 28.98 130.38
N ILE G 75 21.32 28.94 129.71
CA ILE G 75 20.32 29.98 129.87
C ILE G 75 19.75 29.97 131.29
N ASP G 76 19.47 28.78 131.83
CA ASP G 76 19.04 28.69 133.22
C ASP G 76 20.16 29.03 134.20
N GLU G 77 21.42 28.80 133.80
CA GLU G 77 22.54 29.22 134.63
C GLU G 77 22.64 30.74 134.72
N VAL G 78 22.41 31.44 133.61
CA VAL G 78 22.35 32.90 133.65
C VAL G 78 21.11 33.36 134.41
N ARG G 79 19.99 32.67 134.24
CA ARG G 79 18.74 33.00 134.93
C ARG G 79 18.77 32.64 136.41
N THR G 80 19.78 31.92 136.88
CA THR G 80 19.90 31.57 138.29
C THR G 80 21.16 32.12 138.94
N GLY G 81 22.29 32.08 138.25
CA GLY G 81 23.54 32.59 138.79
C GLY G 81 24.25 33.53 137.84
N TYR G 83 21.67 39.34 137.93
CA TYR G 83 21.69 38.44 136.78
C TYR G 83 20.27 38.05 136.38
N ARG G 84 19.53 37.48 137.34
CA ARG G 84 18.17 37.03 137.08
C ARG G 84 17.23 38.20 136.87
N GLN G 85 17.28 39.20 137.75
CA GLN G 85 16.50 40.41 137.57
C GLN G 85 17.17 41.37 136.58
N LEU G 86 18.45 41.17 136.29
CA LEU G 86 19.14 42.02 135.32
C LEU G 86 18.66 41.73 133.90
N PHE G 87 18.56 40.45 133.53
CA PHE G 87 18.14 40.04 132.20
C PHE G 87 16.69 39.60 132.25
N HIS G 88 15.87 40.20 131.38
CA HIS G 88 14.46 39.81 131.32
C HIS G 88 14.33 38.41 130.72
N PRO G 89 13.45 37.57 131.28
CA PRO G 89 13.27 36.21 130.74
C PRO G 89 12.62 36.17 129.36
N GLU G 90 11.96 37.25 128.94
CA GLU G 90 11.31 37.24 127.63
C GLU G 90 12.33 37.26 126.49
N GLN G 91 13.45 37.95 126.69
CA GLN G 91 14.46 38.07 125.64
C GLN G 91 15.45 36.93 125.64
N LEU G 92 15.44 36.06 126.65
CA LEU G 92 16.35 34.92 126.71
C LEU G 92 15.64 33.71 126.08
N ILE G 93 16.05 33.35 124.86
CA ILE G 93 15.42 32.29 124.11
C ILE G 93 16.20 31.00 124.30
N THR G 94 15.52 29.94 124.71
CA THR G 94 16.11 28.62 124.87
C THR G 94 15.67 27.72 123.72
N GLY G 95 16.29 26.54 123.65
CA GLY G 95 15.94 25.55 122.66
C GLY G 95 15.83 24.17 123.31
N LYS G 96 15.25 23.24 122.56
CA LYS G 96 14.97 21.91 123.08
C LYS G 96 16.12 20.94 122.77
N GLU G 97 16.44 20.77 121.50
CA GLU G 97 17.44 19.81 121.05
C GLU G 97 18.65 20.54 120.49
N ASP G 98 19.84 20.11 120.88
CA ASP G 98 21.05 20.71 120.35
C ASP G 98 21.31 20.22 118.94
N ALA G 99 22.14 20.97 118.20
CA ALA G 99 22.55 20.53 116.87
C ALA G 99 23.70 19.54 116.92
N ALA G 100 24.37 19.44 118.07
CA ALA G 100 25.34 18.38 118.39
C ALA G 100 26.51 18.33 117.40
N ASN G 101 27.23 19.46 117.33
CA ASN G 101 28.44 19.62 116.50
C ASN G 101 28.15 19.36 115.02
N ASN G 102 26.98 19.78 114.56
CA ASN G 102 26.60 19.63 113.16
C ASN G 102 26.08 20.97 112.65
N TYR G 103 26.64 21.44 111.53
CA TYR G 103 26.20 22.69 110.94
C TYR G 103 24.82 22.53 110.31
N ALA G 104 24.59 21.42 109.59
CA ALA G 104 23.35 21.22 108.86
C ALA G 104 22.16 21.06 109.80
N ARG G 105 22.38 20.51 111.00
CA ARG G 105 21.31 20.40 111.97
C ARG G 105 20.87 21.77 112.47
N GLY G 106 21.82 22.66 112.74
CA GLY G 106 21.47 24.01 113.13
C GLY G 106 21.05 24.91 111.99
N HIS G 107 21.25 24.48 110.74
CA HIS G 107 20.94 25.31 109.59
C HIS G 107 19.71 24.89 108.82
N TYR G 108 19.26 23.65 108.94
CA TYR G 108 18.16 23.23 108.07
C TYR G 108 16.97 22.65 108.82
N THR G 109 17.19 21.91 109.90
CA THR G 109 16.09 21.23 110.59
C THR G 109 15.84 21.77 111.99
N ILE G 110 16.86 21.82 112.85
CA ILE G 110 16.61 22.17 114.24
C ILE G 110 16.54 23.68 114.41
N GLY G 111 17.39 24.42 113.71
CA GLY G 111 17.33 25.87 113.77
C GLY G 111 16.17 26.47 112.99
N LYS G 112 15.66 25.75 111.99
CA LYS G 112 14.57 26.27 111.17
C LYS G 112 13.23 26.22 111.90
N GLU G 113 13.09 25.38 112.92
CA GLU G 113 11.87 25.36 113.72
C GLU G 113 11.85 26.43 114.80
N ILE G 114 12.94 27.18 114.97
CA ILE G 114 13.07 28.17 116.03
C ILE G 114 13.52 29.53 115.52
N ILE G 115 13.81 29.65 114.22
CA ILE G 115 14.34 30.89 113.65
C ILE G 115 13.29 32.00 113.68
N ASP G 116 12.01 31.66 113.50
CA ASP G 116 10.96 32.67 113.43
C ASP G 116 10.72 33.34 114.78
N LEU G 117 10.77 32.57 115.87
CA LEU G 117 10.61 33.15 117.20
C LEU G 117 11.77 34.06 117.56
N VAL G 118 12.99 33.68 117.17
CA VAL G 118 14.16 34.53 117.43
C VAL G 118 14.09 35.80 116.58
N LEU G 119 13.60 35.69 115.35
CA LEU G 119 13.41 36.87 114.50
C LEU G 119 12.35 37.81 115.08
N ASP G 120 11.27 37.24 115.62
CA ASP G 120 10.22 38.05 116.25
C ASP G 120 10.73 38.73 117.51
N ARG G 121 11.56 38.04 118.30
CA ARG G 121 12.15 38.66 119.48
C ARG G 121 13.15 39.74 119.09
N ILE G 122 13.87 39.54 118.00
CA ILE G 122 14.81 40.55 117.50
C ILE G 122 14.05 41.79 117.05
N ARG G 123 12.93 41.61 116.35
CA ARG G 123 12.12 42.75 115.91
C ARG G 123 11.46 43.44 117.10
N LYS G 124 11.06 42.68 118.12
CA LYS G 124 10.48 43.26 119.33
C LYS G 124 11.50 44.09 120.09
N LEU G 125 12.75 43.62 120.16
CA LEU G 125 13.78 44.41 120.83
C LEU G 125 14.23 45.60 119.98
N ALA G 126 14.14 45.48 118.66
CA ALA G 126 14.48 46.58 117.77
C ALA G 126 13.39 47.63 117.70
N ASP G 127 12.16 47.30 118.10
CA ASP G 127 11.09 48.29 118.12
C ASP G 127 11.32 49.34 119.20
N GLN G 128 12.02 48.98 120.27
CA GLN G 128 12.41 49.96 121.28
C GLN G 128 13.59 50.82 120.84
N CYS G 129 14.30 50.41 119.80
CA CYS G 129 15.45 51.15 119.29
C CYS G 129 15.02 52.06 118.14
N THR G 130 15.33 53.35 118.28
CA THR G 130 14.98 54.33 117.26
C THR G 130 16.16 54.70 116.36
N GLY G 131 17.39 54.51 116.82
CA GLY G 131 18.57 54.84 116.05
C GLY G 131 19.56 53.70 115.99
N LEU G 132 19.03 52.47 115.88
CA LEU G 132 19.84 51.26 115.96
C LEU G 132 20.85 51.17 114.83
N GLN G 133 22.09 50.85 115.20
CA GLN G 133 23.19 50.76 114.24
C GLN G 133 23.31 49.36 113.64
N GLY G 134 23.25 48.33 114.49
CA GLY G 134 23.40 46.98 114.01
C GLY G 134 23.41 46.00 115.15
N PHE G 135 24.05 44.86 114.93
CA PHE G 135 24.03 43.77 115.89
C PHE G 135 25.44 43.23 116.10
N LEU G 136 25.71 42.82 117.34
CA LEU G 136 26.95 42.15 117.70
C LEU G 136 26.64 40.66 117.83
N VAL G 137 27.10 39.87 116.87
CA VAL G 137 26.86 38.43 116.87
C VAL G 137 27.98 37.75 117.65
N PHE G 138 27.63 37.14 118.77
CA PHE G 138 28.54 36.31 119.55
C PHE G 138 28.25 34.85 119.23
N HIS G 139 29.25 34.13 118.73
CA HIS G 139 29.07 32.71 118.42
C HIS G 139 30.43 32.03 118.47
N SER G 140 30.46 30.76 118.08
CA SER G 140 31.69 29.99 118.02
C SER G 140 31.68 29.14 116.75
N PHE G 141 32.86 28.97 116.16
CA PHE G 141 32.96 28.31 114.86
C PHE G 141 32.79 26.80 114.98
N GLY G 142 33.16 26.22 116.13
CA GLY G 142 33.21 24.77 116.24
C GLY G 142 31.88 24.09 116.44
N GLY G 143 30.97 24.73 117.16
CA GLY G 143 29.73 24.09 117.57
C GLY G 143 28.74 23.90 116.44
N GLY G 144 27.60 23.33 116.80
CA GLY G 144 26.54 23.08 115.85
C GLY G 144 25.51 24.19 115.86
N THR G 145 25.15 24.66 117.05
CA THR G 145 24.26 25.81 117.17
C THR G 145 24.96 27.07 116.71
N GLY G 146 26.17 27.32 117.21
CA GLY G 146 26.93 28.53 116.97
C GLY G 146 27.43 28.71 115.56
N SER G 147 27.27 27.70 114.70
CA SER G 147 27.55 27.83 113.28
C SER G 147 26.29 27.82 112.45
N GLY G 148 25.42 26.82 112.64
CA GLY G 148 24.23 26.71 111.81
C GLY G 148 23.19 27.77 112.10
N PHE G 149 22.89 28.00 113.38
CA PHE G 149 21.92 29.03 113.71
C PHE G 149 22.48 30.42 113.46
N THR G 150 23.79 30.59 113.62
CA THR G 150 24.44 31.85 113.25
C THR G 150 24.33 32.11 111.75
N SER G 151 24.51 31.07 110.94
CA SER G 151 24.41 31.25 109.49
C SER G 151 22.98 31.56 109.06
N LEU G 152 21.99 30.88 109.65
CA LEU G 152 20.60 31.16 109.31
C LEU G 152 20.17 32.54 109.81
N LEU G 153 20.66 32.93 110.99
CA LEU G 153 20.38 34.26 111.52
C LEU G 153 21.01 35.36 110.66
N MET G 154 22.24 35.13 110.19
CA MET G 154 22.90 36.10 109.32
C MET G 154 22.18 36.21 107.98
N GLU G 155 21.68 35.08 107.44
CA GLU G 155 20.90 35.13 106.21
C GLU G 155 19.60 35.90 106.40
N ARG G 156 18.90 35.67 107.52
CA ARG G 156 17.65 36.36 107.78
C ARG G 156 17.87 37.84 108.04
N LEU G 157 18.94 38.20 108.74
CA LEU G 157 19.24 39.61 109.00
C LEU G 157 19.77 40.31 107.77
N SER G 158 20.39 39.61 106.83
CA SER G 158 20.78 40.24 105.58
C SER G 158 19.58 40.43 104.65
N VAL G 159 18.61 39.52 104.69
CA VAL G 159 17.40 39.71 103.89
C VAL G 159 16.54 40.83 104.48
N ASP G 160 16.39 40.87 105.80
CA ASP G 160 15.41 41.75 106.43
C ASP G 160 15.98 43.09 106.87
N TYR G 161 17.27 43.17 107.16
CA TYR G 161 17.90 44.38 107.71
C TYR G 161 19.07 44.80 106.85
N GLY G 162 18.86 44.86 105.54
CA GLY G 162 19.91 45.08 104.56
C GLY G 162 20.57 46.45 104.61
N LYS G 163 19.96 47.43 105.29
CA LYS G 163 20.56 48.74 105.46
C LYS G 163 21.45 48.82 106.69
N LYS G 164 21.59 47.74 107.44
CA LYS G 164 22.38 47.73 108.66
C LYS G 164 23.67 46.93 108.47
N SER G 165 24.65 47.24 109.31
CA SER G 165 25.92 46.53 109.35
C SER G 165 25.98 45.66 110.59
N LYS G 166 26.44 44.43 110.43
CA LYS G 166 26.47 43.45 111.51
C LYS G 166 27.91 43.03 111.77
N LEU G 167 28.30 43.01 113.04
CA LEU G 167 29.62 42.56 113.43
C LEU G 167 29.63 41.03 113.55
N GLU G 168 30.74 40.50 114.04
CA GLU G 168 30.86 39.09 114.35
C GLU G 168 31.90 38.90 115.44
N PHE G 169 31.59 38.02 116.40
CA PHE G 169 32.52 37.66 117.47
C PHE G 169 32.58 36.14 117.49
N SER G 170 33.47 35.57 116.70
CA SER G 170 33.59 34.13 116.56
C SER G 170 34.72 33.60 117.43
N ILE G 171 34.65 32.30 117.72
CA ILE G 171 35.69 31.58 118.44
C ILE G 171 36.31 30.58 117.49
N TYR G 172 37.58 30.78 117.16
CA TYR G 172 38.29 29.85 116.29
C TYR G 172 38.63 28.57 117.05
N PRO G 173 38.42 27.41 116.44
CA PRO G 173 38.65 26.14 117.16
C PRO G 173 40.13 25.88 117.42
N ALA G 174 40.39 25.23 118.55
CA ALA G 174 41.74 24.93 118.99
C ALA G 174 41.88 23.46 119.33
N PRO G 175 43.04 22.86 119.06
CA PRO G 175 43.24 21.44 119.41
C PRO G 175 43.42 21.20 120.90
N GLN G 176 43.70 22.23 121.69
CA GLN G 176 43.89 22.04 123.13
C GLN G 176 42.57 21.72 123.82
N VAL G 177 41.52 22.50 123.54
CA VAL G 177 40.19 22.26 124.09
C VAL G 177 39.19 22.21 122.93
N SER G 178 38.93 21.00 122.45
CA SER G 178 37.95 20.78 121.39
C SER G 178 37.05 19.62 121.79
N THR G 179 35.74 19.83 121.71
CA THR G 179 34.77 18.80 122.06
C THR G 179 34.25 18.07 120.83
N ALA G 180 34.85 18.28 119.67
CA ALA G 180 34.36 17.66 118.45
C ALA G 180 35.50 17.49 117.46
N VAL G 181 35.24 16.69 116.44
CA VAL G 181 36.19 16.42 115.36
C VAL G 181 35.84 17.20 114.09
N VAL G 182 34.56 17.49 113.87
CA VAL G 182 34.10 18.12 112.64
C VAL G 182 34.07 19.65 112.77
N GLU G 183 34.79 20.21 113.75
CA GLU G 183 34.98 21.66 113.82
C GLU G 183 35.59 22.28 112.56
N PRO G 184 36.53 21.66 111.83
CA PRO G 184 36.85 22.18 110.48
C PRO G 184 35.67 22.24 109.53
N TYR G 185 34.80 21.23 109.55
CA TYR G 185 33.64 21.23 108.64
C TYR G 185 32.67 22.34 108.98
N ASN G 186 32.33 22.48 110.27
CA ASN G 186 31.42 23.53 110.72
C ASN G 186 32.01 24.91 110.48
N SER G 187 33.32 25.08 110.75
CA SER G 187 33.96 26.37 110.59
C SER G 187 34.02 26.80 109.13
N ILE G 188 34.37 25.88 108.22
CA ILE G 188 34.41 26.22 106.80
C ILE G 188 33.02 26.51 106.26
N LEU G 189 32.01 25.74 106.70
CA LEU G 189 30.66 25.96 106.21
C LEU G 189 30.07 27.28 106.73
N THR G 190 30.31 27.62 108.00
CA THR G 190 29.80 28.89 108.50
C THR G 190 30.66 30.08 108.06
N THR G 191 31.89 29.84 107.59
CA THR G 191 32.65 30.92 106.97
C THR G 191 32.12 31.18 105.56
N HIS G 192 31.81 30.13 104.81
CA HIS G 192 31.27 30.31 103.47
C HIS G 192 29.87 30.91 103.49
N THR G 193 29.04 30.53 104.47
CA THR G 193 27.68 31.05 104.51
C THR G 193 27.64 32.49 105.02
N THR G 194 28.44 32.83 106.03
CA THR G 194 28.46 34.17 106.59
C THR G 194 29.63 35.00 106.10
N LEU G 195 30.07 34.78 104.85
CA LEU G 195 31.08 35.66 104.27
C LEU G 195 30.46 36.96 103.80
N GLU G 196 29.31 36.89 103.14
CA GLU G 196 28.64 38.06 102.60
C GLU G 196 27.72 38.73 103.60
N HIS G 197 27.53 38.16 104.78
CA HIS G 197 26.59 38.69 105.75
C HIS G 197 27.27 39.22 107.01
N SER G 198 28.59 39.13 107.10
CA SER G 198 29.35 39.65 108.23
C SER G 198 30.32 40.71 107.74
N ASP G 199 30.47 41.77 108.53
CA ASP G 199 31.28 42.92 108.13
C ASP G 199 32.50 43.16 108.99
N CYS G 200 32.59 42.53 110.16
CA CYS G 200 33.79 42.60 111.01
C CYS G 200 33.78 41.39 111.92
N ALA G 201 34.73 40.47 111.72
CA ALA G 201 34.79 39.22 112.46
C ALA G 201 36.05 39.19 113.31
N PHE G 202 35.88 39.31 114.63
CA PHE G 202 37.00 39.20 115.56
C PHE G 202 37.16 37.75 116.01
N MET G 203 37.68 36.93 115.10
CA MET G 203 37.86 35.51 115.41
C MET G 203 39.08 35.34 116.30
N VAL G 204 38.84 34.84 117.51
CA VAL G 204 39.89 34.60 118.49
C VAL G 204 39.91 33.11 118.83
N ASP G 205 41.09 32.50 118.76
CA ASP G 205 41.21 31.08 119.06
C ASP G 205 41.55 30.88 120.54
N ASN G 206 41.04 29.78 121.09
CA ASN G 206 41.29 29.47 122.49
C ASN G 206 42.70 28.95 122.74
N GLU G 207 43.44 28.59 121.69
CA GLU G 207 44.83 28.17 121.86
C GLU G 207 45.70 29.33 122.33
N ALA G 208 45.49 30.52 121.78
CA ALA G 208 46.26 31.69 122.19
C ALA G 208 45.90 32.12 123.61
N ILE G 209 44.60 32.09 123.94
CA ILE G 209 44.16 32.41 125.30
C ILE G 209 44.69 31.40 126.31
N TYR G 210 44.71 30.12 125.92
CA TYR G 210 45.25 29.08 126.77
C TYR G 210 46.76 29.26 126.98
N ASP G 211 47.48 29.62 125.91
CA ASP G 211 48.93 29.84 126.03
C ASP G 211 49.23 31.06 126.89
N ILE G 212 48.42 32.12 126.77
CA ILE G 212 48.58 33.30 127.60
C ILE G 212 48.31 32.98 129.07
N CYS G 213 47.24 32.21 129.34
CA CYS G 213 46.95 31.80 130.71
C CYS G 213 48.00 30.84 131.26
N ARG G 214 48.64 30.06 130.39
CA ARG G 214 49.69 29.15 130.83
C ARG G 214 50.97 29.90 131.18
N ARG G 215 51.39 30.84 130.33
CA ARG G 215 52.70 31.45 130.50
C ARG G 215 52.69 32.77 131.26
N ASN G 216 51.53 33.41 131.41
CA ASN G 216 51.42 34.65 132.18
C ASN G 216 50.60 34.48 133.45
N LEU G 217 49.40 33.91 133.34
CA LEU G 217 48.54 33.73 134.49
C LEU G 217 48.83 32.40 135.18
N ARG G 221 45.79 22.36 133.44
CA ARG G 221 45.46 23.43 132.52
C ARG G 221 44.44 24.38 133.13
N PRO G 222 44.46 25.65 132.72
CA PRO G 222 43.36 26.56 133.07
C PRO G 222 42.05 26.12 132.43
N THR G 223 40.97 26.33 133.15
CA THR G 223 39.66 25.81 132.76
C THR G 223 38.96 26.79 131.82
N TYR G 224 37.68 26.54 131.55
CA TYR G 224 36.90 27.43 130.72
C TYR G 224 36.51 28.71 131.44
N THR G 225 36.58 28.72 132.78
CA THR G 225 36.24 29.93 133.53
C THR G 225 37.32 31.01 133.37
N ASN G 226 38.59 30.61 133.47
CA ASN G 226 39.68 31.55 133.27
C ASN G 226 39.75 32.04 131.83
N LEU G 227 39.51 31.15 130.87
CA LEU G 227 39.43 31.53 129.47
C LEU G 227 38.27 32.48 129.21
N ASN G 228 37.12 32.22 129.85
CA ASN G 228 35.96 33.08 129.72
C ASN G 228 36.21 34.47 130.31
N ARG G 229 36.87 34.53 131.46
CA ARG G 229 37.15 35.83 132.08
C ARG G 229 38.17 36.63 131.30
N LEU G 230 39.22 35.96 130.79
CA LEU G 230 40.21 36.65 129.98
C LEU G 230 39.63 37.11 128.65
N ILE G 231 38.81 36.28 128.00
CA ILE G 231 38.17 36.65 126.75
C ILE G 231 37.17 37.77 126.96
N GLY G 232 36.48 37.77 128.11
CA GLY G 232 35.61 38.87 128.45
C GLY G 232 36.36 40.18 128.66
N GLN G 233 37.55 40.09 129.26
CA GLN G 233 38.41 41.28 129.39
C GLN G 233 38.87 41.78 128.03
N ILE G 234 39.23 40.85 127.13
CA ILE G 234 39.70 41.22 125.78
C ILE G 234 38.59 41.91 125.01
N VAL G 235 37.40 41.31 124.99
CA VAL G 235 36.25 41.87 124.27
C VAL G 235 35.79 43.18 124.91
N SER G 236 35.86 43.28 126.25
CA SER G 236 35.49 44.52 126.93
C SER G 236 36.43 45.67 126.58
N SER G 237 37.73 45.41 126.49
CA SER G 237 38.63 46.47 126.06
C SER G 237 38.64 46.67 124.55
N ILE G 238 38.13 45.71 123.77
CA ILE G 238 37.88 45.94 122.35
C ILE G 238 36.72 46.92 122.20
N THR G 239 35.64 46.69 122.93
CA THR G 239 34.42 47.50 122.84
C THR G 239 34.37 48.53 123.98
N ALA G 240 35.52 48.91 124.53
CA ALA G 240 35.54 49.98 125.52
C ALA G 240 35.24 51.34 124.90
N SER G 241 35.72 51.58 123.68
CA SER G 241 35.52 52.88 123.04
C SER G 241 34.09 53.10 122.58
N LEU G 242 33.32 52.03 122.40
CA LEU G 242 31.95 52.18 121.92
C LEU G 242 31.00 52.59 123.04
N ARG G 243 31.35 52.27 124.29
CA ARG G 243 30.52 52.62 125.45
C ARG G 243 31.09 53.78 126.25
N PHE G 244 32.10 54.49 125.73
CA PHE G 244 32.72 55.57 126.47
C PHE G 244 32.73 56.86 125.66
N ASP G 245 33.48 57.86 126.13
CA ASP G 245 33.58 59.14 125.44
C ASP G 245 34.22 58.98 124.08
N GLY G 246 33.84 59.85 123.15
CA GLY G 246 34.16 59.67 121.75
C GLY G 246 35.52 60.17 121.30
N ALA G 247 36.42 59.24 121.00
CA ALA G 247 37.70 59.56 120.36
C ALA G 247 37.77 58.99 118.96
N LEU G 248 37.59 57.67 118.83
CA LEU G 248 37.46 57.00 117.54
C LEU G 248 36.82 55.64 117.78
N ASN G 249 36.34 55.04 116.68
CA ASN G 249 35.73 53.70 116.66
C ASN G 249 34.54 53.60 117.60
N VAL G 250 33.74 54.65 117.65
CA VAL G 250 32.57 54.68 118.52
C VAL G 250 31.31 54.19 117.83
N ASP G 251 31.41 53.77 116.57
CA ASP G 251 30.26 53.30 115.81
C ASP G 251 30.66 52.08 115.00
N LEU G 252 29.64 51.33 114.57
CA LEU G 252 29.88 50.14 113.75
C LEU G 252 30.39 50.52 112.36
N THR G 253 29.95 51.67 111.83
CA THR G 253 30.49 52.17 110.58
C THR G 253 31.95 52.57 110.73
N GLU G 254 32.33 53.10 111.89
CA GLU G 254 33.73 53.40 112.15
C GLU G 254 34.57 52.13 112.18
N PHE G 255 34.05 51.06 112.79
CA PHE G 255 34.73 49.77 112.78
C PHE G 255 34.85 49.22 111.37
N GLN G 256 33.78 49.36 110.58
CA GLN G 256 33.78 48.82 109.22
C GLN G 256 34.66 49.64 108.27
N THR G 257 34.90 50.91 108.56
CA THR G 257 35.66 51.76 107.65
C THR G 257 37.12 51.93 108.05
N ASN G 258 37.45 51.82 109.34
CA ASN G 258 38.84 51.98 109.77
C ASN G 258 39.69 50.75 109.52
N LEU G 259 39.07 49.59 109.28
CA LEU G 259 39.82 48.34 109.21
C LEU G 259 39.49 47.45 108.02
N VAL G 260 38.35 47.63 107.36
CA VAL G 260 37.85 46.67 106.38
C VAL G 260 37.79 47.35 105.03
N PRO G 261 38.79 47.12 104.16
CA PRO G 261 38.73 47.67 102.80
C PRO G 261 37.86 46.87 101.84
N TYR G 262 37.80 45.56 101.99
CA TYR G 262 37.19 44.67 101.02
C TYR G 262 35.84 44.17 101.52
N PRO G 263 34.95 43.75 100.62
CA PRO G 263 33.71 43.08 101.08
C PRO G 263 33.95 41.73 101.74
N ARG G 264 35.08 41.07 101.49
CA ARG G 264 35.36 39.75 102.03
C ARG G 264 36.42 39.73 103.12
N ILE G 265 37.39 40.65 103.08
CA ILE G 265 38.50 40.64 104.03
C ILE G 265 38.07 41.47 105.23
N HIS G 266 37.43 40.82 106.20
CA HIS G 266 36.95 41.51 107.39
C HIS G 266 37.32 40.74 108.66
N PHE G 267 38.59 40.32 108.74
CA PHE G 267 39.08 39.56 109.89
C PHE G 267 40.22 40.31 110.55
N PRO G 268 39.94 41.20 111.50
CA PRO G 268 41.00 41.89 112.24
C PRO G 268 41.69 40.96 113.23
N LEU G 269 42.78 41.47 113.79
CA LEU G 269 43.57 40.76 114.79
C LEU G 269 43.78 41.67 115.98
N ALA G 270 43.52 41.15 117.17
CA ALA G 270 43.75 41.89 118.41
C ALA G 270 44.97 41.36 119.14
N THR G 271 45.66 42.25 119.85
CA THR G 271 46.84 41.88 120.63
C THR G 271 46.84 42.67 121.93
N TYR G 272 47.15 42.00 123.03
CA TYR G 272 47.10 42.62 124.35
C TYR G 272 48.40 42.38 125.09
N ALA G 273 49.04 43.48 125.51
CA ALA G 273 50.24 43.47 126.32
C ALA G 273 50.03 43.19 127.82
N PRO G 274 49.17 43.95 128.57
CA PRO G 274 49.32 43.84 130.04
C PRO G 274 48.59 42.67 130.70
N VAL G 275 49.18 41.49 130.57
CA VAL G 275 48.69 40.29 131.23
C VAL G 275 49.73 39.92 132.29
N ILE G 276 49.42 40.22 133.55
CA ILE G 276 50.33 39.95 134.66
C ILE G 276 49.58 39.17 135.73
N SER G 277 50.35 38.46 136.56
CA SER G 277 49.76 37.64 137.62
C SER G 277 49.19 38.53 138.72
N ALA G 278 48.07 38.09 139.28
CA ALA G 278 47.41 38.83 140.35
C ALA G 278 47.91 38.40 141.72
N GLN G 285 57.67 48.65 136.93
CA GLN G 285 56.39 48.32 136.29
C GLN G 285 56.58 48.07 134.80
N LEU G 286 55.71 48.65 133.99
CA LEU G 286 55.76 48.49 132.54
C LEU G 286 55.60 49.86 131.89
N SER G 287 56.56 50.23 131.04
CA SER G 287 56.51 51.49 130.35
C SER G 287 55.58 51.40 129.13
N VAL G 288 55.28 52.57 128.56
CA VAL G 288 54.40 52.63 127.39
C VAL G 288 55.08 52.05 126.16
N ALA G 289 56.40 52.24 126.04
CA ALA G 289 57.13 51.77 124.86
C ALA G 289 57.17 50.24 124.80
N GLU G 290 57.37 49.58 125.94
CA GLU G 290 57.45 48.12 125.93
C GLU G 290 56.08 47.48 125.74
N ILE G 291 55.03 48.08 126.31
CA ILE G 291 53.69 47.53 126.09
C ILE G 291 53.17 47.86 124.68
N THR G 292 53.70 48.91 124.04
CA THR G 292 53.44 49.07 122.62
C THR G 292 54.23 48.05 121.80
N ASN G 293 55.45 47.74 122.24
CA ASN G 293 56.25 46.71 121.57
C ASN G 293 55.68 45.31 121.79
N ALA G 294 55.09 45.06 122.96
CA ALA G 294 54.48 43.77 123.22
C ALA G 294 53.18 43.58 122.43
N CYS G 295 52.54 44.67 121.99
CA CYS G 295 51.39 44.57 121.11
C CYS G 295 51.79 44.15 119.70
N PHE G 296 53.07 44.20 119.35
CA PHE G 296 53.55 43.70 118.08
C PHE G 296 54.21 42.34 118.19
N GLU G 297 54.21 41.74 119.38
CA GLU G 297 54.79 40.41 119.55
C GLU G 297 53.86 39.35 118.96
N PRO G 298 54.37 38.46 118.10
CA PRO G 298 53.48 37.43 117.50
C PRO G 298 53.00 36.39 118.49
N ALA G 299 53.67 36.23 119.63
CA ALA G 299 53.26 35.23 120.62
C ALA G 299 52.21 35.74 121.58
N ASN G 300 51.89 37.04 121.55
CA ASN G 300 50.87 37.61 122.42
C ASN G 300 49.59 37.96 121.67
N GLN G 301 49.48 37.57 120.40
CA GLN G 301 48.30 37.89 119.62
C GLN G 301 47.14 36.96 120.00
N MET G 302 45.93 37.41 119.67
CA MET G 302 44.73 36.61 119.88
C MET G 302 44.48 35.62 118.76
N VAL G 303 45.32 35.61 117.72
CA VAL G 303 45.30 34.59 116.68
C VAL G 303 46.71 34.03 116.58
N LYS G 304 46.84 32.71 116.59
CA LYS G 304 48.15 32.06 116.52
C LYS G 304 48.65 32.11 115.09
N CYS G 305 49.29 33.23 114.74
CA CYS G 305 49.84 33.42 113.41
C CYS G 305 50.98 34.42 113.50
N ASP G 306 51.79 34.46 112.44
CA ASP G 306 52.94 35.35 112.39
C ASP G 306 52.65 36.52 111.45
N PRO G 307 52.56 37.76 111.96
CA PRO G 307 52.30 38.90 111.07
C PRO G 307 53.50 39.36 110.27
N ARG G 308 54.71 38.87 110.60
CA ARG G 308 55.90 39.33 109.90
C ARG G 308 55.99 38.78 108.47
N HIS G 309 55.34 37.66 108.20
CA HIS G 309 55.31 37.14 106.83
C HIS G 309 54.25 37.81 105.98
N GLY G 310 53.32 38.54 106.59
CA GLY G 310 52.31 39.27 105.87
C GLY G 310 52.53 40.78 105.95
N LYS G 311 51.61 41.50 105.33
CA LYS G 311 51.63 42.95 105.31
C LYS G 311 50.43 43.51 106.06
N TYR G 312 50.66 44.55 106.84
CA TYR G 312 49.58 45.20 107.56
C TYR G 312 48.67 45.95 106.60
N MET G 313 47.45 46.25 107.08
CA MET G 313 46.52 47.03 106.28
C MET G 313 46.04 48.25 107.07
N ALA G 314 45.89 48.10 108.39
CA ALA G 314 45.41 49.18 109.23
C ALA G 314 45.85 48.92 110.66
N CYS G 315 45.71 49.94 111.49
CA CYS G 315 46.02 49.83 112.92
C CYS G 315 45.16 50.83 113.67
N CYS G 316 44.47 50.38 114.71
CA CYS G 316 43.69 51.25 115.58
C CYS G 316 44.08 50.93 117.02
N LEU G 317 45.12 51.61 117.51
CA LEU G 317 45.59 51.39 118.86
C LEU G 317 44.65 52.07 119.86
N LEU G 318 44.11 51.30 120.80
CA LEU G 318 43.19 51.83 121.80
C LEU G 318 43.85 51.70 123.17
N TYR G 319 44.15 52.84 123.79
CA TYR G 319 44.82 52.86 125.07
C TYR G 319 43.81 53.08 126.20
N ARG G 320 44.00 52.34 127.29
CA ARG G 320 43.15 52.45 128.47
C ARG G 320 43.99 52.82 129.68
N GLY G 321 43.39 53.57 130.59
CA GLY G 321 44.08 54.01 131.79
C GLY G 321 44.79 55.34 131.60
N ASP G 322 45.51 55.74 132.65
CA ASP G 322 46.22 57.01 132.66
C ASP G 322 47.52 56.87 131.88
N VAL G 323 47.40 57.02 130.56
CA VAL G 323 48.54 56.99 129.65
C VAL G 323 48.69 58.39 129.05
N VAL G 324 49.86 58.99 129.25
CA VAL G 324 50.12 60.33 128.73
C VAL G 324 50.27 60.26 127.21
N PRO G 325 49.58 61.11 126.45
CA PRO G 325 49.63 61.01 124.98
C PRO G 325 50.92 61.51 124.34
N LYS G 326 51.82 62.12 125.12
CA LYS G 326 53.08 62.59 124.56
C LYS G 326 54.01 61.43 124.23
N ASP G 327 54.13 60.47 125.15
CA ASP G 327 55.04 59.34 124.96
C ASP G 327 54.47 58.27 124.03
N VAL G 328 53.18 58.34 123.71
CA VAL G 328 52.60 57.40 122.74
C VAL G 328 53.20 57.61 121.36
N ASN G 329 53.44 58.87 120.98
CA ASN G 329 54.07 59.15 119.70
C ASN G 329 55.54 58.72 119.68
N ALA G 330 56.24 58.84 120.81
CA ALA G 330 57.60 58.32 120.90
C ALA G 330 57.63 56.81 120.80
N ALA G 331 56.66 56.13 121.43
CA ALA G 331 56.51 54.69 121.27
C ALA G 331 56.21 54.31 119.83
N ILE G 332 55.39 55.12 119.15
CA ILE G 332 55.07 54.91 117.74
C ILE G 332 56.32 55.06 116.88
N ALA G 333 57.15 56.06 117.18
CA ALA G 333 58.40 56.25 116.44
C ALA G 333 59.37 55.10 116.66
N THR G 334 59.49 54.63 117.90
CA THR G 334 60.38 53.51 118.18
C THR G 334 59.86 52.21 117.56
N ILE G 335 58.54 52.07 117.43
CA ILE G 335 57.97 50.93 116.71
C ILE G 335 58.29 51.04 115.22
N LYS G 336 58.09 52.22 114.64
CA LYS G 336 58.24 52.41 113.20
C LYS G 336 59.70 52.40 112.75
N THR G 337 60.65 52.62 113.68
CA THR G 337 62.06 52.53 113.29
C THR G 337 62.46 51.10 112.97
N LYS G 338 61.78 50.11 113.56
CA LYS G 338 62.08 48.72 113.26
C LYS G 338 61.55 48.34 111.90
N ARG G 339 62.26 47.43 111.22
CA ARG G 339 61.93 47.00 109.88
C ARG G 339 60.97 45.82 109.84
N THR G 340 60.38 45.46 110.98
CA THR G 340 59.47 44.32 111.03
C THR G 340 58.15 44.62 110.32
N ILE G 341 57.59 45.80 110.55
CA ILE G 341 56.29 46.15 109.98
C ILE G 341 56.48 46.59 108.53
N GLN G 342 55.80 45.92 107.61
CA GLN G 342 55.85 46.23 106.19
C GLN G 342 54.43 46.52 105.72
N PHE G 343 54.07 47.80 105.65
CA PHE G 343 52.72 48.20 105.31
C PHE G 343 52.44 47.98 103.81
N VAL G 344 51.17 48.15 103.45
CA VAL G 344 50.73 48.11 102.06
C VAL G 344 51.10 49.43 101.41
N ASP G 345 51.03 49.49 100.08
CA ASP G 345 51.51 50.63 99.33
C ASP G 345 50.40 51.37 98.59
N TRP G 346 49.24 51.55 99.24
CA TRP G 346 48.25 52.51 98.76
C TRP G 346 47.69 53.25 99.98
N CYS G 347 48.38 54.35 100.36
CA CYS G 347 48.11 55.22 101.50
C CYS G 347 47.85 54.45 102.79
N PRO G 348 48.87 53.79 103.36
CA PRO G 348 48.60 52.87 104.47
C PRO G 348 48.30 53.55 105.80
N THR G 349 48.55 54.85 105.91
CA THR G 349 48.37 55.69 107.12
C THR G 349 49.18 55.08 108.25
N GLY G 350 48.65 54.96 109.46
CA GLY G 350 49.41 54.43 110.57
C GLY G 350 48.57 54.09 111.79
N PHE G 351 49.16 54.21 112.97
CA PHE G 351 48.50 53.82 114.21
C PHE G 351 47.59 54.94 114.68
N LYS G 352 46.29 54.81 114.39
CA LYS G 352 45.29 55.82 114.74
C LYS G 352 44.95 55.67 116.23
N VAL G 353 45.79 56.27 117.06
CA VAL G 353 45.68 56.11 118.50
C VAL G 353 44.57 57.01 119.05
N GLY G 354 43.65 56.42 119.79
CA GLY G 354 42.72 57.18 120.62
C GLY G 354 42.82 56.68 122.05
N ILE G 355 42.83 57.61 122.99
CA ILE G 355 43.12 57.32 124.39
C ILE G 355 41.89 57.61 125.22
N ASN G 356 41.43 56.62 125.97
CA ASN G 356 40.36 56.78 126.95
C ASN G 356 40.98 56.84 128.34
N TYR G 357 40.65 57.90 129.10
CA TYR G 357 41.31 58.15 130.37
C TYR G 357 40.72 57.35 131.52
N GLN G 358 39.59 56.67 131.32
CA GLN G 358 39.05 55.83 132.38
C GLN G 358 39.84 54.53 132.46
N PRO G 359 40.35 54.17 133.64
CA PRO G 359 41.10 52.91 133.76
C PRO G 359 40.16 51.72 133.67
N PRO G 360 40.63 50.61 133.09
CA PRO G 360 39.80 49.41 133.05
C PRO G 360 39.72 48.76 134.43
N THR G 361 38.56 48.17 134.71
CA THR G 361 38.31 47.53 135.99
C THR G 361 38.36 46.01 135.81
N VAL G 362 39.11 45.34 136.67
CA VAL G 362 39.22 43.89 136.63
C VAL G 362 38.28 43.30 137.67
N VAL G 363 38.04 42.00 137.55
CA VAL G 363 37.21 41.27 138.52
C VAL G 363 37.93 41.22 139.86
N PRO G 364 37.26 41.56 140.97
CA PRO G 364 37.92 41.52 142.29
C PRO G 364 38.23 40.09 142.70
N GLY G 365 39.52 39.79 142.81
CA GLY G 365 39.96 38.43 143.09
C GLY G 365 39.66 37.45 141.97
N GLY G 366 39.87 37.85 140.73
CA GLY G 366 39.57 36.99 139.60
C GLY G 366 40.79 36.34 138.99
N ASP G 367 41.09 36.69 137.73
CA ASP G 367 42.21 36.09 137.03
C ASP G 367 43.21 37.08 136.46
N LEU G 368 42.83 38.33 136.26
CA LEU G 368 43.74 39.36 135.75
C LEU G 368 43.88 40.48 136.77
N ALA G 369 45.11 40.92 136.96
CA ALA G 369 45.39 41.96 137.95
C ALA G 369 45.00 43.33 137.43
N LYS G 370 44.69 44.23 138.35
CA LYS G 370 44.40 45.62 138.01
C LYS G 370 45.68 46.32 137.58
N VAL G 371 45.64 46.98 136.42
CA VAL G 371 46.80 47.65 135.86
C VAL G 371 46.41 49.08 135.50
N GLN G 372 47.41 49.95 135.38
CA GLN G 372 47.19 51.35 135.07
C GLN G 372 47.41 51.67 133.60
N ARG G 373 48.24 50.90 132.90
CA ARG G 373 48.53 51.12 131.49
C ARG G 373 48.03 49.91 130.71
N ALA G 374 47.09 50.15 129.80
CA ALA G 374 46.52 49.08 128.98
C ALA G 374 46.49 49.51 127.53
N VAL G 375 46.74 48.56 126.63
CA VAL G 375 46.90 48.85 125.21
C VAL G 375 46.35 47.67 124.41
N CYS G 376 45.58 47.98 123.37
CA CYS G 376 45.03 46.99 122.46
C CYS G 376 45.29 47.42 121.03
N MET G 377 45.64 46.47 120.17
CA MET G 377 46.03 46.76 118.78
C MET G 377 45.07 46.07 117.83
N LEU G 378 44.02 46.78 117.43
CA LEU G 378 43.09 46.28 116.42
C LEU G 378 43.72 46.48 115.05
N SER G 379 44.43 45.47 114.56
CA SER G 379 45.20 45.61 113.33
C SER G 379 44.78 44.55 112.33
N ASN G 380 44.51 44.98 111.10
CA ASN G 380 44.25 44.08 109.99
C ASN G 380 45.56 43.68 109.34
N THR G 381 45.65 42.43 108.90
CA THR G 381 46.82 41.93 108.21
C THR G 381 46.41 40.79 107.29
N THR G 382 47.40 40.25 106.58
CA THR G 382 47.21 39.08 105.74
C THR G 382 47.68 37.79 106.42
N ALA G 383 48.01 37.85 107.71
CA ALA G 383 48.48 36.69 108.45
C ALA G 383 47.36 35.74 108.86
N ILE G 384 46.09 36.15 108.73
CA ILE G 384 44.99 35.25 109.01
C ILE G 384 44.86 34.19 107.92
N ALA G 385 45.45 34.42 106.74
CA ALA G 385 45.42 33.45 105.65
C ALA G 385 46.15 32.16 106.02
N GLU G 386 47.13 32.24 106.92
CA GLU G 386 47.76 31.03 107.45
C GLU G 386 46.77 30.19 108.26
N ALA G 387 45.95 30.85 109.09
CA ALA G 387 44.92 30.14 109.86
C ALA G 387 43.87 29.54 108.95
N TRP G 388 43.46 30.27 107.91
CA TRP G 388 42.49 29.70 106.97
C TRP G 388 43.10 28.59 106.13
N ALA G 389 44.41 28.65 105.86
CA ALA G 389 45.08 27.55 105.18
C ALA G 389 45.15 26.30 106.06
N ARG G 390 45.37 26.48 107.37
CA ARG G 390 45.33 25.36 108.30
C ARG G 390 43.94 24.74 108.37
N LEU G 391 42.91 25.58 108.41
CA LEU G 391 41.53 25.09 108.47
C LEU G 391 41.13 24.38 107.19
N ASP G 392 41.55 24.88 106.04
CA ASP G 392 41.25 24.21 104.78
C ASP G 392 42.10 22.96 104.58
N HIS G 393 43.30 22.91 105.17
CA HIS G 393 44.09 21.68 105.13
C HIS G 393 43.44 20.59 105.97
N LYS G 394 42.91 20.95 107.15
CA LYS G 394 42.14 20.00 107.94
C LYS G 394 40.84 19.62 107.23
N PHE G 395 40.22 20.56 106.52
CA PHE G 395 39.03 20.26 105.72
C PHE G 395 39.36 19.34 104.55
N ASP G 396 40.51 19.54 103.90
CA ASP G 396 40.86 18.71 102.75
C ASP G 396 41.28 17.31 103.18
N LEU G 397 41.81 17.17 104.40
CA LEU G 397 42.21 15.85 104.88
C LEU G 397 41.00 14.97 105.18
N MET G 398 39.90 15.57 105.62
CA MET G 398 38.69 14.85 105.97
C MET G 398 37.67 14.81 104.84
N TYR G 399 38.05 15.24 103.64
CA TYR G 399 37.16 15.20 102.49
C TYR G 399 37.73 14.40 101.32
N ALA G 400 38.98 13.95 101.39
CA ALA G 400 39.51 13.09 100.35
C ALA G 400 38.83 11.72 100.37
N LYS G 401 38.47 11.23 101.55
CA LYS G 401 37.78 9.95 101.71
C LYS G 401 36.33 10.12 102.12
N ARG G 402 35.80 11.35 102.05
CA ARG G 402 34.41 11.70 102.37
C ARG G 402 34.05 11.32 103.81
N ALA G 403 34.96 11.60 104.73
CA ALA G 403 34.72 11.30 106.14
C ALA G 403 33.66 12.24 106.72
N PHE G 404 32.80 11.66 107.57
CA PHE G 404 31.77 12.38 108.34
C PHE G 404 30.75 13.09 107.46
N VAL G 405 30.62 12.69 106.19
CA VAL G 405 29.78 13.42 105.25
C VAL G 405 28.31 13.17 105.54
N HIS G 406 27.95 11.93 105.91
CA HIS G 406 26.56 11.50 106.04
C HIS G 406 25.80 12.20 107.17
N TRP G 407 26.51 12.75 108.17
CA TRP G 407 25.83 13.44 109.25
C TRP G 407 25.24 14.77 108.81
N TYR G 408 25.69 15.32 107.68
CA TYR G 408 25.20 16.58 107.15
C TYR G 408 24.17 16.40 106.05
N VAL G 409 24.36 15.41 105.18
CA VAL G 409 23.40 15.14 104.09
C VAL G 409 22.09 14.61 104.64
N GLY G 410 22.11 13.96 105.81
CA GLY G 410 20.91 13.43 106.39
C GLY G 410 19.99 14.47 107.00
N GLU G 411 20.42 15.72 107.09
CA GLU G 411 19.61 16.80 107.63
C GLU G 411 19.20 17.81 106.56
N GLY G 412 19.24 17.42 105.29
CA GLY G 412 18.76 18.23 104.19
C GLY G 412 19.83 18.90 103.36
N MET G 413 21.07 18.94 103.83
CA MET G 413 22.14 19.55 103.06
C MET G 413 22.54 18.64 101.89
N GLU G 414 23.22 19.24 100.92
CA GLU G 414 23.65 18.53 99.73
C GLU G 414 25.14 18.20 99.79
N GLU G 415 25.57 17.31 98.90
CA GLU G 415 26.99 16.99 98.79
C GLU G 415 27.78 18.14 98.17
N GLY G 416 27.16 18.90 97.27
CA GLY G 416 27.85 19.98 96.60
C GLY G 416 28.11 21.21 97.45
N GLU G 417 27.51 21.28 98.64
CA GLU G 417 27.75 22.42 99.53
C GLU G 417 29.18 22.40 100.07
N PHE G 418 29.75 21.21 100.29
CA PHE G 418 31.13 21.11 100.74
C PHE G 418 32.10 21.55 99.65
N SER G 419 31.83 21.16 98.39
CA SER G 419 32.66 21.62 97.28
C SER G 419 32.51 23.13 97.06
N GLU G 420 31.31 23.66 97.27
CA GLU G 420 31.09 25.10 97.17
C GLU G 420 31.85 25.85 98.26
N ALA G 421 31.84 25.35 99.49
CA ALA G 421 32.61 25.97 100.57
C ALA G 421 34.10 25.85 100.34
N ARG G 422 34.55 24.74 99.75
CA ARG G 422 35.96 24.60 99.39
C ARG G 422 36.37 25.61 98.31
N GLU G 423 35.49 25.81 97.30
CA GLU G 423 35.77 26.81 96.27
C GLU G 423 35.79 28.22 96.85
N ASP G 424 34.88 28.50 97.78
CA ASP G 424 34.85 29.80 98.45
C ASP G 424 36.10 30.04 99.29
N MET G 425 36.57 29.01 99.99
CA MET G 425 37.79 29.17 100.79
C MET G 425 39.03 29.27 99.91
N ALA G 426 39.03 28.59 98.75
CA ALA G 426 40.11 28.76 97.79
C ALA G 426 40.11 30.18 97.23
N ALA G 427 38.93 30.74 96.97
CA ALA G 427 38.84 32.12 96.51
C ALA G 427 39.29 33.11 97.59
N LEU G 428 38.97 32.82 98.86
CA LEU G 428 39.43 33.67 99.95
C LEU G 428 40.95 33.63 100.09
N GLU G 429 41.55 32.43 99.97
CA GLU G 429 43.00 32.31 100.02
C GLU G 429 43.66 32.99 98.84
N LYS G 430 43.06 32.88 97.65
CA LYS G 430 43.59 33.54 96.46
C LYS G 430 43.50 35.06 96.58
N ASP G 431 42.42 35.57 97.17
CA ASP G 431 42.28 37.01 97.35
C ASP G 431 43.24 37.54 98.41
N TYR G 432 43.48 36.74 99.46
CA TYR G 432 44.49 37.12 100.45
C TYR G 432 45.89 37.13 99.84
N GLU G 433 46.18 36.17 98.96
CA GLU G 433 47.47 36.18 98.25
C GLU G 433 47.58 37.36 97.29
N GLU G 434 46.48 37.70 96.61
CA GLU G 434 46.52 38.83 95.67
C GLU G 434 46.65 40.16 96.39
N VAL G 435 46.09 40.29 97.60
CA VAL G 435 46.37 41.45 98.44
C VAL G 435 47.84 41.42 98.87
N GLY G 436 48.35 40.23 99.22
CA GLY G 436 49.73 40.11 99.67
C GLY G 436 50.77 40.24 98.58
N VAL G 437 50.38 40.22 97.31
CA VAL G 437 51.30 40.34 96.18
C VAL G 437 51.05 41.68 95.52
N ASP G 438 52.09 42.50 95.41
CA ASP G 438 52.01 43.82 94.79
C ASP G 438 51.73 43.72 93.30
N MET H 1 26.27 97.66 88.09
CA MET H 1 27.22 96.56 88.01
C MET H 1 26.49 95.23 87.99
N ARG H 2 27.14 94.20 87.45
CA ARG H 2 26.57 92.86 87.42
C ARG H 2 26.63 92.24 88.82
N GLU H 3 25.99 91.08 88.96
CA GLU H 3 25.86 90.43 90.25
C GLU H 3 26.33 88.99 90.16
N ILE H 4 27.25 88.60 91.04
CA ILE H 4 27.70 87.23 91.17
C ILE H 4 27.13 86.65 92.45
N VAL H 5 26.62 85.43 92.37
CA VAL H 5 26.14 84.69 93.53
C VAL H 5 27.23 83.71 93.95
N HIS H 6 27.69 83.85 95.19
CA HIS H 6 28.79 83.04 95.70
C HIS H 6 28.26 81.76 96.34
N LEU H 7 28.89 80.64 96.02
CA LEU H 7 28.50 79.33 96.54
C LEU H 7 29.70 78.64 97.15
N GLN H 8 29.56 78.20 98.40
CA GLN H 8 30.58 77.45 99.11
C GLN H 8 29.98 76.14 99.58
N ILE H 9 30.60 75.02 99.20
CA ILE H 9 30.12 73.69 99.56
C ILE H 9 31.23 72.96 100.29
N GLY H 10 30.90 72.41 101.45
CA GLY H 10 31.85 71.69 102.27
C GLY H 10 32.47 72.57 103.34
N GLN H 11 33.07 71.91 104.33
CA GLN H 11 33.71 72.67 105.42
C GLN H 11 35.00 73.33 104.96
N CYS H 12 35.70 72.71 104.00
CA CYS H 12 36.85 73.37 103.38
C CYS H 12 36.41 74.62 102.63
N GLY H 13 35.33 74.50 101.85
CA GLY H 13 34.78 75.64 101.16
C GLY H 13 34.28 76.71 102.11
N ASN H 14 33.64 76.29 103.21
CA ASN H 14 33.15 77.25 104.20
C ASN H 14 34.28 77.98 104.90
N GLN H 15 35.34 77.26 105.29
CA GLN H 15 36.45 77.88 106.01
C GLN H 15 37.25 78.83 105.11
N ILE H 16 37.59 78.37 103.90
CA ILE H 16 38.32 79.22 102.96
C ILE H 16 37.46 80.39 102.50
N GLY H 17 36.15 80.18 102.35
CA GLY H 17 35.27 81.28 102.00
C GLY H 17 35.14 82.31 103.11
N ALA H 18 35.11 81.86 104.37
CA ALA H 18 35.06 82.81 105.49
C ALA H 18 36.35 83.63 105.58
N LYS H 19 37.50 82.98 105.42
CA LYS H 19 38.77 83.72 105.43
C LYS H 19 38.88 84.66 104.24
N PHE H 20 38.42 84.22 103.06
CA PHE H 20 38.44 85.04 101.86
C PHE H 20 37.52 86.24 101.99
N TRP H 21 36.33 86.06 102.57
CA TRP H 21 35.40 87.16 102.78
C TRP H 21 35.94 88.14 103.80
N GLU H 22 36.65 87.65 104.83
CA GLU H 22 37.28 88.54 105.79
C GLU H 22 38.38 89.37 105.14
N VAL H 23 39.18 88.75 104.27
CA VAL H 23 40.24 89.47 103.56
C VAL H 23 39.64 90.51 102.62
N ILE H 24 38.53 90.17 101.94
CA ILE H 24 37.88 91.09 101.03
C ILE H 24 37.28 92.28 101.77
N SER H 25 36.58 92.00 102.88
CA SER H 25 35.96 93.08 103.65
C SER H 25 36.99 93.94 104.36
N ASP H 26 38.18 93.40 104.65
CA ASP H 26 39.28 94.24 105.09
C ASP H 26 39.81 95.09 103.96
N GLU H 27 39.89 94.52 102.75
CA GLU H 27 40.42 95.26 101.60
C GLU H 27 39.43 96.31 101.11
N HIS H 28 38.13 95.98 101.11
CA HIS H 28 37.12 96.89 100.59
C HIS H 28 36.65 97.91 101.61
N GLY H 29 37.18 97.87 102.84
CA GLY H 29 36.78 98.81 103.86
C GLY H 29 35.36 98.65 104.37
N ILE H 30 34.92 97.41 104.55
CA ILE H 30 33.58 97.12 105.04
C ILE H 30 33.71 96.55 106.45
N ASP H 31 32.95 97.11 107.39
CA ASP H 31 33.02 96.69 108.78
C ASP H 31 32.09 95.50 109.00
N ILE H 32 31.95 95.07 110.25
CA ILE H 32 31.11 93.92 110.57
C ILE H 32 29.63 94.24 110.47
N ALA H 33 29.25 95.52 110.51
CA ALA H 33 27.87 95.93 110.36
C ALA H 33 27.47 96.18 108.91
N GLY H 34 28.39 96.01 107.97
CA GLY H 34 28.08 96.17 106.56
C GLY H 34 28.12 97.60 106.06
N ASN H 35 28.67 98.53 106.83
CA ASN H 35 28.75 99.93 106.43
C ASN H 35 30.14 100.25 105.91
N TYR H 36 30.20 101.11 104.90
CA TYR H 36 31.47 101.46 104.30
C TYR H 36 32.27 102.37 105.21
N CYS H 37 33.55 102.05 105.40
CA CYS H 37 34.44 102.88 106.22
C CYS H 37 35.81 103.06 105.58
N GLY H 38 35.94 102.82 104.28
CA GLY H 38 37.21 103.00 103.62
C GLY H 38 37.50 104.45 103.26
N ASN H 39 38.71 104.67 102.76
CA ASN H 39 39.17 106.02 102.42
C ASN H 39 39.32 106.24 100.92
N ALA H 40 38.95 105.28 100.09
CA ALA H 40 39.08 105.40 98.64
C ALA H 40 37.74 105.16 97.99
N SER H 41 37.44 105.95 96.95
CA SER H 41 36.19 105.78 96.22
C SER H 41 36.23 104.58 95.28
N LEU H 42 37.42 104.01 95.02
CA LEU H 42 37.50 102.82 94.18
C LEU H 42 36.99 101.58 94.91
N GLN H 43 37.03 101.59 96.25
CA GLN H 43 36.55 100.45 97.01
C GLN H 43 35.03 100.31 96.92
N LEU H 44 34.31 101.42 96.94
CA LEU H 44 32.86 101.38 96.78
C LEU H 44 32.44 101.11 95.35
N GLU H 45 33.30 101.39 94.38
CA GLU H 45 33.01 101.04 92.99
C GLU H 45 33.18 99.55 92.77
N ARG H 46 32.31 98.99 91.92
CA ARG H 46 32.24 97.56 91.61
C ARG H 46 32.08 96.70 92.86
N ILE H 47 31.20 97.15 93.76
CA ILE H 47 30.91 96.40 94.98
C ILE H 47 29.67 95.53 94.83
N ASN H 48 28.87 95.72 93.79
CA ASN H 48 27.63 94.98 93.63
C ASN H 48 27.84 93.57 93.08
N VAL H 49 29.06 93.22 92.68
CA VAL H 49 29.33 91.86 92.24
C VAL H 49 29.31 90.89 93.41
N TYR H 50 29.73 91.34 94.59
CA TYR H 50 29.90 90.46 95.74
C TYR H 50 28.98 90.79 96.91
N PHE H 51 28.75 92.07 97.19
CA PHE H 51 28.02 92.50 98.37
C PHE H 51 26.65 93.02 97.97
N ASN H 52 25.60 92.43 98.54
CA ASN H 52 24.24 92.89 98.31
C ASN H 52 23.97 94.12 99.17
N GLU H 53 23.32 95.12 98.56
CA GLU H 53 23.01 96.36 99.26
C GLU H 53 21.68 96.19 99.99
N ALA H 54 21.73 96.07 101.31
CA ALA H 54 20.54 95.95 102.13
C ALA H 54 20.12 97.34 102.60
N TYR H 55 19.15 97.41 103.51
CA TYR H 55 18.67 98.67 104.03
C TYR H 55 19.68 99.28 105.02
N SER H 56 19.65 100.61 105.11
CA SER H 56 20.44 101.41 106.06
C SER H 56 21.94 101.19 105.89
N HIS H 57 22.40 101.22 104.63
CA HIS H 57 23.81 101.15 104.24
C HIS H 57 24.47 99.87 104.73
N LYS H 58 23.80 98.75 104.51
CA LYS H 58 24.29 97.43 104.93
C LYS H 58 24.70 96.65 103.69
N TYR H 59 25.99 96.41 103.54
CA TYR H 59 26.54 95.66 102.40
C TYR H 59 26.83 94.24 102.87
N VAL H 60 25.85 93.36 102.71
CA VAL H 60 26.00 91.96 103.11
C VAL H 60 26.39 91.13 101.89
N PRO H 61 27.25 90.13 102.04
CA PRO H 61 27.61 89.29 100.90
C PRO H 61 26.45 88.39 100.46
N ARG H 62 26.43 88.10 99.16
CA ARG H 62 25.46 87.15 98.60
C ARG H 62 26.06 85.74 98.58
N SER H 63 26.46 85.28 99.75
CA SER H 63 27.13 84.00 99.90
C SER H 63 26.14 82.93 100.34
N ILE H 64 26.18 81.78 99.68
CA ILE H 64 25.35 80.64 100.02
C ILE H 64 26.26 79.58 100.64
N LEU H 65 26.31 79.54 101.96
CA LEU H 65 27.11 78.55 102.67
C LEU H 65 26.34 77.23 102.75
N VAL H 66 26.87 76.19 102.10
CA VAL H 66 26.22 74.89 102.01
C VAL H 66 27.12 73.85 102.68
N ASP H 67 26.53 73.07 103.59
CA ASP H 67 27.22 71.96 104.22
C ASP H 67 26.18 70.92 104.63
N LEU H 68 26.65 69.80 105.16
CA LEU H 68 25.76 68.76 105.66
C LEU H 68 25.91 68.54 107.17
N GLU H 69 26.68 69.38 107.85
CA GLU H 69 26.84 69.31 109.29
C GLU H 69 26.68 70.71 109.89
N PRO H 70 25.95 70.85 111.00
CA PRO H 70 25.74 72.17 111.58
C PRO H 70 26.92 72.71 112.37
N GLY H 71 27.94 71.88 112.62
CA GLY H 71 29.12 72.36 113.33
C GLY H 71 29.91 73.39 112.54
N THR H 72 29.96 73.22 111.21
CA THR H 72 30.62 74.19 110.36
C THR H 72 29.87 75.51 110.33
N MET H 73 28.53 75.45 110.33
CA MET H 73 27.73 76.67 110.40
C MET H 73 27.89 77.36 111.75
N ASP H 74 28.00 76.59 112.83
CA ASP H 74 28.25 77.17 114.15
C ASP H 74 29.64 77.79 114.22
N SER H 75 30.62 77.19 113.56
CA SER H 75 31.96 77.77 113.50
C SER H 75 31.98 79.04 112.66
N VAL H 76 31.18 79.10 111.60
CA VAL H 76 31.05 80.31 110.80
C VAL H 76 30.39 81.42 111.60
N ARG H 77 29.30 81.09 112.32
CA ARG H 77 28.60 82.09 113.12
C ARG H 77 29.42 82.55 114.32
N SER H 78 30.27 81.68 114.85
CA SER H 78 31.11 82.04 116.00
C SER H 78 32.27 82.95 115.62
N SER H 79 32.58 83.08 114.33
CA SER H 79 33.68 83.93 113.90
C SER H 79 33.25 85.39 113.87
N LYS H 80 34.17 86.26 113.42
CA LYS H 80 33.89 87.70 113.40
C LYS H 80 32.95 88.08 112.27
N ILE H 81 32.96 87.33 111.16
CA ILE H 81 32.15 87.68 109.99
C ILE H 81 30.79 86.98 110.00
N GLY H 82 30.47 86.26 111.08
CA GLY H 82 29.20 85.58 111.23
C GLY H 82 27.96 86.46 111.18
N PRO H 83 27.89 87.52 111.99
CA PRO H 83 26.79 88.49 111.82
C PRO H 83 26.82 89.26 110.51
N LEU H 84 27.97 89.34 109.83
CA LEU H 84 28.02 90.04 108.56
C LEU H 84 27.32 89.25 107.44
N PHE H 85 27.40 87.92 107.50
CA PHE H 85 26.78 87.09 106.47
C PHE H 85 25.26 87.11 106.61
N ARG H 86 24.59 86.73 105.52
CA ARG H 86 23.13 86.69 105.51
C ARG H 86 22.64 85.48 106.30
N PRO H 87 21.83 85.66 107.35
CA PRO H 87 21.33 84.51 108.10
C PRO H 87 20.33 83.67 107.33
N ASP H 88 19.62 84.23 106.36
CA ASP H 88 18.64 83.47 105.59
C ASP H 88 19.29 82.57 104.55
N ASN H 89 20.56 82.78 104.25
CA ASN H 89 21.26 82.02 103.23
C ASN H 89 22.00 80.81 103.80
N PHE H 90 21.85 80.52 105.08
CA PHE H 90 22.49 79.36 105.69
C PHE H 90 21.70 78.10 105.35
N ILE H 91 22.37 77.12 104.76
CA ILE H 91 21.78 75.82 104.46
C ILE H 91 22.71 74.75 105.03
N HIS H 92 22.19 73.90 105.90
CA HIS H 92 22.99 72.86 106.55
C HIS H 92 22.15 71.60 106.68
N GLY H 93 22.78 70.45 106.43
CA GLY H 93 22.14 69.18 106.60
C GLY H 93 22.29 68.65 108.02
N ASN H 94 21.73 67.46 108.23
CA ASN H 94 21.76 66.82 109.55
C ASN H 94 22.96 65.89 109.69
N SER H 95 23.20 65.06 108.69
CA SER H 95 24.27 64.08 108.72
C SER H 95 25.23 64.33 107.56
N GLY H 96 26.52 64.42 107.88
CA GLY H 96 27.51 64.59 106.84
C GLY H 96 27.73 63.32 106.04
N ALA H 97 28.30 63.49 104.85
CA ALA H 97 28.61 62.35 104.01
C ALA H 97 29.84 61.60 104.50
N GLY H 98 30.82 62.34 105.03
CA GLY H 98 32.02 61.73 105.58
C GLY H 98 32.88 61.04 104.54
N ASN H 99 33.45 61.82 103.62
CA ASN H 99 34.33 61.36 102.55
C ASN H 99 33.64 60.35 101.63
N ASN H 100 32.32 60.45 101.50
CA ASN H 100 31.53 59.59 100.62
C ASN H 100 31.00 60.45 99.47
N TRP H 101 31.54 60.23 98.27
CA TRP H 101 31.10 61.02 97.13
C TRP H 101 29.73 60.56 96.63
N ALA H 102 29.47 59.26 96.68
CA ALA H 102 28.18 58.75 96.23
C ALA H 102 27.04 59.20 97.14
N LYS H 103 27.31 59.33 98.44
CA LYS H 103 26.28 59.76 99.38
C LYS H 103 25.98 61.24 99.22
N GLY H 104 26.96 62.03 98.80
CA GLY H 104 26.75 63.44 98.53
C GLY H 104 26.38 63.76 97.10
N HIS H 105 26.37 62.77 96.22
CA HIS H 105 26.03 62.97 94.83
C HIS H 105 24.73 62.28 94.41
N TYR H 106 24.24 61.32 95.19
CA TYR H 106 23.08 60.56 94.75
C TYR H 106 21.94 60.55 95.77
N THR H 107 22.25 60.65 97.06
CA THR H 107 21.22 60.58 98.09
C THR H 107 21.06 61.89 98.86
N GLU H 108 22.10 62.37 99.52
CA GLU H 108 21.95 63.53 100.40
C GLU H 108 22.11 64.84 99.64
N GLY H 109 23.04 64.88 98.68
CA GLY H 109 23.09 66.00 97.76
C GLY H 109 21.83 66.10 96.92
N ALA H 110 21.26 64.96 96.52
CA ALA H 110 19.99 64.97 95.82
C ALA H 110 18.84 65.41 96.70
N GLU H 111 18.87 65.06 97.99
CA GLU H 111 17.78 65.45 98.88
C GLU H 111 17.88 66.90 99.33
N LEU H 112 19.05 67.54 99.25
CA LEU H 112 19.17 68.95 99.59
C LEU H 112 19.33 69.85 98.36
N ILE H 113 19.44 69.28 97.16
CA ILE H 113 19.62 70.09 95.97
C ILE H 113 18.35 70.83 95.58
N GLU H 114 17.18 70.35 95.99
CA GLU H 114 15.95 71.10 95.73
C GLU H 114 15.88 72.35 96.58
N ASN H 115 16.29 72.26 97.85
CA ASN H 115 16.34 73.44 98.70
C ASN H 115 17.41 74.42 98.24
N VAL H 116 18.58 73.92 97.82
CA VAL H 116 19.60 74.86 97.36
C VAL H 116 19.24 75.43 95.98
N MET H 117 18.43 74.72 95.20
CA MET H 117 17.93 75.26 93.93
C MET H 117 16.88 76.32 94.17
N ASP H 118 16.04 76.14 95.20
CA ASP H 118 15.09 77.18 95.58
C ASP H 118 15.80 78.43 96.07
N VAL H 119 16.87 78.27 96.85
CA VAL H 119 17.63 79.42 97.33
C VAL H 119 18.34 80.13 96.17
N VAL H 120 18.91 79.35 95.23
CA VAL H 120 19.57 79.93 94.06
C VAL H 120 18.56 80.64 93.16
N ARG H 121 17.36 80.07 92.99
CA ARG H 121 16.33 80.72 92.18
C ARG H 121 15.80 81.97 92.85
N ASN H 122 15.70 81.97 94.18
CA ASN H 122 15.29 83.16 94.91
C ASN H 122 16.33 84.28 94.77
N GLU H 123 17.61 83.92 94.80
CA GLU H 123 18.64 84.93 94.58
C GLU H 123 18.68 85.40 93.13
N CYS H 124 18.44 84.50 92.19
CA CYS H 124 18.56 84.80 90.77
C CYS H 124 17.40 85.61 90.22
N GLU H 125 16.19 85.39 90.75
CA GLU H 125 15.02 86.12 90.25
C GLU H 125 15.02 87.58 90.70
N SER H 126 15.81 87.92 91.71
CA SER H 126 15.99 89.30 92.13
C SER H 126 17.13 90.00 91.40
N CYS H 127 17.88 89.27 90.56
CA CYS H 127 18.99 89.87 89.84
C CYS H 127 18.47 90.75 88.70
N ASP H 128 19.04 91.96 88.60
CA ASP H 128 18.84 92.76 87.40
C ASP H 128 19.43 92.06 86.19
N CYS H 129 20.62 91.50 86.35
CA CYS H 129 21.24 90.63 85.35
C CYS H 129 22.21 89.71 86.07
N LEU H 130 22.29 88.47 85.61
CA LEU H 130 23.17 87.48 86.22
C LEU H 130 24.48 87.42 85.46
N GLN H 131 25.59 87.53 86.20
CA GLN H 131 26.91 87.41 85.60
C GLN H 131 27.39 85.96 85.58
N GLY H 132 27.28 85.28 86.72
CA GLY H 132 27.69 83.89 86.79
C GLY H 132 27.67 83.42 88.24
N PHE H 133 28.20 82.22 88.44
CA PHE H 133 28.28 81.62 89.77
C PHE H 133 29.72 81.25 90.06
N GLN H 134 30.20 81.66 91.24
CA GLN H 134 31.53 81.31 91.71
C GLN H 134 31.40 80.21 92.74
N LEU H 135 32.07 79.09 92.52
CA LEU H 135 31.98 77.91 93.37
C LEU H 135 33.34 77.65 94.00
N ILE H 136 33.33 77.41 95.32
CA ILE H 136 34.56 77.08 96.03
C ILE H 136 34.30 75.82 96.86
N HIS H 137 35.03 74.76 96.55
CA HIS H 137 34.81 73.46 97.17
C HIS H 137 36.07 72.61 97.03
N SER H 138 36.06 71.47 97.71
CA SER H 138 37.19 70.54 97.70
C SER H 138 36.78 69.25 96.99
N LEU H 139 37.69 68.74 96.16
CA LEU H 139 37.39 67.57 95.34
C LEU H 139 37.52 66.25 96.08
N GLY H 140 38.01 66.25 97.32
CA GLY H 140 38.24 65.01 98.04
C GLY H 140 37.18 64.60 99.03
N GLY H 141 36.44 65.57 99.56
CA GLY H 141 35.50 65.32 100.62
C GLY H 141 34.23 64.64 100.16
N GLY H 142 33.28 64.50 101.08
CA GLY H 142 32.09 63.75 100.80
C GLY H 142 30.93 64.55 100.28
N THR H 143 30.52 65.59 101.01
CA THR H 143 29.45 66.45 100.51
C THR H 143 29.98 67.59 99.68
N GLY H 144 31.25 67.97 99.85
CA GLY H 144 31.87 69.03 99.10
C GLY H 144 31.90 68.74 97.62
N SER H 145 32.66 67.72 97.21
CA SER H 145 32.81 67.39 95.79
C SER H 145 31.50 66.91 95.18
N GLY H 146 30.79 66.03 95.89
CA GLY H 146 29.55 65.48 95.34
C GLY H 146 28.45 66.51 95.19
N MET H 147 28.22 67.31 96.23
CA MET H 147 27.19 68.33 96.13
C MET H 147 27.62 69.49 95.23
N GLY H 148 28.93 69.74 95.11
CA GLY H 148 29.39 70.73 94.16
C GLY H 148 29.15 70.32 92.72
N THR H 149 29.41 69.06 92.39
CA THR H 149 29.15 68.60 91.03
C THR H 149 27.66 68.47 90.75
N LEU H 150 26.85 68.12 91.76
CA LEU H 150 25.39 68.11 91.55
C LEU H 150 24.84 69.53 91.37
N LEU H 151 25.35 70.50 92.14
CA LEU H 151 24.95 71.89 91.96
C LEU H 151 25.39 72.41 90.61
N ILE H 152 26.58 71.98 90.14
CA ILE H 152 27.07 72.36 88.81
C ILE H 152 26.14 71.83 87.72
N ASN H 153 25.72 70.57 87.85
CA ASN H 153 24.79 70.00 86.87
C ASN H 153 23.44 70.69 86.88
N LYS H 154 22.93 71.02 88.08
CA LYS H 154 21.64 71.70 88.17
C LYS H 154 21.71 73.13 87.64
N ILE H 155 22.83 73.83 87.88
CA ILE H 155 22.99 75.18 87.38
C ILE H 155 23.14 75.18 85.86
N ARG H 156 23.90 74.22 85.32
CA ARG H 156 24.05 74.11 83.87
C ARG H 156 22.74 73.71 83.19
N GLU H 157 21.89 72.95 83.87
CA GLU H 157 20.57 72.67 83.32
C GLU H 157 19.68 73.91 83.37
N GLU H 158 19.67 74.62 84.51
CA GLU H 158 18.76 75.76 84.64
C GLU H 158 19.22 76.99 83.86
N TYR H 159 20.50 77.31 83.90
CA TYR H 159 21.04 78.53 83.27
C TYR H 159 22.19 78.14 82.36
N PRO H 160 21.89 77.68 81.14
CA PRO H 160 22.96 77.23 80.23
C PRO H 160 23.77 78.37 79.63
N ASP H 161 23.33 79.62 79.75
CA ASP H 161 24.03 80.77 79.18
C ASP H 161 24.79 81.56 80.22
N ARG H 162 25.18 80.92 81.33
CA ARG H 162 25.92 81.60 82.39
C ARG H 162 27.21 80.84 82.67
N ILE H 163 28.23 81.58 83.09
CA ILE H 163 29.54 80.99 83.33
C ILE H 163 29.52 80.25 84.66
N MET H 164 30.46 79.31 84.79
CA MET H 164 30.61 78.51 86.00
C MET H 164 32.09 78.53 86.39
N ASN H 165 32.42 79.29 87.43
CA ASN H 165 33.79 79.43 87.90
C ASN H 165 33.95 78.62 89.18
N THR H 166 34.93 77.71 89.19
CA THR H 166 35.08 76.75 90.28
C THR H 166 36.47 76.85 90.87
N PHE H 167 36.54 77.02 92.19
CA PHE H 167 37.81 77.00 92.92
C PHE H 167 38.02 75.60 93.51
N SER H 168 38.20 74.63 92.61
CA SER H 168 38.24 73.23 93.00
C SER H 168 39.58 72.90 93.65
N VAL H 169 39.55 72.43 94.88
CA VAL H 169 40.75 72.08 95.62
C VAL H 169 41.01 70.59 95.43
N VAL H 170 42.08 70.25 94.74
CA VAL H 170 42.46 68.86 94.50
C VAL H 170 43.09 68.30 95.78
N PRO H 171 42.63 67.15 96.27
CA PRO H 171 43.21 66.58 97.50
C PRO H 171 44.61 66.01 97.26
N SER H 172 45.36 65.93 98.35
CA SER H 172 46.74 65.45 98.34
C SER H 172 46.95 64.48 99.49
N PRO H 173 47.82 63.48 99.33
CA PRO H 173 48.09 62.55 100.42
C PRO H 173 48.93 63.13 101.54
N LYS H 174 49.60 64.27 101.33
CA LYS H 174 50.51 64.79 102.33
C LYS H 174 49.82 65.60 103.42
N VAL H 175 48.53 65.90 103.27
CA VAL H 175 47.83 66.70 104.26
C VAL H 175 46.52 66.02 104.65
N SER H 176 46.11 65.02 103.87
CA SER H 176 44.83 64.34 104.08
C SER H 176 45.07 62.86 104.32
N ASP H 177 44.46 62.34 105.39
CA ASP H 177 44.66 60.95 105.80
C ASP H 177 43.67 59.98 105.18
N THR H 178 42.57 60.47 104.62
CA THR H 178 41.59 59.60 103.98
C THR H 178 42.15 59.01 102.71
N VAL H 179 41.85 57.73 102.47
CA VAL H 179 42.45 56.98 101.38
C VAL H 179 41.59 56.99 100.12
N VAL H 180 40.28 57.24 100.24
CA VAL H 180 39.34 57.08 99.13
C VAL H 180 39.22 58.35 98.31
N GLU H 181 40.07 59.34 98.60
CA GLU H 181 40.01 60.65 97.94
C GLU H 181 40.33 60.67 96.45
N PRO H 182 41.20 59.80 95.88
CA PRO H 182 41.28 59.72 94.41
C PRO H 182 39.98 59.35 93.72
N TYR H 183 39.09 58.58 94.35
CA TYR H 183 37.79 58.29 93.75
C TYR H 183 36.96 59.56 93.59
N ASN H 184 36.86 60.34 94.67
CA ASN H 184 36.08 61.58 94.65
C ASN H 184 36.71 62.60 93.71
N ALA H 185 38.04 62.69 93.71
CA ALA H 185 38.74 63.63 92.86
C ALA H 185 38.56 63.29 91.38
N ILE H 186 38.69 62.02 91.00
CA ILE H 186 38.55 61.64 89.60
C ILE H 186 37.11 61.76 89.13
N LEU H 187 36.14 61.41 90.00
CA LEU H 187 34.73 61.57 89.63
C LEU H 187 34.34 63.04 89.47
N SER H 188 34.84 63.91 90.37
CA SER H 188 34.53 65.33 90.24
C SER H 188 35.28 65.97 89.08
N ILE H 189 36.48 65.48 88.75
CA ILE H 189 37.20 65.96 87.58
C ILE H 189 36.45 65.59 86.31
N HIS H 190 35.90 64.37 86.25
CA HIS H 190 35.10 63.97 85.09
C HIS H 190 33.80 64.78 84.99
N GLN H 191 33.22 65.16 86.13
CA GLN H 191 32.03 66.01 86.06
C GLN H 191 32.37 67.44 85.65
N LEU H 192 33.50 67.96 86.16
CA LEU H 192 33.90 69.33 85.86
C LEU H 192 34.41 69.48 84.43
N ILE H 193 34.91 68.41 83.82
CA ILE H 193 35.27 68.46 82.41
C ILE H 193 34.03 68.66 81.55
N GLU H 194 32.97 67.92 81.84
CA GLU H 194 31.80 67.90 80.97
C GLU H 194 30.77 68.98 81.29
N ASN H 195 30.83 69.59 82.49
CA ASN H 195 29.75 70.49 82.87
C ASN H 195 30.23 71.81 83.44
N THR H 196 31.51 72.16 83.27
CA THR H 196 32.03 73.41 83.80
C THR H 196 32.97 74.04 82.78
N ASP H 197 32.99 75.38 82.75
CA ASP H 197 33.80 76.13 81.80
C ASP H 197 35.04 76.75 82.42
N GLU H 198 35.19 76.71 83.74
CA GLU H 198 36.35 77.29 84.41
C GLU H 198 36.70 76.47 85.64
N THR H 199 38.00 76.42 85.96
CA THR H 199 38.47 75.69 87.13
C THR H 199 39.77 76.32 87.62
N PHE H 200 39.81 76.69 88.89
CA PHE H 200 41.02 77.21 89.52
C PHE H 200 41.63 76.08 90.34
N CYS H 201 42.59 75.37 89.74
CA CYS H 201 43.18 74.18 90.35
C CYS H 201 44.17 74.62 91.43
N ILE H 202 43.68 74.78 92.65
CA ILE H 202 44.51 75.03 93.82
C ILE H 202 44.78 73.69 94.49
N ASP H 203 46.05 73.33 94.60
CA ASP H 203 46.44 72.01 95.08
C ASP H 203 47.05 72.12 96.48
N ASN H 204 46.57 71.27 97.39
CA ASN H 204 47.07 71.26 98.76
C ASN H 204 48.48 70.71 98.88
N GLU H 205 48.92 69.89 97.91
CA GLU H 205 50.29 69.40 97.89
C GLU H 205 51.28 70.54 97.73
N ALA H 206 51.01 71.43 96.77
CA ALA H 206 51.86 72.60 96.55
C ALA H 206 51.76 73.58 97.71
N LEU H 207 50.59 73.67 98.36
CA LEU H 207 50.46 74.50 99.55
C LEU H 207 51.31 73.98 100.70
N TYR H 208 51.31 72.65 100.90
CA TYR H 208 52.17 72.05 101.92
C TYR H 208 53.64 72.25 101.58
N ASP H 209 53.99 72.14 100.30
CA ASP H 209 55.37 72.37 99.87
C ASP H 209 55.79 73.82 100.09
N ILE H 210 54.89 74.77 99.83
CA ILE H 210 55.18 76.19 100.06
C ILE H 210 55.36 76.45 101.56
N CYS H 211 54.47 75.91 102.39
CA CYS H 211 54.57 76.10 103.83
C CYS H 211 55.78 75.38 104.43
N PHE H 212 56.28 74.33 103.78
CA PHE H 212 57.44 73.61 104.28
C PHE H 212 58.74 74.29 103.86
N ARG H 213 58.88 74.62 102.58
CA ARG H 213 60.13 75.18 102.06
C ARG H 213 60.22 76.69 102.25
N THR H 214 59.21 77.42 101.79
CA THR H 214 59.29 78.88 101.81
C THR H 214 59.08 79.43 103.22
N LEU H 215 57.96 79.06 103.86
CA LEU H 215 57.65 79.58 105.18
C LEU H 215 58.40 78.87 106.30
N LYS H 216 59.08 77.76 105.99
CA LYS H 216 59.89 76.97 106.93
C LYS H 216 59.09 76.46 108.13
N LEU H 217 57.81 76.19 107.91
CA LEU H 217 56.94 75.63 108.95
C LEU H 217 56.69 74.16 108.65
N THR H 218 57.10 73.29 109.57
CA THR H 218 56.96 71.85 109.35
C THR H 218 55.50 71.41 109.39
N ASN H 219 54.72 71.95 110.32
CA ASN H 219 53.34 71.53 110.46
C ASN H 219 52.46 72.17 109.38
N PRO H 220 51.71 71.39 108.62
CA PRO H 220 50.75 71.98 107.65
C PRO H 220 49.39 72.24 108.30
N THR H 221 49.35 73.24 109.17
CA THR H 221 48.11 73.62 109.83
C THR H 221 47.14 74.25 108.83
N TYR H 222 45.85 74.02 109.07
CA TYR H 222 44.84 74.45 108.10
C TYR H 222 44.61 75.95 108.12
N GLY H 223 44.98 76.63 109.19
CA GLY H 223 44.87 78.08 109.22
C GLY H 223 45.81 78.77 108.25
N ASP H 224 47.04 78.28 108.15
CA ASP H 224 48.02 78.85 107.23
C ASP H 224 47.63 78.59 105.77
N LEU H 225 47.12 77.39 105.49
CA LEU H 225 46.62 77.08 104.16
C LEU H 225 45.41 77.94 103.82
N ASN H 226 44.53 78.16 104.80
CA ASN H 226 43.38 79.03 104.61
C ASN H 226 43.80 80.46 104.29
N HIS H 227 44.81 80.97 105.02
CA HIS H 227 45.32 82.31 104.80
C HIS H 227 45.96 82.44 103.43
N LEU H 228 46.72 81.42 103.00
CA LEU H 228 47.40 81.47 101.71
C LEU H 228 46.41 81.42 100.55
N VAL H 229 45.43 80.50 100.61
CA VAL H 229 44.44 80.42 99.55
C VAL H 229 43.54 81.65 99.55
N SER H 230 43.25 82.23 100.72
CA SER H 230 42.47 83.47 100.76
C SER H 230 43.23 84.64 100.14
N LEU H 231 44.54 84.74 100.41
CA LEU H 231 45.35 85.78 99.78
C LEU H 231 45.42 85.61 98.27
N THR H 232 45.59 84.37 97.80
CA THR H 232 45.65 84.12 96.36
C THR H 232 44.29 84.36 95.70
N MET H 233 43.21 84.05 96.39
CA MET H 233 41.87 84.29 95.85
C MET H 233 41.56 85.78 95.78
N SER H 234 42.01 86.54 96.79
CA SER H 234 41.86 87.99 96.74
C SER H 234 42.67 88.60 95.60
N GLY H 235 43.90 88.12 95.40
CA GLY H 235 44.69 88.60 94.29
C GLY H 235 44.17 88.20 92.93
N VAL H 236 43.49 87.05 92.85
CA VAL H 236 42.85 86.67 91.60
C VAL H 236 41.62 87.54 91.34
N THR H 237 40.80 87.76 92.37
CA THR H 237 39.56 88.49 92.21
C THR H 237 39.71 90.00 92.28
N THR H 238 40.93 90.52 92.40
CA THR H 238 41.14 91.96 92.29
C THR H 238 40.85 92.49 90.88
N SER H 239 40.79 91.64 89.85
CA SER H 239 40.36 92.09 88.55
C SER H 239 38.85 92.30 88.52
N LEU H 240 38.09 91.41 89.15
CA LEU H 240 36.64 91.55 89.19
C LEU H 240 36.20 92.61 90.19
N ARG H 241 36.95 92.82 91.27
CA ARG H 241 36.52 93.72 92.33
C ARG H 241 36.87 95.17 92.05
N PHE H 242 37.80 95.44 91.13
CA PHE H 242 38.20 96.81 90.85
C PHE H 242 38.22 97.06 89.35
N PRO H 243 37.78 98.25 88.91
CA PRO H 243 37.84 98.57 87.48
C PRO H 243 39.28 98.80 87.02
N GLY H 244 39.51 98.47 85.75
CA GLY H 244 40.85 98.62 85.19
C GLY H 244 40.84 98.36 83.71
N GLN H 245 42.05 98.28 83.15
CA GLN H 245 42.19 97.94 81.73
C GLN H 245 41.72 96.52 81.47
N LEU H 246 42.21 95.57 82.25
CA LEU H 246 41.74 94.19 82.18
C LEU H 246 40.65 94.03 83.23
N ASN H 247 39.40 94.15 82.80
CA ASN H 247 38.28 93.90 83.70
C ASN H 247 38.19 92.42 84.06
N ALA H 248 38.25 91.56 83.03
CA ALA H 248 38.20 90.09 83.15
C ALA H 248 36.98 89.61 83.93
N ASP H 249 35.83 90.24 83.66
CA ASP H 249 34.60 89.97 84.39
C ASP H 249 34.02 88.63 83.93
N LEU H 250 34.61 87.55 84.45
CA LEU H 250 34.15 86.17 84.31
C LEU H 250 34.12 85.68 82.86
N ARG H 251 33.24 86.26 82.04
CA ARG H 251 33.17 85.87 80.64
C ARG H 251 34.39 86.33 79.86
N LYS H 252 34.89 87.54 80.17
CA LYS H 252 36.11 88.03 79.52
C LYS H 252 37.32 87.19 79.90
N LEU H 253 37.41 86.79 81.17
CA LEU H 253 38.48 85.91 81.63
C LEU H 253 38.42 84.55 80.94
N ALA H 254 37.21 84.02 80.74
CA ALA H 254 37.05 82.75 80.05
C ALA H 254 37.37 82.88 78.56
N VAL H 255 37.07 84.04 77.96
CA VAL H 255 37.41 84.24 76.55
C VAL H 255 38.93 84.36 76.37
N ASN H 256 39.59 85.07 77.29
CA ASN H 256 41.03 85.24 77.20
C ASN H 256 41.79 83.95 77.48
N MET H 257 41.44 83.26 78.57
CA MET H 257 42.32 82.23 79.11
C MET H 257 42.02 80.83 78.62
N VAL H 258 40.84 80.57 78.06
CA VAL H 258 40.39 79.21 77.79
C VAL H 258 40.32 79.02 76.27
N PRO H 259 41.27 78.28 75.67
CA PRO H 259 41.18 78.03 74.23
C PRO H 259 40.31 76.84 73.85
N PHE H 260 40.03 75.92 74.76
CA PHE H 260 39.32 74.70 74.42
C PHE H 260 38.37 74.34 75.57
N PRO H 261 37.20 73.75 75.25
CA PRO H 261 36.21 73.50 76.30
C PRO H 261 36.60 72.44 77.31
N ARG H 262 37.62 71.63 77.03
CA ARG H 262 38.12 70.67 78.00
C ARG H 262 39.38 71.14 78.72
N LEU H 263 40.19 71.98 78.08
CA LEU H 263 41.47 72.41 78.64
C LEU H 263 41.32 73.76 79.36
N HIS H 264 40.47 73.77 80.39
CA HIS H 264 40.17 74.99 81.12
C HIS H 264 40.60 74.90 82.58
N PHE H 265 41.75 74.29 82.83
CA PHE H 265 42.28 74.12 84.18
C PHE H 265 43.41 75.12 84.40
N PHE H 266 43.20 76.06 85.31
CA PHE H 266 44.12 77.17 85.49
C PHE H 266 45.25 76.76 86.43
N MET H 267 46.05 77.73 86.86
CA MET H 267 47.13 77.51 87.80
C MET H 267 47.46 78.79 88.54
N PRO H 268 46.67 79.18 89.54
CA PRO H 268 46.93 80.44 90.25
C PRO H 268 48.18 80.39 91.10
N GLY H 269 48.75 81.57 91.33
CA GLY H 269 49.95 81.68 92.15
C GLY H 269 50.05 83.06 92.76
N PHE H 270 50.86 83.16 93.80
CA PHE H 270 51.02 84.40 94.56
C PHE H 270 52.49 84.58 94.90
N ALA H 271 53.11 85.63 94.35
CA ALA H 271 54.55 85.80 94.50
C ALA H 271 54.97 86.28 95.90
N PRO H 272 54.42 87.39 96.48
CA PRO H 272 54.93 87.71 97.84
C PRO H 272 54.17 86.99 98.94
N LEU H 273 54.43 85.69 99.06
CA LEU H 273 53.74 84.85 100.05
C LEU H 273 54.52 84.88 101.35
N THR H 274 53.89 85.40 102.40
CA THR H 274 54.48 85.47 103.74
C THR H 274 53.47 85.02 104.77
N ALA H 275 53.94 84.25 105.76
CA ALA H 275 53.08 83.74 106.81
C ALA H 275 52.74 84.83 107.81
N ARG H 276 51.85 84.49 108.75
CA ARG H 276 51.42 85.41 109.79
C ARG H 276 52.54 85.68 110.79
N ARG H 282 61.27 93.28 104.59
CA ARG H 282 60.75 92.63 103.40
C ARG H 282 60.63 93.63 102.24
N ALA H 283 61.73 93.83 101.52
CA ALA H 283 61.71 94.73 100.37
C ALA H 283 60.93 94.12 99.22
N LEU H 284 60.07 94.92 98.59
CA LEU H 284 59.24 94.49 97.48
C LEU H 284 59.49 95.40 96.30
N SER H 285 59.81 94.81 95.14
CA SER H 285 60.07 95.57 93.93
C SER H 285 59.64 94.73 92.73
N VAL H 286 59.74 95.32 91.54
CA VAL H 286 59.21 94.72 90.31
C VAL H 286 59.98 93.49 89.84
N PRO H 287 61.31 93.49 89.61
CA PRO H 287 61.92 92.29 89.01
C PRO H 287 61.98 91.09 89.94
N GLU H 288 62.10 91.29 91.25
CA GLU H 288 62.04 90.17 92.18
C GLU H 288 60.64 89.55 92.19
N LEU H 289 59.59 90.38 92.12
CA LEU H 289 58.23 89.87 92.05
C LEU H 289 57.97 89.14 90.75
N THR H 290 58.55 89.62 89.64
CA THR H 290 58.37 88.95 88.36
C THR H 290 59.13 87.63 88.31
N GLN H 291 60.34 87.58 88.87
CA GLN H 291 61.08 86.33 88.90
C GLN H 291 60.53 85.35 89.93
N GLN H 292 59.79 85.84 90.93
CA GLN H 292 59.04 84.96 91.81
C GLN H 292 57.68 84.60 91.26
N MET H 293 57.23 85.28 90.21
CA MET H 293 55.90 85.03 89.68
C MET H 293 55.81 83.71 88.92
N PHE H 294 56.83 83.39 88.14
CA PHE H 294 56.81 82.21 87.28
C PHE H 294 57.65 81.06 87.83
N ASP H 295 58.01 81.11 89.11
CA ASP H 295 58.79 80.05 89.72
C ASP H 295 57.93 78.82 89.96
N ALA H 296 58.57 77.65 89.85
CA ALA H 296 57.89 76.38 90.11
C ALA H 296 57.50 76.24 91.58
N ARG H 297 58.39 76.69 92.47
CA ARG H 297 58.13 76.58 93.91
C ARG H 297 57.00 77.51 94.35
N ASN H 298 56.89 78.68 93.72
CA ASN H 298 55.92 79.68 94.16
C ASN H 298 54.48 79.32 93.78
N MET H 299 54.30 78.55 92.71
CA MET H 299 52.95 78.27 92.22
C MET H 299 52.21 77.31 93.14
N MET H 300 50.90 77.48 93.19
CA MET H 300 50.03 76.74 94.12
C MET H 300 49.39 75.52 93.47
N ALA H 301 50.07 74.92 92.49
CA ALA H 301 49.67 73.64 91.95
C ALA H 301 50.93 72.80 91.75
N ALA H 302 50.82 71.49 92.04
CA ALA H 302 51.98 70.60 92.00
C ALA H 302 52.30 70.29 90.53
N CYS H 303 53.01 71.23 89.92
CA CYS H 303 53.30 71.18 88.49
C CYS H 303 54.74 71.60 88.26
N ASP H 304 55.25 71.27 87.07
CA ASP H 304 56.58 71.69 86.63
C ASP H 304 56.44 72.52 85.38
N PRO H 305 56.50 73.86 85.47
CA PRO H 305 56.33 74.71 84.28
C PRO H 305 57.44 74.59 83.26
N ARG H 306 58.60 74.03 83.62
CA ARG H 306 59.65 73.77 82.65
C ARG H 306 59.27 72.67 81.67
N ARG H 307 58.38 71.76 82.07
CA ARG H 307 57.93 70.67 81.21
C ARG H 307 56.68 71.00 80.42
N GLY H 308 56.11 72.21 80.59
CA GLY H 308 54.90 72.57 79.92
C GLY H 308 54.99 73.96 79.32
N ARG H 309 53.96 74.31 78.54
CA ARG H 309 53.91 75.58 77.83
C ARG H 309 52.72 76.38 78.31
N TYR H 310 52.96 77.66 78.62
CA TYR H 310 51.91 78.56 79.06
C TYR H 310 51.02 78.91 77.88
N LEU H 311 49.77 78.42 77.88
CA LEU H 311 48.85 78.77 76.80
C LEU H 311 48.35 80.21 76.94
N THR H 312 47.99 80.61 78.15
CA THR H 312 47.56 81.98 78.41
C THR H 312 48.05 82.37 79.80
N VAL H 313 48.46 83.63 79.96
CA VAL H 313 48.95 84.16 81.22
C VAL H 313 48.23 85.48 81.49
N ALA H 314 47.69 85.64 82.69
CA ALA H 314 47.10 86.91 83.12
C ALA H 314 47.75 87.31 84.45
N CYS H 315 48.89 87.99 84.35
CA CYS H 315 49.63 88.44 85.53
C CYS H 315 49.09 89.79 85.98
N ILE H 316 48.64 89.88 87.23
CA ILE H 316 48.05 91.08 87.76
C ILE H 316 48.91 91.57 88.93
N PHE H 317 49.27 92.86 88.90
CA PHE H 317 50.05 93.48 89.95
C PHE H 317 49.16 94.36 90.80
N ARG H 318 49.39 94.35 92.11
CA ARG H 318 48.64 95.17 93.06
C ARG H 318 49.61 96.01 93.87
N GLY H 319 49.30 97.30 94.01
CA GLY H 319 50.09 98.21 94.79
C GLY H 319 50.48 99.42 93.96
N ARG H 320 51.39 100.22 94.52
CA ARG H 320 51.88 101.43 93.86
C ARG H 320 53.20 101.11 93.18
N MET H 321 53.13 100.83 91.87
CA MET H 321 54.31 100.49 91.09
C MET H 321 54.28 101.26 89.78
N SER H 322 55.46 101.38 89.17
CA SER H 322 55.57 101.99 87.85
C SER H 322 55.17 100.97 86.79
N THR H 323 54.22 101.34 85.95
CA THR H 323 53.68 100.41 84.96
C THR H 323 54.67 100.14 83.84
N ARG H 324 55.51 101.12 83.50
CA ARG H 324 56.51 100.96 82.45
C ARG H 324 57.56 99.93 82.83
N GLU H 325 58.01 99.95 84.10
CA GLU H 325 59.00 98.98 84.56
C GLU H 325 58.41 97.59 84.63
N VAL H 326 57.13 97.47 85.00
CA VAL H 326 56.44 96.18 85.02
C VAL H 326 56.32 95.62 83.62
N ASP H 327 55.93 96.46 82.65
CA ASP H 327 55.83 96.03 81.26
C ASP H 327 57.17 95.64 80.68
N GLU H 328 58.23 96.40 80.99
CA GLU H 328 59.56 96.09 80.51
C GLU H 328 60.09 94.78 81.11
N GLN H 329 59.87 94.57 82.41
CA GLN H 329 60.32 93.34 83.06
C GLN H 329 59.56 92.12 82.54
N LEU H 330 58.25 92.26 82.32
CA LEU H 330 57.49 91.12 81.81
C LEU H 330 57.80 90.85 80.34
N LEU H 331 58.08 91.89 79.55
CA LEU H 331 58.52 91.67 78.18
C LEU H 331 59.88 90.99 78.13
N SER H 332 60.79 91.38 79.03
CA SER H 332 62.09 90.73 79.13
C SER H 332 61.96 89.28 79.55
N VAL H 333 61.03 88.99 80.48
CA VAL H 333 60.76 87.62 80.91
C VAL H 333 60.20 86.80 79.76
N GLN H 334 59.27 87.38 78.98
CA GLN H 334 58.65 86.67 77.87
C GLN H 334 59.66 86.41 76.74
N THR H 335 60.56 87.36 76.48
CA THR H 335 61.54 87.15 75.42
C THR H 335 62.67 86.23 75.86
N LYS H 336 63.06 86.28 77.13
CA LYS H 336 64.14 85.43 77.64
C LYS H 336 63.70 83.97 77.76
N ASN H 337 62.40 83.70 77.87
CA ASN H 337 61.87 82.36 78.07
C ASN H 337 60.83 82.05 77.01
N SER H 338 61.17 82.33 75.75
CA SER H 338 60.25 82.14 74.65
C SER H 338 59.97 80.67 74.35
N SER H 339 60.82 79.76 74.84
CA SER H 339 60.53 78.33 74.73
C SER H 339 59.49 77.86 75.72
N TYR H 340 59.20 78.65 76.76
CA TYR H 340 58.22 78.27 77.76
C TYR H 340 56.81 78.69 77.40
N PHE H 341 56.63 79.47 76.36
CA PHE H 341 55.32 79.93 75.91
C PHE H 341 55.02 79.34 74.54
N VAL H 342 53.73 79.15 74.24
CA VAL H 342 53.35 78.69 72.92
C VAL H 342 53.53 79.83 71.93
N GLU H 343 54.05 79.50 70.74
CA GLU H 343 54.27 80.49 69.71
C GLU H 343 53.11 80.63 68.75
N TRP H 344 52.09 79.78 68.85
CA TRP H 344 50.92 79.85 68.00
C TRP H 344 49.77 80.63 68.62
N ILE H 345 49.94 81.13 69.84
CA ILE H 345 49.01 82.08 70.44
C ILE H 345 49.80 83.35 70.77
N PRO H 346 49.75 84.36 69.90
CA PRO H 346 50.56 85.56 70.11
C PRO H 346 49.95 86.52 71.11
N ASN H 347 50.84 87.18 71.86
CA ASN H 347 50.51 88.12 72.93
C ASN H 347 49.59 87.49 73.97
N ASN H 348 50.11 86.44 74.61
CA ASN H 348 49.35 85.65 75.58
C ASN H 348 49.52 86.13 77.01
N VAL H 349 50.29 87.18 77.24
CA VAL H 349 50.52 87.72 78.58
C VAL H 349 49.78 89.05 78.70
N LYS H 350 48.79 89.10 79.57
CA LYS H 350 48.03 90.31 79.82
C LYS H 350 48.36 90.83 81.21
N VAL H 351 48.74 92.11 81.27
CA VAL H 351 49.21 92.74 82.51
C VAL H 351 48.21 93.81 82.91
N ALA H 352 47.80 93.79 84.18
CA ALA H 352 46.96 94.83 84.75
C ALA H 352 47.54 95.25 86.08
N VAL H 353 47.38 96.53 86.42
CA VAL H 353 47.92 97.10 87.64
C VAL H 353 46.78 97.75 88.41
N CYS H 354 46.59 97.31 89.65
CA CYS H 354 45.62 97.90 90.57
C CYS H 354 46.36 98.65 91.66
N ASP H 355 45.86 99.85 91.99
CA ASP H 355 46.54 100.72 92.94
C ASP H 355 46.29 100.36 94.40
N ILE H 356 45.32 99.48 94.67
CA ILE H 356 44.96 99.12 96.04
C ILE H 356 45.61 97.79 96.38
N PRO H 357 46.60 97.74 97.27
CA PRO H 357 47.22 96.47 97.63
C PRO H 357 46.38 95.73 98.65
N PRO H 358 46.58 94.42 98.79
CA PRO H 358 45.97 93.71 99.91
C PRO H 358 46.55 94.17 101.25
N ARG H 359 45.73 94.07 102.29
CA ARG H 359 46.14 94.56 103.60
C ARG H 359 47.22 93.65 104.18
N GLY H 360 48.24 94.28 104.77
CA GLY H 360 49.40 93.58 105.25
C GLY H 360 50.56 93.51 104.27
N LEU H 361 50.33 93.86 103.00
CA LEU H 361 51.35 93.82 101.97
C LEU H 361 51.41 95.15 101.25
N LYS H 362 52.62 95.65 101.03
CA LYS H 362 52.78 96.89 100.26
C LYS H 362 52.54 96.64 98.77
N MET H 363 53.06 95.53 98.25
CA MET H 363 52.91 95.17 96.85
C MET H 363 52.51 93.71 96.73
N ALA H 364 51.78 93.39 95.67
CA ALA H 364 51.32 92.03 95.44
C ALA H 364 51.46 91.70 93.96
N ALA H 365 51.54 90.39 93.68
CA ALA H 365 51.77 89.91 92.32
C ALA H 365 51.06 88.56 92.17
N THR H 366 49.93 88.56 91.46
CA THR H 366 49.11 87.36 91.30
C THR H 366 49.10 86.96 89.84
N PHE H 367 49.29 85.67 89.58
CA PHE H 367 49.37 85.13 88.24
C PHE H 367 48.32 84.04 88.06
N ILE H 368 47.62 84.08 86.93
CA ILE H 368 46.70 83.03 86.50
C ILE H 368 47.21 82.48 85.18
N GLY H 369 47.24 81.16 85.05
CA GLY H 369 47.75 80.58 83.83
C GLY H 369 47.19 79.23 83.45
N ASN H 370 46.88 79.06 82.16
CA ASN H 370 46.46 77.76 81.63
C ASN H 370 47.67 77.02 81.06
N ASN H 371 48.61 76.70 81.95
CA ASN H 371 49.80 75.98 81.56
C ASN H 371 49.47 74.51 81.27
N THR H 372 50.31 73.90 80.43
CA THR H 372 50.17 72.48 80.10
C THR H 372 50.70 71.60 81.23
N ALA H 373 51.41 72.17 82.20
CA ALA H 373 51.97 71.42 83.32
C ALA H 373 50.92 70.93 84.30
N ILE H 374 49.67 71.36 84.18
CA ILE H 374 48.58 70.85 85.01
C ILE H 374 48.24 69.40 84.70
N GLN H 375 48.68 68.86 83.56
CA GLN H 375 48.41 67.46 83.27
C GLN H 375 49.26 66.51 84.11
N GLU H 376 50.33 67.01 84.74
CA GLU H 376 51.06 66.21 85.71
C GLU H 376 50.21 65.93 86.95
N LEU H 377 49.39 66.92 87.35
CA LEU H 377 48.46 66.73 88.46
C LEU H 377 47.38 65.71 88.12
N PHE H 378 46.84 65.77 86.90
CA PHE H 378 45.84 64.81 86.47
C PHE H 378 46.44 63.48 86.04
N ILE H 379 47.77 63.37 85.99
CA ILE H 379 48.41 62.07 85.88
C ILE H 379 48.67 61.48 87.27
N ARG H 380 49.06 62.33 88.23
CA ARG H 380 49.30 61.89 89.60
C ARG H 380 48.03 61.40 90.27
N VAL H 381 46.94 62.17 90.16
CA VAL H 381 45.68 61.77 90.78
C VAL H 381 45.09 60.55 90.08
N SER H 382 45.25 60.47 88.75
CA SER H 382 44.76 59.29 88.03
C SER H 382 45.58 58.04 88.33
N GLU H 383 46.88 58.18 88.57
CA GLU H 383 47.70 57.01 88.89
C GLU H 383 47.52 56.59 90.35
N GLN H 384 47.17 57.51 91.24
CA GLN H 384 46.72 57.10 92.57
C GLN H 384 45.34 56.45 92.50
N PHE H 385 44.51 56.90 91.55
CA PHE H 385 43.23 56.25 91.31
C PHE H 385 43.41 54.85 90.73
N SER H 386 44.46 54.64 89.93
CA SER H 386 44.70 53.32 89.35
C SER H 386 45.13 52.32 90.41
N ALA H 387 45.95 52.76 91.38
CA ALA H 387 46.35 51.90 92.49
C ALA H 387 45.22 51.65 93.48
N MET H 388 44.13 52.40 93.41
CA MET H 388 42.97 52.18 94.26
C MET H 388 41.81 51.53 93.54
N PHE H 389 41.88 51.39 92.21
CA PHE H 389 40.85 50.72 91.44
C PHE H 389 41.25 49.34 90.97
N ARG H 390 42.56 49.06 90.86
CA ARG H 390 43.00 47.73 90.47
C ARG H 390 42.82 46.72 91.58
N ARG H 391 42.72 47.16 92.83
CA ARG H 391 42.46 46.26 93.95
C ARG H 391 41.12 46.53 94.63
N LYS H 392 40.28 47.40 94.04
CA LYS H 392 38.86 47.56 94.40
C LYS H 392 38.65 47.97 95.86
N ALA H 393 39.51 48.86 96.36
CA ALA H 393 39.41 49.28 97.74
C ALA H 393 38.21 50.20 97.93
N PHE H 394 37.38 49.86 98.92
CA PHE H 394 36.21 50.63 99.38
C PHE H 394 35.15 50.83 98.29
N LEU H 395 35.16 50.02 97.23
CA LEU H 395 34.18 50.21 96.16
C LEU H 395 32.81 49.66 96.51
N HIS H 396 32.70 48.86 97.57
CA HIS H 396 31.41 48.39 98.02
C HIS H 396 30.56 49.50 98.62
N TRP H 397 31.20 50.57 99.10
CA TRP H 397 30.45 51.72 99.60
C TRP H 397 29.77 52.46 98.45
N TYR H 398 30.53 52.76 97.39
CA TYR H 398 29.99 53.58 96.31
C TYR H 398 29.05 52.80 95.41
N THR H 399 29.37 51.54 95.12
CA THR H 399 28.52 50.74 94.24
C THR H 399 27.22 50.32 94.90
N GLY H 400 27.14 50.38 96.23
CA GLY H 400 25.90 50.10 96.93
C GLY H 400 24.92 51.24 96.96
N GLU H 401 25.34 52.43 96.53
CA GLU H 401 24.48 53.60 96.48
C GLU H 401 23.84 53.80 95.11
N GLY H 402 23.90 52.79 94.25
CA GLY H 402 23.36 52.88 92.92
C GLY H 402 24.36 53.27 91.85
N MET H 403 25.57 53.64 92.23
CA MET H 403 26.61 53.95 91.25
C MET H 403 27.06 52.67 90.56
N ASP H 404 27.09 52.71 89.23
CA ASP H 404 27.65 51.60 88.49
C ASP H 404 29.17 51.61 88.62
N GLU H 405 29.78 50.43 88.41
CA GLU H 405 31.23 50.36 88.39
C GLU H 405 31.82 50.79 87.06
N MET H 406 30.98 50.96 86.03
CA MET H 406 31.45 51.54 84.77
C MET H 406 31.65 53.04 84.86
N GLU H 407 31.13 53.69 85.92
CA GLU H 407 31.31 55.12 86.11
C GLU H 407 32.76 55.46 86.40
N PHE H 408 33.44 54.63 87.20
CA PHE H 408 34.87 54.84 87.47
C PHE H 408 35.70 54.63 86.22
N SER H 409 35.33 53.65 85.39
CA SER H 409 36.02 53.42 84.14
C SER H 409 35.81 54.58 83.16
N GLU H 410 34.60 55.13 83.13
CA GLU H 410 34.31 56.30 82.29
C GLU H 410 35.09 57.52 82.74
N ALA H 411 35.17 57.75 84.06
CA ALA H 411 35.95 58.87 84.59
C ALA H 411 37.44 58.71 84.31
N GLU H 412 37.97 57.50 84.47
CA GLU H 412 39.38 57.23 84.17
C GLU H 412 39.67 57.41 82.69
N GLY H 413 38.75 56.95 81.82
CA GLY H 413 38.94 57.13 80.39
C GLY H 413 38.87 58.58 79.96
N ASN H 414 37.98 59.36 80.59
CA ASN H 414 37.89 60.78 80.26
C ASN H 414 39.12 61.55 80.73
N THR H 415 39.65 61.22 81.91
CA THR H 415 40.87 61.88 82.37
C THR H 415 42.08 61.47 81.54
N ASN H 416 42.13 60.20 81.10
CA ASN H 416 43.23 59.78 80.22
C ASN H 416 43.13 60.44 78.85
N ASP H 417 41.90 60.64 78.36
CA ASP H 417 41.72 61.37 77.11
C ASP H 417 42.12 62.84 77.25
N LEU H 418 41.84 63.43 78.41
CA LEU H 418 42.28 64.80 78.67
C LEU H 418 43.81 64.91 78.72
N VAL H 419 44.45 63.92 79.34
CA VAL H 419 45.92 63.88 79.39
C VAL H 419 46.51 63.71 78.00
N SER H 420 45.89 62.84 77.18
CA SER H 420 46.32 62.62 75.81
C SER H 420 46.17 63.87 74.95
N GLU H 421 45.05 64.59 75.11
CA GLU H 421 44.85 65.81 74.34
C GLU H 421 45.77 66.93 74.80
N TYR H 422 46.05 67.01 76.11
CA TYR H 422 47.01 67.96 76.63
C TYR H 422 48.41 67.71 76.07
N GLN H 423 48.84 66.45 76.03
CA GLN H 423 50.15 66.12 75.49
C GLN H 423 50.22 66.33 73.98
N GLN H 424 49.13 66.02 73.28
CA GLN H 424 49.07 66.21 71.83
C GLN H 424 49.14 67.69 71.46
N TYR H 425 48.43 68.55 72.19
CA TYR H 425 48.51 69.98 71.92
C TYR H 425 49.78 70.61 72.48
N GLN H 426 50.46 69.95 73.41
CA GLN H 426 51.79 70.42 73.80
C GLN H 426 52.83 70.08 72.74
N ASP H 427 52.69 68.92 72.10
CA ASP H 427 53.68 68.50 71.10
C ASP H 427 53.59 69.29 69.81
N ALA H 428 52.45 69.91 69.53
CA ALA H 428 52.30 70.71 68.32
C ALA H 428 53.03 72.04 68.46
N THR H 429 53.65 72.49 67.38
CA THR H 429 54.39 73.74 67.35
C THR H 429 54.01 74.55 66.11
N ALA H 430 54.14 75.86 66.23
CA ALA H 430 53.81 76.75 65.12
C ALA H 430 54.88 76.70 64.03
N MET I 1 21.57 122.37 55.13
CA MET I 1 21.10 121.62 53.97
C MET I 1 21.70 120.21 53.96
N ARG I 2 22.72 119.99 54.78
CA ARG I 2 23.38 118.71 54.90
C ARG I 2 23.58 118.37 56.36
N GLU I 3 23.35 117.11 56.70
CA GLU I 3 23.48 116.64 58.07
C GLU I 3 24.32 115.36 58.12
N CYS I 4 24.99 115.16 59.24
CA CYS I 4 25.71 113.93 59.51
C CYS I 4 25.34 113.41 60.89
N ILE I 5 25.11 112.10 60.98
CA ILE I 5 24.72 111.46 62.23
C ILE I 5 25.89 110.59 62.68
N SER I 6 26.57 111.01 63.74
CA SER I 6 27.69 110.25 64.27
C SER I 6 27.21 109.05 65.06
N ILE I 7 27.86 107.91 64.85
CA ILE I 7 27.54 106.67 65.54
C ILE I 7 28.80 106.18 66.25
N HIS I 8 28.68 105.97 67.55
CA HIS I 8 29.78 105.43 68.36
C HIS I 8 29.36 104.08 68.92
N VAL I 9 30.11 103.04 68.58
CA VAL I 9 29.87 101.69 69.08
C VAL I 9 31.08 101.27 69.92
N GLY I 10 30.81 100.65 71.06
CA GLY I 10 31.85 100.16 71.94
C GLY I 10 32.32 101.21 72.94
N GLN I 11 33.11 100.73 73.90
CA GLN I 11 33.69 101.63 74.91
C GLN I 11 34.67 102.59 74.28
N ALA I 12 35.51 102.10 73.36
CA ALA I 12 36.44 102.96 72.63
C ALA I 12 35.70 103.98 71.78
N GLY I 13 34.63 103.55 71.10
CA GLY I 13 33.84 104.46 70.31
C GLY I 13 33.17 105.53 71.14
N VAL I 14 32.64 105.16 72.31
CA VAL I 14 31.94 106.10 73.16
C VAL I 14 32.92 107.12 73.76
N GLN I 15 34.08 106.65 74.24
CA GLN I 15 35.07 107.56 74.82
C GLN I 15 35.67 108.49 73.76
N ILE I 16 35.98 107.95 72.57
CA ILE I 16 36.51 108.76 71.48
C ILE I 16 35.48 109.78 71.01
N GLY I 17 34.22 109.38 70.93
CA GLY I 17 33.17 110.30 70.53
C GLY I 17 32.92 111.40 71.54
N ASN I 18 32.99 111.07 72.84
CA ASN I 18 32.85 112.10 73.86
C ASN I 18 33.99 113.10 73.83
N ALA I 19 35.23 112.61 73.66
CA ALA I 19 36.37 113.51 73.54
C ALA I 19 36.29 114.37 72.27
N CYS I 20 35.83 113.77 71.17
CA CYS I 20 35.73 114.49 69.91
C CYS I 20 34.63 115.55 69.97
N TRP I 21 33.49 115.25 70.58
CA TRP I 21 32.43 116.25 70.69
C TRP I 21 32.80 117.34 71.69
N GLU I 22 33.59 117.01 72.72
CA GLU I 22 34.14 118.03 73.60
C GLU I 22 35.07 118.96 72.84
N LEU I 23 35.93 118.41 71.97
CA LEU I 23 36.82 119.26 71.17
C LEU I 23 36.06 120.04 70.11
N TYR I 24 34.94 119.50 69.61
CA TYR I 24 34.13 120.24 68.65
C TYR I 24 33.41 121.41 69.31
N CYS I 25 32.93 121.21 70.54
CA CYS I 25 32.37 122.32 71.31
C CYS I 25 33.44 123.33 71.69
N LEU I 26 34.68 122.88 71.90
CA LEU I 26 35.76 123.81 72.22
C LEU I 26 36.17 124.63 71.01
N GLU I 27 36.26 124.00 69.83
CA GLU I 27 36.75 124.69 68.64
C GLU I 27 35.73 125.66 68.08
N HIS I 28 34.44 125.28 68.10
CA HIS I 28 33.38 126.13 67.57
C HIS I 28 32.90 127.17 68.58
N GLY I 29 33.43 127.16 69.81
CA GLY I 29 32.98 128.10 70.81
C GLY I 29 31.63 127.81 71.40
N ILE I 30 31.14 126.58 71.24
CA ILE I 30 29.86 126.19 71.84
C ILE I 30 30.05 125.93 73.31
N GLN I 31 29.18 126.50 74.14
CA GLN I 31 29.23 126.28 75.57
C GLN I 31 28.86 124.83 75.91
N PRO I 32 29.41 124.28 76.99
CA PRO I 32 29.09 122.89 77.36
C PRO I 32 27.63 122.65 77.71
N ASP I 33 26.89 123.66 78.13
CA ASP I 33 25.46 123.47 78.42
C ASP I 33 24.64 123.35 77.15
N GLY I 34 25.14 123.84 76.02
CA GLY I 34 24.47 123.72 74.74
C GLY I 34 24.23 125.04 74.03
N GLN I 35 24.27 126.17 74.73
CA GLN I 35 24.04 127.46 74.11
C GLN I 35 25.30 127.93 73.38
N MET I 36 25.12 128.98 72.57
CA MET I 36 26.21 129.60 71.83
C MET I 36 26.18 131.10 72.09
N PRO I 37 27.32 131.71 72.43
CA PRO I 37 27.34 133.16 72.68
C PRO I 37 27.08 134.02 71.45
N SER I 38 27.80 133.74 70.36
CA SER I 38 27.81 134.62 69.19
C SER I 38 26.83 134.17 68.10
N ASP I 39 26.83 132.90 67.74
CA ASP I 39 26.10 132.43 66.57
C ASP I 39 24.62 132.12 66.85
N LYS I 40 24.17 132.29 68.09
CA LYS I 40 22.77 132.06 68.43
C LYS I 40 21.89 133.29 68.19
N THR I 41 22.48 134.39 67.71
CA THR I 41 21.69 135.56 67.34
C THR I 41 20.76 135.26 66.17
N ILE I 42 21.24 134.47 65.20
CA ILE I 42 20.39 134.04 64.09
C ILE I 42 19.32 133.07 64.60
N GLY I 43 19.73 132.08 65.38
CA GLY I 43 18.81 131.09 65.90
C GLY I 43 18.50 129.95 64.96
N GLY I 44 19.04 129.98 63.74
CA GLY I 44 18.79 128.94 62.76
C GLY I 44 20.04 128.13 62.44
N GLY I 45 19.87 127.23 61.48
CA GLY I 45 20.95 126.37 61.03
C GLY I 45 21.76 126.97 59.91
N ASP I 46 22.32 126.09 59.08
CA ASP I 46 23.21 126.32 57.94
C ASP I 46 24.29 127.38 58.18
N ASP I 47 24.89 127.37 59.37
CA ASP I 47 25.94 128.30 59.74
C ASP I 47 27.31 127.62 59.78
N SER I 48 27.51 126.63 58.89
CA SER I 48 28.72 125.82 58.66
C SER I 48 28.98 124.78 59.75
N PHE I 49 28.19 124.76 60.82
CA PHE I 49 28.25 123.67 61.79
C PHE I 49 26.94 122.88 61.81
N ASN I 50 26.03 123.13 60.87
CA ASN I 50 24.79 122.38 60.78
C ASN I 50 24.97 120.98 60.22
N THR I 51 26.16 120.65 59.70
CA THR I 51 26.45 119.29 59.29
C THR I 51 26.55 118.35 60.49
N PHE I 52 26.94 118.87 61.64
CA PHE I 52 27.08 118.08 62.86
C PHE I 52 26.09 118.45 63.94
N PHE I 53 25.84 119.73 64.17
CA PHE I 53 25.08 120.21 65.32
C PHE I 53 23.65 120.55 64.92
N SER I 54 22.70 120.09 65.70
CA SER I 54 21.29 120.41 65.49
C SER I 54 20.80 121.38 66.57
N GLU I 55 19.90 122.27 66.18
CA GLU I 55 19.32 123.25 67.10
C GLU I 55 17.89 122.87 67.42
N THR I 56 17.57 122.83 68.71
CA THR I 56 16.22 122.54 69.16
C THR I 56 15.40 123.83 69.22
N GLY I 57 14.19 123.74 69.76
CA GLY I 57 13.34 124.91 69.91
C GLY I 57 13.81 125.87 70.98
N ALA I 58 14.58 125.40 71.96
CA ALA I 58 15.09 126.24 73.02
C ALA I 58 16.44 126.87 72.69
N GLY I 59 16.96 126.65 71.49
CA GLY I 59 18.24 127.20 71.10
C GLY I 59 19.44 126.38 71.51
N LYS I 60 19.23 125.20 72.09
CA LYS I 60 20.34 124.35 72.51
C LYS I 60 20.97 123.67 71.30
N HIS I 61 22.30 123.69 71.22
CA HIS I 61 23.02 123.07 70.11
C HIS I 61 23.39 121.65 70.52
N VAL I 62 22.40 120.76 70.45
CA VAL I 62 22.62 119.35 70.75
C VAL I 62 23.29 118.69 69.53
N PRO I 63 24.40 117.98 69.73
CA PRO I 63 25.02 117.27 68.60
C PRO I 63 24.17 116.10 68.13
N ARG I 64 24.30 115.80 66.84
CA ARG I 64 23.61 114.66 66.23
C ARG I 64 24.45 113.39 66.44
N ALA I 65 24.45 112.93 67.69
CA ALA I 65 25.30 111.83 68.12
C ALA I 65 24.46 110.69 68.67
N VAL I 66 24.84 109.46 68.32
CA VAL I 66 24.26 108.26 68.87
C VAL I 66 25.35 107.49 69.58
N PHE I 67 25.22 107.37 70.90
CA PHE I 67 26.17 106.62 71.72
C PHE I 67 25.55 105.26 72.03
N VAL I 68 26.08 104.21 71.41
CA VAL I 68 25.59 102.86 71.63
C VAL I 68 26.71 102.02 72.21
N ASP I 69 26.43 101.33 73.32
CA ASP I 69 27.36 100.38 73.90
C ASP I 69 26.55 99.38 74.70
N LEU I 70 27.09 98.16 74.80
CA LEU I 70 26.42 97.11 75.54
C LEU I 70 26.78 97.13 77.03
N GLU I 71 27.62 98.07 77.46
CA GLU I 71 27.91 98.32 78.86
C GLU I 71 27.50 99.75 79.21
N PRO I 72 26.65 99.94 80.22
CA PRO I 72 26.14 101.29 80.50
C PRO I 72 27.07 102.15 81.36
N THR I 73 28.28 101.66 81.68
CA THR I 73 29.18 102.42 82.55
C THR I 73 29.70 103.68 81.85
N VAL I 74 30.19 103.53 80.61
CA VAL I 74 30.70 104.68 79.87
C VAL I 74 29.58 105.63 79.48
N ILE I 75 28.38 105.09 79.21
CA ILE I 75 27.22 105.93 78.89
C ILE I 75 26.82 106.76 80.10
N ASP I 76 26.82 106.16 81.29
CA ASP I 76 26.55 106.92 82.51
C ASP I 76 27.68 107.89 82.84
N GLU I 77 28.91 107.55 82.46
CA GLU I 77 30.02 108.49 82.64
C GLU I 77 29.85 109.72 81.74
N VAL I 78 29.39 109.52 80.51
CA VAL I 78 29.08 110.64 79.63
C VAL I 78 27.89 111.44 80.18
N ARG I 79 26.87 110.74 80.66
CA ARG I 79 25.68 111.37 81.24
C ARG I 79 25.94 112.04 82.58
N THR I 80 27.09 111.80 83.20
CA THR I 80 27.43 112.43 84.47
C THR I 80 28.63 113.35 84.39
N GLY I 81 29.69 112.93 83.70
CA GLY I 81 30.89 113.76 83.57
C GLY I 81 31.32 113.94 82.13
N TYR I 83 27.46 118.29 79.38
CA TYR I 83 27.48 116.91 78.96
C TYR I 83 26.12 116.25 79.16
N ARG I 84 25.59 116.39 80.38
CA ARG I 84 24.30 115.79 80.72
C ARG I 84 23.15 116.49 79.99
N GLN I 85 23.13 117.82 80.02
CA GLN I 85 22.14 118.56 79.26
C GLN I 85 22.54 118.73 77.80
N LEU I 86 23.82 118.49 77.48
CA LEU I 86 24.28 118.58 76.10
C LEU I 86 23.75 117.43 75.27
N PHE I 87 23.86 116.21 75.80
CA PHE I 87 23.43 115.01 75.10
C PHE I 87 22.07 114.57 75.64
N HIS I 88 21.09 114.42 74.76
CA HIS I 88 19.78 113.95 75.17
C HIS I 88 19.85 112.48 75.57
N PRO I 89 19.18 112.09 76.67
CA PRO I 89 19.21 110.67 77.07
C PRO I 89 18.43 109.75 76.14
N GLU I 90 17.56 110.27 75.28
CA GLU I 90 16.81 109.42 74.38
C GLU I 90 17.69 108.83 73.28
N GLN I 91 18.68 109.58 72.82
CA GLN I 91 19.57 109.10 71.76
C GLN I 91 20.75 108.30 72.27
N LEU I 92 20.97 108.25 73.58
CA LEU I 92 22.06 107.46 74.16
C LEU I 92 21.52 106.09 74.54
N ILE I 93 21.90 105.08 73.77
CA ILE I 93 21.40 103.72 73.94
C ILE I 93 22.43 102.92 74.73
N THR I 94 21.99 102.29 75.81
CA THR I 94 22.82 101.41 76.61
C THR I 94 22.43 99.96 76.36
N GLY I 95 23.25 99.05 76.90
CA GLY I 95 22.98 97.63 76.80
C GLY I 95 23.18 96.96 78.15
N LYS I 96 22.71 95.71 78.23
CA LYS I 96 22.73 94.98 79.48
C LYS I 96 23.99 94.12 79.62
N GLU I 97 24.22 93.23 78.67
CA GLU I 97 25.32 92.29 78.72
C GLU I 97 26.32 92.62 77.61
N ASP I 98 27.60 92.62 77.95
CA ASP I 98 28.63 92.84 76.95
C ASP I 98 28.84 91.60 76.11
N ALA I 99 29.44 91.80 74.93
CA ALA I 99 29.80 90.67 74.09
C ALA I 99 31.11 90.03 74.50
N ALA I 100 31.91 90.71 75.32
CA ALA I 100 33.08 90.18 76.01
C ALA I 100 34.14 89.63 75.04
N ASN I 101 34.61 90.52 74.17
CA ASN I 101 35.65 90.25 73.18
C ASN I 101 35.29 89.09 72.25
N ASN I 102 34.02 89.00 71.89
CA ASN I 102 33.54 87.97 70.97
C ASN I 102 32.73 88.62 69.87
N TYR I 103 33.09 88.30 68.62
CA TYR I 103 32.36 88.85 67.48
C TYR I 103 30.97 88.23 67.35
N ALA I 104 30.86 86.91 67.58
CA ALA I 104 29.60 86.22 67.39
C ALA I 104 28.57 86.62 68.43
N ARG I 105 29.00 86.97 69.63
CA ARG I 105 28.07 87.45 70.65
C ARG I 105 27.47 88.79 70.26
N GLY I 106 28.27 89.70 69.75
CA GLY I 106 27.73 90.96 69.28
C GLY I 106 27.05 90.91 67.92
N HIS I 107 27.20 89.80 67.20
CA HIS I 107 26.64 89.70 65.85
C HIS I 107 25.43 88.79 65.74
N TYR I 108 25.21 87.87 66.68
CA TYR I 108 24.14 86.91 66.47
C TYR I 108 23.15 86.82 67.63
N THR I 109 23.61 86.96 68.87
CA THR I 109 22.75 86.76 70.03
C THR I 109 22.52 88.02 70.84
N ILE I 110 23.59 88.68 71.29
CA ILE I 110 23.41 89.81 72.19
C ILE I 110 23.09 91.09 71.42
N GLY I 111 23.74 91.29 70.27
CA GLY I 111 23.43 92.44 69.45
C GLY I 111 22.13 92.33 68.70
N LYS I 112 21.65 91.11 68.46
CA LYS I 112 20.41 90.92 67.72
C LYS I 112 19.17 91.25 68.55
N GLU I 113 19.27 91.22 69.86
CA GLU I 113 18.16 91.60 70.73
C GLU I 113 18.07 93.10 70.93
N ILE I 114 19.02 93.87 70.42
CA ILE I 114 19.07 95.31 70.63
C ILE I 114 19.22 96.09 69.32
N ILE I 115 19.36 95.41 68.18
CA ILE I 115 19.59 96.06 66.90
C ILE I 115 18.37 96.85 66.44
N ASP I 116 17.17 96.38 66.79
CA ASP I 116 15.94 97.03 66.33
C ASP I 116 15.72 98.37 67.02
N LEU I 117 16.04 98.46 68.31
CA LEU I 117 15.92 99.72 69.03
C LEU I 117 16.92 100.75 68.53
N VAL I 118 18.14 100.30 68.22
CA VAL I 118 19.16 101.21 67.68
C VAL I 118 18.78 101.67 66.28
N LEU I 119 18.18 100.78 65.47
CA LEU I 119 17.68 101.17 64.15
C LEU I 119 16.54 102.17 64.25
N ASP I 120 15.63 101.98 65.21
CA ASP I 120 14.54 102.92 65.41
C ASP I 120 15.04 104.28 65.90
N ARG I 121 16.07 104.28 66.75
CA ARG I 121 16.65 105.55 67.19
C ARG I 121 17.40 106.23 66.05
N ILE I 122 18.03 105.45 65.17
CA ILE I 122 18.70 106.00 63.99
C ILE I 122 17.68 106.64 63.05
N ARG I 123 16.55 105.97 62.84
CA ARG I 123 15.49 106.52 61.99
C ARG I 123 14.85 107.76 62.62
N LYS I 124 14.73 107.76 63.96
CA LYS I 124 14.18 108.92 64.66
C LYS I 124 15.11 110.13 64.56
N LEU I 125 16.42 109.90 64.65
CA LEU I 125 17.35 111.01 64.49
C LEU I 125 17.48 111.44 63.03
N ALA I 126 17.27 110.51 62.09
CA ALA I 126 17.32 110.85 60.68
C ALA I 126 16.04 111.51 60.19
N ASP I 127 14.94 111.41 60.95
CA ASP I 127 13.72 112.10 60.57
C ASP I 127 13.84 113.61 60.69
N GLN I 128 14.71 114.09 61.59
CA GLN I 128 14.98 115.51 61.70
C GLN I 128 15.89 116.02 60.59
N CYS I 129 16.56 115.13 59.87
CA CYS I 129 17.48 115.51 58.81
C CYS I 129 16.80 115.32 57.46
N THR I 130 16.75 116.38 56.65
CA THR I 130 16.13 116.32 55.33
C THR I 130 17.15 116.19 54.20
N GLY I 131 18.40 116.54 54.44
CA GLY I 131 19.43 116.45 53.42
C GLY I 131 20.67 115.74 53.90
N LEU I 132 20.49 114.70 54.72
CA LEU I 132 21.60 114.04 55.39
C LEU I 132 22.51 113.32 54.39
N GLN I 133 23.81 113.33 54.66
CA GLN I 133 24.80 112.73 53.78
C GLN I 133 25.04 111.26 54.12
N GLY I 134 25.24 110.97 55.39
CA GLY I 134 25.55 109.61 55.80
C GLY I 134 25.84 109.55 57.28
N PHE I 135 26.62 108.54 57.66
CA PHE I 135 26.92 108.28 59.06
C PHE I 135 28.41 108.10 59.26
N LEU I 136 28.87 108.54 60.44
CA LEU I 136 30.25 108.31 60.88
C LEU I 136 30.22 107.22 61.94
N VAL I 137 30.74 106.04 61.59
CA VAL I 137 30.76 104.92 62.50
C VAL I 137 32.06 104.98 63.29
N PHE I 138 31.95 105.17 64.61
CA PHE I 138 33.08 105.09 65.53
C PHE I 138 33.02 103.73 66.22
N HIS I 139 34.08 102.94 66.07
CA HIS I 139 34.13 101.64 66.71
C HIS I 139 35.59 101.25 66.90
N SER I 140 35.81 100.01 67.35
CA SER I 140 37.15 99.47 67.53
C SER I 140 37.16 98.02 67.06
N PHE I 141 38.29 97.63 66.47
CA PHE I 141 38.38 96.32 65.84
C PHE I 141 38.52 95.19 66.86
N GLY I 142 39.10 95.49 68.02
CA GLY I 142 39.43 94.42 68.97
C GLY I 142 38.28 93.92 69.80
N GLY I 143 37.30 94.78 70.09
CA GLY I 143 36.27 94.46 71.05
C GLY I 143 35.23 93.49 70.50
N GLY I 144 34.26 93.20 71.36
CA GLY I 144 33.17 92.32 70.99
C GLY I 144 31.96 93.10 70.52
N THR I 145 31.64 94.18 71.23
CA THR I 145 30.57 95.07 70.79
C THR I 145 30.97 95.82 69.53
N GLY I 146 32.16 96.43 69.55
CA GLY I 146 32.66 97.30 68.49
C GLY I 146 32.99 96.59 67.19
N SER I 147 32.93 95.27 67.16
CA SER I 147 33.04 94.50 65.93
C SER I 147 31.72 93.87 65.53
N GLY I 148 31.09 93.14 66.43
CA GLY I 148 29.86 92.43 66.08
C GLY I 148 28.67 93.35 65.87
N PHE I 149 28.47 94.30 66.79
CA PHE I 149 27.35 95.22 66.61
C PHE I 149 27.62 96.20 65.48
N THR I 150 28.89 96.54 65.25
CA THR I 150 29.25 97.35 64.08
C THR I 150 28.95 96.61 62.79
N SER I 151 29.24 95.31 62.73
CA SER I 151 28.96 94.53 61.53
C SER I 151 27.46 94.40 61.28
N LEU I 152 26.68 94.16 62.34
CA LEU I 152 25.23 94.06 62.16
C LEU I 152 24.62 95.41 61.81
N LEU I 153 25.13 96.48 62.40
CA LEU I 153 24.68 97.83 62.07
C LEU I 153 25.02 98.20 60.63
N MET I 154 26.21 97.83 60.16
CA MET I 154 26.58 98.08 58.77
C MET I 154 25.72 97.28 57.81
N GLU I 155 25.39 96.04 58.15
CA GLU I 155 24.49 95.25 57.33
C GLU I 155 23.10 95.86 57.26
N ARG I 156 22.57 96.32 58.39
CA ARG I 156 21.25 96.93 58.42
C ARG I 156 21.22 98.26 57.68
N LEU I 157 22.28 99.06 57.82
CA LEU I 157 22.34 100.35 57.13
C LEU I 157 22.63 100.18 55.64
N SER I 158 23.25 99.07 55.22
CA SER I 158 23.38 98.83 53.80
C SER I 158 22.10 98.30 53.18
N VAL I 159 21.32 97.52 53.94
CA VAL I 159 20.02 97.08 53.42
C VAL I 159 19.04 98.25 53.36
N ASP I 160 18.98 99.06 54.41
CA ASP I 160 17.92 100.05 54.55
C ASP I 160 18.28 101.43 53.98
N TYR I 161 19.57 101.78 53.92
CA TYR I 161 20.01 103.12 53.53
C TYR I 161 21.01 103.02 52.39
N GLY I 162 20.67 102.23 51.36
CA GLY I 162 21.58 101.90 50.28
C GLY I 162 21.97 103.06 49.38
N LYS I 163 21.26 104.18 49.44
CA LYS I 163 21.60 105.37 48.68
C LYS I 163 22.56 106.29 49.43
N LYS I 164 22.98 105.93 50.63
CA LYS I 164 23.87 106.73 51.44
C LYS I 164 25.25 106.11 51.52
N SER I 165 26.23 106.94 51.82
CA SER I 165 27.61 106.51 52.01
C SER I 165 27.94 106.59 53.50
N LYS I 166 28.61 105.56 54.01
CA LYS I 166 28.93 105.46 55.42
C LYS I 166 30.44 105.41 55.58
N LEU I 167 30.96 106.25 56.49
CA LEU I 167 32.39 106.24 56.79
C LEU I 167 32.70 105.15 57.80
N GLU I 168 33.94 105.12 58.28
CA GLU I 168 34.33 104.22 59.36
C GLU I 168 35.48 104.86 60.13
N PHE I 169 35.44 104.72 61.45
CA PHE I 169 36.51 105.17 62.34
C PHE I 169 36.85 103.99 63.24
N SER I 170 37.76 103.13 62.79
CA SER I 170 38.12 101.94 63.53
C SER I 170 39.41 102.16 64.29
N ILE I 171 39.61 101.33 65.31
CA ILE I 171 40.83 101.32 66.11
C ILE I 171 41.52 99.99 65.86
N TYR I 172 42.69 100.04 65.22
CA TYR I 172 43.46 98.84 64.97
C TYR I 172 44.09 98.35 66.27
N PRO I 173 44.03 97.04 66.55
CA PRO I 173 44.56 96.52 67.81
C PRO I 173 46.08 96.60 67.90
N ALA I 174 46.56 96.80 69.13
CA ALA I 174 47.99 96.95 69.39
C ALA I 174 48.40 96.01 70.50
N PRO I 175 49.63 95.47 70.43
CA PRO I 175 50.10 94.60 71.53
C PRO I 175 50.46 95.34 72.80
N GLN I 176 50.63 96.66 72.75
CA GLN I 176 50.98 97.41 73.95
C GLN I 176 49.82 97.49 74.93
N VAL I 177 48.63 97.82 74.45
CA VAL I 177 47.42 97.86 75.27
C VAL I 177 46.35 97.02 74.58
N SER I 178 46.26 95.75 74.99
CA SER I 178 45.25 94.84 74.47
C SER I 178 44.62 94.10 75.64
N THR I 179 43.29 94.10 75.69
CA THR I 179 42.56 93.42 76.74
C THR I 179 42.07 92.03 76.31
N ALA I 180 42.51 91.53 75.17
CA ALA I 180 42.03 90.25 74.66
C ALA I 180 43.10 89.62 73.79
N VAL I 181 42.89 88.35 73.48
CA VAL I 181 43.82 87.54 72.71
C VAL I 181 43.18 87.30 71.34
N VAL I 182 41.86 87.37 71.30
CA VAL I 182 41.10 87.06 70.08
C VAL I 182 40.80 88.33 69.29
N GLU I 183 41.57 89.39 69.55
CA GLU I 183 41.48 90.58 68.70
C GLU I 183 41.80 90.33 67.22
N PRO I 184 42.77 89.47 66.82
CA PRO I 184 42.84 89.11 65.40
C PRO I 184 41.59 88.45 64.84
N TYR I 185 40.93 87.58 65.62
CA TYR I 185 39.71 86.92 65.13
C TYR I 185 38.59 87.92 64.91
N ASN I 186 38.37 88.80 65.90
CA ASN I 186 37.33 89.83 65.80
C ASN I 186 37.63 90.80 64.68
N SER I 187 38.90 91.20 64.53
CA SER I 187 39.28 92.17 63.51
C SER I 187 39.11 91.60 62.10
N ILE I 188 39.52 90.35 61.88
CA ILE I 188 39.36 89.74 60.57
C ILE I 188 37.88 89.52 60.25
N LEU I 189 37.09 89.12 61.25
CA LEU I 189 35.67 88.89 60.99
C LEU I 189 34.92 90.18 60.71
N THR I 190 35.22 91.25 61.45
CA THR I 190 34.56 92.53 61.17
C THR I 190 35.13 93.24 59.95
N THR I 191 36.33 92.87 59.49
CA THR I 191 36.81 93.38 58.21
C THR I 191 36.10 92.68 57.06
N HIS I 192 35.92 91.36 57.17
CA HIS I 192 35.22 90.63 56.11
C HIS I 192 33.74 90.98 56.06
N THR I 193 33.11 91.24 57.20
CA THR I 193 31.69 91.57 57.17
C THR I 193 31.44 93.01 56.71
N THR I 194 32.27 93.95 57.15
CA THR I 194 32.11 95.36 56.77
C THR I 194 33.05 95.79 55.66
N LEU I 195 33.37 94.88 54.73
CA LEU I 195 34.15 95.28 53.57
C LEU I 195 33.28 95.95 52.52
N GLU I 196 32.10 95.39 52.27
CA GLU I 196 31.18 95.91 51.27
C GLU I 196 30.26 96.98 51.81
N HIS I 197 30.29 97.26 53.11
CA HIS I 197 29.39 98.22 53.72
C HIS I 197 30.09 99.46 54.25
N SER I 198 31.40 99.56 54.08
CA SER I 198 32.16 100.72 54.52
C SER I 198 32.88 101.33 53.32
N ASP I 199 32.91 102.66 53.28
CA ASP I 199 33.47 103.37 52.13
C ASP I 199 34.71 104.19 52.45
N CYS I 200 35.01 104.43 53.72
CA CYS I 200 36.25 105.11 54.11
C CYS I 200 36.55 104.72 55.56
N ALA I 201 37.63 103.97 55.76
CA ALA I 201 37.98 103.44 57.08
C ALA I 201 39.30 104.04 57.54
N PHE I 202 39.23 104.98 58.48
CA PHE I 202 40.42 105.57 59.06
C PHE I 202 40.87 104.74 60.26
N MET I 203 41.45 103.57 59.97
CA MET I 203 41.91 102.68 61.02
C MET I 203 43.23 103.20 61.57
N VAL I 204 43.24 103.53 62.86
CA VAL I 204 44.41 104.04 63.56
C VAL I 204 44.74 103.09 64.72
N ASP I 205 45.99 102.64 64.78
CA ASP I 205 46.39 101.74 65.85
C ASP I 205 46.89 102.53 67.05
N ASN I 206 46.65 101.98 68.24
CA ASN I 206 47.08 102.62 69.47
C ASN I 206 48.57 102.49 69.72
N GLU I 207 49.27 101.62 68.99
CA GLU I 207 50.72 101.52 69.13
C GLU I 207 51.42 102.80 68.64
N ALA I 208 50.95 103.35 67.52
CA ALA I 208 51.53 104.57 66.99
C ALA I 208 51.23 105.77 67.89
N ILE I 209 49.99 105.84 68.41
CA ILE I 209 49.63 106.91 69.34
C ILE I 209 50.42 106.80 70.64
N TYR I 210 50.62 105.57 71.12
CA TYR I 210 51.43 105.35 72.31
C TYR I 210 52.89 105.74 72.09
N ASP I 211 53.44 105.41 70.92
CA ASP I 211 54.81 105.78 70.61
C ASP I 211 54.97 107.29 70.48
N ILE I 212 53.97 107.96 69.89
CA ILE I 212 54.00 109.41 69.78
C ILE I 212 53.92 110.06 71.16
N CYS I 213 53.03 109.54 72.03
CA CYS I 213 52.94 110.06 73.40
C CYS I 213 54.20 109.76 74.21
N ARG I 214 54.88 108.66 73.91
CA ARG I 214 56.12 108.32 74.60
C ARG I 214 57.27 109.23 74.19
N ARG I 215 57.42 109.46 72.88
CA ARG I 215 58.62 110.15 72.38
C ARG I 215 58.44 111.65 72.19
N ASN I 216 57.20 112.14 72.10
CA ASN I 216 56.95 113.57 71.96
C ASN I 216 56.30 114.17 73.20
N LEU I 217 55.22 113.57 73.68
CA LEU I 217 54.53 114.07 74.86
C LEU I 217 55.13 113.51 76.14
N ARG I 221 53.89 104.37 81.38
CA ARG I 221 53.26 104.58 80.08
C ARG I 221 52.13 105.60 80.18
N PRO I 222 51.87 106.33 79.09
CA PRO I 222 50.65 107.16 79.04
C PRO I 222 49.40 106.30 79.06
N THR I 223 48.36 106.81 79.71
CA THR I 223 47.15 106.06 79.96
C THR I 223 46.19 106.17 78.78
N TYR I 224 44.96 105.69 78.97
CA TYR I 224 43.95 105.80 77.93
C TYR I 224 43.40 107.21 77.80
N THR I 225 43.59 108.07 78.82
CA THR I 225 43.12 109.44 78.72
C THR I 225 43.98 110.26 77.77
N ASN I 226 45.30 110.11 77.84
CA ASN I 226 46.19 110.81 76.91
C ASN I 226 46.01 110.31 75.48
N LEU I 227 45.86 108.99 75.32
CA LEU I 227 45.57 108.42 74.01
C LEU I 227 44.23 108.91 73.47
N ASN I 228 43.22 108.99 74.33
CA ASN I 228 41.91 109.50 73.93
C ASN I 228 41.96 110.95 73.51
N ARG I 229 42.71 111.79 74.25
CA ARG I 229 42.79 113.20 73.91
C ARG I 229 43.57 113.41 72.61
N LEU I 230 44.67 112.68 72.42
CA LEU I 230 45.44 112.80 71.19
C LEU I 230 44.65 112.29 69.98
N ILE I 231 43.94 111.16 70.14
CA ILE I 231 43.12 110.62 69.06
C ILE I 231 41.95 111.55 68.75
N GLY I 232 41.41 112.21 69.78
CA GLY I 232 40.38 113.21 69.56
C GLY I 232 40.89 114.41 68.80
N GLN I 233 42.13 114.84 69.09
CA GLN I 233 42.75 115.92 68.32
C GLN I 233 42.99 115.50 66.87
N ILE I 234 43.44 114.25 66.66
CA ILE I 234 43.70 113.75 65.31
C ILE I 234 42.42 113.71 64.49
N VAL I 235 41.36 113.12 65.06
CA VAL I 235 40.08 113.00 64.37
C VAL I 235 39.42 114.38 64.17
N SER I 236 39.60 115.29 65.14
CA SER I 236 39.05 116.64 65.00
C SER I 236 39.73 117.41 63.87
N SER I 237 41.04 117.26 63.71
CA SER I 237 41.70 117.89 62.57
C SER I 237 41.52 117.12 61.28
N ILE I 238 41.14 115.84 61.34
CA ILE I 238 40.73 115.10 60.14
C ILE I 238 39.40 115.66 59.62
N THR I 239 38.45 115.85 60.53
CA THR I 239 37.11 116.31 60.17
C THR I 239 36.96 117.80 60.45
N ALA I 240 38.06 118.55 60.45
CA ALA I 240 37.97 120.00 60.57
C ALA I 240 37.38 120.64 59.33
N SER I 241 37.68 120.08 58.14
CA SER I 241 37.19 120.66 56.90
C SER I 241 35.69 120.45 56.70
N LEU I 242 35.09 119.47 57.39
CA LEU I 242 33.67 119.21 57.24
C LEU I 242 32.82 120.19 58.05
N ARG I 243 33.39 120.75 59.12
CA ARG I 243 32.68 121.67 60.00
C ARG I 243 33.07 123.12 59.78
N PHE I 244 33.82 123.41 58.72
CA PHE I 244 34.31 124.77 58.49
C PHE I 244 33.96 125.25 57.09
N ASP I 245 34.55 126.38 56.68
CA ASP I 245 34.32 126.94 55.36
C ASP I 245 34.83 126.00 54.27
N GLY I 246 34.18 126.06 53.12
CA GLY I 246 34.38 125.07 52.07
C GLY I 246 35.56 125.28 51.16
N ALA I 247 36.61 124.47 51.33
CA ALA I 247 37.72 124.45 50.40
C ALA I 247 37.80 123.12 49.65
N LEU I 248 37.88 122.00 50.38
CA LEU I 248 37.78 120.67 49.81
C LEU I 248 37.44 119.70 50.93
N ASN I 249 36.97 118.51 50.53
CA ASN I 249 36.63 117.40 51.43
C ASN I 249 35.57 117.80 52.45
N VAL I 250 34.60 118.59 52.02
CA VAL I 250 33.53 119.06 52.91
C VAL I 250 32.33 118.13 52.90
N ASP I 251 32.38 117.04 52.14
CA ASP I 251 31.27 116.10 52.05
C ASP I 251 31.80 114.69 52.08
N LEU I 252 30.91 113.74 52.39
CA LEU I 252 31.28 112.34 52.42
C LEU I 252 31.56 111.80 51.02
N THR I 253 30.87 112.34 50.01
CA THR I 253 31.17 111.98 48.62
C THR I 253 32.55 112.50 48.22
N GLU I 254 32.95 113.67 48.73
CA GLU I 254 34.29 114.18 48.49
C GLU I 254 35.35 113.28 49.11
N PHE I 255 35.09 112.78 50.33
CA PHE I 255 35.98 111.82 50.97
C PHE I 255 36.05 110.51 50.17
N GLN I 256 34.92 110.05 49.67
CA GLN I 256 34.88 108.78 48.95
C GLN I 256 35.51 108.90 47.56
N THR I 257 35.53 110.10 46.97
CA THR I 257 36.03 110.27 45.62
C THR I 257 37.46 110.79 45.55
N ASN I 258 37.93 111.51 46.56
CA ASN I 258 39.30 112.03 46.51
C ASN I 258 40.33 110.99 46.92
N LEU I 259 39.92 109.90 47.57
CA LEU I 259 40.87 108.95 48.13
C LEU I 259 40.59 107.49 47.81
N VAL I 260 39.39 107.11 47.41
CA VAL I 260 38.98 105.73 47.32
C VAL I 260 38.67 105.40 45.86
N PRO I 261 39.61 104.79 45.13
CA PRO I 261 39.32 104.37 43.76
C PRO I 261 38.53 103.07 43.64
N TYR I 262 38.74 102.14 44.55
CA TYR I 262 38.22 100.79 44.43
C TYR I 262 37.03 100.59 45.37
N PRO I 263 36.15 99.62 45.08
CA PRO I 263 35.10 99.28 46.06
C PRO I 263 35.62 98.66 47.34
N ARG I 264 36.82 98.08 47.33
CA ARG I 264 37.37 97.40 48.49
C ARG I 264 38.52 98.12 49.16
N ILE I 265 39.29 98.91 48.41
CA ILE I 265 40.48 99.57 48.94
C ILE I 265 40.02 100.93 49.45
N HIS I 266 39.61 100.97 50.72
CA HIS I 266 39.14 102.21 51.34
C HIS I 266 39.76 102.41 52.70
N PHE I 267 41.09 102.25 52.78
CA PHE I 267 41.84 102.39 54.03
C PHE I 267 42.88 103.49 53.88
N PRO I 268 42.55 104.74 54.15
CA PRO I 268 43.53 105.82 54.09
C PRO I 268 44.48 105.78 55.29
N LEU I 269 45.45 106.69 55.25
CA LEU I 269 46.44 106.83 56.30
C LEU I 269 46.58 108.29 56.65
N ALA I 270 46.57 108.60 57.94
CA ALA I 270 46.78 109.97 58.42
C ALA I 270 48.16 110.10 59.06
N THR I 271 48.73 111.30 58.94
CA THR I 271 50.02 111.60 59.55
C THR I 271 50.01 113.03 60.07
N TYR I 272 50.55 113.23 61.28
CA TYR I 272 50.52 114.53 61.93
C TYR I 272 51.92 114.91 62.39
N ALA I 273 52.39 116.07 61.93
CA ALA I 273 53.65 116.67 62.33
C ALA I 273 53.64 117.37 63.69
N PRO I 274 52.74 118.36 63.99
CA PRO I 274 53.06 119.21 65.16
C PRO I 274 52.62 118.65 66.51
N VAL I 275 53.38 117.69 67.01
CA VAL I 275 53.18 117.12 68.33
C VAL I 275 54.35 117.57 69.20
N ILE I 276 54.12 118.54 70.08
CA ILE I 276 55.15 119.06 70.95
C ILE I 276 54.62 119.06 72.38
N SER I 277 55.55 119.07 73.33
CA SER I 277 55.20 119.04 74.74
C SER I 277 54.61 120.39 75.17
N ALA I 278 53.61 120.32 76.05
CA ALA I 278 52.95 121.52 76.54
C ALA I 278 53.65 122.08 77.78
N GLN I 285 60.36 128.58 65.48
CA GLN I 285 59.50 127.48 65.89
C GLN I 285 59.63 126.30 64.93
N LEU I 286 58.63 126.15 64.05
CA LEU I 286 58.62 125.07 63.07
C LEU I 286 58.17 125.64 61.74
N SER I 287 58.99 125.45 60.71
CA SER I 287 58.67 125.98 59.39
C SER I 287 57.66 125.06 58.68
N VAL I 288 57.11 125.56 57.57
CA VAL I 288 56.14 124.79 56.81
C VAL I 288 56.80 123.62 56.09
N ALA I 289 58.04 123.80 55.64
CA ALA I 289 58.73 122.76 54.89
C ALA I 289 59.04 121.54 55.76
N GLU I 290 59.47 121.76 57.00
CA GLU I 290 59.80 120.65 57.87
C GLU I 290 58.56 119.90 58.35
N ILE I 291 57.47 120.63 58.62
CA ILE I 291 56.25 119.95 59.04
C ILE I 291 55.54 119.29 57.86
N THR I 292 55.79 119.74 56.62
CA THR I 292 55.37 118.97 55.47
C THR I 292 56.25 117.73 55.29
N ASN I 293 57.54 117.86 55.59
CA ASN I 293 58.44 116.72 55.53
C ASN I 293 58.14 115.71 56.64
N ALA I 294 57.74 116.19 57.82
CA ALA I 294 57.41 115.30 58.92
C ALA I 294 56.12 114.54 58.69
N CYS I 295 55.24 115.03 57.81
CA CYS I 295 54.06 114.28 57.40
C CYS I 295 54.41 113.09 56.50
N PHE I 296 55.61 113.03 55.96
CA PHE I 296 56.06 111.88 55.18
C PHE I 296 56.96 110.96 55.99
N GLU I 297 57.18 111.26 57.27
CA GLU I 297 58.00 110.39 58.11
C GLU I 297 57.22 109.13 58.47
N PRO I 298 57.78 107.93 58.23
CA PRO I 298 57.03 106.70 58.55
C PRO I 298 56.84 106.46 60.03
N ALA I 299 57.63 107.08 60.89
CA ALA I 299 57.50 106.89 62.34
C ALA I 299 56.49 107.82 62.97
N ASN I 300 55.94 108.78 62.22
CA ASN I 300 54.93 109.69 62.74
C ASN I 300 53.55 109.40 62.18
N GLN I 301 53.38 108.30 61.45
CA GLN I 301 52.09 107.97 60.87
C GLN I 301 51.16 107.39 61.94
N MET I 302 49.87 107.43 61.64
CA MET I 302 48.86 106.83 62.52
C MET I 302 48.69 105.34 62.30
N VAL I 303 49.41 104.76 61.33
CA VAL I 303 49.49 103.31 61.15
C VAL I 303 50.96 102.94 61.14
N LYS I 304 51.33 101.94 61.92
CA LYS I 304 52.73 101.50 62.01
C LYS I 304 53.07 100.67 60.77
N CYS I 305 53.44 101.39 59.70
CA CYS I 305 53.81 100.77 58.45
C CYS I 305 54.76 101.69 57.69
N ASP I 306 55.43 101.12 56.69
CA ASP I 306 56.39 101.88 55.89
C ASP I 306 55.79 102.18 54.52
N PRO I 307 55.53 103.45 54.19
CA PRO I 307 54.97 103.78 52.88
C PRO I 307 55.98 103.73 51.74
N ARG I 308 57.28 103.67 52.04
CA ARG I 308 58.29 103.69 50.99
C ARG I 308 58.36 102.37 50.22
N HIS I 309 57.89 101.28 50.80
CA HIS I 309 57.83 100.01 50.06
C HIS I 309 56.59 99.90 49.19
N GLY I 310 55.61 100.78 49.39
CA GLY I 310 54.42 100.82 48.57
C GLY I 310 54.37 102.05 47.68
N LYS I 311 53.28 102.15 46.93
CA LYS I 311 53.05 103.27 46.03
C LYS I 311 51.84 104.05 46.50
N TYR I 312 51.93 105.37 46.44
CA TYR I 312 50.83 106.24 46.82
C TYR I 312 49.71 106.15 45.78
N MET I 313 48.51 106.57 46.20
CA MET I 313 47.38 106.63 45.29
C MET I 313 46.77 108.02 45.27
N ALA I 314 46.76 108.69 46.43
CA ALA I 314 46.19 110.03 46.52
C ALA I 314 46.81 110.73 47.72
N CYS I 315 46.59 112.04 47.78
CA CYS I 315 47.07 112.86 48.90
C CYS I 315 46.14 114.05 49.03
N CYS I 316 45.62 114.27 50.23
CA CYS I 316 44.79 115.44 50.53
C CYS I 316 45.38 116.13 51.76
N LEU I 317 46.33 117.02 51.54
CA LEU I 317 46.96 117.74 52.64
C LEU I 317 46.01 118.80 53.16
N LEU I 318 45.73 118.78 54.46
CA LEU I 318 44.86 119.75 55.10
C LEU I 318 45.69 120.56 56.09
N TYR I 319 45.67 121.88 55.95
CA TYR I 319 46.46 122.76 56.79
C TYR I 319 45.56 123.55 57.73
N ARG I 320 45.97 123.65 58.99
CA ARG I 320 45.25 124.40 60.00
C ARG I 320 46.14 125.50 60.56
N GLY I 321 45.51 126.61 60.95
CA GLY I 321 46.24 127.76 61.45
C GLY I 321 46.65 128.72 60.34
N ASP I 322 47.37 129.76 60.75
CA ASP I 322 47.80 130.82 59.83
C ASP I 322 49.01 130.32 59.06
N VAL I 323 48.74 129.60 57.96
CA VAL I 323 49.79 129.11 57.06
C VAL I 323 49.62 129.84 55.73
N VAL I 324 50.67 130.54 55.31
CA VAL I 324 50.63 131.27 54.04
C VAL I 324 50.66 130.27 52.88
N PRO I 325 49.76 130.40 51.90
CA PRO I 325 49.71 129.41 50.81
C PRO I 325 50.83 129.53 49.78
N LYS I 326 51.68 130.55 49.87
CA LYS I 326 52.79 130.68 48.92
C LYS I 326 53.87 129.64 49.20
N ASP I 327 54.23 129.46 50.47
CA ASP I 327 55.31 128.55 50.82
C ASP I 327 54.86 127.08 50.84
N VAL I 328 53.55 126.81 50.80
CA VAL I 328 53.07 125.44 50.74
C VAL I 328 53.48 124.79 49.42
N ASN I 329 53.43 125.56 48.32
CA ASN I 329 53.86 125.04 47.02
C ASN I 329 55.37 124.81 46.98
N ALA I 330 56.15 125.66 47.66
CA ALA I 330 57.60 125.43 47.76
C ALA I 330 57.89 124.18 48.59
N ALA I 331 57.13 123.97 49.67
CA ALA I 331 57.25 122.74 50.45
C ALA I 331 56.88 121.52 49.61
N ILE I 332 55.85 121.66 48.77
CA ILE I 332 55.43 120.60 47.86
C ILE I 332 56.54 120.27 46.86
N ALA I 333 57.20 121.30 46.33
CA ALA I 333 58.30 121.10 45.40
C ALA I 333 59.50 120.43 46.07
N THR I 334 59.83 120.84 47.30
CA THR I 334 60.94 120.21 48.01
C THR I 334 60.60 118.78 48.42
N ILE I 335 59.32 118.48 48.65
CA ILE I 335 58.90 117.10 48.89
C ILE I 335 59.05 116.28 47.61
N LYS I 336 58.58 116.82 46.48
CA LYS I 336 58.55 116.08 45.23
C LYS I 336 59.94 115.93 44.61
N THR I 337 60.91 116.75 45.01
CA THR I 337 62.28 116.55 44.52
C THR I 337 62.90 115.27 45.06
N LYS I 338 62.46 114.83 46.23
CA LYS I 338 62.98 113.59 46.80
C LYS I 338 62.38 112.38 46.06
N ARG I 339 63.18 111.33 45.94
CA ARG I 339 62.80 110.13 45.20
C ARG I 339 62.10 109.11 46.06
N THR I 340 61.70 109.47 47.29
CA THR I 340 61.04 108.53 48.17
C THR I 340 59.62 108.22 47.71
N ILE I 341 58.88 109.24 47.30
CA ILE I 341 57.48 109.06 46.91
C ILE I 341 57.44 108.54 45.47
N GLN I 342 56.79 107.39 45.29
CA GLN I 342 56.64 106.76 43.98
C GLN I 342 55.15 106.56 43.72
N PHE I 343 54.57 107.48 42.96
CA PHE I 343 53.13 107.47 42.72
C PHE I 343 52.75 106.35 41.74
N VAL I 344 51.44 106.14 41.59
CA VAL I 344 50.91 105.21 40.61
C VAL I 344 50.97 105.87 39.23
N ASP I 345 50.77 105.10 38.18
CA ASP I 345 50.97 105.56 36.82
C ASP I 345 49.67 105.57 36.01
N TRP I 346 48.56 106.01 36.61
CA TRP I 346 47.38 106.40 35.84
C TRP I 346 46.82 107.69 36.45
N CYS I 347 47.35 108.83 35.98
CA CYS I 347 47.03 110.20 36.38
C CYS I 347 47.01 110.37 37.89
N PRO I 348 48.17 110.29 38.57
CA PRO I 348 48.17 110.23 40.04
C PRO I 348 47.87 111.56 40.72
N THR I 349 47.88 112.67 39.98
CA THR I 349 47.67 114.05 40.46
C THR I 349 48.70 114.35 41.54
N GLY I 350 48.33 114.97 42.66
CA GLY I 350 49.28 115.31 43.69
C GLY I 350 48.65 115.73 45.00
N PHE I 351 49.33 116.62 45.72
CA PHE I 351 48.88 117.04 47.06
C PHE I 351 47.83 118.12 46.91
N LYS I 352 46.55 117.74 47.07
CA LYS I 352 45.44 118.66 46.92
C LYS I 352 45.28 119.44 48.21
N VAL I 353 46.07 120.50 48.33
CA VAL I 353 46.13 121.29 49.56
C VAL I 353 44.92 122.21 49.65
N GLY I 354 44.21 122.14 50.77
CA GLY I 354 43.23 123.14 51.13
C GLY I 354 43.56 123.69 52.50
N ILE I 355 43.49 125.01 52.66
CA ILE I 355 43.98 125.68 53.86
C ILE I 355 42.81 126.35 54.56
N ASN I 356 42.63 126.02 55.84
CA ASN I 356 41.66 126.69 56.69
C ASN I 356 42.40 127.64 57.63
N TYR I 357 41.98 128.90 57.65
CA TYR I 357 42.72 129.93 58.37
C TYR I 357 42.37 129.99 59.85
N GLN I 358 41.37 129.25 60.30
CA GLN I 358 41.07 129.21 61.72
C GLN I 358 42.08 128.32 62.43
N PRO I 359 42.75 128.81 63.48
CA PRO I 359 43.71 127.97 64.19
C PRO I 359 43.01 126.89 65.00
N PRO I 360 43.62 125.71 65.12
CA PRO I 360 43.03 124.68 65.97
C PRO I 360 43.19 125.01 67.44
N THR I 361 42.19 124.64 68.23
CA THR I 361 42.19 124.90 69.66
C THR I 361 42.49 123.61 70.41
N VAL I 362 43.43 123.68 71.34
CA VAL I 362 43.81 122.54 72.16
C VAL I 362 43.09 122.64 73.49
N VAL I 363 43.08 121.52 74.23
CA VAL I 363 42.49 121.49 75.57
C VAL I 363 43.33 122.34 76.51
N PRO I 364 42.72 123.24 77.29
CA PRO I 364 43.50 124.07 78.22
C PRO I 364 44.10 123.24 79.34
N GLY I 365 45.43 123.18 79.38
CA GLY I 365 46.13 122.32 80.31
C GLY I 365 45.90 120.84 80.07
N GLY I 366 45.92 120.41 78.82
CA GLY I 366 45.66 119.02 78.50
C GLY I 366 46.92 118.24 78.18
N ASP I 367 47.05 117.77 76.94
CA ASP I 367 48.18 116.95 76.53
C ASP I 367 48.93 117.47 75.33
N LEU I 368 48.31 118.31 74.48
CA LEU I 368 48.98 118.86 73.31
C LEU I 368 49.01 120.38 73.41
N ALA I 369 50.15 120.96 73.08
CA ALA I 369 50.33 122.40 73.16
C ALA I 369 49.64 123.10 72.00
N LYS I 370 49.26 124.35 72.24
CA LYS I 370 48.69 125.18 71.18
C LYS I 370 49.78 125.57 70.18
N VAL I 371 49.50 125.36 68.90
CA VAL I 371 50.46 125.63 67.84
C VAL I 371 49.79 126.48 66.78
N GLN I 372 50.61 127.16 65.98
CA GLN I 372 50.13 128.04 64.93
C GLN I 372 50.13 127.39 63.55
N ARG I 373 51.00 126.43 63.32
CA ARG I 373 51.10 125.73 62.03
C ARG I 373 50.76 124.27 62.26
N ALA I 374 49.70 123.80 61.60
CA ALA I 374 49.25 122.42 61.73
C ALA I 374 49.00 121.85 60.34
N VAL I 375 49.34 120.57 60.16
CA VAL I 375 49.28 119.92 58.86
C VAL I 375 48.87 118.46 59.06
N CYS I 376 47.97 117.98 58.21
CA CYS I 376 47.53 116.59 58.22
C CYS I 376 47.56 116.06 56.80
N MET I 377 47.97 114.80 56.65
CA MET I 377 48.18 114.18 55.34
C MET I 377 47.26 112.97 55.20
N LEU I 378 46.06 113.19 54.67
CA LEU I 378 45.14 112.10 54.35
C LEU I 378 45.58 111.47 53.05
N SER I 379 46.41 110.44 53.13
CA SER I 379 47.01 109.84 51.95
C SER I 379 46.70 108.35 51.88
N ASN I 380 46.22 107.91 50.73
CA ASN I 380 46.03 106.49 50.46
C ASN I 380 47.34 105.89 49.96
N THR I 381 47.62 104.66 50.36
CA THR I 381 48.80 103.94 49.90
C THR I 381 48.51 102.45 49.93
N THR I 382 49.50 101.67 49.50
CA THR I 382 49.45 100.22 49.58
C THR I 382 50.21 99.68 50.79
N ALA I 383 50.61 100.54 51.72
CA ALA I 383 51.37 100.13 52.89
C ALA I 383 50.50 99.55 53.99
N ILE I 384 49.16 99.69 53.90
CA ILE I 384 48.26 99.06 54.85
C ILE I 384 48.23 97.55 54.67
N ALA I 385 48.65 97.05 53.49
CA ALA I 385 48.71 95.61 53.23
C ALA I 385 49.70 94.90 54.15
N GLU I 386 50.73 95.60 54.63
CA GLU I 386 51.61 95.04 55.66
C GLU I 386 50.87 94.81 56.96
N ALA I 387 50.03 95.76 57.37
CA ALA I 387 49.22 95.60 58.58
C ALA I 387 48.21 94.46 58.43
N TRP I 388 47.59 94.36 57.27
CA TRP I 388 46.66 93.26 57.04
C TRP I 388 47.37 91.91 56.95
N ALA I 389 48.62 91.90 56.46
CA ALA I 389 49.42 90.68 56.46
C ALA I 389 49.79 90.26 57.88
N ARG I 390 50.09 91.24 58.75
CA ARG I 390 50.35 90.94 60.16
C ARG I 390 49.10 90.38 60.84
N LEU I 391 47.94 90.97 60.57
CA LEU I 391 46.69 90.51 61.16
C LEU I 391 46.31 89.12 60.67
N ASP I 392 46.54 88.83 59.38
CA ASP I 392 46.24 87.50 58.86
C ASP I 392 47.27 86.48 59.31
N HIS I 393 48.52 86.91 59.58
CA HIS I 393 49.50 86.01 60.14
C HIS I 393 49.16 85.62 61.57
N LYS I 394 48.69 86.59 62.37
CA LYS I 394 48.17 86.27 63.69
C LYS I 394 46.91 85.42 63.62
N PHE I 395 46.07 85.66 62.61
CA PHE I 395 44.88 84.84 62.40
C PHE I 395 45.23 83.42 61.97
N ASP I 396 46.28 83.27 61.15
CA ASP I 396 46.65 81.94 60.69
C ASP I 396 47.35 81.14 61.79
N LEU I 397 48.04 81.83 62.71
CA LEU I 397 48.71 81.14 63.80
C LEU I 397 47.71 80.54 64.79
N MET I 398 46.57 81.19 64.99
CA MET I 398 45.57 80.74 65.93
C MET I 398 44.47 79.92 65.27
N TYR I 399 44.63 79.54 64.01
CA TYR I 399 43.65 78.73 63.31
C TYR I 399 44.22 77.42 62.76
N ALA I 400 45.53 77.21 62.85
CA ALA I 400 46.10 75.93 62.45
C ALA I 400 45.69 74.84 63.43
N LYS I 401 45.57 75.18 64.71
CA LYS I 401 45.14 74.24 65.74
C LYS I 401 43.73 74.53 66.23
N ARG I 402 42.99 75.40 65.54
CA ARG I 402 41.60 75.76 65.85
C ARG I 402 41.45 76.34 67.27
N ALA I 403 42.39 77.21 67.64
CA ALA I 403 42.35 77.82 68.96
C ALA I 403 41.20 78.81 69.07
N PHE I 404 40.55 78.82 70.23
CA PHE I 404 39.48 79.75 70.60
C PHE I 404 38.27 79.68 69.68
N VAL I 405 38.10 78.58 68.95
CA VAL I 405 37.04 78.48 67.94
C VAL I 405 35.67 78.37 68.62
N HIS I 406 35.59 77.60 69.71
CA HIS I 406 34.33 77.23 70.34
C HIS I 406 33.56 78.40 70.94
N TRP I 407 34.24 79.51 71.26
CA TRP I 407 33.54 80.67 71.81
C TRP I 407 32.68 81.37 70.77
N TYR I 408 32.94 81.14 69.49
CA TYR I 408 32.18 81.74 68.41
C TYR I 408 31.10 80.82 67.86
N VAL I 409 31.37 79.52 67.79
CA VAL I 409 30.37 78.56 67.31
C VAL I 409 29.23 78.41 68.30
N GLY I 410 29.49 78.67 69.59
CA GLY I 410 28.47 78.56 70.61
C GLY I 410 27.45 79.68 70.61
N GLU I 411 27.66 80.71 69.79
CA GLU I 411 26.70 81.80 69.66
C GLU I 411 26.01 81.79 68.30
N GLY I 412 26.10 80.67 67.58
CA GLY I 412 25.35 80.48 66.35
C GLY I 412 26.15 80.62 65.08
N MET I 413 27.37 81.17 65.13
CA MET I 413 28.17 81.29 63.93
C MET I 413 28.73 79.93 63.51
N GLU I 414 28.98 79.78 62.22
CA GLU I 414 29.45 78.52 61.69
C GLU I 414 30.97 78.44 61.68
N GLU I 415 31.48 77.23 61.46
CA GLU I 415 32.93 77.04 61.36
C GLU I 415 33.47 77.58 60.05
N GLY I 416 32.69 77.50 58.98
CA GLY I 416 33.15 77.93 57.66
C GLY I 416 33.26 79.42 57.48
N GLU I 417 32.72 80.22 58.40
CA GLU I 417 32.84 81.67 58.31
C GLU I 417 34.27 82.13 58.53
N PHE I 418 35.04 81.40 59.34
CA PHE I 418 36.46 81.72 59.52
C PHE I 418 37.24 81.47 58.23
N SER I 419 36.95 80.37 57.53
CA SER I 419 37.57 80.11 56.26
C SER I 419 37.14 81.13 55.19
N GLU I 420 35.88 81.56 55.26
CA GLU I 420 35.40 82.60 54.35
C GLU I 420 36.11 83.93 54.60
N ALA I 421 36.29 84.31 55.86
CA ALA I 421 37.03 85.53 56.18
C ALA I 421 38.51 85.41 55.81
N ARG I 422 39.09 84.22 55.94
CA ARG I 422 40.46 84.01 55.49
C ARG I 422 40.58 84.15 53.97
N GLU I 423 39.60 83.61 53.22
CA GLU I 423 39.59 83.77 51.77
C GLU I 423 39.40 85.23 51.37
N ASP I 424 38.56 85.96 52.10
CA ASP I 424 38.35 87.38 51.84
C ASP I 424 39.61 88.19 52.12
N MET I 425 40.33 87.87 53.20
CA MET I 425 41.57 88.58 53.49
C MET I 425 42.68 88.22 52.52
N ALA I 426 42.70 86.98 52.03
CA ALA I 426 43.63 86.60 50.96
C ALA I 426 43.32 87.36 49.67
N ALA I 427 42.03 87.54 49.36
CA ALA I 427 41.65 88.32 48.19
C ALA I 427 42.02 89.79 48.36
N LEU I 428 41.88 90.33 49.57
CA LEU I 428 42.28 91.72 49.83
C LEU I 428 43.78 91.90 49.68
N GLU I 429 44.57 90.95 50.19
CA GLU I 429 46.02 91.00 50.03
C GLU I 429 46.43 90.85 48.57
N LYS I 430 45.76 89.97 47.83
CA LYS I 430 46.04 89.79 46.41
C LYS I 430 45.69 91.04 45.61
N ASP I 431 44.59 91.71 45.95
CA ASP I 431 44.21 92.93 45.25
C ASP I 431 45.15 94.08 45.58
N TYR I 432 45.64 94.14 46.83
CA TYR I 432 46.64 95.13 47.20
C TYR I 432 47.96 94.89 46.46
N GLU I 433 48.33 93.62 46.29
CA GLU I 433 49.53 93.29 45.50
C GLU I 433 49.34 93.63 44.02
N GLU I 434 48.13 93.37 43.48
CA GLU I 434 47.86 93.66 42.08
C GLU I 434 47.82 95.17 41.81
N VAL I 435 47.37 95.96 42.78
CA VAL I 435 47.54 97.41 42.68
C VAL I 435 49.01 97.78 42.76
N GLY I 436 49.76 97.11 43.65
CA GLY I 436 51.17 97.40 43.84
C GLY I 436 52.09 96.90 42.73
N VAL I 437 51.58 96.06 41.83
CA VAL I 437 52.37 95.52 40.72
C VAL I 437 51.81 96.08 39.43
N ASP I 438 52.66 96.74 38.65
CA ASP I 438 52.25 97.35 37.37
C ASP I 438 51.90 96.28 36.34
N MET J 1 16.44 132.96 4.62
CA MET J 1 17.58 132.17 5.07
C MET J 1 17.14 131.04 5.98
N ARG J 2 17.92 129.98 6.03
CA ARG J 2 17.64 128.86 6.93
C ARG J 2 17.96 129.24 8.38
N GLU J 3 17.57 128.38 9.30
CA GLU J 3 17.69 128.66 10.72
C GLU J 3 18.41 127.52 11.42
N ILE J 4 19.45 127.86 12.18
CA ILE J 4 20.16 126.92 13.02
C ILE J 4 19.85 127.22 14.47
N VAL J 5 19.57 126.18 15.25
CA VAL J 5 19.35 126.30 16.69
C VAL J 5 20.64 125.90 17.39
N HIS J 6 21.20 126.82 18.17
CA HIS J 6 22.47 126.60 18.84
C HIS J 6 22.24 125.95 20.20
N LEU J 7 23.03 124.93 20.52
CA LEU J 7 22.91 124.21 21.78
C LEU J 7 24.28 124.14 22.45
N GLN J 8 24.34 124.57 23.71
CA GLN J 8 25.55 124.52 24.52
C GLN J 8 25.25 123.73 25.78
N ILE J 9 26.03 122.69 26.04
CA ILE J 9 25.85 121.83 27.21
C ILE J 9 27.13 121.83 28.01
N GLY J 10 27.02 122.08 29.31
CA GLY J 10 28.15 122.11 30.20
C GLY J 10 28.70 123.51 30.39
N GLN J 11 29.50 123.67 31.44
CA GLN J 11 30.10 124.98 31.71
C GLN J 11 31.19 125.31 30.72
N CYS J 12 31.90 124.29 30.20
CA CYS J 12 32.85 124.52 29.11
C CYS J 12 32.12 124.99 27.86
N GLY J 13 31.02 124.31 27.54
CA GLY J 13 30.20 124.72 26.41
C GLY J 13 29.60 126.10 26.60
N ASN J 14 29.16 126.41 27.82
CA ASN J 14 28.59 127.73 28.11
C ASN J 14 29.63 128.83 28.00
N GLN J 15 30.83 128.60 28.53
CA GLN J 15 31.88 129.62 28.51
C GLN J 15 32.40 129.87 27.09
N ILE J 16 32.70 128.78 26.36
CA ILE J 16 33.17 128.94 24.99
C ILE J 16 32.07 129.48 24.09
N GLY J 17 30.80 129.11 24.34
CA GLY J 17 29.72 129.68 23.59
C GLY J 17 29.51 131.17 23.85
N ALA J 18 29.67 131.60 25.09
CA ALA J 18 29.57 133.02 25.41
C ALA J 18 30.68 133.83 24.75
N LYS J 19 31.92 133.33 24.81
CA LYS J 19 33.03 134.01 24.13
C LYS J 19 32.84 134.01 22.61
N PHE J 20 32.37 132.90 22.06
CA PHE J 20 32.11 132.78 20.62
C PHE J 20 31.01 133.73 20.17
N TRP J 21 29.94 133.83 20.96
CA TRP J 21 28.84 134.74 20.63
C TRP J 21 29.29 136.19 20.74
N GLU J 22 30.17 136.50 21.70
CA GLU J 22 30.72 137.86 21.78
C GLU J 22 31.58 138.19 20.56
N VAL J 23 32.39 137.22 20.10
CA VAL J 23 33.22 137.42 18.91
C VAL J 23 32.35 137.60 17.67
N ILE J 24 31.26 136.82 17.57
CA ILE J 24 30.36 136.92 16.41
C ILE J 24 29.63 138.25 16.41
N SER J 25 29.11 138.67 17.57
CA SER J 25 28.37 139.93 17.66
C SER J 25 29.29 141.13 17.47
N ASP J 26 30.57 141.01 17.81
CA ASP J 26 31.53 142.03 17.43
C ASP J 26 31.78 142.01 15.93
N GLU J 27 31.86 140.83 15.33
CA GLU J 27 32.13 140.72 13.90
C GLU J 27 30.94 141.14 13.06
N HIS J 28 29.73 140.78 13.49
CA HIS J 28 28.53 141.08 12.72
C HIS J 28 27.98 142.48 12.99
N GLY J 29 28.62 143.25 13.85
CA GLY J 29 28.16 144.60 14.16
C GLY J 29 26.85 144.66 14.91
N ILE J 30 26.66 143.78 15.89
CA ILE J 30 25.46 143.74 16.71
C ILE J 30 25.83 144.19 18.11
N ASP J 31 25.09 145.15 18.64
CA ASP J 31 25.36 145.71 19.96
C ASP J 31 24.70 144.84 21.04
N ILE J 32 24.78 145.29 22.29
CA ILE J 32 24.20 144.51 23.39
C ILE J 32 22.68 144.58 23.41
N ALA J 33 22.09 145.57 22.75
CA ALA J 33 20.63 145.69 22.66
C ALA J 33 20.04 144.93 21.47
N GLY J 34 20.88 144.28 20.66
CA GLY J 34 20.39 143.51 19.54
C GLY J 34 20.11 144.29 18.27
N ASN J 35 20.56 145.54 18.20
CA ASN J 35 20.33 146.39 17.04
C ASN J 35 21.57 146.41 16.16
N TYR J 36 21.37 146.44 14.85
CA TYR J 36 22.48 146.44 13.91
C TYR J 36 23.19 147.79 13.91
N CYS J 37 24.52 147.77 14.01
CA CYS J 37 25.30 148.99 13.98
C CYS J 37 26.56 148.84 13.11
N GLY J 38 26.59 147.85 12.23
CA GLY J 38 27.74 147.67 11.37
C GLY J 38 27.72 148.59 10.16
N ASN J 39 28.81 148.56 9.40
CA ASN J 39 28.98 149.41 8.24
C ASN J 39 28.94 148.66 6.91
N ALA J 40 28.68 147.36 6.93
CA ALA J 40 28.66 146.55 5.72
C ALA J 40 27.33 145.83 5.61
N SER J 41 26.79 145.76 4.39
CA SER J 41 25.54 145.05 4.16
C SER J 41 25.72 143.54 4.16
N LEU J 42 26.97 143.04 4.09
CA LEU J 42 27.21 141.61 4.19
C LEU J 42 26.98 141.09 5.61
N GLN J 43 27.14 141.96 6.61
CA GLN J 43 26.93 141.55 7.99
C GLN J 43 25.46 141.27 8.28
N LEU J 44 24.56 142.08 7.72
CA LEU J 44 23.14 141.82 7.88
C LEU J 44 22.65 140.69 6.98
N GLU J 45 23.40 140.36 5.92
CA GLU J 45 23.08 139.21 5.10
C GLU J 45 23.46 137.92 5.81
N ARG J 46 22.60 136.90 5.65
CA ARG J 46 22.75 135.58 6.28
C ARG J 46 22.87 135.69 7.81
N ILE J 47 22.03 136.53 8.40
CA ILE J 47 21.99 136.68 9.85
C ILE J 47 20.92 135.82 10.50
N ASN J 48 19.99 135.25 9.72
CA ASN J 48 18.90 134.47 10.27
C ASN J 48 19.31 133.05 10.65
N VAL J 49 20.54 132.63 10.31
CA VAL J 49 21.00 131.32 10.74
C VAL J 49 21.27 131.29 12.23
N TYR J 50 21.71 132.41 12.81
CA TYR J 50 22.14 132.45 14.20
C TYR J 50 21.30 133.37 15.07
N PHE J 51 20.88 134.52 14.56
CA PHE J 51 20.20 135.53 15.36
C PHE J 51 18.73 135.57 14.99
N ASN J 52 17.87 135.38 16.00
CA ASN J 52 16.43 135.49 15.78
C ASN J 52 16.01 136.95 15.77
N GLU J 53 15.15 137.30 14.83
CA GLU J 53 14.66 138.66 14.68
C GLU J 53 13.47 138.87 15.58
N ALA J 54 13.66 139.59 16.68
CA ALA J 54 12.59 139.92 17.60
C ALA J 54 11.98 141.27 17.19
N TYR J 55 11.10 141.81 18.04
CA TYR J 55 10.46 143.08 17.76
C TYR J 55 11.41 144.24 17.99
N SER J 56 11.16 145.34 17.27
CA SER J 56 11.87 146.62 17.40
C SER J 56 13.37 146.47 17.14
N HIS J 57 13.70 145.76 16.05
CA HIS J 57 15.07 145.59 15.54
C HIS J 57 15.99 144.93 16.57
N LYS J 58 15.51 143.86 17.20
CA LYS J 58 16.24 143.15 18.22
C LYS J 58 16.67 141.80 17.66
N TYR J 59 17.98 141.64 17.42
CA TYR J 59 18.54 140.40 16.89
C TYR J 59 19.13 139.61 18.05
N VAL J 60 18.31 138.76 18.66
CA VAL J 60 18.75 137.93 19.77
C VAL J 60 19.17 136.56 19.23
N PRO J 61 20.21 135.94 19.78
CA PRO J 61 20.62 134.62 19.30
C PRO J 61 19.62 133.54 19.72
N ARG J 62 19.56 132.49 18.91
CA ARG J 62 18.74 131.32 19.21
C ARG J 62 19.59 130.26 19.93
N SER J 63 20.15 130.67 21.06
CA SER J 63 21.06 129.83 21.83
C SER J 63 20.31 129.20 22.98
N ILE J 64 20.50 127.90 23.17
CA ILE J 64 19.92 127.16 24.28
C ILE J 64 21.06 126.78 25.21
N LEU J 65 21.27 127.58 26.25
CA LEU J 65 22.30 127.29 27.25
C LEU J 65 21.77 126.27 28.24
N VAL J 66 22.38 125.08 28.27
CA VAL J 66 21.94 123.98 29.11
C VAL J 66 23.08 123.64 30.06
N ASP J 67 22.75 123.53 31.35
CA ASP J 67 23.70 123.12 32.38
C ASP J 67 22.92 122.47 33.52
N LEU J 68 23.65 121.98 34.52
CA LEU J 68 23.03 121.39 35.70
C LEU J 68 23.37 122.17 36.97
N GLU J 69 24.04 123.31 36.85
CA GLU J 69 24.34 124.17 37.98
C GLU J 69 23.99 125.61 37.63
N PRO J 70 23.37 126.34 38.56
CA PRO J 70 22.97 127.73 38.26
C PRO J 70 24.11 128.73 38.33
N GLY J 71 25.28 128.33 38.83
CA GLY J 71 26.42 129.24 38.88
C GLY J 71 26.92 129.61 37.50
N THR J 72 26.86 128.66 36.56
CA THR J 72 27.27 128.96 35.18
C THR J 72 26.27 129.91 34.51
N MET J 73 24.98 129.76 34.81
CA MET J 73 23.99 130.69 34.29
C MET J 73 24.16 132.08 34.89
N ASP J 74 24.52 132.15 36.18
CA ASP J 74 24.79 133.44 36.81
C ASP J 74 26.04 134.08 36.23
N SER J 75 27.05 133.28 35.88
CA SER J 75 28.24 133.80 35.23
C SER J 75 27.95 134.28 33.82
N VAL J 76 27.04 133.60 33.12
CA VAL J 76 26.62 134.05 31.80
C VAL J 76 25.85 135.37 31.88
N ARG J 77 24.92 135.46 32.84
CA ARG J 77 24.13 136.68 33.00
C ARG J 77 24.97 137.84 33.52
N SER J 78 26.02 137.57 34.28
CA SER J 78 26.89 138.61 34.79
C SER J 78 27.83 139.19 33.73
N SER J 79 27.97 138.53 32.58
CA SER J 79 28.85 139.01 31.53
C SER J 79 28.15 140.09 30.70
N LYS J 80 28.84 140.56 29.67
CA LYS J 80 28.30 141.64 28.84
C LYS J 80 27.20 141.16 27.92
N ILE J 81 27.23 139.89 27.51
CA ILE J 81 26.26 139.36 26.54
C ILE J 81 25.05 138.72 27.22
N GLY J 82 24.97 138.81 28.54
CA GLY J 82 23.86 138.28 29.31
C GLY J 82 22.48 138.82 28.97
N PRO J 83 22.31 140.15 28.97
CA PRO J 83 21.05 140.72 28.47
C PRO J 83 20.82 140.50 26.98
N LEU J 84 21.86 140.24 26.19
CA LEU J 84 21.67 139.98 24.76
C LEU J 84 21.02 138.63 24.51
N PHE J 85 21.33 137.63 25.33
CA PHE J 85 20.78 136.30 25.15
C PHE J 85 19.30 136.27 25.52
N ARG J 86 18.62 135.24 25.04
CA ARG J 86 17.19 135.08 25.32
C ARG J 86 17.00 134.58 26.75
N PRO J 87 16.28 135.32 27.61
CA PRO J 87 16.07 134.84 28.99
C PRO J 87 15.17 133.62 29.08
N ASP J 88 14.28 133.40 28.12
CA ASP J 88 13.39 132.25 28.16
C ASP J 88 14.08 130.95 27.78
N ASN J 89 15.26 131.03 27.17
CA ASN J 89 15.99 129.86 26.71
C ASN J 89 16.97 129.31 27.73
N PHE J 90 17.00 129.88 28.94
CA PHE J 90 17.90 129.40 29.98
C PHE J 90 17.32 128.15 30.62
N ILE J 91 18.11 127.07 30.63
CA ILE J 91 17.74 125.83 31.30
C ILE J 91 18.90 125.43 32.20
N HIS J 92 18.63 125.27 33.49
CA HIS J 92 19.66 124.93 34.45
C HIS J 92 19.10 123.97 35.48
N GLY J 93 19.90 122.96 35.85
CA GLY J 93 19.52 122.03 36.88
C GLY J 93 19.90 122.51 38.26
N ASN J 94 19.60 121.69 39.25
CA ASN J 94 19.88 122.01 40.64
C ASN J 94 21.23 121.48 41.10
N SER J 95 21.54 120.22 40.78
CA SER J 95 22.78 119.58 41.19
C SER J 95 23.55 119.13 39.96
N GLY J 96 24.82 119.51 39.89
CA GLY J 96 25.65 119.08 38.79
C GLY J 96 26.03 117.61 38.90
N ALA J 97 26.44 117.04 37.77
CA ALA J 97 26.85 115.65 37.75
C ALA J 97 28.24 115.48 38.34
N GLY J 98 29.13 116.45 38.13
CA GLY J 98 30.47 116.43 38.69
C GLY J 98 31.33 115.31 38.15
N ASN J 99 31.65 115.37 36.85
CA ASN J 99 32.48 114.40 36.13
C ASN J 99 31.90 112.98 36.18
N ASN J 100 30.58 112.88 36.26
CA ASN J 100 29.87 111.61 36.26
C ASN J 100 29.09 111.51 34.95
N TRP J 101 29.53 110.62 34.05
CA TRP J 101 28.85 110.47 32.77
C TRP J 101 27.54 109.72 32.93
N ALA J 102 27.49 108.72 33.82
CA ALA J 102 26.28 107.95 34.03
C ALA J 102 25.19 108.80 34.66
N LYS J 103 25.56 109.72 35.55
CA LYS J 103 24.57 110.56 36.21
C LYS J 103 23.99 111.60 35.26
N GLY J 104 24.77 112.02 34.26
CA GLY J 104 24.28 112.93 33.25
C GLY J 104 23.72 112.26 32.01
N HIS J 105 23.81 110.93 31.93
CA HIS J 105 23.30 110.19 30.79
C HIS J 105 22.11 109.30 31.13
N TYR J 106 21.88 109.00 32.40
CA TYR J 106 20.83 108.03 32.73
C TYR J 106 19.82 108.57 33.74
N THR J 107 20.23 109.48 34.63
CA THR J 107 19.34 109.98 35.67
C THR J 107 19.00 111.46 35.51
N GLU J 108 20.00 112.34 35.52
CA GLU J 108 19.72 113.77 35.53
C GLU J 108 19.55 114.33 34.13
N GLY J 109 20.37 113.86 33.19
CA GLY J 109 20.12 114.16 31.79
C GLY J 109 18.79 113.60 31.31
N ALA J 110 18.42 112.42 31.81
CA ALA J 110 17.11 111.85 31.47
C ALA J 110 15.99 112.65 32.12
N GLU J 111 16.20 113.17 33.32
CA GLU J 111 15.14 113.92 34.00
C GLU J 111 14.99 115.34 33.47
N LEU J 112 16.01 115.90 32.81
CA LEU J 112 15.87 117.22 32.20
C LEU J 112 15.74 117.17 30.67
N ILE J 113 15.86 115.98 30.06
CA ILE J 113 15.77 115.89 28.62
C ILE J 113 14.37 116.13 28.11
N GLU J 114 13.34 115.94 28.95
CA GLU J 114 11.98 116.28 28.52
C GLU J 114 11.79 117.78 28.43
N ASN J 115 12.35 118.53 29.39
CA ASN J 115 12.29 119.98 29.34
C ASN J 115 13.10 120.54 28.17
N VAL J 116 14.29 119.99 27.92
CA VAL J 116 15.05 120.53 26.79
C VAL J 116 14.45 120.06 25.46
N MET J 117 13.73 118.94 25.46
CA MET J 117 12.97 118.52 24.28
C MET J 117 11.80 119.45 24.02
N ASP J 118 11.11 119.90 25.08
CA ASP J 118 10.04 120.86 24.92
C ASP J 118 10.54 122.20 24.40
N VAL J 119 11.71 122.64 24.89
CA VAL J 119 12.30 123.89 24.41
C VAL J 119 12.73 123.76 22.95
N VAL J 120 13.34 122.62 22.59
CA VAL J 120 13.76 122.38 21.21
C VAL J 120 12.56 122.28 20.28
N ARG J 121 11.47 121.63 20.72
CA ARG J 121 10.26 121.54 19.90
C ARG J 121 9.58 122.89 19.76
N ASN J 122 9.62 123.72 20.80
CA ASN J 122 9.08 125.07 20.72
C ASN J 122 9.87 125.93 19.74
N GLU J 123 11.19 125.77 19.72
CA GLU J 123 12.00 126.50 18.75
C GLU J 123 11.80 125.96 17.34
N CYS J 124 11.65 124.64 17.20
CA CYS J 124 11.57 124.00 15.89
C CYS J 124 10.21 124.19 15.22
N GLU J 125 9.13 124.24 16.00
CA GLU J 125 7.81 124.43 15.40
C GLU J 125 7.60 125.86 14.89
N SER J 126 8.43 126.81 15.33
CA SER J 126 8.41 128.16 14.79
C SER J 126 9.33 128.32 13.59
N CYS J 127 10.09 127.29 13.23
CA CYS J 127 11.01 127.39 12.10
C CYS J 127 10.24 127.35 10.78
N ASP J 128 10.58 128.26 9.87
CA ASP J 128 10.12 128.13 8.49
C ASP J 128 10.71 126.88 7.84
N CYS J 129 12.00 126.65 8.08
CA CYS J 129 12.66 125.40 7.71
C CYS J 129 13.85 125.23 8.63
N LEU J 130 14.11 123.98 9.01
CA LEU J 130 15.21 123.66 9.91
C LEU J 130 16.43 123.26 9.11
N GLN J 131 17.57 123.90 9.41
CA GLN J 131 18.83 123.55 8.76
C GLN J 131 19.57 122.46 9.52
N GLY J 132 19.67 122.61 10.83
CA GLY J 132 20.35 121.61 11.64
C GLY J 132 20.53 122.13 13.05
N PHE J 133 21.30 121.37 13.83
CA PHE J 133 21.62 121.74 15.20
C PHE J 133 23.12 121.75 15.38
N GLN J 134 23.62 122.85 15.96
CA GLN J 134 25.04 122.99 16.28
C GLN J 134 25.21 122.77 17.78
N LEU J 135 26.05 121.80 18.14
CA LEU J 135 26.26 121.41 19.53
C LEU J 135 27.70 121.71 19.93
N ILE J 136 27.87 122.36 21.08
CA ILE J 136 29.19 122.65 21.60
C ILE J 136 29.26 122.18 23.04
N HIS J 137 30.14 121.21 23.31
CA HIS J 137 30.21 120.58 24.62
C HIS J 137 31.58 119.93 24.77
N SER J 138 31.87 119.47 25.97
CA SER J 138 33.13 118.83 26.31
C SER J 138 32.90 117.35 26.62
N LEU J 139 33.79 116.50 26.10
CA LEU J 139 33.63 115.06 26.23
C LEU J 139 34.08 114.52 27.58
N GLY J 140 34.67 115.34 28.44
CA GLY J 140 35.22 114.86 29.70
C GLY J 140 34.34 115.03 30.92
N GLY J 141 33.48 116.05 30.92
CA GLY J 141 32.72 116.41 32.08
C GLY J 141 31.56 115.48 32.36
N GLY J 142 30.74 115.87 33.34
CA GLY J 142 29.68 115.01 33.80
C GLY J 142 28.34 115.21 33.11
N THR J 143 27.84 116.44 33.12
CA THR J 143 26.59 116.72 32.41
C THR J 143 26.84 117.11 30.96
N GLY J 144 28.03 117.60 30.65
CA GLY J 144 28.40 118.00 29.30
C GLY J 144 28.34 116.86 28.32
N SER J 145 29.21 115.86 28.50
CA SER J 145 29.29 114.74 27.55
C SER J 145 28.04 113.87 27.59
N GLY J 146 27.57 113.52 28.79
CA GLY J 146 26.40 112.66 28.90
C GLY J 146 25.12 113.30 28.41
N MET J 147 24.89 114.55 28.79
CA MET J 147 23.70 115.24 28.33
C MET J 147 23.79 115.62 26.86
N GLY J 148 25.01 115.85 26.34
CA GLY J 148 25.16 116.08 24.91
C GLY J 148 24.84 114.85 24.09
N THR J 149 25.29 113.68 24.53
CA THR J 149 24.97 112.46 23.81
C THR J 149 23.50 112.07 23.95
N LEU J 150 22.89 112.37 25.10
CA LEU J 150 21.45 112.11 25.23
C LEU J 150 20.62 113.06 24.36
N LEU J 151 21.03 114.33 24.28
CA LEU J 151 20.37 115.27 23.39
C LEU J 151 20.57 114.88 21.92
N ILE J 152 21.74 114.35 21.59
CA ILE J 152 22.02 113.87 20.24
C ILE J 152 21.10 112.70 19.89
N ASN J 153 20.94 111.75 20.82
CA ASN J 153 20.04 110.62 20.58
C ASN J 153 18.59 111.07 20.43
N LYS J 154 18.16 112.03 21.26
CA LYS J 154 16.78 112.51 21.18
C LYS J 154 16.53 113.30 19.89
N ILE J 155 17.52 114.08 19.45
CA ILE J 155 17.38 114.84 18.20
C ILE J 155 17.37 113.90 17.01
N ARG J 156 18.23 112.88 17.01
CA ARG J 156 18.25 111.89 15.93
C ARG J 156 16.98 111.06 15.90
N GLU J 157 16.35 110.83 17.05
CA GLU J 157 15.05 110.16 17.05
C GLU J 157 13.96 111.07 16.51
N GLU J 158 13.93 112.34 16.94
CA GLU J 158 12.85 113.22 16.51
C GLU J 158 13.02 113.71 15.08
N TYR J 159 14.23 114.10 14.68
CA TYR J 159 14.47 114.69 13.36
C TYR J 159 15.57 113.91 12.66
N PRO J 160 15.24 112.76 12.06
CA PRO J 160 16.28 111.94 11.42
C PRO J 160 16.82 112.52 10.12
N ASP J 161 16.15 113.52 9.54
CA ASP J 161 16.58 114.11 8.28
C ASP J 161 17.27 115.46 8.48
N ARG J 162 17.88 115.67 9.64
CA ARG J 162 18.59 116.91 9.93
C ARG J 162 20.01 116.60 10.34
N ILE J 163 20.91 117.53 10.02
CA ILE J 163 22.33 117.33 10.32
C ILE J 163 22.58 117.58 11.80
N MET J 164 23.68 117.01 12.29
CA MET J 164 24.10 117.15 13.69
C MET J 164 25.57 117.53 13.70
N ASN J 165 25.85 118.81 13.98
CA ASN J 165 27.21 119.32 14.01
C ASN J 165 27.64 119.51 15.46
N THR J 166 28.76 118.89 15.83
CA THR J 166 29.20 118.85 17.22
C THR J 166 30.61 119.40 17.35
N PHE J 167 30.77 120.37 18.26
CA PHE J 167 32.09 120.90 18.60
C PHE J 167 32.61 120.19 19.86
N SER J 168 32.87 118.90 19.71
CA SER J 168 33.20 118.05 20.85
C SER J 168 34.63 118.31 21.29
N VAL J 169 34.80 118.73 22.54
CA VAL J 169 36.12 119.00 23.10
C VAL J 169 36.62 117.74 23.80
N VAL J 170 37.67 117.15 23.26
CA VAL J 170 38.27 115.95 23.85
C VAL J 170 39.08 116.35 25.07
N PRO J 171 38.91 115.69 26.21
CA PRO J 171 39.69 116.04 27.40
C PRO J 171 41.15 115.60 27.28
N SER J 172 42.00 116.27 28.06
CA SER J 172 43.42 116.02 28.06
C SER J 172 43.93 116.00 29.51
N PRO J 173 44.97 115.21 29.80
CA PRO J 173 45.52 115.21 31.16
C PRO J 173 46.35 116.42 31.52
N LYS J 174 46.78 117.22 30.55
CA LYS J 174 47.68 118.33 30.85
C LYS J 174 46.96 119.58 31.35
N VAL J 175 45.63 119.61 31.28
CA VAL J 175 44.89 120.78 31.72
C VAL J 175 43.76 120.38 32.66
N SER J 176 43.45 119.08 32.72
CA SER J 176 42.36 118.58 33.54
C SER J 176 42.89 117.59 34.56
N ASP J 177 42.53 117.79 35.83
CA ASP J 177 43.02 116.96 36.92
C ASP J 177 42.16 115.74 37.20
N THR J 178 40.94 115.69 36.69
CA THR J 178 40.07 114.55 36.91
C THR J 178 40.58 113.33 36.17
N VAL J 179 40.46 112.17 36.82
CA VAL J 179 41.05 110.93 36.32
C VAL J 179 40.07 110.10 35.49
N VAL J 180 38.77 110.31 35.66
CA VAL J 180 37.76 109.43 35.07
C VAL J 180 37.34 109.91 33.69
N GLU J 181 38.04 110.91 33.16
CA GLU J 181 37.70 111.50 31.88
C GLU J 181 37.88 110.60 30.64
N PRO J 182 38.83 109.65 30.59
CA PRO J 182 38.77 108.66 29.50
C PRO J 182 37.49 107.84 29.42
N TYR J 183 36.82 107.57 30.55
CA TYR J 183 35.53 106.86 30.50
C TYR J 183 34.48 107.68 29.77
N ASN J 184 34.34 108.96 30.16
CA ASN J 184 33.36 109.84 29.54
C ASN J 184 33.69 110.09 28.08
N ALA J 185 34.99 110.28 27.78
CA ALA J 185 35.42 110.54 26.40
C ALA J 185 35.15 109.33 25.50
N ILE J 186 35.47 108.13 25.96
CA ILE J 186 35.28 106.94 25.12
C ILE J 186 33.80 106.62 24.97
N LEU J 187 32.99 106.81 26.02
CA LEU J 187 31.56 106.58 25.91
C LEU J 187 30.89 107.60 24.97
N SER J 188 31.30 108.87 25.05
CA SER J 188 30.74 109.86 24.16
C SER J 188 31.24 109.70 22.73
N ILE J 189 32.47 109.22 22.55
CA ILE J 189 32.97 108.92 21.21
C ILE J 189 32.18 107.78 20.59
N HIS J 190 31.86 106.76 21.38
CA HIS J 190 31.04 105.65 20.87
C HIS J 190 29.61 106.11 20.57
N GLN J 191 29.07 107.06 21.32
CA GLN J 191 27.74 107.58 20.98
C GLN J 191 27.79 108.47 19.73
N LEU J 192 28.84 109.29 19.61
CA LEU J 192 28.97 110.20 18.48
C LEU J 192 29.30 109.48 17.17
N ILE J 193 29.91 108.30 17.26
CA ILE J 193 30.13 107.50 16.06
C ILE J 193 28.79 107.01 15.51
N GLU J 194 27.91 106.54 16.38
CA GLU J 194 26.69 105.89 15.93
C GLU J 194 25.52 106.85 15.72
N ASN J 195 25.58 108.06 16.27
CA ASN J 195 24.40 108.92 16.23
C ASN J 195 24.69 110.35 15.79
N THR J 196 25.87 110.61 15.21
CA THR J 196 26.20 111.95 14.76
C THR J 196 26.91 111.88 13.41
N ASP J 197 26.68 112.91 12.59
CA ASP J 197 27.25 112.98 11.24
C ASP J 197 28.41 113.96 11.13
N GLU J 198 28.68 114.76 12.15
CA GLU J 198 29.76 115.74 12.09
C GLU J 198 30.36 115.92 13.47
N THR J 199 31.67 116.14 13.51
CA THR J 199 32.39 116.32 14.77
C THR J 199 33.61 117.21 14.53
N PHE J 200 33.71 118.29 15.29
CA PHE J 200 34.87 119.18 15.25
C PHE J 200 35.76 118.85 16.44
N CYS J 201 36.75 118.00 16.22
CA CYS J 201 37.61 117.51 17.30
C CYS J 201 38.61 118.60 17.68
N ILE J 202 38.21 119.44 18.62
CA ILE J 202 39.09 120.44 19.21
C ILE J 202 39.67 119.86 20.49
N ASP J 203 40.99 119.75 20.57
CA ASP J 203 41.67 119.06 21.67
C ASP J 203 42.37 120.07 22.56
N ASN J 204 42.14 119.95 23.87
CA ASN J 204 42.75 120.86 24.84
C ASN J 204 44.25 120.61 25.00
N GLU J 205 44.74 119.41 24.66
CA GLU J 205 46.17 119.13 24.70
C GLU J 205 46.90 119.99 23.67
N ALA J 206 46.38 120.05 22.45
CA ALA J 206 46.99 120.89 21.42
C ALA J 206 46.82 122.37 21.73
N LEU J 207 45.73 122.75 22.40
CA LEU J 207 45.56 124.13 22.85
C LEU J 207 46.60 124.52 23.89
N TYR J 208 46.86 123.62 24.85
CA TYR J 208 47.91 123.86 25.84
C TYR J 208 49.28 123.92 25.18
N ASP J 209 49.52 123.05 24.18
CA ASP J 209 50.78 123.07 23.45
C ASP J 209 50.95 124.37 22.66
N ILE J 210 49.87 124.88 22.07
CA ILE J 210 49.93 126.14 21.33
C ILE J 210 50.21 127.29 22.28
N CYS J 211 49.52 127.33 23.42
CA CYS J 211 49.74 128.39 24.40
C CYS J 211 51.11 128.30 25.06
N PHE J 212 51.71 127.10 25.11
CA PHE J 212 53.03 126.95 25.71
C PHE J 212 54.14 127.32 24.72
N ARG J 213 54.08 126.79 23.50
CA ARG J 213 55.15 127.00 22.53
C ARG J 213 54.99 128.30 21.76
N THR J 214 53.82 128.52 21.15
CA THR J 214 53.65 129.67 20.27
C THR J 214 53.50 130.96 21.07
N LEU J 215 52.55 130.99 22.01
CA LEU J 215 52.29 132.20 22.77
C LEU J 215 53.27 132.40 23.93
N LYS J 216 54.08 131.38 24.24
CA LYS J 216 55.10 131.40 25.30
C LYS J 216 54.51 131.69 26.68
N LEU J 217 53.28 131.25 26.90
CA LEU J 217 52.62 131.39 28.19
C LEU J 217 52.62 130.04 28.90
N THR J 218 53.29 129.98 30.05
CA THR J 218 53.39 128.72 30.79
C THR J 218 52.05 128.29 31.37
N ASN J 219 51.30 129.23 31.92
CA ASN J 219 50.03 128.88 32.55
C ASN J 219 48.94 128.63 31.50
N PRO J 220 48.27 127.48 31.53
CA PRO J 220 47.13 127.25 30.63
C PRO J 220 45.81 127.75 31.22
N THR J 221 45.66 129.07 31.29
CA THR J 221 44.45 129.67 31.80
C THR J 221 43.29 129.43 30.83
N TYR J 222 42.09 129.30 31.39
CA TYR J 222 40.92 128.93 30.60
C TYR J 222 40.42 130.08 29.74
N GLY J 223 40.75 131.32 30.10
CA GLY J 223 40.38 132.45 29.27
C GLY J 223 41.07 132.47 27.93
N ASP J 224 42.37 132.14 27.91
CA ASP J 224 43.12 132.09 26.66
C ASP J 224 42.65 130.95 25.76
N LEU J 225 42.35 129.80 26.36
CA LEU J 225 41.80 128.68 25.59
C LEU J 225 40.42 129.02 25.05
N ASN J 226 39.61 129.73 25.86
CA ASN J 226 38.29 130.20 25.40
C ASN J 226 38.43 131.16 24.22
N HIS J 227 39.38 132.08 24.29
CA HIS J 227 39.61 133.04 23.21
C HIS J 227 40.10 132.34 21.94
N LEU J 228 40.98 131.35 22.09
CA LEU J 228 41.51 130.64 20.92
C LEU J 228 40.44 129.79 20.24
N VAL J 229 39.66 129.04 21.03
CA VAL J 229 38.58 128.22 20.45
C VAL J 229 37.49 129.10 19.87
N SER J 230 37.21 130.27 20.48
CA SER J 230 36.22 131.19 19.92
C SER J 230 36.69 131.77 18.60
N LEU J 231 37.98 132.13 18.49
CA LEU J 231 38.52 132.62 17.22
C LEU J 231 38.47 131.55 16.14
N THR J 232 38.81 130.31 16.48
CA THR J 232 38.78 129.22 15.50
C THR J 232 37.34 128.88 15.11
N MET J 233 36.40 128.98 16.05
CA MET J 233 35.00 128.71 15.74
C MET J 233 34.41 129.80 14.84
N SER J 234 34.81 131.06 15.07
CA SER J 234 34.39 132.15 14.19
C SER J 234 34.97 131.98 12.79
N GLY J 235 36.24 131.58 12.69
CA GLY J 235 36.83 131.35 11.39
C GLY J 235 36.26 130.14 10.67
N VAL J 236 35.80 129.14 11.42
CA VAL J 236 35.10 128.01 10.81
C VAL J 236 33.73 128.43 10.32
N THR J 237 32.99 129.17 11.13
CA THR J 237 31.62 129.53 10.81
C THR J 237 31.50 130.77 9.93
N THR J 238 32.62 131.34 9.47
CA THR J 238 32.55 132.40 8.47
C THR J 238 32.03 131.91 7.11
N SER J 239 32.04 130.60 6.86
CA SER J 239 31.40 130.09 5.66
C SER J 239 29.88 130.11 5.79
N LEU J 240 29.37 129.75 6.97
CA LEU J 240 27.94 129.75 7.19
C LEU J 240 27.39 131.17 7.40
N ARG J 241 28.19 132.07 7.96
CA ARG J 241 27.69 133.39 8.30
C ARG J 241 27.75 134.37 7.13
N PHE J 242 28.51 134.07 6.09
CA PHE J 242 28.62 135.00 4.97
C PHE J 242 28.45 134.25 3.65
N PRO J 243 27.76 134.85 2.68
CA PRO J 243 27.62 134.21 1.38
C PRO J 243 28.93 134.22 0.60
N GLY J 244 29.11 133.20 -0.22
CA GLY J 244 30.32 133.08 -1.01
C GLY J 244 30.23 131.94 -1.99
N GLN J 245 31.37 131.64 -2.61
CA GLN J 245 31.45 130.50 -3.52
C GLN J 245 31.24 129.19 -2.77
N LEU J 246 31.98 129.00 -1.68
CA LEU J 246 31.79 127.85 -0.79
C LEU J 246 30.86 128.29 0.33
N ASN J 247 29.56 128.03 0.15
CA ASN J 247 28.61 128.31 1.22
C ASN J 247 28.83 127.36 2.40
N ALA J 248 28.93 126.05 2.10
CA ALA J 248 29.16 124.98 3.08
C ALA J 248 28.12 124.99 4.19
N ASP J 249 26.86 125.22 3.84
CA ASP J 249 25.77 125.37 4.80
C ASP J 249 25.40 124.00 5.34
N LEU J 250 26.20 123.52 6.29
CA LEU J 250 25.98 122.32 7.10
C LEU J 250 25.90 121.04 6.28
N ARG J 251 24.86 120.91 5.45
CA ARG J 251 24.73 119.73 4.61
C ARG J 251 25.77 119.71 3.50
N LYS J 252 26.07 120.88 2.92
CA LYS J 252 27.11 120.97 1.91
C LYS J 252 28.48 120.66 2.49
N LEU J 253 28.75 121.13 3.70
CA LEU J 253 30.00 120.81 4.38
C LEU J 253 30.12 119.33 4.67
N ALA J 254 29.02 118.68 5.03
CA ALA J 254 29.04 117.25 5.27
C ALA J 254 29.18 116.45 3.97
N VAL J 255 28.63 116.97 2.87
CA VAL J 255 28.78 116.29 1.58
C VAL J 255 30.22 116.40 1.08
N ASN J 256 30.83 117.58 1.26
CA ASN J 256 32.21 117.78 0.81
C ASN J 256 33.20 117.00 1.67
N MET J 257 33.10 117.12 3.00
CA MET J 257 34.19 116.72 3.88
C MET J 257 34.09 115.30 4.42
N VAL J 258 32.92 114.67 4.36
CA VAL J 258 32.70 113.40 5.05
C VAL J 258 32.51 112.31 4.00
N PRO J 259 33.50 111.44 3.79
CA PRO J 259 33.32 110.33 2.84
C PRO J 259 32.63 109.11 3.41
N PHE J 260 32.63 108.94 4.72
CA PHE J 260 32.13 107.72 5.34
C PHE J 260 31.37 108.05 6.61
N PRO J 261 30.33 107.28 6.94
CA PRO J 261 29.49 107.64 8.10
C PRO J 261 30.18 107.49 9.45
N ARG J 262 31.30 106.77 9.52
CA ARG J 262 32.07 106.67 10.74
C ARG J 262 33.27 107.61 10.79
N LEU J 263 33.87 107.90 9.65
CA LEU J 263 35.10 108.69 9.59
C LEU J 263 34.78 110.17 9.36
N HIS J 264 34.04 110.76 10.30
CA HIS J 264 33.58 112.14 10.19
C HIS J 264 34.17 113.01 11.30
N PHE J 265 35.43 112.79 11.65
CA PHE J 265 36.10 113.55 12.70
C PHE J 265 37.04 114.55 12.06
N PHE J 266 36.75 115.83 12.24
CA PHE J 266 37.46 116.90 11.54
C PHE J 266 38.74 117.25 12.30
N MET J 267 39.39 118.35 11.92
CA MET J 267 40.58 118.85 12.58
C MET J 267 40.75 120.34 12.31
N PRO J 268 40.01 121.20 13.01
CA PRO J 268 40.11 122.64 12.73
C PRO J 268 41.42 123.23 13.19
N GLY J 269 41.80 124.34 12.55
CA GLY J 269 43.03 125.03 12.88
C GLY J 269 42.93 126.49 12.50
N PHE J 270 43.81 127.29 13.09
CA PHE J 270 43.81 128.74 12.90
C PHE J 270 45.25 129.21 12.78
N ALA J 271 45.62 129.76 11.63
CA ALA J 271 47.00 130.11 11.37
C ALA J 271 47.45 131.39 12.09
N PRO J 272 46.77 132.57 11.98
CA PRO J 272 47.35 133.72 12.73
C PRO J 272 46.86 133.78 14.18
N LEU J 273 47.37 132.87 15.01
CA LEU J 273 46.96 132.77 16.40
C LEU J 273 47.82 133.69 17.26
N THR J 274 47.20 134.68 17.87
CA THR J 274 47.88 135.64 18.75
C THR J 274 47.07 135.84 20.01
N ALA J 275 47.75 135.91 21.15
CA ALA J 275 47.10 136.09 22.44
C ALA J 275 46.63 137.53 22.62
N ARG J 276 45.94 137.77 23.72
CA ARG J 276 45.43 139.10 24.04
C ARG J 276 46.56 140.07 24.41
N ARG J 282 53.15 142.76 13.41
CA ARG J 282 52.63 141.46 12.97
C ARG J 282 52.22 141.51 11.50
N ALA J 283 53.19 141.33 10.62
CA ALA J 283 52.92 141.32 9.18
C ALA J 283 52.18 140.05 8.79
N LEU J 284 51.14 140.20 7.98
CA LEU J 284 50.32 139.08 7.52
C LEU J 284 50.29 139.07 6.00
N SER J 285 50.63 137.94 5.40
CA SER J 285 50.62 137.80 3.95
C SER J 285 50.23 136.37 3.61
N VAL J 286 50.11 136.10 2.31
CA VAL J 286 49.57 134.83 1.81
C VAL J 286 50.48 133.62 2.05
N PRO J 287 51.77 133.59 1.62
CA PRO J 287 52.52 132.32 1.77
C PRO J 287 52.87 131.97 3.21
N GLU J 288 53.09 132.97 4.06
CA GLU J 288 53.32 132.66 5.48
C GLU J 288 52.06 132.09 6.13
N LEU J 289 50.89 132.61 5.77
CA LEU J 289 49.64 132.08 6.28
C LEU J 289 49.39 130.66 5.76
N THR J 290 49.76 130.39 4.50
CA THR J 290 49.56 129.06 3.95
C THR J 290 50.53 128.05 4.56
N GLN J 291 51.78 128.45 4.80
CA GLN J 291 52.73 127.55 5.45
C GLN J 291 52.46 127.40 6.93
N GLN J 292 51.76 128.36 7.55
CA GLN J 292 51.27 128.18 8.91
C GLN J 292 49.96 127.42 8.96
N MET J 293 49.28 127.27 7.82
CA MET J 293 47.97 126.63 7.81
C MET J 293 48.07 125.12 8.04
N PHE J 294 49.05 124.47 7.42
CA PHE J 294 49.16 123.02 7.46
C PHE J 294 50.25 122.54 8.43
N ASP J 295 50.72 123.41 9.32
CA ASP J 295 51.74 123.02 10.28
C ASP J 295 51.15 122.14 11.38
N ALA J 296 51.98 121.22 11.87
CA ALA J 296 51.56 120.33 12.95
C ALA J 296 51.35 121.11 14.24
N ARG J 297 52.22 122.09 14.52
CA ARG J 297 52.13 122.87 15.75
C ARG J 297 50.90 123.78 15.75
N ASN J 298 50.51 124.28 14.58
CA ASN J 298 49.43 125.25 14.49
C ASN J 298 48.05 124.62 14.70
N MET J 299 47.90 123.33 14.37
CA MET J 299 46.59 122.69 14.41
C MET J 299 46.14 122.45 15.85
N MET J 300 44.82 122.51 16.04
CA MET J 300 44.21 122.44 17.36
C MET J 300 43.74 121.03 17.72
N ALA J 301 44.42 120.02 17.20
CA ALA J 301 44.21 118.65 17.64
C ALA J 301 45.58 117.97 17.74
N ALA J 302 45.75 117.13 18.76
CA ALA J 302 47.04 116.50 19.05
C ALA J 302 47.26 115.39 18.03
N CYS J 303 47.72 115.79 16.85
CA CYS J 303 47.87 114.89 15.72
C CYS J 303 49.17 115.20 15.01
N ASP J 304 49.62 114.25 14.19
CA ASP J 304 50.80 114.44 13.34
C ASP J 304 50.38 114.28 11.89
N PRO J 305 50.21 115.38 11.14
CA PRO J 305 49.76 115.28 9.73
C PRO J 305 50.77 114.63 8.81
N ARG J 306 52.04 114.53 9.21
CA ARG J 306 53.02 113.79 8.42
C ARG J 306 52.77 112.29 8.43
N ARG J 307 52.08 111.78 9.44
CA ARG J 307 51.76 110.36 9.54
C ARG J 307 50.41 110.00 8.95
N GLY J 308 49.66 110.99 8.44
CA GLY J 308 48.34 110.72 7.91
C GLY J 308 48.11 111.45 6.61
N ARG J 309 46.97 111.17 6.00
CA ARG J 309 46.61 111.69 4.69
C ARG J 309 45.34 112.54 4.81
N TYR J 310 45.38 113.75 4.25
CA TYR J 310 44.22 114.63 4.23
C TYR J 310 43.17 114.08 3.27
N LEU J 311 42.04 113.61 3.80
CA LEU J 311 40.97 113.13 2.93
C LEU J 311 40.23 114.30 2.28
N THR J 312 39.94 115.35 3.04
CA THR J 312 39.31 116.54 2.51
C THR J 312 39.87 117.75 3.24
N VAL J 313 40.02 118.87 2.53
CA VAL J 313 40.53 120.11 3.09
C VAL J 313 39.61 121.24 2.64
N ALA J 314 39.17 122.08 3.58
CA ALA J 314 38.40 123.28 3.25
C ALA J 314 39.10 124.47 3.91
N CYS J 315 40.08 125.03 3.22
CA CYS J 315 40.83 126.18 3.73
C CYS J 315 40.10 127.45 3.38
N ILE J 316 39.76 128.26 4.39
CA ILE J 316 39.01 129.49 4.20
C ILE J 316 39.88 130.66 4.63
N PHE J 317 39.97 131.68 3.78
CA PHE J 317 40.73 132.88 4.08
C PHE J 317 39.77 134.03 4.38
N ARG J 318 40.15 134.88 5.34
CA ARG J 318 39.35 136.04 5.73
C ARG J 318 40.23 137.27 5.67
N GLY J 319 39.71 138.34 5.06
CA GLY J 319 40.39 139.61 4.96
C GLY J 319 40.48 140.06 3.52
N ARG J 320 41.28 141.09 3.29
CA ARG J 320 41.50 141.65 1.96
C ARG J 320 42.78 141.06 1.39
N MET J 321 42.64 140.04 0.54
CA MET J 321 43.78 139.37 -0.07
C MET J 321 43.50 139.16 -1.55
N SER J 322 44.57 138.96 -2.30
CA SER J 322 44.46 138.63 -3.72
C SER J 322 44.13 137.15 -3.86
N THR J 323 43.05 136.85 -4.57
CA THR J 323 42.58 135.47 -4.69
C THR J 323 43.49 134.63 -5.58
N ARG J 324 44.09 135.26 -6.60
CA ARG J 324 44.99 134.54 -7.50
C ARG J 324 46.25 134.08 -6.79
N GLU J 325 46.81 134.92 -5.91
CA GLU J 325 48.00 134.53 -5.16
C GLU J 325 47.69 133.44 -4.15
N VAL J 326 46.50 133.48 -3.55
CA VAL J 326 46.06 132.45 -2.62
C VAL J 326 45.91 131.10 -3.34
N ASP J 327 45.28 131.14 -4.52
CA ASP J 327 45.10 129.92 -5.32
C ASP J 327 46.44 129.36 -5.79
N GLU J 328 47.35 130.24 -6.22
CA GLU J 328 48.67 129.80 -6.66
C GLU J 328 49.48 129.19 -5.52
N GLN J 329 49.43 129.82 -4.33
CA GLN J 329 50.16 129.32 -3.18
C GLN J 329 49.60 127.99 -2.71
N LEU J 330 48.27 127.85 -2.70
CA LEU J 330 47.68 126.58 -2.26
C LEU J 330 47.89 125.48 -3.29
N LEU J 331 47.91 125.82 -4.59
CA LEU J 331 48.24 124.82 -5.61
C LEU J 331 49.70 124.39 -5.49
N SER J 332 50.60 125.32 -5.20
CA SER J 332 52.00 124.98 -4.98
C SER J 332 52.17 124.10 -3.75
N VAL J 333 51.40 124.39 -2.69
CA VAL J 333 51.43 123.57 -1.48
C VAL J 333 50.92 122.16 -1.77
N GLN J 334 49.83 122.06 -2.53
CA GLN J 334 49.25 120.75 -2.85
C GLN J 334 50.17 119.93 -3.76
N THR J 335 50.85 120.58 -4.70
CA THR J 335 51.74 119.84 -5.59
C THR J 335 53.06 119.49 -4.90
N LYS J 336 53.56 120.36 -4.03
CA LYS J 336 54.80 120.09 -3.32
C LYS J 336 54.66 119.00 -2.26
N ASN J 337 53.45 118.76 -1.78
CA ASN J 337 53.18 117.80 -0.71
C ASN J 337 52.11 116.81 -1.16
N SER J 338 52.27 116.27 -2.37
CA SER J 338 51.30 115.35 -2.95
C SER J 338 51.27 114.00 -2.23
N SER J 339 52.31 113.68 -1.46
CA SER J 339 52.28 112.46 -0.64
C SER J 339 51.45 112.62 0.61
N TYR J 340 51.11 113.86 0.99
CA TYR J 340 50.32 114.11 2.19
C TYR J 340 48.82 114.08 1.93
N PHE J 341 48.40 114.02 0.68
CA PHE J 341 47.00 113.98 0.31
C PHE J 341 46.69 112.64 -0.34
N VAL J 342 45.44 112.20 -0.21
CA VAL J 342 45.03 110.98 -0.88
C VAL J 342 44.88 111.24 -2.37
N GLU J 343 45.35 110.29 -3.17
CA GLU J 343 45.31 110.43 -4.62
C GLU J 343 44.03 109.86 -5.23
N TRP J 344 43.20 109.20 -4.43
CA TRP J 344 41.94 108.65 -4.93
C TRP J 344 40.75 109.57 -4.69
N ILE J 345 40.97 110.74 -4.10
CA ILE J 345 39.97 111.80 -4.04
C ILE J 345 40.53 113.03 -4.72
N PRO J 346 40.19 113.25 -6.00
CA PRO J 346 40.76 114.38 -6.74
C PRO J 346 40.09 115.70 -6.38
N ASN J 347 40.91 116.75 -6.35
CA ASN J 347 40.52 118.13 -6.03
C ASN J 347 39.83 118.20 -4.66
N ASN J 348 40.59 117.83 -3.63
CA ASN J 348 40.07 117.76 -2.27
C ASN J 348 40.29 119.04 -1.48
N VAL J 349 40.86 120.08 -2.08
CA VAL J 349 41.13 121.34 -1.40
C VAL J 349 40.18 122.39 -1.97
N LYS J 350 39.31 122.92 -1.12
CA LYS J 350 38.37 123.96 -1.50
C LYS J 350 38.75 125.26 -0.81
N VAL J 351 38.88 126.33 -1.59
CA VAL J 351 39.33 127.62 -1.11
C VAL J 351 38.20 128.62 -1.24
N ALA J 352 37.93 129.36 -0.18
CA ALA J 352 36.97 130.46 -0.20
C ALA J 352 37.60 131.67 0.47
N VAL J 353 37.24 132.85 -0.02
CA VAL J 353 37.79 134.10 0.49
C VAL J 353 36.65 135.00 0.90
N CYS J 354 36.64 135.41 2.17
CA CYS J 354 35.67 136.36 2.69
C CYS J 354 36.36 137.68 2.97
N ASP J 355 35.70 138.79 2.61
CA ASP J 355 36.32 140.10 2.70
C ASP J 355 36.25 140.70 4.10
N ILE J 356 35.51 140.10 5.03
CA ILE J 356 35.32 140.64 6.37
C ILE J 356 36.25 139.86 7.30
N PRO J 357 37.30 140.48 7.85
CA PRO J 357 38.18 139.77 8.77
C PRO J 357 37.60 139.76 10.18
N PRO J 358 38.04 138.84 11.04
CA PRO J 358 37.69 138.93 12.46
C PRO J 358 38.30 140.16 13.11
N ARG J 359 37.62 140.65 14.14
CA ARG J 359 38.07 141.84 14.83
C ARG J 359 39.36 141.58 15.60
N GLY J 360 40.31 142.51 15.47
CA GLY J 360 41.62 142.34 16.05
C GLY J 360 42.66 141.78 15.10
N LEU J 361 42.24 141.26 13.94
CA LEU J 361 43.14 140.68 12.97
C LEU J 361 42.88 141.28 11.60
N LYS J 362 43.96 141.63 10.89
CA LYS J 362 43.82 142.14 9.53
C LYS J 362 43.49 141.01 8.56
N MET J 363 44.13 139.86 8.72
CA MET J 363 43.89 138.70 7.88
C MET J 363 43.75 137.46 8.75
N ALA J 364 42.98 136.49 8.26
CA ALA J 364 42.75 135.25 8.98
C ALA J 364 42.84 134.08 8.01
N ALA J 365 43.12 132.90 8.56
CA ALA J 365 43.30 131.70 7.75
C ALA J 365 42.85 130.49 8.57
N THR J 366 41.67 129.95 8.24
CA THR J 366 41.07 128.86 8.99
C THR J 366 40.98 127.63 8.10
N PHE J 367 41.38 126.48 8.63
CA PHE J 367 41.41 125.23 7.88
C PHE J 367 40.57 124.19 8.60
N ILE J 368 39.78 123.44 7.83
CA ILE J 368 39.03 122.29 8.32
C ILE J 368 39.51 121.07 7.52
N GLY J 369 39.77 119.97 8.21
CA GLY J 369 40.25 118.80 7.52
C GLY J 369 39.91 117.47 8.13
N ASN J 370 39.51 116.51 7.30
CA ASN J 370 39.28 115.13 7.75
C ASN J 370 40.55 114.30 7.53
N ASN J 371 41.61 114.69 8.23
CA ASN J 371 42.87 113.99 8.13
C ASN J 371 42.79 112.63 8.84
N THR J 372 43.65 111.71 8.41
CA THR J 372 43.75 110.39 9.02
C THR J 372 44.54 110.45 10.34
N ALA J 373 45.22 111.56 10.60
CA ALA J 373 46.02 111.73 11.81
C ALA J 373 45.17 111.88 13.08
N ILE J 374 43.85 112.03 12.95
CA ILE J 374 42.96 112.07 14.11
C ILE J 374 42.85 110.71 14.81
N GLN J 375 43.28 109.62 14.16
CA GLN J 375 43.25 108.32 14.82
C GLN J 375 44.35 108.18 15.88
N GLU J 376 45.35 109.06 15.87
CA GLU J 376 46.30 109.11 16.97
C GLU J 376 45.64 109.59 18.26
N LEU J 377 44.71 110.54 18.14
CA LEU J 377 43.95 111.01 19.29
C LEU J 377 43.04 109.91 19.84
N PHE J 378 42.39 109.15 18.96
CA PHE J 378 41.54 108.05 19.38
C PHE J 378 42.32 106.80 19.74
N ILE J 379 43.64 106.79 19.53
CA ILE J 379 44.50 105.78 20.11
C ILE J 379 44.98 106.21 21.49
N ARG J 380 45.30 107.51 21.65
CA ARG J 380 45.76 108.04 22.93
C ARG J 380 44.66 107.98 23.99
N VAL J 381 43.45 108.41 23.64
CA VAL J 381 42.35 108.39 24.60
C VAL J 381 41.92 106.95 24.90
N SER J 382 41.96 106.07 23.90
CA SER J 382 41.62 104.66 24.14
C SER J 382 42.68 103.95 24.96
N GLU J 383 43.96 104.31 24.83
CA GLU J 383 44.99 103.67 25.62
C GLU J 383 45.04 104.23 27.04
N GLN J 384 44.62 105.49 27.24
CA GLN J 384 44.39 105.95 28.60
C GLN J 384 43.16 105.30 29.20
N PHE J 385 42.17 104.98 28.37
CA PHE J 385 41.01 104.22 28.81
C PHE J 385 41.39 102.77 29.14
N SER J 386 42.38 102.22 28.44
CA SER J 386 42.82 100.85 28.74
C SER J 386 43.53 100.79 30.09
N ALA J 387 44.32 101.81 30.42
CA ALA J 387 44.99 101.85 31.71
C ALA J 387 44.06 102.17 32.87
N MET J 388 42.83 102.62 32.58
CA MET J 388 41.84 102.88 33.62
C MET J 388 40.76 101.82 33.68
N PHE J 389 40.69 100.90 32.71
CA PHE J 389 39.72 99.82 32.73
C PHE J 389 40.34 98.47 33.06
N ARG J 390 41.65 98.31 32.90
CA ARG J 390 42.31 97.08 33.31
C ARG J 390 42.39 96.94 34.81
N ARG J 391 42.23 98.03 35.57
CA ARG J 391 42.22 97.98 37.02
C ARG J 391 40.90 98.47 37.61
N LYS J 392 39.91 98.77 36.76
CA LYS J 392 38.53 99.07 37.14
C LYS J 392 38.43 100.26 38.10
N ALA J 393 39.23 101.29 37.85
CA ALA J 393 39.25 102.47 38.70
C ALA J 393 37.95 103.26 38.54
N PHE J 394 37.29 103.53 39.67
CA PHE J 394 36.01 104.26 39.77
C PHE J 394 34.89 103.58 38.99
N LEU J 395 34.99 102.28 38.78
CA LEU J 395 33.96 101.54 38.04
C LEU J 395 32.70 101.32 38.86
N HIS J 396 32.76 101.47 40.18
CA HIS J 396 31.58 101.29 41.01
C HIS J 396 30.60 102.45 40.88
N TRP J 397 31.09 103.63 40.49
CA TRP J 397 30.20 104.78 40.32
C TRP J 397 29.29 104.60 39.12
N TYR J 398 29.87 104.24 37.98
CA TYR J 398 29.09 104.16 36.74
C TYR J 398 28.23 102.90 36.69
N THR J 399 28.76 101.76 37.16
CA THR J 399 28.00 100.52 37.11
C THR J 399 26.88 100.49 38.14
N GLY J 400 26.92 101.36 39.15
CA GLY J 400 25.83 101.46 40.11
C GLY J 400 24.65 102.26 39.64
N GLU J 401 24.77 102.95 38.51
CA GLU J 401 23.69 103.74 37.95
C GLU J 401 22.88 102.97 36.91
N GLY J 402 23.06 101.65 36.83
CA GLY J 402 22.38 100.83 35.85
C GLY J 402 23.17 100.57 34.59
N MET J 403 24.32 101.21 34.43
CA MET J 403 25.18 100.93 33.28
C MET J 403 25.81 99.56 33.42
N ASP J 404 25.70 98.75 32.37
CA ASP J 404 26.39 97.48 32.38
C ASP J 404 27.89 97.69 32.19
N GLU J 405 28.68 96.70 32.62
CA GLU J 405 30.12 96.75 32.38
C GLU J 405 30.46 96.32 30.96
N MET J 406 29.52 95.76 30.21
CA MET J 406 29.73 95.46 28.80
C MET J 406 29.66 96.72 27.93
N GLU J 407 29.14 97.82 28.48
CA GLU J 407 29.06 99.08 27.74
C GLU J 407 30.45 99.66 27.48
N PHE J 408 31.34 99.56 28.46
CA PHE J 408 32.72 100.02 28.28
C PHE J 408 33.46 99.15 27.26
N SER J 409 33.19 97.84 27.29
CA SER J 409 33.78 96.93 26.31
C SER J 409 33.27 97.22 24.90
N GLU J 410 31.98 97.52 24.78
CA GLU J 410 31.40 97.89 23.49
C GLU J 410 31.99 99.18 22.95
N ALA J 411 32.15 100.19 23.82
CA ALA J 411 32.75 101.46 23.41
C ALA J 411 34.21 101.29 23.01
N GLU J 412 34.97 100.48 23.77
CA GLU J 412 36.36 100.21 23.42
C GLU J 412 36.47 99.46 22.10
N GLY J 413 35.57 98.48 21.88
CA GLY J 413 35.58 97.74 20.62
C GLY J 413 35.21 98.60 19.43
N ASN J 414 34.26 99.53 19.62
CA ASN J 414 33.88 100.43 18.52
C ASN J 414 34.99 101.41 18.20
N THR J 415 35.68 101.93 19.22
CA THR J 415 36.81 102.83 18.94
C THR J 415 37.99 102.08 18.32
N ASN J 416 38.22 100.83 18.72
CA ASN J 416 39.26 100.03 18.09
C ASN J 416 38.91 99.70 16.64
N ASP J 417 37.63 99.45 16.36
CA ASP J 417 37.20 99.23 14.99
C ASP J 417 37.33 100.49 14.15
N LEU J 418 37.07 101.66 14.73
CA LEU J 418 37.28 102.93 14.04
C LEU J 418 38.75 103.16 13.73
N VAL J 419 39.63 102.83 14.68
CA VAL J 419 41.07 102.94 14.46
C VAL J 419 41.54 101.98 13.37
N SER J 420 41.01 100.75 13.38
CA SER J 420 41.35 99.76 12.37
C SER J 420 40.88 100.19 10.98
N GLU J 421 39.68 100.75 10.88
CA GLU J 421 39.18 101.20 9.58
C GLU J 421 39.93 102.43 9.09
N TYR J 422 40.31 103.33 10.00
CA TYR J 422 41.14 104.48 9.65
C TYR J 422 42.49 104.03 9.09
N GLN J 423 43.13 103.06 9.75
CA GLN J 423 44.43 102.58 9.29
C GLN J 423 44.30 101.81 7.97
N GLN J 424 43.21 101.04 7.82
CA GLN J 424 42.98 100.28 6.59
C GLN J 424 42.75 101.22 5.40
N TYR J 425 41.97 102.27 5.58
CA TYR J 425 41.76 103.24 4.49
C TYR J 425 42.95 104.17 4.31
N GLN J 426 43.84 104.27 5.30
CA GLN J 426 45.09 104.99 5.07
C GLN J 426 46.07 104.14 4.25
N ASP J 427 46.08 102.83 4.48
CA ASP J 427 47.02 101.96 3.78
C ASP J 427 46.65 101.75 2.32
N ALA J 428 45.40 101.98 1.94
CA ALA J 428 45.00 101.82 0.54
C ALA J 428 45.51 103.00 -0.29
N THR J 429 45.92 102.71 -1.51
CA THR J 429 46.44 103.71 -2.43
C THR J 429 45.77 103.57 -3.79
N ALA J 430 45.68 104.69 -4.49
CA ALA J 430 45.06 104.71 -5.82
C ALA J 430 45.98 104.08 -6.86
N MET K 1 4.15 131.34 -34.98
CA MET K 1 3.70 130.00 -35.33
C MET K 1 4.51 128.94 -34.59
N ARG K 2 5.63 129.36 -34.00
CA ARG K 2 6.49 128.47 -33.25
C ARG K 2 6.87 129.14 -31.93
N GLU K 3 6.99 128.32 -30.89
CA GLU K 3 7.32 128.81 -29.55
C GLU K 3 8.41 127.93 -28.95
N CYS K 4 9.17 128.51 -28.03
CA CYS K 4 10.15 127.78 -27.24
C CYS K 4 10.06 128.21 -25.80
N ILE K 5 10.13 127.25 -24.88
CA ILE K 5 10.01 127.50 -23.45
C ILE K 5 11.37 127.21 -22.82
N SER K 6 12.05 128.26 -22.38
CA SER K 6 13.33 128.11 -21.72
C SER K 6 13.13 127.62 -20.29
N ILE K 7 13.94 126.63 -19.91
CA ILE K 7 13.91 126.06 -18.56
C ILE K 7 15.29 126.23 -17.95
N HIS K 8 15.35 126.85 -16.78
CA HIS K 8 16.59 127.02 -16.03
C HIS K 8 16.48 126.27 -14.72
N VAL K 9 17.39 125.32 -14.48
CA VAL K 9 17.45 124.56 -13.24
C VAL K 9 18.77 124.85 -12.57
N GLY K 10 18.74 125.06 -11.25
CA GLY K 10 19.94 125.33 -10.48
C GLY K 10 20.29 126.79 -10.42
N GLN K 11 21.24 127.10 -9.54
CA GLN K 11 21.75 128.47 -9.40
C GLN K 11 22.48 128.92 -10.66
N ALA K 12 23.30 128.03 -11.23
CA ALA K 12 23.99 128.33 -12.49
C ALA K 12 23.00 128.52 -13.63
N GLY K 13 21.98 127.68 -13.70
CA GLY K 13 20.95 127.83 -14.72
C GLY K 13 20.17 129.12 -14.58
N VAL K 14 19.83 129.51 -13.36
CA VAL K 14 19.07 130.73 -13.12
C VAL K 14 19.91 131.96 -13.47
N GLN K 15 21.17 131.99 -13.03
CA GLN K 15 22.02 133.14 -13.32
C GLN K 15 22.35 133.26 -14.81
N ILE K 16 22.63 132.12 -15.47
CA ILE K 16 22.90 132.12 -16.89
C ILE K 16 21.65 132.54 -17.68
N GLY K 17 20.48 132.06 -17.26
CA GLY K 17 19.25 132.45 -17.92
C GLY K 17 18.91 133.93 -17.75
N ASN K 18 19.16 134.47 -16.56
CA ASN K 18 18.93 135.91 -16.35
C ASN K 18 19.87 136.75 -17.20
N ALA K 19 21.15 136.37 -17.26
CA ALA K 19 22.10 137.10 -18.11
C ALA K 19 21.74 136.97 -19.59
N CYS K 20 21.29 135.78 -20.01
CA CYS K 20 20.93 135.56 -21.41
C CYS K 20 19.68 136.33 -21.79
N TRP K 21 18.68 136.38 -20.92
CA TRP K 21 17.48 137.14 -21.23
C TRP K 21 17.73 138.64 -21.19
N GLU K 22 18.66 139.08 -20.33
CA GLU K 22 19.11 140.47 -20.37
C GLU K 22 19.78 140.80 -21.69
N LEU K 23 20.63 139.90 -22.19
CA LEU K 23 21.26 140.13 -23.48
C LEU K 23 20.28 140.02 -24.65
N TYR K 24 19.24 139.20 -24.50
CA TYR K 24 18.22 139.11 -25.54
C TYR K 24 17.37 140.38 -25.60
N CYS K 25 17.05 140.94 -24.42
CA CYS K 25 16.38 142.24 -24.39
C CYS K 25 17.26 143.36 -24.91
N LEU K 26 18.58 143.24 -24.70
CA LEU K 26 19.51 144.24 -25.22
C LEU K 26 19.64 144.15 -26.74
N GLU K 27 19.71 142.93 -27.28
CA GLU K 27 19.96 142.76 -28.71
C GLU K 27 18.73 143.08 -29.54
N HIS K 28 17.54 142.69 -29.05
CA HIS K 28 16.30 142.93 -29.77
C HIS K 28 15.73 144.33 -29.54
N GLY K 29 16.37 145.14 -28.70
CA GLY K 29 15.87 146.46 -28.41
C GLY K 29 14.65 146.51 -27.53
N ILE K 30 14.37 145.43 -26.80
CA ILE K 30 13.24 145.41 -25.87
C ILE K 30 13.63 146.16 -24.62
N GLN K 31 12.73 147.03 -24.15
CA GLN K 31 12.96 147.77 -22.91
C GLN K 31 12.92 146.81 -21.72
N PRO K 32 13.67 147.13 -20.64
CA PRO K 32 13.66 146.24 -19.46
C PRO K 32 12.32 146.13 -18.76
N ASP K 33 11.43 147.12 -18.90
CA ASP K 33 10.12 147.01 -18.28
C ASP K 33 9.20 146.04 -19.03
N GLY K 34 9.49 145.76 -20.30
CA GLY K 34 8.73 144.81 -21.08
C GLY K 34 8.18 145.35 -22.38
N GLN K 35 8.08 146.68 -22.52
CA GLN K 35 7.56 147.26 -23.74
C GLN K 35 8.61 147.27 -24.85
N MET K 36 8.17 147.58 -26.06
CA MET K 36 9.04 147.68 -27.21
C MET K 36 8.78 149.01 -27.91
N PRO K 37 9.83 149.78 -28.24
CA PRO K 37 9.61 151.07 -28.91
C PRO K 37 9.07 150.95 -30.32
N SER K 38 9.72 150.12 -31.15
CA SER K 38 9.44 150.08 -32.58
C SER K 38 8.44 148.98 -32.97
N ASP K 39 8.65 147.76 -32.49
CA ASP K 39 7.89 146.61 -32.98
C ASP K 39 6.55 146.43 -32.30
N LYS K 40 6.19 147.29 -31.35
CA LYS K 40 4.90 147.21 -30.68
C LYS K 40 3.80 147.95 -31.43
N THR K 41 4.12 148.55 -32.58
CA THR K 41 3.10 149.17 -33.42
C THR K 41 2.13 148.13 -33.97
N ILE K 42 2.65 146.95 -34.35
CA ILE K 42 1.79 145.86 -34.77
C ILE K 42 0.97 145.32 -33.60
N GLY K 43 1.62 145.08 -32.47
CA GLY K 43 0.95 144.55 -31.30
C GLY K 43 0.76 143.06 -31.28
N GLY K 44 1.15 142.36 -32.35
CA GLY K 44 0.99 140.93 -32.44
C GLY K 44 2.33 140.19 -32.45
N GLY K 45 2.22 138.88 -32.62
CA GLY K 45 3.38 138.00 -32.64
C GLY K 45 3.96 137.84 -34.03
N ASP K 46 4.57 136.67 -34.25
CA ASP K 46 5.29 136.21 -35.45
C ASP K 46 6.19 137.27 -36.08
N ASP K 47 6.91 138.03 -35.26
CA ASP K 47 7.82 139.07 -35.73
C ASP K 47 9.28 138.66 -35.55
N SER K 48 9.56 137.36 -35.68
CA SER K 48 10.85 136.66 -35.61
C SER K 48 11.43 136.57 -34.20
N PHE K 49 10.79 137.17 -33.19
CA PHE K 49 11.15 136.92 -31.81
C PHE K 49 10.00 136.26 -31.04
N ASN K 50 8.95 135.83 -31.73
CA ASN K 50 7.83 135.16 -31.08
C ASN K 50 8.16 133.73 -30.66
N THR K 51 9.28 133.18 -31.11
CA THR K 51 9.70 131.87 -30.62
C THR K 51 10.17 131.93 -29.18
N PHE K 52 10.58 133.11 -28.70
CA PHE K 52 11.04 133.29 -27.33
C PHE K 52 10.12 134.17 -26.51
N PHE K 53 9.67 135.30 -27.06
CA PHE K 53 8.95 136.31 -26.30
C PHE K 53 7.45 136.21 -26.57
N SER K 54 6.66 136.26 -25.49
CA SER K 54 5.22 136.24 -25.58
C SER K 54 4.67 137.62 -25.24
N GLU K 55 3.60 138.01 -25.93
CA GLU K 55 2.96 139.30 -25.71
C GLU K 55 1.65 139.10 -24.94
N THR K 56 1.48 139.85 -23.86
CA THR K 56 0.26 139.80 -23.07
C THR K 56 -0.76 140.78 -23.64
N GLY K 57 -1.88 140.96 -22.93
CA GLY K 57 -2.90 141.90 -23.35
C GLY K 57 -2.50 143.35 -23.20
N ALA K 58 -1.55 143.64 -22.32
CA ALA K 58 -1.07 145.00 -22.09
C ALA K 58 0.09 145.37 -23.00
N GLY K 59 0.51 144.48 -23.90
CA GLY K 59 1.62 144.76 -24.78
C GLY K 59 2.99 144.47 -24.21
N LYS K 60 3.07 143.89 -23.02
CA LYS K 60 4.35 143.58 -22.39
C LYS K 60 4.95 142.34 -23.05
N HIS K 61 6.24 142.43 -23.39
CA HIS K 61 6.95 141.30 -24.00
C HIS K 61 7.61 140.48 -22.89
N VAL K 62 6.80 139.69 -22.22
CA VAL K 62 7.31 138.79 -21.18
C VAL K 62 7.95 137.57 -21.85
N PRO K 63 9.19 137.22 -21.50
CA PRO K 63 9.81 136.02 -22.07
C PRO K 63 9.14 134.75 -21.57
N ARG K 64 9.20 133.72 -22.41
CA ARG K 64 8.67 132.40 -22.07
C ARG K 64 9.74 131.62 -21.30
N ALA K 65 9.96 132.04 -20.06
CA ALA K 65 11.03 131.52 -19.22
C ALA K 65 10.47 130.91 -17.95
N VAL K 66 11.03 129.78 -17.55
CA VAL K 66 10.74 129.13 -16.28
C VAL K 66 12.03 129.09 -15.48
N PHE K 67 12.05 129.78 -14.35
CA PHE K 67 13.20 129.79 -13.44
C PHE K 67 12.87 128.86 -12.28
N VAL K 68 13.52 127.70 -12.23
CA VAL K 68 13.30 126.73 -11.16
C VAL K 68 14.62 126.54 -10.42
N ASP K 69 14.57 126.65 -9.09
CA ASP K 69 15.71 126.35 -8.24
C ASP K 69 15.19 125.97 -6.87
N LEU K 70 15.96 125.16 -6.15
CA LEU K 70 15.58 124.75 -4.82
C LEU K 70 16.06 125.72 -3.74
N GLU K 71 16.72 126.81 -4.13
CA GLU K 71 17.09 127.89 -3.24
C GLU K 71 16.45 129.19 -3.74
N PRO K 72 15.71 129.91 -2.91
CA PRO K 72 15.00 131.10 -3.38
C PRO K 72 15.83 132.36 -3.43
N THR K 73 17.14 132.29 -3.14
CA THR K 73 17.97 133.48 -3.10
C THR K 73 18.18 134.08 -4.49
N VAL K 74 18.55 133.24 -5.45
CA VAL K 74 18.76 133.72 -6.82
C VAL K 74 17.44 134.13 -7.47
N ILE K 75 16.34 133.44 -7.13
CA ILE K 75 15.04 133.80 -7.65
C ILE K 75 14.61 135.16 -7.12
N ASP K 76 14.84 135.42 -5.83
CA ASP K 76 14.54 136.74 -5.29
C ASP K 76 15.50 137.81 -5.82
N GLU K 77 16.74 137.42 -6.16
CA GLU K 77 17.67 138.34 -6.80
C GLU K 77 17.18 138.75 -8.18
N VAL K 78 16.63 137.79 -8.94
CA VAL K 78 16.03 138.11 -10.24
C VAL K 78 14.78 138.97 -10.05
N ARG K 79 13.96 138.62 -9.06
CA ARG K 79 12.74 139.37 -8.75
C ARG K 79 12.99 140.74 -8.15
N THR K 80 14.22 141.04 -7.75
CA THR K 80 14.56 142.34 -7.18
C THR K 80 15.55 143.11 -8.03
N GLY K 81 16.61 142.46 -8.53
CA GLY K 81 17.59 143.12 -9.35
C GLY K 81 17.88 142.39 -10.65
N TYR K 83 13.05 143.49 -15.02
CA TYR K 83 13.35 142.24 -14.33
C TYR K 83 12.15 141.79 -13.49
N ARG K 84 11.77 142.63 -12.52
CA ARG K 84 10.66 142.31 -11.64
C ARG K 84 9.33 142.34 -12.37
N GLN K 85 9.07 143.40 -13.12
CA GLN K 85 7.88 143.45 -13.97
C GLN K 85 8.06 142.69 -15.27
N LEU K 86 9.31 142.41 -15.65
CA LEU K 86 9.57 141.65 -16.88
C LEU K 86 9.17 140.18 -16.71
N PHE K 87 9.57 139.58 -15.60
CA PHE K 87 9.29 138.17 -15.33
C PHE K 87 8.11 138.07 -14.38
N HIS K 88 7.10 137.31 -14.77
CA HIS K 88 5.95 137.11 -13.91
C HIS K 88 6.32 136.22 -12.73
N PRO K 89 5.85 136.54 -11.52
CA PRO K 89 6.18 135.70 -10.35
C PRO K 89 5.51 134.34 -10.37
N GLU K 90 4.48 134.12 -11.19
CA GLU K 90 3.82 132.82 -11.23
C GLU K 90 4.70 131.77 -11.89
N GLN K 91 5.48 132.15 -12.89
CA GLN K 91 6.32 131.20 -13.61
C GLN K 91 7.68 130.99 -12.96
N LEU K 92 8.05 131.79 -11.95
CA LEU K 92 9.32 131.63 -11.25
C LEU K 92 9.08 130.74 -10.04
N ILE K 93 9.52 129.49 -10.12
CA ILE K 93 9.29 128.50 -9.07
C ILE K 93 10.51 128.44 -8.17
N THR K 94 10.30 128.59 -6.87
CA THR K 94 11.35 128.47 -5.88
C THR K 94 11.22 127.14 -5.13
N GLY K 95 12.25 126.84 -4.33
CA GLY K 95 12.23 125.66 -3.49
C GLY K 95 12.70 125.99 -2.09
N LYS K 96 12.47 125.04 -1.19
CA LYS K 96 12.75 125.25 0.23
C LYS K 96 14.16 124.77 0.60
N GLU K 97 14.45 123.50 0.36
CA GLU K 97 15.70 122.88 0.76
C GLU K 97 16.50 122.52 -0.48
N ASP K 98 17.79 122.86 -0.47
CA ASP K 98 18.65 122.51 -1.58
C ASP K 98 19.02 121.02 -1.53
N ALA K 99 19.42 120.49 -2.68
CA ALA K 99 19.90 119.12 -2.73
C ALA K 99 21.34 118.99 -2.28
N ALA K 100 22.07 120.12 -2.24
CA ALA K 100 23.38 120.25 -1.60
C ALA K 100 24.43 119.30 -2.19
N ASN K 101 24.66 119.47 -3.50
CA ASN K 101 25.64 118.69 -4.26
C ASN K 101 25.38 117.19 -4.20
N ASN K 102 24.11 116.81 -4.24
CA ASN K 102 23.73 115.41 -4.24
C ASN K 102 22.72 115.17 -5.36
N TYR K 103 23.01 114.20 -6.23
CA TYR K 103 22.10 113.86 -7.30
C TYR K 103 20.85 113.17 -6.77
N ALA K 104 21.01 112.26 -5.82
CA ALA K 104 19.89 111.46 -5.33
C ALA K 104 18.91 112.30 -4.53
N ARG K 105 19.40 113.37 -3.88
CA ARG K 105 18.50 114.27 -3.16
C ARG K 105 17.60 115.03 -4.12
N GLY K 106 18.16 115.52 -5.24
CA GLY K 106 17.34 116.16 -6.23
C GLY K 106 16.55 115.23 -7.12
N HIS K 107 16.83 113.93 -7.06
CA HIS K 107 16.17 112.96 -7.94
C HIS K 107 15.15 112.07 -7.25
N TYR K 108 15.21 111.92 -5.94
CA TYR K 108 14.30 110.95 -5.32
C TYR K 108 13.46 111.52 -4.19
N THR K 109 14.00 112.44 -3.38
CA THR K 109 13.30 112.93 -2.21
C THR K 109 12.94 114.41 -2.29
N ILE K 110 13.91 115.29 -2.53
CA ILE K 110 13.63 116.71 -2.46
C ILE K 110 13.01 117.21 -3.75
N GLY K 111 13.49 116.72 -4.89
CA GLY K 111 12.89 117.10 -6.16
C GLY K 111 11.54 116.43 -6.43
N LYS K 112 11.29 115.27 -5.80
CA LYS K 112 10.04 114.57 -6.05
C LYS K 112 8.86 115.22 -5.34
N GLU K 113 9.09 116.02 -4.31
CA GLU K 113 8.02 116.75 -3.65
C GLU K 113 7.66 118.05 -4.36
N ILE K 114 8.41 118.41 -5.42
CA ILE K 114 8.20 119.67 -6.11
C ILE K 114 8.08 119.49 -7.62
N ILE K 115 8.24 118.26 -8.13
CA ILE K 115 8.21 118.00 -9.57
C ILE K 115 6.82 118.22 -10.16
N ASP K 116 5.77 117.96 -9.39
CA ASP K 116 4.41 118.08 -9.91
C ASP K 116 4.01 119.53 -10.14
N LEU K 117 4.43 120.43 -9.24
CA LEU K 117 4.14 121.85 -9.42
C LEU K 117 4.89 122.42 -10.62
N VAL K 118 6.14 121.99 -10.84
CA VAL K 118 6.91 122.44 -11.98
C VAL K 118 6.31 121.89 -13.28
N LEU K 119 5.81 120.65 -13.25
CA LEU K 119 5.13 120.08 -14.41
C LEU K 119 3.84 120.81 -14.73
N ASP K 120 3.09 121.20 -13.69
CA ASP K 120 1.86 121.96 -13.89
C ASP K 120 2.15 123.36 -14.43
N ARG K 121 3.22 124.00 -13.97
CA ARG K 121 3.61 125.29 -14.51
C ARG K 121 4.09 125.17 -15.95
N ILE K 122 4.77 124.07 -16.28
CA ILE K 122 5.22 123.81 -17.65
C ILE K 122 4.01 123.64 -18.57
N ARG K 123 3.01 122.88 -18.12
CA ARG K 123 1.80 122.70 -18.91
C ARG K 123 1.00 124.00 -19.04
N LYS K 124 1.00 124.82 -17.98
CA LYS K 124 0.32 126.11 -18.04
C LYS K 124 0.99 127.06 -19.02
N LEU K 125 2.33 127.04 -19.07
CA LEU K 125 3.03 127.89 -20.04
C LEU K 125 2.92 127.32 -21.44
N ALA K 126 2.80 125.99 -21.58
CA ALA K 126 2.64 125.38 -22.89
C ALA K 126 1.22 125.52 -23.43
N ASP K 127 0.25 125.81 -22.56
CA ASP K 127 -1.12 126.03 -23.04
C ASP K 127 -1.24 127.32 -23.84
N GLN K 128 -0.40 128.31 -23.55
CA GLN K 128 -0.37 129.53 -24.35
C GLN K 128 0.34 129.33 -25.68
N CYS K 129 1.12 128.26 -25.82
CA CYS K 129 1.83 127.97 -27.06
C CYS K 129 1.02 127.01 -27.92
N THR K 130 0.84 127.37 -29.19
CA THR K 130 0.06 126.55 -30.11
C THR K 130 0.92 125.74 -31.06
N GLY K 131 2.13 126.20 -31.38
CA GLY K 131 3.01 125.51 -32.30
C GLY K 131 4.40 125.31 -31.74
N LEU K 132 4.50 125.02 -30.45
CA LEU K 132 5.77 124.99 -29.74
C LEU K 132 6.69 123.88 -30.26
N GLN K 133 7.98 124.18 -30.31
CA GLN K 133 8.97 123.24 -30.83
C GLN K 133 9.54 122.35 -29.73
N GLY K 134 9.88 122.92 -28.59
CA GLY K 134 10.47 122.16 -27.51
C GLY K 134 10.92 123.01 -26.35
N PHE K 135 11.91 122.53 -25.61
CA PHE K 135 12.38 123.22 -24.41
C PHE K 135 13.90 123.35 -24.43
N LEU K 136 14.39 124.47 -23.90
CA LEU K 136 15.80 124.69 -23.66
C LEU K 136 16.08 124.47 -22.19
N VAL K 137 16.76 123.39 -21.86
CA VAL K 137 17.09 123.08 -20.47
C VAL K 137 18.42 123.72 -20.13
N PHE K 138 18.41 124.68 -19.20
CA PHE K 138 19.62 125.28 -18.65
C PHE K 138 19.88 124.64 -17.29
N HIS K 139 21.04 124.02 -17.14
CA HIS K 139 21.40 123.41 -15.86
C HIS K 139 22.92 123.35 -15.76
N SER K 140 23.41 122.69 -14.72
CA SER K 140 24.83 122.49 -14.50
C SER K 140 25.07 121.08 -14.01
N PHE K 141 26.20 120.50 -14.43
CA PHE K 141 26.46 119.09 -14.15
C PHE K 141 26.89 118.87 -12.71
N GLY K 142 27.53 119.86 -12.08
CA GLY K 142 28.14 119.65 -10.79
C GLY K 142 27.19 119.72 -9.60
N GLY K 143 26.11 120.49 -9.72
CA GLY K 143 25.24 120.75 -8.60
C GLY K 143 24.36 119.57 -8.23
N GLY K 144 23.53 119.81 -7.21
CA GLY K 144 22.59 118.79 -6.75
C GLY K 144 21.22 119.00 -7.34
N THR K 145 20.78 120.26 -7.38
CA THR K 145 19.52 120.59 -8.05
C THR K 145 19.65 120.42 -9.56
N GLY K 146 20.71 120.99 -10.14
CA GLY K 146 20.94 121.03 -11.57
C GLY K 146 21.25 119.70 -12.22
N SER K 147 21.43 118.65 -11.43
CA SER K 147 21.56 117.29 -11.94
C SER K 147 20.35 116.44 -11.62
N GLY K 148 19.94 116.39 -10.35
CA GLY K 148 18.83 115.53 -9.96
C GLY K 148 17.48 116.02 -10.46
N PHE K 149 17.20 117.31 -10.29
CA PHE K 149 15.93 117.83 -10.77
C PHE K 149 15.91 117.91 -12.29
N THR K 150 17.06 118.12 -12.91
CA THR K 150 17.15 118.06 -14.37
C THR K 150 16.88 116.65 -14.88
N SER K 151 17.38 115.63 -14.19
CA SER K 151 17.14 114.26 -14.61
C SER K 151 15.67 113.86 -14.44
N LEU K 152 15.06 114.26 -13.31
CA LEU K 152 13.64 113.96 -13.12
C LEU K 152 12.75 114.73 -14.08
N LEU K 153 13.11 115.98 -14.37
CA LEU K 153 12.39 116.79 -15.34
C LEU K 153 12.52 116.21 -16.75
N MET K 154 13.71 115.73 -17.13
CA MET K 154 13.90 115.09 -18.42
C MET K 154 13.10 113.80 -18.53
N GLU K 155 13.04 113.02 -17.44
CA GLU K 155 12.23 111.81 -17.44
C GLU K 155 10.75 112.12 -17.60
N ARG K 156 10.26 113.15 -16.88
CA ARG K 156 8.85 113.51 -16.98
C ARG K 156 8.50 114.10 -18.35
N LEU K 157 9.40 114.91 -18.92
CA LEU K 157 9.14 115.47 -20.24
C LEU K 157 9.32 114.44 -21.35
N SER K 158 10.09 113.38 -21.13
CA SER K 158 10.13 112.31 -22.12
C SER K 158 8.91 111.41 -22.03
N VAL K 159 8.35 111.21 -20.83
CA VAL K 159 7.12 110.44 -20.72
C VAL K 159 5.93 111.24 -21.28
N ASP K 160 5.85 112.53 -20.96
CA ASP K 160 4.65 113.29 -21.25
C ASP K 160 4.70 114.04 -22.58
N TYR K 161 5.88 114.37 -23.09
CA TYR K 161 6.03 115.20 -24.29
C TYR K 161 6.90 114.49 -25.31
N GLY K 162 6.61 113.21 -25.56
CA GLY K 162 7.44 112.35 -26.40
C GLY K 162 7.52 112.73 -27.86
N LYS K 163 6.61 113.57 -28.34
CA LYS K 163 6.66 114.06 -29.71
C LYS K 163 7.52 115.32 -29.87
N LYS K 164 8.11 115.82 -28.79
CA LYS K 164 8.90 117.03 -28.81
C LYS K 164 10.38 116.70 -28.64
N SER K 165 11.21 117.62 -29.10
CA SER K 165 12.66 117.53 -28.95
C SER K 165 13.12 118.53 -27.91
N LYS K 166 14.01 118.10 -27.01
CA LYS K 166 14.49 118.92 -25.91
C LYS K 166 15.99 119.11 -26.04
N LEU K 167 16.44 120.35 -25.94
CA LEU K 167 17.86 120.65 -25.96
C LEU K 167 18.47 120.45 -24.58
N GLU K 168 19.74 120.83 -24.44
CA GLU K 168 20.40 120.83 -23.14
C GLU K 168 21.49 121.89 -23.16
N PHE K 169 21.60 122.63 -22.04
CA PHE K 169 22.65 123.62 -21.86
C PHE K 169 23.28 123.32 -20.50
N SER K 170 24.28 122.45 -20.50
CA SER K 170 24.93 122.02 -19.27
C SER K 170 26.23 122.78 -19.04
N ILE K 171 26.66 122.80 -17.79
CA ILE K 171 27.94 123.37 -17.39
C ILE K 171 28.83 122.24 -16.91
N TYR K 172 29.91 122.00 -17.63
CA TYR K 172 30.87 120.96 -17.26
C TYR K 172 31.71 121.43 -16.07
N PRO K 173 31.92 120.58 -15.07
CA PRO K 173 32.66 121.01 -13.88
C PRO K 173 34.14 121.25 -14.15
N ALA K 174 34.70 122.21 -13.42
CA ALA K 174 36.08 122.60 -13.58
C ALA K 174 36.80 122.60 -12.23
N PRO K 175 38.08 122.24 -12.18
CA PRO K 175 38.81 122.27 -10.91
C PRO K 175 39.15 123.68 -10.44
N GLN K 176 39.06 124.69 -11.30
CA GLN K 176 39.39 126.05 -10.89
C GLN K 176 38.33 126.62 -9.96
N VAL K 177 37.05 126.47 -10.31
CA VAL K 177 35.94 126.92 -9.48
C VAL K 177 34.98 125.74 -9.29
N SER K 178 35.17 125.00 -8.20
CA SER K 178 34.30 123.89 -7.86
C SER K 178 33.92 123.98 -6.39
N THR K 179 32.62 123.91 -6.11
CA THR K 179 32.12 123.97 -4.74
C THR K 179 31.84 122.59 -4.16
N ALA K 180 32.26 121.53 -4.83
CA ALA K 180 31.97 120.18 -4.37
C ALA K 180 33.07 119.24 -4.82
N VAL K 181 33.04 118.03 -4.26
CA VAL K 181 34.03 116.99 -4.53
C VAL K 181 33.34 115.90 -5.33
N VAL K 182 32.01 115.82 -5.19
CA VAL K 182 31.23 114.75 -5.82
C VAL K 182 30.63 115.20 -7.14
N GLU K 183 31.19 116.27 -7.71
CA GLU K 183 30.82 116.66 -9.07
C GLU K 183 31.05 115.57 -10.13
N PRO K 184 32.11 114.74 -10.09
CA PRO K 184 32.10 113.55 -10.98
C PRO K 184 30.92 112.61 -10.79
N TYR K 185 30.48 112.38 -9.54
CA TYR K 185 29.37 111.48 -9.29
C TYR K 185 28.07 112.03 -9.86
N ASN K 186 27.80 113.31 -9.58
CA ASN K 186 26.60 113.97 -10.09
C ASN K 186 26.61 114.06 -11.61
N SER K 187 27.78 114.37 -12.19
CA SER K 187 27.86 114.51 -13.64
C SER K 187 27.67 113.18 -14.36
N ILE K 188 28.27 112.10 -13.85
CA ILE K 188 28.11 110.79 -14.47
C ILE K 188 26.67 110.30 -14.31
N LEU K 189 26.06 110.54 -13.14
CA LEU K 189 24.68 110.08 -12.93
C LEU K 189 23.68 110.85 -13.79
N THR K 190 23.85 112.17 -13.91
CA THR K 190 22.95 112.93 -14.76
C THR K 190 23.25 112.78 -16.24
N THR K 191 24.45 112.31 -16.60
CA THR K 191 24.70 111.95 -17.99
C THR K 191 24.03 110.63 -18.34
N HIS K 192 24.09 109.65 -17.42
CA HIS K 192 23.45 108.36 -17.66
C HIS K 192 21.93 108.48 -17.66
N THR K 193 21.38 109.34 -16.79
CA THR K 193 19.92 109.45 -16.75
C THR K 193 19.37 110.27 -17.91
N THR K 194 20.05 111.35 -18.30
CA THR K 194 19.60 112.19 -19.39
C THR K 194 20.34 111.91 -20.70
N LEU K 195 20.73 110.66 -20.94
CA LEU K 195 21.30 110.30 -22.23
C LEU K 195 20.20 110.09 -23.27
N GLU K 196 19.14 109.40 -22.90
CA GLU K 196 18.04 109.11 -23.81
C GLU K 196 16.99 110.21 -23.87
N HIS K 197 17.11 111.24 -23.03
CA HIS K 197 16.11 112.29 -22.97
C HIS K 197 16.62 113.65 -23.45
N SER K 198 17.88 113.72 -23.88
CA SER K 198 18.46 114.96 -24.40
C SER K 198 18.94 114.73 -25.83
N ASP K 199 18.74 115.73 -26.68
CA ASP K 199 19.04 115.61 -28.09
C ASP K 199 20.13 116.56 -28.58
N CYS K 200 20.50 117.57 -27.79
CA CYS K 200 21.62 118.45 -28.13
C CYS K 200 22.12 119.08 -26.83
N ALA K 201 23.34 118.72 -26.43
CA ALA K 201 23.90 119.16 -25.15
C ALA K 201 25.13 120.01 -25.41
N PHE K 202 25.00 121.32 -25.20
CA PHE K 202 26.14 122.24 -25.33
C PHE K 202 26.84 122.35 -23.99
N MET K 203 27.58 121.30 -23.63
CA MET K 203 28.30 121.30 -22.36
C MET K 203 29.55 122.16 -22.49
N VAL K 204 29.60 123.23 -21.70
CA VAL K 204 30.72 124.16 -21.68
C VAL K 204 31.31 124.18 -20.27
N ASP K 205 32.63 124.01 -20.19
CA ASP K 205 33.29 124.00 -18.89
C ASP K 205 33.75 125.41 -18.53
N ASN K 206 33.75 125.70 -17.23
CA ASN K 206 34.18 127.00 -16.74
C ASN K 206 35.69 127.18 -16.77
N GLU K 207 36.45 126.10 -16.94
CA GLU K 207 37.90 126.22 -17.06
C GLU K 207 38.30 126.96 -18.33
N ALA K 208 37.62 126.64 -19.45
CA ALA K 208 37.91 127.32 -20.70
C ALA K 208 37.49 128.79 -20.67
N ILE K 209 36.33 129.06 -20.07
CA ILE K 209 35.86 130.44 -19.92
C ILE K 209 36.79 131.23 -19.01
N TYR K 210 37.27 130.60 -17.94
CA TYR K 210 38.21 131.24 -17.03
C TYR K 210 39.55 131.52 -17.72
N ASP K 211 40.03 130.57 -18.54
CA ASP K 211 41.27 130.78 -19.26
C ASP K 211 41.14 131.88 -20.30
N ILE K 212 39.99 131.95 -20.98
CA ILE K 212 39.73 133.01 -21.94
C ILE K 212 39.66 134.37 -21.25
N CYS K 213 39.00 134.44 -20.10
CA CYS K 213 38.94 135.68 -19.33
C CYS K 213 40.30 136.08 -18.76
N ARG K 214 41.16 135.09 -18.48
CA ARG K 214 42.48 135.38 -17.95
C ARG K 214 43.41 135.90 -19.05
N ARG K 215 43.40 135.26 -20.22
CA ARG K 215 44.41 135.55 -21.24
C ARG K 215 43.96 136.58 -22.26
N ASN K 216 42.66 136.85 -22.39
CA ASN K 216 42.16 137.86 -23.32
C ASN K 216 41.59 139.08 -22.61
N LEU K 217 40.70 138.88 -21.65
CA LEU K 217 40.10 139.99 -20.92
C LEU K 217 41.05 140.49 -19.83
N ARG K 221 41.68 136.32 -9.88
CA ARG K 221 40.91 135.62 -10.89
C ARG K 221 39.63 136.40 -11.22
N PRO K 222 39.14 136.27 -12.45
CA PRO K 222 37.80 136.78 -12.76
C PRO K 222 36.73 136.02 -11.99
N THR K 223 35.68 136.74 -11.60
CA THR K 223 34.66 136.21 -10.71
C THR K 223 33.58 135.49 -11.52
N TYR K 224 32.48 135.13 -10.86
CA TYR K 224 31.37 134.48 -11.54
C TYR K 224 30.57 135.46 -12.38
N THR K 225 30.71 136.77 -12.15
CA THR K 225 29.98 137.74 -12.96
C THR K 225 30.56 137.85 -14.37
N ASN K 226 31.90 137.88 -14.48
CA ASN K 226 32.52 137.92 -15.80
C ASN K 226 32.32 136.62 -16.56
N LEU K 227 32.37 135.49 -15.85
CA LEU K 227 32.07 134.19 -16.45
C LEU K 227 30.62 134.12 -16.91
N ASN K 228 29.70 134.66 -16.10
CA ASN K 228 28.29 134.69 -16.48
C ASN K 228 28.04 135.57 -17.69
N ARG K 229 28.71 136.72 -17.77
CA ARG K 229 28.53 137.62 -18.91
C ARG K 229 29.11 137.03 -20.19
N LEU K 230 30.30 136.41 -20.10
CA LEU K 230 30.89 135.78 -21.27
C LEU K 230 30.07 134.56 -21.73
N ILE K 231 29.59 133.75 -20.79
CA ILE K 231 28.77 132.59 -21.14
C ILE K 231 27.43 133.04 -21.72
N GLY K 232 26.87 134.14 -21.21
CA GLY K 232 25.67 134.70 -21.80
C GLY K 232 25.88 135.20 -23.21
N GLN K 233 27.05 135.81 -23.47
CA GLN K 233 27.40 136.21 -24.83
C GLN K 233 27.55 135.00 -25.75
N ILE K 234 28.19 133.93 -25.24
CA ILE K 234 28.40 132.72 -26.04
C ILE K 234 27.06 132.07 -26.40
N VAL K 235 26.18 131.90 -25.41
CA VAL K 235 24.88 131.29 -25.63
C VAL K 235 23.98 132.19 -26.48
N SER K 236 24.09 133.51 -26.33
CA SER K 236 23.33 134.44 -27.16
C SER K 236 23.74 134.36 -28.62
N SER K 237 25.04 134.26 -28.90
CA SER K 237 25.44 134.09 -30.29
C SER K 237 25.28 132.66 -30.80
N ILE K 238 25.14 131.69 -29.90
CA ILE K 238 24.74 130.33 -30.31
C ILE K 238 23.30 130.36 -30.80
N THR K 239 22.41 130.98 -30.03
CA THR K 239 20.98 131.01 -30.31
C THR K 239 20.61 132.33 -30.99
N ALA K 240 21.56 132.99 -31.63
CA ALA K 240 21.25 134.19 -32.41
C ALA K 240 20.43 133.87 -33.65
N SER K 241 20.70 132.73 -34.29
CA SER K 241 19.99 132.35 -35.50
C SER K 241 18.54 131.96 -35.25
N LEU K 242 18.21 131.55 -34.02
CA LEU K 242 16.86 131.10 -33.70
C LEU K 242 15.91 132.27 -33.47
N ARG K 243 16.41 133.42 -33.07
CA ARG K 243 15.60 134.60 -32.81
C ARG K 243 15.72 135.66 -33.91
N PHE K 244 16.33 135.32 -35.04
CA PHE K 244 16.53 136.29 -36.11
C PHE K 244 16.00 135.76 -37.43
N ASP K 245 16.33 136.45 -38.53
CA ASP K 245 15.88 136.06 -39.85
C ASP K 245 16.44 134.70 -40.25
N GLY K 246 15.68 133.98 -41.07
CA GLY K 246 15.96 132.58 -41.32
C GLY K 246 16.99 132.28 -42.39
N ALA K 247 18.18 131.84 -41.97
CA ALA K 247 19.19 131.33 -42.88
C ALA K 247 19.43 129.84 -42.69
N LEU K 248 19.77 129.42 -41.46
CA LEU K 248 19.87 128.03 -41.09
C LEU K 248 19.80 127.94 -39.57
N ASN K 249 19.54 126.72 -39.08
CA ASN K 249 19.48 126.37 -37.65
C ASN K 249 18.47 127.23 -36.90
N VAL K 250 17.32 127.48 -37.54
CA VAL K 250 16.28 128.31 -36.94
C VAL K 250 15.27 127.49 -36.15
N ASP K 251 15.45 126.17 -36.08
CA ASP K 251 14.53 125.31 -35.36
C ASP K 251 15.31 124.27 -34.59
N LEU K 252 14.63 123.64 -33.62
CA LEU K 252 15.26 122.60 -32.82
C LEU K 252 15.50 121.35 -33.65
N THR K 253 14.63 121.07 -34.61
CA THR K 253 14.86 119.97 -35.53
C THR K 253 16.06 120.23 -36.43
N GLU K 254 16.28 121.50 -36.81
CA GLU K 254 17.47 121.86 -37.57
C GLU K 254 18.74 121.64 -36.75
N PHE K 255 18.71 121.98 -35.46
CA PHE K 255 19.83 121.71 -34.56
C PHE K 255 20.06 120.21 -34.41
N GLN K 256 18.98 119.44 -34.29
CA GLN K 256 19.11 118.00 -34.08
C GLN K 256 19.56 117.28 -35.35
N THR K 257 19.29 117.84 -36.52
CA THR K 257 19.62 117.16 -37.77
C THR K 257 20.90 117.64 -38.41
N ASN K 258 21.34 118.88 -38.15
CA ASN K 258 22.58 119.37 -38.74
C ASN K 258 23.82 118.89 -38.01
N LEU K 259 23.69 118.39 -36.79
CA LEU K 259 24.85 118.08 -35.96
C LEU K 259 24.82 116.72 -35.28
N VAL K 260 23.67 116.08 -35.14
CA VAL K 260 23.51 114.91 -34.29
C VAL K 260 23.11 113.72 -35.17
N PRO K 261 24.07 112.86 -35.54
CA PRO K 261 23.73 111.66 -36.31
C PRO K 261 23.18 110.51 -35.46
N TYR K 262 23.65 110.37 -34.24
CA TYR K 262 23.37 109.21 -33.41
C TYR K 262 22.34 109.54 -32.34
N PRO K 263 21.63 108.55 -31.80
CA PRO K 263 20.75 108.81 -30.64
C PRO K 263 21.51 109.16 -29.37
N ARG K 264 22.79 108.80 -29.26
CA ARG K 264 23.57 109.05 -28.06
C ARG K 264 24.63 110.13 -28.21
N ILE K 265 25.16 110.33 -29.40
CA ILE K 265 26.26 111.27 -29.61
C ILE K 265 25.61 112.62 -29.95
N HIS K 266 25.33 113.40 -28.91
CA HIS K 266 24.68 114.71 -29.09
C HIS K 266 25.39 115.77 -28.27
N PHE K 267 26.72 115.81 -28.36
CA PHE K 267 27.54 116.77 -27.62
C PHE K 267 28.35 117.62 -28.59
N PRO K 268 27.80 118.73 -29.07
CA PRO K 268 28.57 119.62 -29.94
C PRO K 268 29.63 120.40 -29.18
N LEU K 269 30.42 121.15 -29.94
CA LEU K 269 31.47 122.00 -29.39
C LEU K 269 31.37 123.37 -30.04
N ALA K 270 31.45 124.42 -29.22
CA ALA K 270 31.45 125.79 -29.71
C ALA K 270 32.83 126.40 -29.56
N THR K 271 33.17 127.31 -30.48
CA THR K 271 34.44 128.03 -30.45
C THR K 271 34.21 129.46 -30.89
N TYR K 272 34.82 130.41 -30.18
CA TYR K 272 34.61 131.83 -30.42
C TYR K 272 35.95 132.53 -30.58
N ALA K 273 36.14 133.19 -31.71
CA ALA K 273 37.29 134.03 -32.00
C ALA K 273 37.30 135.42 -31.35
N PRO K 274 36.25 136.28 -31.53
CA PRO K 274 36.52 137.70 -31.18
C PRO K 274 36.33 138.06 -29.71
N VAL K 275 37.32 137.69 -28.89
CA VAL K 275 37.36 138.07 -27.48
C VAL K 275 38.48 139.08 -27.33
N ILE K 276 38.11 140.35 -27.17
CA ILE K 276 39.07 141.44 -27.03
C ILE K 276 38.71 142.26 -25.80
N SER K 277 39.69 142.98 -25.27
CA SER K 277 39.49 143.78 -24.08
C SER K 277 38.62 145.01 -24.39
N ALA K 278 37.76 145.37 -23.45
CA ALA K 278 36.87 146.51 -23.62
C ALA K 278 37.52 147.79 -23.11
N GLN K 285 41.11 146.32 -36.99
CA GLN K 285 40.24 145.22 -36.58
C GLN K 285 40.90 143.87 -36.83
N LEU K 286 40.07 142.87 -37.15
CA LEU K 286 40.53 141.51 -37.39
C LEU K 286 39.90 141.01 -38.68
N SER K 287 40.70 140.36 -39.52
CA SER K 287 40.22 139.88 -40.81
C SER K 287 39.34 138.64 -40.62
N VAL K 288 38.62 138.29 -41.69
CA VAL K 288 37.74 137.13 -41.65
C VAL K 288 38.53 135.83 -41.61
N ALA K 289 39.68 135.81 -42.29
CA ALA K 289 40.49 134.59 -42.37
C ALA K 289 41.08 134.21 -41.01
N GLU K 290 41.56 135.20 -40.26
CA GLU K 290 42.16 134.89 -38.96
C GLU K 290 41.12 134.50 -37.93
N ILE K 291 39.94 135.14 -37.96
CA ILE K 291 38.89 134.75 -37.02
C ILE K 291 38.23 133.44 -37.41
N THR K 292 38.29 133.06 -38.69
CA THR K 292 37.91 131.69 -39.05
C THR K 292 38.98 130.70 -38.60
N ASN K 293 40.26 131.09 -38.68
CA ASN K 293 41.34 130.24 -38.21
C ASN K 293 41.33 130.12 -36.69
N ALA K 294 40.93 131.18 -35.99
CA ALA K 294 40.88 131.14 -34.53
C ALA K 294 39.75 130.27 -34.01
N CYS K 295 38.73 130.00 -34.83
CA CYS K 295 37.70 129.04 -34.45
C CYS K 295 38.17 127.60 -34.51
N PHE K 296 39.32 127.33 -35.12
CA PHE K 296 39.91 126.01 -35.12
C PHE K 296 41.05 125.87 -34.11
N GLU K 297 41.32 126.91 -33.33
CA GLU K 297 42.35 126.83 -32.31
C GLU K 297 41.85 126.02 -31.12
N PRO K 298 42.58 124.99 -30.69
CA PRO K 298 42.11 124.17 -29.56
C PRO K 298 42.11 124.89 -28.23
N ALA K 299 42.86 125.98 -28.08
CA ALA K 299 42.89 126.73 -26.83
C ALA K 299 41.79 127.77 -26.72
N ASN K 300 41.02 127.99 -27.78
CA ASN K 300 39.91 128.94 -27.74
C ASN K 300 38.55 128.25 -27.75
N GLN K 301 38.53 126.92 -27.62
CA GLN K 301 37.27 126.20 -27.61
C GLN K 301 36.56 126.34 -26.26
N MET K 302 35.26 126.08 -26.27
CA MET K 302 34.46 126.08 -25.05
C MET K 302 34.56 124.77 -24.29
N VAL K 303 35.27 123.78 -24.82
CA VAL K 303 35.60 122.55 -24.11
C VAL K 303 37.10 122.37 -24.16
N LYS K 304 37.72 122.10 -23.02
CA LYS K 304 39.17 121.93 -22.95
C LYS K 304 39.53 120.55 -23.49
N CYS K 305 39.67 120.48 -24.81
CA CYS K 305 40.03 119.22 -25.48
C CYS K 305 40.71 119.56 -26.80
N ASP K 306 41.36 118.55 -27.37
CA ASP K 306 42.09 118.72 -28.62
C ASP K 306 41.32 118.06 -29.76
N PRO K 307 40.80 118.82 -30.72
CA PRO K 307 40.07 118.21 -31.83
C PRO K 307 40.95 117.56 -32.88
N ARG K 308 42.26 117.79 -32.85
CA ARG K 308 43.15 117.23 -33.85
C ARG K 308 43.35 115.73 -33.69
N HIS K 309 43.16 115.20 -32.49
CA HIS K 309 43.23 113.76 -32.29
C HIS K 309 41.95 113.04 -32.66
N GLY K 310 40.85 113.78 -32.85
CA GLY K 310 39.59 113.23 -33.28
C GLY K 310 39.24 113.63 -34.70
N LYS K 311 38.07 113.17 -35.13
CA LYS K 311 37.55 113.44 -36.45
C LYS K 311 36.27 114.24 -36.36
N TYR K 312 36.13 115.23 -37.22
CA TYR K 312 34.94 116.05 -37.25
C TYR K 312 33.76 115.27 -37.80
N MET K 313 32.55 115.77 -37.50
CA MET K 313 31.35 115.15 -38.03
C MET K 313 30.50 116.18 -38.75
N ALA K 314 30.48 117.41 -38.25
CA ALA K 314 29.68 118.47 -38.86
C ALA K 314 30.29 119.81 -38.46
N CYS K 315 29.85 120.86 -39.15
CA CYS K 315 30.29 122.23 -38.86
C CYS K 315 29.18 123.18 -39.29
N CYS K 316 28.76 124.06 -38.39
CA CYS K 316 27.77 125.09 -38.70
C CYS K 316 28.35 126.44 -38.28
N LEU K 317 29.09 127.07 -39.17
CA LEU K 317 29.68 128.37 -38.89
C LEU K 317 28.59 129.44 -38.95
N LEU K 318 28.43 130.19 -37.87
CA LEU K 318 27.42 131.24 -37.79
C LEU K 318 28.13 132.58 -37.62
N TYR K 319 28.07 133.42 -38.64
CA TYR K 319 28.74 134.71 -38.65
C TYR K 319 27.78 135.80 -38.20
N ARG K 320 28.29 136.72 -37.38
CA ARG K 320 27.53 137.86 -36.91
C ARG K 320 28.21 139.16 -37.32
N GLY K 321 27.41 140.18 -37.56
CA GLY K 321 27.93 141.47 -37.99
C GLY K 321 28.05 141.57 -39.50
N ASP K 322 28.60 142.71 -39.92
CA ASP K 322 28.75 143.01 -41.35
C ASP K 322 29.97 142.26 -41.89
N VAL K 323 29.75 141.00 -42.24
CA VAL K 323 30.77 140.14 -42.83
C VAL K 323 30.35 139.86 -44.28
N VAL K 324 31.22 140.20 -45.22
CA VAL K 324 30.94 139.97 -46.64
C VAL K 324 30.99 138.48 -46.94
N PRO K 325 29.99 137.90 -47.60
CA PRO K 325 29.96 136.45 -47.84
C PRO K 325 30.93 135.97 -48.91
N LYS K 326 31.59 136.87 -49.64
CA LYS K 326 32.54 136.44 -50.65
C LYS K 326 33.82 135.89 -50.02
N ASP K 327 34.35 136.58 -49.02
CA ASP K 327 35.61 136.17 -48.40
C ASP K 327 35.45 135.03 -47.42
N VAL K 328 34.22 134.69 -47.03
CA VAL K 328 34.00 133.54 -46.16
C VAL K 328 34.39 132.25 -46.87
N ASN K 329 34.09 132.15 -48.17
CA ASN K 329 34.49 130.97 -48.94
C ASN K 329 36.01 130.91 -49.13
N ALA K 330 36.67 132.05 -49.27
CA ALA K 330 38.14 132.06 -49.32
C ALA K 330 38.74 131.64 -47.99
N ALA K 331 38.14 132.09 -46.88
CA ALA K 331 38.56 131.62 -45.55
C ALA K 331 38.33 130.13 -45.40
N ILE K 332 37.23 129.62 -45.94
CA ILE K 332 36.92 128.19 -45.92
C ILE K 332 37.98 127.41 -46.71
N ALA K 333 38.37 127.93 -47.88
CA ALA K 333 39.41 127.28 -48.68
C ALA K 333 40.76 127.28 -47.98
N THR K 334 41.13 128.40 -47.35
CA THR K 334 42.40 128.45 -46.62
C THR K 334 42.38 127.57 -45.39
N ILE K 335 41.21 127.37 -44.78
CA ILE K 335 41.08 126.42 -43.68
C ILE K 335 41.24 124.99 -44.20
N LYS K 336 40.56 124.66 -45.30
CA LYS K 336 40.55 123.31 -45.83
C LYS K 336 41.87 122.91 -46.49
N THR K 337 42.72 123.88 -46.85
CA THR K 337 44.03 123.52 -47.39
C THR K 337 44.94 122.92 -46.33
N LYS K 338 44.72 123.26 -45.07
CA LYS K 338 45.52 122.69 -43.99
C LYS K 338 45.10 121.25 -43.73
N ARG K 339 46.06 120.42 -43.33
CA ARG K 339 45.86 119.00 -43.10
C ARG K 339 45.42 118.68 -41.68
N THR K 340 45.06 119.70 -40.88
CA THR K 340 44.66 119.47 -39.50
C THR K 340 43.30 118.79 -39.43
N ILE K 341 42.33 119.27 -40.20
CA ILE K 341 40.96 118.77 -40.14
C ILE K 341 40.89 117.46 -40.91
N GLN K 342 40.45 116.40 -40.24
CA GLN K 342 40.29 115.07 -40.83
C GLN K 342 38.84 114.65 -40.64
N PHE K 343 38.02 114.85 -41.68
CA PHE K 343 36.60 114.58 -41.59
C PHE K 343 36.33 113.08 -41.59
N VAL K 344 35.06 112.73 -41.33
CA VAL K 344 34.59 111.35 -41.43
C VAL K 344 34.39 111.01 -42.89
N ASP K 345 34.21 109.73 -43.21
CA ASP K 345 34.20 109.26 -44.59
C ASP K 345 32.85 108.68 -44.98
N TRP K 346 31.74 109.33 -44.57
CA TRP K 346 30.44 109.05 -45.19
C TRP K 346 29.73 110.38 -45.38
N CYS K 347 29.98 111.01 -46.55
CA CYS K 347 29.48 112.31 -47.01
C CYS K 347 29.59 113.38 -45.93
N PRO K 348 30.81 113.82 -45.59
CA PRO K 348 30.97 114.70 -44.41
C PRO K 348 30.51 116.13 -44.62
N THR K 349 30.23 116.53 -45.86
CA THR K 349 29.82 117.88 -46.28
C THR K 349 30.89 118.88 -45.82
N GLY K 350 30.52 120.02 -45.24
CA GLY K 350 31.50 121.01 -44.83
C GLY K 350 30.94 122.09 -43.94
N PHE K 351 31.50 123.29 -44.04
CA PHE K 351 31.14 124.41 -43.17
C PHE K 351 29.88 125.07 -43.73
N LYS K 352 28.73 124.77 -43.13
CA LYS K 352 27.45 125.30 -43.58
C LYS K 352 27.28 126.71 -43.02
N VAL K 353 27.86 127.67 -43.73
CA VAL K 353 27.89 129.05 -43.27
C VAL K 353 26.54 129.71 -43.51
N GLY K 354 25.98 130.29 -42.46
CA GLY K 354 24.87 131.22 -42.59
C GLY K 354 25.23 132.52 -41.90
N ILE K 355 24.90 133.63 -42.54
CA ILE K 355 25.36 134.95 -42.11
C ILE K 355 24.15 135.79 -41.72
N ASN K 356 24.16 136.31 -40.49
CA ASN K 356 23.17 137.26 -40.04
C ASN K 356 23.79 138.65 -40.05
N TYR K 357 23.11 139.59 -40.70
CA TYR K 357 23.69 140.91 -40.93
C TYR K 357 23.51 141.84 -39.74
N GLN K 358 22.73 141.47 -38.74
CA GLN K 358 22.61 142.30 -37.55
C GLN K 358 23.85 142.13 -36.67
N PRO K 359 24.53 143.22 -36.30
CA PRO K 359 25.70 143.09 -35.44
C PRO K 359 25.30 142.70 -34.03
N PRO K 360 26.13 141.92 -33.33
CA PRO K 360 25.82 141.61 -31.94
C PRO K 360 26.06 142.80 -31.04
N THR K 361 25.23 142.93 -30.01
CA THR K 361 25.32 144.03 -29.06
C THR K 361 25.94 143.53 -27.75
N VAL K 362 26.93 144.26 -27.26
CA VAL K 362 27.60 143.92 -26.02
C VAL K 362 27.01 144.77 -24.90
N VAL K 363 27.28 144.36 -23.67
CA VAL K 363 26.84 145.09 -22.48
C VAL K 363 27.60 146.42 -22.41
N PRO K 364 26.91 147.56 -22.21
CA PRO K 364 27.61 148.85 -22.12
C PRO K 364 28.48 148.96 -20.88
N GLY K 365 29.79 149.05 -21.07
CA GLY K 365 30.73 149.03 -19.97
C GLY K 365 30.77 147.71 -19.23
N GLY K 366 30.76 146.59 -19.97
CA GLY K 366 30.76 145.29 -19.35
C GLY K 366 32.12 144.61 -19.39
N ASP K 367 32.20 143.51 -20.13
CA ASP K 367 33.44 142.74 -20.21
C ASP K 367 33.94 142.51 -21.63
N LEU K 368 33.08 142.60 -22.65
CA LEU K 368 33.47 142.41 -24.03
C LEU K 368 33.21 143.69 -24.82
N ALA K 369 34.18 144.06 -25.66
CA ALA K 369 34.05 145.24 -26.50
C ALA K 369 33.12 144.98 -27.68
N LYS K 370 32.53 146.04 -28.20
CA LYS K 370 31.72 145.95 -29.41
C LYS K 370 32.61 145.70 -30.61
N VAL K 371 32.27 144.68 -31.40
CA VAL K 371 33.07 144.29 -32.55
C VAL K 371 32.15 144.21 -33.77
N GLN K 372 32.75 144.28 -34.95
CA GLN K 372 32.01 144.26 -36.20
C GLN K 372 31.98 142.88 -36.85
N ARG K 373 33.00 142.06 -36.62
CA ARG K 373 33.08 140.72 -37.18
C ARG K 373 33.05 139.70 -36.05
N ALA K 374 32.04 138.85 -36.04
CA ALA K 374 31.88 137.83 -35.03
C ALA K 374 31.58 136.49 -35.68
N VAL K 375 32.10 135.42 -35.10
CA VAL K 375 32.01 134.09 -35.69
C VAL K 375 31.90 133.05 -34.58
N CYS K 376 31.12 132.01 -34.84
CA CYS K 376 30.95 130.89 -33.93
C CYS K 376 30.95 129.60 -34.74
N MET K 377 31.58 128.56 -34.19
CA MET K 377 31.77 127.29 -34.89
C MET K 377 31.08 126.17 -34.11
N LEU K 378 29.82 125.91 -34.44
CA LEU K 378 29.08 124.78 -33.86
C LEU K 378 29.51 123.52 -34.57
N SER K 379 30.50 122.81 -34.01
CA SER K 379 31.09 121.67 -34.68
C SER K 379 31.03 120.44 -33.79
N ASN K 380 30.55 119.33 -34.34
CA ASN K 380 30.58 118.05 -33.66
C ASN K 380 31.92 117.37 -33.94
N THR K 381 32.43 116.66 -32.94
CA THR K 381 33.68 115.92 -33.07
C THR K 381 33.69 114.76 -32.09
N THR K 382 34.75 113.96 -32.14
CA THR K 382 34.97 112.88 -31.20
C THR K 382 35.94 113.27 -30.10
N ALA K 383 36.28 114.55 -29.98
CA ALA K 383 37.21 115.02 -28.96
C ALA K 383 36.57 115.20 -27.59
N ILE K 384 35.24 115.13 -27.50
CA ILE K 384 34.57 115.18 -26.20
C ILE K 384 34.78 113.88 -25.43
N ALA K 385 35.17 112.80 -26.12
CA ALA K 385 35.46 111.53 -25.47
C ALA K 385 36.64 111.63 -24.51
N GLU K 386 37.57 112.55 -24.76
CA GLU K 386 38.64 112.82 -23.80
C GLU K 386 38.09 113.40 -22.50
N ALA K 387 37.13 114.33 -22.60
CA ALA K 387 36.50 114.90 -21.42
C ALA K 387 35.69 113.85 -20.65
N TRP K 388 34.99 112.98 -21.37
CA TRP K 388 34.26 111.91 -20.70
C TRP K 388 35.20 110.87 -20.10
N ALA K 389 36.37 110.66 -20.71
CA ALA K 389 37.37 109.78 -20.12
C ALA K 389 37.94 110.37 -18.84
N ARG K 390 38.16 111.69 -18.81
CA ARG K 390 38.59 112.37 -17.59
C ARG K 390 37.54 112.26 -16.49
N LEU K 391 36.27 112.45 -16.84
CA LEU K 391 35.19 112.36 -15.86
C LEU K 391 35.03 110.94 -15.32
N ASP K 392 35.17 109.93 -16.19
CA ASP K 392 35.08 108.55 -15.73
C ASP K 392 36.32 108.12 -14.97
N HIS K 393 37.47 108.73 -15.25
CA HIS K 393 38.67 108.45 -14.47
C HIS K 393 38.54 109.02 -13.07
N LYS K 394 37.97 110.23 -12.93
CA LYS K 394 37.68 110.77 -11.61
C LYS K 394 36.58 109.97 -10.92
N PHE K 395 35.61 109.46 -11.68
CA PHE K 395 34.57 108.59 -11.11
C PHE K 395 35.16 107.26 -10.66
N ASP K 396 36.10 106.69 -11.41
CA ASP K 396 36.66 105.40 -11.04
C ASP K 396 37.61 105.52 -9.85
N LEU K 397 38.25 106.67 -9.67
CA LEU K 397 39.14 106.86 -8.55
C LEU K 397 38.37 106.97 -7.23
N MET K 398 37.15 107.47 -7.27
CA MET K 398 36.33 107.64 -6.08
C MET K 398 35.32 106.52 -5.89
N TYR K 399 35.43 105.45 -6.67
CA TYR K 399 34.55 104.29 -6.52
C TYR K 399 35.30 102.99 -6.27
N ALA K 400 36.63 102.99 -6.35
CA ALA K 400 37.39 101.79 -6.00
C ALA K 400 37.29 101.51 -4.50
N LYS K 401 37.23 102.56 -3.68
CA LYS K 401 37.09 102.44 -2.24
C LYS K 401 35.70 102.82 -1.75
N ARG K 402 34.73 102.99 -2.67
CA ARG K 402 33.34 103.34 -2.38
C ARG K 402 33.24 104.65 -1.61
N ALA K 403 34.03 105.65 -2.01
CA ALA K 403 34.00 106.95 -1.35
C ALA K 403 32.71 107.69 -1.66
N PHE K 404 32.18 108.37 -0.64
CA PHE K 404 31.00 109.24 -0.73
C PHE K 404 29.74 108.51 -1.17
N VAL K 405 29.71 107.18 -1.02
CA VAL K 405 28.59 106.40 -1.54
C VAL K 405 27.33 106.61 -0.71
N HIS K 406 27.49 106.69 0.61
CA HIS K 406 26.36 106.69 1.55
C HIS K 406 25.48 107.93 1.45
N TRP K 407 25.99 109.03 0.90
CA TRP K 407 25.17 110.23 0.77
C TRP K 407 24.09 110.08 -0.30
N TYR K 408 24.22 109.11 -1.19
CA TYR K 408 23.23 108.86 -2.24
C TYR K 408 22.29 107.72 -1.89
N VAL K 409 22.81 106.65 -1.27
CA VAL K 409 21.98 105.51 -0.89
C VAL K 409 21.00 105.89 0.21
N GLY K 410 21.34 106.88 1.03
CA GLY K 410 20.47 107.31 2.11
C GLY K 410 19.27 108.11 1.66
N GLU K 411 19.19 108.48 0.38
CA GLU K 411 18.06 109.23 -0.16
C GLU K 411 17.24 108.40 -1.14
N GLY K 412 17.34 107.07 -1.05
CA GLY K 412 16.51 106.17 -1.83
C GLY K 412 17.20 105.51 -3.00
N MET K 413 18.36 106.02 -3.43
CA MET K 413 19.08 105.41 -4.54
C MET K 413 19.71 104.09 -4.12
N GLU K 414 20.11 103.31 -5.11
CA GLU K 414 20.70 102.00 -4.87
C GLU K 414 22.20 102.02 -5.17
N GLU K 415 22.88 100.97 -4.73
CA GLU K 415 24.31 100.82 -5.02
C GLU K 415 24.54 100.48 -6.49
N GLY K 416 23.62 99.75 -7.12
CA GLY K 416 23.80 99.34 -8.49
C GLY K 416 23.61 100.44 -9.52
N GLU K 417 23.11 101.61 -9.11
CA GLU K 417 22.96 102.73 -10.03
C GLU K 417 24.31 103.29 -10.45
N PHE K 418 25.30 103.25 -9.56
CA PHE K 418 26.65 103.71 -9.91
C PHE K 418 27.30 102.75 -10.90
N SER K 419 27.12 101.45 -10.72
CA SER K 419 27.65 100.47 -11.67
C SER K 419 26.93 100.58 -13.02
N GLU K 420 25.62 100.87 -12.99
CA GLU K 420 24.87 101.08 -14.22
C GLU K 420 25.35 102.32 -14.97
N ALA K 421 25.61 103.42 -14.26
CA ALA K 421 26.14 104.61 -14.89
C ALA K 421 27.56 104.41 -15.40
N ARG K 422 28.36 103.60 -14.69
CA ARG K 422 29.70 103.25 -15.17
C ARG K 422 29.63 102.43 -16.45
N GLU K 423 28.70 101.47 -16.51
CA GLU K 423 28.50 100.68 -17.73
C GLU K 423 28.02 101.56 -18.89
N ASP K 424 27.13 102.51 -18.60
CA ASP K 424 26.65 103.43 -19.62
C ASP K 424 27.77 104.33 -20.14
N MET K 425 28.63 104.82 -19.25
CA MET K 425 29.75 105.66 -19.70
C MET K 425 30.79 104.84 -20.43
N ALA K 426 30.99 103.58 -20.07
CA ALA K 426 31.86 102.70 -20.83
C ALA K 426 31.31 102.45 -22.22
N ALA K 427 29.99 102.28 -22.33
CA ALA K 427 29.36 102.12 -23.64
C ALA K 427 29.46 103.39 -24.47
N LEU K 428 29.34 104.57 -23.83
CA LEU K 428 29.51 105.83 -24.55
C LEU K 428 30.93 106.00 -25.06
N GLU K 429 31.93 105.65 -24.23
CA GLU K 429 33.32 105.72 -24.66
C GLU K 429 33.61 104.73 -25.78
N LYS K 430 33.03 103.53 -25.69
CA LYS K 430 33.21 102.52 -26.74
C LYS K 430 32.57 102.95 -28.04
N ASP K 431 31.40 103.60 -27.98
CA ASP K 431 30.75 104.08 -29.19
C ASP K 431 31.50 105.26 -29.80
N TYR K 432 32.08 106.12 -28.96
CA TYR K 432 32.92 107.20 -29.46
C TYR K 432 34.18 106.65 -30.14
N GLU K 433 34.77 105.59 -29.57
CA GLU K 433 35.91 104.93 -30.20
C GLU K 433 35.52 104.25 -31.51
N GLU K 434 34.34 103.63 -31.56
CA GLU K 434 33.89 102.96 -32.78
C GLU K 434 33.57 103.96 -33.88
N VAL K 435 33.06 105.15 -33.53
CA VAL K 435 32.95 106.22 -34.51
C VAL K 435 34.34 106.69 -34.94
N GLY K 436 35.26 106.79 -33.99
CA GLY K 436 36.61 107.26 -34.29
C GLY K 436 37.48 106.26 -35.03
N VAL K 437 37.06 105.01 -35.13
CA VAL K 437 37.82 103.97 -35.83
C VAL K 437 37.05 103.58 -37.08
N ASP K 438 37.70 103.70 -38.23
CA ASP K 438 37.08 103.36 -39.51
C ASP K 438 36.82 101.86 -39.63
N MET L 1 -7.67 107.68 -79.57
CA MET L 1 -6.38 107.42 -78.96
C MET L 1 -6.54 107.10 -77.48
N ARG L 2 -5.55 106.38 -76.92
CA ARG L 2 -5.57 106.05 -75.51
C ARG L 2 -5.20 107.28 -74.68
N GLU L 3 -5.30 107.13 -73.35
CA GLU L 3 -5.11 108.25 -72.44
C GLU L 3 -4.14 107.86 -71.34
N ILE L 4 -3.10 108.67 -71.15
CA ILE L 4 -2.13 108.50 -70.07
C ILE L 4 -2.36 109.62 -69.06
N VAL L 5 -2.36 109.27 -67.79
CA VAL L 5 -2.46 110.23 -66.69
C VAL L 5 -1.06 110.46 -66.16
N HIS L 6 -0.60 111.71 -66.21
CA HIS L 6 0.74 112.07 -65.80
C HIS L 6 0.76 112.39 -64.30
N LEU L 7 1.77 111.87 -63.60
CA LEU L 7 1.91 112.07 -62.17
C LEU L 7 3.31 112.56 -61.87
N GLN L 8 3.42 113.68 -61.15
CA GLN L 8 4.69 114.25 -60.73
C GLN L 8 4.67 114.40 -59.21
N ILE L 9 5.65 113.81 -58.53
CA ILE L 9 5.75 113.85 -57.08
C ILE L 9 7.08 114.45 -56.69
N GLY L 10 7.06 115.46 -55.83
CA GLY L 10 8.26 116.12 -55.38
C GLY L 10 8.55 117.37 -56.18
N GLN L 11 9.41 118.22 -55.61
CA GLN L 11 9.78 119.45 -56.30
C GLN L 11 10.69 119.18 -57.48
N CYS L 12 11.53 118.14 -57.40
CA CYS L 12 12.29 117.70 -58.57
C CYS L 12 11.36 117.22 -59.67
N GLY L 13 10.37 116.41 -59.31
CA GLY L 13 9.37 115.96 -60.27
C GLY L 13 8.57 117.10 -60.84
N ASN L 14 8.20 118.08 -60.00
CA ASN L 14 7.43 119.23 -60.45
C ASN L 14 8.24 120.11 -61.40
N GLN L 15 9.51 120.36 -61.08
CA GLN L 15 10.34 121.22 -61.91
C GLN L 15 10.66 120.57 -63.26
N ILE L 16 11.08 119.30 -63.23
CA ILE L 16 11.38 118.59 -64.47
C ILE L 16 10.11 118.36 -65.29
N GLY L 17 8.99 118.13 -64.62
CA GLY L 17 7.73 118.00 -65.34
C GLY L 17 7.28 119.30 -66.00
N ALA L 18 7.49 120.43 -65.32
CA ALA L 18 7.16 121.73 -65.92
C ALA L 18 8.03 122.04 -67.13
N LYS L 19 9.33 121.77 -67.03
CA LYS L 19 10.22 121.97 -68.19
C LYS L 19 9.88 121.00 -69.32
N PHE L 20 9.57 119.75 -68.98
CA PHE L 20 9.20 118.75 -69.97
C PHE L 20 7.90 119.10 -70.67
N TRP L 21 6.90 119.60 -69.92
CA TRP L 21 5.64 120.00 -70.52
C TRP L 21 5.82 121.24 -71.40
N GLU L 22 6.73 122.15 -71.01
CA GLU L 22 7.02 123.30 -71.86
C GLU L 22 7.68 122.87 -73.17
N VAL L 23 8.60 121.91 -73.10
CA VAL L 23 9.25 121.39 -74.31
C VAL L 23 8.25 120.67 -75.20
N ILE L 24 7.32 119.92 -74.60
CA ILE L 24 6.31 119.19 -75.37
C ILE L 24 5.34 120.16 -76.04
N SER L 25 4.87 121.17 -75.30
CA SER L 25 3.94 122.14 -75.86
C SER L 25 4.60 123.03 -76.91
N ASP L 26 5.92 123.24 -76.81
CA ASP L 26 6.62 123.90 -77.90
C ASP L 26 6.73 122.97 -79.11
N GLU L 27 6.96 121.68 -78.88
CA GLU L 27 7.11 120.73 -79.97
C GLU L 27 5.77 120.44 -80.66
N HIS L 28 4.70 120.34 -79.87
CA HIS L 28 3.39 120.01 -80.41
C HIS L 28 2.64 121.23 -80.94
N GLY L 29 3.21 122.41 -80.85
CA GLY L 29 2.56 123.62 -81.33
C GLY L 29 1.34 124.05 -80.53
N ILE L 30 1.42 123.94 -79.21
CA ILE L 30 0.33 124.33 -78.31
C ILE L 30 0.76 125.58 -77.56
N ASP L 31 -0.08 126.61 -77.57
CA ASP L 31 0.23 127.86 -76.91
C ASP L 31 -0.17 127.78 -75.43
N ILE L 32 -0.06 128.90 -74.72
CA ILE L 32 -0.37 128.91 -73.29
C ILE L 32 -1.88 128.88 -73.04
N ALA L 33 -2.69 129.18 -74.05
CA ALA L 33 -4.14 129.10 -73.93
C ALA L 33 -4.70 127.74 -74.29
N GLY L 34 -3.86 126.79 -74.69
CA GLY L 34 -4.30 125.46 -75.02
C GLY L 34 -4.84 125.28 -76.43
N ASN L 35 -4.62 126.25 -77.31
CA ASN L 35 -5.10 126.18 -78.68
C ASN L 35 -3.97 125.76 -79.61
N TYR L 36 -4.32 124.96 -80.62
CA TYR L 36 -3.32 124.48 -81.56
C TYR L 36 -2.87 125.59 -82.49
N CYS L 37 -1.55 125.74 -82.64
CA CYS L 37 -0.99 126.74 -83.55
C CYS L 37 0.17 126.19 -84.36
N GLY L 38 0.30 124.86 -84.46
CA GLY L 38 1.37 124.28 -85.24
C GLY L 38 1.07 124.25 -86.73
N ASN L 39 2.08 123.84 -87.50
CA ASN L 39 1.97 123.80 -88.95
C ASN L 39 1.95 122.39 -89.51
N ALA L 40 1.92 121.36 -88.67
CA ALA L 40 1.95 119.98 -89.13
C ALA L 40 0.75 119.22 -88.55
N SER L 41 0.15 118.37 -89.37
CA SER L 41 -0.98 117.56 -88.92
C SER L 41 -0.55 116.42 -88.02
N LEU L 42 0.74 116.08 -87.99
CA LEU L 42 1.22 115.03 -87.09
C LEU L 42 1.24 115.50 -85.64
N GLN L 43 1.33 116.81 -85.42
CA GLN L 43 1.33 117.35 -84.06
C GLN L 43 -0.02 117.17 -83.40
N LEU L 44 -1.11 117.37 -84.15
CA LEU L 44 -2.44 117.14 -83.60
C LEU L 44 -2.79 115.65 -83.53
N GLU L 45 -2.09 114.82 -84.28
CA GLU L 45 -2.27 113.37 -84.17
C GLU L 45 -1.61 112.86 -82.90
N ARG L 46 -2.28 111.89 -82.26
CA ARG L 46 -1.85 111.25 -81.00
C ARG L 46 -1.63 112.29 -79.90
N ILE L 47 -2.54 113.25 -79.79
CA ILE L 47 -2.48 114.27 -78.75
C ILE L 47 -3.30 113.91 -77.53
N ASN L 48 -4.18 112.91 -77.62
CA ASN L 48 -5.05 112.56 -76.51
C ASN L 48 -4.35 111.74 -75.43
N VAL L 49 -3.11 111.30 -75.66
CA VAL L 49 -2.37 110.58 -74.64
C VAL L 49 -1.95 111.51 -73.51
N TYR L 50 -1.68 112.77 -73.83
CA TYR L 50 -1.12 113.72 -72.86
C TYR L 50 -2.03 114.89 -72.56
N PHE L 51 -2.72 115.44 -73.56
CA PHE L 51 -3.48 116.67 -73.43
C PHE L 51 -4.97 116.35 -73.46
N ASN L 52 -5.68 116.75 -72.41
CA ASN L 52 -7.13 116.60 -72.37
C ASN L 52 -7.79 117.73 -73.15
N GLU L 53 -8.80 117.36 -73.94
CA GLU L 53 -9.51 118.33 -74.77
C GLU L 53 -10.63 118.97 -73.95
N ALA L 54 -10.46 120.23 -73.59
CA ALA L 54 -11.47 120.98 -72.88
C ALA L 54 -12.35 121.72 -73.89
N TYR L 55 -13.21 122.60 -73.40
CA TYR L 55 -14.11 123.35 -74.27
C TYR L 55 -13.35 124.46 -74.99
N SER L 56 -13.87 124.83 -76.17
CA SER L 56 -13.39 125.94 -77.00
C SER L 56 -11.91 125.77 -77.40
N HIS L 57 -11.58 124.55 -77.87
CA HIS L 57 -10.27 124.19 -78.40
C HIS L 57 -9.14 124.41 -77.40
N LYS L 58 -9.37 123.94 -76.16
CA LYS L 58 -8.41 124.08 -75.07
C LYS L 58 -7.82 122.71 -74.77
N TYR L 59 -6.53 122.54 -75.08
CA TYR L 59 -5.83 121.28 -74.84
C TYR L 59 -5.00 121.44 -73.57
N VAL L 60 -5.58 121.04 -72.44
CA VAL L 60 -4.91 121.13 -71.15
C VAL L 60 -4.29 119.77 -70.83
N PRO L 61 -3.09 119.73 -70.23
CA PRO L 61 -2.50 118.44 -69.86
C PRO L 61 -3.22 117.78 -68.71
N ARG L 62 -3.20 116.44 -68.71
CA ARG L 62 -3.76 115.65 -67.62
C ARG L 62 -2.67 115.34 -66.59
N SER L 63 -2.07 116.40 -66.08
CA SER L 63 -0.95 116.29 -65.15
C SER L 63 -1.44 116.47 -63.73
N ILE L 64 -1.01 115.58 -62.83
CA ILE L 64 -1.34 115.66 -61.42
C ILE L 64 -0.06 116.05 -60.69
N LEU L 65 0.09 117.33 -60.41
CA LEU L 65 1.26 117.82 -59.67
C LEU L 65 1.03 117.60 -58.18
N VAL L 66 1.84 116.75 -57.56
CA VAL L 66 1.70 116.39 -56.16
C VAL L 66 2.97 116.81 -55.42
N ASP L 67 2.80 117.50 -54.30
CA ASP L 67 3.90 117.88 -53.44
C ASP L 67 3.37 118.03 -52.02
N LEU L 68 4.28 118.32 -51.08
CA LEU L 68 3.90 118.54 -49.69
C LEU L 68 4.22 119.96 -49.23
N GLU L 69 4.66 120.83 -50.14
CA GLU L 69 4.91 122.23 -49.83
C GLU L 69 4.29 123.11 -50.90
N PRO L 70 3.62 124.21 -50.52
CA PRO L 70 2.95 125.05 -51.52
C PRO L 70 3.89 126.00 -52.26
N GLY L 71 5.16 126.08 -51.86
CA GLY L 71 6.10 126.92 -52.58
C GLY L 71 6.39 126.40 -53.97
N THR L 72 6.42 125.07 -54.13
CA THR L 72 6.62 124.48 -55.44
C THR L 72 5.41 124.72 -56.35
N MET L 73 4.20 124.68 -55.77
CA MET L 73 3.01 124.99 -56.54
C MET L 73 2.96 126.46 -56.93
N ASP L 74 3.44 127.35 -56.05
CA ASP L 74 3.52 128.77 -56.39
C ASP L 74 4.57 129.02 -57.46
N SER L 75 5.67 128.27 -57.45
CA SER L 75 6.68 128.37 -58.49
C SER L 75 6.16 127.84 -59.82
N VAL L 76 5.33 126.80 -59.79
CA VAL L 76 4.71 126.28 -61.01
C VAL L 76 3.71 127.30 -61.57
N ARG L 77 2.88 127.89 -60.71
CA ARG L 77 1.90 128.86 -61.16
C ARG L 77 2.55 130.17 -61.62
N SER L 78 3.71 130.52 -61.06
CA SER L 78 4.41 131.72 -61.46
C SER L 78 5.11 131.60 -62.80
N SER L 79 5.28 130.37 -63.32
CA SER L 79 5.94 130.17 -64.60
C SER L 79 4.97 130.42 -65.75
N LYS L 80 5.45 130.21 -66.97
CA LYS L 80 4.65 130.47 -68.16
C LYS L 80 3.57 129.43 -68.38
N ILE L 81 3.80 128.19 -67.95
CA ILE L 81 2.87 127.09 -68.21
C ILE L 81 1.87 126.91 -67.07
N GLY L 82 1.91 127.78 -66.05
CA GLY L 82 1.00 127.73 -64.94
C GLY L 82 -0.48 127.84 -65.27
N PRO L 83 -0.89 128.87 -66.02
CA PRO L 83 -2.28 128.90 -66.51
C PRO L 83 -2.61 127.78 -67.49
N LEU L 84 -1.63 127.18 -68.15
CA LEU L 84 -1.90 126.08 -69.07
C LEU L 84 -2.31 124.80 -68.32
N PHE L 85 -1.74 124.57 -67.14
CA PHE L 85 -2.04 123.38 -66.38
C PHE L 85 -3.45 123.46 -65.79
N ARG L 86 -3.98 122.30 -65.42
CA ARG L 86 -5.31 122.22 -64.83
C ARG L 86 -5.27 122.72 -63.39
N PRO L 87 -6.04 123.75 -63.03
CA PRO L 87 -6.03 124.24 -61.64
C PRO L 87 -6.68 123.28 -60.66
N ASP L 88 -7.60 122.42 -61.11
CA ASP L 88 -8.26 121.47 -60.22
C ASP L 88 -7.37 120.28 -59.87
N ASN L 89 -6.29 120.07 -60.61
CA ASN L 89 -5.41 118.94 -60.40
C ASN L 89 -4.24 119.25 -59.48
N PHE L 90 -4.20 120.44 -58.89
CA PHE L 90 -3.14 120.80 -57.96
C PHE L 90 -3.41 120.18 -56.60
N ILE L 91 -2.44 119.42 -56.09
CA ILE L 91 -2.51 118.84 -54.75
C ILE L 91 -1.21 119.20 -54.03
N HIS L 92 -1.32 119.85 -52.89
CA HIS L 92 -0.15 120.27 -52.12
C HIS L 92 -0.43 120.11 -50.64
N GLY L 93 0.57 119.63 -49.91
CA GLY L 93 0.47 119.50 -48.48
C GLY L 93 0.89 120.76 -47.75
N ASN L 94 0.82 120.69 -46.42
CA ASN L 94 1.17 121.83 -45.58
C ASN L 94 2.63 121.80 -45.15
N SER L 95 3.11 120.64 -44.71
CA SER L 95 4.48 120.48 -44.23
C SER L 95 5.20 119.45 -45.07
N GLY L 96 6.36 119.82 -45.61
CA GLY L 96 7.16 118.87 -46.36
C GLY L 96 7.83 117.85 -45.47
N ALA L 97 8.23 116.74 -46.09
CA ALA L 97 8.91 115.70 -45.34
C ALA L 97 10.36 116.07 -45.05
N GLY L 98 11.01 116.75 -45.99
CA GLY L 98 12.38 117.19 -45.81
C GLY L 98 13.37 116.05 -45.72
N ASN L 99 13.54 115.31 -46.81
CA ASN L 99 14.46 114.17 -46.93
C ASN L 99 14.15 113.06 -45.93
N ASN L 100 12.88 112.92 -45.57
CA ASN L 100 12.41 111.88 -44.67
C ASN L 100 11.54 110.92 -45.47
N TRP L 101 12.05 109.71 -45.71
CA TRP L 101 11.29 108.73 -46.48
C TRP L 101 10.16 108.13 -45.65
N ALA L 102 10.40 107.91 -44.35
CA ALA L 102 9.36 107.33 -43.50
C ALA L 102 8.20 108.29 -43.30
N LYS L 103 8.48 109.60 -43.24
CA LYS L 103 7.43 110.59 -43.04
C LYS L 103 6.57 110.75 -44.29
N GLY L 104 7.16 110.53 -45.47
CA GLY L 104 6.42 110.56 -46.71
C GLY L 104 5.88 109.23 -47.16
N HIS L 105 6.20 108.16 -46.45
CA HIS L 105 5.72 106.82 -46.80
C HIS L 105 4.76 106.24 -45.78
N TYR L 106 4.71 106.78 -44.56
CA TYR L 106 3.89 106.14 -43.53
C TYR L 106 2.90 107.10 -42.88
N THR L 107 3.23 108.39 -42.82
CA THR L 107 2.36 109.35 -42.14
C THR L 107 1.75 110.37 -43.09
N GLU L 108 2.56 111.15 -43.80
CA GLU L 108 2.03 112.24 -44.60
C GLU L 108 1.62 111.78 -46.00
N GLY L 109 2.42 110.90 -46.60
CA GLY L 109 1.98 110.23 -47.81
C GLY L 109 0.74 109.40 -47.58
N ALA L 110 0.63 108.77 -46.42
CA ALA L 110 -0.58 108.02 -46.09
C ALA L 110 -1.76 108.95 -45.86
N GLU L 111 -1.53 110.12 -45.28
CA GLU L 111 -2.63 111.04 -45.02
C GLU L 111 -3.09 111.80 -46.26
N LEU L 112 -2.25 111.88 -47.30
CA LEU L 112 -2.69 112.52 -48.55
C LEU L 112 -2.94 111.53 -49.68
N ILE L 113 -2.68 110.24 -49.46
CA ILE L 113 -2.89 109.24 -50.51
C ILE L 113 -4.37 109.00 -50.77
N GLU L 114 -5.25 109.29 -49.80
CA GLU L 114 -6.68 109.16 -50.06
C GLU L 114 -7.16 110.26 -51.00
N ASN L 115 -6.66 111.50 -50.81
CA ASN L 115 -7.00 112.58 -51.72
C ASN L 115 -6.43 112.35 -53.10
N VAL L 116 -5.19 111.85 -53.20
CA VAL L 116 -4.65 111.61 -54.53
C VAL L 116 -5.31 110.38 -55.17
N MET L 117 -5.83 109.45 -54.36
CA MET L 117 -6.61 108.34 -54.89
C MET L 117 -7.95 108.81 -55.42
N ASP L 118 -8.57 109.79 -54.73
CA ASP L 118 -9.81 110.37 -55.22
C ASP L 118 -9.59 111.12 -56.53
N VAL L 119 -8.48 111.85 -56.65
CA VAL L 119 -8.18 112.55 -57.90
C VAL L 119 -7.90 111.57 -59.03
N VAL L 120 -7.13 110.50 -58.75
CA VAL L 120 -6.82 109.48 -59.75
C VAL L 120 -8.09 108.74 -60.18
N ARG L 121 -8.97 108.43 -59.23
CA ARG L 121 -10.23 107.76 -59.56
C ARG L 121 -11.17 108.67 -60.34
N ASN L 122 -11.17 109.97 -60.04
CA ASN L 122 -11.96 110.93 -60.81
C ASN L 122 -11.45 111.04 -62.24
N GLU L 123 -10.13 111.00 -62.42
CA GLU L 123 -9.58 111.02 -63.78
C GLU L 123 -9.84 109.71 -64.52
N CYS L 124 -9.73 108.58 -63.80
CA CYS L 124 -9.82 107.26 -64.43
C CYS L 124 -11.25 106.85 -64.75
N GLU L 125 -12.23 107.29 -63.95
CA GLU L 125 -13.61 106.94 -64.23
C GLU L 125 -14.16 107.70 -65.44
N SER L 126 -13.52 108.78 -65.85
CA SER L 126 -13.86 109.47 -67.09
C SER L 126 -13.11 108.94 -68.29
N CYS L 127 -12.18 108.00 -68.09
CA CYS L 127 -11.43 107.44 -69.21
C CYS L 127 -12.29 106.46 -69.99
N ASP L 128 -12.28 106.60 -71.32
CA ASP L 128 -12.84 105.56 -72.17
C ASP L 128 -12.02 104.28 -72.05
N CYS L 129 -10.69 104.41 -72.02
CA CYS L 129 -9.80 103.29 -71.75
C CYS L 129 -8.50 103.86 -71.20
N LEU L 130 -7.94 103.17 -70.22
CA LEU L 130 -6.72 103.60 -69.56
C LEU L 130 -5.52 102.90 -70.18
N GLN L 131 -4.51 103.68 -70.56
CA GLN L 131 -3.28 103.12 -71.10
C GLN L 131 -2.27 102.81 -70.00
N GLY L 132 -2.06 103.75 -69.09
CA GLY L 132 -1.12 103.54 -68.00
C GLY L 132 -0.90 104.84 -67.25
N PHE L 133 0.07 104.79 -66.35
CA PHE L 133 0.46 105.95 -65.56
C PHE L 133 1.94 106.22 -65.73
N GLN L 134 2.28 107.47 -66.02
CA GLN L 134 3.67 107.90 -66.11
C GLN L 134 4.02 108.66 -64.84
N LEU L 135 5.06 108.21 -64.15
CA LEU L 135 5.47 108.78 -62.87
C LEU L 135 6.86 109.37 -63.01
N ILE L 136 7.03 110.60 -62.53
CA ILE L 136 8.32 111.26 -62.55
C ILE L 136 8.61 111.80 -61.15
N HIS L 137 9.67 111.28 -60.53
CA HIS L 137 9.98 111.60 -59.15
C HIS L 137 11.46 111.31 -58.91
N SER L 138 11.94 111.71 -57.73
CA SER L 138 13.32 111.56 -57.32
C SER L 138 13.41 110.56 -56.17
N LEU L 139 14.41 109.68 -56.23
CA LEU L 139 14.53 108.60 -55.25
C LEU L 139 15.20 109.05 -53.96
N GLY L 140 15.69 110.28 -53.86
CA GLY L 140 16.41 110.72 -52.69
C GLY L 140 15.64 111.56 -51.70
N GLY L 141 14.61 112.24 -52.17
CA GLY L 141 13.88 113.21 -51.37
C GLY L 141 12.97 112.58 -50.35
N GLY L 142 12.20 113.42 -49.68
CA GLY L 142 11.37 112.96 -48.59
C GLY L 142 9.96 112.58 -48.99
N THR L 143 9.24 113.50 -49.64
CA THR L 143 7.91 113.16 -50.11
C THR L 143 7.92 112.58 -51.52
N GLY L 144 8.97 112.88 -52.29
CA GLY L 144 9.13 112.38 -53.64
C GLY L 144 9.19 110.88 -53.70
N SER L 145 10.23 110.28 -53.13
CA SER L 145 10.42 108.83 -53.22
C SER L 145 9.37 108.07 -52.43
N GLY L 146 9.10 108.50 -51.19
CA GLY L 146 8.13 107.79 -50.36
C GLY L 146 6.71 107.89 -50.89
N MET L 147 6.29 109.08 -51.30
CA MET L 147 4.95 109.24 -51.84
C MET L 147 4.82 108.61 -53.22
N GLY L 148 5.92 108.58 -54.00
CA GLY L 148 5.88 107.89 -55.27
C GLY L 148 5.71 106.39 -55.11
N THR L 149 6.42 105.79 -54.16
CA THR L 149 6.26 104.36 -53.94
C THR L 149 4.92 104.02 -53.30
N LEU L 150 4.37 104.91 -52.47
CA LEU L 150 3.03 104.68 -51.93
C LEU L 150 1.96 104.80 -53.01
N LEU L 151 2.10 105.78 -53.91
CA LEU L 151 1.18 105.90 -55.05
C LEU L 151 1.31 104.70 -55.97
N ILE L 152 2.53 104.19 -56.14
CA ILE L 152 2.76 103.00 -56.96
C ILE L 152 2.05 101.78 -56.36
N ASN L 153 2.15 101.60 -55.04
CA ASN L 153 1.47 100.50 -54.38
C ASN L 153 -0.05 100.63 -54.48
N LYS L 154 -0.56 101.86 -54.32
CA LYS L 154 -2.01 102.07 -54.40
C LYS L 154 -2.53 101.87 -55.83
N ILE L 155 -1.76 102.28 -56.83
CA ILE L 155 -2.16 102.08 -58.22
C ILE L 155 -2.12 100.61 -58.59
N ARG L 156 -1.09 99.88 -58.13
CA ARG L 156 -0.99 98.45 -58.38
C ARG L 156 -2.09 97.68 -57.67
N GLU L 157 -2.54 98.16 -56.52
CA GLU L 157 -3.70 97.54 -55.88
C GLU L 157 -4.99 97.83 -56.64
N GLU L 158 -5.19 99.09 -57.05
CA GLU L 158 -6.45 99.45 -57.70
C GLU L 158 -6.54 98.95 -59.13
N TYR L 159 -5.47 99.08 -59.91
CA TYR L 159 -5.47 98.73 -61.33
C TYR L 159 -4.31 97.78 -61.61
N PRO L 160 -4.49 96.49 -61.31
CA PRO L 160 -3.39 95.52 -61.52
C PRO L 160 -3.12 95.20 -62.98
N ASP L 161 -3.99 95.58 -63.90
CA ASP L 161 -3.81 95.29 -65.32
C ASP L 161 -3.34 96.50 -66.11
N ARG L 162 -2.67 97.44 -65.46
CA ARG L 162 -2.19 98.65 -66.12
C ARG L 162 -0.68 98.79 -65.88
N ILE L 163 0.00 99.37 -66.86
CA ILE L 163 1.44 99.51 -66.79
C ILE L 163 1.80 100.66 -65.84
N MET L 164 3.03 100.61 -65.32
CA MET L 164 3.55 101.63 -64.42
C MET L 164 4.92 102.05 -64.93
N ASN L 165 4.99 103.23 -65.53
CA ASN L 165 6.22 103.77 -66.09
C ASN L 165 6.74 104.86 -65.15
N THR L 166 7.99 104.71 -64.70
CA THR L 166 8.56 105.57 -63.69
C THR L 166 9.85 106.20 -64.18
N PHE L 167 9.95 107.52 -64.07
CA PHE L 167 11.18 108.25 -64.35
C PHE L 167 11.88 108.52 -63.03
N SER L 168 12.49 107.48 -62.48
CA SER L 168 13.09 107.56 -61.15
C SER L 168 14.47 108.19 -61.23
N VAL L 169 14.65 109.30 -60.53
CA VAL L 169 15.92 110.02 -60.50
C VAL L 169 16.72 109.51 -59.29
N VAL L 170 17.79 108.79 -59.57
CA VAL L 170 18.65 108.26 -58.51
C VAL L 170 19.52 109.38 -57.97
N PRO L 171 19.56 109.58 -56.65
CA PRO L 171 20.40 110.66 -56.10
C PRO L 171 21.88 110.34 -56.17
N SER L 172 22.68 111.40 -56.13
CA SER L 172 24.13 111.32 -56.24
C SER L 172 24.77 112.24 -55.21
N PRO L 173 25.95 111.88 -54.70
CA PRO L 173 26.62 112.77 -53.74
C PRO L 173 27.24 114.00 -54.36
N LYS L 174 27.41 114.06 -55.69
CA LYS L 174 28.11 115.17 -56.30
C LYS L 174 27.21 116.39 -56.53
N VAL L 175 25.90 116.26 -56.34
CA VAL L 175 24.99 117.40 -56.55
C VAL L 175 24.07 117.57 -55.36
N SER L 176 24.03 116.58 -54.46
CA SER L 176 23.13 116.60 -53.32
C SER L 176 23.94 116.51 -52.03
N ASP L 177 23.64 117.40 -51.09
CA ASP L 177 24.38 117.49 -49.84
C ASP L 177 23.80 116.63 -48.72
N THR L 178 22.55 116.19 -48.85
CA THR L 178 21.92 115.37 -47.83
C THR L 178 22.57 113.99 -47.77
N VAL L 179 22.75 113.49 -46.55
CA VAL L 179 23.51 112.26 -46.34
C VAL L 179 22.61 111.02 -46.30
N VAL L 180 21.31 111.19 -46.03
CA VAL L 180 20.43 110.05 -45.78
C VAL L 180 19.79 109.54 -47.06
N GLU L 181 20.24 110.05 -48.20
CA GLU L 181 19.68 109.68 -49.49
C GLU L 181 19.89 108.23 -49.94
N PRO L 182 20.98 107.53 -49.59
CA PRO L 182 21.00 106.08 -49.84
C PRO L 182 19.89 105.29 -49.16
N TYR L 183 19.39 105.73 -48.00
CA TYR L 183 18.26 105.04 -47.37
C TYR L 183 17.01 105.14 -48.23
N ASN L 184 16.68 106.36 -48.66
CA ASN L 184 15.50 106.59 -49.49
C ASN L 184 15.65 105.89 -50.84
N ALA L 185 16.84 105.96 -51.44
CA ALA L 185 17.09 105.33 -52.73
C ALA L 185 16.96 103.81 -52.65
N ILE L 186 17.53 103.19 -51.62
CA ILE L 186 17.47 101.72 -51.51
C ILE L 186 16.06 101.25 -51.18
N LEU L 187 15.35 102.00 -50.31
CA LEU L 187 13.97 101.64 -49.99
C LEU L 187 13.04 101.79 -51.19
N SER L 188 13.22 102.86 -51.97
CA SER L 188 12.38 103.04 -53.16
C SER L 188 12.77 102.08 -54.27
N ILE L 189 14.04 101.69 -54.36
CA ILE L 189 14.45 100.67 -55.32
C ILE L 189 13.84 99.33 -54.97
N HIS L 190 13.77 98.99 -53.68
CA HIS L 190 13.13 97.76 -53.25
C HIS L 190 11.62 97.80 -53.51
N GLN L 191 10.99 98.96 -53.37
CA GLN L 191 9.56 99.03 -53.69
C GLN L 191 9.32 98.97 -55.19
N LEU L 192 10.18 99.63 -55.99
CA LEU L 192 10.01 99.64 -57.44
C LEU L 192 10.36 98.30 -58.07
N ILE L 193 11.19 97.48 -57.43
CA ILE L 193 11.42 96.12 -57.92
C ILE L 193 10.15 95.29 -57.80
N GLU L 194 9.47 95.38 -56.67
CA GLU L 194 8.34 94.50 -56.41
C GLU L 194 7.01 95.01 -56.93
N ASN L 195 6.90 96.31 -57.25
CA ASN L 195 5.58 96.85 -57.56
C ASN L 195 5.57 97.71 -58.81
N THR L 196 6.61 97.67 -59.65
CA THR L 196 6.63 98.48 -60.86
C THR L 196 7.21 97.65 -62.00
N ASP L 197 6.72 97.90 -63.22
CA ASP L 197 7.13 97.16 -64.40
C ASP L 197 8.07 97.93 -65.31
N GLU L 198 8.30 99.22 -65.06
CA GLU L 198 9.19 100.01 -65.90
C GLU L 198 9.89 101.07 -65.06
N THR L 199 11.13 101.36 -65.40
CA THR L 199 11.92 102.35 -64.67
C THR L 199 12.92 102.99 -65.62
N PHE L 200 12.90 104.32 -65.71
CA PHE L 200 13.86 105.08 -66.50
C PHE L 200 14.90 105.64 -65.55
N CYS L 201 16.02 104.93 -65.39
CA CYS L 201 17.05 105.28 -64.42
C CYS L 201 17.87 106.45 -64.96
N ILE L 202 17.41 107.67 -64.66
CA ILE L 202 18.16 108.88 -64.97
C ILE L 202 18.95 109.26 -63.72
N ASP L 203 20.27 109.34 -63.86
CA ASP L 203 21.16 109.55 -62.72
C ASP L 203 21.75 110.94 -62.77
N ASN L 204 21.68 111.65 -61.62
CA ASN L 204 22.22 113.00 -61.53
C ASN L 204 23.74 113.03 -61.55
N GLU L 205 24.39 111.93 -61.18
CA GLU L 205 25.86 111.84 -61.27
C GLU L 205 26.33 111.95 -62.72
N ALA L 206 25.68 111.19 -63.61
CA ALA L 206 26.02 111.27 -65.03
C ALA L 206 25.61 112.59 -65.64
N LEU L 207 24.55 113.21 -65.14
CA LEU L 207 24.17 114.55 -65.59
C LEU L 207 25.22 115.58 -65.21
N TYR L 208 25.72 115.50 -63.97
CA TYR L 208 26.80 116.39 -63.55
C TYR L 208 28.07 116.14 -64.36
N ASP L 209 28.36 114.87 -64.65
CA ASP L 209 29.52 114.54 -65.47
C ASP L 209 29.38 115.07 -66.89
N ILE L 210 28.17 115.01 -67.46
CA ILE L 210 27.92 115.54 -68.80
C ILE L 210 28.08 117.05 -68.81
N CYS L 211 27.50 117.73 -67.81
CA CYS L 211 27.62 119.18 -67.72
C CYS L 211 29.04 119.64 -67.42
N PHE L 212 29.86 118.78 -66.78
CA PHE L 212 31.24 119.13 -66.49
C PHE L 212 32.16 118.90 -67.68
N ARG L 213 32.08 117.73 -68.30
CA ARG L 213 32.99 117.39 -69.38
C ARG L 213 32.51 117.90 -70.74
N THR L 214 31.28 117.59 -71.12
CA THR L 214 30.79 117.94 -72.45
C THR L 214 30.47 119.41 -72.57
N LEU L 215 29.63 119.93 -71.67
CA LEU L 215 29.22 121.33 -71.74
C LEU L 215 30.25 122.29 -71.16
N LYS L 216 31.27 121.76 -70.49
CA LYS L 216 32.38 122.52 -69.89
C LYS L 216 31.90 123.54 -68.86
N LEU L 217 30.81 123.23 -68.17
CA LEU L 217 30.26 124.09 -67.12
C LEU L 217 30.59 123.47 -65.77
N THR L 218 31.36 124.19 -64.96
CA THR L 218 31.77 123.67 -63.65
C THR L 218 30.60 123.59 -62.69
N ASN L 219 29.75 124.61 -62.67
CA ASN L 219 28.63 124.63 -61.73
C ASN L 219 27.52 123.70 -62.20
N PRO L 220 27.07 122.76 -61.37
CA PRO L 220 25.90 121.92 -61.72
C PRO L 220 24.58 122.57 -61.31
N THR L 221 24.21 123.64 -62.02
CA THR L 221 22.95 124.33 -61.75
C THR L 221 21.77 123.45 -62.15
N TYR L 222 20.67 123.59 -61.40
CA TYR L 222 19.53 122.71 -61.58
C TYR L 222 18.74 123.04 -62.85
N GLY L 223 18.87 124.26 -63.37
CA GLY L 223 18.20 124.59 -64.62
C GLY L 223 18.75 123.83 -65.81
N ASP L 224 20.08 123.68 -65.88
CA ASP L 224 20.70 122.93 -66.97
C ASP L 224 20.37 121.44 -66.89
N LEU L 225 20.36 120.89 -65.69
CA LEU L 225 19.94 119.50 -65.50
C LEU L 225 18.48 119.31 -65.86
N ASN L 226 17.63 120.29 -65.50
CA ASN L 226 16.22 120.26 -65.89
C ASN L 226 16.05 120.27 -67.40
N HIS L 227 16.82 121.12 -68.09
CA HIS L 227 16.76 121.21 -69.54
C HIS L 227 17.24 119.92 -70.20
N LEU L 228 18.31 119.30 -69.66
CA LEU L 228 18.83 118.06 -70.24
C LEU L 228 17.87 116.89 -70.04
N VAL L 229 17.32 116.74 -68.83
CA VAL L 229 16.37 115.66 -68.59
C VAL L 229 15.08 115.89 -69.37
N SER L 230 14.66 117.16 -69.53
CA SER L 230 13.47 117.44 -70.34
C SER L 230 13.69 117.10 -71.81
N LEU L 231 14.87 117.42 -72.35
CA LEU L 231 15.19 117.05 -73.72
C LEU L 231 15.23 115.53 -73.91
N THR L 232 15.83 114.82 -72.95
CA THR L 232 15.89 113.36 -73.05
C THR L 232 14.50 112.73 -72.88
N MET L 233 13.66 113.32 -72.05
CA MET L 233 12.31 112.80 -71.86
C MET L 233 11.46 113.04 -73.10
N SER L 234 11.63 114.20 -73.74
CA SER L 234 10.94 114.47 -75.00
C SER L 234 11.39 113.51 -76.10
N GLY L 235 12.70 113.24 -76.17
CA GLY L 235 13.19 112.29 -77.15
C GLY L 235 12.78 110.86 -76.87
N VAL L 236 12.59 110.51 -75.60
CA VAL L 236 12.05 109.19 -75.26
C VAL L 236 10.58 109.10 -75.64
N THR L 237 9.79 110.12 -75.32
CA THR L 237 8.36 110.09 -75.53
C THR L 237 7.94 110.49 -76.93
N THR L 238 8.88 110.76 -77.84
CA THR L 238 8.51 110.96 -79.24
C THR L 238 7.97 109.70 -79.91
N SER L 239 8.18 108.52 -79.33
CA SER L 239 7.52 107.32 -79.85
C SER L 239 6.06 107.29 -79.47
N LEU L 240 5.74 107.71 -78.25
CA LEU L 240 4.35 107.74 -77.80
C LEU L 240 3.59 108.93 -78.38
N ARG L 241 4.27 110.04 -78.63
CA ARG L 241 3.58 111.26 -79.07
C ARG L 241 3.34 111.31 -80.57
N PHE L 242 4.04 110.49 -81.35
CA PHE L 242 3.87 110.52 -82.79
C PHE L 242 3.72 109.11 -83.34
N PRO L 243 2.84 108.92 -84.32
CA PRO L 243 2.70 107.59 -84.93
C PRO L 243 3.91 107.23 -85.78
N GLY L 244 4.19 105.94 -85.84
CA GLY L 244 5.34 105.46 -86.58
C GLY L 244 5.35 103.95 -86.65
N GLN L 245 6.48 103.43 -87.15
CA GLN L 245 6.67 101.98 -87.20
C GLN L 245 6.75 101.40 -85.79
N LEU L 246 7.59 101.97 -84.94
CA LEU L 246 7.68 101.59 -83.53
C LEU L 246 6.78 102.56 -82.76
N ASN L 247 5.55 102.13 -82.49
CA ASN L 247 4.66 102.92 -81.65
C ASN L 247 5.15 102.94 -80.20
N ALA L 248 5.47 101.75 -79.67
CA ALA L 248 5.99 101.55 -78.31
C ALA L 248 5.09 102.17 -77.25
N ASP L 249 3.77 102.02 -77.43
CA ASP L 249 2.79 102.63 -76.55
C ASP L 249 2.72 101.87 -75.24
N LEU L 250 3.70 102.15 -74.38
CA LEU L 250 3.80 101.70 -72.98
C LEU L 250 3.87 100.18 -72.85
N ARG L 251 2.80 99.48 -73.20
CA ARG L 251 2.81 98.03 -73.12
C ARG L 251 3.71 97.41 -74.19
N LYS L 252 3.73 97.98 -75.39
CA LYS L 252 4.62 97.51 -76.45
C LYS L 252 6.08 97.74 -76.08
N LEU L 253 6.38 98.88 -75.46
CA LEU L 253 7.73 99.17 -75.00
C LEU L 253 8.17 98.21 -73.90
N ALA L 254 7.23 97.83 -73.02
CA ALA L 254 7.55 96.88 -71.97
C ALA L 254 7.71 95.46 -72.53
N VAL L 255 6.96 95.12 -73.58
CA VAL L 255 7.12 93.81 -74.20
C VAL L 255 8.46 93.72 -74.94
N ASN L 256 8.85 94.80 -75.63
CA ASN L 256 10.11 94.81 -76.35
C ASN L 256 11.31 94.81 -75.41
N MET L 257 11.30 95.70 -74.42
CA MET L 257 12.53 96.03 -73.70
C MET L 257 12.75 95.24 -72.42
N VAL L 258 11.72 94.64 -71.85
CA VAL L 258 11.80 94.06 -70.51
C VAL L 258 11.71 92.55 -70.65
N PRO L 259 12.82 91.81 -70.45
CA PRO L 259 12.74 90.34 -70.49
C PRO L 259 12.34 89.69 -69.18
N PHE L 260 12.51 90.37 -68.05
CA PHE L 260 12.30 89.77 -66.75
C PHE L 260 11.63 90.77 -65.83
N PRO L 261 10.77 90.30 -64.91
CA PRO L 261 10.01 91.26 -64.07
C PRO L 261 10.84 92.03 -63.07
N ARG L 262 12.07 91.60 -62.79
CA ARG L 262 12.96 92.35 -61.91
C ARG L 262 13.97 93.20 -62.67
N LEU L 263 14.40 92.75 -63.85
CA LEU L 263 15.45 93.45 -64.60
C LEU L 263 14.85 94.42 -65.61
N HIS L 264 14.12 95.40 -65.10
CA HIS L 264 13.42 96.36 -65.95
C HIS L 264 13.92 97.78 -65.74
N PHE L 265 15.23 97.94 -65.56
CA PHE L 265 15.85 99.23 -65.33
C PHE L 265 16.53 99.70 -66.62
N PHE L 266 16.02 100.79 -67.18
CA PHE L 266 16.46 101.24 -68.50
C PHE L 266 17.72 102.09 -68.36
N MET L 267 18.12 102.74 -69.45
CA MET L 267 19.27 103.64 -69.45
C MET L 267 19.12 104.65 -70.58
N PRO L 268 18.31 105.70 -70.42
CA PRO L 268 18.11 106.65 -71.51
C PRO L 268 19.34 107.51 -71.77
N GLY L 269 19.43 108.00 -73.01
CA GLY L 269 20.54 108.84 -73.41
C GLY L 269 20.15 109.74 -74.56
N PHE L 270 20.92 110.80 -74.74
CA PHE L 270 20.64 111.80 -75.77
C PHE L 270 21.95 112.20 -76.43
N ALA L 271 22.09 111.93 -77.72
CA ALA L 271 23.36 112.15 -78.41
C ALA L 271 23.65 113.62 -78.71
N PRO L 272 22.75 114.42 -79.37
CA PRO L 272 23.18 115.83 -79.58
C PRO L 272 22.83 116.73 -78.40
N LEU L 273 23.57 116.57 -77.31
CA LEU L 273 23.33 117.33 -76.10
C LEU L 273 24.11 118.65 -76.15
N THR L 274 23.37 119.76 -76.15
CA THR L 274 23.96 121.10 -76.17
C THR L 274 23.26 121.97 -75.15
N ALA L 275 24.03 122.80 -74.45
CA ALA L 275 23.51 123.69 -73.43
C ALA L 275 22.80 124.88 -74.07
N ARG L 276 22.17 125.69 -73.22
CA ARG L 276 21.47 126.89 -73.67
C ARG L 276 22.44 127.96 -74.15
N ARG L 282 27.30 123.80 -85.54
CA ARG L 282 27.02 122.47 -85.02
C ARG L 282 26.47 121.56 -86.11
N ALA L 283 27.36 120.91 -86.86
CA ALA L 283 26.96 120.00 -87.91
C ALA L 283 26.39 118.71 -87.31
N LEU L 284 25.27 118.26 -87.84
CA LEU L 284 24.59 117.07 -87.37
C LEU L 284 24.41 116.10 -88.54
N SER L 285 24.85 114.86 -88.38
CA SER L 285 24.73 113.86 -89.42
C SER L 285 24.57 112.49 -88.75
N VAL L 286 24.38 111.47 -89.57
CA VAL L 286 24.04 110.13 -89.11
C VAL L 286 25.19 109.41 -88.38
N PRO L 287 26.40 109.23 -88.93
CA PRO L 287 27.38 108.39 -88.21
C PRO L 287 27.94 109.04 -86.96
N GLU L 288 28.06 110.37 -86.92
CA GLU L 288 28.48 111.03 -85.68
C GLU L 288 27.43 110.87 -84.59
N LEU L 289 26.14 110.95 -84.96
CA LEU L 289 25.07 110.74 -84.00
C LEU L 289 25.03 109.29 -83.51
N THR L 290 25.32 108.34 -84.41
CA THR L 290 25.33 106.93 -84.01
C THR L 290 26.51 106.60 -83.12
N GLN L 291 27.69 107.17 -83.41
CA GLN L 291 28.85 106.95 -82.56
C GLN L 291 28.78 107.72 -81.25
N GLN L 292 27.98 108.79 -81.20
CA GLN L 292 27.67 109.46 -79.95
C GLN L 292 26.52 108.81 -79.20
N MET L 293 25.78 107.91 -79.86
CA MET L 293 24.61 107.31 -79.23
C MET L 293 25.00 106.30 -78.17
N PHE L 294 26.01 105.48 -78.43
CA PHE L 294 26.39 104.39 -77.54
C PHE L 294 27.63 104.70 -76.70
N ASP L 295 28.02 105.97 -76.63
CA ASP L 295 29.17 106.35 -75.84
C ASP L 295 28.85 106.30 -74.35
N ALA L 296 29.88 105.96 -73.56
CA ALA L 296 29.72 105.92 -72.10
C ALA L 296 29.51 107.31 -71.53
N ARG L 297 30.22 108.31 -72.08
CA ARG L 297 30.10 109.68 -71.59
C ARG L 297 28.74 110.29 -71.92
N ASN L 298 28.14 109.91 -73.05
CA ASN L 298 26.90 110.53 -73.49
C ASN L 298 25.71 110.05 -72.69
N MET L 299 25.75 108.85 -72.14
CA MET L 299 24.59 108.27 -71.47
C MET L 299 24.34 108.94 -70.13
N MET L 300 23.06 109.00 -69.75
CA MET L 300 22.62 109.73 -68.57
C MET L 300 22.45 108.82 -67.36
N ALA L 301 23.25 107.75 -67.28
CA ALA L 301 23.34 106.94 -66.08
C ALA L 301 24.80 106.58 -65.86
N ALA L 302 25.22 106.58 -64.60
CA ALA L 302 26.63 106.38 -64.24
C ALA L 302 26.95 104.90 -64.39
N CYS L 303 27.22 104.51 -65.64
CA CYS L 303 27.41 103.12 -66.01
C CYS L 303 28.57 103.00 -66.97
N ASP L 304 29.08 101.79 -67.11
CA ASP L 304 30.12 101.48 -68.08
C ASP L 304 29.60 100.42 -69.04
N PRO L 305 29.17 100.80 -70.25
CA PRO L 305 28.61 99.81 -71.19
C PRO L 305 29.64 98.81 -71.71
N ARG L 306 30.93 99.08 -71.58
CA ARG L 306 31.94 98.11 -71.95
C ARG L 306 31.97 96.91 -70.99
N ARG L 307 31.49 97.08 -69.77
CA ARG L 307 31.45 96.00 -68.79
C ARG L 307 30.13 95.25 -68.79
N GLY L 308 29.17 95.64 -69.63
CA GLY L 308 27.87 95.00 -69.64
C GLY L 308 27.40 94.74 -71.05
N ARG L 309 26.26 94.05 -71.14
CA ARG L 309 25.69 93.63 -72.42
C ARG L 309 24.31 94.26 -72.58
N TYR L 310 24.07 94.86 -73.75
CA TYR L 310 22.78 95.45 -74.06
C TYR L 310 21.75 94.34 -74.28
N LEU L 311 20.79 94.21 -73.36
CA LEU L 311 19.74 93.21 -73.56
C LEU L 311 18.75 93.64 -74.63
N THR L 312 18.34 94.90 -74.61
CA THR L 312 17.45 95.45 -75.62
C THR L 312 17.84 96.90 -75.87
N VAL L 313 17.72 97.34 -77.13
CA VAL L 313 18.05 98.70 -77.53
C VAL L 313 16.91 99.22 -78.38
N ALA L 314 16.40 100.42 -78.05
CA ALA L 314 15.40 101.09 -78.89
C ALA L 314 15.94 102.47 -79.22
N CYS L 315 16.72 102.56 -80.30
CA CYS L 315 17.30 103.82 -80.73
C CYS L 315 16.31 104.53 -81.65
N ILE L 316 15.95 105.76 -81.30
CA ILE L 316 14.97 106.53 -82.04
C ILE L 316 15.64 107.79 -82.58
N PHE L 317 15.46 108.06 -83.87
CA PHE L 317 16.01 109.24 -84.51
C PHE L 317 14.89 110.24 -84.79
N ARG L 318 15.20 111.52 -84.63
CA ARG L 318 14.25 112.60 -84.89
C ARG L 318 14.88 113.59 -85.86
N GLY L 319 14.12 114.03 -86.85
CA GLY L 319 14.55 115.00 -87.82
C GLY L 319 14.39 114.48 -89.23
N ARG L 320 14.96 115.21 -90.18
CA ARG L 320 14.93 114.85 -91.59
C ARG L 320 16.23 114.14 -91.95
N MET L 321 16.20 112.80 -91.93
CA MET L 321 17.37 112.00 -92.23
C MET L 321 16.99 110.88 -93.18
N SER L 322 17.99 110.34 -93.87
CA SER L 322 17.80 109.19 -94.73
C SER L 322 17.75 107.92 -93.89
N THR L 323 16.67 107.14 -94.04
CA THR L 323 16.47 105.97 -93.20
C THR L 323 17.43 104.84 -93.57
N ARG L 324 17.79 104.74 -94.86
CA ARG L 324 18.72 103.70 -95.30
C ARG L 324 20.10 103.89 -94.71
N GLU L 325 20.58 105.13 -94.64
CA GLU L 325 21.89 105.40 -94.06
C GLU L 325 21.89 105.15 -92.56
N VAL L 326 20.77 105.46 -91.88
CA VAL L 326 20.64 105.20 -90.46
C VAL L 326 20.65 103.70 -90.19
N ASP L 327 19.92 102.93 -91.00
CA ASP L 327 19.89 101.47 -90.86
C ASP L 327 21.26 100.85 -91.15
N GLU L 328 21.95 101.34 -92.18
CA GLU L 328 23.28 100.84 -92.51
C GLU L 328 24.30 101.15 -91.41
N GLN L 329 24.25 102.38 -90.87
CA GLN L 329 25.17 102.76 -89.80
C GLN L 329 24.91 101.97 -88.52
N LEU L 330 23.64 101.76 -88.18
CA LEU L 330 23.33 101.00 -86.98
C LEU L 330 23.64 99.52 -87.14
N LEU L 331 23.47 98.98 -88.36
CA LEU L 331 23.87 97.60 -88.62
C LEU L 331 25.39 97.44 -88.54
N SER L 332 26.13 98.43 -89.05
CA SER L 332 27.59 98.41 -88.93
C SER L 332 28.04 98.52 -87.49
N VAL L 333 27.34 99.33 -86.69
CA VAL L 333 27.64 99.46 -85.27
C VAL L 333 27.36 98.14 -84.55
N GLN L 334 26.23 97.50 -84.87
CA GLN L 334 25.88 96.23 -84.22
C GLN L 334 26.83 95.11 -84.60
N THR L 335 27.29 95.08 -85.86
CA THR L 335 28.21 94.03 -86.27
C THR L 335 29.63 94.29 -85.77
N LYS L 336 30.05 95.56 -85.71
CA LYS L 336 31.38 95.89 -85.23
C LYS L 336 31.54 95.69 -83.74
N ASN L 337 30.45 95.70 -82.98
CA ASN L 337 30.46 95.61 -81.54
C ASN L 337 29.55 94.47 -81.08
N SER L 338 29.70 93.31 -81.72
CA SER L 338 28.85 92.16 -81.43
C SER L 338 29.14 91.54 -80.06
N SER L 339 30.29 91.84 -79.47
CA SER L 339 30.56 91.40 -78.11
C SER L 339 29.83 92.24 -77.06
N TYR L 340 29.32 93.41 -77.44
CA TYR L 340 28.63 94.28 -76.51
C TYR L 340 27.14 93.97 -76.41
N PHE L 341 26.62 93.13 -77.27
CA PHE L 341 25.21 92.75 -77.27
C PHE L 341 25.08 91.28 -76.93
N VAL L 342 23.94 90.91 -76.33
CA VAL L 342 23.69 89.51 -76.03
C VAL L 342 23.37 88.78 -77.33
N GLU L 343 23.90 87.57 -77.47
CA GLU L 343 23.68 86.77 -78.67
C GLU L 343 22.50 85.84 -78.54
N TRP L 344 21.88 85.73 -77.37
CA TRP L 344 20.72 84.89 -77.17
C TRP L 344 19.40 85.65 -77.30
N ILE L 345 19.45 86.95 -77.57
CA ILE L 345 18.27 87.72 -77.94
C ILE L 345 18.53 88.33 -79.32
N PRO L 346 18.05 87.70 -80.39
CA PRO L 346 18.35 88.19 -81.74
C PRO L 346 17.47 89.35 -82.15
N ASN L 347 18.08 90.25 -82.92
CA ASN L 347 17.48 91.50 -83.42
C ASN L 347 16.93 92.35 -82.28
N ASN L 348 17.85 92.76 -81.40
CA ASN L 348 17.51 93.51 -80.20
C ASN L 348 17.57 95.02 -80.40
N VAL L 349 17.88 95.49 -81.61
CA VAL L 349 17.97 96.92 -81.90
C VAL L 349 16.79 97.30 -82.78
N LYS L 350 15.93 98.17 -82.27
CA LYS L 350 14.77 98.66 -83.01
C LYS L 350 14.98 100.13 -83.33
N VAL L 351 14.82 100.47 -84.61
CA VAL L 351 15.09 101.82 -85.10
C VAL L 351 13.77 102.43 -85.59
N ALA L 352 13.49 103.65 -85.15
CA ALA L 352 12.35 104.41 -85.64
C ALA L 352 12.80 105.82 -85.97
N VAL L 353 12.17 106.40 -86.97
CA VAL L 353 12.54 107.73 -87.46
C VAL L 353 11.28 108.59 -87.47
N CYS L 354 11.33 109.71 -86.74
CA CYS L 354 10.26 110.70 -86.73
C CYS L 354 10.73 111.96 -87.45
N ASP L 355 9.85 112.54 -88.25
CA ASP L 355 10.21 113.69 -89.07
C ASP L 355 10.20 115.01 -88.32
N ILE L 356 9.67 115.05 -87.10
CA ILE L 356 9.53 116.29 -86.34
C ILE L 356 10.67 116.34 -85.31
N PRO L 357 11.64 117.23 -85.45
CA PRO L 357 12.71 117.32 -84.47
C PRO L 357 12.29 118.15 -83.28
N PRO L 358 12.96 118.01 -82.14
CA PRO L 358 12.74 118.94 -81.02
C PRO L 358 13.18 120.34 -81.38
N ARG L 359 12.53 121.33 -80.76
CA ARG L 359 12.81 122.72 -81.05
C ARG L 359 14.20 123.10 -80.54
N GLY L 360 14.95 123.83 -81.37
CA GLY L 360 16.32 124.17 -81.08
C GLY L 360 17.34 123.23 -81.68
N LEU L 361 16.92 122.07 -82.18
CA LEU L 361 17.81 121.08 -82.75
C LEU L 361 17.31 120.67 -84.13
N LYS L 362 18.23 120.58 -85.09
CA LYS L 362 17.85 120.11 -86.43
C LYS L 362 17.63 118.60 -86.43
N MET L 363 18.50 117.86 -85.74
CA MET L 363 18.38 116.41 -85.65
C MET L 363 18.56 115.98 -84.21
N ALA L 364 17.94 114.85 -83.86
CA ALA L 364 18.02 114.30 -82.52
C ALA L 364 18.22 112.79 -82.59
N ALA L 365 18.76 112.25 -81.51
CA ALA L 365 19.08 110.82 -81.45
C ALA L 365 18.94 110.36 -80.00
N THR L 366 17.87 109.64 -79.70
CA THR L 366 17.56 109.21 -78.34
C THR L 366 17.58 107.69 -78.26
N PHE L 367 18.27 107.17 -77.26
CA PHE L 367 18.46 105.74 -77.09
C PHE L 367 17.90 105.30 -75.74
N ILE L 368 17.19 104.18 -75.74
CA ILE L 368 16.72 103.53 -74.52
C ILE L 368 17.33 102.13 -74.49
N GLY L 369 17.85 101.71 -73.35
CA GLY L 369 18.47 100.41 -73.28
C GLY L 369 18.42 99.73 -71.93
N ASN L 370 18.12 98.44 -71.93
CA ASN L 370 18.20 97.63 -70.71
C ASN L 370 19.56 96.95 -70.61
N ASN L 371 20.60 97.76 -70.51
CA ASN L 371 21.96 97.26 -70.40
C ASN L 371 22.19 96.65 -69.02
N THR L 372 23.15 95.71 -68.96
CA THR L 372 23.56 95.11 -67.70
C THR L 372 24.46 96.04 -66.89
N ALA L 373 24.95 97.13 -67.51
CA ALA L 373 25.79 98.10 -66.83
C ALA L 373 25.07 98.92 -65.77
N ILE L 374 23.74 98.85 -65.71
CA ILE L 374 22.98 99.51 -64.65
C ILE L 374 23.20 98.87 -63.28
N GLN L 375 23.75 97.66 -63.22
CA GLN L 375 24.04 97.05 -61.93
C GLN L 375 25.21 97.70 -61.22
N GLU L 376 26.03 98.47 -61.94
CA GLU L 376 27.05 99.29 -61.28
C GLU L 376 26.42 100.38 -60.43
N LEU L 377 25.32 100.96 -60.91
CA LEU L 377 24.60 101.98 -60.14
C LEU L 377 23.97 101.39 -58.88
N PHE L 378 23.38 100.20 -58.98
CA PHE L 378 22.79 99.54 -57.83
C PHE L 378 23.83 98.85 -56.96
N ILE L 379 25.09 98.82 -57.37
CA ILE L 379 26.19 98.46 -56.48
C ILE L 379 26.73 99.69 -55.76
N ARG L 380 26.82 100.81 -56.48
CA ARG L 380 27.29 102.07 -55.89
C ARG L 380 26.34 102.59 -54.82
N VAL L 381 25.04 102.61 -55.10
CA VAL L 381 24.06 103.09 -54.13
C VAL L 381 23.95 102.12 -52.96
N SER L 382 24.05 100.82 -53.22
CA SER L 382 23.99 99.85 -52.12
C SER L 382 25.25 99.89 -51.26
N GLU L 383 26.41 100.19 -51.83
CA GLU L 383 27.62 100.27 -51.03
C GLU L 383 27.72 101.59 -50.28
N GLN L 384 27.10 102.65 -50.78
CA GLN L 384 26.92 103.84 -49.95
C GLN L 384 25.91 103.60 -48.85
N PHE L 385 24.90 102.77 -49.12
CA PHE L 385 23.95 102.35 -48.10
C PHE L 385 24.60 101.48 -47.06
N SER L 386 25.59 100.66 -47.44
CA SER L 386 26.26 99.81 -46.48
C SER L 386 27.11 100.60 -45.50
N ALA L 387 27.77 101.66 -45.99
CA ALA L 387 28.55 102.54 -45.12
C ALA L 387 27.69 103.43 -44.26
N MET L 388 26.40 103.55 -44.55
CA MET L 388 25.49 104.33 -43.74
C MET L 388 24.61 103.47 -42.84
N PHE L 389 24.61 102.16 -43.01
CA PHE L 389 23.83 101.26 -42.17
C PHE L 389 24.69 100.47 -41.19
N ARG L 390 25.99 100.31 -41.46
CA ARG L 390 26.85 99.63 -40.51
C ARG L 390 27.14 100.49 -39.28
N ARG L 391 26.94 101.80 -39.37
CA ARG L 391 27.09 102.69 -38.23
C ARG L 391 25.79 103.38 -37.84
N LYS L 392 24.67 103.02 -38.47
CA LYS L 392 23.31 103.41 -38.06
C LYS L 392 23.10 104.93 -38.03
N ALA L 393 23.64 105.62 -39.02
CA ALA L 393 23.50 107.08 -39.08
C ALA L 393 22.06 107.45 -39.42
N PHE L 394 21.47 108.30 -38.59
CA PHE L 394 20.09 108.80 -38.71
C PHE L 394 19.05 107.69 -38.73
N LEU L 395 19.36 106.54 -38.11
CA LEU L 395 18.40 105.44 -38.04
C LEU L 395 17.29 105.69 -37.03
N HIS L 396 17.49 106.62 -36.09
CA HIS L 396 16.45 106.90 -35.10
C HIS L 396 15.28 107.66 -35.70
N TRP L 397 15.49 108.37 -36.81
CA TRP L 397 14.40 109.09 -37.46
C TRP L 397 13.42 108.13 -38.10
N TYR L 398 13.93 107.18 -38.88
CA TYR L 398 13.06 106.29 -39.64
C TYR L 398 12.44 105.21 -38.75
N THR L 399 13.21 104.67 -37.81
CA THR L 399 12.70 103.62 -36.95
C THR L 399 11.71 104.14 -35.92
N GLY L 400 11.68 105.45 -35.67
CA GLY L 400 10.70 106.02 -34.78
C GLY L 400 9.35 106.28 -35.41
N GLU L 401 9.24 106.14 -36.73
CA GLU L 401 7.99 106.32 -37.45
C GLU L 401 7.23 105.01 -37.65
N GLY L 402 7.64 103.94 -36.96
CA GLY L 402 7.03 102.65 -37.11
C GLY L 402 7.72 101.72 -38.09
N MET L 403 8.72 102.22 -38.82
CA MET L 403 9.49 101.35 -39.71
C MET L 403 10.36 100.42 -38.88
N ASP L 404 10.30 99.13 -39.20
CA ASP L 404 11.21 98.19 -38.56
C ASP L 404 12.62 98.36 -39.12
N GLU L 405 13.61 97.94 -38.34
CA GLU L 405 14.98 97.92 -38.84
C GLU L 405 15.26 96.73 -39.74
N MET L 406 14.36 95.75 -39.78
CA MET L 406 14.48 94.65 -40.74
C MET L 406 14.08 95.07 -42.15
N GLU L 407 13.42 96.22 -42.29
CA GLU L 407 13.06 96.73 -43.61
C GLU L 407 14.28 97.12 -44.42
N PHE L 408 15.27 97.74 -43.78
CA PHE L 408 16.52 98.09 -44.45
C PHE L 408 17.30 96.84 -44.84
N SER L 409 17.27 95.82 -43.99
CA SER L 409 17.94 94.55 -44.31
C SER L 409 17.25 93.85 -45.47
N GLU L 410 15.91 93.90 -45.52
CA GLU L 410 15.15 93.32 -46.62
C GLU L 410 15.44 94.05 -47.93
N ALA L 411 15.50 95.38 -47.89
CA ALA L 411 15.81 96.15 -49.09
C ALA L 411 17.23 95.90 -49.58
N GLU L 412 18.18 95.81 -48.65
CA GLU L 412 19.56 95.50 -49.02
C GLU L 412 19.69 94.09 -49.60
N GLY L 413 18.97 93.12 -49.02
CA GLY L 413 18.99 91.77 -49.55
C GLY L 413 18.34 91.66 -50.92
N ASN L 414 17.26 92.42 -51.15
CA ASN L 414 16.62 92.40 -52.46
C ASN L 414 17.50 93.06 -53.53
N THR L 415 18.17 94.16 -53.17
CA THR L 415 19.07 94.78 -54.15
C THR L 415 20.30 93.92 -54.41
N ASN L 416 20.81 93.22 -53.39
CA ASN L 416 21.93 92.30 -53.62
C ASN L 416 21.51 91.10 -54.45
N ASP L 417 20.27 90.63 -54.27
CA ASP L 417 19.75 89.55 -55.12
C ASP L 417 19.58 90.03 -56.56
N LEU L 418 19.16 91.28 -56.75
CA LEU L 418 19.06 91.84 -58.09
C LEU L 418 20.43 91.95 -58.75
N VAL L 419 21.44 92.37 -57.99
CA VAL L 419 22.81 92.44 -58.50
C VAL L 419 23.34 91.05 -58.86
N SER L 420 23.05 90.06 -58.01
CA SER L 420 23.47 88.69 -58.27
C SER L 420 22.79 88.12 -59.51
N GLU L 421 21.50 88.39 -59.70
CA GLU L 421 20.80 87.90 -60.88
C GLU L 421 21.26 88.61 -62.15
N TYR L 422 21.56 89.91 -62.05
CA TYR L 422 22.13 90.66 -63.17
C TYR L 422 23.47 90.08 -63.59
N GLN L 423 24.35 89.79 -62.63
CA GLN L 423 25.66 89.22 -62.95
C GLN L 423 25.54 87.80 -63.47
N GLN L 424 24.61 87.02 -62.93
CA GLN L 424 24.39 85.64 -63.38
C GLN L 424 23.88 85.61 -64.82
N TYR L 425 22.94 86.49 -65.17
CA TYR L 425 22.47 86.54 -66.55
C TYR L 425 23.44 87.24 -67.48
N GLN L 426 24.37 88.04 -66.95
CA GLN L 426 25.44 88.54 -67.79
C GLN L 426 26.48 87.47 -68.11
N ASP L 427 26.75 86.58 -67.13
CA ASP L 427 27.76 85.55 -67.33
C ASP L 427 27.29 84.45 -68.28
N ALA L 428 26.00 84.28 -68.46
CA ALA L 428 25.50 83.26 -69.36
C ALA L 428 25.69 83.68 -70.82
N THR L 429 26.03 82.71 -71.66
CA THR L 429 26.27 82.95 -73.08
C THR L 429 25.50 81.94 -73.91
N ALA L 430 25.13 82.35 -75.12
CA ALA L 430 24.39 81.48 -76.03
C ALA L 430 25.31 80.41 -76.62
N MET M 1 -23.28 80.87 -107.00
CA MET M 1 -23.57 79.59 -106.37
C MET M 1 -22.54 79.28 -105.28
N ARG M 2 -21.43 80.01 -105.29
CA ARG M 2 -20.36 79.84 -104.32
C ARG M 2 -19.96 81.19 -103.77
N GLU M 3 -19.63 81.22 -102.48
CA GLU M 3 -19.25 82.45 -101.80
C GLU M 3 -17.98 82.23 -101.00
N CYS M 4 -17.21 83.30 -100.82
CA CYS M 4 -16.04 83.28 -99.94
C CYS M 4 -16.07 84.51 -99.06
N ILE M 5 -15.76 84.32 -97.78
CA ILE M 5 -15.79 85.38 -96.78
C ILE M 5 -14.35 85.67 -96.38
N SER M 6 -13.84 86.84 -96.76
CA SER M 6 -12.49 87.23 -96.41
C SER M 6 -12.43 87.73 -94.98
N ILE M 7 -11.42 87.26 -94.25
CA ILE M 7 -11.21 87.65 -92.86
C ILE M 7 -9.82 88.27 -92.74
N HIS M 8 -9.76 89.48 -92.21
CA HIS M 8 -8.50 90.18 -91.97
C HIS M 8 -8.34 90.44 -90.49
N VAL M 9 -7.28 89.89 -89.90
CA VAL M 9 -6.96 90.09 -88.49
C VAL M 9 -5.64 90.85 -88.40
N GLY M 10 -5.58 91.83 -87.51
CA GLY M 10 -4.38 92.61 -87.30
C GLY M 10 -4.29 93.81 -88.21
N GLN M 11 -3.32 94.68 -87.90
CA GLN M 11 -3.06 95.86 -88.70
C GLN M 11 -2.55 95.48 -90.10
N ALA M 12 -1.65 94.50 -90.16
CA ALA M 12 -1.16 94.00 -91.44
C ALA M 12 -2.28 93.37 -92.26
N GLY M 13 -3.14 92.58 -91.60
CA GLY M 13 -4.26 91.99 -92.30
C GLY M 13 -5.25 93.01 -92.82
N VAL M 14 -5.54 94.05 -92.03
CA VAL M 14 -6.47 95.08 -92.44
C VAL M 14 -5.92 95.90 -93.60
N GLN M 15 -4.64 96.30 -93.53
CA GLN M 15 -4.04 97.08 -94.60
C GLN M 15 -3.89 96.27 -95.89
N ILE M 16 -3.48 95.01 -95.77
CA ILE M 16 -3.37 94.12 -96.94
C ILE M 16 -4.73 93.86 -97.55
N GLY M 17 -5.75 93.66 -96.72
CA GLY M 17 -7.10 93.45 -97.24
C GLY M 17 -7.67 94.67 -97.93
N ASN M 18 -7.41 95.86 -97.38
CA ASN M 18 -7.87 97.09 -98.03
C ASN M 18 -7.19 97.29 -99.38
N ALA M 19 -5.87 97.06 -99.45
CA ALA M 19 -5.17 97.17 -100.72
C ALA M 19 -5.64 96.12 -101.72
N CYS M 20 -5.91 94.90 -101.25
CA CYS M 20 -6.35 93.83 -102.12
C CYS M 20 -7.76 94.08 -102.65
N TRP M 21 -8.67 94.58 -101.80
CA TRP M 21 -10.01 94.89 -102.29
C TRP M 21 -10.02 96.10 -103.20
N GLU M 22 -9.11 97.05 -102.98
CA GLU M 22 -8.92 98.14 -103.93
C GLU M 22 -8.46 97.63 -105.29
N LEU M 23 -7.52 96.68 -105.30
CA LEU M 23 -7.06 96.11 -106.55
C LEU M 23 -8.12 95.21 -107.20
N TYR M 24 -8.98 94.59 -106.40
CA TYR M 24 -10.07 93.79 -106.96
C TYR M 24 -11.13 94.68 -107.60
N CYS M 25 -11.43 95.82 -106.97
CA CYS M 25 -12.32 96.79 -107.59
C CYS M 25 -11.69 97.41 -108.84
N LEU M 26 -10.37 97.56 -108.86
CA LEU M 26 -9.70 98.08 -110.03
C LEU M 26 -9.70 97.09 -111.19
N GLU M 27 -9.45 95.80 -110.89
CA GLU M 27 -9.32 94.80 -111.95
C GLU M 27 -10.68 94.44 -112.54
N HIS M 28 -11.71 94.34 -111.71
CA HIS M 28 -13.04 93.97 -112.18
C HIS M 28 -13.82 95.16 -112.72
N GLY M 29 -13.26 96.37 -112.67
CA GLY M 29 -13.97 97.54 -113.16
C GLY M 29 -15.09 98.02 -112.26
N ILE M 30 -15.10 97.60 -111.00
CA ILE M 30 -16.10 98.07 -110.04
C ILE M 30 -15.73 99.47 -109.59
N GLN M 31 -16.71 100.36 -109.58
CA GLN M 31 -16.49 101.72 -109.10
C GLN M 31 -16.25 101.72 -107.58
N PRO M 32 -15.47 102.68 -107.08
CA PRO M 32 -15.20 102.73 -105.63
C PRO M 32 -16.42 102.96 -104.76
N ASP M 33 -17.47 103.58 -105.29
CA ASP M 33 -18.69 103.77 -104.49
C ASP M 33 -19.49 102.49 -104.33
N GLY M 34 -19.28 101.51 -105.21
CA GLY M 34 -19.93 100.22 -105.12
C GLY M 34 -20.71 99.80 -106.36
N GLN M 35 -21.04 100.74 -107.24
CA GLN M 35 -21.78 100.40 -108.44
C GLN M 35 -20.86 99.82 -109.50
N MET M 36 -21.47 99.26 -110.54
CA MET M 36 -20.75 98.69 -111.66
C MET M 36 -21.31 99.28 -112.96
N PRO M 37 -20.46 99.76 -113.88
CA PRO M 37 -20.97 100.31 -115.13
C PRO M 37 -21.61 99.29 -116.06
N SER M 38 -20.91 98.19 -116.32
CA SER M 38 -21.30 97.23 -117.34
C SER M 38 -22.11 96.06 -116.80
N ASP M 39 -21.66 95.42 -115.73
CA ASP M 39 -22.23 94.16 -115.27
C ASP M 39 -23.45 94.35 -114.38
N LYS M 40 -23.87 95.58 -114.09
CA LYS M 40 -25.05 95.83 -113.28
C LYS M 40 -26.34 95.84 -114.11
N THR M 41 -26.25 95.62 -115.43
CA THR M 41 -27.43 95.50 -116.25
C THR M 41 -28.25 94.27 -115.87
N ILE M 42 -27.57 93.16 -115.55
CA ILE M 42 -28.26 91.97 -115.07
C ILE M 42 -28.85 92.23 -113.69
N GLY M 43 -28.06 92.79 -112.78
CA GLY M 43 -28.52 93.04 -111.43
C GLY M 43 -28.43 91.87 -110.49
N GLY M 44 -28.02 90.70 -110.97
CA GLY M 44 -27.91 89.51 -110.16
C GLY M 44 -26.48 89.05 -109.97
N GLY M 45 -26.35 87.91 -109.29
CA GLY M 45 -25.06 87.31 -109.01
C GLY M 45 -24.59 86.38 -110.10
N ASP M 46 -23.80 85.39 -109.68
CA ASP M 46 -23.13 84.34 -110.46
C ASP M 46 -22.51 84.84 -111.78
N ASP M 47 -21.88 86.01 -111.73
CA ASP M 47 -21.23 86.60 -112.90
C ASP M 47 -19.71 86.54 -112.79
N SER M 48 -19.20 85.47 -112.16
CA SER M 48 -17.79 85.10 -111.92
C SER M 48 -17.11 85.96 -110.87
N PHE M 49 -17.77 86.98 -110.33
CA PHE M 49 -17.27 87.69 -109.16
C PHE M 49 -18.17 87.51 -107.95
N ASN M 50 -19.16 86.61 -108.03
CA ASN M 50 -20.04 86.33 -106.90
C ASN M 50 -19.36 85.49 -105.82
N THR M 51 -18.18 84.94 -106.10
CA THR M 51 -17.42 84.26 -105.05
C THR M 51 -16.90 85.23 -104.02
N PHE M 52 -16.66 86.49 -104.41
CA PHE M 52 -16.15 87.51 -103.51
C PHE M 52 -17.14 88.63 -103.23
N PHE M 53 -17.82 89.13 -104.25
CA PHE M 53 -18.63 90.34 -104.14
C PHE M 53 -20.11 89.97 -104.00
N SER M 54 -20.78 90.62 -103.05
CA SER M 54 -22.21 90.44 -102.83
C SER M 54 -22.95 91.68 -103.29
N GLU M 55 -24.14 91.48 -103.87
CA GLU M 55 -24.99 92.56 -104.34
C GLU M 55 -26.15 92.77 -103.38
N THR M 56 -26.35 94.01 -102.96
CA THR M 56 -27.46 94.37 -102.09
C THR M 56 -28.70 94.68 -102.92
N GLY M 57 -29.75 95.16 -102.26
CA GLY M 57 -30.96 95.53 -102.97
C GLY M 57 -30.83 96.80 -103.79
N ALA M 58 -29.88 97.66 -103.45
CA ALA M 58 -29.64 98.91 -104.19
C ALA M 58 -28.66 98.74 -105.34
N GLY M 59 -28.17 97.52 -105.58
CA GLY M 59 -27.22 97.29 -106.64
C GLY M 59 -25.77 97.55 -106.27
N LYS M 60 -25.49 97.84 -105.01
CA LYS M 60 -24.11 98.10 -104.58
C LYS M 60 -23.36 96.78 -104.45
N HIS M 61 -22.15 96.74 -105.00
CA HIS M 61 -21.31 95.54 -104.94
C HIS M 61 -20.41 95.65 -103.71
N VAL M 62 -20.99 95.37 -102.56
CA VAL M 62 -20.23 95.36 -101.31
C VAL M 62 -19.45 94.05 -101.22
N PRO M 63 -18.14 94.10 -100.96
CA PRO M 63 -17.37 92.86 -100.80
C PRO M 63 -17.75 92.13 -99.51
N ARG M 64 -17.60 90.80 -99.55
CA ARG M 64 -17.84 89.96 -98.40
C ARG M 64 -16.57 89.91 -97.54
N ALA M 65 -16.32 91.03 -96.86
CA ALA M 65 -15.09 91.23 -96.11
C ALA M 65 -15.39 91.50 -94.64
N VAL M 66 -14.60 90.91 -93.77
CA VAL M 66 -14.64 91.17 -92.33
C VAL M 66 -13.29 91.74 -91.93
N PHE M 67 -13.29 92.99 -91.46
CA PHE M 67 -12.08 93.64 -90.98
C PHE M 67 -12.13 93.64 -89.45
N VAL M 68 -11.28 92.82 -88.83
CA VAL M 68 -11.21 92.72 -87.38
C VAL M 68 -9.82 93.14 -86.93
N ASP M 69 -9.76 94.05 -85.97
CA ASP M 69 -8.51 94.45 -85.36
C ASP M 69 -8.81 94.99 -83.97
N LEU M 70 -7.85 94.84 -83.06
CA LEU M 70 -8.01 95.32 -81.70
C LEU M 70 -7.60 96.78 -81.55
N GLU M 71 -7.18 97.43 -82.63
CA GLU M 71 -6.92 98.86 -82.67
C GLU M 71 -7.82 99.50 -83.72
N PRO M 72 -8.61 100.52 -83.36
CA PRO M 72 -9.57 101.08 -84.32
C PRO M 72 -8.99 102.11 -85.27
N THR M 73 -7.67 102.35 -85.22
CA THR M 73 -7.06 103.37 -86.08
C THR M 73 -7.11 102.98 -87.55
N VAL M 74 -6.68 101.76 -87.88
CA VAL M 74 -6.69 101.30 -89.26
C VAL M 74 -8.12 101.08 -89.75
N ILE M 75 -9.02 100.67 -88.87
CA ILE M 75 -10.43 100.51 -89.24
C ILE M 75 -11.05 101.85 -89.58
N ASP M 76 -10.76 102.88 -88.79
CA ASP M 76 -11.24 104.22 -89.11
C ASP M 76 -10.55 104.78 -90.35
N GLU M 77 -9.30 104.37 -90.60
CA GLU M 77 -8.61 104.78 -91.83
C GLU M 77 -9.29 104.18 -93.07
N VAL M 78 -9.73 102.92 -92.99
CA VAL M 78 -10.48 102.32 -94.08
C VAL M 78 -11.87 102.97 -94.18
N ARG M 79 -12.49 103.28 -93.04
CA ARG M 79 -13.79 103.93 -93.00
C ARG M 79 -13.75 105.39 -93.43
N THR M 80 -12.57 105.98 -93.56
CA THR M 80 -12.44 107.37 -93.99
C THR M 80 -11.67 107.53 -95.30
N GLY M 81 -10.59 106.78 -95.49
CA GLY M 81 -9.82 106.86 -96.70
C GLY M 81 -9.56 105.52 -97.34
N TYR M 83 -14.85 103.79 -100.35
CA TYR M 83 -14.34 103.01 -99.24
C TYR M 83 -15.32 103.01 -98.07
N ARG M 84 -15.79 104.21 -97.71
CA ARG M 84 -16.74 104.36 -96.60
C ARG M 84 -18.10 103.77 -96.95
N GLN M 85 -18.63 104.13 -98.13
CA GLN M 85 -19.86 103.53 -98.61
C GLN M 85 -19.64 102.14 -99.19
N LEU M 86 -18.40 101.81 -99.54
CA LEU M 86 -18.11 100.48 -100.08
C LEU M 86 -18.21 99.41 -99.02
N PHE M 87 -17.62 99.65 -97.85
CA PHE M 87 -17.62 98.69 -96.76
C PHE M 87 -18.67 99.10 -95.74
N HIS M 88 -19.57 98.18 -95.41
CA HIS M 88 -20.58 98.46 -94.39
C HIS M 88 -19.94 98.54 -93.02
N PRO M 89 -20.35 99.50 -92.18
CA PRO M 89 -19.77 99.59 -90.83
C PRO M 89 -20.16 98.46 -89.89
N GLU M 90 -21.21 97.70 -90.22
CA GLU M 90 -21.62 96.61 -89.35
C GLU M 90 -20.63 95.45 -89.37
N GLN M 91 -20.02 95.19 -90.54
CA GLN M 91 -19.09 94.09 -90.67
C GLN M 91 -17.66 94.44 -90.30
N LEU M 92 -17.37 95.72 -90.06
CA LEU M 92 -16.02 96.14 -89.65
C LEU M 92 -15.98 96.19 -88.12
N ILE M 93 -15.32 95.20 -87.52
CA ILE M 93 -15.26 95.05 -86.07
C ILE M 93 -13.96 95.67 -85.58
N THR M 94 -14.07 96.58 -84.61
CA THR M 94 -12.93 97.21 -83.96
C THR M 94 -12.73 96.62 -82.57
N GLY M 95 -11.60 96.98 -81.96
CA GLY M 95 -11.32 96.58 -80.60
C GLY M 95 -10.78 97.75 -79.80
N LYS M 96 -10.74 97.55 -78.48
CA LYS M 96 -10.37 98.62 -77.56
C LYS M 96 -8.87 98.60 -77.26
N GLU M 97 -8.38 97.49 -76.73
CA GLU M 97 -6.99 97.36 -76.30
C GLU M 97 -6.26 96.37 -77.19
N ASP M 98 -5.06 96.74 -77.62
CA ASP M 98 -4.26 95.84 -78.43
C ASP M 98 -3.64 94.75 -77.57
N ALA M 99 -3.26 93.64 -78.23
CA ALA M 99 -2.55 92.59 -77.52
C ALA M 99 -1.07 92.89 -77.36
N ALA M 100 -0.57 93.87 -78.13
CA ALA M 100 0.75 94.48 -77.95
C ALA M 100 1.89 93.46 -78.03
N ASN M 101 1.97 92.82 -79.21
CA ASN M 101 3.00 91.83 -79.55
C ASN M 101 3.05 90.66 -78.57
N ASN M 102 1.87 90.22 -78.12
CA ASN M 102 1.77 89.09 -77.22
C ASN M 102 0.73 88.12 -77.75
N TYR M 103 1.12 86.86 -77.90
CA TYR M 103 0.17 85.84 -78.36
C TYR M 103 -0.87 85.53 -77.30
N ALA M 104 -0.44 85.40 -76.04
CA ALA M 104 -1.34 84.98 -74.97
C ALA M 104 -2.37 86.07 -74.66
N ARG M 105 -2.01 87.33 -74.85
CA ARG M 105 -2.96 88.42 -74.65
C ARG M 105 -4.09 88.36 -75.69
N GLY M 106 -3.74 88.12 -76.95
CA GLY M 106 -4.77 87.97 -77.96
C GLY M 106 -5.47 86.63 -77.97
N HIS M 107 -4.96 85.65 -77.22
CA HIS M 107 -5.51 84.31 -77.23
C HIS M 107 -6.30 83.94 -75.97
N TYR M 108 -6.08 84.62 -74.85
CA TYR M 108 -6.72 84.17 -73.63
C TYR M 108 -7.53 85.24 -72.92
N THR M 109 -7.09 86.50 -72.92
CA THR M 109 -7.75 87.55 -72.16
C THR M 109 -8.38 88.62 -73.03
N ILE M 110 -7.63 89.24 -73.93
CA ILE M 110 -8.16 90.37 -74.68
C ILE M 110 -9.00 89.89 -75.85
N GLY M 111 -8.57 88.84 -76.54
CA GLY M 111 -9.35 88.30 -77.63
C GLY M 111 -10.56 87.50 -77.18
N LYS M 112 -10.54 86.97 -75.96
CA LYS M 112 -11.66 86.17 -75.47
C LYS M 112 -12.86 87.02 -75.11
N GLU M 113 -12.68 88.31 -74.85
CA GLU M 113 -13.80 89.21 -74.57
C GLU M 113 -14.46 89.73 -75.84
N ILE M 114 -13.91 89.41 -77.01
CA ILE M 114 -14.42 89.93 -78.28
C ILE M 114 -14.66 88.83 -79.30
N ILE M 115 -14.33 87.58 -78.98
CA ILE M 115 -14.44 86.48 -79.94
C ILE M 115 -15.89 86.16 -80.26
N ASP M 116 -16.81 86.35 -79.30
CA ASP M 116 -18.21 86.00 -79.52
C ASP M 116 -18.88 86.96 -80.49
N LEU M 117 -18.56 88.25 -80.42
CA LEU M 117 -19.11 89.22 -81.36
C LEU M 117 -18.62 88.98 -82.77
N VAL M 118 -17.33 88.62 -82.91
CA VAL M 118 -16.78 88.32 -84.22
C VAL M 118 -17.38 87.04 -84.79
N LEU M 119 -17.63 86.04 -83.93
CA LEU M 119 -18.30 84.82 -84.36
C LEU M 119 -19.74 85.10 -84.80
N ASP M 120 -20.44 85.98 -84.07
CA ASP M 120 -21.79 86.35 -84.45
C ASP M 120 -21.83 87.11 -85.78
N ARG M 121 -20.85 87.99 -85.99
CA ARG M 121 -20.76 88.71 -87.27
C ARG M 121 -20.40 87.75 -88.41
N ILE M 122 -19.57 86.74 -88.13
CA ILE M 122 -19.22 85.73 -89.13
C ILE M 122 -20.46 84.91 -89.51
N ARG M 123 -21.26 84.53 -88.51
CA ARG M 123 -22.50 83.79 -88.79
C ARG M 123 -23.51 84.65 -89.52
N LYS M 124 -23.57 85.95 -89.19
CA LYS M 124 -24.47 86.87 -89.88
C LYS M 124 -24.08 87.05 -91.34
N LEU M 125 -22.77 87.13 -91.63
CA LEU M 125 -22.35 87.23 -93.01
C LEU M 125 -22.48 85.91 -93.75
N ALA M 126 -22.36 84.78 -93.04
CA ALA M 126 -22.54 83.48 -93.65
C ALA M 126 -24.01 83.12 -93.89
N ASP M 127 -24.93 83.81 -93.21
CA ASP M 127 -26.35 83.57 -93.45
C ASP M 127 -26.78 84.05 -94.83
N GLN M 128 -26.12 85.09 -95.36
CA GLN M 128 -26.38 85.53 -96.71
C GLN M 128 -25.78 84.61 -97.76
N CYS M 129 -24.83 83.76 -97.37
CA CYS M 129 -24.18 82.84 -98.29
C CYS M 129 -24.87 81.48 -98.24
N THR M 130 -25.27 80.98 -99.41
CA THR M 130 -25.95 79.70 -99.50
C THR M 130 -25.06 78.55 -99.93
N GLY M 131 -23.99 78.84 -100.67
CA GLY M 131 -23.10 77.80 -101.16
C GLY M 131 -21.64 78.10 -100.86
N LEU M 132 -21.38 78.67 -99.68
CA LEU M 132 -20.06 79.17 -99.32
C LEU M 132 -19.03 78.04 -99.23
N GLN M 133 -17.81 78.31 -99.65
CA GLN M 133 -16.73 77.34 -99.63
C GLN M 133 -15.93 77.39 -98.35
N GLY M 134 -15.54 78.59 -97.92
CA GLY M 134 -14.72 78.72 -96.74
C GLY M 134 -14.32 80.16 -96.52
N PHE M 135 -13.19 80.33 -95.84
CA PHE M 135 -12.74 81.66 -95.43
C PHE M 135 -11.28 81.87 -95.82
N LEU M 136 -10.95 83.12 -96.13
CA LEU M 136 -9.57 83.55 -96.36
C LEU M 136 -9.14 84.33 -95.13
N VAL M 137 -8.23 83.74 -94.35
CA VAL M 137 -7.73 84.39 -93.14
C VAL M 137 -6.50 85.21 -93.52
N PHE M 138 -6.61 86.53 -93.36
CA PHE M 138 -5.48 87.44 -93.53
C PHE M 138 -4.98 87.82 -92.14
N HIS M 139 -3.72 87.53 -91.86
CA HIS M 139 -3.13 87.88 -90.57
C HIS M 139 -1.62 88.02 -90.74
N SER M 140 -0.92 88.20 -89.63
CA SER M 140 0.52 88.30 -89.61
C SER M 140 1.07 87.52 -88.42
N PHE M 141 2.24 86.90 -88.61
CA PHE M 141 2.78 86.02 -87.60
C PHE M 141 3.38 86.79 -86.43
N GLY M 142 3.87 88.01 -86.68
CA GLY M 142 4.63 88.72 -85.66
C GLY M 142 3.80 89.40 -84.59
N GLY M 143 2.60 89.86 -84.94
CA GLY M 143 1.83 90.68 -84.04
C GLY M 143 1.19 89.91 -82.91
N GLY M 144 0.45 90.65 -82.08
CA GLY M 144 -0.25 90.06 -80.96
C GLY M 144 -1.68 89.72 -81.29
N THR M 145 -2.35 90.64 -82.00
CA THR M 145 -3.70 90.37 -82.47
C THR M 145 -3.69 89.31 -83.57
N GLY M 146 -2.80 89.47 -84.56
CA GLY M 146 -2.73 88.63 -85.74
C GLY M 146 -2.23 87.22 -85.49
N SER M 147 -1.79 86.91 -84.27
CA SER M 147 -1.48 85.55 -83.87
C SER M 147 -2.49 84.99 -82.88
N GLY M 148 -2.75 85.71 -81.79
CA GLY M 148 -3.64 85.19 -80.76
C GLY M 148 -5.10 85.15 -81.20
N PHE M 149 -5.59 86.25 -81.79
CA PHE M 149 -6.98 86.25 -82.24
C PHE M 149 -7.16 85.36 -83.46
N THR M 150 -6.13 85.23 -84.29
CA THR M 150 -6.16 84.28 -85.40
C THR M 150 -6.24 82.85 -84.89
N SER M 151 -5.49 82.52 -83.83
CA SER M 151 -5.54 81.17 -83.29
C SER M 151 -6.88 80.86 -82.64
N LEU M 152 -7.44 81.82 -81.90
CA LEU M 152 -8.76 81.59 -81.29
C LEU M 152 -9.86 81.52 -82.35
N LEU M 153 -9.75 82.34 -83.40
CA LEU M 153 -10.70 82.30 -84.51
C LEU M 153 -10.61 80.98 -85.27
N MET M 154 -9.39 80.47 -85.48
CA MET M 154 -9.21 79.18 -86.14
C MET M 154 -9.77 78.04 -85.30
N GLU M 155 -9.59 78.10 -83.97
CA GLU M 155 -10.17 77.10 -83.09
C GLU M 155 -11.69 77.13 -83.13
N ARG M 156 -12.28 78.34 -83.10
CA ARG M 156 -13.73 78.46 -83.13
C ARG M 156 -14.31 78.03 -84.49
N LEU M 157 -13.63 78.37 -85.58
CA LEU M 157 -14.11 77.96 -86.90
C LEU M 157 -13.86 76.49 -87.18
N SER M 158 -12.90 75.86 -86.51
CA SER M 158 -12.76 74.41 -86.63
C SER M 158 -13.80 73.67 -85.80
N VAL M 159 -14.19 74.22 -84.65
CA VAL M 159 -15.25 73.59 -83.87
C VAL M 159 -16.60 73.77 -84.56
N ASP M 160 -16.90 74.98 -85.05
CA ASP M 160 -18.23 75.30 -85.51
C ASP M 160 -18.46 75.06 -87.00
N TYR M 161 -17.41 75.09 -87.82
CA TYR M 161 -17.52 75.01 -89.27
C TYR M 161 -16.64 73.89 -89.81
N GLY M 162 -16.73 72.71 -89.19
CA GLY M 162 -15.83 71.60 -89.47
C GLY M 162 -15.96 70.99 -90.85
N LYS M 163 -17.05 71.28 -91.57
CA LYS M 163 -17.21 70.80 -92.94
C LYS M 163 -16.62 71.74 -93.97
N LYS M 164 -16.02 72.85 -93.54
CA LYS M 164 -15.46 73.83 -94.45
C LYS M 164 -13.94 73.80 -94.38
N SER M 165 -13.31 74.30 -95.45
CA SER M 165 -11.87 74.43 -95.54
C SER M 165 -11.49 75.90 -95.43
N LYS M 166 -10.48 76.18 -94.63
CA LYS M 166 -10.03 77.55 -94.36
C LYS M 166 -8.62 77.74 -94.88
N LEU M 167 -8.40 78.82 -95.63
CA LEU M 167 -7.08 79.16 -96.10
C LEU M 167 -6.31 79.91 -95.01
N GLU M 168 -5.13 80.42 -95.38
CA GLU M 168 -4.35 81.28 -94.50
C GLU M 168 -3.48 82.18 -95.35
N PHE M 169 -3.39 83.45 -94.95
CA PHE M 169 -2.52 84.44 -95.60
C PHE M 169 -1.71 85.08 -94.49
N SER M 170 -0.58 84.49 -94.15
CA SER M 170 0.25 84.96 -93.06
C SER M 170 1.41 85.80 -93.58
N ILE M 171 1.97 86.62 -92.69
CA ILE M 171 3.15 87.43 -92.98
C ILE M 171 4.27 86.91 -92.11
N TYR M 172 5.28 86.33 -92.73
CA TYR M 172 6.44 85.85 -92.01
C TYR M 172 7.29 87.02 -91.53
N PRO M 173 7.75 87.00 -90.28
CA PRO M 173 8.52 88.15 -89.75
C PRO M 173 9.88 88.29 -90.39
N ALA M 174 10.33 89.54 -90.51
CA ALA M 174 11.60 89.85 -91.13
C ALA M 174 12.42 90.75 -90.22
N PRO M 175 13.75 90.60 -90.21
CA PRO M 175 14.57 91.50 -89.38
C PRO M 175 14.71 92.90 -89.94
N GLN M 176 14.37 93.12 -91.21
CA GLN M 176 14.50 94.46 -91.79
C GLN M 176 13.45 95.42 -91.23
N VAL M 177 12.20 94.99 -91.17
CA VAL M 177 11.11 95.78 -90.59
C VAL M 177 10.38 94.91 -89.57
N SER M 178 10.79 95.03 -88.31
CA SER M 178 10.16 94.32 -87.21
C SER M 178 9.93 95.29 -86.07
N THR M 179 8.70 95.31 -85.55
CA THR M 179 8.35 96.19 -84.45
C THR M 179 8.40 95.49 -83.09
N ALA M 180 8.93 94.28 -83.03
CA ALA M 180 8.94 93.52 -81.78
C ALA M 180 10.13 92.58 -81.75
N VAL M 181 10.37 92.02 -80.57
CA VAL M 181 11.43 91.05 -80.36
C VAL M 181 10.87 89.64 -80.21
N VAL M 182 9.64 89.48 -79.76
CA VAL M 182 9.05 88.17 -79.48
C VAL M 182 8.25 87.66 -80.68
N GLU M 183 8.51 88.18 -81.87
CA GLU M 183 7.93 87.60 -83.08
C GLU M 183 8.27 86.12 -83.30
N PRO M 184 9.47 85.60 -82.96
CA PRO M 184 9.60 84.12 -82.93
C PRO M 184 8.66 83.42 -81.98
N TYR M 185 8.39 83.99 -80.80
CA TYR M 185 7.49 83.34 -79.84
C TYR M 185 6.06 83.31 -80.37
N ASN M 186 5.58 84.45 -80.86
CA ASN M 186 4.24 84.54 -81.42
C ASN M 186 4.08 83.66 -82.66
N SER M 187 5.10 83.65 -83.52
CA SER M 187 5.02 82.86 -84.75
C SER M 187 5.00 81.36 -84.48
N ILE M 188 5.85 80.89 -83.55
CA ILE M 188 5.86 79.48 -83.21
C ILE M 188 4.57 79.07 -82.52
N LEU M 189 4.04 79.93 -81.64
CA LEU M 189 2.81 79.59 -80.93
C LEU M 189 1.60 79.58 -81.86
N THR M 190 1.50 80.54 -82.78
CA THR M 190 0.40 80.53 -83.72
C THR M 190 0.58 79.51 -84.83
N THR M 191 1.79 79.01 -85.07
CA THR M 191 1.97 77.89 -85.97
C THR M 191 1.51 76.59 -85.32
N HIS M 192 1.86 76.40 -84.04
CA HIS M 192 1.45 75.19 -83.34
C HIS M 192 -0.06 75.17 -83.10
N THR M 193 -0.67 76.33 -82.83
CA THR M 193 -2.10 76.33 -82.58
C THR M 193 -2.92 76.20 -83.87
N THR M 194 -2.48 76.85 -84.96
CA THR M 194 -3.20 76.78 -86.23
C THR M 194 -2.55 75.82 -87.22
N LEU M 195 -1.97 74.72 -86.73
CA LEU M 195 -1.47 73.71 -87.64
C LEU M 195 -2.61 72.80 -88.11
N GLU M 196 -3.49 72.40 -87.20
CA GLU M 196 -4.60 71.51 -87.53
C GLU M 196 -5.83 72.25 -88.03
N HIS M 197 -5.83 73.58 -88.01
CA HIS M 197 -7.00 74.36 -88.40
C HIS M 197 -6.79 75.16 -89.68
N SER M 198 -5.63 75.06 -90.31
CA SER M 198 -5.34 75.75 -91.56
C SER M 198 -4.98 74.73 -92.63
N ASP M 199 -5.46 74.97 -93.86
CA ASP M 199 -5.29 74.03 -94.94
C ASP M 199 -4.44 74.53 -96.09
N CYS M 200 -4.17 75.84 -96.16
CA CYS M 200 -3.26 76.39 -97.16
C CYS M 200 -2.74 77.73 -96.63
N ALA M 201 -1.45 77.79 -96.32
CA ALA M 201 -0.85 78.97 -95.71
C ALA M 201 0.18 79.58 -96.66
N PHE M 202 -0.17 80.72 -97.24
CA PHE M 202 0.77 81.44 -98.12
C PHE M 202 1.58 82.44 -97.28
N MET M 203 2.53 81.89 -96.52
CA MET M 203 3.36 82.74 -95.66
C MET M 203 4.41 83.44 -96.52
N VAL M 204 4.35 84.77 -96.56
CA VAL M 204 5.27 85.60 -97.32
C VAL M 204 5.99 86.54 -96.36
N ASP M 205 7.31 86.57 -96.43
CA ASP M 205 8.09 87.43 -95.56
C ASP M 205 8.32 88.78 -96.20
N ASN M 206 8.39 89.81 -95.36
CA ASN M 206 8.62 91.16 -95.85
C ASN M 206 10.06 91.42 -96.27
N GLU M 207 10.99 90.53 -95.91
CA GLU M 207 12.37 90.68 -96.35
C GLU M 207 12.49 90.49 -97.86
N ALA M 208 11.78 89.50 -98.41
CA ALA M 208 11.82 89.27 -99.85
C ALA M 208 11.14 90.40 -100.62
N ILE M 209 10.00 90.89 -100.10
CA ILE M 209 9.30 92.02 -100.72
C ILE M 209 10.16 93.28 -100.66
N TYR M 210 10.84 93.49 -99.53
CA TYR M 210 11.74 94.63 -99.39
C TYR M 210 12.93 94.53 -100.34
N ASP M 211 13.49 93.34 -100.50
CA ASP M 211 14.62 93.15 -101.42
C ASP M 211 14.18 93.34 -102.87
N ILE M 212 12.98 92.87 -103.22
CA ILE M 212 12.45 93.08 -104.57
C ILE M 212 12.21 94.56 -104.83
N CYS M 213 11.63 95.28 -103.86
CA CYS M 213 11.42 96.72 -104.01
C CYS M 213 12.73 97.49 -104.05
N ARG M 214 13.76 96.98 -103.38
CA ARG M 214 15.07 97.64 -103.41
C ARG M 214 15.77 97.44 -104.74
N ARG M 215 15.77 96.21 -105.26
CA ARG M 215 16.60 95.90 -106.42
C ARG M 215 15.88 96.01 -107.76
N ASN M 216 14.55 96.05 -107.76
CA ASN M 216 13.79 96.21 -109.01
C ASN M 216 13.08 97.55 -109.09
N LEU M 217 12.33 97.92 -108.06
CA LEU M 217 11.61 99.18 -108.06
C LEU M 217 12.54 100.34 -107.70
N ARG M 221 14.88 103.36 -97.53
CA ARG M 221 14.17 102.11 -97.79
C ARG M 221 12.77 102.39 -98.31
N PRO M 222 12.22 101.46 -99.09
CA PRO M 222 10.78 101.52 -99.39
C PRO M 222 9.96 101.31 -98.13
N THR M 223 8.82 102.01 -98.06
CA THR M 223 8.02 102.07 -96.85
C THR M 223 7.01 100.93 -96.82
N TYR M 224 6.08 100.97 -95.87
CA TYR M 224 5.03 99.97 -95.79
C TYR M 224 3.99 100.14 -96.88
N THR M 225 3.90 101.31 -97.49
CA THR M 225 2.93 101.51 -98.57
C THR M 225 3.34 100.78 -99.84
N ASN M 226 4.62 100.85 -100.21
CA ASN M 226 5.11 100.12 -101.38
C ASN M 226 5.07 98.61 -101.15
N LEU M 227 5.41 98.17 -99.94
CA LEU M 227 5.29 96.76 -99.59
C LEU M 227 3.85 96.29 -99.62
N ASN M 228 2.93 97.14 -99.14
CA ASN M 228 1.51 96.80 -99.17
C ASN M 228 0.98 96.72 -100.60
N ARG M 229 1.40 97.63 -101.47
CA ARG M 229 0.95 97.61 -102.86
C ARG M 229 1.50 96.40 -103.61
N LEU M 230 2.78 96.07 -103.40
CA LEU M 230 3.35 94.90 -104.05
C LEU M 230 2.73 93.61 -103.51
N ILE M 231 2.50 93.52 -102.21
CA ILE M 231 1.88 92.33 -101.62
C ILE M 231 0.43 92.20 -102.09
N GLY M 232 -0.27 93.33 -102.25
CA GLY M 232 -1.61 93.30 -102.81
C GLY M 232 -1.63 92.83 -104.26
N GLN M 233 -0.61 93.24 -105.05
CA GLN M 233 -0.49 92.74 -106.41
C GLN M 233 -0.21 91.24 -106.43
N ILE M 234 0.65 90.77 -105.53
CA ILE M 234 1.00 89.35 -105.44
C ILE M 234 -0.23 88.51 -105.09
N VAL M 235 -0.96 88.93 -104.06
CA VAL M 235 -2.14 88.20 -103.61
C VAL M 235 -3.27 88.29 -104.64
N SER M 236 -3.39 89.43 -105.32
CA SER M 236 -4.40 89.58 -106.37
C SER M 236 -4.13 88.66 -107.56
N SER M 237 -2.86 88.50 -107.94
CA SER M 237 -2.56 87.54 -109.00
C SER M 237 -2.53 86.09 -108.50
N ILE M 238 -2.39 85.88 -107.19
CA ILE M 238 -2.58 84.54 -106.62
C ILE M 238 -4.05 84.14 -106.73
N THR M 239 -4.95 85.04 -106.34
CA THR M 239 -6.37 84.77 -106.31
C THR M 239 -7.06 85.36 -107.55
N ALA M 240 -6.32 85.54 -108.65
CA ALA M 240 -6.93 85.95 -109.90
C ALA M 240 -7.79 84.85 -110.50
N SER M 241 -7.37 83.59 -110.34
CA SER M 241 -8.10 82.47 -110.92
C SER M 241 -9.43 82.20 -110.20
N LEU M 242 -9.58 82.66 -108.96
CA LEU M 242 -10.82 82.41 -108.23
C LEU M 242 -11.91 83.39 -108.63
N ARG M 243 -11.53 84.58 -109.11
CA ARG M 243 -12.50 85.60 -109.49
C ARG M 243 -12.69 85.72 -111.00
N PHE M 244 -12.14 84.78 -111.78
CA PHE M 244 -12.21 84.88 -113.23
C PHE M 244 -12.75 83.60 -113.84
N ASP M 245 -12.65 83.48 -115.16
CA ASP M 245 -13.14 82.30 -115.87
C ASP M 245 -12.35 81.05 -115.45
N GLY M 246 -13.02 79.90 -115.52
CA GLY M 246 -12.51 78.68 -114.92
C GLY M 246 -11.54 77.89 -115.77
N ALA M 247 -10.27 77.89 -115.38
CA ALA M 247 -9.27 77.01 -115.97
C ALA M 247 -8.77 75.98 -114.96
N LEU M 248 -8.26 76.44 -113.83
CA LEU M 248 -7.91 75.59 -112.69
C LEU M 248 -7.80 76.45 -111.45
N ASN M 249 -7.81 75.80 -110.28
CA ASN M 249 -7.66 76.43 -108.97
C ASN M 249 -8.72 77.49 -108.72
N VAL M 250 -9.96 77.21 -109.14
CA VAL M 250 -11.06 78.15 -108.97
C VAL M 250 -11.82 77.92 -107.69
N ASP M 251 -11.41 76.95 -106.87
CA ASP M 251 -12.11 76.64 -105.64
C ASP M 251 -11.07 76.36 -104.54
N LEU M 252 -11.54 76.45 -103.29
CA LEU M 252 -10.68 76.18 -102.16
C LEU M 252 -10.29 74.70 -102.08
N THR M 253 -11.19 73.82 -102.52
CA THR M 253 -10.87 72.40 -102.61
C THR M 253 -9.81 72.15 -103.67
N GLU M 254 -9.86 72.91 -104.77
CA GLU M 254 -8.82 72.82 -105.80
C GLU M 254 -7.47 73.26 -105.26
N PHE M 255 -7.44 74.34 -104.47
CA PHE M 255 -6.21 74.78 -103.81
C PHE M 255 -5.70 73.74 -102.83
N GLN M 256 -6.60 73.12 -102.07
CA GLN M 256 -6.19 72.15 -101.07
C GLN M 256 -5.73 70.84 -101.70
N THR M 257 -6.23 70.51 -102.89
CA THR M 257 -5.91 69.23 -103.51
C THR M 257 -4.79 69.30 -104.54
N ASN M 258 -4.56 70.46 -105.16
CA ASN M 258 -3.49 70.56 -106.15
C ASN M 258 -2.11 70.74 -105.53
N LEU M 259 -2.04 71.12 -104.25
CA LEU M 259 -0.77 71.50 -103.64
C LEU M 259 -0.49 70.86 -102.28
N VAL M 260 -1.49 70.35 -101.58
CA VAL M 260 -1.34 69.96 -100.18
C VAL M 260 -1.59 68.45 -100.07
N PRO M 261 -0.53 67.64 -100.01
CA PRO M 261 -0.72 66.20 -99.81
C PRO M 261 -0.97 65.79 -98.37
N TYR M 262 -0.37 66.49 -97.42
CA TYR M 262 -0.35 66.07 -96.03
C TYR M 262 -1.32 66.92 -95.21
N PRO M 263 -1.78 66.41 -94.05
CA PRO M 263 -2.56 67.27 -93.14
C PRO M 263 -1.76 68.40 -92.52
N ARG M 264 -0.43 68.30 -92.47
CA ARG M 264 0.41 69.31 -91.84
C ARG M 264 1.23 70.13 -92.80
N ILE M 265 1.60 69.59 -93.96
CA ILE M 265 2.47 70.28 -94.91
C ILE M 265 1.55 71.06 -95.86
N HIS M 266 1.23 72.29 -95.48
CA HIS M 266 0.35 73.14 -96.27
C HIS M 266 0.94 74.53 -96.42
N PHE M 267 2.23 74.62 -96.76
CA PHE M 267 2.92 75.89 -96.92
C PHE M 267 3.47 76.00 -98.35
N PRO M 268 2.69 76.52 -99.28
CA PRO M 268 3.20 76.73 -100.64
C PRO M 268 4.17 77.91 -100.71
N LEU M 269 4.74 78.08 -101.90
CA LEU M 269 5.67 79.16 -102.17
C LEU M 269 5.25 79.84 -103.48
N ALA M 270 5.22 81.17 -103.47
CA ALA M 270 4.92 81.93 -104.67
C ALA M 270 6.18 82.61 -105.18
N THR M 271 6.24 82.78 -106.51
CA THR M 271 7.37 83.46 -107.15
C THR M 271 6.84 84.28 -108.32
N TYR M 272 7.33 85.51 -108.45
CA TYR M 272 6.84 86.44 -109.47
C TYR M 272 8.02 87.01 -110.25
N ALA M 273 7.97 86.83 -111.56
CA ALA M 273 8.93 87.39 -112.51
C ALA M 273 8.74 88.88 -112.83
N PRO M 274 7.54 89.35 -113.32
CA PRO M 274 7.58 90.69 -113.95
C PRO M 274 7.46 91.87 -112.99
N VAL M 275 8.57 92.18 -112.32
CA VAL M 275 8.67 93.35 -111.46
C VAL M 275 9.60 94.33 -112.16
N ILE M 276 9.03 95.39 -112.73
CA ILE M 276 9.79 96.39 -113.46
C ILE M 276 9.41 97.77 -112.94
N SER M 277 10.31 98.74 -113.15
CA SER M 277 10.07 100.10 -112.68
C SER M 277 8.99 100.78 -113.52
N ALA M 278 8.17 101.58 -112.85
CA ALA M 278 7.08 102.29 -113.50
C ALA M 278 7.53 103.68 -113.96
N GLN M 285 10.94 93.22 -125.11
CA GLN M 285 10.49 93.32 -123.72
C GLN M 285 10.98 92.12 -122.92
N LEU M 286 10.06 91.23 -122.58
CA LEU M 286 10.39 90.03 -121.80
C LEU M 286 9.67 88.85 -122.44
N SER M 287 10.42 87.81 -122.78
CA SER M 287 9.84 86.62 -123.39
C SER M 287 9.21 85.72 -122.34
N VAL M 288 8.44 84.74 -122.81
CA VAL M 288 7.78 83.80 -121.91
C VAL M 288 8.80 82.86 -121.26
N ALA M 289 9.85 82.48 -121.99
CA ALA M 289 10.84 81.55 -121.48
C ALA M 289 11.65 82.14 -120.33
N GLU M 290 12.02 83.42 -120.43
CA GLU M 290 12.82 84.03 -119.38
C GLU M 290 11.99 84.31 -118.13
N ILE M 291 10.72 84.71 -118.30
CA ILE M 291 9.87 84.93 -117.14
C ILE M 291 9.41 83.62 -116.51
N THR M 292 9.40 82.52 -117.27
CA THR M 292 9.23 81.21 -116.65
C THR M 292 10.51 80.80 -115.93
N ASN M 293 11.67 81.16 -116.48
CA ASN M 293 12.94 80.88 -115.81
C ASN M 293 13.11 81.72 -114.56
N ALA M 294 12.63 82.96 -114.58
CA ALA M 294 12.72 83.83 -113.42
C ALA M 294 11.81 83.39 -112.28
N CYS M 295 10.76 82.61 -112.58
CA CYS M 295 9.93 82.02 -111.54
C CYS M 295 10.65 80.90 -110.78
N PHE M 296 11.76 80.39 -111.30
CA PHE M 296 12.56 79.41 -110.60
C PHE M 296 13.79 80.01 -109.94
N GLU M 297 13.96 81.34 -110.03
CA GLU M 297 15.09 81.99 -109.39
C GLU M 297 14.87 82.06 -107.89
N PRO M 298 15.83 81.59 -107.07
CA PRO M 298 15.63 81.62 -105.61
C PRO M 298 15.63 83.02 -105.01
N ALA M 299 16.17 84.02 -105.70
CA ALA M 299 16.20 85.37 -105.18
C ALA M 299 14.93 86.16 -105.50
N ASN M 300 14.03 85.61 -106.30
CA ASN M 300 12.77 86.27 -106.63
C ASN M 300 11.58 85.63 -105.95
N GLN M 301 11.81 84.67 -105.06
CA GLN M 301 10.71 84.00 -104.38
C GLN M 301 10.14 84.88 -103.27
N MET M 302 8.91 84.56 -102.87
CA MET M 302 8.25 85.26 -101.76
C MET M 302 8.66 84.72 -100.41
N VAL M 303 9.48 83.68 -100.37
CA VAL M 303 10.10 83.20 -99.14
C VAL M 303 11.60 83.14 -99.37
N LYS M 304 12.37 83.70 -98.44
CA LYS M 304 13.83 83.73 -98.57
C LYS M 304 14.38 82.36 -98.23
N CYS M 305 14.41 81.48 -99.24
CA CYS M 305 14.91 80.13 -99.07
C CYS M 305 15.39 79.62 -100.43
N ASP M 306 16.16 78.54 -100.40
CA ASP M 306 16.72 77.95 -101.60
C ASP M 306 15.97 76.66 -101.95
N PRO M 307 15.23 76.62 -103.05
CA PRO M 307 14.52 75.38 -103.40
C PRO M 307 15.39 74.29 -103.99
N ARG M 308 16.63 74.61 -104.37
CA ARG M 308 17.49 73.62 -105.01
C ARG M 308 18.02 72.58 -104.02
N HIS M 309 18.03 72.89 -102.72
CA HIS M 309 18.40 71.90 -101.73
C HIS M 309 17.24 71.00 -101.33
N GLY M 310 16.02 71.37 -101.71
CA GLY M 310 14.84 70.57 -101.45
C GLY M 310 14.28 69.96 -102.72
N LYS M 311 13.18 69.23 -102.55
CA LYS M 311 12.47 68.59 -103.65
C LYS M 311 11.08 69.19 -103.78
N TYR M 312 10.67 69.40 -105.02
CA TYR M 312 9.35 69.93 -105.30
C TYR M 312 8.27 68.88 -105.00
N MET M 313 7.04 69.35 -104.86
CA MET M 313 5.93 68.43 -104.67
C MET M 313 4.82 68.71 -105.67
N ALA M 314 4.67 69.97 -106.08
CA ALA M 314 3.63 70.36 -107.02
C ALA M 314 4.03 71.68 -107.66
N CYS M 315 3.31 72.03 -108.73
CA CYS M 315 3.51 73.30 -109.42
C CYS M 315 2.19 73.68 -110.08
N CYS M 316 1.71 74.90 -109.83
CA CYS M 316 0.52 75.42 -110.48
C CYS M 316 0.88 76.79 -111.07
N LEU M 317 1.39 76.77 -112.30
CA LEU M 317 1.77 78.00 -112.98
C LEU M 317 0.51 78.72 -113.46
N LEU M 318 0.34 79.97 -113.05
CA LEU M 318 -0.82 80.77 -113.43
C LEU M 318 -0.32 81.97 -114.24
N TYR M 319 -0.76 82.04 -115.50
CA TYR M 319 -0.32 83.10 -116.40
C TYR M 319 -1.41 84.15 -116.56
N ARG M 320 -1.00 85.41 -116.57
CA ARG M 320 -1.90 86.54 -116.76
C ARG M 320 -1.48 87.34 -117.98
N GLY M 321 -2.48 87.92 -118.65
CA GLY M 321 -2.23 88.70 -119.85
C GLY M 321 -2.27 87.86 -121.11
N ASP M 322 -1.96 88.51 -122.23
CA ASP M 322 -1.99 87.88 -123.55
C ASP M 322 -0.73 87.05 -123.72
N VAL M 323 -0.76 85.83 -123.20
CA VAL M 323 0.33 84.87 -123.34
C VAL M 323 -0.17 83.73 -124.20
N VAL M 324 0.51 83.50 -125.32
CA VAL M 324 0.12 82.41 -126.23
C VAL M 324 0.44 81.07 -125.60
N PRO M 325 -0.49 80.12 -125.57
CA PRO M 325 -0.24 78.83 -124.90
C PRO M 325 0.68 77.88 -125.66
N LYS M 326 1.08 78.21 -126.88
CA LYS M 326 1.97 77.33 -127.63
C LYS M 326 3.38 77.37 -127.07
N ASP M 327 3.89 78.56 -126.77
CA ASP M 327 5.26 78.69 -126.30
C ASP M 327 5.41 78.42 -124.80
N VAL M 328 4.30 78.29 -124.07
CA VAL M 328 4.36 77.92 -122.66
C VAL M 328 4.91 76.51 -122.51
N ASN M 329 4.51 75.60 -123.40
CA ASN M 329 5.04 74.23 -123.36
C ASN M 329 6.51 74.18 -123.74
N ALA M 330 6.95 75.04 -124.66
CA ALA M 330 8.37 75.13 -124.99
C ALA M 330 9.17 75.68 -123.82
N ALA M 331 8.61 76.68 -123.11
CA ALA M 331 9.23 77.18 -121.89
C ALA M 331 9.30 76.10 -120.81
N ILE M 332 8.25 75.27 -120.72
CA ILE M 332 8.21 74.14 -119.79
C ILE M 332 9.31 73.13 -120.13
N ALA M 333 9.48 72.84 -121.42
CA ALA M 333 10.53 71.92 -121.85
C ALA M 333 11.92 72.46 -121.57
N THR M 334 12.15 73.76 -121.81
CA THR M 334 13.45 74.35 -121.52
C THR M 334 13.71 74.43 -120.02
N ILE M 335 12.66 74.57 -119.22
CA ILE M 335 12.81 74.49 -117.76
C ILE M 335 13.18 73.07 -117.35
N LYS M 336 12.47 72.08 -117.88
CA LYS M 336 12.66 70.69 -117.47
C LYS M 336 13.94 70.08 -117.98
N THR M 337 14.57 70.68 -119.02
CA THR M 337 15.87 70.19 -119.47
C THR M 337 16.96 70.46 -118.44
N LYS M 338 16.79 71.50 -117.63
CA LYS M 338 17.77 71.80 -116.59
C LYS M 338 17.63 70.81 -115.43
N ARG M 339 18.76 70.48 -114.82
CA ARG M 339 18.82 69.49 -113.75
C ARG M 339 18.60 70.08 -112.37
N THR M 340 18.18 71.35 -112.29
CA THR M 340 17.98 71.99 -110.99
C THR M 340 16.76 71.42 -110.26
N ILE M 341 15.66 71.23 -110.98
CA ILE M 341 14.42 70.76 -110.37
C ILE M 341 14.51 69.25 -110.17
N GLN M 342 14.34 68.81 -108.93
CA GLN M 342 14.37 67.39 -108.57
C GLN M 342 13.05 67.06 -107.89
N PHE M 343 12.11 66.50 -108.65
CA PHE M 343 10.77 66.22 -108.15
C PHE M 343 10.79 65.03 -107.20
N VAL M 344 9.65 64.81 -106.54
CA VAL M 344 9.44 63.64 -105.70
C VAL M 344 9.15 62.45 -106.60
N ASP M 345 9.19 61.24 -106.04
CA ASP M 345 9.10 60.01 -106.83
C ASP M 345 7.86 59.20 -106.52
N TRP M 346 6.71 59.88 -106.36
CA TRP M 346 5.42 59.17 -106.42
C TRP M 346 4.45 60.04 -107.23
N CYS M 347 4.46 59.82 -108.55
CA CYS M 347 3.67 60.51 -109.58
C CYS M 347 3.71 62.03 -109.42
N PRO M 348 4.85 62.69 -109.65
CA PRO M 348 4.98 64.11 -109.31
C PRO M 348 4.24 65.05 -110.25
N THR M 349 3.80 64.57 -111.42
CA THR M 349 3.12 65.33 -112.48
C THR M 349 4.02 66.48 -112.90
N GLY M 350 3.50 67.69 -113.09
CA GLY M 350 4.33 68.80 -113.52
C GLY M 350 3.66 70.15 -113.38
N PHE M 351 3.97 71.06 -114.31
CA PHE M 351 3.48 72.44 -114.24
C PHE M 351 2.08 72.50 -114.84
N LYS M 352 1.07 72.53 -113.98
CA LYS M 352 -0.34 72.56 -114.39
C LYS M 352 -0.70 74.00 -114.78
N VAL M 353 -0.37 74.35 -116.00
CA VAL M 353 -0.53 75.72 -116.49
C VAL M 353 -2.00 75.98 -116.83
N GLY M 354 -2.55 77.04 -116.24
CA GLY M 354 -3.82 77.58 -116.69
C GLY M 354 -3.66 79.05 -117.02
N ILE M 355 -4.22 79.49 -118.15
CA ILE M 355 -3.96 80.82 -118.69
C ILE M 355 -5.25 81.61 -118.68
N ASN M 356 -5.23 82.77 -118.04
CA ASN M 356 -6.33 83.72 -118.07
C ASN M 356 -6.00 84.85 -119.04
N TYR M 357 -6.90 85.10 -119.98
CA TYR M 357 -6.62 86.04 -121.07
C TYR M 357 -6.85 87.49 -120.68
N GLN M 358 -7.44 87.75 -119.52
CA GLN M 358 -7.60 89.13 -119.07
C GLN M 358 -6.28 89.66 -118.54
N PRO M 359 -5.79 90.81 -119.03
CA PRO M 359 -4.53 91.33 -118.53
C PRO M 359 -4.68 91.87 -117.12
N PRO M 360 -3.65 91.76 -116.29
CA PRO M 360 -3.72 92.34 -114.94
C PRO M 360 -3.61 93.85 -115.00
N THR M 361 -4.35 94.52 -114.12
CA THR M 361 -4.37 95.97 -114.05
C THR M 361 -3.57 96.43 -112.85
N VAL M 362 -2.67 97.39 -113.07
CA VAL M 362 -1.84 97.94 -112.02
C VAL M 362 -2.46 99.25 -111.54
N VAL M 363 -2.02 99.71 -110.38
CA VAL M 363 -2.48 100.98 -109.81
C VAL M 363 -1.99 102.13 -110.69
N PRO M 364 -2.85 103.07 -111.07
CA PRO M 364 -2.40 104.20 -111.91
C PRO M 364 -1.46 105.13 -111.18
N GLY M 365 -0.22 105.20 -111.65
CA GLY M 365 0.82 105.96 -110.96
C GLY M 365 1.19 105.39 -109.61
N GLY M 366 1.31 104.08 -109.51
CA GLY M 366 1.63 103.44 -108.25
C GLY M 366 3.08 103.02 -108.14
N ASP M 367 3.31 101.70 -108.06
CA ASP M 367 4.67 101.18 -107.92
C ASP M 367 5.05 100.15 -108.98
N LEU M 368 4.09 99.50 -109.64
CA LEU M 368 4.37 98.51 -110.67
C LEU M 368 3.81 98.99 -112.00
N ALA M 369 4.63 98.85 -113.04
CA ALA M 369 4.22 99.24 -114.39
C ALA M 369 3.28 98.20 -114.99
N LYS M 370 2.44 98.66 -115.91
CA LYS M 370 1.55 97.75 -116.62
C LYS M 370 2.34 96.89 -117.58
N VAL M 371 2.12 95.57 -117.51
CA VAL M 371 2.88 94.61 -118.31
C VAL M 371 1.87 93.71 -119.01
N GLN M 372 2.32 93.09 -120.10
CA GLN M 372 1.46 92.21 -120.90
C GLN M 372 1.64 90.74 -120.59
N ARG M 373 2.82 90.34 -120.10
CA ARG M 373 3.09 88.96 -119.75
C ARG M 373 3.35 88.87 -118.25
N ALA M 374 2.52 88.10 -117.56
CA ALA M 374 2.65 87.92 -116.11
C ALA M 374 2.55 86.45 -115.77
N VAL M 375 3.34 86.02 -114.79
CA VAL M 375 3.46 84.60 -114.45
C VAL M 375 3.64 84.48 -112.95
N CYS M 376 2.97 83.48 -112.36
CA CYS M 376 3.09 83.17 -110.95
C CYS M 376 3.23 81.67 -110.78
N MET M 377 4.09 81.25 -109.85
CA MET M 377 4.43 79.84 -109.66
C MET M 377 4.04 79.40 -108.26
N LEU M 378 2.82 78.89 -108.11
CA LEU M 378 2.36 78.33 -106.84
C LEU M 378 2.94 76.93 -106.71
N SER M 379 4.10 76.82 -106.08
CA SER M 379 4.81 75.55 -106.02
C SER M 379 5.09 75.16 -104.57
N ASN M 380 4.75 73.93 -104.22
CA ASN M 380 5.09 73.37 -102.93
C ASN M 380 6.50 72.79 -102.99
N THR M 381 7.23 72.92 -101.88
CA THR M 381 8.57 72.36 -101.78
C THR M 381 8.86 72.05 -100.32
N THR M 382 10.06 71.49 -100.08
CA THR M 382 10.56 71.26 -98.73
C THR M 382 11.54 72.34 -98.28
N ALA M 383 11.67 73.42 -99.05
CA ALA M 383 12.59 74.50 -98.71
C ALA M 383 12.06 75.44 -97.63
N ILE M 384 10.77 75.33 -97.28
CA ILE M 384 10.23 76.11 -96.17
C ILE M 384 10.75 75.61 -94.83
N ALA M 385 11.25 74.37 -94.79
CA ALA M 385 11.83 73.81 -93.57
C ALA M 385 13.07 74.58 -93.11
N GLU M 386 13.78 75.21 -94.04
CA GLU M 386 14.87 76.11 -93.66
C GLU M 386 14.36 77.33 -92.90
N ALA M 387 13.24 77.92 -93.36
CA ALA M 387 12.63 79.04 -92.66
C ALA M 387 12.12 78.64 -91.29
N TRP M 388 11.50 77.45 -91.19
CA TRP M 388 11.06 76.98 -89.88
C TRP M 388 12.22 76.63 -88.97
N ALA M 389 13.34 76.17 -89.54
CA ALA M 389 14.54 75.94 -88.74
C ALA M 389 15.12 77.25 -88.21
N ARG M 390 15.09 78.30 -89.03
CA ARG M 390 15.51 79.63 -88.57
C ARG M 390 14.62 80.14 -87.44
N LEU M 391 13.30 79.96 -87.59
CA LEU M 391 12.36 80.42 -86.57
C LEU M 391 12.51 79.63 -85.28
N ASP M 392 12.75 78.32 -85.37
CA ASP M 392 12.95 77.54 -84.16
C ASP M 392 14.32 77.76 -83.55
N HIS M 393 15.32 78.15 -84.35
CA HIS M 393 16.61 78.52 -83.80
C HIS M 393 16.52 79.83 -83.03
N LYS M 394 15.76 80.80 -83.55
CA LYS M 394 15.50 82.01 -82.79
C LYS M 394 14.64 81.73 -81.56
N PHE M 395 13.71 80.78 -81.66
CA PHE M 395 12.92 80.37 -80.51
C PHE M 395 13.77 79.66 -79.46
N ASP M 396 14.72 78.84 -79.89
CA ASP M 396 15.56 78.11 -78.94
C ASP M 396 16.58 79.02 -78.27
N LEU M 397 16.99 80.10 -78.95
CA LEU M 397 17.94 81.03 -78.35
C LEU M 397 17.30 81.84 -77.23
N MET M 398 16.01 82.14 -77.34
CA MET M 398 15.30 82.93 -76.36
C MET M 398 14.54 82.09 -75.35
N TYR M 399 14.76 80.78 -75.34
CA TYR M 399 14.13 79.90 -74.36
C TYR M 399 15.14 79.09 -73.55
N ALA M 400 16.42 79.17 -73.86
CA ALA M 400 17.43 78.54 -73.02
C ALA M 400 17.52 79.22 -71.66
N LYS M 401 17.34 80.54 -71.62
CA LYS M 401 17.36 81.31 -70.38
C LYS M 401 15.98 81.81 -69.98
N ARG M 402 14.92 81.30 -70.61
CA ARG M 402 13.51 81.66 -70.36
C ARG M 402 13.27 83.16 -70.52
N ALA M 403 13.85 83.74 -71.57
CA ALA M 403 13.67 85.17 -71.82
C ALA M 403 12.25 85.46 -72.28
N PHE M 404 11.72 86.60 -71.81
CA PHE M 404 10.40 87.14 -72.17
C PHE M 404 9.25 86.21 -71.84
N VAL M 405 9.46 85.27 -70.92
CA VAL M 405 8.46 84.23 -70.66
C VAL M 405 7.26 84.81 -69.91
N HIS M 406 7.52 85.71 -68.95
CA HIS M 406 6.51 86.16 -68.00
C HIS M 406 5.40 86.98 -68.63
N TRP M 407 5.61 87.56 -69.82
CA TRP M 407 4.56 88.33 -70.47
C TRP M 407 3.43 87.45 -70.97
N TYR M 408 3.66 86.15 -71.14
CA TYR M 408 2.65 85.21 -71.60
C TYR M 408 1.99 84.47 -70.45
N VAL M 409 2.74 84.14 -69.39
CA VAL M 409 2.19 83.41 -68.25
C VAL M 409 1.22 84.27 -67.46
N GLY M 410 1.36 85.60 -67.54
CA GLY M 410 0.47 86.49 -66.83
C GLY M 410 -0.93 86.59 -67.42
N GLU M 411 -1.17 85.98 -68.58
CA GLU M 411 -2.48 85.98 -69.21
C GLU M 411 -3.15 84.61 -69.15
N GLY M 412 -2.66 83.71 -68.30
CA GLY M 412 -3.25 82.40 -68.14
C GLY M 412 -2.56 81.29 -68.89
N MET M 413 -1.65 81.62 -69.82
CA MET M 413 -0.91 80.61 -70.56
C MET M 413 0.07 79.88 -69.64
N GLU M 414 0.16 78.58 -69.81
CA GLU M 414 1.04 77.77 -68.97
C GLU M 414 2.47 77.79 -69.51
N GLU M 415 3.40 77.33 -68.68
CA GLU M 415 4.79 77.21 -69.11
C GLU M 415 4.97 76.09 -70.10
N GLY M 416 4.16 75.03 -70.00
CA GLY M 416 4.28 73.87 -70.87
C GLY M 416 3.82 74.11 -72.30
N GLU M 417 3.14 75.22 -72.57
CA GLU M 417 2.72 75.54 -73.93
C GLU M 417 3.91 75.81 -74.84
N PHE M 418 4.96 76.43 -74.31
CA PHE M 418 6.17 76.67 -75.11
C PHE M 418 6.90 75.39 -75.44
N SER M 419 6.97 74.47 -74.47
CA SER M 419 7.58 73.16 -74.73
C SER M 419 6.73 72.34 -75.71
N GLU M 420 5.41 72.48 -75.62
CA GLU M 420 4.51 71.81 -76.56
C GLU M 420 4.69 72.36 -77.98
N ALA M 421 4.80 73.68 -78.11
CA ALA M 421 5.05 74.26 -79.43
C ALA M 421 6.43 73.90 -79.97
N ARG M 422 7.43 73.78 -79.09
CA ARG M 422 8.75 73.31 -79.51
C ARG M 422 8.70 71.87 -80.00
N GLU M 423 7.95 71.01 -79.29
CA GLU M 423 7.79 69.62 -79.73
C GLU M 423 7.04 69.54 -81.06
N ASP M 424 6.03 70.39 -81.24
CA ASP M 424 5.29 70.42 -82.50
C ASP M 424 6.17 70.90 -83.66
N MET M 425 7.02 71.90 -83.42
CA MET M 425 7.91 72.37 -84.47
C MET M 425 9.01 71.37 -84.77
N ALA M 426 9.47 70.63 -83.74
CA ALA M 426 10.41 69.53 -83.98
C ALA M 426 9.77 68.42 -84.81
N ALA M 427 8.50 68.12 -84.54
CA ALA M 427 7.78 67.13 -85.34
C ALA M 427 7.57 67.61 -86.77
N LEU M 428 7.31 68.90 -86.96
CA LEU M 428 7.16 69.46 -88.31
C LEU M 428 8.47 69.39 -89.08
N GLU M 429 9.59 69.72 -88.42
CA GLU M 429 10.90 69.61 -89.05
C GLU M 429 11.25 68.17 -89.38
N LYS M 430 10.92 67.24 -88.47
CA LYS M 430 11.17 65.83 -88.71
C LYS M 430 10.32 65.30 -89.86
N ASP M 431 9.07 65.75 -89.97
CA ASP M 431 8.23 65.31 -91.08
C ASP M 431 8.69 65.90 -92.41
N TYR M 432 9.18 67.14 -92.40
CA TYR M 432 9.76 67.73 -93.59
C TYR M 432 11.02 66.97 -94.03
N GLU M 433 11.84 66.55 -93.06
CA GLU M 433 13.02 65.74 -93.37
C GLU M 433 12.62 64.36 -93.90
N GLU M 434 11.58 63.76 -93.33
CA GLU M 434 11.13 62.44 -93.78
C GLU M 434 10.52 62.50 -95.17
N VAL M 435 9.86 63.60 -95.51
CA VAL M 435 9.44 63.82 -96.90
C VAL M 435 10.66 64.01 -97.79
N GLY M 436 11.65 64.76 -97.31
CA GLY M 436 12.86 65.02 -98.09
C GLY M 436 13.80 63.84 -98.23
N VAL M 437 13.60 62.77 -97.46
CA VAL M 437 14.45 61.58 -97.52
C VAL M 437 13.62 60.45 -98.10
N ASP M 438 14.11 59.85 -99.19
CA ASP M 438 13.42 58.75 -99.85
C ASP M 438 13.41 57.49 -99.00
N MET N 1 -35.04 33.60 -125.02
CA MET N 1 -33.66 33.87 -124.65
C MET N 1 -33.59 34.52 -123.27
N ARG N 2 -32.44 34.34 -122.60
CA ARG N 2 -32.23 34.96 -121.32
C ARG N 2 -31.99 36.47 -121.47
N GLU N 3 -31.94 37.16 -120.34
CA GLU N 3 -31.87 38.61 -120.34
C GLU N 3 -30.74 39.08 -119.43
N ILE N 4 -29.87 39.92 -119.97
CA ILE N 4 -28.79 40.55 -119.21
C ILE N 4 -29.12 42.03 -119.05
N VAL N 5 -28.94 42.55 -117.85
CA VAL N 5 -29.11 43.98 -117.57
C VAL N 5 -27.73 44.61 -117.56
N HIS N 6 -27.52 45.59 -118.42
CA HIS N 6 -26.23 46.24 -118.58
C HIS N 6 -26.11 47.42 -117.63
N LEU N 7 -24.96 47.53 -116.96
CA LEU N 7 -24.72 48.60 -116.01
C LEU N 7 -23.39 49.28 -116.34
N GLN N 8 -23.42 50.60 -116.48
CA GLN N 8 -22.23 51.41 -116.72
C GLN N 8 -22.15 52.47 -115.64
N ILE N 9 -21.02 52.52 -114.94
CA ILE N 9 -20.80 53.47 -113.85
C ILE N 9 -19.55 54.28 -114.16
N GLY N 10 -19.68 55.59 -114.08
CA GLY N 10 -18.58 56.50 -114.36
C GLY N 10 -18.60 56.99 -115.80
N GLN N 11 -17.86 58.09 -116.03
CA GLN N 11 -17.80 58.64 -117.38
C GLN N 11 -16.96 57.77 -118.31
N CYS N 12 -15.95 57.08 -117.78
CA CYS N 12 -15.23 56.09 -118.58
C CYS N 12 -16.15 54.94 -118.98
N GLY N 13 -16.93 54.45 -118.01
CA GLY N 13 -17.91 53.42 -118.31
C GLY N 13 -18.97 53.87 -119.28
N ASN N 14 -19.42 55.13 -119.15
CA ASN N 14 -20.43 55.67 -120.04
C ASN N 14 -19.89 55.84 -121.46
N GLN N 15 -18.65 56.34 -121.60
CA GLN N 15 -18.08 56.56 -122.93
C GLN N 15 -17.78 55.24 -123.63
N ILE N 16 -17.13 54.30 -122.94
CA ILE N 16 -16.83 53.01 -123.53
C ILE N 16 -18.11 52.22 -123.79
N GLY N 17 -19.12 52.35 -122.93
CA GLY N 17 -20.40 51.71 -123.17
C GLY N 17 -21.13 52.27 -124.38
N ALA N 18 -21.06 53.59 -124.58
CA ALA N 18 -21.67 54.20 -125.76
C ALA N 18 -21.00 53.75 -127.04
N LYS N 19 -19.65 53.72 -127.05
CA LYS N 19 -18.93 53.23 -128.22
C LYS N 19 -19.20 51.73 -128.46
N PHE N 20 -19.26 50.95 -127.38
CA PHE N 20 -19.55 49.52 -127.48
C PHE N 20 -20.95 49.26 -128.01
N TRP N 21 -21.94 50.03 -127.54
CA TRP N 21 -23.30 49.89 -128.03
C TRP N 21 -23.43 50.31 -129.48
N GLU N 22 -22.67 51.33 -129.89
CA GLU N 22 -22.65 51.72 -131.31
C GLU N 22 -22.06 50.62 -132.17
N VAL N 23 -20.97 49.98 -131.71
CA VAL N 23 -20.35 48.88 -132.46
C VAL N 23 -21.30 47.69 -132.53
N ILE N 24 -22.02 47.41 -131.44
CA ILE N 24 -22.96 46.28 -131.42
C ILE N 24 -24.14 46.53 -132.36
N SER N 25 -24.72 47.73 -132.28
CA SER N 25 -25.87 48.06 -133.13
C SER N 25 -25.48 48.18 -134.60
N ASP N 26 -24.21 48.50 -134.88
CA ASP N 26 -23.73 48.38 -136.26
C ASP N 26 -23.59 46.92 -136.66
N GLU N 27 -23.11 46.07 -135.75
CA GLU N 27 -22.91 44.66 -136.06
C GLU N 27 -24.24 43.91 -136.17
N HIS N 28 -25.19 44.23 -135.29
CA HIS N 28 -26.46 43.53 -135.25
C HIS N 28 -27.48 44.08 -136.24
N GLY N 29 -27.12 45.12 -137.00
CA GLY N 29 -28.04 45.71 -137.97
C GLY N 29 -29.22 46.43 -137.37
N ILE N 30 -29.00 47.18 -136.29
CA ILE N 30 -30.04 47.94 -135.62
C ILE N 30 -29.77 49.42 -135.87
N ASP N 31 -30.80 50.14 -136.34
CA ASP N 31 -30.67 51.55 -136.65
C ASP N 31 -30.88 52.38 -135.38
N ILE N 32 -30.92 53.71 -135.54
CA ILE N 32 -31.08 54.59 -134.40
C ILE N 32 -32.51 54.58 -133.87
N ALA N 33 -33.47 54.14 -134.67
CA ALA N 33 -34.87 54.04 -134.24
C ALA N 33 -35.19 52.70 -133.59
N GLY N 34 -34.22 51.79 -133.50
CA GLY N 34 -34.44 50.51 -132.86
C GLY N 34 -35.08 49.45 -133.73
N ASN N 35 -35.14 49.66 -135.03
CA ASN N 35 -35.74 48.70 -135.96
C ASN N 35 -34.65 47.89 -136.64
N TYR N 36 -34.95 46.62 -136.90
CA TYR N 36 -33.97 45.74 -137.53
C TYR N 36 -33.83 46.07 -139.01
N CYS N 37 -32.58 46.20 -139.46
CA CYS N 37 -32.30 46.45 -140.88
C CYS N 37 -31.14 45.62 -141.40
N GLY N 38 -30.78 44.53 -140.70
CA GLY N 38 -29.71 43.68 -141.15
C GLY N 38 -30.14 42.71 -142.23
N ASN N 39 -29.15 41.98 -142.76
CA ASN N 39 -29.37 41.04 -143.85
C ASN N 39 -29.21 39.58 -143.43
N ALA N 40 -28.98 39.31 -142.16
CA ALA N 40 -28.77 37.95 -141.68
C ALA N 40 -29.75 37.63 -140.56
N SER N 41 -30.28 36.41 -140.59
CA SER N 41 -31.20 35.98 -139.54
C SER N 41 -30.49 35.67 -138.23
N LEU N 42 -29.17 35.50 -138.26
CA LEU N 42 -28.41 35.29 -137.03
C LEU N 42 -28.32 36.57 -136.19
N GLN N 43 -28.43 37.75 -136.81
CA GLN N 43 -28.38 38.99 -136.07
C GLN N 43 -29.60 39.17 -135.18
N LEU N 44 -30.79 38.78 -135.67
CA LEU N 44 -31.99 38.85 -134.85
C LEU N 44 -32.06 37.71 -133.84
N GLU N 45 -31.32 36.63 -134.06
CA GLU N 45 -31.23 35.56 -133.08
C GLU N 45 -30.35 35.99 -131.90
N ARG N 46 -30.76 35.58 -130.70
CA ARG N 46 -30.09 35.91 -129.43
C ARG N 46 -29.93 37.42 -129.25
N ILE N 47 -30.99 38.17 -129.56
CA ILE N 47 -30.98 39.62 -129.38
C ILE N 47 -31.61 40.04 -128.06
N ASN N 48 -32.30 39.14 -127.36
CA ASN N 48 -32.98 39.48 -126.12
C ASN N 48 -32.04 39.55 -124.92
N VAL N 49 -30.77 39.16 -125.08
CA VAL N 49 -29.82 39.30 -123.99
C VAL N 49 -29.47 40.76 -123.75
N TYR N 50 -29.45 41.57 -124.80
CA TYR N 50 -28.98 42.94 -124.72
C TYR N 50 -30.06 43.98 -125.03
N PHE N 51 -30.93 43.72 -126.00
CA PHE N 51 -31.88 44.70 -126.49
C PHE N 51 -33.28 44.31 -126.04
N ASN N 52 -33.94 45.23 -125.31
CA ASN N 52 -35.32 45.02 -124.91
C ASN N 52 -36.25 45.32 -126.07
N GLU N 53 -37.26 44.45 -126.24
CA GLU N 53 -38.22 44.60 -127.32
C GLU N 53 -39.35 45.51 -126.86
N ALA N 54 -39.36 46.74 -127.38
CA ALA N 54 -40.43 47.69 -127.08
C ALA N 54 -41.52 47.57 -128.14
N TYR N 55 -42.48 48.50 -128.11
CA TYR N 55 -43.57 48.48 -129.06
C TYR N 55 -43.11 48.96 -130.44
N SER N 56 -43.81 48.48 -131.47
CA SER N 56 -43.62 48.88 -132.88
C SER N 56 -42.20 48.63 -133.37
N HIS N 57 -41.69 47.42 -133.07
CA HIS N 57 -40.39 46.91 -133.54
C HIS N 57 -39.24 47.80 -133.09
N LYS N 58 -39.24 48.18 -131.82
CA LYS N 58 -38.22 49.04 -131.25
C LYS N 58 -37.35 48.20 -130.31
N TYR N 59 -36.10 47.99 -130.69
CA TYR N 59 -35.16 47.21 -129.90
C TYR N 59 -34.23 48.19 -129.17
N VAL N 60 -34.63 48.58 -127.96
CA VAL N 60 -33.83 49.49 -127.15
C VAL N 60 -32.97 48.69 -126.20
N PRO N 61 -31.75 49.13 -125.89
CA PRO N 61 -30.91 48.39 -124.95
C PRO N 61 -31.42 48.52 -123.52
N ARG N 62 -31.13 47.49 -122.72
CA ARG N 62 -31.43 47.51 -121.28
C ARG N 62 -30.20 48.02 -120.50
N SER N 63 -29.78 49.23 -120.87
CA SER N 63 -28.57 49.82 -120.30
C SER N 63 -28.95 50.79 -119.20
N ILE N 64 -28.25 50.70 -118.07
CA ILE N 64 -28.43 51.60 -116.94
C ILE N 64 -27.18 52.46 -116.85
N LEU N 65 -27.23 53.66 -117.43
CA LEU N 65 -26.12 54.60 -117.36
C LEU N 65 -26.15 55.33 -116.03
N VAL N 66 -25.12 55.12 -115.21
CA VAL N 66 -25.04 55.71 -113.87
C VAL N 66 -23.81 56.60 -113.81
N ASP N 67 -24.00 57.82 -113.32
CA ASP N 67 -22.91 58.76 -113.10
C ASP N 67 -23.33 59.71 -111.98
N LEU N 68 -22.40 60.60 -111.59
CA LEU N 68 -22.69 61.62 -110.59
C LEU N 68 -22.61 63.03 -111.16
N GLU N 69 -22.43 63.17 -112.47
CA GLU N 69 -22.41 64.47 -113.11
C GLU N 69 -23.31 64.43 -114.36
N PRO N 70 -24.10 65.48 -114.58
CA PRO N 70 -25.02 65.47 -115.73
C PRO N 70 -24.35 65.79 -117.06
N GLY N 71 -23.08 66.22 -117.06
CA GLY N 71 -22.38 66.49 -118.30
C GLY N 71 -22.14 65.23 -119.12
N THR N 72 -21.88 64.12 -118.44
CA THR N 72 -21.70 62.84 -119.14
C THR N 72 -23.02 62.37 -119.75
N MET N 73 -24.14 62.58 -119.04
CA MET N 73 -25.44 62.24 -119.60
C MET N 73 -25.79 63.13 -120.78
N ASP N 74 -25.41 64.42 -120.72
CA ASP N 74 -25.64 65.30 -121.86
C ASP N 74 -24.76 64.92 -123.05
N SER N 75 -23.54 64.44 -122.78
CA SER N 75 -22.68 63.95 -123.86
C SER N 75 -23.21 62.65 -124.46
N VAL N 76 -23.82 61.80 -123.64
CA VAL N 76 -24.46 60.58 -124.14
C VAL N 76 -25.68 60.93 -125.00
N ARG N 77 -26.51 61.86 -124.54
CA ARG N 77 -27.70 62.25 -125.28
C ARG N 77 -27.36 63.01 -126.56
N SER N 78 -26.23 63.74 -126.56
CA SER N 78 -25.81 64.47 -127.75
C SER N 78 -25.24 63.59 -128.84
N SER N 79 -24.90 62.33 -128.52
CA SER N 79 -24.34 61.42 -129.50
C SER N 79 -25.45 60.80 -130.35
N LYS N 80 -25.05 59.89 -131.25
CA LYS N 80 -26.01 59.27 -132.16
C LYS N 80 -26.88 58.23 -131.46
N ILE N 81 -26.35 57.57 -130.42
CA ILE N 81 -27.08 56.50 -129.75
C ILE N 81 -27.88 57.01 -128.56
N GLY N 82 -27.89 58.33 -128.33
CA GLY N 82 -28.66 58.95 -127.27
C GLY N 82 -30.17 58.73 -127.34
N PRO N 83 -30.81 59.02 -128.48
CA PRO N 83 -32.22 58.65 -128.64
C PRO N 83 -32.47 57.14 -128.67
N LEU N 84 -31.45 56.33 -128.99
CA LEU N 84 -31.63 54.88 -128.99
C LEU N 84 -31.76 54.32 -127.59
N PHE N 85 -31.05 54.91 -126.62
CA PHE N 85 -31.09 54.42 -125.24
C PHE N 85 -32.43 54.75 -124.60
N ARG N 86 -32.72 54.03 -123.51
CA ARG N 86 -33.96 54.26 -122.77
C ARG N 86 -33.85 55.55 -121.96
N PRO N 87 -34.74 56.52 -122.14
CA PRO N 87 -34.67 57.75 -121.35
C PRO N 87 -35.04 57.58 -119.89
N ASP N 88 -35.83 56.56 -119.56
CA ASP N 88 -36.21 56.31 -118.18
C ASP N 88 -35.09 55.66 -117.36
N ASN N 89 -34.07 55.12 -118.02
CA ASN N 89 -32.98 54.44 -117.33
C ASN N 89 -31.80 55.35 -117.03
N PHE N 90 -31.92 56.64 -117.30
CA PHE N 90 -30.84 57.58 -116.99
C PHE N 90 -30.86 57.93 -115.50
N ILE N 91 -29.73 57.72 -114.84
CA ILE N 91 -29.53 58.10 -113.45
C ILE N 91 -28.26 58.92 -113.35
N HIS N 92 -28.38 60.14 -112.84
CA HIS N 92 -27.24 61.04 -112.73
C HIS N 92 -27.33 61.82 -111.43
N GLY N 93 -26.19 61.98 -110.76
CA GLY N 93 -26.12 62.78 -109.56
C GLY N 93 -25.87 64.25 -109.85
N ASN N 94 -25.78 65.03 -108.78
CA ASN N 94 -25.57 66.47 -108.89
C ASN N 94 -24.09 66.83 -108.84
N SER N 95 -23.36 66.25 -107.88
CA SER N 95 -21.95 66.55 -107.68
C SER N 95 -21.13 65.27 -107.84
N GLY N 96 -20.10 65.33 -108.68
CA GLY N 96 -19.23 64.18 -108.84
C GLY N 96 -18.33 63.98 -107.64
N ALA N 97 -17.80 62.76 -107.53
CA ALA N 97 -16.89 62.45 -106.44
C ALA N 97 -15.50 63.03 -106.70
N GLY N 98 -15.07 63.05 -107.96
CA GLY N 98 -13.80 63.63 -108.33
C GLY N 98 -12.61 62.88 -107.78
N ASN N 99 -12.42 61.63 -108.25
CA ASN N 99 -11.31 60.75 -107.86
C ASN N 99 -11.31 60.47 -106.35
N ASN N 100 -12.48 60.50 -105.72
CA ASN N 100 -12.64 60.18 -104.31
C ASN N 100 -13.41 58.87 -104.19
N TRP N 101 -12.72 57.81 -103.77
CA TRP N 101 -13.38 56.51 -103.65
C TRP N 101 -14.28 56.46 -102.42
N ALA N 102 -13.87 57.11 -101.33
CA ALA N 102 -14.67 57.11 -100.11
C ALA N 102 -15.96 57.89 -100.31
N LYS N 103 -15.92 58.97 -101.09
CA LYS N 103 -17.10 59.77 -101.33
C LYS N 103 -18.10 59.05 -102.23
N GLY N 104 -17.62 58.19 -103.12
CA GLY N 104 -18.47 57.39 -103.96
C GLY N 104 -18.81 56.03 -103.40
N HIS N 105 -18.23 55.66 -102.26
CA HIS N 105 -18.49 54.38 -101.63
C HIS N 105 -19.22 54.48 -100.30
N TYR N 106 -19.25 55.66 -99.68
CA TYR N 106 -19.83 55.75 -98.34
C TYR N 106 -20.90 56.83 -98.22
N THR N 107 -20.81 57.89 -99.01
CA THR N 107 -21.77 58.98 -98.90
C THR N 107 -22.64 59.15 -100.14
N GLU N 108 -22.04 59.38 -101.31
CA GLU N 108 -22.83 59.69 -102.49
C GLU N 108 -23.28 58.45 -103.23
N GLY N 109 -22.40 57.44 -103.30
CA GLY N 109 -22.82 56.14 -103.77
C GLY N 109 -23.88 55.52 -102.88
N ALA N 110 -23.75 55.73 -101.56
CA ALA N 110 -24.77 55.25 -100.64
C ALA N 110 -26.08 56.03 -100.79
N GLU N 111 -26.00 57.32 -101.10
CA GLU N 111 -27.23 58.10 -101.26
C GLU N 111 -27.91 57.88 -102.60
N LEU N 112 -27.21 57.38 -103.61
CA LEU N 112 -27.86 57.06 -104.89
C LEU N 112 -28.05 55.56 -105.12
N ILE N 113 -27.53 54.71 -104.22
CA ILE N 113 -27.66 53.28 -104.40
C ILE N 113 -29.09 52.80 -104.16
N GLU N 114 -29.90 53.54 -103.41
CA GLU N 114 -31.31 53.17 -103.26
C GLU N 114 -32.08 53.40 -104.55
N ASN N 115 -31.81 54.51 -105.23
CA ASN N 115 -32.44 54.77 -106.53
C ASN N 115 -31.96 53.78 -107.58
N VAL N 116 -30.67 53.45 -107.60
CA VAL N 116 -30.21 52.49 -108.60
C VAL N 116 -30.68 51.08 -108.26
N MET N 117 -30.92 50.78 -106.98
CA MET N 117 -31.51 49.50 -106.59
C MET N 117 -32.97 49.43 -106.99
N ASP N 118 -33.69 50.55 -106.88
CA ASP N 118 -35.08 50.59 -107.35
C ASP N 118 -35.17 50.39 -108.86
N VAL N 119 -34.24 51.01 -109.62
CA VAL N 119 -34.22 50.83 -111.07
C VAL N 119 -33.85 49.39 -111.43
N VAL N 120 -32.88 48.81 -110.71
CA VAL N 120 -32.47 47.42 -110.95
C VAL N 120 -33.60 46.45 -110.61
N ARG N 121 -34.32 46.70 -109.51
CA ARG N 121 -35.44 45.85 -109.13
C ARG N 121 -36.61 45.99 -110.10
N ASN N 122 -36.83 47.20 -110.63
CA ASN N 122 -37.86 47.41 -111.64
C ASN N 122 -37.52 46.66 -112.93
N GLU N 123 -36.24 46.64 -113.32
CA GLU N 123 -35.84 45.88 -114.49
C GLU N 123 -35.90 44.38 -114.24
N CYS N 124 -35.54 43.95 -113.02
CA CYS N 124 -35.43 42.52 -112.70
C CYS N 124 -36.78 41.87 -112.46
N GLU N 125 -37.75 42.60 -111.92
CA GLU N 125 -39.06 42.02 -111.65
C GLU N 125 -39.86 41.79 -112.93
N SER N 126 -39.48 42.44 -114.03
CA SER N 126 -40.08 42.18 -115.33
C SER N 126 -39.38 41.07 -116.09
N CYS N 127 -38.28 40.54 -115.56
CA CYS N 127 -37.56 39.45 -116.23
C CYS N 127 -38.33 38.14 -116.06
N ASP N 128 -38.48 37.41 -117.17
CA ASP N 128 -38.92 36.03 -117.08
C ASP N 128 -37.87 35.18 -116.35
N CYS N 129 -36.60 35.40 -116.67
CA CYS N 129 -35.49 34.80 -115.94
C CYS N 129 -34.28 35.69 -116.11
N LEU N 130 -33.49 35.81 -115.04
CA LEU N 130 -32.31 36.67 -115.03
C LEU N 130 -31.07 35.84 -115.33
N GLN N 131 -30.27 36.30 -116.28
CA GLN N 131 -29.01 35.62 -116.60
C GLN N 131 -27.87 36.16 -115.75
N GLY N 132 -27.74 37.47 -115.65
CA GLY N 132 -26.70 38.06 -114.85
C GLY N 132 -26.64 39.56 -115.08
N PHE N 133 -25.59 40.17 -114.53
CA PHE N 133 -25.35 41.59 -114.67
C PHE N 133 -23.96 41.81 -115.25
N GLN N 134 -23.87 42.63 -116.29
CA GLN N 134 -22.61 43.03 -116.88
C GLN N 134 -22.27 44.44 -116.43
N LEU N 135 -21.11 44.60 -115.81
CA LEU N 135 -20.69 45.87 -115.25
C LEU N 135 -19.45 46.37 -115.98
N ILE N 136 -19.46 47.64 -116.37
CA ILE N 136 -18.32 48.25 -117.03
C ILE N 136 -17.99 49.55 -116.32
N HIS N 137 -16.79 49.63 -115.74
CA HIS N 137 -16.40 50.76 -114.92
C HIS N 137 -14.88 50.81 -114.83
N SER N 138 -14.38 51.90 -114.27
CA SER N 138 -12.95 52.12 -114.12
C SER N 138 -12.58 52.10 -112.64
N LEU N 139 -11.47 51.45 -112.32
CA LEU N 139 -11.06 51.25 -110.93
C LEU N 139 -10.36 52.47 -110.33
N GLY N 140 -10.07 53.50 -111.12
CA GLY N 140 -9.33 54.64 -110.61
C GLY N 140 -10.14 55.85 -110.19
N GLY N 141 -11.33 56.01 -110.77
CA GLY N 141 -12.12 57.20 -110.58
C GLY N 141 -12.80 57.25 -109.23
N GLY N 142 -13.64 58.27 -109.07
CA GLY N 142 -14.26 58.50 -107.78
C GLY N 142 -15.62 57.86 -107.61
N THR N 143 -16.55 58.13 -108.51
CA THR N 143 -17.86 57.47 -108.43
C THR N 143 -17.89 56.16 -109.20
N GLY N 144 -17.00 55.99 -110.17
CA GLY N 144 -16.92 54.78 -110.96
C GLY N 144 -16.59 53.57 -110.12
N SER N 145 -15.39 53.54 -109.54
CA SER N 145 -14.96 52.38 -108.76
C SER N 145 -15.77 52.22 -107.48
N GLY N 146 -16.02 53.32 -106.77
CA GLY N 146 -16.74 53.23 -105.51
C GLY N 146 -18.20 52.83 -105.68
N MET N 147 -18.90 53.46 -106.62
CA MET N 147 -20.29 53.09 -106.84
C MET N 147 -20.41 51.74 -107.53
N GLY N 148 -19.40 51.34 -108.32
CA GLY N 148 -19.41 50.00 -108.88
C GLY N 148 -19.27 48.92 -107.83
N THR N 149 -18.37 49.12 -106.86
CA THR N 149 -18.24 48.13 -105.79
C THR N 149 -19.43 48.14 -104.85
N LEU N 150 -20.05 49.31 -104.63
CA LEU N 150 -21.28 49.33 -103.82
C LEU N 150 -22.44 48.66 -104.53
N LEU N 151 -22.56 48.86 -105.85
CA LEU N 151 -23.58 48.18 -106.62
C LEU N 151 -23.34 46.68 -106.66
N ILE N 152 -22.07 46.27 -106.71
CA ILE N 152 -21.70 44.86 -106.66
C ILE N 152 -22.12 44.24 -105.33
N ASN N 153 -21.86 44.93 -104.23
CA ASN N 153 -22.27 44.42 -102.91
C ASN N 153 -23.78 44.34 -102.78
N LYS N 154 -24.50 45.35 -103.28
CA LYS N 154 -25.96 45.33 -103.19
C LYS N 154 -26.57 44.26 -104.08
N ILE N 155 -25.99 44.03 -105.26
CA ILE N 155 -26.49 43.00 -106.16
C ILE N 155 -26.22 41.61 -105.58
N ARG N 156 -25.03 41.41 -105.00
CA ARG N 156 -24.70 40.13 -104.38
C ARG N 156 -25.56 39.86 -103.15
N GLU N 157 -25.95 40.91 -102.42
CA GLU N 157 -26.89 40.70 -101.32
C GLU N 157 -28.29 40.39 -101.83
N GLU N 158 -28.74 41.10 -102.86
CA GLU N 158 -30.11 40.90 -103.34
C GLU N 158 -30.26 39.61 -104.15
N TYR N 159 -29.33 39.32 -105.05
CA TYR N 159 -29.42 38.17 -105.94
C TYR N 159 -28.15 37.33 -105.82
N PRO N 160 -28.06 36.49 -104.78
CA PRO N 160 -26.82 35.71 -104.57
C PRO N 160 -26.63 34.57 -105.56
N ASP N 161 -27.65 34.22 -106.34
CA ASP N 161 -27.56 33.12 -107.30
C ASP N 161 -27.39 33.61 -108.73
N ARG N 162 -26.84 34.82 -108.91
CA ARG N 162 -26.65 35.38 -110.24
C ARG N 162 -25.19 35.76 -110.42
N ILE N 163 -24.72 35.65 -111.66
CA ILE N 163 -23.32 35.92 -111.96
C ILE N 163 -23.09 37.43 -112.00
N MET N 164 -21.82 37.81 -111.80
CA MET N 164 -21.42 39.21 -111.81
C MET N 164 -20.20 39.35 -112.71
N ASN N 165 -20.41 39.91 -113.90
CA ASN N 165 -19.34 40.08 -114.88
C ASN N 165 -18.93 41.55 -114.91
N THR N 166 -17.63 41.81 -114.70
CA THR N 166 -17.13 43.16 -114.55
C THR N 166 -16.03 43.45 -115.55
N PHE N 167 -16.19 44.53 -116.31
CA PHE N 167 -15.14 45.02 -117.20
C PHE N 167 -14.36 46.11 -116.49
N SER N 168 -13.58 45.70 -115.48
CA SER N 168 -12.89 46.64 -114.62
C SER N 168 -11.65 47.18 -115.32
N VAL N 169 -11.60 48.50 -115.48
CA VAL N 169 -10.47 49.16 -116.12
C VAL N 169 -9.48 49.58 -115.03
N VAL N 170 -8.32 48.94 -115.03
CA VAL N 170 -7.27 49.25 -114.04
C VAL N 170 -6.58 50.55 -114.46
N PRO N 171 -6.44 51.53 -113.57
CA PRO N 171 -5.78 52.78 -113.94
C PRO N 171 -4.27 52.61 -114.11
N SER N 172 -3.70 53.53 -114.88
CA SER N 172 -2.28 53.52 -115.19
C SER N 172 -1.72 54.94 -115.08
N PRO N 173 -0.45 55.08 -114.67
CA PRO N 173 0.13 56.43 -114.59
C PRO N 173 0.46 57.05 -115.93
N LYS N 174 0.50 56.28 -117.02
CA LYS N 174 0.92 56.83 -118.31
C LYS N 174 -0.20 57.55 -119.04
N VAL N 175 -1.44 57.46 -118.58
CA VAL N 175 -2.55 58.11 -119.27
C VAL N 175 -3.38 58.92 -118.28
N SER N 176 -3.16 58.71 -116.98
CA SER N 176 -3.94 59.37 -115.94
C SER N 176 -3.02 60.19 -115.04
N ASP N 177 -3.38 61.45 -114.82
CA ASP N 177 -2.54 62.36 -114.05
C ASP N 177 -2.85 62.36 -112.56
N THR N 178 -3.99 61.82 -112.15
CA THR N 178 -4.35 61.77 -110.74
C THR N 178 -3.43 60.78 -110.01
N VAL N 179 -3.05 61.16 -108.78
CA VAL N 179 -2.04 60.41 -108.05
C VAL N 179 -2.66 59.41 -107.07
N VAL N 180 -3.92 59.60 -106.69
CA VAL N 180 -4.55 58.81 -105.63
C VAL N 180 -5.20 57.54 -106.18
N GLU N 181 -4.98 57.26 -107.46
CA GLU N 181 -5.61 56.13 -108.13
C GLU N 181 -5.20 54.73 -107.64
N PRO N 182 -3.95 54.48 -107.15
CA PRO N 182 -3.71 53.21 -106.48
C PRO N 182 -4.58 52.93 -105.27
N TYR N 183 -5.03 53.95 -104.52
CA TYR N 183 -5.95 53.71 -103.41
C TYR N 183 -7.28 53.15 -103.89
N ASN N 184 -7.87 53.81 -104.90
CA ASN N 184 -9.14 53.37 -105.46
C ASN N 184 -9.02 52.00 -106.12
N ALA N 185 -7.91 51.78 -106.84
CA ALA N 185 -7.69 50.51 -107.52
C ALA N 185 -7.53 49.37 -106.52
N ILE N 186 -6.74 49.55 -105.46
CA ILE N 186 -6.53 48.47 -104.50
C ILE N 186 -7.79 48.21 -103.68
N LEU N 187 -8.54 49.27 -103.32
CA LEU N 187 -9.79 49.07 -102.59
C LEU N 187 -10.84 48.36 -103.45
N SER N 188 -10.94 48.73 -104.73
CA SER N 188 -11.89 48.06 -105.60
C SER N 188 -11.45 46.65 -105.95
N ILE N 189 -10.14 46.39 -106.02
CA ILE N 189 -9.64 45.03 -106.22
C ILE N 189 -9.98 44.16 -105.02
N HIS N 190 -9.84 44.70 -103.81
CA HIS N 190 -10.22 43.95 -102.61
C HIS N 190 -11.73 43.70 -102.55
N GLN N 191 -12.54 44.63 -103.04
CA GLN N 191 -13.98 44.38 -103.06
C GLN N 191 -14.35 43.36 -104.15
N LEU N 192 -13.71 43.44 -105.32
CA LEU N 192 -14.00 42.54 -106.43
C LEU N 192 -13.49 41.12 -106.17
N ILE N 193 -12.46 40.96 -105.34
CA ILE N 193 -12.04 39.61 -104.94
C ILE N 193 -13.13 38.94 -104.12
N GLU N 194 -13.70 39.66 -103.17
CA GLU N 194 -14.62 39.05 -102.22
C GLU N 194 -16.07 39.02 -102.68
N ASN N 195 -16.45 39.83 -103.68
CA ASN N 195 -17.86 39.94 -104.01
C ASN N 195 -18.16 39.82 -105.50
N THR N 196 -17.21 39.34 -106.30
CA THR N 196 -17.43 39.21 -107.73
C THR N 196 -16.84 37.89 -108.22
N ASP N 197 -17.48 37.31 -109.24
CA ASP N 197 -17.07 36.02 -109.79
C ASP N 197 -16.36 36.14 -111.14
N GLU N 198 -16.38 37.31 -111.76
CA GLU N 198 -15.74 37.50 -113.06
C GLU N 198 -15.16 38.90 -113.16
N THR N 199 -14.03 39.02 -113.84
CA THR N 199 -13.37 40.30 -114.01
C THR N 199 -12.59 40.30 -115.33
N PHE N 200 -12.87 41.28 -116.19
CA PHE N 200 -12.14 41.46 -117.43
C PHE N 200 -11.13 42.58 -117.22
N CYS N 201 -9.91 42.21 -116.88
CA CYS N 201 -8.86 43.18 -116.54
C CYS N 201 -8.32 43.81 -117.82
N ILE N 202 -8.96 44.90 -118.23
CA ILE N 202 -8.49 45.72 -119.34
C ILE N 202 -7.66 46.85 -118.77
N ASP N 203 -6.39 46.94 -119.16
CA ASP N 203 -5.45 47.89 -118.58
C ASP N 203 -5.13 49.00 -119.56
N ASN N 204 -5.22 50.25 -119.10
CA ASN N 204 -4.92 51.40 -119.95
C ASN N 204 -3.43 51.53 -120.26
N GLU N 205 -2.56 50.95 -119.43
CA GLU N 205 -1.13 50.95 -119.73
C GLU N 205 -0.84 50.17 -121.00
N ALA N 206 -1.41 48.97 -121.11
CA ALA N 206 -1.23 48.17 -122.31
C ALA N 206 -1.93 48.78 -123.51
N LEU N 207 -3.05 49.49 -123.29
CA LEU N 207 -3.70 50.23 -124.38
C LEU N 207 -2.81 51.35 -124.91
N TYR N 208 -2.17 52.09 -124.01
CA TYR N 208 -1.23 53.13 -124.41
C TYR N 208 -0.03 52.54 -125.12
N ASP N 209 0.46 51.38 -124.64
CA ASP N 209 1.57 50.70 -125.31
C ASP N 209 1.19 50.23 -126.70
N ILE N 210 -0.05 49.72 -126.87
CA ILE N 210 -0.53 49.29 -128.18
C ILE N 210 -0.64 50.47 -129.13
N CYS N 211 -1.21 51.58 -128.65
CA CYS N 211 -1.35 52.78 -129.48
C CYS N 211 -0.02 53.43 -129.78
N PHE N 212 1.00 53.22 -128.94
CA PHE N 212 2.31 53.80 -129.18
C PHE N 212 3.13 52.95 -130.14
N ARG N 213 3.20 51.64 -129.91
CA ARG N 213 4.05 50.76 -130.71
C ARG N 213 3.34 50.29 -131.99
N THR N 214 2.15 49.72 -131.86
CA THR N 214 1.48 49.12 -133.01
C THR N 214 0.90 50.18 -133.94
N LEU N 215 0.08 51.07 -133.39
CA LEU N 215 -0.58 52.09 -134.20
C LEU N 215 0.31 53.28 -134.51
N LYS N 216 1.48 53.37 -133.86
CA LYS N 216 2.49 54.43 -134.06
C LYS N 216 1.92 55.82 -133.79
N LEU N 217 0.98 55.92 -132.86
CA LEU N 217 0.39 57.20 -132.47
C LEU N 217 0.94 57.58 -131.10
N THR N 218 1.65 58.71 -131.04
CA THR N 218 2.27 59.14 -129.79
C THR N 218 1.22 59.58 -128.78
N ASN N 219 0.21 60.30 -129.21
CA ASN N 219 -0.80 60.82 -128.29
C ASN N 219 -1.77 59.71 -127.89
N PRO N 220 -1.96 59.46 -126.59
CA PRO N 220 -2.99 58.48 -126.16
C PRO N 220 -4.35 59.14 -125.98
N THR N 221 -4.97 59.50 -127.10
CA THR N 221 -6.30 60.11 -127.07
C THR N 221 -7.34 59.09 -126.63
N TYR N 222 -8.37 59.59 -125.93
CA TYR N 222 -9.35 58.69 -125.33
C TYR N 222 -10.31 58.10 -126.34
N GLY N 223 -10.45 58.72 -127.52
CA GLY N 223 -11.27 58.15 -128.57
C GLY N 223 -10.71 56.86 -129.13
N ASP N 224 -9.39 56.81 -129.33
CA ASP N 224 -8.76 55.60 -129.84
C ASP N 224 -8.80 54.47 -128.82
N LEU N 225 -8.60 54.79 -127.55
CA LEU N 225 -8.73 53.78 -126.49
C LEU N 225 -10.18 53.30 -126.38
N ASN N 226 -11.14 54.21 -126.54
CA ASN N 226 -12.55 53.83 -126.54
C ASN N 226 -12.87 52.88 -127.70
N HIS N 227 -12.33 53.18 -128.88
CA HIS N 227 -12.54 52.34 -130.06
C HIS N 227 -11.91 50.96 -129.87
N LEU N 228 -10.71 50.91 -129.28
CA LEU N 228 -10.02 49.64 -129.10
C LEU N 228 -10.73 48.76 -128.06
N VAL N 229 -11.11 49.34 -126.92
CA VAL N 229 -11.82 48.58 -125.89
C VAL N 229 -13.22 48.17 -126.39
N SER N 230 -13.87 49.01 -127.20
CA SER N 230 -15.17 48.64 -127.77
C SER N 230 -15.04 47.48 -128.75
N LEU N 231 -13.99 47.49 -129.58
CA LEU N 231 -13.75 46.37 -130.49
C LEU N 231 -13.46 45.08 -129.74
N THR N 232 -12.64 45.17 -128.68
CA THR N 232 -12.33 43.97 -127.90
C THR N 232 -13.54 43.48 -127.12
N MET N 233 -14.39 44.39 -126.66
CA MET N 233 -15.61 43.99 -125.95
C MET N 233 -16.60 43.34 -126.89
N SER N 234 -16.71 43.85 -128.13
CA SER N 234 -17.56 43.21 -129.13
C SER N 234 -17.05 41.82 -129.49
N GLY N 235 -15.73 41.67 -129.63
CA GLY N 235 -15.17 40.37 -129.91
C GLY N 235 -15.29 39.39 -128.75
N VAL N 236 -15.29 39.89 -127.52
CA VAL N 236 -15.54 39.04 -126.37
C VAL N 236 -17.01 38.62 -126.32
N THR N 237 -17.91 39.56 -126.54
CA THR N 237 -19.34 39.28 -126.40
C THR N 237 -19.96 38.68 -127.65
N THR N 238 -19.17 38.40 -128.69
CA THR N 238 -19.71 37.66 -129.84
C THR N 238 -20.08 36.21 -129.48
N SER N 239 -19.60 35.68 -128.37
CA SER N 239 -20.06 34.36 -127.92
C SER N 239 -21.47 34.46 -127.34
N LEU N 240 -21.74 35.51 -126.57
CA LEU N 240 -23.06 35.68 -125.99
C LEU N 240 -24.08 36.19 -127.01
N ARG N 241 -23.63 36.98 -128.00
CA ARG N 241 -24.56 37.60 -128.93
C ARG N 241 -24.96 36.68 -130.08
N PHE N 242 -24.22 35.60 -130.32
CA PHE N 242 -24.53 34.72 -131.42
C PHE N 242 -24.49 33.26 -130.97
N PRO N 243 -25.42 32.44 -131.44
CA PRO N 243 -25.38 31.00 -131.09
C PRO N 243 -24.23 30.29 -131.77
N GLY N 244 -23.72 29.27 -131.09
CA GLY N 244 -22.61 28.51 -131.61
C GLY N 244 -22.33 27.30 -130.75
N GLN N 245 -21.19 26.65 -131.05
CA GLN N 245 -20.75 25.52 -130.25
C GLN N 245 -20.41 25.95 -128.83
N LEU N 246 -19.58 26.99 -128.71
CA LEU N 246 -19.26 27.59 -127.41
C LEU N 246 -20.23 28.76 -127.22
N ASN N 247 -21.34 28.49 -126.53
CA ASN N 247 -22.26 29.56 -126.19
C ASN N 247 -21.64 30.51 -125.17
N ALA N 248 -21.07 29.95 -124.09
CA ALA N 248 -20.39 30.68 -123.01
C ALA N 248 -21.29 31.76 -122.40
N ASP N 249 -22.56 31.42 -122.17
CA ASP N 249 -23.55 32.37 -121.68
C ASP N 249 -23.34 32.58 -120.19
N LEU N 250 -22.34 33.43 -119.89
CA LEU N 250 -22.02 33.95 -118.55
C LEU N 250 -21.65 32.86 -117.55
N ARG N 251 -22.61 32.01 -117.20
CA ARG N 251 -22.33 30.92 -116.25
C ARG N 251 -21.44 29.86 -116.87
N LYS N 252 -21.65 29.56 -118.16
CA LYS N 252 -20.78 28.60 -118.85
C LYS N 252 -19.36 29.13 -118.98
N LEU N 253 -19.22 30.44 -119.25
CA LEU N 253 -17.91 31.07 -119.32
C LEU N 253 -17.21 31.03 -117.96
N ALA N 254 -17.96 31.20 -116.88
CA ALA N 254 -17.37 31.13 -115.54
C ALA N 254 -17.02 29.69 -115.17
N VAL N 255 -17.79 28.72 -115.64
CA VAL N 255 -17.46 27.32 -115.36
C VAL N 255 -16.21 26.90 -116.13
N ASN N 256 -16.09 27.34 -117.39
CA ASN N 256 -14.93 26.99 -118.19
C ASN N 256 -13.66 27.68 -117.70
N MET N 257 -13.72 29.00 -117.48
CA MET N 257 -12.51 29.80 -117.37
C MET N 257 -12.03 30.01 -115.93
N VAL N 258 -12.88 29.83 -114.93
CA VAL N 258 -12.57 30.21 -113.56
C VAL N 258 -12.40 28.94 -112.73
N PRO N 259 -11.17 28.59 -112.35
CA PRO N 259 -10.99 27.41 -111.48
C PRO N 259 -11.12 27.70 -109.99
N PHE N 260 -10.97 28.94 -109.56
CA PHE N 260 -10.93 29.26 -108.15
C PHE N 260 -11.67 30.57 -107.90
N PRO N 261 -12.33 30.72 -106.73
CA PRO N 261 -13.17 31.91 -106.50
C PRO N 261 -12.39 33.20 -106.35
N ARG N 262 -11.07 33.14 -106.13
CA ARG N 262 -10.24 34.33 -106.07
C ARG N 262 -9.49 34.60 -107.37
N LEU N 263 -9.12 33.56 -108.09
CA LEU N 263 -8.30 33.70 -109.30
C LEU N 263 -9.16 33.78 -110.55
N HIS N 264 -10.01 34.80 -110.60
CA HIS N 264 -10.95 34.98 -111.70
C HIS N 264 -10.68 36.26 -112.48
N PHE N 265 -9.41 36.58 -112.68
CA PHE N 265 -9.00 37.80 -113.39
C PHE N 265 -8.56 37.41 -114.79
N PHE N 266 -9.30 37.87 -115.80
CA PHE N 266 -9.09 37.44 -117.17
C PHE N 266 -8.00 38.29 -117.82
N MET N 267 -7.85 38.16 -119.13
CA MET N 267 -6.89 38.94 -119.91
C MET N 267 -7.33 39.00 -121.37
N PRO N 268 -8.29 39.85 -121.72
CA PRO N 268 -8.76 39.89 -123.10
C PRO N 268 -7.75 40.49 -124.05
N GLY N 269 -7.87 40.12 -125.32
CA GLY N 269 -6.97 40.61 -126.35
C GLY N 269 -7.63 40.56 -127.71
N PHE N 270 -7.09 41.35 -128.63
CA PHE N 270 -7.64 41.47 -129.97
C PHE N 270 -6.50 41.49 -130.98
N ALA N 271 -6.43 40.47 -131.84
CA ALA N 271 -5.30 40.32 -132.74
C ALA N 271 -5.32 41.31 -133.92
N PRO N 272 -6.41 41.44 -134.74
CA PRO N 272 -6.28 42.43 -135.82
C PRO N 272 -6.67 43.84 -135.39
N LEU N 273 -5.81 44.46 -134.58
CA LEU N 273 -6.08 45.79 -134.05
C LEU N 273 -5.56 46.85 -135.02
N THR N 274 -6.48 47.66 -135.54
CA THR N 274 -6.16 48.73 -136.47
C THR N 274 -6.90 50.00 -136.07
N ALA N 275 -6.22 51.13 -136.17
CA ALA N 275 -6.79 52.41 -135.80
C ALA N 275 -7.77 52.90 -136.87
N ARG N 276 -8.45 54.00 -136.56
CA ARG N 276 -9.42 54.61 -137.46
C ARG N 276 -8.74 55.22 -138.68
N ARG N 282 -4.22 45.22 -146.06
CA ARG N 282 -4.25 44.50 -144.80
C ARG N 282 -4.74 43.07 -144.99
N ALA N 283 -3.82 42.18 -145.36
CA ALA N 283 -4.17 40.78 -145.54
C ALA N 283 -4.41 40.11 -144.20
N LEU N 284 -5.49 39.34 -144.11
CA LEU N 284 -5.87 38.64 -142.89
C LEU N 284 -6.02 37.15 -143.19
N SER N 285 -5.33 36.34 -142.40
CA SER N 285 -5.38 34.89 -142.56
C SER N 285 -5.21 34.24 -141.19
N VAL N 286 -5.30 32.91 -141.17
CA VAL N 286 -5.35 32.14 -139.92
C VAL N 286 -4.02 32.12 -139.15
N PRO N 287 -2.86 31.72 -139.71
CA PRO N 287 -1.67 31.60 -138.84
C PRO N 287 -1.11 32.93 -138.36
N GLU N 288 -1.23 34.00 -139.16
CA GLU N 288 -0.82 35.32 -138.67
C GLU N 288 -1.72 35.80 -137.54
N LEU N 289 -3.02 35.53 -137.63
CA LEU N 289 -3.94 35.88 -136.54
C LEU N 289 -3.67 35.07 -135.29
N THR N 290 -3.30 33.78 -135.46
CA THR N 290 -3.00 32.95 -134.31
C THR N 290 -1.68 33.35 -133.65
N GLN N 291 -0.66 33.70 -134.45
CA GLN N 291 0.60 34.16 -133.87
C GLN N 291 0.51 35.58 -133.33
N GLN N 292 -0.47 36.37 -133.77
CA GLN N 292 -0.77 37.64 -133.13
C GLN N 292 -1.70 37.50 -131.94
N MET N 293 -2.32 36.33 -131.77
CA MET N 293 -3.29 36.16 -130.70
C MET N 293 -2.61 36.06 -129.34
N PHE N 294 -1.49 35.36 -129.26
CA PHE N 294 -0.84 35.09 -127.98
C PHE N 294 0.40 35.96 -127.76
N ASP N 295 0.54 37.02 -128.54
CA ASP N 295 1.69 37.91 -128.38
C ASP N 295 1.55 38.77 -127.13
N ALA N 296 2.69 39.08 -126.50
CA ALA N 296 2.70 39.94 -125.33
C ALA N 296 2.29 41.37 -125.68
N ARG N 297 2.73 41.85 -126.84
CA ARG N 297 2.42 43.22 -127.26
C ARG N 297 0.95 43.38 -127.61
N ASN N 298 0.32 42.33 -128.15
CA ASN N 298 -1.06 42.42 -128.61
C ASN N 298 -2.06 42.44 -127.48
N MET N 299 -1.73 41.84 -126.33
CA MET N 299 -2.68 41.70 -125.25
C MET N 299 -2.93 43.04 -124.54
N MET N 300 -4.16 43.22 -124.07
CA MET N 300 -4.62 44.48 -123.50
C MET N 300 -4.51 44.50 -121.98
N ALA N 301 -3.53 43.79 -121.43
CA ALA N 301 -3.18 43.91 -120.02
C ALA N 301 -1.67 43.90 -119.90
N ALA N 302 -1.14 44.73 -119.00
CA ALA N 302 0.31 44.91 -118.87
C ALA N 302 0.89 43.69 -118.16
N CYS N 303 1.09 42.63 -118.94
CA CYS N 303 1.51 41.35 -118.44
C CYS N 303 2.56 40.75 -119.37
N ASP N 304 3.29 39.77 -118.85
CA ASP N 304 4.25 39.00 -119.64
C ASP N 304 3.84 37.54 -119.66
N PRO N 305 3.22 37.04 -120.74
CA PRO N 305 2.76 35.64 -120.76
C PRO N 305 3.88 34.62 -120.76
N ARG N 306 5.12 35.01 -121.07
CA ARG N 306 6.24 34.10 -120.95
C ARG N 306 6.58 33.78 -119.50
N ARG N 307 6.22 34.65 -118.56
CA ARG N 307 6.47 34.43 -117.15
C ARG N 307 5.32 33.73 -116.44
N GLY N 308 4.22 33.43 -117.13
CA GLY N 308 3.07 32.82 -116.51
C GLY N 308 2.52 31.69 -117.35
N ARG N 309 1.52 31.00 -116.78
CA ARG N 309 0.91 29.84 -117.41
C ARG N 309 -0.56 30.11 -117.64
N TYR N 310 -1.03 29.82 -118.86
CA TYR N 310 -2.43 29.98 -119.20
C TYR N 310 -3.25 28.89 -118.51
N LEU N 311 -4.10 29.29 -117.55
CA LEU N 311 -4.97 28.30 -116.91
C LEU N 311 -6.12 27.89 -117.83
N THR N 312 -6.73 28.84 -118.51
CA THR N 312 -7.81 28.55 -119.45
C THR N 312 -7.72 29.57 -120.59
N VAL N 313 -8.01 29.11 -121.80
CA VAL N 313 -7.97 29.95 -122.99
C VAL N 313 -9.28 29.73 -123.76
N ALA N 314 -9.95 30.81 -124.13
CA ALA N 314 -11.13 30.74 -124.99
C ALA N 314 -10.90 31.66 -126.19
N CYS N 315 -10.25 31.11 -127.22
CA CYS N 315 -9.96 31.87 -128.43
C CYS N 315 -11.14 31.78 -129.37
N ILE N 316 -11.68 32.93 -129.77
CA ILE N 316 -12.86 33.00 -130.62
C ILE N 316 -12.48 33.70 -131.91
N PHE N 317 -12.82 33.09 -133.05
CA PHE N 317 -12.56 33.66 -134.36
C PHE N 317 -13.86 34.15 -134.97
N ARG N 318 -13.79 35.30 -135.65
CA ARG N 318 -14.93 35.91 -136.31
C ARG N 318 -14.60 36.12 -137.78
N GLY N 319 -15.52 35.75 -138.66
CA GLY N 319 -15.39 35.93 -140.09
C GLY N 319 -15.56 34.63 -140.82
N ARG N 320 -15.23 34.65 -142.11
CA ARG N 320 -15.35 33.49 -142.98
C ARG N 320 -13.98 32.83 -143.08
N MET N 321 -13.77 31.79 -142.27
CA MET N 321 -12.50 31.07 -142.25
C MET N 321 -12.77 29.57 -142.23
N SER N 322 -11.76 28.81 -142.64
CA SER N 322 -11.83 27.35 -142.59
C SER N 322 -11.56 26.90 -141.16
N THR N 323 -12.49 26.11 -140.60
CA THR N 323 -12.38 25.71 -139.20
C THR N 323 -11.28 24.68 -138.99
N ARG N 324 -11.01 23.84 -139.99
CA ARG N 324 -9.97 22.83 -139.89
C ARG N 324 -8.59 23.47 -139.81
N GLU N 325 -8.35 24.52 -140.59
CA GLU N 325 -7.06 25.21 -140.54
C GLU N 325 -6.87 25.95 -139.22
N VAL N 326 -7.96 26.51 -138.68
CA VAL N 326 -7.92 27.17 -137.37
C VAL N 326 -7.59 26.16 -136.27
N ASP N 327 -8.24 24.99 -136.31
CA ASP N 327 -7.99 23.95 -135.32
C ASP N 327 -6.57 23.40 -135.43
N GLU N 328 -6.08 23.21 -136.65
CA GLU N 328 -4.72 22.73 -136.86
C GLU N 328 -3.68 23.74 -136.38
N GLN N 329 -3.90 25.03 -136.68
CA GLN N 329 -2.97 26.07 -136.25
C GLN N 329 -2.96 26.23 -134.74
N LEU N 330 -4.13 26.16 -134.11
CA LEU N 330 -4.17 26.29 -132.65
C LEU N 330 -3.62 25.05 -131.95
N LEU N 331 -3.81 23.87 -132.54
CA LEU N 331 -3.18 22.66 -131.98
C LEU N 331 -1.67 22.72 -132.12
N SER N 332 -1.17 23.24 -133.25
CA SER N 332 0.26 23.42 -133.42
C SER N 332 0.83 24.44 -132.45
N VAL N 333 0.08 25.51 -132.19
CA VAL N 333 0.48 26.52 -131.21
C VAL N 333 0.52 25.92 -129.81
N GLN N 334 -0.48 25.12 -129.45
CA GLN N 334 -0.55 24.51 -128.13
C GLN N 334 0.55 23.48 -127.93
N THR N 335 0.88 22.70 -128.97
CA THR N 335 1.93 21.70 -128.84
C THR N 335 3.32 22.33 -128.88
N LYS N 336 3.50 23.39 -129.67
CA LYS N 336 4.81 24.05 -129.76
C LYS N 336 5.15 24.84 -128.50
N ASN N 337 4.16 25.22 -127.71
CA ASN N 337 4.33 26.06 -126.54
C ASN N 337 3.71 25.39 -125.32
N SER N 338 3.99 24.09 -125.16
CA SER N 338 3.40 23.31 -124.08
C SER N 338 3.93 23.70 -122.70
N SER N 339 5.06 24.41 -122.64
CA SER N 339 5.55 24.93 -121.36
C SER N 339 4.79 26.18 -120.92
N TYR N 340 4.03 26.81 -121.83
CA TYR N 340 3.30 28.02 -121.50
C TYR N 340 1.90 27.73 -120.97
N PHE N 341 1.45 26.48 -121.01
CA PHE N 341 0.14 26.08 -120.52
C PHE N 341 0.33 25.15 -119.32
N VAL N 342 -0.65 25.16 -118.42
CA VAL N 342 -0.62 24.22 -117.30
C VAL N 342 -0.94 22.83 -117.81
N GLU N 343 -0.21 21.84 -117.31
CA GLU N 343 -0.39 20.46 -117.72
C GLU N 343 -1.36 19.70 -116.83
N TRP N 344 -1.85 20.31 -115.75
CA TRP N 344 -2.83 19.67 -114.88
C TRP N 344 -4.25 20.06 -115.20
N ILE N 345 -4.46 20.89 -116.21
CA ILE N 345 -5.79 21.16 -116.76
C ILE N 345 -5.77 20.79 -118.24
N PRO N 346 -6.26 19.60 -118.59
CA PRO N 346 -6.19 19.16 -119.98
C PRO N 346 -7.30 19.75 -120.84
N ASN N 347 -6.93 20.01 -122.11
CA ASN N 347 -7.79 20.62 -123.13
C ASN N 347 -8.37 21.96 -122.65
N ASN N 348 -7.46 22.90 -122.39
CA ASN N 348 -7.82 24.20 -121.84
C ASN N 348 -8.07 25.25 -122.91
N VAL N 349 -7.94 24.90 -124.19
CA VAL N 349 -8.14 25.84 -125.27
C VAL N 349 -9.45 25.48 -125.98
N LYS N 350 -10.42 26.40 -125.92
CA LYS N 350 -11.71 26.22 -126.57
C LYS N 350 -11.81 27.18 -127.74
N VAL N 351 -12.15 26.65 -128.91
CA VAL N 351 -12.20 27.42 -130.15
C VAL N 351 -13.63 27.48 -130.63
N ALA N 352 -14.09 28.68 -130.97
CA ALA N 352 -15.40 28.88 -131.59
C ALA N 352 -15.25 29.81 -132.77
N VAL N 353 -16.06 29.57 -133.81
CA VAL N 353 -16.00 30.33 -135.05
C VAL N 353 -17.37 30.91 -135.32
N CYS N 354 -17.45 32.25 -135.42
CA CYS N 354 -18.67 32.95 -135.79
C CYS N 354 -18.52 33.51 -137.19
N ASP N 355 -19.57 33.38 -138.00
CA ASP N 355 -19.50 33.76 -139.40
C ASP N 355 -19.67 35.26 -139.64
N ILE N 356 -20.09 36.01 -138.63
CA ILE N 356 -20.34 37.44 -138.78
C ILE N 356 -19.15 38.20 -138.22
N PRO N 357 -18.35 38.86 -139.05
CA PRO N 357 -17.23 39.65 -138.53
C PRO N 357 -17.71 41.00 -138.04
N PRO N 358 -16.93 41.68 -137.21
CA PRO N 358 -17.23 43.09 -136.89
C PRO N 358 -17.07 43.97 -138.13
N ARG N 359 -17.85 45.05 -138.15
CA ARG N 359 -17.83 45.94 -139.30
C ARG N 359 -16.53 46.72 -139.37
N GLY N 360 -15.98 46.82 -140.57
CA GLY N 360 -14.66 47.39 -140.78
C GLY N 360 -13.54 46.38 -140.84
N LEU N 361 -13.79 45.13 -140.44
CA LEU N 361 -12.79 44.08 -140.46
C LEU N 361 -13.34 42.86 -141.18
N LYS N 362 -12.51 42.28 -142.06
CA LYS N 362 -12.92 41.05 -142.73
C LYS N 362 -12.86 39.85 -141.80
N MET N 363 -11.81 39.78 -140.97
CA MET N 363 -11.64 38.70 -140.01
C MET N 363 -11.25 39.28 -138.66
N ALA N 364 -11.62 38.57 -137.60
CA ALA N 364 -11.32 39.00 -136.23
C ALA N 364 -10.88 37.81 -135.40
N ALA N 365 -10.15 38.10 -134.34
CA ALA N 365 -9.57 37.05 -133.49
C ALA N 365 -9.48 37.59 -132.07
N THR N 366 -10.37 37.12 -131.20
CA THR N 366 -10.46 37.61 -129.82
C THR N 366 -10.14 36.47 -128.86
N PHE N 367 -9.27 36.73 -127.90
CA PHE N 367 -8.83 35.74 -126.94
C PHE N 367 -9.16 36.20 -125.52
N ILE N 368 -9.66 35.27 -124.72
CA ILE N 368 -9.88 35.48 -123.29
C ILE N 368 -9.03 34.46 -122.55
N GLY N 369 -8.33 34.90 -121.51
CA GLY N 369 -7.47 33.98 -120.79
C GLY N 369 -7.26 34.29 -119.32
N ASN N 370 -7.31 33.26 -118.49
CA ASN N 370 -6.97 33.38 -117.07
C ASN N 370 -5.50 33.03 -116.85
N ASN N 371 -4.62 33.83 -117.45
CA ASN N 371 -3.20 33.61 -117.32
C ASN N 371 -2.73 34.01 -115.92
N THR N 372 -1.61 33.40 -115.50
CA THR N 372 -0.99 33.73 -114.23
C THR N 372 -0.20 35.04 -114.30
N ALA N 373 0.03 35.56 -115.51
CA ALA N 373 0.77 36.80 -115.70
C ALA N 373 0.01 38.04 -115.25
N ILE N 374 -1.28 37.91 -114.90
CA ILE N 374 -2.04 39.04 -114.35
C ILE N 374 -1.59 39.42 -112.94
N GLN N 375 -0.82 38.56 -112.26
CA GLN N 375 -0.31 38.93 -110.95
C GLN N 375 0.80 39.97 -111.02
N GLU N 376 1.41 40.17 -112.20
CA GLU N 376 2.34 41.29 -112.38
C GLU N 376 1.61 42.62 -112.29
N LEU N 377 0.38 42.68 -112.81
CA LEU N 377 -0.45 43.88 -112.70
C LEU N 377 -0.82 44.16 -111.24
N PHE N 378 -1.20 43.13 -110.50
CA PHE N 378 -1.53 43.29 -109.09
C PHE N 378 -0.31 43.38 -108.19
N ILE N 379 0.89 43.21 -108.74
CA ILE N 379 2.11 43.58 -108.04
C ILE N 379 2.49 45.02 -108.32
N ARG N 380 2.29 45.46 -109.57
CA ARG N 380 2.58 46.84 -109.96
C ARG N 380 1.66 47.83 -109.26
N VAL N 381 0.35 47.56 -109.25
CA VAL N 381 -0.59 48.46 -108.60
C VAL N 381 -0.41 48.43 -107.08
N SER N 382 -0.08 47.26 -106.52
CA SER N 382 0.16 47.19 -105.08
C SER N 382 1.46 47.87 -104.68
N GLU N 383 2.48 47.84 -105.53
CA GLU N 383 3.73 48.51 -105.19
C GLU N 383 3.64 50.01 -105.42
N GLN N 384 2.77 50.47 -106.33
CA GLN N 384 2.46 51.89 -106.36
C GLN N 384 1.62 52.29 -105.18
N PHE N 385 0.79 51.38 -104.68
CA PHE N 385 0.03 51.61 -103.46
C PHE N 385 0.94 51.65 -102.23
N SER N 386 2.04 50.89 -102.26
CA SER N 386 2.97 50.89 -101.13
C SER N 386 3.73 52.21 -101.04
N ALA N 387 4.11 52.78 -102.18
CA ALA N 387 4.79 54.08 -102.20
C ALA N 387 3.86 55.23 -101.91
N MET N 388 2.54 55.01 -101.91
CA MET N 388 1.58 56.04 -101.57
C MET N 388 0.96 55.85 -100.18
N PHE N 389 1.20 54.71 -99.53
CA PHE N 389 0.69 54.47 -98.19
C PHE N 389 1.77 54.53 -97.12
N ARG N 390 3.05 54.35 -97.50
CA ARG N 390 4.13 54.48 -96.53
C ARG N 390 4.37 55.93 -96.14
N ARG N 391 3.90 56.89 -96.94
CA ARG N 391 3.99 58.30 -96.60
C ARG N 391 2.64 58.98 -96.47
N LYS N 392 1.54 58.21 -96.54
CA LYS N 392 0.18 58.65 -96.19
C LYS N 392 -0.29 59.84 -97.03
N ALA N 393 0.02 59.81 -98.33
CA ALA N 393 -0.38 60.90 -99.22
C ALA N 393 -1.89 60.87 -99.45
N PHE N 394 -2.54 62.01 -99.20
CA PHE N 394 -3.99 62.22 -99.34
C PHE N 394 -4.82 61.26 -98.48
N LEU N 395 -4.24 60.76 -97.39
CA LEU N 395 -4.96 59.85 -96.49
C LEU N 395 -5.99 60.57 -95.64
N HIS N 396 -5.88 61.89 -95.49
CA HIS N 396 -6.86 62.62 -94.67
C HIS N 396 -8.20 62.75 -95.37
N TRP N 397 -8.23 62.64 -96.70
CA TRP N 397 -9.50 62.71 -97.42
C TRP N 397 -10.34 61.47 -97.16
N TYR N 398 -9.74 60.30 -97.30
CA TYR N 398 -10.51 59.06 -97.18
C TYR N 398 -10.82 58.71 -95.74
N THR N 399 -9.87 58.96 -94.82
CA THR N 399 -10.10 58.63 -93.42
C THR N 399 -11.07 59.59 -92.74
N GLY N 400 -11.31 60.76 -93.33
CA GLY N 400 -12.29 61.68 -92.81
C GLY N 400 -13.73 61.37 -93.19
N GLU N 401 -13.93 60.42 -94.10
CA GLU N 401 -15.26 60.02 -94.53
C GLU N 401 -15.77 58.80 -93.76
N GLY N 402 -15.12 58.45 -92.66
CA GLY N 402 -15.50 57.29 -91.88
C GLY N 402 -14.74 56.03 -92.21
N MET N 403 -13.92 56.03 -93.25
CA MET N 403 -13.09 54.88 -93.57
C MET N 403 -11.98 54.74 -92.52
N ASP N 404 -11.84 53.55 -91.97
CA ASP N 404 -10.72 53.29 -91.09
C ASP N 404 -9.43 53.18 -91.90
N GLU N 405 -8.30 53.42 -91.23
CA GLU N 405 -7.01 53.20 -91.88
C GLU N 405 -6.61 51.74 -91.91
N MET N 406 -7.32 50.87 -91.18
CA MET N 406 -7.10 49.44 -91.29
C MET N 406 -7.69 48.86 -92.57
N GLU N 407 -8.57 49.61 -93.24
CA GLU N 407 -9.15 49.15 -94.50
C GLU N 407 -8.11 49.06 -95.60
N PHE N 408 -7.18 50.02 -95.66
CA PHE N 408 -6.10 49.98 -96.62
C PHE N 408 -5.14 48.83 -96.34
N SER N 409 -4.90 48.56 -95.06
CA SER N 409 -4.05 47.43 -94.67
C SER N 409 -4.71 46.10 -95.02
N GLU N 410 -6.04 46.01 -94.83
CA GLU N 410 -6.78 44.81 -95.21
C GLU N 410 -6.77 44.58 -96.71
N ALA N 411 -6.95 45.65 -97.49
CA ALA N 411 -6.89 45.54 -98.95
C ALA N 411 -5.51 45.14 -99.44
N GLU N 412 -4.45 45.73 -98.85
CA GLU N 412 -3.08 45.37 -99.20
C GLU N 412 -2.78 43.92 -98.84
N GLY N 413 -3.25 43.47 -97.67
CA GLY N 413 -3.04 42.09 -97.28
C GLY N 413 -3.79 41.10 -98.15
N ASN N 414 -4.99 41.46 -98.57
CA ASN N 414 -5.75 40.58 -99.46
C ASN N 414 -5.12 40.50 -100.85
N THR N 415 -4.62 41.62 -101.37
CA THR N 415 -3.95 41.58 -102.66
C THR N 415 -2.61 40.84 -102.58
N ASN N 416 -1.89 40.97 -101.47
CA ASN N 416 -0.65 40.21 -101.29
C ASN N 416 -0.93 38.72 -101.15
N ASP N 417 -2.05 38.36 -100.50
CA ASP N 417 -2.45 36.96 -100.41
C ASP N 417 -2.84 36.41 -101.78
N LEU N 418 -3.50 37.23 -102.60
CA LEU N 418 -3.83 36.82 -103.97
C LEU N 418 -2.56 36.62 -104.81
N VAL N 419 -1.58 37.49 -104.64
CA VAL N 419 -0.31 37.35 -105.35
C VAL N 419 0.43 36.09 -104.90
N SER N 420 0.41 35.82 -103.59
CA SER N 420 1.04 34.62 -103.04
C SER N 420 0.36 33.34 -103.53
N GLU N 421 -0.96 33.34 -103.60
CA GLU N 421 -1.67 32.16 -104.08
C GLU N 421 -1.48 31.96 -105.59
N TYR N 422 -1.41 33.07 -106.35
CA TYR N 422 -1.11 32.99 -107.77
C TYR N 422 0.27 32.40 -108.02
N GLN N 423 1.28 32.84 -107.25
CA GLN N 423 2.63 32.31 -107.41
C GLN N 423 2.73 30.86 -106.94
N GLN N 424 2.00 30.51 -105.87
CA GLN N 424 2.01 29.14 -105.37
C GLN N 424 1.38 28.18 -106.36
N TYR N 425 0.26 28.57 -106.98
CA TYR N 425 -0.34 27.71 -107.99
C TYR N 425 0.38 27.77 -109.32
N GLN N 426 1.21 28.79 -109.55
CA GLN N 426 2.08 28.76 -110.72
C GLN N 426 3.25 27.80 -110.52
N ASP N 427 3.78 27.72 -109.29
CA ASP N 427 4.93 26.87 -109.03
C ASP N 427 4.59 25.38 -109.04
N ALA N 428 3.32 25.03 -108.84
CA ALA N 428 2.92 23.63 -108.87
C ALA N 428 2.82 23.13 -110.31
N THR N 429 3.24 21.89 -110.52
CA THR N 429 3.19 21.26 -111.83
C THR N 429 2.63 19.85 -111.70
N ALA N 430 2.07 19.36 -112.80
CA ALA N 430 1.47 18.02 -112.82
C ALA N 430 2.55 16.95 -112.84
N MET O 1 -48.10 -5.69 -127.06
CA MET O 1 -48.04 -6.36 -125.76
C MET O 1 -46.84 -5.86 -124.95
N ARG O 2 -45.94 -5.15 -125.62
CA ARG O 2 -44.76 -4.58 -124.99
C ARG O 2 -44.59 -3.15 -125.45
N GLU O 3 -44.17 -2.28 -124.53
CA GLU O 3 -43.95 -0.87 -124.82
C GLU O 3 -42.59 -0.43 -124.31
N CYS O 4 -42.01 0.55 -124.98
CA CYS O 4 -40.78 1.20 -124.54
C CYS O 4 -40.96 2.71 -124.60
N ILE O 5 -40.48 3.39 -123.57
CA ILE O 5 -40.59 4.84 -123.46
C ILE O 5 -39.18 5.42 -123.57
N SER O 6 -38.91 6.11 -124.67
CA SER O 6 -37.61 6.73 -124.87
C SER O 6 -37.51 8.01 -124.05
N ILE O 7 -36.36 8.22 -123.42
CA ILE O 7 -36.09 9.40 -122.63
C ILE O 7 -34.83 10.06 -123.18
N HIS O 8 -34.94 11.35 -123.52
CA HIS O 8 -33.82 12.14 -123.99
C HIS O 8 -33.56 13.27 -123.01
N VAL O 9 -32.35 13.31 -122.47
CA VAL O 9 -31.92 14.37 -121.55
C VAL O 9 -30.77 15.12 -122.19
N GLY O 10 -30.80 16.45 -122.09
CA GLY O 10 -29.75 17.28 -122.63
C GLY O 10 -29.98 17.67 -124.08
N GLN O 11 -29.16 18.63 -124.53
CA GLN O 11 -29.20 19.05 -125.93
C GLN O 11 -28.78 17.94 -126.87
N ALA O 12 -27.71 17.21 -126.50
CA ALA O 12 -27.27 16.05 -127.29
C ALA O 12 -28.34 14.97 -127.32
N GLY O 13 -28.97 14.70 -126.18
CA GLY O 13 -30.03 13.72 -126.12
C GLY O 13 -31.24 14.10 -126.97
N VAL O 14 -31.62 15.38 -126.93
CA VAL O 14 -32.78 15.84 -127.69
C VAL O 14 -32.50 15.80 -129.19
N GLN O 15 -31.32 16.27 -129.61
CA GLN O 15 -30.99 16.26 -131.03
C GLN O 15 -30.82 14.84 -131.58
N ILE O 16 -30.17 13.97 -130.80
CA ILE O 16 -30.00 12.58 -131.20
C ILE O 16 -31.35 11.86 -131.25
N GLY O 17 -32.23 12.13 -130.29
CA GLY O 17 -33.55 11.53 -130.30
C GLY O 17 -34.42 11.99 -131.46
N ASN O 18 -34.33 13.29 -131.81
CA ASN O 18 -35.07 13.80 -132.96
C ASN O 18 -34.58 13.16 -134.25
N ALA O 19 -33.25 13.05 -134.42
CA ALA O 19 -32.70 12.40 -135.61
C ALA O 19 -33.07 10.93 -135.66
N CYS O 20 -33.05 10.25 -134.51
CA CYS O 20 -33.37 8.83 -134.45
C CYS O 20 -34.85 8.58 -134.75
N TRP O 21 -35.75 9.41 -134.22
CA TRP O 21 -37.16 9.24 -134.51
C TRP O 21 -37.48 9.60 -135.95
N GLU O 22 -36.75 10.56 -136.53
CA GLU O 22 -36.87 10.83 -137.96
C GLU O 22 -36.44 9.63 -138.79
N LEU O 23 -35.35 8.97 -138.40
CA LEU O 23 -34.92 7.77 -139.13
C LEU O 23 -35.85 6.59 -138.89
N TYR O 24 -36.49 6.53 -137.73
CA TYR O 24 -37.46 5.47 -137.47
C TYR O 24 -38.72 5.66 -138.30
N CYS O 25 -39.16 6.92 -138.45
CA CYS O 25 -40.28 7.20 -139.36
C CYS O 25 -39.89 6.96 -140.80
N LEU O 26 -38.63 7.17 -141.16
CA LEU O 26 -38.18 6.90 -142.52
C LEU O 26 -38.11 5.41 -142.81
N GLU O 27 -37.59 4.61 -141.85
CA GLU O 27 -37.38 3.18 -142.09
C GLU O 27 -38.70 2.42 -142.07
N HIS O 28 -39.61 2.78 -141.18
CA HIS O 28 -40.90 2.09 -141.07
C HIS O 28 -41.93 2.61 -142.06
N GLY O 29 -41.59 3.63 -142.86
CA GLY O 29 -42.54 4.18 -143.81
C GLY O 29 -43.64 5.01 -143.19
N ILE O 30 -43.45 5.48 -141.96
CA ILE O 30 -44.43 6.35 -141.31
C ILE O 30 -44.28 7.76 -141.88
N GLN O 31 -45.41 8.38 -142.22
CA GLN O 31 -45.40 9.75 -142.70
C GLN O 31 -45.02 10.70 -141.57
N PRO O 32 -44.37 11.82 -141.88
CA PRO O 32 -43.96 12.77 -140.82
C PRO O 32 -45.12 13.42 -140.08
N ASP O 33 -46.31 13.49 -140.69
CA ASP O 33 -47.46 14.06 -139.98
C ASP O 33 -48.01 13.11 -138.93
N GLY O 34 -47.72 11.81 -139.04
CA GLY O 34 -48.14 10.82 -138.05
C GLY O 34 -48.94 9.67 -138.62
N GLN O 35 -49.52 9.82 -139.81
CA GLN O 35 -50.31 8.75 -140.40
C GLN O 35 -49.40 7.70 -141.04
N MET O 36 -50.01 6.57 -141.40
CA MET O 36 -49.31 5.47 -142.03
C MET O 36 -50.06 5.07 -143.30
N PRO O 37 -49.39 4.93 -144.44
CA PRO O 37 -50.08 4.56 -145.67
C PRO O 37 -50.63 3.13 -145.68
N SER O 38 -49.80 2.16 -145.30
CA SER O 38 -50.13 0.75 -145.46
C SER O 38 -50.67 0.11 -144.19
N ASP O 39 -49.99 0.31 -143.06
CA ASP O 39 -50.29 -0.43 -141.83
C ASP O 39 -51.42 0.19 -141.03
N LYS O 40 -52.00 1.30 -141.47
CA LYS O 40 -53.14 1.91 -140.78
C LYS O 40 -54.48 1.33 -141.20
N THR O 41 -54.48 0.34 -142.10
CA THR O 41 -55.70 -0.36 -142.45
C THR O 41 -56.24 -1.15 -141.27
N ILE O 42 -55.36 -1.76 -140.49
CA ILE O 42 -55.77 -2.45 -139.26
C ILE O 42 -56.27 -1.45 -138.23
N GLY O 43 -55.50 -0.38 -138.01
CA GLY O 43 -55.85 0.62 -137.03
C GLY O 43 -55.48 0.30 -135.60
N GLY O 44 -54.90 -0.88 -135.36
CA GLY O 44 -54.51 -1.30 -134.03
C GLY O 44 -53.01 -1.42 -133.88
N GLY O 45 -52.61 -1.88 -132.69
CA GLY O 45 -51.22 -2.06 -132.35
C GLY O 45 -50.69 -3.42 -132.72
N ASP O 46 -49.69 -3.87 -131.94
CA ASP O 46 -48.93 -5.12 -132.06
C ASP O 46 -48.53 -5.50 -133.48
N ASP O 47 -48.12 -4.50 -134.27
CA ASP O 47 -47.69 -4.71 -135.66
C ASP O 47 -46.18 -4.58 -135.80
N SER O 48 -45.44 -4.98 -134.76
CA SER O 48 -43.98 -5.03 -134.61
C SER O 48 -43.33 -3.66 -134.45
N PHE O 49 -44.09 -2.57 -134.54
CA PHE O 49 -43.59 -1.25 -134.17
C PHE O 49 -44.34 -0.68 -132.97
N ASN O 50 -45.19 -1.48 -132.33
CA ASN O 50 -45.93 -1.02 -131.16
C ASN O 50 -45.07 -0.91 -129.91
N THR O 51 -43.85 -1.45 -129.94
CA THR O 51 -42.92 -1.27 -128.83
C THR O 51 -42.41 0.17 -128.75
N PHE O 52 -42.45 0.89 -129.85
CA PHE O 52 -42.01 2.29 -129.89
C PHE O 52 -43.14 3.27 -130.17
N PHE O 53 -44.01 2.97 -131.13
CA PHE O 53 -45.01 3.92 -131.61
C PHE O 53 -46.37 3.60 -131.00
N SER O 54 -47.05 4.63 -130.51
CA SER O 54 -48.40 4.52 -129.96
C SER O 54 -49.41 5.13 -130.92
N GLU O 55 -50.58 4.52 -131.01
CA GLU O 55 -51.65 5.00 -131.88
C GLU O 55 -52.73 5.67 -131.03
N THR O 56 -53.10 6.89 -131.42
CA THR O 56 -54.16 7.62 -130.75
C THR O 56 -55.52 7.25 -131.35
N GLY O 57 -56.56 7.97 -130.92
CA GLY O 57 -57.89 7.74 -131.47
C GLY O 57 -58.07 8.21 -132.90
N ALA O 58 -57.24 9.16 -133.33
CA ALA O 58 -57.31 9.68 -134.69
C ALA O 58 -56.44 8.91 -135.67
N GLY O 59 -55.78 7.84 -135.22
CA GLY O 59 -54.92 7.07 -136.09
C GLY O 59 -53.50 7.60 -136.24
N LYS O 60 -53.14 8.64 -135.49
CA LYS O 60 -51.79 9.20 -135.56
C LYS O 60 -50.82 8.30 -134.82
N HIS O 61 -49.68 8.02 -135.46
CA HIS O 61 -48.64 7.19 -134.85
C HIS O 61 -47.65 8.12 -134.15
N VAL O 62 -48.04 8.58 -132.97
CA VAL O 62 -47.16 9.41 -132.15
C VAL O 62 -46.15 8.52 -131.43
N PRO O 63 -44.86 8.81 -131.52
CA PRO O 63 -43.86 8.01 -130.81
C PRO O 63 -43.96 8.21 -129.30
N ARG O 64 -43.57 7.17 -128.57
CA ARG O 64 -43.54 7.20 -127.10
C ARG O 64 -42.22 7.81 -126.66
N ALA O 65 -42.11 9.12 -126.85
CA ALA O 65 -40.86 9.85 -126.60
C ALA O 65 -41.08 10.94 -125.56
N VAL O 66 -40.11 11.09 -124.67
CA VAL O 66 -40.08 12.18 -123.71
C VAL O 66 -38.81 12.98 -123.97
N PHE O 67 -38.98 14.25 -124.36
CA PHE O 67 -37.87 15.16 -124.61
C PHE O 67 -37.76 16.10 -123.41
N VAL O 68 -36.71 15.91 -122.61
CA VAL O 68 -36.48 16.76 -121.44
C VAL O 68 -35.15 17.46 -121.63
N ASP O 69 -35.16 18.78 -121.46
CA ASP O 69 -33.94 19.58 -121.44
C ASP O 69 -34.20 20.84 -120.65
N LEU O 70 -33.14 21.36 -120.04
CA LEU O 70 -33.26 22.58 -119.25
C LEU O 70 -33.11 23.84 -120.08
N GLU O 71 -32.90 23.70 -121.39
CA GLU O 71 -32.92 24.81 -122.33
C GLU O 71 -34.01 24.58 -123.35
N PRO O 72 -34.95 25.52 -123.53
CA PRO O 72 -36.09 25.29 -124.42
C PRO O 72 -35.80 25.55 -125.89
N THR O 73 -34.56 25.86 -126.26
CA THR O 73 -34.25 26.19 -127.65
C THR O 73 -34.36 24.97 -128.55
N VAL O 74 -33.75 23.86 -128.15
CA VAL O 74 -33.81 22.63 -128.94
C VAL O 74 -35.22 22.04 -128.93
N ILE O 75 -35.95 22.19 -127.82
CA ILE O 75 -37.32 21.73 -127.75
C ILE O 75 -38.22 22.51 -128.71
N ASP O 76 -38.03 23.84 -128.76
CA ASP O 76 -38.78 24.64 -129.72
C ASP O 76 -38.33 24.37 -131.16
N GLU O 77 -37.06 23.99 -131.35
CA GLU O 77 -36.58 23.60 -132.67
C GLU O 77 -37.27 22.32 -133.14
N VAL O 78 -37.45 21.35 -132.24
CA VAL O 78 -38.21 20.14 -132.57
C VAL O 78 -39.68 20.48 -132.79
N ARG O 79 -40.24 21.36 -131.97
CA ARG O 79 -41.62 21.78 -132.09
C ARG O 79 -41.87 22.67 -133.31
N THR O 80 -40.84 23.16 -133.98
CA THR O 80 -41.00 23.98 -135.17
C THR O 80 -40.41 23.36 -136.42
N GLY O 81 -39.25 22.75 -136.33
CA GLY O 81 -38.62 22.13 -137.48
C GLY O 81 -38.18 20.70 -137.22
N TYR O 83 -43.20 16.76 -137.40
CA TYR O 83 -42.43 17.07 -136.21
C TYR O 83 -43.31 17.72 -135.15
N ARG O 84 -43.94 18.83 -135.53
CA ARG O 84 -44.80 19.56 -134.61
C ARG O 84 -46.07 18.78 -134.27
N GLN O 85 -46.76 18.28 -135.29
CA GLN O 85 -47.91 17.42 -135.07
C GLN O 85 -47.51 15.99 -134.74
N LEU O 86 -46.27 15.60 -135.05
CA LEU O 86 -45.80 14.26 -134.75
C LEU O 86 -45.61 14.07 -133.25
N PHE O 87 -44.97 15.02 -132.59
CA PHE O 87 -44.71 14.96 -131.16
C PHE O 87 -45.72 15.83 -130.43
N HIS O 88 -46.40 15.25 -129.44
CA HIS O 88 -47.35 16.02 -128.65
C HIS O 88 -46.62 17.04 -127.78
N PRO O 89 -47.13 18.26 -127.67
CA PRO O 89 -46.47 19.27 -126.81
C PRO O 89 -46.56 18.97 -125.33
N GLU O 90 -47.47 18.11 -124.89
CA GLU O 90 -47.59 17.80 -123.47
C GLU O 90 -46.41 16.98 -122.97
N GLN O 91 -45.88 16.09 -123.81
CA GLN O 91 -44.80 15.20 -123.39
C GLN O 91 -43.41 15.81 -123.57
N LEU O 92 -43.31 16.97 -124.22
CA LEU O 92 -42.03 17.63 -124.41
C LEU O 92 -41.83 18.63 -123.26
N ILE O 93 -40.96 18.28 -122.32
CA ILE O 93 -40.75 19.08 -121.12
C ILE O 93 -39.52 19.97 -121.34
N THR O 94 -39.69 21.27 -121.12
CA THR O 94 -38.61 22.24 -121.21
C THR O 94 -38.20 22.67 -119.81
N GLY O 95 -37.09 23.43 -119.75
CA GLY O 95 -36.61 23.97 -118.50
C GLY O 95 -36.23 25.42 -118.67
N LYS O 96 -36.03 26.09 -117.54
CA LYS O 96 -35.77 27.53 -117.53
C LYS O 96 -34.28 27.84 -117.56
N GLU O 97 -33.54 27.32 -116.59
CA GLU O 97 -32.12 27.61 -116.44
C GLU O 97 -31.32 26.34 -116.70
N ASP O 98 -30.25 26.46 -117.47
CA ASP O 98 -29.38 25.33 -117.72
C ASP O 98 -28.50 25.06 -116.51
N ALA O 99 -27.97 23.84 -116.44
CA ALA O 99 -27.02 23.51 -115.39
C ALA O 99 -25.61 23.97 -115.72
N ALA O 100 -25.35 24.30 -116.99
CA ALA O 100 -24.15 25.00 -117.47
C ALA O 100 -22.87 24.21 -117.15
N ASN O 101 -22.82 22.98 -117.68
CA ASN O 101 -21.67 22.07 -117.57
C ASN O 101 -21.31 21.78 -116.12
N ASN O 102 -22.32 21.65 -115.27
CA ASN O 102 -22.12 21.33 -113.86
C ASN O 102 -23.04 20.18 -113.48
N TYR O 103 -22.45 19.13 -112.90
CA TYR O 103 -23.25 17.98 -112.46
C TYR O 103 -24.10 18.32 -111.25
N ALA O 104 -23.54 19.08 -110.29
CA ALA O 104 -24.24 19.37 -109.05
C ALA O 104 -25.43 20.29 -109.28
N ARG O 105 -25.35 21.17 -110.28
CA ARG O 105 -26.48 22.04 -110.60
C ARG O 105 -27.65 21.23 -111.15
N GLY O 106 -27.38 20.27 -112.02
CA GLY O 106 -28.45 19.40 -112.51
C GLY O 106 -28.87 18.32 -111.55
N HIS O 107 -28.11 18.10 -110.47
CA HIS O 107 -28.40 17.02 -109.53
C HIS O 107 -28.99 17.48 -108.21
N TYR O 108 -28.80 18.73 -107.81
CA TYR O 108 -29.23 19.10 -106.47
C TYR O 108 -30.15 20.31 -106.43
N THR O 109 -29.94 21.30 -107.28
CA THR O 109 -30.73 22.53 -107.23
C THR O 109 -31.63 22.75 -108.43
N ILE O 110 -31.06 22.73 -109.65
CA ILE O 110 -31.86 23.10 -110.81
C ILE O 110 -32.70 21.92 -111.30
N GLY O 111 -32.14 20.72 -111.27
CA GLY O 111 -32.91 19.55 -111.63
C GLY O 111 -33.91 19.12 -110.57
N LYS O 112 -33.67 19.47 -109.31
CA LYS O 112 -34.56 19.06 -108.23
C LYS O 112 -35.87 19.84 -108.23
N GLU O 113 -35.90 21.03 -108.84
CA GLU O 113 -37.13 21.80 -108.95
C GLU O 113 -38.00 21.36 -110.11
N ILE O 114 -37.51 20.43 -110.94
CA ILE O 114 -38.22 20.00 -112.14
C ILE O 114 -38.34 18.48 -112.22
N ILE O 115 -37.76 17.73 -111.28
CA ILE O 115 -37.76 16.27 -111.33
C ILE O 115 -39.15 15.71 -111.10
N ASP O 116 -39.99 16.38 -110.30
CA ASP O 116 -41.32 15.87 -109.98
C ASP O 116 -42.25 15.94 -111.19
N LEU O 117 -42.16 17.01 -111.97
CA LEU O 117 -42.98 17.13 -113.17
C LEU O 117 -42.58 16.09 -114.22
N VAL O 118 -41.28 15.83 -114.36
CA VAL O 118 -40.82 14.81 -115.30
C VAL O 118 -41.23 13.42 -114.83
N LEU O 119 -41.20 13.17 -113.52
CA LEU O 119 -41.68 11.89 -112.98
C LEU O 119 -43.17 11.71 -113.20
N ASP O 120 -43.94 12.79 -113.04
CA ASP O 120 -45.39 12.73 -113.27
C ASP O 120 -45.70 12.48 -114.74
N ARG O 121 -44.93 13.12 -115.65
CA ARG O 121 -45.12 12.87 -117.07
C ARG O 121 -44.71 11.46 -117.45
N ILE O 122 -43.68 10.92 -116.80
CA ILE O 122 -43.24 9.55 -117.03
C ILE O 122 -44.32 8.57 -116.59
N ARG O 123 -44.93 8.82 -115.41
CA ARG O 123 -46.02 7.96 -114.94
C ARG O 123 -47.26 8.09 -115.82
N LYS O 124 -47.54 9.29 -116.32
CA LYS O 124 -48.67 9.50 -117.22
C LYS O 124 -48.47 8.76 -118.55
N LEU O 125 -47.24 8.75 -119.08
CA LEU O 125 -46.99 8.02 -120.31
C LEU O 125 -46.93 6.52 -120.06
N ALA O 126 -46.52 6.09 -118.86
CA ALA O 126 -46.51 4.68 -118.53
C ALA O 126 -47.89 4.14 -118.20
N ASP O 127 -48.85 5.02 -117.89
CA ASP O 127 -50.22 4.57 -117.66
C ASP O 127 -50.87 4.08 -118.95
N GLN O 128 -50.45 4.59 -120.10
CA GLN O 128 -50.91 4.07 -121.38
C GLN O 128 -50.22 2.77 -121.76
N CYS O 129 -49.13 2.41 -121.09
CA CYS O 129 -48.41 1.18 -121.38
C CYS O 129 -48.86 0.08 -120.42
N THR O 130 -49.25 -1.06 -120.99
CA THR O 130 -49.72 -2.19 -120.20
C THR O 130 -48.65 -3.27 -120.03
N GLY O 131 -47.70 -3.36 -120.95
CA GLY O 131 -46.66 -4.38 -120.89
C GLY O 131 -45.28 -3.78 -121.02
N LEU O 132 -45.07 -2.61 -120.41
CA LEU O 132 -43.86 -1.82 -120.59
C LEU O 132 -42.63 -2.56 -120.08
N GLN O 133 -41.57 -2.56 -120.89
CA GLN O 133 -40.34 -3.26 -120.58
C GLN O 133 -39.37 -2.39 -119.78
N GLY O 134 -39.19 -1.15 -120.22
CA GLY O 134 -38.26 -0.25 -119.57
C GLY O 134 -38.11 1.06 -120.31
N PHE O 135 -36.97 1.73 -120.13
CA PHE O 135 -36.75 3.05 -120.71
C PHE O 135 -35.40 3.10 -121.40
N LEU O 136 -35.35 3.84 -122.50
CA LEU O 136 -34.11 4.15 -123.21
C LEU O 136 -33.70 5.55 -122.82
N VAL O 137 -32.65 5.67 -122.02
CA VAL O 137 -32.15 6.95 -121.56
C VAL O 137 -31.12 7.47 -122.57
N PHE O 138 -31.45 8.58 -123.24
CA PHE O 138 -30.53 9.27 -124.11
C PHE O 138 -29.97 10.47 -123.36
N HIS O 139 -28.64 10.51 -123.21
CA HIS O 139 -28.01 11.65 -122.53
C HIS O 139 -26.59 11.78 -123.05
N SER O 140 -25.83 12.69 -122.41
CA SER O 140 -24.43 12.89 -122.75
C SER O 140 -23.64 13.07 -121.46
N PHE O 141 -22.41 12.56 -121.46
CA PHE O 141 -21.61 12.54 -120.24
C PHE O 141 -21.06 13.91 -119.89
N GLY O 142 -20.78 14.74 -120.90
CA GLY O 142 -20.06 15.99 -120.66
C GLY O 142 -20.89 17.11 -120.09
N GLY O 143 -22.18 17.15 -120.43
CA GLY O 143 -23.01 18.29 -120.10
C GLY O 143 -23.39 18.36 -118.64
N GLY O 144 -24.15 19.40 -118.31
CA GLY O 144 -24.62 19.59 -116.96
C GLY O 144 -25.99 19.00 -116.75
N THR O 145 -26.88 19.21 -117.72
CA THR O 145 -28.20 18.59 -117.66
C THR O 145 -28.10 17.09 -117.86
N GLY O 146 -27.37 16.66 -118.90
CA GLY O 146 -27.27 15.27 -119.31
C GLY O 146 -26.51 14.38 -118.36
N SER O 147 -25.88 14.94 -117.33
CA SER O 147 -25.29 14.16 -116.25
C SER O 147 -26.08 14.26 -114.96
N GLY O 148 -26.39 15.48 -114.51
CA GLY O 148 -27.07 15.65 -113.23
C GLY O 148 -28.52 15.21 -113.26
N PHE O 149 -29.26 15.65 -114.28
CA PHE O 149 -30.66 15.25 -114.37
C PHE O 149 -30.80 13.78 -114.73
N THR O 150 -29.84 13.25 -115.51
CA THR O 150 -29.81 11.82 -115.78
C THR O 150 -29.56 11.02 -114.51
N SER O 151 -28.67 11.49 -113.64
CA SER O 151 -28.40 10.77 -112.40
C SER O 151 -29.59 10.82 -111.44
N LEU O 152 -30.25 11.97 -111.35
CA LEU O 152 -31.42 12.07 -110.48
C LEU O 152 -32.60 11.27 -111.05
N LEU O 153 -32.75 11.26 -112.37
CA LEU O 153 -33.78 10.46 -113.02
C LEU O 153 -33.53 8.97 -112.83
N MET O 154 -32.26 8.54 -112.94
CA MET O 154 -31.92 7.14 -112.70
C MET O 154 -32.18 6.74 -111.26
N GLU O 155 -31.87 7.62 -110.31
CA GLU O 155 -32.15 7.35 -108.90
C GLU O 155 -33.65 7.22 -108.65
N ARG O 156 -34.45 8.13 -109.24
CA ARG O 156 -35.90 8.08 -109.04
C ARG O 156 -36.52 6.86 -109.72
N LEU O 157 -36.03 6.49 -110.91
CA LEU O 157 -36.56 5.32 -111.59
C LEU O 157 -36.07 4.02 -110.97
N SER O 158 -34.94 4.03 -110.26
CA SER O 158 -34.55 2.84 -109.51
C SER O 158 -35.34 2.69 -108.23
N VAL O 159 -35.70 3.82 -107.59
CA VAL O 159 -36.55 3.73 -106.39
C VAL O 159 -37.97 3.32 -106.77
N ASP O 160 -38.52 3.90 -107.83
CA ASP O 160 -39.94 3.75 -108.12
C ASP O 160 -40.26 2.61 -109.09
N TYR O 161 -39.32 2.21 -109.95
CA TYR O 161 -39.56 1.23 -111.00
C TYR O 161 -38.55 0.10 -110.90
N GLY O 162 -38.35 -0.43 -109.70
CA GLY O 162 -37.29 -1.39 -109.41
C GLY O 162 -37.43 -2.74 -110.08
N LYS O 163 -38.61 -3.06 -110.61
CA LYS O 163 -38.81 -4.30 -111.35
C LYS O 163 -38.51 -4.17 -112.82
N LYS O 164 -38.09 -3.00 -113.28
CA LYS O 164 -37.82 -2.74 -114.69
C LYS O 164 -36.32 -2.59 -114.92
N SER O 165 -35.92 -2.83 -116.17
CA SER O 165 -34.55 -2.66 -116.61
C SER O 165 -34.46 -1.42 -117.48
N LYS O 166 -33.42 -0.62 -117.26
CA LYS O 166 -33.24 0.66 -117.95
C LYS O 166 -31.94 0.62 -118.73
N LEU O 167 -32.01 1.01 -120.01
CA LEU O 167 -30.81 1.09 -120.83
C LEU O 167 -30.10 2.43 -120.60
N GLU O 168 -29.07 2.68 -121.40
CA GLU O 168 -28.40 3.96 -121.39
C GLU O 168 -27.81 4.22 -122.77
N PHE O 169 -27.91 5.47 -123.23
CA PHE O 169 -27.30 5.90 -124.48
C PHE O 169 -26.51 7.17 -124.16
N SER O 170 -25.26 7.00 -123.76
CA SER O 170 -24.42 8.12 -123.35
C SER O 170 -23.50 8.54 -124.49
N ILE O 171 -23.02 9.78 -124.40
CA ILE O 171 -22.04 10.33 -125.34
C ILE O 171 -20.76 10.56 -124.56
N TYR O 172 -19.71 9.82 -124.92
CA TYR O 172 -18.42 9.99 -124.27
C TYR O 172 -17.75 11.27 -124.77
N PRO O 173 -17.17 12.08 -123.87
CA PRO O 173 -16.58 13.36 -124.30
C PRO O 173 -15.32 13.17 -125.14
N ALA O 174 -15.12 14.10 -126.06
CA ALA O 174 -14.01 14.06 -126.98
C ALA O 174 -13.27 15.39 -126.98
N PRO O 175 -11.95 15.39 -127.13
CA PRO O 175 -11.22 16.66 -127.19
C PRO O 175 -11.40 17.43 -128.49
N GLN O 176 -11.91 16.78 -129.55
CA GLN O 176 -12.08 17.47 -130.82
C GLN O 176 -13.22 18.49 -130.75
N VAL O 177 -14.37 18.09 -130.21
CA VAL O 177 -15.51 18.98 -130.02
C VAL O 177 -15.96 18.89 -128.56
N SER O 178 -15.45 19.80 -127.74
CA SER O 178 -15.83 19.88 -126.33
C SER O 178 -16.11 21.33 -125.99
N THR O 179 -17.28 21.57 -125.40
CA THR O 179 -17.68 22.91 -125.00
C THR O 179 -17.36 23.23 -123.56
N ALA O 180 -16.62 22.36 -122.86
CA ALA O 180 -16.35 22.56 -121.45
C ALA O 180 -15.04 21.90 -121.07
N VAL O 181 -14.59 22.22 -119.86
CA VAL O 181 -13.36 21.68 -119.31
C VAL O 181 -13.63 20.62 -118.23
N VAL O 182 -14.77 20.69 -117.56
CA VAL O 182 -15.09 19.79 -116.46
C VAL O 182 -15.89 18.58 -116.93
N GLU O 183 -15.85 18.27 -118.22
CA GLU O 183 -16.41 17.01 -118.71
C GLU O 183 -15.83 15.75 -118.04
N PRO O 184 -14.53 15.65 -117.70
CA PRO O 184 -14.12 14.54 -116.82
C PRO O 184 -14.83 14.51 -115.48
N TYR O 185 -15.06 15.66 -114.85
CA TYR O 185 -15.73 15.70 -113.54
C TYR O 185 -17.17 15.23 -113.65
N ASN O 186 -17.90 15.76 -114.63
CA ASN O 186 -19.29 15.37 -114.86
C ASN O 186 -19.40 13.91 -115.25
N SER O 187 -18.49 13.44 -116.11
CA SER O 187 -18.55 12.06 -116.58
C SER O 187 -18.27 11.07 -115.45
N ILE O 188 -17.26 11.35 -114.61
CA ILE O 188 -16.95 10.46 -113.49
C ILE O 188 -18.08 10.48 -112.47
N LEU O 189 -18.66 11.66 -112.20
CA LEU O 189 -19.74 11.73 -111.21
C LEU O 189 -21.01 11.03 -111.70
N THR O 190 -21.37 11.20 -112.97
CA THR O 190 -22.55 10.51 -113.47
C THR O 190 -22.30 9.04 -113.77
N THR O 191 -21.04 8.61 -113.88
CA THR O 191 -20.75 7.18 -113.95
C THR O 191 -20.88 6.54 -112.58
N HIS O 192 -20.39 7.22 -111.54
CA HIS O 192 -20.50 6.69 -110.18
C HIS O 192 -21.95 6.69 -109.69
N THR O 193 -22.73 7.70 -110.08
CA THR O 193 -24.12 7.74 -109.62
C THR O 193 -25.01 6.77 -110.38
N THR O 194 -24.81 6.62 -111.68
CA THR O 194 -25.62 5.72 -112.50
C THR O 194 -24.91 4.41 -112.80
N LEU O 195 -24.09 3.91 -111.86
CA LEU O 195 -23.51 2.59 -112.04
C LEU O 195 -24.49 1.50 -111.66
N GLU O 196 -25.20 1.69 -110.54
CA GLU O 196 -26.15 0.69 -110.05
C GLU O 196 -27.53 0.85 -110.66
N HIS O 197 -27.77 1.89 -111.45
CA HIS O 197 -29.09 2.16 -112.00
C HIS O 197 -29.16 2.00 -113.51
N SER O 198 -28.05 1.63 -114.15
CA SER O 198 -28.02 1.42 -115.59
C SER O 198 -27.59 -0.01 -115.89
N ASP O 199 -28.20 -0.62 -116.90
CA ASP O 199 -27.97 -2.02 -117.20
C ASP O 199 -27.36 -2.27 -118.58
N CYS O 200 -27.35 -1.27 -119.46
CA CYS O 200 -26.67 -1.38 -120.75
C CYS O 200 -26.36 0.03 -121.24
N ALA O 201 -25.09 0.37 -121.31
CA ALA O 201 -24.66 1.73 -121.65
C ALA O 201 -23.85 1.69 -122.95
N PHE O 202 -24.45 2.16 -124.04
CA PHE O 202 -23.75 2.25 -125.32
C PHE O 202 -23.07 3.61 -125.41
N MET O 203 -21.97 3.76 -124.67
CA MET O 203 -21.25 5.02 -124.67
C MET O 203 -20.43 5.13 -125.95
N VAL O 204 -20.75 6.13 -126.77
CA VAL O 204 -20.07 6.38 -128.03
C VAL O 204 -19.44 7.77 -127.97
N ASP O 205 -18.15 7.86 -128.30
CA ASP O 205 -17.47 9.14 -128.28
C ASP O 205 -17.55 9.80 -129.65
N ASN O 206 -17.58 11.13 -129.64
CA ASN O 206 -17.65 11.90 -130.86
C ASN O 206 -16.32 11.95 -131.61
N GLU O 207 -15.22 11.56 -130.96
CA GLU O 207 -13.93 11.50 -131.65
C GLU O 207 -13.93 10.43 -132.73
N ALA O 208 -14.52 9.26 -132.44
CA ALA O 208 -14.57 8.18 -133.43
C ALA O 208 -15.52 8.53 -134.58
N ILE O 209 -16.66 9.15 -134.27
CA ILE O 209 -17.59 9.58 -135.30
C ILE O 209 -16.97 10.68 -136.17
N TYR O 210 -16.22 11.59 -135.54
CA TYR O 210 -15.53 12.64 -136.28
C TYR O 210 -14.44 12.06 -137.18
N ASP O 211 -13.70 11.06 -136.69
CA ASP O 211 -12.67 10.43 -137.50
C ASP O 211 -13.27 9.66 -138.67
N ILE O 212 -14.40 9.00 -138.44
CA ILE O 212 -15.10 8.29 -139.51
C ILE O 212 -15.61 9.26 -140.56
N CYS O 213 -16.20 10.38 -140.12
CA CYS O 213 -16.67 11.40 -141.07
C CYS O 213 -15.52 12.08 -141.79
N ARG O 214 -14.34 12.17 -141.16
CA ARG O 214 -13.18 12.75 -141.81
C ARG O 214 -12.60 11.82 -142.86
N ARG O 215 -12.47 10.53 -142.56
CA ARG O 215 -11.74 9.62 -143.42
C ARG O 215 -12.62 8.83 -144.38
N ASN O 216 -13.92 8.74 -144.13
CA ASN O 216 -14.84 8.04 -145.02
C ASN O 216 -15.84 8.98 -145.68
N LEU O 217 -16.51 9.81 -144.89
CA LEU O 217 -17.49 10.74 -145.43
C LEU O 217 -16.84 12.05 -145.87
N ARG O 221 -13.85 20.87 -140.65
CA ARG O 221 -14.35 19.70 -139.93
C ARG O 221 -15.83 19.50 -140.23
N PRO O 222 -16.30 18.25 -140.18
CA PRO O 222 -17.74 18.00 -140.20
C PRO O 222 -18.41 18.56 -138.94
N THR O 223 -19.62 19.06 -139.11
CA THR O 223 -20.33 19.78 -138.06
C THR O 223 -21.09 18.80 -137.17
N TYR O 224 -21.94 19.34 -136.28
CA TYR O 224 -22.77 18.51 -135.42
C TYR O 224 -23.93 17.88 -136.17
N THR O 225 -24.28 18.40 -137.35
CA THR O 225 -25.37 17.79 -138.13
C THR O 225 -24.95 16.47 -138.74
N ASN O 226 -23.74 16.41 -139.30
CA ASN O 226 -23.24 15.15 -139.86
C ASN O 226 -22.99 14.12 -138.77
N LEU O 227 -22.45 14.55 -137.63
CA LEU O 227 -22.28 13.66 -136.48
C LEU O 227 -23.63 13.17 -135.96
N ASN O 228 -24.63 14.05 -135.92
CA ASN O 228 -25.96 13.68 -135.46
C ASN O 228 -26.60 12.66 -136.41
N ARG O 229 -26.47 12.87 -137.73
CA ARG O 229 -27.06 11.94 -138.68
C ARG O 229 -26.36 10.59 -138.67
N LEU O 230 -25.03 10.58 -138.57
CA LEU O 230 -24.31 9.31 -138.49
C LEU O 230 -24.60 8.57 -137.20
N ILE O 231 -24.67 9.29 -136.06
CA ILE O 231 -24.98 8.67 -134.79
C ILE O 231 -26.42 8.16 -134.78
N GLY O 232 -27.33 8.88 -135.44
CA GLY O 232 -28.69 8.39 -135.59
C GLY O 232 -28.76 7.13 -136.42
N GLN O 233 -27.94 7.04 -137.48
CA GLN O 233 -27.85 5.80 -138.25
C GLN O 233 -27.30 4.65 -137.42
N ILE O 234 -26.27 4.92 -136.60
CA ILE O 234 -25.67 3.90 -135.75
C ILE O 234 -26.68 3.37 -134.74
N VAL O 235 -27.36 4.28 -134.04
CA VAL O 235 -28.35 3.90 -133.02
C VAL O 235 -29.57 3.23 -133.66
N SER O 236 -29.96 3.67 -134.86
CA SER O 236 -31.08 3.05 -135.57
C SER O 236 -30.76 1.62 -135.96
N SER O 237 -29.54 1.35 -136.43
CA SER O 237 -29.18 -0.03 -136.74
C SER O 237 -28.82 -0.84 -135.49
N ILE O 238 -28.52 -0.18 -134.37
CA ILE O 238 -28.41 -0.87 -133.10
C ILE O 238 -29.78 -1.39 -132.66
N THR O 239 -30.78 -0.52 -132.73
CA THR O 239 -32.13 -0.82 -132.27
C THR O 239 -33.03 -1.20 -133.45
N ALA O 240 -32.45 -1.68 -134.55
CA ALA O 240 -33.26 -2.17 -135.67
C ALA O 240 -33.95 -3.48 -135.31
N SER O 241 -33.30 -4.33 -134.52
CA SER O 241 -33.88 -5.63 -134.18
C SER O 241 -35.04 -5.50 -133.19
N LEU O 242 -35.12 -4.40 -132.45
CA LEU O 242 -36.17 -4.25 -131.45
C LEU O 242 -37.49 -3.80 -132.09
N ARG O 243 -37.43 -3.15 -133.25
CA ARG O 243 -38.61 -2.68 -133.95
C ARG O 243 -38.96 -3.53 -135.17
N PHE O 244 -38.32 -4.68 -135.33
CA PHE O 244 -38.56 -5.52 -136.50
C PHE O 244 -38.93 -6.94 -136.08
N ASP O 245 -38.95 -7.86 -137.06
CA ASP O 245 -39.30 -9.26 -136.80
C ASP O 245 -38.27 -9.90 -135.87
N GLY O 246 -38.74 -10.88 -135.10
CA GLY O 246 -37.97 -11.42 -134.00
C GLY O 246 -36.98 -12.49 -134.34
N ALA O 247 -35.68 -12.16 -134.31
CA ALA O 247 -34.62 -13.14 -134.43
C ALA O 247 -33.82 -13.25 -133.13
N LEU O 248 -33.27 -12.14 -132.65
CA LEU O 248 -32.64 -12.05 -131.33
C LEU O 248 -32.58 -10.59 -130.93
N ASN O 249 -32.32 -10.37 -129.64
CA ASN O 249 -32.15 -9.03 -129.03
C ASN O 249 -33.37 -8.15 -129.27
N VAL O 250 -34.57 -8.74 -129.18
CA VAL O 250 -35.80 -8.00 -129.40
C VAL O 250 -36.39 -7.45 -128.11
N ASP O 251 -35.74 -7.66 -126.98
CA ASP O 251 -36.23 -7.18 -125.69
C ASP O 251 -35.07 -6.64 -124.89
N LEU O 252 -35.40 -5.84 -123.87
CA LEU O 252 -34.39 -5.28 -123.00
C LEU O 252 -33.73 -6.34 -122.14
N THR O 253 -34.48 -7.38 -121.77
CA THR O 253 -33.90 -8.52 -121.05
C THR O 253 -32.94 -9.29 -121.96
N GLU O 254 -33.25 -9.37 -123.26
CA GLU O 254 -32.32 -10.00 -124.20
C GLU O 254 -31.02 -9.20 -124.31
N PHE O 255 -31.12 -7.87 -124.33
CA PHE O 255 -29.93 -7.01 -124.33
C PHE O 255 -29.13 -7.18 -123.04
N GLN O 256 -29.83 -7.27 -121.91
CA GLN O 256 -29.15 -7.36 -120.62
C GLN O 256 -28.52 -8.74 -120.41
N THR O 257 -29.06 -9.77 -121.07
CA THR O 257 -28.56 -11.14 -120.85
C THR O 257 -27.58 -11.62 -121.90
N ASN O 258 -27.65 -11.10 -123.13
CA ASN O 258 -26.72 -11.53 -124.17
C ASN O 258 -25.34 -10.88 -124.04
N LEU O 259 -25.23 -9.80 -123.29
CA LEU O 259 -23.99 -9.01 -123.28
C LEU O 259 -23.47 -8.64 -121.91
N VAL O 260 -24.28 -8.68 -120.86
CA VAL O 260 -23.92 -8.12 -119.56
C VAL O 260 -23.87 -9.25 -118.54
N PRO O 261 -22.68 -9.76 -118.21
CA PRO O 261 -22.57 -10.78 -117.16
C PRO O 261 -22.59 -10.22 -115.74
N TYR O 262 -22.04 -9.04 -115.54
CA TYR O 262 -21.80 -8.50 -114.21
C TYR O 262 -22.82 -7.42 -113.88
N PRO O 263 -23.07 -7.14 -112.59
CA PRO O 263 -23.91 -5.98 -112.25
C PRO O 263 -23.28 -4.63 -112.58
N ARG O 264 -21.96 -4.56 -112.73
CA ARG O 264 -21.28 -3.30 -112.99
C ARG O 264 -20.71 -3.18 -114.40
N ILE O 265 -20.36 -4.30 -115.03
CA ILE O 265 -19.72 -4.27 -116.35
C ILE O 265 -20.84 -4.32 -117.38
N HIS O 266 -21.35 -3.16 -117.76
CA HIS O 266 -22.45 -3.06 -118.72
C HIS O 266 -22.16 -2.01 -119.78
N PHE O 267 -20.95 -2.05 -120.35
CA PHE O 267 -20.51 -1.10 -121.37
C PHE O 267 -20.14 -1.86 -122.64
N PRO O 268 -21.09 -2.10 -123.54
CA PRO O 268 -20.77 -2.74 -124.81
C PRO O 268 -20.08 -1.80 -125.77
N LEU O 269 -19.64 -2.35 -126.89
CA LEU O 269 -18.97 -1.61 -127.94
C LEU O 269 -19.64 -1.93 -129.27
N ALA O 270 -19.86 -0.91 -130.08
CA ALA O 270 -20.42 -1.09 -131.41
C ALA O 270 -19.36 -0.77 -132.48
N THR O 271 -19.47 -1.46 -133.61
CA THR O 271 -18.57 -1.24 -134.74
C THR O 271 -19.35 -1.37 -136.03
N TYR O 272 -19.11 -0.46 -136.98
CA TYR O 272 -19.86 -0.41 -138.22
C TYR O 272 -18.90 -0.37 -139.40
N ALA O 273 -19.02 -1.33 -140.29
CA ALA O 273 -18.28 -1.41 -141.54
C ALA O 273 -18.77 -0.48 -142.67
N PRO O 274 -20.07 -0.51 -143.10
CA PRO O 274 -20.33 0.13 -144.42
C PRO O 274 -20.56 1.64 -144.37
N VAL O 275 -19.47 2.38 -144.24
CA VAL O 275 -19.48 3.83 -144.31
C VAL O 275 -18.76 4.21 -145.60
N ILE O 276 -19.52 4.59 -146.62
CA ILE O 276 -18.97 4.95 -147.92
C ILE O 276 -19.53 6.31 -148.33
N SER O 277 -18.80 6.98 -149.22
CA SER O 277 -19.19 8.30 -149.68
C SER O 277 -20.41 8.22 -150.60
N ALA O 278 -21.28 9.20 -150.47
CA ALA O 278 -22.51 9.25 -151.28
C ALA O 278 -22.29 10.06 -152.56
N GLN O 285 -18.12 -4.07 -155.27
CA GLN O 285 -18.77 -3.55 -154.06
C GLN O 285 -18.01 -3.99 -152.81
N LEU O 286 -18.74 -4.51 -151.83
CA LEU O 286 -18.17 -4.96 -150.58
C LEU O 286 -18.73 -6.34 -150.26
N SER O 287 -17.84 -7.30 -150.04
CA SER O 287 -18.27 -8.66 -149.72
C SER O 287 -18.62 -8.77 -148.24
N VAL O 288 -19.25 -9.89 -147.88
CA VAL O 288 -19.65 -10.12 -146.50
C VAL O 288 -18.42 -10.38 -145.62
N ALA O 289 -17.40 -11.04 -146.16
CA ALA O 289 -16.21 -11.38 -145.37
C ALA O 289 -15.41 -10.14 -144.98
N GLU O 290 -15.27 -9.18 -145.89
CA GLU O 290 -14.49 -7.98 -145.57
C GLU O 290 -15.24 -7.06 -144.62
N ILE O 291 -16.57 -6.96 -144.77
CA ILE O 291 -17.33 -6.12 -143.84
C ILE O 291 -17.49 -6.80 -142.48
N THR O 292 -17.38 -8.13 -142.42
CA THR O 292 -17.24 -8.78 -141.12
C THR O 292 -15.85 -8.53 -140.54
N ASN O 293 -14.82 -8.51 -141.41
CA ASN O 293 -13.48 -8.19 -140.95
C ASN O 293 -13.34 -6.74 -140.53
N ALA O 294 -14.06 -5.84 -141.21
CA ALA O 294 -14.01 -4.42 -140.87
C ALA O 294 -14.71 -4.13 -139.54
N CYS O 295 -15.63 -5.00 -139.11
CA CYS O 295 -16.23 -4.88 -137.79
C CYS O 295 -15.27 -5.23 -136.67
N PHE O 296 -14.14 -5.87 -136.98
CA PHE O 296 -13.11 -6.14 -135.99
C PHE O 296 -11.94 -5.16 -136.08
N GLU O 297 -12.01 -4.18 -136.96
CA GLU O 297 -10.96 -3.18 -137.07
C GLU O 297 -11.04 -2.20 -135.89
N PRO O 298 -9.94 -1.97 -135.17
CA PRO O 298 -9.99 -1.05 -134.03
C PRO O 298 -10.19 0.40 -134.40
N ALA O 299 -9.92 0.79 -135.65
CA ALA O 299 -10.08 2.17 -136.07
C ALA O 299 -11.50 2.49 -136.55
N ASN O 300 -12.37 1.48 -136.66
CA ASN O 300 -13.74 1.70 -137.08
C ASN O 300 -14.73 1.53 -135.93
N GLN O 301 -14.24 1.36 -134.70
CA GLN O 301 -15.13 1.18 -133.58
C GLN O 301 -15.74 2.51 -133.14
N MET O 302 -16.85 2.40 -132.40
CA MET O 302 -17.51 3.57 -131.84
C MET O 302 -16.89 4.04 -130.55
N VAL O 303 -15.89 3.32 -130.03
CA VAL O 303 -15.08 3.77 -128.90
C VAL O 303 -13.62 3.71 -129.34
N LYS O 304 -12.88 4.79 -129.09
CA LYS O 304 -11.47 4.86 -129.49
C LYS O 304 -10.65 4.04 -128.51
N CYS O 305 -10.56 2.74 -128.77
CA CYS O 305 -9.81 1.83 -127.92
C CYS O 305 -9.38 0.64 -128.76
N ASP O 306 -8.41 -0.12 -128.23
CA ASP O 306 -7.88 -1.29 -128.92
C ASP O 306 -8.41 -2.57 -128.27
N PRO O 307 -9.24 -3.35 -128.96
CA PRO O 307 -9.76 -4.59 -128.36
C PRO O 307 -8.75 -5.73 -128.32
N ARG O 308 -7.63 -5.62 -129.04
CA ARG O 308 -6.67 -6.71 -129.09
C ARG O 308 -5.87 -6.84 -127.79
N HIS O 309 -5.78 -5.79 -126.99
CA HIS O 309 -5.15 -5.90 -125.68
C HIS O 309 -6.08 -6.45 -124.62
N GLY O 310 -7.38 -6.49 -124.90
CA GLY O 310 -8.35 -7.07 -123.99
C GLY O 310 -8.92 -8.38 -124.52
N LYS O 311 -9.82 -8.94 -123.73
CA LYS O 311 -10.49 -10.18 -124.07
C LYS O 311 -11.98 -9.93 -124.27
N TYR O 312 -12.55 -10.57 -125.28
CA TYR O 312 -13.97 -10.44 -125.56
C TYR O 312 -14.79 -11.15 -124.50
N MET O 313 -16.07 -10.81 -124.43
CA MET O 313 -16.98 -11.50 -123.53
C MET O 313 -18.21 -12.00 -124.27
N ALA O 314 -18.63 -11.28 -125.31
CA ALA O 314 -19.81 -11.64 -126.08
C ALA O 314 -19.73 -10.99 -127.45
N CYS O 315 -20.59 -11.44 -128.35
CA CYS O 315 -20.71 -10.86 -129.68
C CYS O 315 -22.12 -11.11 -130.18
N CYS O 316 -22.80 -10.05 -130.61
CA CYS O 316 -24.13 -10.15 -131.20
C CYS O 316 -24.10 -9.43 -132.54
N LEU O 317 -23.72 -10.16 -133.60
CA LEU O 317 -23.62 -9.57 -134.93
C LEU O 317 -25.02 -9.42 -135.51
N LEU O 318 -25.39 -8.20 -135.89
CA LEU O 318 -26.70 -7.91 -136.45
C LEU O 318 -26.52 -7.45 -137.89
N TYR O 319 -27.01 -8.25 -138.83
CA TYR O 319 -26.87 -7.97 -140.25
C TYR O 319 -28.14 -7.35 -140.80
N ARG O 320 -27.98 -6.32 -141.64
CA ARG O 320 -29.08 -5.63 -142.28
C ARG O 320 -28.92 -5.71 -143.79
N GLY O 321 -30.06 -5.76 -144.48
CA GLY O 321 -30.06 -5.89 -145.93
C GLY O 321 -30.07 -7.32 -146.40
N ASP O 322 -29.98 -7.47 -147.72
CA ASP O 322 -30.04 -8.79 -148.35
C ASP O 322 -28.67 -9.45 -148.22
N VAL O 323 -28.46 -10.08 -147.07
CA VAL O 323 -27.24 -10.83 -146.78
C VAL O 323 -27.62 -12.30 -146.68
N VAL O 324 -27.04 -13.13 -147.54
CA VAL O 324 -27.32 -14.57 -147.52
C VAL O 324 -26.68 -15.20 -146.29
N PRO O 325 -27.41 -16.00 -145.51
CA PRO O 325 -26.86 -16.55 -144.27
C PRO O 325 -25.85 -17.68 -144.45
N LYS O 326 -25.63 -18.15 -145.68
CA LYS O 326 -24.66 -19.22 -145.91
C LYS O 326 -23.24 -18.70 -145.76
N ASP O 327 -22.94 -17.53 -146.35
CA ASP O 327 -21.59 -16.99 -146.33
C ASP O 327 -21.27 -16.28 -145.02
N VAL O 328 -22.26 -16.02 -144.17
CA VAL O 328 -21.99 -15.44 -142.86
C VAL O 328 -21.19 -16.40 -141.99
N ASN O 329 -21.49 -17.69 -142.07
CA ASN O 329 -20.72 -18.68 -141.33
C ASN O 329 -19.30 -18.85 -141.87
N ALA O 330 -19.13 -18.70 -143.20
CA ALA O 330 -17.78 -18.71 -143.77
C ALA O 330 -16.99 -17.49 -143.33
N ALA O 331 -17.65 -16.33 -143.26
CA ALA O 331 -17.01 -15.12 -142.72
C ALA O 331 -16.65 -15.31 -141.26
N ILE O 332 -17.52 -15.98 -140.50
CA ILE O 332 -17.26 -16.29 -139.09
C ILE O 332 -16.04 -17.20 -138.95
N ALA O 333 -15.93 -18.21 -139.82
CA ALA O 333 -14.78 -19.11 -139.80
C ALA O 333 -13.48 -18.39 -140.16
N THR O 334 -13.53 -17.50 -141.17
CA THR O 334 -12.34 -16.76 -141.55
C THR O 334 -11.95 -15.74 -140.48
N ILE O 335 -12.93 -15.23 -139.73
CA ILE O 335 -12.62 -14.37 -138.59
C ILE O 335 -11.97 -15.18 -137.47
N LYS O 336 -12.54 -16.35 -137.16
CA LYS O 336 -12.06 -17.16 -136.04
C LYS O 336 -10.74 -17.85 -136.32
N THR O 337 -10.34 -17.97 -137.59
CA THR O 337 -9.01 -18.53 -137.89
C THR O 337 -7.89 -17.59 -137.46
N LYS O 338 -8.15 -16.29 -137.42
CA LYS O 338 -7.15 -15.33 -136.99
C LYS O 338 -6.97 -15.39 -135.48
N ARG O 339 -5.75 -15.14 -135.03
CA ARG O 339 -5.38 -15.22 -133.63
C ARG O 339 -5.58 -13.90 -132.88
N THR O 340 -6.26 -12.93 -133.50
CA THR O 340 -6.47 -11.63 -132.86
C THR O 340 -7.47 -11.74 -131.71
N ILE O 341 -8.58 -12.43 -131.93
CA ILE O 341 -9.64 -12.52 -130.93
C ILE O 341 -9.26 -13.56 -129.90
N GLN O 342 -9.23 -13.15 -128.64
CA GLN O 342 -8.90 -14.03 -127.51
C GLN O 342 -10.06 -13.98 -126.53
N PHE O 343 -10.95 -14.97 -126.61
CA PHE O 343 -12.16 -14.99 -125.79
C PHE O 343 -11.82 -15.32 -124.34
N VAL O 344 -12.84 -15.19 -123.48
CA VAL O 344 -12.75 -15.59 -122.09
C VAL O 344 -12.87 -17.10 -122.01
N ASP O 345 -12.56 -17.68 -120.85
CA ASP O 345 -12.49 -19.12 -120.69
C ASP O 345 -13.54 -19.65 -119.71
N TRP O 346 -14.77 -19.13 -119.78
CA TRP O 346 -15.90 -19.80 -119.14
C TRP O 346 -17.09 -19.72 -120.10
N CYS O 347 -17.18 -20.72 -120.99
CA CYS O 347 -18.18 -20.89 -122.05
C CYS O 347 -18.41 -19.62 -122.85
N PRO O 348 -17.43 -19.18 -123.66
CA PRO O 348 -17.53 -17.85 -124.28
C PRO O 348 -18.51 -17.76 -125.43
N THR O 349 -18.98 -18.90 -125.96
CA THR O 349 -19.90 -19.03 -127.10
C THR O 349 -19.27 -18.34 -128.31
N GLY O 350 -20.02 -17.55 -129.08
CA GLY O 350 -19.47 -16.90 -130.25
C GLY O 350 -20.35 -15.82 -130.83
N PHE O 351 -20.30 -15.64 -132.14
CA PHE O 351 -21.02 -14.56 -132.82
C PHE O 351 -22.45 -15.00 -133.05
N LYS O 352 -23.36 -14.53 -132.20
CA LYS O 352 -24.78 -14.89 -132.28
C LYS O 352 -25.44 -14.04 -133.36
N VAL O 353 -25.31 -14.50 -134.60
CA VAL O 353 -25.75 -13.73 -135.76
C VAL O 353 -27.26 -13.88 -135.92
N GLY O 354 -27.96 -12.76 -136.01
CA GLY O 354 -29.33 -12.72 -136.47
C GLY O 354 -29.45 -11.76 -137.63
N ILE O 355 -30.18 -12.17 -138.66
CA ILE O 355 -30.22 -11.44 -139.92
C ILE O 355 -31.63 -10.92 -140.14
N ASN O 356 -31.75 -9.61 -140.36
CA ASN O 356 -33.00 -8.97 -140.74
C ASN O 356 -32.94 -8.64 -142.22
N TYR O 357 -33.95 -9.09 -142.97
CA TYR O 357 -33.91 -8.99 -144.42
C TYR O 357 -34.36 -7.64 -144.95
N GLN O 358 -34.89 -6.77 -144.10
CA GLN O 358 -35.25 -5.43 -144.55
C GLN O 358 -34.00 -4.57 -144.68
N PRO O 359 -33.76 -3.94 -145.84
CA PRO O 359 -32.57 -3.10 -145.97
C PRO O 359 -32.73 -1.81 -145.18
N PRO O 360 -31.64 -1.28 -144.64
CA PRO O 360 -31.72 0.01 -143.94
C PRO O 360 -31.89 1.15 -144.93
N THR O 361 -32.65 2.16 -144.51
CA THR O 361 -32.93 3.32 -145.34
C THR O 361 -32.11 4.51 -144.86
N VAL O 362 -31.43 5.17 -145.78
CA VAL O 362 -30.62 6.33 -145.48
C VAL O 362 -31.43 7.58 -145.81
N VAL O 363 -30.98 8.71 -145.29
CA VAL O 363 -31.61 10.01 -145.58
C VAL O 363 -31.38 10.36 -147.05
N PRO O 364 -32.43 10.74 -147.80
CA PRO O 364 -32.26 11.08 -149.22
C PRO O 364 -31.44 12.35 -149.38
N GLY O 365 -30.26 12.23 -149.97
CA GLY O 365 -29.33 13.33 -150.09
C GLY O 365 -28.79 13.82 -148.75
N GLY O 366 -28.44 12.89 -147.86
CA GLY O 366 -27.96 13.27 -146.55
C GLY O 366 -26.47 13.15 -146.40
N ASP O 367 -26.01 12.26 -145.53
CA ASP O 367 -24.58 12.09 -145.27
C ASP O 367 -24.06 10.67 -145.46
N LEU O 368 -24.92 9.66 -145.43
CA LEU O 368 -24.51 8.27 -145.62
C LEU O 368 -25.20 7.70 -146.84
N ALA O 369 -24.43 6.97 -147.65
CA ALA O 369 -24.96 6.39 -148.88
C ALA O 369 -25.80 5.16 -148.59
N LYS O 370 -26.74 4.89 -149.49
CA LYS O 370 -27.55 3.67 -149.40
C LYS O 370 -26.71 2.46 -149.78
N VAL O 371 -26.73 1.44 -148.93
CA VAL O 371 -25.95 0.23 -149.14
C VAL O 371 -26.86 -0.97 -149.01
N GLN O 372 -26.42 -2.10 -149.57
CA GLN O 372 -27.20 -3.33 -149.54
C GLN O 372 -26.75 -4.29 -148.46
N ARG O 373 -25.48 -4.24 -148.05
CA ARG O 373 -24.94 -5.12 -147.02
C ARG O 373 -24.51 -4.27 -145.83
N ALA O 374 -25.13 -4.50 -144.67
CA ALA O 374 -24.84 -3.75 -143.47
C ALA O 374 -24.63 -4.71 -142.31
N VAL O 375 -23.71 -4.36 -141.42
CA VAL O 375 -23.31 -5.25 -140.33
C VAL O 375 -22.95 -4.40 -139.12
N CYS O 376 -23.38 -4.84 -137.94
CA CYS O 376 -23.06 -4.19 -136.68
C CYS O 376 -22.63 -5.23 -135.66
N MET O 377 -21.62 -4.89 -134.86
CA MET O 377 -21.01 -5.84 -133.93
C MET O 377 -21.18 -5.33 -132.49
N LEU O 378 -22.27 -5.73 -131.84
CA LEU O 378 -22.49 -5.42 -130.44
C LEU O 378 -21.65 -6.39 -129.61
N SER O 379 -20.43 -5.99 -129.26
CA SER O 379 -19.50 -6.89 -128.59
C SER O 379 -19.03 -6.27 -127.29
N ASN O 380 -19.10 -7.05 -126.21
CA ASN O 380 -18.54 -6.67 -124.92
C ASN O 380 -17.07 -7.03 -124.88
N THR O 381 -16.27 -6.16 -124.27
CA THR O 381 -14.85 -6.42 -124.13
C THR O 381 -14.35 -5.72 -122.87
N THR O 382 -13.06 -5.89 -122.59
CA THR O 382 -12.38 -5.20 -121.50
C THR O 382 -11.59 -3.99 -121.99
N ALA O 383 -11.74 -3.61 -123.27
CA ALA O 383 -11.01 -2.49 -123.84
C ALA O 383 -11.60 -1.14 -123.46
N ILE O 384 -12.80 -1.11 -122.88
CA ILE O 384 -13.36 0.15 -122.37
C ILE O 384 -12.62 0.63 -121.14
N ALA O 385 -11.90 -0.27 -120.46
CA ALA O 385 -11.11 0.10 -119.29
C ALA O 385 -10.00 1.08 -119.62
N GLU O 386 -9.50 1.07 -120.87
CA GLU O 386 -8.56 2.09 -121.32
C GLU O 386 -9.22 3.47 -121.35
N ALA O 387 -10.46 3.55 -121.84
CA ALA O 387 -11.19 4.82 -121.85
C ALA O 387 -11.49 5.30 -120.44
N TRP O 388 -11.85 4.39 -119.53
CA TRP O 388 -12.08 4.79 -118.16
C TRP O 388 -10.78 5.19 -117.46
N ALA O 389 -9.66 4.57 -117.83
CA ALA O 389 -8.37 4.99 -117.31
C ALA O 389 -7.98 6.38 -117.79
N ARG O 390 -8.29 6.69 -119.05
CA ARG O 390 -8.07 8.05 -119.57
C ARG O 390 -8.92 9.07 -118.83
N LEU O 391 -10.20 8.73 -118.59
CA LEU O 391 -11.10 9.64 -117.89
C LEU O 391 -10.69 9.84 -116.44
N ASP O 392 -10.22 8.78 -115.78
CA ASP O 392 -9.75 8.93 -114.40
C ASP O 392 -8.38 9.61 -114.33
N HIS O 393 -7.57 9.49 -115.38
CA HIS O 393 -6.32 10.24 -115.41
C HIS O 393 -6.57 11.73 -115.58
N LYS O 394 -7.54 12.10 -116.43
CA LYS O 394 -7.96 13.50 -116.50
C LYS O 394 -8.62 13.96 -115.21
N PHE O 395 -9.35 13.08 -114.54
CA PHE O 395 -9.94 13.41 -113.25
C PHE O 395 -8.88 13.57 -112.17
N ASP O 396 -7.83 12.75 -112.21
CA ASP O 396 -6.78 12.85 -111.20
C ASP O 396 -5.88 14.06 -111.44
N LEU O 397 -5.76 14.51 -112.69
CA LEU O 397 -4.95 15.68 -112.98
C LEU O 397 -5.61 16.96 -112.47
N MET O 398 -6.94 17.01 -112.45
CA MET O 398 -7.67 18.19 -112.04
C MET O 398 -8.15 18.10 -110.59
N TYR O 399 -7.68 17.10 -109.83
CA TYR O 399 -8.04 16.98 -108.43
C TYR O 399 -6.83 16.97 -107.50
N ALA O 400 -5.60 16.93 -108.03
CA ALA O 400 -4.43 17.06 -107.19
C ALA O 400 -4.33 18.45 -106.58
N LYS O 401 -4.75 19.48 -107.32
CA LYS O 401 -4.75 20.85 -106.85
C LYS O 401 -6.15 21.37 -106.57
N ARG O 402 -7.16 20.49 -106.54
CA ARG O 402 -8.57 20.81 -106.28
C ARG O 402 -9.12 21.84 -107.26
N ALA O 403 -8.78 21.69 -108.54
CA ALA O 403 -9.25 22.61 -109.55
C ALA O 403 -10.75 22.43 -109.80
N PHE O 404 -11.44 23.56 -110.00
CA PHE O 404 -12.86 23.64 -110.35
C PHE O 404 -13.78 23.01 -109.29
N VAL O 405 -13.29 22.86 -108.06
CA VAL O 405 -14.04 22.16 -107.03
C VAL O 405 -15.24 22.99 -106.57
N HIS O 406 -15.05 24.30 -106.41
CA HIS O 406 -16.03 25.17 -105.78
C HIS O 406 -17.33 25.33 -106.58
N TRP O 407 -17.31 25.04 -107.88
CA TRP O 407 -18.53 25.15 -108.68
C TRP O 407 -19.53 24.04 -108.36
N TYR O 408 -19.10 22.96 -107.72
CA TYR O 408 -19.96 21.86 -107.33
C TYR O 408 -20.39 21.93 -105.88
N VAL O 409 -19.48 22.32 -104.98
CA VAL O 409 -19.80 22.41 -103.56
C VAL O 409 -20.80 23.53 -103.29
N GLY O 410 -20.79 24.57 -104.12
CA GLY O 410 -21.71 25.68 -103.92
C GLY O 410 -23.14 25.40 -104.29
N GLU O 411 -23.41 24.25 -104.92
CA GLU O 411 -24.77 23.86 -105.29
C GLU O 411 -25.30 22.71 -104.46
N GLY O 412 -24.68 22.44 -103.31
CA GLY O 412 -25.17 21.46 -102.36
C GLY O 412 -24.34 20.19 -102.26
N MET O 413 -23.45 19.95 -103.21
CA MET O 413 -22.62 18.76 -103.16
C MET O 413 -21.54 18.90 -102.10
N GLU O 414 -20.90 17.78 -101.78
CA GLU O 414 -19.86 17.75 -100.76
C GLU O 414 -18.49 17.51 -101.40
N GLU O 415 -17.45 17.71 -100.60
CA GLU O 415 -16.09 17.43 -101.07
C GLU O 415 -15.82 15.93 -101.15
N GLY O 416 -16.43 15.14 -100.28
CA GLY O 416 -16.21 13.70 -100.25
C GLY O 416 -16.84 12.94 -101.39
N GLU O 417 -17.75 13.56 -102.14
CA GLU O 417 -18.37 12.90 -103.29
C GLU O 417 -17.35 12.66 -104.40
N PHE O 418 -16.38 13.56 -104.56
CA PHE O 418 -15.33 13.35 -105.56
C PHE O 418 -14.42 12.20 -105.18
N SER O 419 -14.06 12.09 -103.90
CA SER O 419 -13.26 10.96 -103.44
C SER O 419 -14.05 9.66 -103.54
N GLU O 420 -15.36 9.71 -103.29
CA GLU O 420 -16.21 8.52 -103.45
C GLU O 420 -16.28 8.08 -104.90
N ALA O 421 -16.43 9.03 -105.84
CA ALA O 421 -16.43 8.67 -107.25
C ALA O 421 -15.07 8.17 -107.72
N ARG O 422 -13.98 8.71 -107.16
CA ARG O 422 -12.65 8.21 -107.47
C ARG O 422 -12.46 6.78 -106.96
N GLU O 423 -12.97 6.48 -105.75
CA GLU O 423 -12.91 5.12 -105.23
C GLU O 423 -13.76 4.17 -106.07
N ASP O 424 -14.92 4.63 -106.52
CA ASP O 424 -15.79 3.81 -107.38
C ASP O 424 -15.13 3.53 -108.73
N MET O 425 -14.47 4.53 -109.31
CA MET O 425 -13.79 4.31 -110.58
C MET O 425 -12.55 3.44 -110.42
N ALA O 426 -11.86 3.54 -109.28
CA ALA O 426 -10.76 2.62 -108.99
C ALA O 426 -11.26 1.19 -108.84
N ALA O 427 -12.42 1.01 -108.20
CA ALA O 427 -13.03 -0.31 -108.09
C ALA O 427 -13.46 -0.85 -109.45
N LEU O 428 -13.98 0.02 -110.32
CA LEU O 428 -14.36 -0.40 -111.67
C LEU O 428 -13.14 -0.82 -112.49
N GLU O 429 -12.04 -0.07 -112.37
CA GLU O 429 -10.80 -0.43 -113.07
C GLU O 429 -10.21 -1.72 -112.52
N LYS O 430 -10.27 -1.91 -111.19
CA LYS O 430 -9.80 -3.14 -110.58
C LYS O 430 -10.63 -4.34 -110.99
N ASP O 431 -11.95 -4.17 -111.11
CA ASP O 431 -12.80 -5.28 -111.55
C ASP O 431 -12.60 -5.59 -113.03
N TYR O 432 -12.34 -4.57 -113.85
CA TYR O 432 -12.01 -4.81 -115.24
C TYR O 432 -10.68 -5.55 -115.38
N GLU O 433 -9.70 -5.21 -114.54
CA GLU O 433 -8.43 -5.92 -114.53
C GLU O 433 -8.60 -7.36 -114.03
N GLU O 434 -9.46 -7.58 -113.03
CA GLU O 434 -9.69 -8.92 -112.50
C GLU O 434 -10.43 -9.80 -113.51
N VAL O 435 -11.32 -9.20 -114.31
CA VAL O 435 -11.89 -9.94 -115.44
C VAL O 435 -10.81 -10.23 -116.48
N GLY O 436 -9.95 -9.24 -116.76
CA GLY O 436 -8.91 -9.39 -117.76
C GLY O 436 -7.75 -10.29 -117.36
N VAL O 437 -7.66 -10.67 -116.07
CA VAL O 437 -6.60 -11.54 -115.59
C VAL O 437 -7.22 -12.86 -115.16
N ASP O 438 -6.75 -13.96 -115.74
CA ASP O 438 -7.27 -15.29 -115.43
C ASP O 438 -6.91 -15.71 -114.00
N MET P 1 -52.59 -54.69 -110.62
CA MET P 1 -51.26 -54.12 -110.71
C MET P 1 -51.21 -52.74 -110.05
N ARG P 2 -50.02 -52.32 -109.63
CA ARG P 2 -49.84 -51.01 -109.04
C ARG P 2 -49.92 -49.92 -110.10
N GLU P 3 -49.90 -48.67 -109.65
CA GLU P 3 -50.09 -47.53 -110.54
C GLU P 3 -48.97 -46.52 -110.34
N ILE P 4 -48.31 -46.14 -111.44
CA ILE P 4 -47.30 -45.09 -111.44
C ILE P 4 -47.86 -43.88 -112.16
N VAL P 5 -47.65 -42.71 -111.57
CA VAL P 5 -48.04 -41.44 -112.17
C VAL P 5 -46.80 -40.82 -112.80
N HIS P 6 -46.85 -40.59 -114.11
CA HIS P 6 -45.72 -40.08 -114.85
C HIS P 6 -45.73 -38.56 -114.86
N LEU P 7 -44.57 -37.96 -114.62
CA LEU P 7 -44.43 -36.50 -114.56
C LEU P 7 -43.30 -36.07 -115.47
N GLN P 8 -43.59 -35.13 -116.37
CA GLN P 8 -42.60 -34.56 -117.28
C GLN P 8 -42.61 -33.05 -117.10
N ILE P 9 -41.44 -32.48 -116.78
CA ILE P 9 -41.29 -31.06 -116.53
C ILE P 9 -40.24 -30.51 -117.48
N GLY P 10 -40.59 -29.45 -118.20
CA GLY P 10 -39.71 -28.83 -119.17
C GLY P 10 -39.95 -29.34 -120.58
N GLN P 11 -39.45 -28.58 -121.55
CA GLN P 11 -39.62 -28.98 -122.94
C GLN P 11 -38.74 -30.17 -123.30
N CYS P 12 -37.57 -30.29 -122.66
CA CYS P 12 -36.77 -31.51 -122.81
C CYS P 12 -37.50 -32.72 -122.26
N GLY P 13 -38.08 -32.57 -121.07
CA GLY P 13 -38.88 -33.64 -120.50
C GLY P 13 -40.10 -33.97 -121.32
N ASN P 14 -40.76 -32.94 -121.87
CA ASN P 14 -41.93 -33.16 -122.73
C ASN P 14 -41.58 -33.87 -124.02
N GLN P 15 -40.48 -33.47 -124.66
CA GLN P 15 -40.08 -34.07 -125.94
C GLN P 15 -39.62 -35.52 -125.75
N ILE P 16 -38.75 -35.75 -124.77
CA ILE P 16 -38.27 -37.11 -124.52
C ILE P 16 -39.40 -38.00 -124.00
N GLY P 17 -40.33 -37.43 -123.21
CA GLY P 17 -41.49 -38.20 -122.77
C GLY P 17 -42.43 -38.56 -123.91
N ALA P 18 -42.62 -37.65 -124.86
CA ALA P 18 -43.46 -37.96 -126.02
C ALA P 18 -42.84 -39.05 -126.89
N LYS P 19 -41.52 -38.97 -127.13
CA LYS P 19 -40.84 -40.02 -127.89
C LYS P 19 -40.85 -41.36 -127.14
N PHE P 20 -40.65 -41.31 -125.82
CA PHE P 20 -40.67 -42.51 -124.99
C PHE P 20 -42.05 -43.14 -124.96
N TRP P 21 -43.11 -42.33 -124.87
CA TRP P 21 -44.47 -42.85 -124.88
C TRP P 21 -44.83 -43.44 -126.24
N GLU P 22 -44.31 -42.84 -127.32
CA GLU P 22 -44.52 -43.42 -128.65
C GLU P 22 -43.83 -44.77 -128.78
N VAL P 23 -42.60 -44.88 -128.26
CA VAL P 23 -41.88 -46.15 -128.30
C VAL P 23 -42.59 -47.21 -127.46
N ILE P 24 -43.12 -46.81 -126.30
CA ILE P 24 -43.83 -47.75 -125.42
C ILE P 24 -45.13 -48.22 -126.07
N SER P 25 -45.90 -47.29 -126.64
CA SER P 25 -47.16 -47.65 -127.27
C SER P 25 -46.96 -48.45 -128.55
N ASP P 26 -45.82 -48.28 -129.22
CA ASP P 26 -45.47 -49.19 -130.30
C ASP P 26 -45.10 -50.57 -129.76
N GLU P 27 -44.39 -50.60 -128.64
CA GLU P 27 -43.94 -51.88 -128.07
C GLU P 27 -45.11 -52.65 -127.43
N HIS P 28 -46.02 -51.93 -126.76
CA HIS P 28 -47.12 -52.57 -126.07
C HIS P 28 -48.32 -52.86 -126.98
N GLY P 29 -48.24 -52.50 -128.26
CA GLY P 29 -49.33 -52.74 -129.18
C GLY P 29 -50.56 -51.90 -128.93
N ILE P 30 -50.39 -50.63 -128.59
CA ILE P 30 -51.48 -49.70 -128.34
C ILE P 30 -51.52 -48.69 -129.47
N ASP P 31 -52.70 -48.51 -130.07
CA ASP P 31 -52.85 -47.60 -131.19
C ASP P 31 -53.09 -46.18 -130.68
N ILE P 32 -53.38 -45.25 -131.58
CA ILE P 32 -53.59 -43.86 -131.20
C ILE P 32 -54.94 -43.66 -130.52
N ALA P 33 -55.87 -44.58 -130.69
CA ALA P 33 -57.17 -44.50 -130.03
C ALA P 33 -57.19 -45.16 -128.67
N GLY P 34 -56.06 -45.74 -128.22
CA GLY P 34 -55.99 -46.36 -126.92
C GLY P 34 -56.51 -47.78 -126.85
N ASN P 35 -56.74 -48.43 -127.98
CA ASN P 35 -57.25 -49.79 -128.01
C ASN P 35 -56.10 -50.77 -128.26
N TYR P 36 -56.18 -51.93 -127.63
CA TYR P 36 -55.12 -52.92 -127.76
C TYR P 36 -55.18 -53.58 -129.13
N CYS P 37 -54.02 -53.66 -129.79
CA CYS P 37 -53.93 -54.32 -131.09
C CYS P 37 -52.69 -55.20 -131.21
N GLY P 38 -52.08 -55.58 -130.09
CA GLY P 38 -50.91 -56.43 -130.13
C GLY P 38 -51.26 -57.89 -130.30
N ASN P 39 -50.22 -58.70 -130.46
CA ASN P 39 -50.36 -60.13 -130.70
C ASN P 39 -49.89 -60.99 -129.53
N ALA P 40 -49.49 -60.39 -128.43
CA ALA P 40 -48.97 -61.12 -127.28
C ALA P 40 -49.76 -60.76 -126.03
N SER P 41 -50.05 -61.77 -125.21
CA SER P 41 -50.78 -61.52 -123.96
C SER P 41 -49.90 -60.86 -122.90
N LEU P 42 -48.58 -60.92 -123.07
CA LEU P 42 -47.68 -60.24 -122.14
C LEU P 42 -47.74 -58.72 -122.29
N GLN P 43 -48.14 -58.22 -123.45
CA GLN P 43 -48.23 -56.77 -123.64
C GLN P 43 -49.38 -56.18 -122.83
N LEU P 44 -50.51 -56.89 -122.75
CA LEU P 44 -51.62 -56.44 -121.93
C LEU P 44 -51.38 -56.70 -120.44
N GLU P 45 -50.47 -57.60 -120.11
CA GLU P 45 -50.08 -57.81 -118.71
C GLU P 45 -49.20 -56.67 -118.24
N ARG P 46 -49.41 -56.27 -116.97
CA ARG P 46 -48.70 -55.17 -116.31
C ARG P 46 -48.81 -53.87 -117.10
N ILE P 47 -50.02 -53.57 -117.59
CA ILE P 47 -50.28 -52.33 -118.32
C ILE P 47 -50.84 -51.23 -117.42
N ASN P 48 -51.28 -51.57 -116.21
CA ASN P 48 -51.89 -50.59 -115.33
C ASN P 48 -50.87 -49.69 -114.62
N VAL P 49 -49.57 -49.98 -114.75
CA VAL P 49 -48.56 -49.12 -114.17
C VAL P 49 -48.47 -47.80 -114.94
N TYR P 50 -48.71 -47.83 -116.24
CA TYR P 50 -48.49 -46.67 -117.10
C TYR P 50 -49.76 -46.15 -117.76
N PHE P 51 -50.65 -47.03 -118.19
CA PHE P 51 -51.81 -46.65 -118.98
C PHE P 51 -53.08 -46.79 -118.13
N ASN P 52 -53.81 -45.69 -117.98
CA ASN P 52 -55.08 -45.73 -117.28
C ASN P 52 -56.16 -46.27 -118.20
N GLU P 53 -57.01 -47.14 -117.66
CA GLU P 53 -58.08 -47.77 -118.43
C GLU P 53 -59.30 -46.86 -118.39
N ALA P 54 -59.60 -46.23 -119.53
CA ALA P 54 -60.78 -45.41 -119.66
C ALA P 54 -61.93 -46.25 -120.19
N TYR P 55 -63.04 -45.60 -120.54
CA TYR P 55 -64.20 -46.32 -121.07
C TYR P 55 -63.96 -46.75 -122.51
N SER P 56 -64.66 -47.85 -122.88
CA SER P 56 -64.68 -48.40 -124.24
C SER P 56 -63.28 -48.79 -124.74
N HIS P 57 -62.54 -49.49 -123.87
CA HIS P 57 -61.21 -50.07 -124.16
C HIS P 57 -60.20 -49.00 -124.58
N LYS P 58 -60.16 -47.90 -123.81
CA LYS P 58 -59.26 -46.79 -124.08
C LYS P 58 -58.17 -46.78 -123.01
N TYR P 59 -56.94 -47.06 -123.42
CA TYR P 59 -55.80 -47.09 -122.51
C TYR P 59 -55.02 -45.79 -122.70
N VAL P 60 -55.34 -44.79 -121.88
CA VAL P 60 -54.68 -43.50 -121.94
C VAL P 60 -53.57 -43.45 -120.89
N PRO P 61 -52.42 -42.87 -121.18
CA PRO P 61 -51.36 -42.76 -120.18
C PRO P 61 -51.72 -41.79 -119.07
N ARG P 62 -51.19 -42.08 -117.88
CA ARG P 62 -51.34 -41.19 -116.73
C ARG P 62 -50.16 -40.22 -116.64
N SER P 63 -49.97 -39.48 -117.73
CA SER P 63 -48.84 -38.58 -117.86
C SER P 63 -49.27 -37.16 -117.54
N ILE P 64 -48.49 -36.47 -116.72
CA ILE P 64 -48.73 -35.08 -116.36
C ILE P 64 -47.65 -34.25 -117.05
N LEU P 65 -47.98 -33.69 -118.21
CA LEU P 65 -47.06 -32.83 -118.94
C LEU P 65 -47.09 -31.42 -118.35
N VAL P 66 -45.97 -31.00 -117.78
CA VAL P 66 -45.87 -29.70 -117.11
C VAL P 66 -44.82 -28.86 -117.83
N ASP P 67 -45.19 -27.63 -118.15
CA ASP P 67 -44.27 -26.66 -118.75
C ASP P 67 -44.73 -25.27 -118.38
N LEU P 68 -43.96 -24.26 -118.80
CA LEU P 68 -44.33 -22.87 -118.58
C LEU P 68 -44.55 -22.11 -119.88
N GLU P 69 -44.54 -22.81 -121.02
CA GLU P 69 -44.82 -22.21 -122.31
C GLU P 69 -45.79 -23.09 -123.08
N PRO P 70 -46.80 -22.49 -123.72
CA PRO P 70 -47.80 -23.31 -124.43
C PRO P 70 -47.33 -23.81 -125.80
N GLY P 71 -46.16 -23.37 -126.27
CA GLY P 71 -45.64 -23.89 -127.54
C GLY P 71 -45.26 -25.35 -127.46
N THR P 72 -44.74 -25.78 -126.31
CA THR P 72 -44.41 -27.19 -126.12
C THR P 72 -45.67 -28.04 -126.06
N MET P 73 -46.73 -27.53 -125.44
CA MET P 73 -48.01 -28.24 -125.43
C MET P 73 -48.62 -28.31 -126.82
N ASP P 74 -48.48 -27.24 -127.60
CA ASP P 74 -48.96 -27.28 -128.98
C ASP P 74 -48.14 -28.25 -129.84
N SER P 75 -46.84 -28.36 -129.58
CA SER P 75 -46.02 -29.33 -130.28
C SER P 75 -46.36 -30.76 -129.88
N VAL P 76 -46.74 -30.97 -128.61
CA VAL P 76 -47.18 -32.29 -128.16
C VAL P 76 -48.52 -32.65 -128.80
N ARG P 77 -49.46 -31.70 -128.84
CA ARG P 77 -50.77 -31.96 -129.44
C ARG P 77 -50.69 -32.12 -130.94
N SER P 78 -49.72 -31.47 -131.60
CA SER P 78 -49.56 -31.57 -133.04
C SER P 78 -48.93 -32.89 -133.47
N SER P 79 -48.34 -33.65 -132.54
CA SER P 79 -47.72 -34.92 -132.89
C SER P 79 -48.77 -36.02 -133.00
N LYS P 80 -48.29 -37.25 -133.24
CA LYS P 80 -49.20 -38.37 -133.44
C LYS P 80 -49.83 -38.84 -132.13
N ILE P 81 -49.12 -38.67 -131.01
CA ILE P 81 -49.59 -39.17 -129.72
C ILE P 81 -50.39 -38.13 -128.95
N GLY P 82 -50.64 -36.97 -129.54
CA GLY P 82 -51.42 -35.90 -128.93
C GLY P 82 -52.85 -36.26 -128.53
N PRO P 83 -53.65 -36.80 -129.46
CA PRO P 83 -54.96 -37.32 -129.05
C PRO P 83 -54.90 -38.52 -128.12
N LEU P 84 -53.78 -39.26 -128.08
CA LEU P 84 -53.66 -40.40 -127.17
C LEU P 84 -53.53 -39.95 -125.73
N PHE P 85 -52.86 -38.83 -125.47
CA PHE P 85 -52.67 -38.35 -124.11
C PHE P 85 -53.97 -37.79 -123.53
N ARG P 86 -54.01 -37.70 -122.22
CA ARG P 86 -55.17 -37.17 -121.54
C ARG P 86 -55.21 -35.65 -121.68
N PRO P 87 -56.29 -35.09 -122.24
CA PRO P 87 -56.37 -33.62 -122.39
C PRO P 87 -56.55 -32.88 -121.07
N ASP P 88 -57.10 -33.53 -120.05
CA ASP P 88 -57.30 -32.88 -118.76
C ASP P 88 -56.02 -32.78 -117.94
N ASN P 89 -54.97 -33.50 -118.32
CA ASN P 89 -53.71 -33.52 -117.58
C ASN P 89 -52.69 -32.51 -118.12
N PHE P 90 -53.07 -31.68 -119.08
CA PHE P 90 -52.18 -30.67 -119.62
C PHE P 90 -52.11 -29.49 -118.66
N ILE P 91 -50.90 -29.13 -118.24
CA ILE P 91 -50.67 -27.95 -117.42
C ILE P 91 -49.55 -27.15 -118.07
N HIS P 92 -49.83 -25.89 -118.38
CA HIS P 92 -48.87 -25.02 -119.05
C HIS P 92 -48.98 -23.62 -118.49
N GLY P 93 -47.83 -22.97 -118.28
CA GLY P 93 -47.79 -21.60 -117.84
C GLY P 93 -47.84 -20.62 -119.00
N ASN P 94 -47.79 -19.33 -118.64
CA ASN P 94 -47.86 -18.27 -119.64
C ASN P 94 -46.47 -17.82 -120.09
N SER P 95 -45.55 -17.63 -119.14
CA SER P 95 -44.21 -17.15 -119.42
C SER P 95 -43.20 -18.18 -118.93
N GLY P 96 -42.28 -18.56 -119.81
CA GLY P 96 -41.23 -19.48 -119.42
C GLY P 96 -40.19 -18.82 -118.53
N ALA P 97 -39.45 -19.66 -117.81
CA ALA P 97 -38.39 -19.15 -116.95
C ALA P 97 -37.17 -18.74 -117.76
N GLY P 98 -36.87 -19.47 -118.84
CA GLY P 98 -35.77 -19.15 -119.71
C GLY P 98 -34.41 -19.29 -119.06
N ASN P 99 -34.04 -20.52 -118.72
CA ASN P 99 -32.77 -20.87 -118.09
C ASN P 99 -32.55 -20.16 -116.75
N ASN P 100 -33.65 -19.85 -116.05
CA ASN P 100 -33.62 -19.21 -114.74
C ASN P 100 -34.11 -20.24 -113.72
N TRP P 101 -33.20 -20.74 -112.88
CA TRP P 101 -33.59 -21.72 -111.88
C TRP P 101 -34.34 -21.08 -110.73
N ALA P 102 -33.95 -19.87 -110.35
CA ALA P 102 -34.62 -19.17 -109.24
C ALA P 102 -36.05 -18.79 -109.62
N LYS P 103 -36.28 -18.45 -110.88
CA LYS P 103 -37.62 -18.06 -111.33
C LYS P 103 -38.54 -19.28 -111.40
N GLY P 104 -37.99 -20.45 -111.67
CA GLY P 104 -38.77 -21.69 -111.68
C GLY P 104 -38.79 -22.42 -110.36
N HIS P 105 -38.04 -21.94 -109.37
CA HIS P 105 -38.01 -22.57 -108.06
C HIS P 105 -38.61 -21.72 -106.96
N TYR P 106 -38.79 -20.41 -107.17
CA TYR P 106 -39.25 -19.56 -106.08
C TYR P 106 -40.49 -18.74 -106.43
N THR P 107 -40.67 -18.39 -107.71
CA THR P 107 -41.79 -17.54 -108.09
C THR P 107 -42.79 -18.26 -108.99
N GLU P 108 -42.36 -18.75 -110.16
CA GLU P 108 -43.30 -19.31 -111.12
C GLU P 108 -43.57 -20.79 -110.85
N GLY P 109 -42.54 -21.53 -110.47
CA GLY P 109 -42.76 -22.88 -109.97
C GLY P 109 -43.59 -22.88 -108.71
N ALA P 110 -43.40 -21.89 -107.84
CA ALA P 110 -44.24 -21.75 -106.65
C ALA P 110 -45.66 -21.37 -107.01
N GLU P 111 -45.85 -20.56 -108.05
CA GLU P 111 -47.21 -20.15 -108.41
C GLU P 111 -47.97 -21.22 -109.19
N LEU P 112 -47.27 -22.18 -109.79
CA LEU P 112 -47.95 -23.29 -110.46
C LEU P 112 -47.89 -24.61 -109.68
N ILE P 113 -47.15 -24.65 -108.57
CA ILE P 113 -47.05 -25.89 -107.80
C ILE P 113 -48.35 -26.21 -107.07
N GLU P 114 -49.20 -25.21 -106.80
CA GLU P 114 -50.49 -25.50 -106.19
C GLU P 114 -51.41 -26.20 -107.18
N ASN P 115 -51.40 -25.76 -108.44
CA ASN P 115 -52.19 -26.43 -109.47
C ASN P 115 -51.66 -27.83 -109.76
N VAL P 116 -50.34 -27.99 -109.81
CA VAL P 116 -49.82 -29.34 -110.06
C VAL P 116 -50.00 -30.23 -108.82
N MET P 117 -50.07 -29.64 -107.63
CA MET P 117 -50.40 -30.39 -106.42
C MET P 117 -51.85 -30.85 -106.43
N ASP P 118 -52.76 -30.00 -106.92
CA ASP P 118 -54.15 -30.39 -107.07
C ASP P 118 -54.32 -31.50 -108.08
N VAL P 119 -53.59 -31.44 -109.19
CA VAL P 119 -53.65 -32.50 -110.21
C VAL P 119 -53.07 -33.81 -109.67
N VAL P 120 -51.96 -33.74 -108.95
CA VAL P 120 -51.33 -34.92 -108.35
C VAL P 120 -52.24 -35.53 -107.27
N ARG P 121 -52.88 -34.69 -106.46
CA ARG P 121 -53.79 -35.18 -105.43
C ARG P 121 -55.05 -35.78 -106.04
N ASN P 122 -55.53 -35.21 -107.15
CA ASN P 122 -56.67 -35.79 -107.86
C ASN P 122 -56.33 -37.14 -108.45
N GLU P 123 -55.11 -37.30 -108.97
CA GLU P 123 -54.70 -38.60 -109.48
C GLU P 123 -54.47 -39.61 -108.36
N CYS P 124 -53.89 -39.15 -107.24
CA CYS P 124 -53.51 -40.05 -106.15
C CYS P 124 -54.69 -40.49 -105.31
N GLU P 125 -55.70 -39.63 -105.14
CA GLU P 125 -56.87 -40.03 -104.35
C GLU P 125 -57.75 -41.03 -105.08
N SER P 126 -57.59 -41.17 -106.39
CA SER P 126 -58.26 -42.22 -107.15
C SER P 126 -57.44 -43.50 -107.23
N CYS P 127 -56.22 -43.51 -106.70
CA CYS P 127 -55.39 -44.70 -106.73
C CYS P 127 -55.89 -45.71 -105.69
N ASP P 128 -56.01 -46.98 -106.11
CA ASP P 128 -56.18 -48.05 -105.14
C ASP P 128 -54.95 -48.19 -104.27
N CYS P 129 -53.77 -48.11 -104.87
CA CYS P 129 -52.51 -48.05 -104.14
C CYS P 129 -51.49 -47.35 -105.02
N LEU P 130 -50.64 -46.55 -104.41
CA LEU P 130 -49.63 -45.77 -105.12
C LEU P 130 -48.30 -46.51 -105.08
N GLN P 131 -47.68 -46.68 -106.25
CA GLN P 131 -46.36 -47.29 -106.33
C GLN P 131 -45.26 -46.24 -106.20
N GLY P 132 -45.37 -45.16 -106.96
CA GLY P 132 -44.37 -44.11 -106.90
C GLY P 132 -44.59 -43.11 -108.01
N PHE P 133 -43.63 -42.20 -108.15
CA PHE P 133 -43.68 -41.17 -109.18
C PHE P 133 -42.40 -41.24 -110.01
N GLN P 134 -42.58 -41.25 -111.33
CA GLN P 134 -41.46 -41.22 -112.27
C GLN P 134 -41.35 -39.82 -112.84
N LEU P 135 -40.17 -39.21 -112.68
CA LEU P 135 -39.95 -37.83 -113.09
C LEU P 135 -38.90 -37.81 -114.19
N ILE P 136 -39.18 -37.07 -115.26
CA ILE P 136 -38.23 -36.91 -116.36
C ILE P 136 -38.08 -35.42 -116.65
N HIS P 137 -36.87 -34.91 -116.46
CA HIS P 137 -36.62 -33.47 -116.58
C HIS P 137 -35.13 -33.27 -116.83
N SER P 138 -34.78 -32.02 -117.14
CA SER P 138 -33.40 -31.63 -117.42
C SER P 138 -32.90 -30.69 -116.33
N LEU P 139 -31.66 -30.92 -115.90
CA LEU P 139 -31.08 -30.16 -114.79
C LEU P 139 -30.57 -28.79 -115.19
N GLY P 140 -30.55 -28.46 -116.47
CA GLY P 140 -29.97 -27.21 -116.92
C GLY P 140 -30.93 -26.06 -117.16
N GLY P 141 -32.17 -26.38 -117.52
CA GLY P 141 -33.13 -25.37 -117.93
C GLY P 141 -33.70 -24.58 -116.77
N GLY P 142 -34.69 -23.76 -117.10
CA GLY P 142 -35.22 -22.83 -116.12
C GLY P 142 -36.42 -23.33 -115.33
N THR P 143 -37.46 -23.75 -116.03
CA THR P 143 -38.61 -24.31 -115.33
C THR P 143 -38.50 -25.82 -115.13
N GLY P 144 -37.69 -26.49 -115.95
CA GLY P 144 -37.46 -27.92 -115.85
C GLY P 144 -36.85 -28.30 -114.53
N SER P 145 -35.61 -27.86 -114.29
CA SER P 145 -34.90 -28.25 -113.07
C SER P 145 -35.54 -27.63 -111.82
N GLY P 146 -35.92 -26.36 -111.89
CA GLY P 146 -36.50 -25.70 -110.71
C GLY P 146 -37.86 -26.26 -110.33
N MET P 147 -38.75 -26.41 -111.31
CA MET P 147 -40.06 -26.95 -110.99
C MET P 147 -40.00 -28.45 -110.70
N GLY P 148 -39.01 -29.17 -111.26
CA GLY P 148 -38.83 -30.55 -110.89
C GLY P 148 -38.39 -30.72 -109.45
N THR P 149 -37.46 -29.88 -108.98
CA THR P 149 -37.03 -29.97 -107.59
C THR P 149 -38.12 -29.47 -106.64
N LEU P 150 -38.91 -28.49 -107.04
CA LEU P 150 -40.04 -28.07 -106.20
C LEU P 150 -41.13 -29.14 -106.12
N LEU P 151 -41.40 -29.82 -107.24
CA LEU P 151 -42.34 -30.93 -107.24
C LEU P 151 -41.83 -32.08 -106.40
N ILE P 152 -40.51 -32.32 -106.44
CA ILE P 152 -39.88 -33.35 -105.63
C ILE P 152 -40.04 -33.05 -104.14
N ASN P 153 -39.81 -31.79 -103.75
CA ASN P 153 -39.99 -31.39 -102.35
C ASN P 153 -41.45 -31.52 -101.91
N LYS P 154 -42.38 -31.13 -102.78
CA LYS P 154 -43.80 -31.21 -102.43
C LYS P 154 -44.27 -32.66 -102.33
N ILE P 155 -43.78 -33.53 -103.21
CA ILE P 155 -44.15 -34.94 -103.18
C ILE P 155 -43.56 -35.61 -101.94
N ARG P 156 -42.31 -35.29 -101.61
CA ARG P 156 -41.69 -35.85 -100.41
C ARG P 156 -42.36 -35.35 -99.14
N GLU P 157 -42.90 -34.12 -99.15
CA GLU P 157 -43.68 -33.66 -98.00
C GLU P 157 -45.02 -34.38 -97.93
N GLU P 158 -45.73 -34.53 -99.05
CA GLU P 158 -47.06 -35.12 -99.02
C GLU P 158 -47.02 -36.63 -98.84
N TYR P 159 -46.13 -37.33 -99.54
CA TYR P 159 -46.08 -38.79 -99.54
C TYR P 159 -44.67 -39.25 -99.18
N PRO P 160 -44.34 -39.26 -97.90
CA PRO P 160 -42.97 -39.65 -97.51
C PRO P 160 -42.68 -41.14 -97.63
N ASP P 161 -43.70 -41.97 -97.83
CA ASP P 161 -43.53 -43.41 -97.94
C ASP P 161 -43.60 -43.90 -99.38
N ARG P 162 -43.30 -43.04 -100.34
CA ARG P 162 -43.34 -43.39 -101.75
C ARG P 162 -42.00 -43.09 -102.39
N ILE P 163 -41.65 -43.90 -103.40
CA ILE P 163 -40.38 -43.75 -104.08
C ILE P 163 -40.43 -42.56 -105.03
N MET P 164 -39.24 -42.04 -105.36
CA MET P 164 -39.11 -40.92 -106.29
C MET P 164 -38.02 -41.28 -107.29
N ASN P 165 -38.44 -41.60 -108.51
CA ASN P 165 -37.52 -42.01 -109.58
C ASN P 165 -37.39 -40.85 -110.56
N THR P 166 -36.17 -40.41 -110.81
CA THR P 166 -35.90 -39.21 -111.58
C THR P 166 -34.97 -39.52 -112.75
N PHE P 167 -35.40 -39.16 -113.96
CA PHE P 167 -34.56 -39.26 -115.15
C PHE P 167 -33.91 -37.90 -115.38
N SER P 168 -32.98 -37.53 -114.51
CA SER P 168 -32.39 -36.21 -114.53
C SER P 168 -31.34 -36.12 -115.64
N VAL P 169 -31.54 -35.19 -116.56
CA VAL P 169 -30.62 -34.97 -117.67
C VAL P 169 -29.62 -33.89 -117.26
N VAL P 170 -28.37 -34.28 -117.08
CA VAL P 170 -27.31 -33.33 -116.72
C VAL P 170 -26.92 -32.53 -117.95
N PRO P 171 -26.86 -31.20 -117.88
CA PRO P 171 -26.48 -30.40 -119.05
C PRO P 171 -24.99 -30.52 -119.36
N SER P 172 -24.67 -30.25 -120.62
CA SER P 172 -23.31 -30.32 -121.13
C SER P 172 -23.02 -29.11 -122.00
N PRO P 173 -21.76 -28.65 -122.03
CA PRO P 173 -21.42 -27.49 -122.88
C PRO P 173 -21.35 -27.81 -124.37
N LYS P 174 -21.28 -29.09 -124.77
CA LYS P 174 -21.10 -29.42 -126.17
C LYS P 174 -22.39 -29.40 -126.97
N VAL P 175 -23.54 -29.28 -126.32
CA VAL P 175 -24.81 -29.32 -127.05
C VAL P 175 -25.67 -28.13 -126.61
N SER P 176 -25.29 -27.47 -125.53
CA SER P 176 -26.07 -26.38 -124.96
C SER P 176 -25.23 -25.10 -124.94
N ASP P 177 -25.82 -24.01 -125.44
CA ASP P 177 -25.10 -22.74 -125.57
C ASP P 177 -25.26 -21.85 -124.34
N THR P 178 -26.24 -22.11 -123.48
CA THR P 178 -26.42 -21.31 -122.28
C THR P 178 -25.27 -21.54 -121.30
N VAL P 179 -24.87 -20.47 -120.62
CA VAL P 179 -23.67 -20.50 -119.79
C VAL P 179 -24.00 -20.73 -118.31
N VAL P 180 -25.23 -20.44 -117.88
CA VAL P 180 -25.59 -20.45 -116.47
C VAL P 180 -26.04 -21.82 -116.01
N GLU P 181 -25.91 -22.83 -116.87
CA GLU P 181 -26.39 -24.18 -116.59
C GLU P 181 -25.67 -24.92 -115.46
N PRO P 182 -24.37 -24.71 -115.17
CA PRO P 182 -23.82 -25.26 -113.92
C PRO P 182 -24.50 -24.80 -112.65
N TYR P 183 -25.04 -23.58 -112.59
CA TYR P 183 -25.78 -23.14 -111.41
C TYR P 183 -27.03 -23.99 -111.20
N ASN P 184 -27.82 -24.16 -112.26
CA ASN P 184 -29.05 -24.95 -112.18
C ASN P 184 -28.75 -26.42 -111.90
N ALA P 185 -27.70 -26.95 -112.54
CA ALA P 185 -27.31 -28.34 -112.35
C ALA P 185 -26.86 -28.61 -110.92
N ILE P 186 -26.02 -27.73 -110.35
CA ILE P 186 -25.52 -27.95 -109.00
C ILE P 186 -26.62 -27.74 -107.96
N LEU P 187 -27.51 -26.76 -108.18
CA LEU P 187 -28.63 -26.56 -107.26
C LEU P 187 -29.62 -27.74 -107.30
N SER P 188 -29.90 -28.25 -108.50
CA SER P 188 -30.80 -29.40 -108.58
C SER P 188 -30.15 -30.68 -108.09
N ILE P 189 -28.82 -30.82 -108.24
CA ILE P 189 -28.11 -31.95 -107.68
C ILE P 189 -28.16 -31.92 -106.16
N HIS P 190 -28.01 -30.74 -105.57
CA HIS P 190 -28.12 -30.60 -104.12
C HIS P 190 -29.54 -30.87 -103.63
N GLN P 191 -30.55 -30.52 -104.41
CA GLN P 191 -31.92 -30.85 -104.02
C GLN P 191 -32.20 -32.35 -104.17
N LEU P 192 -31.70 -32.97 -105.24
CA LEU P 192 -31.93 -34.38 -105.48
C LEU P 192 -31.15 -35.28 -104.53
N ILE P 193 -30.03 -34.80 -103.99
CA ILE P 193 -29.33 -35.55 -102.95
C ILE P 193 -30.19 -35.66 -101.70
N GLU P 194 -30.80 -34.56 -101.28
CA GLU P 194 -31.48 -34.52 -100.00
C GLU P 194 -32.94 -34.94 -100.08
N ASN P 195 -33.56 -34.97 -101.26
CA ASN P 195 -35.00 -35.19 -101.31
C ASN P 195 -35.41 -36.23 -102.36
N THR P 196 -34.48 -37.03 -102.87
CA THR P 196 -34.81 -38.05 -103.85
C THR P 196 -34.04 -39.33 -103.55
N ASP P 197 -34.65 -40.47 -103.86
CA ASP P 197 -34.08 -41.78 -103.60
C ASP P 197 -33.54 -42.47 -104.84
N GLU P 198 -33.81 -41.93 -106.04
CA GLU P 198 -33.35 -42.55 -107.26
C GLU P 198 -33.05 -41.48 -108.31
N THR P 199 -32.04 -41.73 -109.13
CA THR P 199 -31.64 -40.79 -110.16
C THR P 199 -31.02 -41.54 -111.32
N PHE P 200 -31.55 -41.36 -112.52
CA PHE P 200 -30.99 -41.93 -113.74
C PHE P 200 -30.19 -40.85 -114.45
N CYS P 201 -28.89 -40.82 -114.20
CA CYS P 201 -28.01 -39.77 -114.72
C CYS P 201 -27.74 -40.03 -116.19
N ILE P 202 -28.59 -39.49 -117.05
CA ILE P 202 -28.39 -39.51 -118.49
C ILE P 202 -27.73 -38.20 -118.89
N ASP P 203 -26.55 -38.27 -119.49
CA ASP P 203 -25.74 -37.10 -119.77
C ASP P 203 -25.72 -36.82 -121.27
N ASN P 204 -25.99 -35.57 -121.64
CA ASN P 204 -26.00 -35.17 -123.04
C ASN P 204 -24.60 -35.14 -123.66
N GLU P 205 -23.56 -35.00 -122.84
CA GLU P 205 -22.18 -35.06 -123.34
C GLU P 205 -21.88 -36.45 -123.91
N ALA P 206 -22.24 -37.49 -123.18
CA ALA P 206 -22.03 -38.85 -123.66
C ALA P 206 -22.94 -39.17 -124.84
N LEU P 207 -24.14 -38.58 -124.87
CA LEU P 207 -25.02 -38.74 -126.03
C LEU P 207 -24.42 -38.11 -127.28
N TYR P 208 -23.84 -36.92 -127.15
CA TYR P 208 -23.16 -36.28 -128.27
C TYR P 208 -21.94 -37.09 -128.70
N ASP P 209 -21.21 -37.64 -127.73
CA ASP P 209 -20.06 -38.48 -128.04
C ASP P 209 -20.47 -39.76 -128.77
N ILE P 210 -21.59 -40.36 -128.37
CA ILE P 210 -22.11 -41.56 -129.03
C ILE P 210 -22.53 -41.23 -130.46
N CYS P 211 -23.25 -40.12 -130.64
CA CYS P 211 -23.69 -39.73 -131.97
C CYS P 211 -22.53 -39.29 -132.86
N PHE P 212 -21.42 -38.84 -132.27
CA PHE P 212 -20.27 -38.42 -133.05
C PHE P 212 -19.39 -39.61 -133.44
N ARG P 213 -19.06 -40.47 -132.48
CA ARG P 213 -18.15 -41.58 -132.74
C ARG P 213 -18.86 -42.80 -133.32
N THR P 214 -19.90 -43.28 -132.63
CA THR P 214 -20.55 -44.52 -133.04
C THR P 214 -21.42 -44.32 -134.28
N LEU P 215 -22.35 -43.36 -134.24
CA LEU P 215 -23.26 -43.15 -135.36
C LEU P 215 -22.64 -42.32 -136.48
N LYS P 216 -21.45 -41.75 -136.26
CA LYS P 216 -20.68 -40.97 -137.24
C LYS P 216 -21.46 -39.76 -137.75
N LEU P 217 -22.30 -39.17 -136.89
CA LEU P 217 -23.08 -38.00 -137.24
C LEU P 217 -22.47 -36.79 -136.52
N THR P 218 -21.99 -35.82 -137.29
CA THR P 218 -21.34 -34.65 -136.71
C THR P 218 -22.35 -33.76 -135.98
N ASN P 219 -23.52 -33.56 -136.56
CA ASN P 219 -24.51 -32.67 -135.97
C ASN P 219 -25.22 -33.37 -134.80
N PRO P 220 -25.24 -32.76 -133.62
CA PRO P 220 -26.01 -33.33 -132.50
C PRO P 220 -27.46 -32.83 -132.50
N THR P 221 -28.24 -33.31 -133.46
CA THR P 221 -29.65 -32.92 -133.55
C THR P 221 -30.44 -33.54 -132.40
N TYR P 222 -31.46 -32.81 -131.97
CA TYR P 222 -32.21 -33.20 -130.77
C TYR P 222 -33.13 -34.38 -131.03
N GLY P 223 -33.49 -34.64 -132.29
CA GLY P 223 -34.30 -35.81 -132.60
C GLY P 223 -33.57 -37.11 -132.36
N ASP P 224 -32.29 -37.17 -132.74
CA ASP P 224 -31.50 -38.38 -132.53
C ASP P 224 -31.23 -38.63 -131.05
N LEU P 225 -30.96 -37.57 -130.29
CA LEU P 225 -30.81 -37.70 -128.84
C LEU P 225 -32.11 -38.13 -128.19
N ASN P 226 -33.24 -37.59 -128.67
CA ASN P 226 -34.56 -38.01 -128.17
C ASN P 226 -34.80 -39.49 -128.44
N HIS P 227 -34.45 -39.95 -129.64
CA HIS P 227 -34.62 -41.36 -130.00
C HIS P 227 -33.73 -42.27 -129.16
N LEU P 228 -32.49 -41.85 -128.90
CA LEU P 228 -31.56 -42.66 -128.12
C LEU P 228 -31.99 -42.75 -126.66
N VAL P 229 -32.37 -41.62 -126.05
CA VAL P 229 -32.81 -41.64 -124.66
C VAL P 229 -34.15 -42.38 -124.54
N SER P 230 -35.03 -42.28 -125.54
CA SER P 230 -36.28 -43.03 -125.51
C SER P 230 -36.03 -44.53 -125.61
N LEU P 231 -35.09 -44.96 -126.45
CA LEU P 231 -34.74 -46.38 -126.54
C LEU P 231 -34.14 -46.88 -125.22
N THR P 232 -33.25 -46.09 -124.60
CA THR P 232 -32.66 -46.50 -123.34
C THR P 232 -33.67 -46.50 -122.21
N MET P 233 -34.64 -45.58 -122.23
CA MET P 233 -35.68 -45.55 -121.22
C MET P 233 -36.63 -46.73 -121.37
N SER P 234 -36.94 -47.11 -122.62
CA SER P 234 -37.75 -48.30 -122.85
C SER P 234 -37.04 -49.57 -122.38
N GLY P 235 -35.73 -49.66 -122.65
CA GLY P 235 -34.97 -50.81 -122.19
C GLY P 235 -34.80 -50.85 -120.69
N VAL P 236 -34.77 -49.69 -120.03
CA VAL P 236 -34.74 -49.65 -118.57
C VAL P 236 -36.09 -50.08 -118.01
N THR P 237 -37.19 -49.56 -118.57
CA THR P 237 -38.51 -49.80 -118.03
C THR P 237 -39.14 -51.10 -118.52
N THR P 238 -38.41 -51.91 -119.31
CA THR P 238 -38.92 -53.25 -119.64
C THR P 238 -38.98 -54.18 -118.43
N SER P 239 -38.30 -53.86 -117.32
CA SER P 239 -38.47 -54.63 -116.10
C SER P 239 -39.80 -54.31 -115.44
N LEU P 240 -40.18 -53.03 -115.42
CA LEU P 240 -41.45 -52.63 -114.83
C LEU P 240 -42.63 -52.96 -115.73
N ARG P 241 -42.44 -52.94 -117.04
CA ARG P 241 -43.56 -53.13 -117.96
C ARG P 241 -43.89 -54.59 -118.22
N PHE P 242 -42.99 -55.51 -117.91
CA PHE P 242 -43.23 -56.91 -118.18
C PHE P 242 -42.87 -57.75 -116.96
N PRO P 243 -43.67 -58.78 -116.66
CA PRO P 243 -43.33 -59.67 -115.54
C PRO P 243 -42.14 -60.54 -115.87
N GLY P 244 -41.38 -60.88 -114.82
CA GLY P 244 -40.21 -61.70 -115.00
C GLY P 244 -39.61 -62.09 -113.66
N GLN P 245 -38.41 -62.66 -113.72
CA GLN P 245 -37.68 -63.00 -112.51
C GLN P 245 -37.31 -61.76 -111.72
N LEU P 246 -36.71 -60.78 -112.38
CA LEU P 246 -36.41 -59.49 -111.79
C LEU P 246 -37.56 -58.56 -112.14
N ASN P 247 -38.51 -58.42 -111.22
CA ASN P 247 -39.59 -57.46 -111.41
C ASN P 247 -39.07 -56.03 -111.33
N ALA P 248 -38.29 -55.74 -110.28
CA ALA P 248 -37.65 -54.44 -110.02
C ALA P 248 -38.66 -53.30 -110.01
N ASP P 249 -39.82 -53.54 -109.39
CA ASP P 249 -40.93 -52.58 -109.39
C ASP P 249 -40.61 -51.45 -108.41
N LEU P 250 -39.76 -50.53 -108.88
CA LEU P 250 -39.42 -49.26 -108.22
C LEU P 250 -38.77 -49.45 -106.85
N ARG P 251 -39.52 -49.97 -105.88
CA ARG P 251 -38.95 -50.20 -104.55
C ARG P 251 -37.94 -51.34 -104.56
N LYS P 252 -38.21 -52.39 -105.34
CA LYS P 252 -37.25 -53.50 -105.47
C LYS P 252 -35.97 -53.05 -106.16
N LEU P 253 -36.09 -52.18 -107.17
CA LEU P 253 -34.92 -51.63 -107.84
C LEU P 253 -34.10 -50.76 -106.90
N ALA P 254 -34.78 -50.00 -106.03
CA ALA P 254 -34.08 -49.18 -105.05
C ALA P 254 -33.43 -50.04 -103.97
N VAL P 255 -34.03 -51.17 -103.61
CA VAL P 255 -33.43 -52.05 -102.62
C VAL P 255 -32.20 -52.74 -103.22
N ASN P 256 -32.28 -53.17 -104.48
CA ASN P 256 -31.16 -53.84 -105.11
C ASN P 256 -30.00 -52.89 -105.38
N MET P 257 -30.28 -51.72 -105.98
CA MET P 257 -29.23 -50.92 -106.60
C MET P 257 -28.65 -49.84 -105.70
N VAL P 258 -29.34 -49.46 -104.62
CA VAL P 258 -28.98 -48.27 -103.86
C VAL P 258 -28.48 -48.73 -102.48
N PRO P 259 -27.17 -48.68 -102.21
CA PRO P 259 -26.68 -49.03 -100.88
C PRO P 259 -26.71 -47.89 -99.88
N PHE P 260 -26.78 -46.64 -100.33
CA PHE P 260 -26.66 -45.49 -99.43
C PHE P 260 -27.61 -44.39 -99.88
N PRO P 261 -28.16 -43.61 -98.95
CA PRO P 261 -29.17 -42.61 -99.32
C PRO P 261 -28.62 -41.44 -100.13
N ARG P 262 -27.31 -41.24 -100.17
CA ARG P 262 -26.71 -40.20 -100.99
C ARG P 262 -26.14 -40.74 -102.29
N LEU P 263 -25.66 -41.98 -102.30
CA LEU P 263 -25.00 -42.56 -103.48
C LEU P 263 -25.99 -43.35 -104.34
N HIS P 264 -27.01 -42.65 -104.83
CA HIS P 264 -28.07 -43.28 -105.61
C HIS P 264 -28.12 -42.74 -107.03
N PHE P 265 -26.96 -42.50 -107.62
CA PHE P 265 -26.85 -41.97 -108.97
C PHE P 265 -26.49 -43.11 -109.92
N PHE P 266 -27.39 -43.44 -110.83
CA PHE P 266 -27.24 -44.61 -111.67
C PHE P 266 -26.39 -44.27 -112.89
N MET P 267 -26.34 -45.19 -113.86
CA MET P 267 -25.63 -44.98 -115.11
C MET P 267 -26.20 -45.88 -116.20
N PRO P 268 -27.34 -45.52 -116.80
CA PRO P 268 -27.94 -46.38 -117.80
C PRO P 268 -27.14 -46.41 -119.10
N GLY P 269 -27.32 -47.51 -119.84
CA GLY P 269 -26.64 -47.68 -121.11
C GLY P 269 -27.42 -48.62 -122.00
N PHE P 270 -27.11 -48.55 -123.30
CA PHE P 270 -27.83 -49.33 -124.31
C PHE P 270 -26.82 -49.85 -125.31
N ALA P 271 -26.67 -51.17 -125.39
CA ALA P 271 -25.64 -51.77 -126.23
C ALA P 271 -25.96 -51.72 -127.73
N PRO P 272 -27.14 -52.20 -128.24
CA PRO P 272 -27.29 -52.10 -129.71
C PRO P 272 -27.86 -50.75 -130.14
N LEU P 273 -27.04 -49.71 -130.07
CA LEU P 273 -27.46 -48.36 -130.41
C LEU P 273 -27.26 -48.12 -131.89
N THR P 274 -28.35 -47.89 -132.62
CA THR P 274 -28.32 -47.62 -134.05
C THR P 274 -29.23 -46.45 -134.36
N ALA P 275 -28.78 -45.58 -135.26
CA ALA P 275 -29.53 -44.39 -135.64
C ALA P 275 -30.69 -44.77 -136.57
N ARG P 276 -31.52 -43.77 -136.87
CA ARG P 276 -32.67 -43.96 -137.75
C ARG P 276 -32.24 -44.19 -139.20
N ARG P 282 -26.77 -56.28 -139.72
CA ARG P 282 -26.58 -56.03 -138.29
C ARG P 282 -26.80 -57.29 -137.47
N ALA P 283 -25.78 -58.15 -137.41
CA ALA P 283 -25.87 -59.37 -136.63
C ALA P 283 -25.84 -59.06 -135.14
N LEU P 284 -26.73 -59.70 -134.39
CA LEU P 284 -26.84 -59.50 -132.94
C LEU P 284 -26.71 -60.85 -132.25
N SER P 285 -25.79 -60.95 -131.30
CA SER P 285 -25.59 -62.18 -130.55
C SER P 285 -25.18 -61.80 -129.13
N VAL P 286 -25.01 -62.83 -128.30
CA VAL P 286 -24.79 -62.65 -126.85
C VAL P 286 -23.42 -62.06 -126.49
N PRO P 287 -22.26 -62.61 -126.92
CA PRO P 287 -20.99 -62.05 -126.40
C PRO P 287 -20.66 -60.67 -126.94
N GLU P 288 -21.06 -60.35 -128.18
CA GLU P 288 -20.86 -58.99 -128.68
C GLU P 288 -21.72 -57.99 -127.92
N LEU P 289 -22.95 -58.37 -127.57
CA LEU P 289 -23.81 -57.51 -126.78
C LEU P 289 -23.27 -57.34 -125.36
N THR P 290 -22.67 -58.39 -124.81
CA THR P 290 -22.12 -58.29 -123.46
C THR P 290 -20.84 -57.45 -123.43
N GLN P 291 -19.99 -57.59 -124.45
CA GLN P 291 -18.79 -56.76 -124.52
C GLN P 291 -19.10 -55.33 -124.93
N GLN P 292 -20.24 -55.09 -125.58
CA GLN P 292 -20.74 -53.73 -125.79
C GLN P 292 -21.49 -53.19 -124.59
N MET P 293 -21.87 -54.05 -123.64
CA MET P 293 -22.69 -53.61 -122.52
C MET P 293 -21.87 -52.77 -121.52
N PHE P 294 -20.63 -53.18 -121.24
CA PHE P 294 -19.81 -52.54 -120.23
C PHE P 294 -18.75 -51.63 -120.82
N ASP P 295 -18.87 -51.27 -122.09
CA ASP P 295 -17.90 -50.38 -122.72
C ASP P 295 -18.09 -48.95 -122.24
N ALA P 296 -16.96 -48.23 -122.15
CA ALA P 296 -17.00 -46.82 -121.76
C ALA P 296 -17.70 -45.96 -122.81
N ARG P 297 -17.45 -46.26 -124.09
CA ARG P 297 -18.04 -45.49 -125.18
C ARG P 297 -19.55 -45.71 -125.28
N ASN P 298 -20.01 -46.92 -124.95
CA ASN P 298 -21.42 -47.25 -125.13
C ASN P 298 -22.31 -46.60 -124.07
N MET P 299 -21.77 -46.33 -122.88
CA MET P 299 -22.58 -45.83 -121.78
C MET P 299 -22.99 -44.39 -122.00
N MET P 300 -24.17 -44.05 -121.48
CA MET P 300 -24.80 -42.75 -121.71
C MET P 300 -24.53 -41.76 -120.57
N ALA P 301 -23.39 -41.90 -119.91
CA ALA P 301 -22.92 -40.90 -118.95
C ALA P 301 -21.43 -40.71 -119.16
N ALA P 302 -20.98 -39.45 -119.05
CA ALA P 302 -19.59 -39.11 -119.32
C ALA P 302 -18.74 -39.57 -118.14
N CYS P 303 -18.42 -40.86 -118.15
CA CYS P 303 -17.72 -41.50 -117.05
C CYS P 303 -16.67 -42.46 -117.60
N ASP P 304 -15.73 -42.83 -116.74
CA ASP P 304 -14.72 -43.84 -117.08
C ASP P 304 -14.85 -45.01 -116.12
N PRO P 305 -15.48 -46.11 -116.55
CA PRO P 305 -15.68 -47.26 -115.63
C PRO P 305 -14.40 -47.97 -115.24
N ARG P 306 -13.29 -47.76 -115.96
CA ARG P 306 -12.01 -48.31 -115.53
C ARG P 306 -11.48 -47.63 -114.29
N ARG P 307 -11.90 -46.40 -114.01
CA ARG P 307 -11.47 -45.68 -112.82
C ARG P 307 -12.40 -45.87 -111.63
N GLY P 308 -13.49 -46.64 -111.78
CA GLY P 308 -14.44 -46.81 -110.72
C GLY P 308 -14.86 -48.26 -110.59
N ARG P 309 -15.65 -48.53 -109.55
CA ARG P 309 -16.10 -49.87 -109.22
C ARG P 309 -17.62 -49.94 -109.29
N TYR P 310 -18.13 -50.96 -109.98
CA TYR P 310 -19.57 -51.17 -110.09
C TYR P 310 -20.11 -51.64 -108.75
N LEU P 311 -20.90 -50.82 -108.07
CA LEU P 311 -21.49 -51.24 -106.80
C LEU P 311 -22.63 -52.24 -107.03
N THR P 312 -23.51 -51.95 -107.98
CA THR P 312 -24.60 -52.86 -108.31
C THR P 312 -24.85 -52.77 -109.81
N VAL P 313 -25.12 -53.91 -110.44
CA VAL P 313 -25.37 -53.99 -111.87
C VAL P 313 -26.67 -54.75 -112.09
N ALA P 314 -27.57 -54.18 -112.89
CA ALA P 314 -28.79 -54.86 -113.30
C ALA P 314 -28.84 -54.88 -114.82
N CYS P 315 -28.21 -55.87 -115.44
CA CYS P 315 -28.18 -56.00 -116.88
C CYS P 315 -29.42 -56.76 -117.34
N ILE P 316 -30.19 -56.16 -118.22
CA ILE P 316 -31.44 -56.74 -118.71
C ILE P 316 -31.32 -56.98 -120.20
N PHE P 317 -31.67 -58.18 -120.64
CA PHE P 317 -31.65 -58.55 -122.04
C PHE P 317 -33.07 -58.64 -122.58
N ARG P 318 -33.26 -58.20 -123.82
CA ARG P 318 -34.56 -58.24 -124.49
C ARG P 318 -34.42 -58.95 -125.82
N GLY P 319 -35.34 -59.84 -126.12
CA GLY P 319 -35.37 -60.56 -127.37
C GLY P 319 -35.41 -62.05 -127.14
N ARG P 320 -35.21 -62.81 -128.22
CA ARG P 320 -35.20 -64.26 -128.18
C ARG P 320 -33.75 -64.73 -128.12
N MET P 321 -33.28 -65.02 -126.91
CA MET P 321 -31.90 -65.46 -126.71
C MET P 321 -31.88 -66.64 -125.75
N SER P 322 -30.79 -67.40 -125.81
CA SER P 322 -30.58 -68.51 -124.89
C SER P 322 -30.10 -67.96 -123.54
N THR P 323 -30.83 -68.32 -122.47
CA THR P 323 -30.54 -67.75 -121.16
C THR P 323 -29.24 -68.31 -120.57
N ARG P 324 -28.93 -69.58 -120.88
CA ARG P 324 -27.72 -70.20 -120.37
C ARG P 324 -26.47 -69.56 -120.95
N GLU P 325 -26.49 -69.21 -122.24
CA GLU P 325 -25.35 -68.55 -122.86
C GLU P 325 -25.16 -67.14 -122.32
N VAL P 326 -26.27 -66.44 -122.03
CA VAL P 326 -26.21 -65.12 -121.43
C VAL P 326 -25.61 -65.18 -120.03
N ASP P 327 -26.04 -66.16 -119.23
CA ASP P 327 -25.51 -66.35 -117.89
C ASP P 327 -24.03 -66.72 -117.91
N GLU P 328 -23.64 -67.60 -118.84
CA GLU P 328 -22.23 -67.99 -118.97
C GLU P 328 -21.36 -66.82 -119.40
N GLN P 329 -21.83 -66.02 -120.37
CA GLN P 329 -21.07 -64.88 -120.85
C GLN P 329 -20.94 -63.81 -119.76
N LEU P 330 -22.01 -63.56 -119.01
CA LEU P 330 -21.93 -62.55 -117.96
C LEU P 330 -21.09 -63.04 -116.77
N LEU P 331 -21.12 -64.33 -116.47
CA LEU P 331 -20.24 -64.87 -115.44
C LEU P 331 -18.77 -64.80 -115.86
N SER P 332 -18.50 -65.06 -117.15
CA SER P 332 -17.14 -64.92 -117.66
C SER P 332 -16.68 -63.47 -117.63
N VAL P 333 -17.58 -62.53 -117.93
CA VAL P 333 -17.26 -61.11 -117.85
C VAL P 333 -16.98 -60.70 -116.42
N GLN P 334 -17.79 -61.18 -115.47
CA GLN P 334 -17.61 -60.83 -114.06
C GLN P 334 -16.32 -61.42 -113.50
N THR P 335 -15.96 -62.64 -113.90
CA THR P 335 -14.74 -63.26 -113.40
C THR P 335 -13.50 -62.67 -114.08
N LYS P 336 -13.59 -62.33 -115.36
CA LYS P 336 -12.45 -61.76 -116.07
C LYS P 336 -12.13 -60.34 -115.63
N ASN P 337 -13.10 -59.63 -115.07
CA ASN P 337 -12.96 -58.23 -114.68
C ASN P 337 -13.33 -58.05 -113.22
N SER P 338 -12.80 -58.93 -112.37
CA SER P 338 -13.13 -58.91 -110.94
C SER P 338 -12.55 -57.70 -110.22
N SER P 339 -11.57 -57.01 -110.81
CA SER P 339 -11.07 -55.77 -110.24
C SER P 339 -12.00 -54.59 -110.50
N TYR P 340 -12.93 -54.73 -111.44
CA TYR P 340 -13.86 -53.65 -111.77
C TYR P 340 -15.12 -53.65 -110.91
N PHE P 341 -15.33 -54.70 -110.11
CA PHE P 341 -16.48 -54.81 -109.24
C PHE P 341 -16.02 -54.79 -107.79
N VAL P 342 -16.89 -54.30 -106.90
CA VAL P 342 -16.58 -54.33 -105.48
C VAL P 342 -16.69 -55.75 -104.97
N GLU P 343 -15.74 -56.15 -104.13
CA GLU P 343 -15.72 -57.49 -103.57
C GLU P 343 -16.48 -57.61 -102.25
N TRP P 344 -16.94 -56.49 -101.69
CA TRP P 344 -17.69 -56.51 -100.45
C TRP P 344 -19.19 -56.52 -100.65
N ILE P 345 -19.67 -56.51 -101.90
CA ILE P 345 -21.06 -56.74 -102.23
C ILE P 345 -21.13 -57.94 -103.16
N PRO P 346 -21.39 -59.13 -102.62
CA PRO P 346 -21.36 -60.34 -103.45
C PRO P 346 -22.63 -60.53 -104.26
N ASN P 347 -22.44 -61.08 -105.46
CA ASN P 347 -23.50 -61.31 -106.46
C ASN P 347 -24.26 -60.02 -106.77
N ASN P 348 -23.52 -59.06 -107.30
CA ASN P 348 -24.04 -57.73 -107.59
C ASN P 348 -24.57 -57.59 -109.02
N VAL P 349 -24.52 -58.65 -109.82
CA VAL P 349 -24.99 -58.61 -111.20
C VAL P 349 -26.27 -59.43 -111.29
N LYS P 350 -27.38 -58.77 -111.60
CA LYS P 350 -28.68 -59.41 -111.75
C LYS P 350 -29.07 -59.40 -113.22
N VAL P 351 -29.40 -60.57 -113.76
CA VAL P 351 -29.72 -60.74 -115.17
C VAL P 351 -31.19 -61.11 -115.29
N ALA P 352 -31.88 -60.44 -116.20
CA ALA P 352 -33.25 -60.79 -116.55
C ALA P 352 -33.38 -60.82 -118.06
N VAL P 353 -34.26 -61.68 -118.56
CA VAL P 353 -34.46 -61.87 -119.99
C VAL P 353 -35.95 -61.70 -120.29
N CYS P 354 -36.27 -60.74 -121.16
CA CYS P 354 -37.62 -60.53 -121.64
C CYS P 354 -37.72 -60.95 -123.10
N ASP P 355 -38.81 -61.64 -123.44
CA ASP P 355 -38.96 -62.20 -124.77
C ASP P 355 -39.44 -61.19 -125.81
N ILE P 356 -39.87 -60.00 -125.39
CA ILE P 356 -40.43 -59.01 -126.31
C ILE P 356 -39.34 -57.96 -126.57
N PRO P 357 -38.80 -57.89 -127.78
CA PRO P 357 -37.77 -56.90 -128.07
C PRO P 357 -38.39 -55.55 -128.40
N PRO P 358 -37.63 -54.47 -128.30
CA PRO P 358 -38.12 -53.18 -128.83
C PRO P 358 -38.26 -53.22 -130.34
N ARG P 359 -39.19 -52.40 -130.84
CA ARG P 359 -39.47 -52.37 -132.27
C ARG P 359 -38.30 -51.77 -133.04
N GLY P 360 -37.94 -52.40 -134.15
CA GLY P 360 -36.78 -52.03 -134.92
C GLY P 360 -35.52 -52.80 -134.59
N LEU P 361 -35.51 -53.54 -133.49
CA LEU P 361 -34.35 -54.30 -133.05
C LEU P 361 -34.75 -55.74 -132.78
N LYS P 362 -33.93 -56.68 -133.26
CA LYS P 362 -34.18 -58.09 -132.96
C LYS P 362 -33.81 -58.43 -131.51
N MET P 363 -32.69 -57.90 -131.03
CA MET P 363 -32.24 -58.12 -129.67
C MET P 363 -31.81 -56.80 -129.05
N ALA P 364 -31.95 -56.72 -127.73
CA ALA P 364 -31.59 -55.51 -126.99
C ALA P 364 -30.84 -55.89 -125.72
N ALA P 365 -30.06 -54.95 -125.21
CA ALA P 365 -29.24 -55.19 -124.03
C ALA P 365 -29.10 -53.87 -123.27
N THR P 366 -29.81 -53.76 -122.15
CA THR P 366 -29.85 -52.53 -121.37
C THR P 366 -29.22 -52.78 -120.00
N PHE P 367 -28.34 -51.87 -119.59
CA PHE P 367 -27.61 -52.00 -118.34
C PHE P 367 -27.90 -50.81 -117.44
N ILE P 368 -28.12 -51.09 -116.15
CA ILE P 368 -28.24 -50.06 -115.12
C ILE P 368 -27.16 -50.31 -114.09
N GLY P 369 -26.46 -49.27 -113.67
CA GLY P 369 -25.38 -49.45 -112.71
C GLY P 369 -25.10 -48.28 -111.80
N ASN P 370 -24.88 -48.56 -110.53
CA ASN P 370 -24.43 -47.54 -109.57
C ASN P 370 -22.90 -47.56 -109.47
N ASN P 371 -22.25 -47.25 -110.59
CA ASN P 371 -20.80 -47.22 -110.62
C ASN P 371 -20.28 -45.99 -109.87
N THR P 372 -19.04 -46.11 -109.40
CA THR P 372 -18.35 -45.01 -108.73
C THR P 372 -17.83 -43.98 -109.73
N ALA P 373 -17.83 -44.31 -111.02
CA ALA P 373 -17.35 -43.40 -112.06
C ALA P 373 -18.27 -42.20 -112.31
N ILE P 374 -19.47 -42.19 -111.72
CA ILE P 374 -20.36 -41.05 -111.82
C ILE P 374 -19.84 -39.83 -111.06
N GLN P 375 -18.87 -40.00 -110.15
CA GLN P 375 -18.31 -38.86 -109.45
C GLN P 375 -17.42 -38.00 -110.34
N GLU P 376 -16.97 -38.53 -111.49
CA GLU P 376 -16.28 -37.70 -112.47
C GLU P 376 -17.22 -36.66 -113.07
N LEU P 377 -18.49 -37.04 -113.28
CA LEU P 377 -19.50 -36.10 -113.77
C LEU P 377 -19.78 -35.02 -112.74
N PHE P 378 -19.88 -35.39 -111.46
CA PHE P 378 -20.11 -34.43 -110.40
C PHE P 378 -18.84 -33.69 -109.98
N ILE P 379 -17.68 -34.06 -110.54
CA ILE P 379 -16.49 -33.23 -110.44
C ILE P 379 -16.44 -32.25 -111.60
N ARG P 380 -16.82 -32.70 -112.80
CA ARG P 380 -16.84 -31.84 -113.98
C ARG P 380 -17.86 -30.71 -113.86
N VAL P 381 -19.08 -31.03 -113.43
CA VAL P 381 -20.11 -30.01 -113.29
C VAL P 381 -19.78 -29.08 -112.12
N SER P 382 -19.18 -29.62 -111.05
CA SER P 382 -18.79 -28.76 -109.92
C SER P 382 -17.63 -27.84 -110.28
N GLU P 383 -16.68 -28.30 -111.11
CA GLU P 383 -15.56 -27.46 -111.49
C GLU P 383 -15.95 -26.44 -112.56
N GLN P 384 -16.96 -26.74 -113.37
CA GLN P 384 -17.54 -25.69 -114.22
C GLN P 384 -18.33 -24.71 -113.38
N PHE P 385 -18.95 -25.19 -112.29
CA PHE P 385 -19.60 -24.29 -111.34
C PHE P 385 -18.59 -23.44 -110.58
N SER P 386 -17.39 -23.97 -110.34
CA SER P 386 -16.36 -23.18 -109.66
C SER P 386 -15.85 -22.05 -110.53
N ALA P 387 -15.71 -22.29 -111.83
CA ALA P 387 -15.27 -21.25 -112.76
C ALA P 387 -16.36 -20.22 -113.04
N MET P 388 -17.61 -20.50 -112.66
CA MET P 388 -18.70 -19.55 -112.84
C MET P 388 -19.12 -18.88 -111.54
N PHE P 389 -18.63 -19.35 -110.38
CA PHE P 389 -18.94 -18.73 -109.10
C PHE P 389 -17.79 -17.93 -108.53
N ARG P 390 -16.56 -18.21 -108.94
CA ARG P 390 -15.42 -17.42 -108.48
C ARG P 390 -15.41 -16.02 -109.09
N ARG P 391 -16.12 -15.80 -110.19
CA ARG P 391 -16.24 -14.48 -110.79
C ARG P 391 -17.68 -13.98 -110.79
N LYS P 392 -18.61 -14.72 -110.17
CA LYS P 392 -20.00 -14.29 -109.90
C LYS P 392 -20.76 -13.94 -111.17
N ALA P 393 -20.55 -14.71 -112.23
CA ALA P 393 -21.22 -14.45 -113.49
C ALA P 393 -22.71 -14.75 -113.39
N PHE P 394 -23.53 -13.77 -113.76
CA PHE P 394 -25.00 -13.82 -113.72
C PHE P 394 -25.55 -14.08 -112.32
N LEU P 395 -24.78 -13.73 -111.29
CA LEU P 395 -25.22 -13.94 -109.92
C LEU P 395 -26.30 -12.96 -109.47
N HIS P 396 -26.42 -11.82 -110.16
CA HIS P 396 -27.44 -10.84 -109.79
C HIS P 396 -28.84 -11.29 -110.17
N TRP P 397 -28.98 -12.20 -111.13
CA TRP P 397 -30.29 -12.70 -111.51
C TRP P 397 -30.89 -13.57 -110.41
N TYR P 398 -30.10 -14.53 -109.91
CA TYR P 398 -30.62 -15.49 -108.93
C TYR P 398 -30.73 -14.87 -107.55
N THR P 399 -29.76 -14.05 -107.16
CA THR P 399 -29.78 -13.45 -105.83
C THR P 399 -30.83 -12.36 -105.70
N GLY P 400 -31.34 -11.83 -106.81
CA GLY P 400 -32.43 -10.87 -106.77
C GLY P 400 -33.80 -11.47 -106.61
N GLU P 401 -33.92 -12.80 -106.72
CA GLU P 401 -35.18 -13.50 -106.56
C GLU P 401 -35.39 -14.00 -105.14
N GLY P 402 -34.60 -13.54 -104.19
CA GLY P 402 -34.69 -13.99 -102.81
C GLY P 402 -33.74 -15.11 -102.46
N MET P 403 -33.04 -15.67 -103.43
CA MET P 403 -32.04 -16.70 -103.14
C MET P 403 -30.84 -16.07 -102.45
N ASP P 404 -30.42 -16.66 -101.34
CA ASP P 404 -29.19 -16.21 -100.70
C ASP P 404 -27.99 -16.68 -101.51
N GLU P 405 -26.87 -15.98 -101.34
CA GLU P 405 -25.62 -16.42 -101.95
C GLU P 405 -24.96 -17.54 -101.18
N MET P 406 -25.44 -17.84 -99.97
CA MET P 406 -24.95 -18.99 -99.23
C MET P 406 -25.55 -20.29 -99.75
N GLU P 407 -26.61 -20.22 -100.57
CA GLU P 407 -27.22 -21.41 -101.15
C GLU P 407 -26.28 -22.07 -102.15
N PHE P 408 -25.57 -21.28 -102.95
CA PHE P 408 -24.59 -21.83 -103.88
C PHE P 408 -23.41 -22.47 -103.14
N SER P 409 -22.99 -21.86 -102.02
CA SER P 409 -21.94 -22.43 -101.21
C SER P 409 -22.37 -23.73 -100.56
N GLU P 410 -23.63 -23.80 -100.11
CA GLU P 410 -24.18 -25.03 -99.53
C GLU P 410 -24.27 -26.14 -100.56
N ALA P 411 -24.72 -25.81 -101.78
CA ALA P 411 -24.78 -26.80 -102.86
C ALA P 411 -23.39 -27.29 -103.26
N GLU P 412 -22.42 -26.38 -103.35
CA GLU P 412 -21.04 -26.77 -103.67
C GLU P 412 -20.44 -27.64 -102.57
N GLY P 413 -20.71 -27.30 -101.31
CA GLY P 413 -20.21 -28.12 -100.21
C GLY P 413 -20.85 -29.49 -100.16
N ASN P 414 -22.14 -29.58 -100.48
CA ASN P 414 -22.81 -30.88 -100.50
C ASN P 414 -22.31 -31.76 -101.65
N THR P 415 -22.06 -31.16 -102.83
CA THR P 415 -21.51 -31.94 -103.93
C THR P 415 -20.06 -32.35 -103.67
N ASN P 416 -19.28 -31.49 -103.01
CA ASN P 416 -17.92 -31.86 -102.63
C ASN P 416 -17.92 -32.97 -101.58
N ASP P 417 -18.87 -32.94 -100.64
CA ASP P 417 -19.00 -34.01 -99.67
C ASP P 417 -19.42 -35.32 -100.33
N LEU P 418 -20.28 -35.24 -101.35
CA LEU P 418 -20.67 -36.44 -102.10
C LEU P 418 -19.48 -37.02 -102.86
N VAL P 419 -18.65 -36.16 -103.45
CA VAL P 419 -17.45 -36.60 -104.15
C VAL P 419 -16.47 -37.24 -103.18
N SER P 420 -16.31 -36.65 -101.99
CA SER P 420 -15.43 -37.18 -100.97
C SER P 420 -15.90 -38.54 -100.46
N GLU P 421 -17.21 -38.69 -100.25
CA GLU P 421 -17.74 -39.97 -99.79
C GLU P 421 -17.66 -41.03 -100.88
N TYR P 422 -17.87 -40.65 -102.14
CA TYR P 422 -17.70 -41.57 -103.26
C TYR P 422 -16.27 -42.07 -103.35
N GLN P 423 -15.29 -41.17 -103.22
CA GLN P 423 -13.89 -41.58 -103.28
C GLN P 423 -13.48 -42.41 -102.06
N GLN P 424 -14.02 -42.07 -100.88
CA GLN P 424 -13.72 -42.82 -99.66
C GLN P 424 -14.27 -44.23 -99.74
N TYR P 425 -15.49 -44.41 -100.25
CA TYR P 425 -16.04 -45.75 -100.40
C TYR P 425 -15.47 -46.48 -101.61
N GLN P 426 -14.86 -45.77 -102.56
CA GLN P 426 -14.11 -46.44 -103.60
C GLN P 426 -12.78 -46.98 -103.08
N ASP P 427 -12.12 -46.22 -102.21
CA ASP P 427 -10.80 -46.63 -101.71
C ASP P 427 -10.88 -47.79 -100.74
N ALA P 428 -12.03 -48.04 -100.11
CA ALA P 428 -12.16 -49.16 -99.21
C ALA P 428 -12.27 -50.47 -99.98
N THR P 429 -11.65 -51.52 -99.44
CA THR P 429 -11.65 -52.84 -100.06
C THR P 429 -11.98 -53.89 -99.02
N ALA P 430 -12.56 -55.00 -99.50
CA ALA P 430 -12.93 -56.10 -98.61
C ALA P 430 -11.70 -56.88 -98.15
N MET Q 1 -58.36 -87.57 -86.01
CA MET Q 1 -58.07 -87.29 -84.60
C MET Q 1 -56.95 -86.26 -84.48
N ARG Q 2 -56.23 -86.04 -85.57
CA ARG Q 2 -55.15 -85.06 -85.63
C ARG Q 2 -55.28 -84.23 -86.89
N GLU Q 3 -55.00 -82.94 -86.80
CA GLU Q 3 -55.09 -82.04 -87.93
C GLU Q 3 -53.82 -81.22 -88.05
N CYS Q 4 -53.49 -80.84 -89.28
CA CYS Q 4 -52.37 -79.96 -89.58
C CYS Q 4 -52.83 -78.86 -90.50
N ILE Q 5 -52.38 -77.63 -90.22
CA ILE Q 5 -52.74 -76.46 -91.01
C ILE Q 5 -51.48 -75.98 -91.71
N SER Q 6 -51.44 -76.15 -93.04
CA SER Q 6 -50.31 -75.69 -93.82
C SER Q 6 -50.36 -74.18 -93.99
N ILE Q 7 -49.22 -73.54 -93.80
CA ILE Q 7 -49.09 -72.09 -93.95
C ILE Q 7 -48.03 -71.81 -95.02
N HIS Q 8 -48.41 -71.01 -96.01
CA HIS Q 8 -47.49 -70.60 -97.08
C HIS Q 8 -47.36 -69.08 -97.05
N VAL Q 9 -46.12 -68.60 -96.87
CA VAL Q 9 -45.82 -67.19 -96.87
C VAL Q 9 -44.88 -66.90 -98.04
N GLY Q 10 -45.15 -65.81 -98.76
CA GLY Q 10 -44.33 -65.40 -99.87
C GLY Q 10 -44.76 -66.02 -101.18
N GLN Q 11 -44.17 -65.49 -102.26
CA GLN Q 11 -44.43 -66.02 -103.60
C GLN Q 11 -43.91 -67.45 -103.74
N ALA Q 12 -42.71 -67.70 -103.22
CA ALA Q 12 -42.14 -69.06 -103.23
C ALA Q 12 -42.99 -70.01 -102.40
N GLY Q 13 -43.44 -69.56 -101.23
CA GLY Q 13 -44.30 -70.39 -100.40
C GLY Q 13 -45.63 -70.71 -101.06
N VAL Q 14 -46.24 -69.72 -101.72
CA VAL Q 14 -47.52 -69.92 -102.38
C VAL Q 14 -47.39 -70.88 -103.57
N GLN Q 15 -46.35 -70.68 -104.40
CA GLN Q 15 -46.16 -71.54 -105.56
C GLN Q 15 -45.78 -72.98 -105.15
N ILE Q 16 -44.92 -73.13 -104.14
CA ILE Q 16 -44.55 -74.45 -103.64
C ILE Q 16 -45.74 -75.14 -103.00
N GLY Q 17 -46.57 -74.39 -102.27
CA GLY Q 17 -47.76 -74.97 -101.67
C GLY Q 17 -48.79 -75.40 -102.70
N ASN Q 18 -48.97 -74.61 -103.77
CA ASN Q 18 -49.89 -75.00 -104.83
C ASN Q 18 -49.41 -76.25 -105.55
N ALA Q 19 -48.11 -76.34 -105.84
CA ALA Q 19 -47.57 -77.54 -106.48
C ALA Q 19 -47.66 -78.75 -105.55
N CYS Q 20 -47.42 -78.55 -104.26
CA CYS Q 20 -47.47 -79.65 -103.30
C CYS Q 20 -48.90 -80.15 -103.10
N TRP Q 21 -49.88 -79.25 -103.04
CA TRP Q 21 -51.26 -79.68 -102.89
C TRP Q 21 -51.79 -80.32 -104.17
N GLU Q 22 -51.29 -79.88 -105.33
CA GLU Q 22 -51.60 -80.57 -106.58
C GLU Q 22 -51.05 -81.99 -106.58
N LEU Q 23 -49.82 -82.16 -106.09
CA LEU Q 23 -49.25 -83.51 -106.01
C LEU Q 23 -49.92 -84.36 -104.93
N TYR Q 24 -50.44 -83.74 -103.87
CA TYR Q 24 -51.17 -84.48 -102.85
C TYR Q 24 -52.52 -84.94 -103.36
N CYS Q 25 -53.20 -84.10 -104.15
CA CYS Q 25 -54.43 -84.53 -104.81
C CYS Q 25 -54.15 -85.60 -105.87
N LEU Q 26 -52.99 -85.54 -106.51
CA LEU Q 26 -52.63 -86.56 -107.49
C LEU Q 26 -52.32 -87.90 -106.82
N GLU Q 27 -51.58 -87.88 -105.71
CA GLU Q 27 -51.14 -89.12 -105.08
C GLU Q 27 -52.29 -89.82 -104.34
N HIS Q 28 -53.15 -89.05 -103.69
CA HIS Q 28 -54.27 -89.62 -102.95
C HIS Q 28 -55.48 -89.93 -103.82
N GLY Q 29 -55.41 -89.61 -105.12
CA GLY Q 29 -56.54 -89.85 -106.01
C GLY Q 29 -57.71 -88.92 -105.82
N ILE Q 30 -57.49 -87.77 -105.19
CA ILE Q 30 -58.54 -86.78 -105.02
C ILE Q 30 -58.72 -86.02 -106.33
N GLN Q 31 -59.97 -85.86 -106.75
CA GLN Q 31 -60.27 -85.11 -107.96
C GLN Q 31 -59.98 -83.62 -107.73
N PRO Q 32 -59.58 -82.89 -108.78
CA PRO Q 32 -59.28 -81.46 -108.62
C PRO Q 32 -60.45 -80.59 -108.22
N ASP Q 33 -61.69 -81.02 -108.48
CA ASP Q 33 -62.85 -80.25 -108.05
C ASP Q 33 -63.10 -80.37 -106.55
N GLY Q 34 -62.57 -81.41 -105.91
CA GLY Q 34 -62.68 -81.59 -104.48
C GLY Q 34 -63.29 -82.92 -104.06
N GLN Q 35 -64.00 -83.59 -104.94
CA GLN Q 35 -64.61 -84.87 -104.59
C GLN Q 35 -63.58 -86.00 -104.61
N MET Q 36 -63.99 -87.15 -104.09
CA MET Q 36 -63.16 -88.33 -104.05
C MET Q 36 -63.96 -89.50 -104.63
N PRO Q 37 -63.39 -90.27 -105.56
CA PRO Q 37 -64.13 -91.41 -106.14
C PRO Q 37 -64.40 -92.55 -105.16
N SER Q 38 -63.35 -93.00 -104.46
CA SER Q 38 -63.42 -94.21 -103.66
C SER Q 38 -63.72 -93.94 -102.18
N ASP Q 39 -62.99 -93.01 -101.57
CA ASP Q 39 -63.05 -92.84 -100.12
C ASP Q 39 -64.20 -91.96 -99.65
N LYS Q 40 -65.02 -91.43 -100.55
CA LYS Q 40 -66.16 -90.62 -100.18
C LYS Q 40 -67.40 -91.45 -99.88
N THR Q 41 -67.31 -92.78 -99.99
CA THR Q 41 -68.41 -93.64 -99.59
C THR Q 41 -68.68 -93.54 -98.09
N ILE Q 42 -67.61 -93.46 -97.29
CA ILE Q 42 -67.76 -93.26 -95.85
C ILE Q 42 -68.32 -91.87 -95.57
N GLY Q 43 -67.75 -90.84 -96.19
CA GLY Q 43 -68.18 -89.48 -95.97
C GLY Q 43 -67.59 -88.81 -94.74
N GLY Q 44 -66.79 -89.53 -93.95
CA GLY Q 44 -66.20 -89.00 -92.75
C GLY Q 44 -64.69 -88.86 -92.85
N GLY Q 45 -64.10 -88.45 -91.74
CA GLY Q 45 -62.67 -88.26 -91.64
C GLY Q 45 -61.93 -89.51 -91.22
N ASP Q 46 -60.79 -89.30 -90.54
CA ASP Q 46 -59.82 -90.27 -90.04
C ASP Q 46 -59.51 -91.41 -91.00
N ASP Q 47 -59.36 -91.08 -92.29
CA ASP Q 47 -59.05 -92.06 -93.32
C ASP Q 47 -57.61 -91.92 -93.82
N SER Q 48 -56.71 -91.52 -92.92
CA SER Q 48 -55.26 -91.33 -93.05
C SER Q 48 -54.89 -90.10 -93.87
N PHE Q 49 -55.84 -89.37 -94.43
CA PHE Q 49 -55.58 -88.06 -95.02
C PHE Q 49 -56.30 -86.95 -94.27
N ASN Q 50 -56.91 -87.25 -93.13
CA ASN Q 50 -57.61 -86.23 -92.35
C ASN Q 50 -56.65 -85.30 -91.61
N THR Q 51 -55.36 -85.62 -91.56
CA THR Q 51 -54.39 -84.69 -91.01
C THR Q 51 -54.17 -83.50 -91.92
N PHE Q 52 -54.45 -83.65 -93.22
CA PHE Q 52 -54.31 -82.57 -94.18
C PHE Q 52 -55.62 -82.09 -94.77
N PHE Q 53 -56.51 -83.00 -95.16
CA PHE Q 53 -57.71 -82.66 -95.90
C PHE Q 53 -58.92 -82.64 -94.97
N SER Q 54 -59.75 -81.61 -95.11
CA SER Q 54 -60.98 -81.47 -94.34
C SER Q 54 -62.18 -81.66 -95.27
N GLU Q 55 -63.21 -82.33 -94.77
CA GLU Q 55 -64.42 -82.57 -95.53
C GLU Q 55 -65.53 -81.63 -95.07
N THR Q 56 -66.15 -80.94 -96.03
CA THR Q 56 -67.24 -80.03 -95.75
C THR Q 56 -68.56 -80.80 -95.74
N GLY Q 57 -69.68 -80.08 -95.64
CA GLY Q 57 -70.99 -80.70 -95.68
C GLY Q 57 -71.38 -81.23 -97.04
N ALA Q 58 -70.78 -80.69 -98.11
CA ALA Q 58 -71.07 -81.13 -99.47
C ALA Q 58 -70.16 -82.26 -99.93
N GLY Q 59 -69.28 -82.76 -99.06
CA GLY Q 59 -68.38 -83.83 -99.43
C GLY Q 59 -67.11 -83.38 -100.11
N LYS Q 60 -66.87 -82.08 -100.22
CA LYS Q 60 -65.66 -81.58 -100.87
C LYS Q 60 -64.46 -81.73 -99.94
N HIS Q 61 -63.36 -82.25 -100.48
CA HIS Q 61 -62.14 -82.43 -99.69
C HIS Q 61 -61.27 -81.20 -99.89
N VAL Q 62 -61.63 -80.14 -99.17
CA VAL Q 62 -60.85 -78.90 -99.20
C VAL Q 62 -59.62 -79.06 -98.31
N PRO Q 63 -58.42 -78.77 -98.81
CA PRO Q 63 -57.23 -78.86 -97.97
C PRO Q 63 -57.21 -77.79 -96.90
N ARG Q 64 -56.56 -78.11 -95.78
CA ARG Q 64 -56.39 -77.17 -94.67
C ARG Q 64 -55.15 -76.30 -94.93
N ALA Q 65 -55.30 -75.39 -95.90
CA ALA Q 65 -54.21 -74.58 -96.38
C ALA Q 65 -54.52 -73.10 -96.20
N VAL Q 66 -53.52 -72.34 -95.77
CA VAL Q 66 -53.59 -70.88 -95.70
C VAL Q 66 -52.53 -70.33 -96.63
N PHE Q 67 -52.96 -69.60 -97.66
CA PHE Q 67 -52.07 -68.96 -98.61
C PHE Q 67 -52.00 -67.48 -98.27
N VAL Q 68 -50.86 -67.04 -97.75
CA VAL Q 68 -50.66 -65.64 -97.40
C VAL Q 68 -49.51 -65.09 -98.21
N ASP Q 69 -49.75 -63.95 -98.87
CA ASP Q 69 -48.70 -63.23 -99.57
C ASP Q 69 -49.09 -61.77 -99.64
N LEU Q 70 -48.09 -60.90 -99.69
CA LEU Q 70 -48.33 -59.48 -99.78
C LEU Q 70 -48.50 -59.00 -101.22
N GLU Q 71 -48.40 -59.90 -102.19
CA GLU Q 71 -48.70 -59.63 -103.58
C GLU Q 71 -49.84 -60.53 -104.03
N PRO Q 72 -50.93 -59.97 -104.57
CA PRO Q 72 -52.10 -60.79 -104.89
C PRO Q 72 -52.02 -61.49 -106.25
N THR Q 73 -50.90 -61.39 -106.96
CA THR Q 73 -50.79 -61.98 -108.29
C THR Q 73 -50.79 -63.50 -108.23
N VAL Q 74 -49.95 -64.08 -107.37
CA VAL Q 74 -49.90 -65.54 -107.23
C VAL Q 74 -51.16 -66.08 -106.59
N ILE Q 75 -51.78 -65.32 -105.69
CA ILE Q 75 -53.04 -65.74 -105.08
C ILE Q 75 -54.15 -65.78 -106.13
N ASP Q 76 -54.21 -64.77 -107.01
CA ASP Q 76 -55.19 -64.81 -108.10
C ASP Q 76 -54.85 -65.87 -109.13
N GLU Q 77 -53.56 -66.19 -109.30
CA GLU Q 77 -53.17 -67.30 -110.17
C GLU Q 77 -53.66 -68.64 -109.64
N VAL Q 78 -53.57 -68.84 -108.31
CA VAL Q 78 -54.14 -70.01 -107.68
C VAL Q 78 -55.66 -70.01 -107.77
N ARG Q 79 -56.29 -68.86 -107.54
CA ARG Q 79 -57.75 -68.72 -107.63
C ARG Q 79 -58.28 -68.78 -109.05
N THR Q 80 -57.42 -68.76 -110.06
CA THR Q 80 -57.85 -68.86 -111.45
C THR Q 80 -57.31 -70.08 -112.17
N GLY Q 81 -56.04 -70.43 -111.94
CA GLY Q 81 -55.46 -71.59 -112.59
C GLY Q 81 -54.68 -72.47 -111.62
N TYR Q 83 -58.91 -76.18 -108.43
CA TYR Q 83 -58.08 -75.13 -107.85
C TYR Q 83 -58.93 -74.03 -107.23
N ARG Q 84 -59.76 -73.42 -108.07
CA ARG Q 84 -60.62 -72.33 -107.61
C ARG Q 84 -61.71 -72.83 -106.66
N GLN Q 85 -62.39 -73.90 -107.05
CA GLN Q 85 -63.36 -74.53 -106.16
C GLN Q 85 -62.69 -75.39 -105.10
N LEU Q 86 -61.43 -75.78 -105.32
CA LEU Q 86 -60.71 -76.58 -104.34
C LEU Q 86 -60.35 -75.76 -103.10
N PHE Q 87 -59.83 -74.56 -103.31
CA PHE Q 87 -59.41 -73.69 -102.21
C PHE Q 87 -60.48 -72.62 -101.98
N HIS Q 88 -60.95 -72.53 -100.74
CA HIS Q 88 -61.92 -71.50 -100.40
C HIS Q 88 -61.28 -70.12 -100.43
N PRO Q 89 -61.97 -69.11 -100.96
CA PRO Q 89 -61.40 -67.76 -100.99
C PRO Q 89 -61.28 -67.10 -99.63
N GLU Q 90 -61.96 -67.61 -98.61
CA GLU Q 90 -61.87 -67.01 -97.27
C GLU Q 90 -60.51 -67.27 -96.63
N GLN Q 91 -59.94 -68.44 -96.88
CA GLN Q 91 -58.66 -68.80 -96.28
C GLN Q 91 -57.46 -68.31 -97.06
N LEU Q 92 -57.65 -67.79 -98.28
CA LEU Q 92 -56.56 -67.26 -99.09
C LEU Q 92 -56.45 -65.77 -98.83
N ILE Q 93 -55.44 -65.37 -98.07
CA ILE Q 93 -55.25 -63.98 -97.67
C ILE Q 93 -54.25 -63.32 -98.61
N THR Q 94 -54.66 -62.19 -99.19
CA THR Q 94 -53.80 -61.41 -100.07
C THR Q 94 -53.28 -60.18 -99.33
N GLY Q 95 -52.34 -59.48 -99.98
CA GLY Q 95 -51.81 -58.25 -99.44
C GLY Q 95 -51.72 -57.19 -100.52
N LYS Q 96 -51.53 -55.95 -100.08
CA LYS Q 96 -51.56 -54.81 -100.99
C LYS Q 96 -50.15 -54.45 -101.46
N GLU Q 97 -49.25 -54.18 -100.53
CA GLU Q 97 -47.89 -53.74 -100.84
C GLU Q 97 -46.90 -54.80 -100.43
N ASP Q 98 -45.95 -55.10 -101.31
CA ASP Q 98 -44.91 -56.06 -100.97
C ASP Q 98 -43.88 -55.43 -100.04
N ALA Q 99 -43.12 -56.30 -99.36
CA ALA Q 99 -42.03 -55.81 -98.53
C ALA Q 99 -40.76 -55.56 -99.33
N ALA Q 100 -40.70 -56.08 -100.56
CA ALA Q 100 -39.68 -55.74 -101.57
C ALA Q 100 -38.26 -56.04 -101.09
N ASN Q 101 -38.04 -57.33 -100.78
CA ASN Q 101 -36.74 -57.87 -100.36
C ASN Q 101 -36.19 -57.16 -99.12
N ASN Q 102 -37.07 -56.82 -98.19
CA ASN Q 102 -36.69 -56.16 -96.96
C ASN Q 102 -37.34 -56.88 -95.79
N TYR Q 103 -36.52 -57.28 -94.82
CA TYR Q 103 -37.05 -57.97 -93.64
C TYR Q 103 -37.82 -57.01 -92.74
N ALA Q 104 -37.31 -55.78 -92.58
CA ALA Q 104 -37.93 -54.83 -91.67
C ALA Q 104 -39.29 -54.36 -92.17
N ARG Q 105 -39.47 -54.29 -93.49
CA ARG Q 105 -40.77 -53.91 -94.04
C ARG Q 105 -41.82 -54.98 -93.77
N GLY Q 106 -41.47 -56.26 -93.92
CA GLY Q 106 -42.39 -57.32 -93.59
C GLY Q 106 -42.52 -57.62 -92.12
N HIS Q 107 -41.64 -57.06 -91.28
CA HIS Q 107 -41.63 -57.35 -89.86
C HIS Q 107 -42.15 -56.22 -88.98
N TYR Q 108 -42.15 -55.00 -89.46
CA TYR Q 108 -42.51 -53.90 -88.55
C TYR Q 108 -43.64 -53.01 -89.06
N THR Q 109 -43.70 -52.75 -90.37
CA THR Q 109 -44.66 -51.80 -90.91
C THR Q 109 -45.71 -52.44 -91.80
N ILE Q 110 -45.30 -53.17 -92.84
CA ILE Q 110 -46.27 -53.68 -93.80
C ILE Q 110 -46.93 -54.95 -93.30
N GLY Q 111 -46.16 -55.83 -92.67
CA GLY Q 111 -46.74 -57.03 -92.10
C GLY Q 111 -47.53 -56.80 -90.83
N LYS Q 112 -47.24 -55.71 -90.10
CA LYS Q 112 -47.94 -55.44 -88.85
C LYS Q 112 -49.35 -54.93 -89.07
N GLU Q 113 -49.65 -54.39 -90.25
CA GLU Q 113 -51.01 -53.96 -90.57
C GLU Q 113 -51.89 -55.11 -91.04
N ILE Q 114 -51.33 -56.31 -91.22
CA ILE Q 114 -52.06 -57.44 -91.76
C ILE Q 114 -51.92 -58.69 -90.91
N ILE Q 115 -51.13 -58.64 -89.84
CA ILE Q 115 -50.86 -59.82 -89.01
C ILE Q 115 -52.11 -60.26 -88.24
N ASP Q 116 -52.97 -59.31 -87.85
CA ASP Q 116 -54.14 -59.64 -87.04
C ASP Q 116 -55.19 -60.40 -87.85
N LEU Q 117 -55.37 -60.04 -89.12
CA LEU Q 117 -56.32 -60.75 -89.97
C LEU Q 117 -55.83 -62.18 -90.25
N VAL Q 118 -54.53 -62.36 -90.45
CA VAL Q 118 -53.98 -63.69 -90.66
C VAL Q 118 -54.09 -64.53 -89.40
N LEU Q 119 -53.89 -63.91 -88.23
CA LEU Q 119 -54.08 -64.62 -86.96
C LEU Q 119 -55.53 -65.03 -86.75
N ASP Q 120 -56.47 -64.15 -87.12
CA ASP Q 120 -57.89 -64.48 -87.02
C ASP Q 120 -58.28 -65.60 -87.97
N ARG Q 121 -57.73 -65.59 -89.19
CA ARG Q 121 -57.99 -66.68 -90.12
C ARG Q 121 -57.36 -67.99 -89.64
N ILE Q 122 -56.20 -67.92 -89.00
CA ILE Q 122 -55.56 -69.10 -88.44
C ILE Q 122 -56.41 -69.69 -87.31
N ARG Q 123 -56.94 -68.82 -86.44
CA ARG Q 123 -57.81 -69.28 -85.36
C ARG Q 123 -59.13 -69.84 -85.89
N LYS Q 124 -59.66 -69.22 -86.96
CA LYS Q 124 -60.88 -69.71 -87.59
C LYS Q 124 -60.68 -71.09 -88.22
N LEU Q 125 -59.53 -71.32 -88.85
CA LEU Q 125 -59.27 -72.64 -89.42
C LEU Q 125 -58.93 -73.65 -88.33
N ALA Q 126 -58.33 -73.20 -87.22
CA ALA Q 126 -58.03 -74.10 -86.11
C ALA Q 126 -59.24 -74.43 -85.26
N ASP Q 127 -60.33 -73.65 -85.39
CA ASP Q 127 -61.55 -73.98 -84.66
C ASP Q 127 -62.20 -75.25 -85.19
N GLN Q 128 -62.00 -75.56 -86.48
CA GLN Q 128 -62.45 -76.85 -87.00
C GLN Q 128 -61.53 -77.99 -86.61
N CYS Q 129 -60.33 -77.69 -86.12
CA CYS Q 129 -59.38 -78.72 -85.69
C CYS Q 129 -59.57 -79.01 -84.20
N THR Q 130 -59.79 -80.29 -83.89
CA THR Q 130 -59.98 -80.72 -82.51
C THR Q 130 -58.74 -81.35 -81.90
N GLY Q 131 -57.85 -81.91 -82.71
CA GLY Q 131 -56.65 -82.56 -82.22
C GLY Q 131 -55.40 -82.06 -82.92
N LEU Q 132 -55.37 -80.76 -83.21
CA LEU Q 132 -54.31 -80.16 -84.03
C LEU Q 132 -52.94 -80.29 -83.37
N GLN Q 133 -51.97 -80.73 -84.17
CA GLN Q 133 -50.59 -80.88 -83.71
C GLN Q 133 -49.80 -79.59 -83.86
N GLY Q 134 -49.90 -78.94 -85.01
CA GLY Q 134 -49.12 -77.75 -85.29
C GLY Q 134 -49.30 -77.25 -86.70
N PHE Q 135 -48.32 -76.52 -87.22
CA PHE Q 135 -48.42 -75.88 -88.52
C PHE Q 135 -47.17 -76.16 -89.35
N LEU Q 136 -47.36 -76.27 -90.66
CA LEU Q 136 -46.27 -76.38 -91.62
C LEU Q 136 -46.08 -75.01 -92.25
N VAL Q 137 -44.99 -74.33 -91.89
CA VAL Q 137 -44.69 -73.01 -92.42
C VAL Q 137 -43.88 -73.16 -93.69
N PHE Q 138 -44.46 -72.73 -94.81
CA PHE Q 138 -43.77 -72.66 -96.09
C PHE Q 138 -43.37 -71.23 -96.34
N HIS Q 139 -42.07 -70.98 -96.50
CA HIS Q 139 -41.60 -69.63 -96.78
C HIS Q 139 -40.27 -69.72 -97.51
N SER Q 140 -39.64 -68.56 -97.71
CA SER Q 140 -38.33 -68.48 -98.36
C SER Q 140 -37.47 -67.47 -97.62
N PHE Q 141 -36.17 -67.76 -97.56
CA PHE Q 141 -35.26 -66.94 -96.76
C PHE Q 141 -34.94 -65.62 -97.44
N GLY Q 142 -34.98 -65.58 -98.77
CA GLY Q 142 -34.48 -64.42 -99.50
C GLY Q 142 -35.43 -63.23 -99.54
N GLY Q 143 -36.74 -63.49 -99.61
CA GLY Q 143 -37.69 -62.43 -99.85
C GLY Q 143 -37.93 -61.55 -98.64
N GLY Q 144 -38.83 -60.59 -98.83
CA GLY Q 144 -39.19 -59.67 -97.77
C GLY Q 144 -40.42 -60.11 -97.02
N THR Q 145 -41.41 -60.61 -97.76
CA THR Q 145 -42.59 -61.18 -97.12
C THR Q 145 -42.25 -62.48 -96.41
N GLY Q 146 -41.57 -63.39 -97.11
CA GLY Q 146 -41.26 -64.73 -96.65
C GLY Q 146 -40.25 -64.79 -95.51
N SER Q 147 -39.65 -63.67 -95.15
CA SER Q 147 -38.81 -63.57 -93.96
C SER Q 147 -39.46 -62.74 -92.87
N GLY Q 148 -39.93 -61.53 -93.20
CA GLY Q 148 -40.49 -60.65 -92.18
C GLY Q 148 -41.83 -61.12 -91.66
N PHE Q 149 -42.75 -61.45 -92.56
CA PHE Q 149 -44.06 -61.92 -92.11
C PHE Q 149 -43.96 -63.31 -91.50
N THR Q 150 -43.01 -64.13 -91.97
CA THR Q 150 -42.76 -65.42 -91.34
C THR Q 150 -42.24 -65.25 -89.91
N SER Q 151 -41.36 -64.27 -89.69
CA SER Q 151 -40.84 -64.05 -88.35
C SER Q 151 -41.90 -63.50 -87.41
N LEU Q 152 -42.74 -62.58 -87.89
CA LEU Q 152 -43.82 -62.07 -87.05
C LEU Q 152 -44.88 -63.12 -86.78
N LEU Q 153 -45.17 -63.97 -87.78
CA LEU Q 153 -46.09 -65.08 -87.59
C LEU Q 153 -45.56 -66.10 -86.61
N MET Q 154 -44.26 -66.41 -86.67
CA MET Q 154 -43.65 -67.33 -85.71
C MET Q 154 -43.67 -66.75 -84.30
N GLU Q 155 -43.44 -65.44 -84.16
CA GLU Q 155 -43.53 -64.81 -82.85
C GLU Q 155 -44.95 -64.86 -82.29
N ARG Q 156 -45.95 -64.60 -83.14
CA ARG Q 156 -47.34 -64.63 -82.67
C ARG Q 156 -47.79 -66.05 -82.35
N LEU Q 157 -47.35 -67.03 -83.14
CA LEU Q 157 -47.73 -68.42 -82.88
C LEU Q 157 -46.96 -69.00 -81.70
N SER Q 158 -45.78 -68.46 -81.37
CA SER Q 158 -45.12 -68.90 -80.15
C SER Q 158 -45.72 -68.26 -78.91
N VAL Q 159 -46.20 -67.02 -79.01
CA VAL Q 159 -46.90 -66.41 -77.87
C VAL Q 159 -48.25 -67.07 -77.65
N ASP Q 160 -49.00 -67.32 -78.71
CA ASP Q 160 -50.39 -67.73 -78.58
C ASP Q 160 -50.60 -69.24 -78.58
N TYR Q 161 -49.70 -70.01 -79.18
CA TYR Q 161 -49.86 -71.46 -79.35
C TYR Q 161 -48.66 -72.19 -78.80
N GLY Q 162 -48.24 -71.82 -77.58
CA GLY Q 162 -47.01 -72.30 -76.98
C GLY Q 162 -46.97 -73.78 -76.65
N LYS Q 163 -48.12 -74.46 -76.65
CA LYS Q 163 -48.16 -75.90 -76.43
C LYS Q 163 -48.03 -76.69 -77.72
N LYS Q 164 -47.86 -76.03 -78.86
CA LYS Q 164 -47.77 -76.69 -80.16
C LYS Q 164 -46.35 -76.60 -80.69
N SER Q 165 -46.04 -77.53 -81.59
CA SER Q 165 -44.77 -77.57 -82.30
C SER Q 165 -44.99 -77.15 -83.74
N LYS Q 166 -44.12 -76.30 -84.25
CA LYS Q 166 -44.24 -75.75 -85.60
C LYS Q 166 -43.03 -76.16 -86.43
N LEU Q 167 -43.30 -76.63 -87.65
CA LEU Q 167 -42.23 -76.99 -88.57
C LEU Q 167 -41.75 -75.74 -89.31
N GLU Q 168 -40.88 -75.96 -90.30
CA GLU Q 168 -40.44 -74.89 -91.19
C GLU Q 168 -40.03 -75.50 -92.51
N PHE Q 169 -40.41 -74.84 -93.60
CA PHE Q 169 -40.03 -75.23 -94.95
C PHE Q 169 -39.47 -73.98 -95.62
N SER Q 170 -38.17 -73.76 -95.45
CA SER Q 170 -37.52 -72.57 -95.98
C SER Q 170 -36.81 -72.87 -97.29
N ILE Q 171 -36.57 -71.82 -98.07
CA ILE Q 171 -35.79 -71.89 -99.30
C ILE Q 171 -34.51 -71.11 -99.09
N TYR Q 172 -33.39 -71.80 -99.10
CA TYR Q 172 -32.08 -71.17 -98.95
C TYR Q 172 -31.69 -70.44 -100.23
N PRO Q 173 -31.18 -69.21 -100.13
CA PRO Q 173 -30.87 -68.42 -101.34
C PRO Q 173 -29.70 -68.99 -102.12
N ALA Q 174 -29.77 -68.82 -103.43
CA ALA Q 174 -28.77 -69.34 -104.35
C ALA Q 174 -28.30 -68.25 -105.29
N PRO Q 175 -27.02 -68.24 -105.66
CA PRO Q 175 -26.53 -67.22 -106.61
C PRO Q 175 -26.98 -67.46 -108.04
N GLN Q 176 -27.47 -68.65 -108.39
CA GLN Q 176 -27.90 -68.91 -109.76
C GLN Q 176 -29.20 -68.17 -110.09
N VAL Q 177 -30.19 -68.24 -109.20
CA VAL Q 177 -31.45 -67.53 -109.37
C VAL Q 177 -31.72 -66.73 -108.10
N SER Q 178 -31.31 -65.47 -108.09
CA SER Q 178 -31.56 -64.57 -106.98
C SER Q 178 -32.07 -63.25 -107.53
N THR Q 179 -33.19 -62.78 -106.99
CA THR Q 179 -33.79 -61.53 -107.42
C THR Q 179 -33.38 -60.35 -106.54
N ALA Q 180 -32.43 -60.54 -105.63
CA ALA Q 180 -32.06 -59.48 -104.71
C ALA Q 180 -30.61 -59.66 -104.26
N VAL Q 181 -30.09 -58.61 -103.64
CA VAL Q 181 -28.74 -58.60 -103.11
C VAL Q 181 -28.71 -58.79 -101.59
N VAL Q 182 -29.76 -58.37 -100.89
CA VAL Q 182 -29.79 -58.40 -99.44
C VAL Q 182 -30.42 -59.70 -98.91
N GLU Q 183 -30.44 -60.74 -99.73
CA GLU Q 183 -30.82 -62.07 -99.23
C GLU Q 183 -29.97 -62.58 -98.07
N PRO Q 184 -28.64 -62.36 -97.98
CA PRO Q 184 -27.96 -62.63 -96.71
C PRO Q 184 -28.52 -61.88 -95.50
N TYR Q 185 -28.89 -60.62 -95.67
CA TYR Q 185 -29.41 -59.83 -94.54
C TYR Q 185 -30.75 -60.38 -94.08
N ASN Q 186 -31.66 -60.63 -95.02
CA ASN Q 186 -32.97 -61.19 -94.70
C ASN Q 186 -32.85 -62.58 -94.10
N SER Q 187 -31.96 -63.42 -94.65
CA SER Q 187 -31.81 -64.78 -94.18
C SER Q 187 -31.24 -64.83 -92.76
N ILE Q 188 -30.23 -64.01 -92.47
CA ILE Q 188 -29.66 -63.98 -91.12
C ILE Q 188 -30.67 -63.42 -90.12
N LEU Q 189 -31.42 -62.39 -90.52
CA LEU Q 189 -32.40 -61.80 -89.60
C LEU Q 189 -33.56 -62.76 -89.32
N THR Q 190 -34.06 -63.46 -90.34
CA THR Q 190 -35.14 -64.41 -90.10
C THR Q 190 -34.65 -65.71 -89.47
N THR Q 191 -33.34 -66.01 -89.54
CA THR Q 191 -32.82 -67.13 -88.79
C THR Q 191 -32.69 -66.77 -87.31
N HIS Q 192 -32.24 -65.55 -87.01
CA HIS Q 192 -32.13 -65.12 -85.61
C HIS Q 192 -33.50 -64.95 -84.97
N THR Q 193 -34.49 -64.47 -85.73
CA THR Q 193 -35.80 -64.27 -85.13
C THR Q 193 -36.57 -65.58 -84.96
N THR Q 194 -36.47 -66.49 -85.93
CA THR Q 194 -37.18 -67.77 -85.86
C THR Q 194 -36.27 -68.92 -85.44
N LEU Q 195 -35.29 -68.65 -84.58
CA LEU Q 195 -34.49 -69.74 -84.03
C LEU Q 195 -35.22 -70.43 -82.88
N GLU Q 196 -35.84 -69.65 -82.00
CA GLU Q 196 -36.55 -70.19 -80.85
C GLU Q 196 -38.00 -70.55 -81.15
N HIS Q 197 -38.49 -70.25 -82.35
CA HIS Q 197 -39.88 -70.49 -82.69
C HIS Q 197 -40.07 -71.55 -83.76
N SER Q 198 -38.99 -72.16 -84.25
CA SER Q 198 -39.06 -73.22 -85.22
C SER Q 198 -38.39 -74.47 -84.67
N ASP Q 199 -38.98 -75.63 -84.96
CA ASP Q 199 -38.51 -76.89 -84.40
C ASP Q 199 -38.01 -77.89 -85.43
N CYS Q 200 -38.27 -77.66 -86.72
CA CYS Q 200 -37.71 -78.50 -87.78
C CYS Q 200 -37.72 -77.68 -89.06
N ALA Q 201 -36.53 -77.35 -89.57
CA ALA Q 201 -36.38 -76.47 -90.73
C ALA Q 201 -35.72 -77.23 -91.86
N PHE Q 202 -36.52 -77.62 -92.86
CA PHE Q 202 -36.00 -78.28 -94.06
C PHE Q 202 -35.58 -77.22 -95.08
N MET Q 203 -34.46 -76.56 -94.81
CA MET Q 203 -33.97 -75.53 -95.71
C MET Q 203 -33.31 -76.18 -96.93
N VAL Q 204 -33.87 -75.94 -98.10
CA VAL Q 204 -33.38 -76.48 -99.36
C VAL Q 204 -33.02 -75.32 -100.28
N ASP Q 205 -31.81 -75.34 -100.83
CA ASP Q 205 -31.37 -74.27 -101.71
C ASP Q 205 -31.70 -74.61 -103.16
N ASN Q 206 -31.97 -73.57 -103.94
CA ASN Q 206 -32.30 -73.75 -105.35
C ASN Q 206 -31.08 -74.06 -106.21
N GLU Q 207 -29.87 -73.88 -105.67
CA GLU Q 207 -28.67 -74.24 -106.43
C GLU Q 207 -28.57 -75.74 -106.61
N ALA Q 208 -28.88 -76.51 -105.57
CA ALA Q 208 -28.85 -77.97 -105.67
C ALA Q 208 -29.95 -78.50 -106.58
N ILE Q 209 -31.15 -77.92 -106.49
CA ILE Q 209 -32.25 -78.29 -107.37
C ILE Q 209 -31.93 -77.95 -108.82
N TYR Q 210 -31.31 -76.79 -109.04
CA TYR Q 210 -30.90 -76.38 -110.38
C TYR Q 210 -29.82 -77.31 -110.93
N ASP Q 211 -28.85 -77.72 -110.10
CA ASP Q 211 -27.81 -78.63 -110.55
C ASP Q 211 -28.37 -80.01 -110.86
N ILE Q 212 -29.34 -80.47 -110.06
CA ILE Q 212 -29.99 -81.75 -110.32
C ILE Q 212 -30.78 -81.70 -111.63
N CYS Q 213 -31.52 -80.59 -111.85
CA CYS Q 213 -32.26 -80.44 -113.10
C CYS Q 213 -31.32 -80.28 -114.30
N ARG Q 214 -30.14 -79.71 -114.09
CA ARG Q 214 -29.18 -79.55 -115.18
C ARG Q 214 -28.53 -80.89 -115.55
N ARG Q 215 -28.10 -81.67 -114.56
CA ARG Q 215 -27.29 -82.85 -114.85
C ARG Q 215 -28.08 -84.14 -114.97
N ASN Q 216 -29.32 -84.19 -114.47
CA ASN Q 216 -30.15 -85.38 -114.59
C ASN Q 216 -31.31 -85.19 -115.55
N LEU Q 217 -32.08 -84.13 -115.40
CA LEU Q 217 -33.21 -83.87 -116.29
C LEU Q 217 -32.74 -83.24 -117.60
N ARG Q 221 -31.18 -72.60 -119.06
CA ARG Q 221 -31.40 -73.13 -117.71
C ARG Q 221 -32.85 -73.57 -117.53
N PRO Q 222 -33.08 -74.54 -116.65
CA PRO Q 222 -34.46 -74.85 -116.23
C PRO Q 222 -35.07 -73.68 -115.48
N THR Q 223 -36.37 -73.49 -115.67
CA THR Q 223 -37.08 -72.33 -115.16
C THR Q 223 -37.56 -72.59 -113.74
N TYR Q 224 -38.40 -71.68 -113.22
CA TYR Q 224 -38.97 -71.86 -111.89
C TYR Q 224 -40.07 -72.92 -111.88
N THR Q 225 -40.61 -73.28 -113.04
CA THR Q 225 -41.66 -74.31 -113.06
C THR Q 225 -41.07 -75.69 -112.82
N ASN Q 226 -39.93 -76.01 -113.43
CA ASN Q 226 -39.29 -77.30 -113.21
C ASN Q 226 -38.73 -77.39 -111.79
N LEU Q 227 -38.17 -76.29 -111.28
CA LEU Q 227 -37.72 -76.24 -109.89
C LEU Q 227 -38.88 -76.41 -108.93
N ASN Q 228 -40.02 -75.79 -109.23
CA ASN Q 228 -41.21 -75.93 -108.40
C ASN Q 228 -41.75 -77.35 -108.41
N ARG Q 229 -41.74 -78.00 -109.58
CA ARG Q 229 -42.25 -79.38 -109.67
C ARG Q 229 -41.32 -80.36 -108.95
N LEU Q 230 -40.00 -80.18 -109.10
CA LEU Q 230 -39.06 -81.05 -108.40
C LEU Q 230 -39.11 -80.83 -106.90
N ILE Q 231 -39.21 -79.58 -106.45
CA ILE Q 231 -39.30 -79.28 -105.03
C ILE Q 231 -40.61 -79.80 -104.45
N GLY Q 232 -41.69 -79.74 -105.23
CA GLY Q 232 -42.94 -80.33 -104.81
C GLY Q 232 -42.86 -81.84 -104.68
N GLN Q 233 -42.14 -82.50 -105.59
CA GLN Q 233 -41.90 -83.94 -105.46
C GLN Q 233 -41.06 -84.27 -104.22
N ILE Q 234 -40.05 -83.45 -103.95
CA ILE Q 234 -39.17 -83.67 -102.79
C ILE Q 234 -39.97 -83.54 -101.50
N VAL Q 235 -40.74 -82.44 -101.37
CA VAL Q 235 -41.54 -82.20 -100.17
C VAL Q 235 -42.66 -83.22 -100.04
N SER Q 236 -43.25 -83.66 -101.16
CA SER Q 236 -44.30 -84.68 -101.12
C SER Q 236 -43.76 -86.02 -100.63
N SER Q 237 -42.56 -86.40 -101.06
CA SER Q 237 -41.99 -87.64 -100.54
C SER Q 237 -41.37 -87.46 -99.15
N ILE Q 238 -41.08 -86.23 -98.73
CA ILE Q 238 -40.72 -85.96 -97.34
C ILE Q 238 -41.92 -86.19 -96.44
N THR Q 239 -43.08 -85.64 -96.83
CA THR Q 239 -44.29 -85.70 -96.03
C THR Q 239 -45.21 -86.82 -96.55
N ALA Q 240 -44.64 -87.81 -97.23
CA ALA Q 240 -45.43 -88.97 -97.64
C ALA Q 240 -45.86 -89.82 -96.45
N SER Q 241 -44.99 -89.96 -95.45
CA SER Q 241 -45.29 -90.79 -94.29
C SER Q 241 -46.36 -90.17 -93.39
N LEU Q 242 -46.56 -88.85 -93.46
CA LEU Q 242 -47.51 -88.19 -92.59
C LEU Q 242 -48.95 -88.36 -93.10
N ARG Q 243 -49.13 -88.58 -94.39
CA ARG Q 243 -50.44 -88.76 -94.99
C ARG Q 243 -50.74 -90.20 -95.36
N PHE Q 244 -49.92 -91.15 -94.91
CA PHE Q 244 -50.11 -92.55 -95.28
C PHE Q 244 -50.16 -93.44 -94.05
N ASP Q 245 -50.09 -94.75 -94.26
CA ASP Q 245 -50.14 -95.71 -93.16
C ASP Q 245 -48.91 -95.57 -92.26
N GLY Q 246 -49.10 -95.90 -90.99
CA GLY Q 246 -48.13 -95.56 -89.97
C GLY Q 246 -46.98 -96.54 -89.80
N ALA Q 247 -45.78 -96.12 -90.22
CA ALA Q 247 -44.56 -96.86 -89.92
C ALA Q 247 -43.65 -96.07 -88.99
N LEU Q 248 -43.28 -94.85 -89.37
CA LEU Q 248 -42.56 -93.92 -88.50
C LEU Q 248 -42.73 -92.52 -89.07
N ASN Q 249 -42.41 -91.52 -88.24
CA ASN Q 249 -42.45 -90.09 -88.59
C ASN Q 249 -43.82 -89.65 -89.07
N VAL Q 250 -44.88 -90.17 -88.43
CA VAL Q 250 -46.24 -89.84 -88.82
C VAL Q 250 -46.80 -88.65 -88.05
N ASP Q 251 -46.00 -88.05 -87.16
CA ASP Q 251 -46.46 -86.92 -86.38
C ASP Q 251 -45.36 -85.88 -86.29
N LEU Q 252 -45.75 -84.66 -85.92
CA LEU Q 252 -44.79 -83.58 -85.75
C LEU Q 252 -43.87 -83.83 -84.57
N THR Q 253 -44.39 -84.48 -83.52
CA THR Q 253 -43.56 -84.87 -82.38
C THR Q 253 -42.54 -85.93 -82.80
N GLU Q 254 -42.94 -86.84 -83.70
CA GLU Q 254 -42.01 -87.83 -84.23
C GLU Q 254 -40.90 -87.17 -85.04
N PHE Q 255 -41.24 -86.16 -85.84
CA PHE Q 255 -40.24 -85.39 -86.58
C PHE Q 255 -39.31 -84.64 -85.64
N GLN Q 256 -39.86 -84.05 -84.57
CA GLN Q 256 -39.05 -83.28 -83.65
C GLN Q 256 -38.17 -84.16 -82.77
N THR Q 257 -38.56 -85.42 -82.55
CA THR Q 257 -37.83 -86.30 -81.65
C THR Q 257 -36.87 -87.24 -82.35
N ASN Q 258 -37.13 -87.61 -83.62
CA ASN Q 258 -36.25 -88.53 -84.32
C ASN Q 258 -35.01 -87.84 -84.88
N LEU Q 259 -35.02 -86.51 -85.00
CA LEU Q 259 -33.95 -85.80 -85.69
C LEU Q 259 -33.37 -84.61 -84.94
N VAL Q 260 -34.07 -84.04 -83.95
CA VAL Q 260 -33.70 -82.77 -83.36
C VAL Q 260 -33.36 -83.00 -81.88
N PRO Q 261 -32.07 -83.10 -81.54
CA PRO Q 261 -31.70 -83.22 -80.12
C PRO Q 261 -31.68 -81.90 -79.37
N TYR Q 262 -31.31 -80.81 -80.03
CA TYR Q 262 -31.06 -79.54 -79.37
C TYR Q 262 -32.21 -78.57 -79.59
N PRO Q 263 -32.37 -77.57 -78.72
CA PRO Q 263 -33.36 -76.52 -79.00
C PRO Q 263 -33.02 -75.64 -80.19
N ARG Q 264 -31.74 -75.58 -80.60
CA ARG Q 264 -31.32 -74.72 -81.69
C ARG Q 264 -30.93 -75.48 -82.95
N ILE Q 265 -30.46 -76.71 -82.84
CA ILE Q 265 -29.98 -77.47 -84.00
C ILE Q 265 -31.18 -78.24 -84.55
N HIS Q 266 -31.92 -77.61 -85.45
CA HIS Q 266 -33.10 -78.22 -86.05
C HIS Q 266 -33.11 -78.05 -87.56
N PHE Q 267 -31.97 -78.33 -88.19
CA PHE Q 267 -31.80 -78.19 -89.63
C PHE Q 267 -31.43 -79.53 -90.24
N PRO Q 268 -32.41 -80.34 -90.63
CA PRO Q 268 -32.11 -81.62 -91.29
C PRO Q 268 -31.68 -81.41 -92.73
N LEU Q 269 -31.25 -82.51 -93.34
CA LEU Q 269 -30.81 -82.53 -94.73
C LEU Q 269 -31.51 -83.68 -95.44
N ALA Q 270 -32.08 -83.40 -96.62
CA ALA Q 270 -32.71 -84.43 -97.43
C ALA Q 270 -31.85 -84.75 -98.63
N THR Q 271 -31.92 -86.00 -99.09
CA THR Q 271 -31.19 -86.45 -100.26
C THR Q 271 -32.05 -87.42 -101.05
N TYR Q 272 -32.06 -87.28 -102.37
CA TYR Q 272 -32.93 -88.08 -103.23
C TYR Q 272 -32.11 -88.70 -104.35
N ALA Q 273 -32.17 -90.02 -104.44
CA ALA Q 273 -31.54 -90.80 -105.51
C ALA Q 273 -32.31 -90.81 -106.85
N PRO Q 274 -33.62 -91.19 -106.92
CA PRO Q 274 -34.13 -91.53 -108.27
C PRO Q 274 -34.62 -90.35 -109.10
N VAL Q 275 -33.67 -89.60 -109.65
CA VAL Q 275 -33.97 -88.51 -110.59
C VAL Q 275 -33.51 -88.96 -111.97
N ILE Q 276 -34.47 -89.29 -112.83
CA ILE Q 276 -34.18 -89.73 -114.18
C ILE Q 276 -35.05 -88.95 -115.16
N SER Q 277 -34.61 -88.89 -116.42
CA SER Q 277 -35.33 -88.14 -117.43
C SER Q 277 -36.62 -88.86 -117.82
N ALA Q 278 -37.67 -88.07 -118.07
CA ALA Q 278 -38.97 -88.62 -118.43
C ALA Q 278 -39.08 -88.82 -119.94
N GLN Q 285 -32.74 -101.73 -114.20
CA GLN Q 285 -33.11 -100.38 -113.79
C GLN Q 285 -32.15 -99.83 -112.74
N LEU Q 286 -32.62 -99.74 -111.51
CA LEU Q 286 -31.81 -99.22 -110.40
C LEU Q 286 -32.02 -100.13 -109.19
N SER Q 287 -30.93 -100.65 -108.65
CA SER Q 287 -31.00 -101.53 -107.50
C SER Q 287 -31.18 -100.72 -106.21
N VAL Q 288 -31.53 -101.43 -105.13
CA VAL Q 288 -31.73 -100.78 -103.84
C VAL Q 288 -30.40 -100.31 -103.25
N ALA Q 289 -29.32 -101.07 -103.48
CA ALA Q 289 -28.02 -100.73 -102.92
C ALA Q 289 -27.46 -99.44 -103.51
N GLU Q 290 -27.60 -99.25 -104.82
CA GLU Q 290 -27.06 -98.06 -105.45
C GLU Q 290 -27.88 -96.82 -105.11
N ILE Q 291 -29.20 -96.97 -105.00
CA ILE Q 291 -30.01 -95.81 -104.62
C ILE Q 291 -29.91 -95.51 -103.13
N THR Q 292 -29.50 -96.49 -102.31
CA THR Q 292 -29.13 -96.17 -100.94
C THR Q 292 -27.77 -95.50 -100.89
N ASN Q 293 -26.86 -95.91 -101.79
CA ASN Q 293 -25.56 -95.27 -101.88
C ASN Q 293 -25.65 -93.86 -102.43
N ALA Q 294 -26.59 -93.61 -103.34
CA ALA Q 294 -26.76 -92.28 -103.91
C ALA Q 294 -27.35 -91.29 -102.91
N CYS Q 295 -28.01 -91.77 -101.87
CA CYS Q 295 -28.46 -90.89 -100.80
C CYS Q 295 -27.31 -90.39 -99.93
N PHE Q 296 -26.13 -91.01 -100.02
CA PHE Q 296 -24.95 -90.54 -99.31
C PHE Q 296 -24.01 -89.76 -100.22
N GLU Q 297 -24.37 -89.55 -101.48
CA GLU Q 297 -23.55 -88.75 -102.38
C GLU Q 297 -23.70 -87.28 -102.04
N PRO Q 298 -22.60 -86.54 -101.82
CA PRO Q 298 -22.73 -85.12 -101.46
C PRO Q 298 -23.22 -84.24 -102.59
N ALA Q 299 -23.15 -84.69 -103.85
CA ALA Q 299 -23.61 -83.89 -104.98
C ALA Q 299 -25.08 -84.06 -105.27
N ASN Q 300 -25.76 -85.00 -104.60
CA ASN Q 300 -27.19 -85.20 -104.79
C ASN Q 300 -28.02 -84.71 -103.60
N GLN Q 301 -27.40 -84.03 -102.65
CA GLN Q 301 -28.12 -83.55 -101.49
C GLN Q 301 -28.92 -82.30 -101.83
N MET Q 302 -29.92 -82.02 -101.01
CA MET Q 302 -30.72 -80.81 -101.15
C MET Q 302 -30.08 -79.59 -100.54
N VAL Q 303 -28.92 -79.73 -99.90
CA VAL Q 303 -28.10 -78.62 -99.44
C VAL Q 303 -26.70 -78.82 -100.02
N LYS Q 304 -26.15 -77.78 -100.62
CA LYS Q 304 -24.83 -77.85 -101.24
C LYS Q 304 -23.77 -77.80 -100.14
N CYS Q 305 -23.48 -78.96 -99.57
CA CYS Q 305 -22.49 -79.08 -98.51
C CYS Q 305 -21.93 -80.49 -98.51
N ASP Q 306 -20.80 -80.67 -97.82
CA ASP Q 306 -20.13 -81.95 -97.74
C ASP Q 306 -20.36 -82.58 -96.37
N PRO Q 307 -21.09 -83.70 -96.28
CA PRO Q 307 -21.30 -84.33 -94.97
C PRO Q 307 -20.11 -85.11 -94.44
N ARG Q 308 -19.11 -85.38 -95.28
CA ARG Q 308 -17.96 -86.17 -94.84
C ARG Q 308 -17.04 -85.42 -93.90
N HIS Q 309 -17.07 -84.08 -93.92
CA HIS Q 309 -16.30 -83.31 -92.96
C HIS Q 309 -17.01 -83.16 -91.63
N GLY Q 310 -18.30 -83.48 -91.56
CA GLY Q 310 -19.05 -83.45 -90.33
C GLY Q 310 -19.42 -84.84 -89.84
N LYS Q 311 -20.14 -84.86 -88.73
CA LYS Q 311 -20.60 -86.08 -88.12
C LYS Q 311 -22.13 -86.14 -88.17
N TYR Q 312 -22.66 -87.31 -88.47
CA TYR Q 312 -24.10 -87.52 -88.49
C TYR Q 312 -24.66 -87.48 -87.07
N MET Q 313 -25.98 -87.26 -86.99
CA MET Q 313 -26.65 -87.29 -85.70
C MET Q 313 -27.82 -88.27 -85.75
N ALA Q 314 -28.51 -88.34 -86.88
CA ALA Q 314 -29.65 -89.23 -87.02
C ALA Q 314 -29.85 -89.52 -88.50
N CYS Q 315 -30.68 -90.53 -88.78
CA CYS Q 315 -31.02 -90.92 -90.14
C CYS Q 315 -32.39 -91.56 -90.12
N CYS Q 316 -33.29 -91.10 -90.99
CA CYS Q 316 -34.62 -91.68 -91.15
C CYS Q 316 -34.83 -91.95 -92.63
N LEU Q 317 -34.41 -93.12 -93.09
CA LEU Q 317 -34.59 -93.49 -94.49
C LEU Q 317 -36.04 -93.85 -94.75
N LEU Q 318 -36.68 -93.16 -95.70
CA LEU Q 318 -38.08 -93.40 -96.05
C LEU Q 318 -38.12 -93.92 -97.48
N TYR Q 319 -38.53 -95.18 -97.63
CA TYR Q 319 -38.60 -95.83 -98.93
C TYR Q 319 -40.01 -95.77 -99.49
N ARG Q 320 -40.12 -95.49 -100.79
CA ARG Q 320 -41.39 -95.44 -101.48
C ARG Q 320 -41.39 -96.44 -102.63
N GLY Q 321 -42.57 -96.99 -102.91
CA GLY Q 321 -42.71 -97.99 -103.94
C GLY Q 321 -42.51 -99.40 -103.42
N ASP Q 322 -42.55 -100.35 -104.36
CA ASP Q 322 -42.42 -101.77 -104.04
C ASP Q 322 -40.95 -102.10 -103.82
N VAL Q 323 -40.49 -101.84 -102.60
CA VAL Q 323 -39.12 -102.15 -102.18
C VAL Q 323 -39.20 -103.25 -101.13
N VAL Q 324 -38.55 -104.37 -101.41
CA VAL Q 324 -38.54 -105.49 -100.46
C VAL Q 324 -37.70 -105.14 -99.24
N PRO Q 325 -38.21 -105.34 -98.02
CA PRO Q 325 -37.46 -104.94 -96.82
C PRO Q 325 -36.26 -105.83 -96.49
N LYS Q 326 -36.09 -106.95 -97.18
CA LYS Q 326 -34.93 -107.81 -96.91
C LYS Q 326 -33.65 -107.19 -97.42
N ASP Q 327 -33.67 -106.62 -98.63
CA ASP Q 327 -32.48 -106.05 -99.23
C ASP Q 327 -32.12 -104.67 -98.67
N VAL Q 328 -33.04 -104.03 -97.95
CA VAL Q 328 -32.74 -102.73 -97.33
C VAL Q 328 -31.70 -102.90 -96.24
N ASN Q 329 -31.78 -103.99 -95.47
CA ASN Q 329 -30.77 -104.25 -94.45
C ASN Q 329 -29.41 -104.59 -95.06
N ALA Q 330 -29.39 -105.28 -96.20
CA ALA Q 330 -28.14 -105.54 -96.90
C ALA Q 330 -27.54 -104.26 -97.44
N ALA Q 331 -28.39 -103.36 -97.96
CA ALA Q 331 -27.93 -102.03 -98.39
C ALA Q 331 -27.39 -101.24 -97.20
N ILE Q 332 -28.04 -101.35 -96.05
CA ILE Q 332 -27.58 -100.70 -94.82
C ILE Q 332 -26.20 -101.23 -94.41
N ALA Q 333 -26.01 -102.54 -94.50
CA ALA Q 333 -24.72 -103.15 -94.16
C ALA Q 333 -23.62 -102.72 -95.13
N THR Q 334 -23.93 -102.66 -96.42
CA THR Q 334 -22.94 -102.22 -97.40
C THR Q 334 -22.63 -100.72 -97.26
N ILE Q 335 -23.60 -99.94 -96.79
CA ILE Q 335 -23.34 -98.54 -96.47
C ILE Q 335 -22.44 -98.43 -95.26
N LYS Q 336 -22.74 -99.19 -94.21
CA LYS Q 336 -22.02 -99.08 -92.94
C LYS Q 336 -20.62 -99.70 -93.00
N THR Q 337 -20.35 -100.55 -94.00
CA THR Q 337 -18.99 -101.06 -94.15
C THR Q 337 -18.01 -99.98 -94.60
N LYS Q 338 -18.51 -98.96 -95.30
CA LYS Q 338 -17.66 -97.86 -95.73
C LYS Q 338 -17.33 -96.96 -94.53
N ARG Q 339 -16.11 -96.41 -94.55
CA ARG Q 339 -15.61 -95.59 -93.46
C ARG Q 339 -15.93 -94.11 -93.62
N THR Q 340 -16.81 -93.76 -94.58
CA THR Q 340 -17.15 -92.37 -94.80
C THR Q 340 -18.02 -91.82 -93.68
N ILE Q 341 -19.02 -92.58 -93.25
CA ILE Q 341 -19.98 -92.12 -92.25
C ILE Q 341 -19.33 -92.25 -90.86
N GLN Q 342 -19.26 -91.14 -90.14
CA GLN Q 342 -18.68 -91.09 -88.80
C GLN Q 342 -19.74 -90.54 -87.86
N PHE Q 343 -20.44 -91.43 -87.16
CA PHE Q 343 -21.53 -91.04 -86.29
C PHE Q 343 -21.01 -90.37 -85.01
N VAL Q 344 -21.94 -89.82 -84.24
CA VAL Q 344 -21.64 -89.25 -82.93
C VAL Q 344 -21.49 -90.39 -81.93
N ASP Q 345 -20.95 -90.10 -80.75
CA ASP Q 345 -20.60 -91.12 -79.78
C ASP Q 345 -21.43 -91.00 -78.50
N TRP Q 346 -22.74 -90.73 -78.62
CA TRP Q 346 -23.66 -90.95 -77.51
C TRP Q 346 -24.93 -91.59 -78.08
N CYS Q 347 -24.93 -92.93 -78.15
CA CYS Q 347 -25.99 -93.80 -78.69
C CYS Q 347 -26.51 -93.32 -80.03
N PRO Q 348 -25.72 -93.40 -81.11
CA PRO Q 348 -26.13 -92.76 -82.36
C PRO Q 348 -27.22 -93.47 -83.13
N THR Q 349 -27.53 -94.73 -82.76
CA THR Q 349 -28.52 -95.62 -83.41
C THR Q 349 -28.14 -95.77 -84.88
N GLY Q 350 -29.09 -95.71 -85.81
CA GLY Q 350 -28.78 -95.91 -87.21
C GLY Q 350 -29.89 -95.49 -88.15
N PHE Q 351 -30.00 -96.19 -89.28
CA PHE Q 351 -30.95 -95.84 -90.33
C PHE Q 351 -32.31 -96.46 -89.99
N LYS Q 352 -33.21 -95.63 -89.45
CA LYS Q 352 -34.54 -96.08 -89.04
C LYS Q 352 -35.43 -96.16 -90.26
N VAL Q 353 -35.36 -97.30 -90.96
CA VAL Q 353 -36.08 -97.46 -92.22
C VAL Q 353 -37.55 -97.77 -91.95
N GLY Q 354 -38.43 -96.99 -92.55
CA GLY Q 354 -39.84 -97.35 -92.67
C GLY Q 354 -40.24 -97.32 -94.13
N ILE Q 355 -41.00 -98.33 -94.54
CA ILE Q 355 -41.31 -98.55 -95.95
C ILE Q 355 -42.80 -98.39 -96.16
N ASN Q 356 -43.17 -97.52 -97.09
CA ASN Q 356 -44.55 -97.38 -97.53
C ASN Q 356 -44.71 -98.07 -98.89
N TYR Q 357 -45.68 -98.97 -98.98
CA TYR Q 357 -45.82 -99.80 -100.17
C TYR Q 357 -46.55 -99.12 -101.32
N GLN Q 358 -47.14 -97.95 -101.09
CA GLN Q 358 -47.77 -97.22 -102.18
C GLN Q 358 -46.70 -96.54 -103.02
N PRO Q 359 -46.70 -96.76 -104.35
CA PRO Q 359 -45.70 -96.11 -105.18
C PRO Q 359 -45.99 -94.62 -105.32
N PRO Q 360 -44.95 -93.79 -105.42
CA PRO Q 360 -45.18 -92.36 -105.64
C PRO Q 360 -45.65 -92.10 -107.07
N THR Q 361 -46.55 -91.11 -107.20
CA THR Q 361 -47.12 -90.76 -108.49
C THR Q 361 -46.49 -89.46 -108.97
N VAL Q 362 -46.04 -89.45 -110.23
CA VAL Q 362 -45.44 -88.29 -110.83
C VAL Q 362 -46.48 -87.57 -111.67
N VAL Q 363 -46.18 -86.32 -112.02
CA VAL Q 363 -47.06 -85.53 -112.89
C VAL Q 363 -47.08 -86.12 -114.28
N PRO Q 364 -48.26 -86.35 -114.89
CA PRO Q 364 -48.31 -86.91 -116.24
C PRO Q 364 -47.75 -85.97 -117.30
N GLY Q 365 -46.64 -86.37 -117.93
CA GLY Q 365 -45.94 -85.50 -118.86
C GLY Q 365 -45.32 -84.28 -118.20
N GLY Q 366 -44.70 -84.46 -117.04
CA GLY Q 366 -44.11 -83.35 -116.32
C GLY Q 366 -42.60 -83.29 -116.47
N ASP Q 367 -41.89 -83.49 -115.35
CA ASP Q 367 -40.43 -83.41 -115.35
C ASP Q 367 -39.74 -84.64 -114.79
N LEU Q 368 -40.42 -85.46 -114.00
CA LEU Q 368 -39.83 -86.68 -113.43
C LEU Q 368 -40.60 -87.90 -113.93
N ALA Q 369 -39.85 -88.93 -114.30
CA ALA Q 369 -40.45 -90.17 -114.77
C ALA Q 369 -41.00 -90.99 -113.61
N LYS Q 370 -42.01 -91.81 -113.91
CA LYS Q 370 -42.54 -92.73 -112.91
C LYS Q 370 -41.54 -93.84 -112.64
N VAL Q 371 -41.25 -94.08 -111.35
CA VAL Q 371 -40.25 -95.05 -110.95
C VAL Q 371 -40.88 -95.97 -109.91
N GLN Q 372 -40.28 -97.16 -109.75
CA GLN Q 372 -40.77 -98.15 -108.81
C GLN Q 372 -40.03 -98.16 -107.49
N ARG Q 373 -38.77 -97.73 -107.47
CA ARG Q 373 -37.97 -97.67 -106.25
C ARG Q 373 -37.63 -96.22 -105.97
N ALA Q 374 -38.08 -95.71 -104.83
CA ALA Q 374 -37.83 -94.33 -104.43
C ALA Q 374 -37.38 -94.31 -102.98
N VAL Q 375 -36.44 -93.41 -102.68
CA VAL Q 375 -35.78 -93.38 -101.37
C VAL Q 375 -35.48 -91.93 -101.01
N CYS Q 376 -35.61 -91.61 -99.73
CA CYS Q 376 -35.28 -90.29 -99.19
C CYS Q 376 -34.54 -90.47 -97.87
N MET Q 377 -33.54 -89.63 -97.64
CA MET Q 377 -32.67 -89.74 -96.47
C MET Q 377 -32.77 -88.46 -95.63
N LEU Q 378 -33.70 -88.46 -94.67
CA LEU Q 378 -33.82 -87.36 -93.71
C LEU Q 378 -32.73 -87.52 -92.67
N SER Q 379 -31.60 -86.86 -92.87
CA SER Q 379 -30.45 -87.05 -92.00
C SER Q 379 -29.99 -85.72 -91.42
N ASN Q 380 -29.80 -85.69 -90.10
CA ASN Q 380 -29.20 -84.54 -89.43
C ASN Q 380 -27.69 -84.68 -89.44
N THR Q 381 -26.99 -83.57 -89.64
CA THR Q 381 -25.55 -83.56 -89.60
C THR Q 381 -25.06 -82.19 -89.15
N THR Q 382 -23.75 -82.04 -89.07
CA THR Q 382 -23.11 -80.76 -88.78
C THR Q 382 -22.58 -80.08 -90.04
N ALA Q 383 -22.96 -80.58 -91.22
CA ALA Q 383 -22.50 -80.01 -92.47
C ALA Q 383 -23.28 -78.77 -92.90
N ILE Q 384 -24.40 -78.47 -92.23
CA ILE Q 384 -25.13 -77.23 -92.49
C ILE Q 384 -24.37 -76.02 -91.96
N ALA Q 385 -23.44 -76.24 -91.03
CA ALA Q 385 -22.62 -75.16 -90.49
C ALA Q 385 -21.74 -74.51 -91.56
N GLU Q 386 -21.37 -75.25 -92.60
CA GLU Q 386 -20.68 -74.67 -93.74
C GLU Q 386 -21.57 -73.67 -94.48
N ALA Q 387 -22.85 -74.02 -94.68
CA ALA Q 387 -23.80 -73.10 -95.31
C ALA Q 387 -24.04 -71.86 -94.46
N TRP Q 388 -24.15 -72.04 -93.15
CA TRP Q 388 -24.31 -70.88 -92.28
C TRP Q 388 -23.05 -70.04 -92.20
N ALA Q 389 -21.87 -70.66 -92.34
CA ALA Q 389 -20.63 -69.90 -92.42
C ALA Q 389 -20.56 -69.09 -93.70
N ARG Q 390 -21.03 -69.66 -94.82
CA ARG Q 390 -21.11 -68.91 -96.07
C ARG Q 390 -22.07 -67.73 -95.96
N LEU Q 391 -23.22 -67.94 -95.33
CA LEU Q 391 -24.20 -66.88 -95.16
C LEU Q 391 -23.70 -65.78 -94.24
N ASP Q 392 -22.99 -66.14 -93.17
CA ASP Q 392 -22.42 -65.13 -92.29
C ASP Q 392 -21.21 -64.44 -92.90
N HIS Q 393 -20.49 -65.12 -93.79
CA HIS Q 393 -19.40 -64.47 -94.52
C HIS Q 393 -19.93 -63.43 -95.49
N LYS Q 394 -21.04 -63.75 -96.18
CA LYS Q 394 -21.70 -62.76 -97.02
C LYS Q 394 -22.32 -61.64 -96.18
N PHE Q 395 -22.82 -61.97 -94.98
CA PHE Q 395 -23.33 -60.95 -94.06
C PHE Q 395 -22.22 -60.06 -93.54
N ASP Q 396 -21.04 -60.63 -93.25
CA ASP Q 396 -19.94 -59.84 -92.72
C ASP Q 396 -19.31 -58.96 -93.80
N LEU Q 397 -19.37 -59.39 -95.06
CA LEU Q 397 -18.81 -58.59 -96.15
C LEU Q 397 -19.65 -57.34 -96.42
N MET Q 398 -20.95 -57.42 -96.19
CA MET Q 398 -21.85 -56.31 -96.45
C MET Q 398 -22.15 -55.50 -95.19
N TYR Q 399 -21.44 -55.76 -94.09
CA TYR Q 399 -21.62 -55.01 -92.86
C TYR Q 399 -20.36 -54.34 -92.36
N ALA Q 400 -19.20 -54.59 -92.99
CA ALA Q 400 -18.00 -53.87 -92.63
C ALA Q 400 -18.09 -52.40 -93.00
N LYS Q 401 -18.76 -52.09 -94.11
CA LYS Q 401 -18.97 -50.72 -94.56
C LYS Q 401 -20.41 -50.26 -94.39
N ARG Q 402 -21.23 -51.03 -93.66
CA ARG Q 402 -22.64 -50.74 -93.38
C ARG Q 402 -23.47 -50.59 -94.65
N ALA Q 403 -23.24 -51.49 -95.62
CA ALA Q 403 -23.96 -51.44 -96.87
C ALA Q 403 -25.41 -51.84 -96.67
N PHE Q 404 -26.31 -51.15 -97.38
CA PHE Q 404 -27.75 -51.41 -97.43
C PHE Q 404 -28.43 -51.33 -96.06
N VAL Q 405 -27.81 -50.65 -95.10
CA VAL Q 405 -28.33 -50.64 -93.73
C VAL Q 405 -29.61 -49.80 -93.64
N HIS Q 406 -29.63 -48.66 -94.36
CA HIS Q 406 -30.67 -47.65 -94.19
C HIS Q 406 -32.06 -48.11 -94.64
N TRP Q 407 -32.15 -49.14 -95.48
CA TRP Q 407 -33.45 -49.64 -95.90
C TRP Q 407 -34.18 -50.35 -94.77
N TYR Q 408 -33.46 -50.79 -93.74
CA TYR Q 408 -34.05 -51.48 -92.59
C TYR Q 408 -34.30 -50.55 -91.42
N VAL Q 409 -33.46 -49.53 -91.24
CA VAL Q 409 -33.64 -48.59 -90.13
C VAL Q 409 -34.85 -47.69 -90.38
N GLY Q 410 -35.25 -47.53 -91.64
CA GLY Q 410 -36.39 -46.68 -91.97
C GLY Q 410 -37.74 -47.26 -91.59
N GLU Q 411 -37.79 -48.51 -91.12
CA GLU Q 411 -39.03 -49.14 -90.70
C GLU Q 411 -39.07 -49.36 -89.19
N GLY Q 412 -38.17 -48.72 -88.44
CA GLY Q 412 -38.17 -48.80 -87.00
C GLY Q 412 -37.14 -49.73 -86.39
N MET Q 413 -36.52 -50.60 -87.19
CA MET Q 413 -35.50 -51.49 -86.68
C MET Q 413 -34.23 -50.72 -86.33
N GLU Q 414 -33.68 -51.04 -85.17
CA GLU Q 414 -32.48 -50.36 -84.67
C GLU Q 414 -31.23 -50.90 -85.37
N GLU Q 415 -30.12 -50.22 -85.14
CA GLU Q 415 -28.85 -50.68 -85.69
C GLU Q 415 -28.34 -51.92 -84.96
N GLY Q 416 -28.69 -52.07 -83.68
CA GLY Q 416 -28.19 -53.18 -82.87
C GLY Q 416 -28.80 -54.52 -83.20
N GLU Q 417 -29.87 -54.56 -84.00
CA GLU Q 417 -30.47 -55.83 -84.37
C GLU Q 417 -29.55 -56.63 -85.29
N PHE Q 418 -28.78 -55.95 -86.13
CA PHE Q 418 -27.82 -56.64 -86.99
C PHE Q 418 -26.67 -57.23 -86.19
N SER Q 419 -26.17 -56.50 -85.19
CA SER Q 419 -25.14 -57.03 -84.31
C SER Q 419 -25.68 -58.18 -83.46
N GLU Q 420 -26.96 -58.09 -83.04
CA GLU Q 420 -27.59 -59.17 -82.31
C GLU Q 420 -27.72 -60.43 -83.15
N ALA Q 421 -28.13 -60.28 -84.42
CA ALA Q 421 -28.20 -61.43 -85.32
C ALA Q 421 -26.83 -61.99 -85.64
N ARG Q 422 -25.81 -61.14 -85.73
CA ARG Q 422 -24.44 -61.62 -85.91
C ARG Q 422 -23.95 -62.41 -84.70
N GLU Q 423 -24.27 -61.94 -83.49
CA GLU Q 423 -23.92 -62.67 -82.27
C GLU Q 423 -24.66 -64.00 -82.20
N ASP Q 424 -25.94 -64.02 -82.61
CA ASP Q 424 -26.72 -65.26 -82.63
C ASP Q 424 -26.15 -66.26 -83.63
N MET Q 425 -25.75 -65.79 -84.80
CA MET Q 425 -25.17 -66.69 -85.80
C MET Q 425 -23.78 -67.17 -85.38
N ALA Q 426 -23.01 -66.33 -84.68
CA ALA Q 426 -21.74 -66.77 -84.11
C ALA Q 426 -21.96 -67.83 -83.04
N ALA Q 427 -23.01 -67.67 -82.22
CA ALA Q 427 -23.35 -68.68 -81.22
C ALA Q 427 -23.80 -69.98 -81.88
N LEU Q 428 -24.56 -69.89 -82.98
CA LEU Q 428 -24.97 -71.10 -83.71
C LEU Q 428 -23.78 -71.82 -84.32
N GLU Q 429 -22.82 -71.08 -84.88
CA GLU Q 429 -21.61 -71.68 -85.43
C GLU Q 429 -20.76 -72.31 -84.33
N LYS Q 430 -20.66 -71.63 -83.18
CA LYS Q 430 -19.91 -72.17 -82.04
C LYS Q 430 -20.56 -73.42 -81.49
N ASP Q 431 -21.90 -73.48 -81.44
CA ASP Q 431 -22.58 -74.67 -80.96
C ASP Q 431 -22.45 -75.82 -81.94
N TYR Q 432 -22.47 -75.52 -83.25
CA TYR Q 432 -22.22 -76.56 -84.25
C TYR Q 432 -20.81 -77.11 -84.15
N GLU Q 433 -19.83 -76.23 -83.88
CA GLU Q 433 -18.46 -76.69 -83.67
C GLU Q 433 -18.33 -77.51 -82.38
N GLU Q 434 -19.03 -77.12 -81.32
CA GLU Q 434 -18.96 -77.84 -80.06
C GLU Q 434 -19.64 -79.21 -80.17
N VAL Q 435 -20.69 -79.33 -80.98
CA VAL Q 435 -21.23 -80.64 -81.31
C VAL Q 435 -20.22 -81.43 -82.14
N GLY Q 436 -19.56 -80.76 -83.08
CA GLY Q 436 -18.59 -81.42 -83.94
C GLY Q 436 -17.27 -81.78 -83.26
N VAL Q 437 -17.01 -81.27 -82.06
CA VAL Q 437 -15.79 -81.55 -81.33
C VAL Q 437 -16.14 -82.40 -80.11
N ASP Q 438 -15.52 -83.57 -80.00
CA ASP Q 438 -15.76 -84.49 -78.89
C ASP Q 438 -15.26 -83.92 -77.57
N MET R 1 -52.42 -115.70 -42.88
CA MET R 1 -51.24 -115.22 -43.59
C MET R 1 -51.35 -113.73 -43.90
N ARG R 2 -50.21 -113.08 -44.04
CA ARG R 2 -50.18 -111.67 -44.41
C ARG R 2 -50.53 -111.51 -45.90
N GLU R 3 -50.70 -110.25 -46.30
CA GLU R 3 -51.18 -109.95 -47.65
C GLU R 3 -50.25 -108.95 -48.31
N ILE R 4 -49.80 -109.27 -49.51
CA ILE R 4 -49.00 -108.38 -50.34
C ILE R 4 -49.86 -107.92 -51.51
N VAL R 5 -49.81 -106.63 -51.80
CA VAL R 5 -50.48 -106.06 -52.96
C VAL R 5 -49.45 -105.87 -54.06
N HIS R 6 -49.69 -106.51 -55.20
CA HIS R 6 -48.75 -106.48 -56.32
C HIS R 6 -49.04 -105.29 -57.22
N LEU R 7 -47.97 -104.59 -57.61
CA LEU R 7 -48.09 -103.41 -58.47
C LEU R 7 -47.14 -103.56 -59.65
N GLN R 8 -47.68 -103.41 -60.86
CA GLN R 8 -46.91 -103.44 -62.09
C GLN R 8 -47.17 -102.15 -62.85
N ILE R 9 -46.10 -101.43 -63.19
CA ILE R 9 -46.20 -100.16 -63.89
C ILE R 9 -45.37 -100.25 -65.18
N GLY R 10 -45.98 -99.91 -66.29
CA GLY R 10 -45.32 -99.95 -67.58
C GLY R 10 -45.61 -101.25 -68.33
N GLN R 11 -45.35 -101.23 -69.63
CA GLN R 11 -45.58 -102.42 -70.44
C GLN R 11 -44.54 -103.49 -70.17
N CYS R 12 -43.31 -103.09 -69.83
CA CYS R 12 -42.32 -104.06 -69.38
C CYS R 12 -42.75 -104.71 -68.07
N GLY R 13 -43.23 -103.90 -67.13
CA GLY R 13 -43.76 -104.43 -65.89
C GLY R 13 -44.98 -105.31 -66.10
N ASN R 14 -45.85 -104.92 -67.03
CA ASN R 14 -47.05 -105.71 -67.32
C ASN R 14 -46.70 -107.04 -67.97
N GLN R 15 -45.75 -107.04 -68.91
CA GLN R 15 -45.39 -108.28 -69.61
C GLN R 15 -44.65 -109.24 -68.69
N ILE R 16 -43.66 -108.74 -67.94
CA ILE R 16 -42.92 -109.59 -67.02
C ILE R 16 -43.82 -110.05 -65.87
N GLY R 17 -44.75 -109.19 -65.42
CA GLY R 17 -45.70 -109.61 -64.40
C GLY R 17 -46.65 -110.68 -64.88
N ALA R 18 -47.11 -110.59 -66.14
CA ALA R 18 -47.98 -111.63 -66.69
C ALA R 18 -47.26 -112.96 -66.81
N LYS R 19 -46.01 -112.94 -67.30
CA LYS R 19 -45.23 -114.18 -67.38
C LYS R 19 -44.92 -114.74 -65.98
N PHE R 20 -44.62 -113.85 -65.03
CA PHE R 20 -44.34 -114.26 -63.66
C PHE R 20 -45.57 -114.87 -63.00
N TRP R 21 -46.75 -114.27 -63.21
CA TRP R 21 -47.99 -114.80 -62.64
C TRP R 21 -48.35 -116.13 -63.29
N GLU R 22 -48.06 -116.29 -64.58
CA GLU R 22 -48.28 -117.58 -65.24
C GLU R 22 -47.37 -118.66 -64.65
N VAL R 23 -46.11 -118.33 -64.41
CA VAL R 23 -45.16 -119.29 -63.81
C VAL R 23 -45.59 -119.64 -62.38
N ILE R 24 -46.07 -118.65 -61.63
CA ILE R 24 -46.50 -118.88 -60.25
C ILE R 24 -47.75 -119.76 -60.22
N SER R 25 -48.74 -119.45 -61.05
CA SER R 25 -49.98 -120.23 -61.07
C SER R 25 -49.76 -121.63 -61.64
N ASP R 26 -48.74 -121.81 -62.48
CA ASP R 26 -48.34 -123.17 -62.86
C ASP R 26 -47.67 -123.88 -61.69
N GLU R 27 -46.85 -123.16 -60.92
CA GLU R 27 -46.14 -123.78 -59.80
C GLU R 27 -47.08 -124.08 -58.64
N HIS R 28 -48.04 -123.19 -58.38
CA HIS R 28 -48.94 -123.34 -57.25
C HIS R 28 -50.14 -124.23 -57.56
N GLY R 29 -50.25 -124.73 -58.79
CA GLY R 29 -51.36 -125.58 -59.17
C GLY R 29 -52.70 -124.87 -59.24
N ILE R 30 -52.73 -123.65 -59.77
CA ILE R 30 -53.95 -122.86 -59.90
C ILE R 30 -54.27 -122.76 -61.38
N ASP R 31 -55.51 -123.09 -61.74
CA ASP R 31 -55.95 -123.07 -63.12
C ASP R 31 -56.40 -121.66 -63.50
N ILE R 32 -56.94 -121.51 -64.71
CA ILE R 32 -57.36 -120.20 -65.19
C ILE R 32 -58.65 -119.73 -64.52
N ALA R 33 -59.41 -120.65 -63.92
CA ALA R 33 -60.63 -120.30 -63.21
C ALA R 33 -60.38 -119.97 -61.74
N GLY R 34 -59.14 -120.04 -61.27
CA GLY R 34 -58.82 -119.71 -59.90
C GLY R 34 -59.06 -120.83 -58.90
N ASN R 35 -59.28 -122.05 -59.35
CA ASN R 35 -59.52 -123.19 -58.47
C ASN R 35 -58.25 -124.00 -58.30
N TYR R 36 -58.03 -124.51 -57.10
CA TYR R 36 -56.84 -125.29 -56.81
C TYR R 36 -56.92 -126.67 -57.47
N CYS R 37 -55.85 -127.05 -58.17
CA CYS R 37 -55.78 -128.36 -58.80
C CYS R 37 -54.42 -129.03 -58.61
N GLY R 38 -53.64 -128.58 -57.62
CA GLY R 38 -52.34 -129.18 -57.38
C GLY R 38 -52.44 -130.45 -56.56
N ASN R 39 -51.29 -131.11 -56.40
CA ASN R 39 -51.21 -132.38 -55.69
C ASN R 39 -50.48 -132.29 -54.36
N ALA R 40 -50.07 -131.09 -53.94
CA ALA R 40 -49.33 -130.92 -52.69
C ALA R 40 -50.04 -129.92 -51.80
N SER R 41 -50.07 -130.22 -50.50
CA SER R 41 -50.70 -129.31 -49.55
C SER R 41 -49.84 -128.08 -49.28
N LEU R 42 -48.56 -128.12 -49.64
CA LEU R 42 -47.69 -126.94 -49.50
C LEU R 42 -48.04 -125.85 -50.50
N GLN R 43 -48.65 -126.21 -51.65
CA GLN R 43 -49.02 -125.22 -52.63
C GLN R 43 -50.16 -124.34 -52.14
N LEU R 44 -51.13 -124.92 -51.44
CA LEU R 44 -52.22 -124.13 -50.86
C LEU R 44 -51.78 -123.39 -49.60
N GLU R 45 -50.69 -123.81 -48.97
CA GLU R 45 -50.15 -123.09 -47.83
C GLU R 45 -49.44 -121.83 -48.30
N ARG R 46 -49.61 -120.75 -47.52
CA ARG R 46 -49.05 -119.41 -47.80
C ARG R 46 -49.47 -118.90 -49.17
N ILE R 47 -50.74 -119.07 -49.51
CA ILE R 47 -51.29 -118.58 -50.77
C ILE R 47 -51.95 -117.22 -50.64
N ASN R 48 -52.19 -116.75 -49.41
CA ASN R 48 -52.88 -115.48 -49.20
C ASN R 48 -51.97 -114.27 -49.39
N VAL R 49 -50.66 -114.48 -49.55
CA VAL R 49 -49.77 -113.35 -49.81
C VAL R 49 -49.98 -112.80 -51.21
N TYR R 50 -50.35 -113.65 -52.17
CA TYR R 50 -50.43 -113.26 -53.57
C TYR R 50 -51.83 -113.37 -54.15
N PHE R 51 -52.59 -114.39 -53.79
CA PHE R 51 -53.88 -114.69 -54.40
C PHE R 51 -55.00 -114.37 -53.43
N ASN R 52 -55.89 -113.47 -53.84
CA ASN R 52 -57.06 -113.16 -53.04
C ASN R 52 -58.12 -114.24 -53.21
N GLU R 53 -58.74 -114.65 -52.10
CA GLU R 53 -59.75 -115.69 -52.12
C GLU R 53 -61.11 -115.05 -52.41
N ALA R 54 -61.63 -115.29 -53.61
CA ALA R 54 -62.95 -114.83 -53.97
C ALA R 54 -63.98 -115.91 -53.66
N TYR R 55 -65.21 -115.71 -54.10
CA TYR R 55 -66.27 -116.69 -53.86
C TYR R 55 -66.12 -117.90 -54.77
N SER R 56 -66.63 -119.04 -54.27
CA SER R 56 -66.69 -120.32 -55.00
C SER R 56 -65.32 -120.81 -55.42
N HIS R 57 -64.37 -120.78 -54.47
CA HIS R 57 -63.01 -121.31 -54.61
C HIS R 57 -62.24 -120.66 -55.76
N LYS R 58 -62.30 -119.33 -55.82
CA LYS R 58 -61.66 -118.56 -56.88
C LYS R 58 -60.49 -117.79 -56.27
N TYR R 59 -59.26 -118.20 -56.60
CA TYR R 59 -58.06 -117.55 -56.11
C TYR R 59 -57.55 -116.61 -57.19
N VAL R 60 -57.96 -115.35 -57.11
CA VAL R 60 -57.53 -114.35 -58.08
C VAL R 60 -56.37 -113.55 -57.50
N PRO R 61 -55.38 -113.17 -58.31
CA PRO R 61 -54.26 -112.38 -57.78
C PRO R 61 -54.68 -110.96 -57.43
N ARG R 62 -54.00 -110.40 -56.43
CA ARG R 62 -54.19 -109.00 -56.04
C ARG R 62 -53.21 -108.10 -56.79
N SER R 63 -53.26 -108.18 -58.11
CA SER R 63 -52.33 -107.47 -58.98
C SER R 63 -52.99 -106.20 -59.51
N ILE R 64 -52.25 -105.09 -59.43
CA ILE R 64 -52.71 -103.80 -59.95
C ILE R 64 -51.88 -103.51 -61.19
N LEU R 65 -52.44 -103.81 -62.36
CA LEU R 65 -51.76 -103.54 -63.63
C LEU R 65 -51.97 -102.08 -64.00
N VAL R 66 -50.89 -101.31 -64.05
CA VAL R 66 -50.95 -99.88 -64.32
C VAL R 66 -50.16 -99.60 -65.59
N ASP R 67 -50.77 -98.86 -66.52
CA ASP R 67 -50.12 -98.41 -67.73
C ASP R 67 -50.80 -97.13 -68.19
N LEU R 68 -50.27 -96.54 -69.26
CA LEU R 68 -50.87 -95.35 -69.85
C LEU R 68 -51.35 -95.58 -71.27
N GLU R 69 -51.33 -96.83 -71.75
CA GLU R 69 -51.84 -97.19 -73.06
C GLU R 69 -52.72 -98.43 -72.94
N PRO R 70 -53.87 -98.44 -73.62
CA PRO R 70 -54.77 -99.60 -73.51
C PRO R 70 -54.35 -100.81 -74.32
N GLY R 71 -53.35 -100.66 -75.19
CA GLY R 71 -52.87 -101.81 -75.96
C GLY R 71 -52.21 -102.86 -75.10
N THR R 72 -51.50 -102.43 -74.05
CA THR R 72 -50.90 -103.37 -73.12
C THR R 72 -51.96 -104.11 -72.30
N MET R 73 -53.03 -103.42 -71.93
CA MET R 73 -54.14 -104.07 -71.24
C MET R 73 -54.86 -105.06 -72.16
N ASP R 74 -55.00 -104.70 -73.43
CA ASP R 74 -55.60 -105.63 -74.40
C ASP R 74 -54.70 -106.85 -74.62
N SER R 75 -53.38 -106.66 -74.61
CA SER R 75 -52.47 -107.78 -74.72
C SER R 75 -52.50 -108.67 -73.48
N VAL R 76 -52.69 -108.06 -72.30
CA VAL R 76 -52.84 -108.84 -71.07
C VAL R 76 -54.14 -109.65 -71.10
N ARG R 77 -55.24 -109.02 -71.51
CA ARG R 77 -56.53 -109.70 -71.57
C ARG R 77 -56.57 -110.76 -72.66
N SER R 78 -55.81 -110.58 -73.73
CA SER R 78 -55.77 -111.54 -74.82
C SER R 78 -54.96 -112.79 -74.48
N SER R 79 -54.16 -112.77 -73.41
CA SER R 79 -53.35 -113.91 -73.02
C SER R 79 -54.20 -114.92 -72.25
N LYS R 80 -53.54 -115.99 -71.78
CA LYS R 80 -54.26 -117.06 -71.09
C LYS R 80 -54.65 -116.65 -69.69
N ILE R 81 -53.89 -115.76 -69.05
CA ILE R 81 -54.13 -115.39 -67.65
C ILE R 81 -55.03 -114.17 -67.52
N GLY R 82 -55.55 -113.65 -68.65
CA GLY R 82 -56.44 -112.52 -68.66
C GLY R 82 -57.73 -112.67 -67.86
N PRO R 83 -58.51 -113.73 -68.11
CA PRO R 83 -59.66 -114.00 -67.22
C PRO R 83 -59.29 -114.34 -65.79
N LEU R 84 -58.06 -114.79 -65.52
CA LEU R 84 -57.64 -115.09 -64.15
C LEU R 84 -57.46 -113.82 -63.33
N PHE R 85 -56.98 -112.74 -63.95
CA PHE R 85 -56.75 -111.50 -63.23
C PHE R 85 -58.06 -110.81 -62.88
N ARG R 86 -57.98 -109.91 -61.90
CA ARG R 86 -59.15 -109.16 -61.47
C ARG R 86 -59.49 -108.08 -62.50
N PRO R 87 -60.70 -108.09 -63.06
CA PRO R 87 -61.05 -107.04 -64.04
C PRO R 87 -61.24 -105.66 -63.44
N ASP R 88 -61.56 -105.57 -62.15
CA ASP R 88 -61.74 -104.27 -61.51
C ASP R 88 -60.41 -103.59 -61.19
N ASN R 89 -59.30 -104.33 -61.22
CA ASN R 89 -58.00 -103.80 -60.89
C ASN R 89 -57.24 -103.26 -62.09
N PHE R 90 -57.86 -103.23 -63.26
CA PHE R 90 -57.22 -102.70 -64.46
C PHE R 90 -57.28 -101.18 -64.44
N ILE R 91 -56.12 -100.54 -64.55
CA ILE R 91 -56.02 -99.09 -64.66
C ILE R 91 -55.15 -98.78 -65.86
N HIS R 92 -55.69 -98.01 -66.81
CA HIS R 92 -54.96 -97.68 -68.03
C HIS R 92 -55.27 -96.24 -68.42
N GLY R 93 -54.23 -95.52 -68.86
CA GLY R 93 -54.41 -94.17 -69.35
C GLY R 93 -54.74 -94.13 -70.83
N ASN R 94 -54.89 -92.91 -71.34
CA ASN R 94 -55.25 -92.71 -72.73
C ASN R 94 -54.01 -92.53 -73.61
N SER R 95 -53.06 -91.71 -73.18
CA SER R 95 -51.86 -91.41 -73.94
C SER R 95 -50.64 -91.81 -73.13
N GLY R 96 -49.75 -92.58 -73.76
CA GLY R 96 -48.52 -92.95 -73.11
C GLY R 96 -47.54 -91.80 -73.04
N ALA R 97 -46.57 -91.94 -72.12
CA ALA R 97 -45.55 -90.90 -71.97
C ALA R 97 -44.52 -91.01 -73.09
N GLY R 98 -44.21 -92.22 -73.53
CA GLY R 98 -43.27 -92.44 -74.61
C GLY R 98 -41.86 -92.03 -74.29
N ASN R 99 -41.24 -92.75 -73.34
CA ASN R 99 -39.87 -92.52 -72.86
C ASN R 99 -39.67 -91.11 -72.30
N ASN R 100 -40.72 -90.54 -71.73
CA ASN R 100 -40.68 -89.23 -71.10
C ASN R 100 -40.87 -89.43 -69.60
N TRP R 101 -39.80 -89.22 -68.83
CA TRP R 101 -39.91 -89.39 -67.37
C TRP R 101 -40.65 -88.23 -66.73
N ALA R 102 -40.45 -87.01 -67.24
CA ALA R 102 -41.12 -85.84 -66.67
C ALA R 102 -42.63 -85.90 -66.91
N LYS R 103 -43.04 -86.44 -68.07
CA LYS R 103 -44.46 -86.52 -68.38
C LYS R 103 -45.15 -87.57 -67.54
N GLY R 104 -44.43 -88.62 -67.14
CA GLY R 104 -44.97 -89.64 -66.27
C GLY R 104 -44.72 -89.41 -64.80
N HIS R 105 -43.99 -88.35 -64.45
CA HIS R 105 -43.70 -88.02 -63.07
C HIS R 105 -44.34 -86.72 -62.61
N TYR R 106 -44.77 -85.86 -63.52
CA TYR R 106 -45.27 -84.55 -63.11
C TYR R 106 -46.66 -84.24 -63.64
N THR R 107 -47.02 -84.77 -64.81
CA THR R 107 -48.32 -84.46 -65.41
C THR R 107 -49.25 -85.66 -65.49
N GLU R 108 -48.85 -86.74 -66.17
CA GLU R 108 -49.77 -87.85 -66.39
C GLU R 108 -49.75 -88.85 -65.25
N GLY R 109 -48.57 -89.11 -64.70
CA GLY R 109 -48.49 -89.86 -63.45
C GLY R 109 -49.19 -89.14 -62.31
N ALA R 110 -49.08 -87.81 -62.28
CA ALA R 110 -49.80 -87.03 -61.28
C ALA R 110 -51.31 -87.06 -61.53
N GLU R 111 -51.75 -87.09 -62.78
CA GLU R 111 -53.18 -87.10 -63.06
C GLU R 111 -53.81 -88.47 -62.88
N LEU R 112 -53.03 -89.56 -62.90
CA LEU R 112 -53.57 -90.88 -62.62
C LEU R 112 -53.20 -91.42 -61.24
N ILE R 113 -52.35 -90.72 -60.49
CA ILE R 113 -51.94 -91.22 -59.18
C ILE R 113 -53.07 -91.12 -58.16
N GLU R 114 -54.05 -90.23 -58.37
CA GLU R 114 -55.19 -90.19 -57.46
C GLU R 114 -56.09 -91.41 -57.64
N ASN R 115 -56.31 -91.83 -58.89
CA ASN R 115 -57.09 -93.04 -59.14
C ASN R 115 -56.35 -94.28 -58.66
N VAL R 116 -55.03 -94.36 -58.89
CA VAL R 116 -54.32 -95.54 -58.43
C VAL R 116 -54.18 -95.53 -56.90
N MET R 117 -54.20 -94.35 -56.27
CA MET R 117 -54.17 -94.29 -54.82
C MET R 117 -55.53 -94.66 -54.23
N ASP R 118 -56.61 -94.34 -54.94
CA ASP R 118 -57.93 -94.81 -54.53
C ASP R 118 -58.04 -96.32 -54.62
N VAL R 119 -57.47 -96.91 -55.68
CA VAL R 119 -57.46 -98.37 -55.82
C VAL R 119 -56.60 -99.01 -54.72
N VAL R 120 -55.43 -98.42 -54.45
CA VAL R 120 -54.55 -98.93 -53.40
C VAL R 120 -55.20 -98.82 -52.02
N ARG R 121 -55.88 -97.70 -51.75
CA ARG R 121 -56.57 -97.53 -50.48
C ARG R 121 -57.77 -98.47 -50.34
N ASN R 122 -58.46 -98.74 -51.46
CA ASN R 122 -59.54 -99.71 -51.43
C ASN R 122 -59.03 -101.12 -51.15
N GLU R 123 -57.86 -101.47 -51.70
CA GLU R 123 -57.28 -102.77 -51.41
C GLU R 123 -56.76 -102.84 -49.97
N CYS R 124 -56.16 -101.74 -49.48
CA CYS R 124 -55.50 -101.74 -48.18
C CYS R 124 -56.48 -101.65 -47.02
N GLU R 125 -57.63 -100.98 -47.21
CA GLU R 125 -58.60 -100.87 -46.13
C GLU R 125 -59.33 -102.17 -45.89
N SER R 126 -59.30 -103.10 -46.84
CA SER R 126 -59.83 -104.44 -46.65
C SER R 126 -58.81 -105.41 -46.07
N CYS R 127 -57.56 -104.98 -45.92
CA CYS R 127 -56.53 -105.84 -45.36
C CYS R 127 -56.70 -105.98 -43.85
N ASP R 128 -56.64 -107.21 -43.36
CA ASP R 128 -56.51 -107.43 -41.92
C ASP R 128 -55.18 -106.88 -41.41
N CYS R 129 -54.11 -107.12 -42.16
CA CYS R 129 -52.81 -106.52 -41.90
C CYS R 129 -52.04 -106.46 -43.20
N LEU R 130 -51.29 -105.39 -43.38
CA LEU R 130 -50.52 -105.17 -44.60
C LEU R 130 -49.08 -105.61 -44.39
N GLN R 131 -48.57 -106.43 -45.31
CA GLN R 131 -47.18 -106.85 -45.26
C GLN R 131 -46.27 -105.88 -46.00
N GLY R 132 -46.65 -105.50 -47.21
CA GLY R 132 -45.87 -104.57 -48.00
C GLY R 132 -46.39 -104.49 -49.41
N PHE R 133 -45.63 -103.80 -50.25
CA PHE R 133 -45.95 -103.64 -51.65
C PHE R 133 -44.79 -104.11 -52.50
N GLN R 134 -45.07 -104.96 -53.48
CA GLN R 134 -44.09 -105.43 -54.44
C GLN R 134 -44.29 -104.67 -55.75
N LEU R 135 -43.24 -104.01 -56.21
CA LEU R 135 -43.30 -103.17 -57.41
C LEU R 135 -42.38 -103.75 -58.47
N ILE R 136 -42.89 -103.84 -59.70
CA ILE R 136 -42.11 -104.33 -60.82
C ILE R 136 -42.26 -103.35 -61.98
N HIS R 137 -41.16 -102.73 -62.37
CA HIS R 137 -41.18 -101.68 -63.38
C HIS R 137 -39.79 -101.54 -63.98
N SER R 138 -39.71 -100.74 -65.04
CA SER R 138 -38.46 -100.50 -65.75
C SER R 138 -38.02 -99.04 -65.57
N LEU R 139 -36.74 -98.85 -65.32
CA LEU R 139 -36.20 -97.52 -65.03
C LEU R 139 -35.99 -96.66 -66.26
N GLY R 140 -36.16 -97.20 -67.47
CA GLY R 140 -35.86 -96.46 -68.68
C GLY R 140 -37.04 -95.80 -69.36
N GLY R 141 -38.23 -96.38 -69.22
CA GLY R 141 -39.40 -95.96 -69.95
C GLY R 141 -39.99 -94.66 -69.45
N GLY R 142 -41.15 -94.33 -70.00
CA GLY R 142 -41.76 -93.05 -69.71
C GLY R 142 -42.74 -93.04 -68.57
N THR R 143 -43.75 -93.89 -68.63
CA THR R 143 -44.68 -93.98 -67.52
C THR R 143 -44.26 -94.99 -66.48
N GLY R 144 -43.43 -95.97 -66.86
CA GLY R 144 -42.92 -96.97 -65.96
C GLY R 144 -42.12 -96.39 -64.82
N SER R 145 -40.96 -95.79 -65.14
CA SER R 145 -40.09 -95.24 -64.11
C SER R 145 -40.70 -94.06 -63.38
N GLY R 146 -41.32 -93.14 -64.13
CA GLY R 146 -41.90 -91.95 -63.51
C GLY R 146 -43.08 -92.25 -62.62
N MET R 147 -44.02 -93.07 -63.12
CA MET R 147 -45.18 -93.40 -62.30
C MET R 147 -44.82 -94.36 -61.18
N GLY R 148 -43.78 -95.19 -61.36
CA GLY R 148 -43.32 -96.02 -60.27
C GLY R 148 -42.72 -95.23 -59.14
N THR R 149 -41.91 -94.22 -59.46
CA THR R 149 -41.34 -93.39 -58.41
C THR R 149 -42.39 -92.48 -57.76
N LEU R 150 -43.39 -92.04 -58.52
CA LEU R 150 -44.48 -91.28 -57.91
C LEU R 150 -45.35 -92.15 -57.00
N LEU R 151 -45.60 -93.39 -57.41
CA LEU R 151 -46.32 -94.33 -56.56
C LEU R 151 -45.53 -94.67 -55.31
N ILE R 152 -44.20 -94.77 -55.45
CA ILE R 152 -43.32 -95.02 -54.31
C ILE R 152 -43.39 -93.87 -53.31
N ASN R 153 -43.35 -92.62 -53.81
CA ASN R 153 -43.46 -91.46 -52.93
C ASN R 153 -44.81 -91.39 -52.24
N LYS R 154 -45.89 -91.71 -52.97
CA LYS R 154 -47.22 -91.68 -52.38
C LYS R 154 -47.40 -92.78 -51.33
N ILE R 155 -46.86 -93.97 -51.59
CA ILE R 155 -46.97 -95.07 -50.64
C ILE R 155 -46.15 -94.79 -49.39
N ARG R 156 -44.94 -94.23 -49.57
CA ARG R 156 -44.13 -93.86 -48.42
C ARG R 156 -44.75 -92.72 -47.62
N GLU R 157 -45.51 -91.83 -48.26
CA GLU R 157 -46.22 -90.80 -47.52
C GLU R 157 -47.40 -91.40 -46.75
N GLU R 158 -48.18 -92.28 -47.38
CA GLU R 158 -49.36 -92.82 -46.70
C GLU R 158 -49.01 -93.88 -45.66
N TYR R 159 -48.11 -94.80 -45.99
CA TYR R 159 -47.80 -95.93 -45.12
C TYR R 159 -46.29 -95.95 -44.85
N PRO R 160 -45.81 -95.14 -43.91
CA PRO R 160 -44.36 -95.08 -43.65
C PRO R 160 -43.83 -96.30 -42.91
N ASP R 161 -44.69 -97.16 -42.37
CA ASP R 161 -44.26 -98.33 -41.62
C ASP R 161 -44.39 -99.62 -42.43
N ARG R 162 -44.36 -99.52 -43.75
CA ARG R 162 -44.48 -100.69 -44.62
C ARG R 162 -43.29 -100.76 -45.56
N ILE R 163 -42.92 -101.98 -45.92
CA ILE R 163 -41.75 -102.20 -46.77
C ILE R 163 -42.12 -101.86 -48.21
N MET R 164 -41.08 -101.57 -49.01
CA MET R 164 -41.24 -101.26 -50.42
C MET R 164 -40.22 -102.07 -51.20
N ASN R 165 -40.68 -103.12 -51.87
CA ASN R 165 -39.83 -104.02 -52.63
C ASN R 165 -40.02 -103.71 -54.12
N THR R 166 -38.91 -103.42 -54.80
CA THR R 166 -38.95 -102.96 -56.18
C THR R 166 -38.11 -103.86 -57.07
N PHE R 167 -38.71 -104.36 -58.14
CA PHE R 167 -37.98 -105.12 -59.17
C PHE R 167 -37.61 -104.18 -60.32
N SER R 168 -36.73 -103.24 -60.00
CA SER R 168 -36.38 -102.17 -60.93
C SER R 168 -35.47 -102.70 -62.03
N VAL R 169 -35.91 -102.58 -63.27
CA VAL R 169 -35.15 -103.04 -64.43
C VAL R 169 -34.34 -101.87 -64.95
N VAL R 170 -33.02 -101.97 -64.83
CA VAL R 170 -32.12 -100.92 -65.32
C VAL R 170 -31.99 -101.04 -66.84
N PRO R 171 -32.19 -99.96 -67.59
CA PRO R 171 -32.08 -100.04 -69.05
C PRO R 171 -30.64 -100.18 -69.51
N SER R 172 -30.49 -100.72 -70.72
CA SER R 172 -29.21 -100.99 -71.32
C SER R 172 -29.21 -100.57 -72.78
N PRO R 173 -28.08 -100.11 -73.31
CA PRO R 173 -28.04 -99.72 -74.73
C PRO R 173 -28.06 -100.88 -75.70
N LYS R 174 -27.79 -102.11 -75.26
CA LYS R 174 -27.68 -103.22 -76.17
C LYS R 174 -29.03 -103.82 -76.56
N VAL R 175 -30.12 -103.42 -75.91
CA VAL R 175 -31.43 -103.99 -76.21
C VAL R 175 -32.45 -102.86 -76.41
N SER R 176 -32.08 -101.64 -76.04
CA SER R 176 -32.98 -100.50 -76.11
C SER R 176 -32.38 -99.43 -77.02
N ASP R 177 -33.18 -98.93 -77.96
CA ASP R 177 -32.71 -97.97 -78.94
C ASP R 177 -32.91 -96.52 -78.52
N THR R 178 -33.73 -96.27 -77.50
CA THR R 178 -33.95 -94.91 -77.03
C THR R 178 -32.70 -94.37 -76.34
N VAL R 179 -32.42 -93.09 -76.57
CA VAL R 179 -31.16 -92.49 -76.14
C VAL R 179 -31.30 -91.78 -74.79
N VAL R 180 -32.51 -91.39 -74.40
CA VAL R 180 -32.72 -90.54 -73.23
C VAL R 180 -32.88 -91.37 -71.96
N GLU R 181 -32.66 -92.68 -72.05
CA GLU R 181 -32.86 -93.59 -70.93
C GLU R 181 -31.91 -93.42 -69.74
N PRO R 182 -30.64 -92.98 -69.88
CA PRO R 182 -29.89 -92.60 -68.68
C PRO R 182 -30.51 -91.49 -67.85
N TYR R 183 -31.25 -90.55 -68.44
CA TYR R 183 -31.95 -89.53 -67.64
C TYR R 183 -32.99 -90.16 -66.74
N ASN R 184 -33.84 -91.03 -67.31
CA ASN R 184 -34.89 -91.69 -66.54
C ASN R 184 -34.30 -92.62 -65.49
N ALA R 185 -33.25 -93.35 -65.87
CA ALA R 185 -32.60 -94.29 -64.95
C ALA R 185 -31.96 -93.56 -63.77
N ILE R 186 -31.24 -92.46 -64.02
CA ILE R 186 -30.57 -91.76 -62.93
C ILE R 186 -31.58 -91.04 -62.04
N LEU R 187 -32.65 -90.49 -62.63
CA LEU R 187 -33.69 -89.84 -61.83
C LEU R 187 -34.45 -90.85 -60.97
N SER R 188 -34.75 -92.03 -61.52
CA SER R 188 -35.44 -93.04 -60.73
C SER R 188 -34.51 -93.69 -59.69
N ILE R 189 -33.21 -93.79 -59.99
CA ILE R 189 -32.25 -94.26 -58.99
C ILE R 189 -32.16 -93.29 -57.83
N HIS R 190 -32.15 -91.98 -58.12
CA HIS R 190 -32.15 -90.99 -57.05
C HIS R 190 -33.44 -91.00 -56.23
N GLN R 191 -34.58 -91.30 -56.87
CA GLN R 191 -35.81 -91.41 -56.09
C GLN R 191 -35.83 -92.70 -55.26
N LEU R 192 -35.34 -93.80 -55.81
CA LEU R 192 -35.33 -95.09 -55.12
C LEU R 192 -34.31 -95.13 -53.98
N ILE R 193 -33.26 -94.33 -54.05
CA ILE R 193 -32.33 -94.22 -52.94
C ILE R 193 -33.03 -93.58 -51.74
N GLU R 194 -33.77 -92.51 -51.97
CA GLU R 194 -34.33 -91.74 -50.88
C GLU R 194 -35.69 -92.22 -50.40
N ASN R 195 -36.40 -93.03 -51.18
CA ASN R 195 -37.77 -93.36 -50.80
C ASN R 195 -38.09 -94.85 -50.90
N THR R 196 -37.08 -95.72 -50.99
CA THR R 196 -37.32 -97.15 -51.09
C THR R 196 -36.30 -97.90 -50.23
N ASP R 197 -36.74 -99.03 -49.66
CA ASP R 197 -35.91 -99.84 -48.80
C ASP R 197 -35.39 -101.11 -49.45
N GLU R 198 -35.86 -101.46 -50.65
CA GLU R 198 -35.43 -102.68 -51.31
C GLU R 198 -35.43 -102.47 -52.82
N THR R 199 -34.46 -103.08 -53.50
CA THR R 199 -34.35 -102.96 -54.94
C THR R 199 -33.72 -104.23 -55.51
N PHE R 200 -34.39 -104.86 -56.46
CA PHE R 200 -33.86 -106.03 -57.16
C PHE R 200 -33.34 -105.56 -58.51
N CYS R 201 -32.04 -105.28 -58.58
CA CYS R 201 -31.42 -104.73 -59.79
C CYS R 201 -31.26 -105.82 -60.83
N ILE R 202 -32.29 -106.01 -61.65
CA ILE R 202 -32.24 -106.90 -62.80
C ILE R 202 -31.87 -106.07 -64.02
N ASP R 203 -30.75 -106.40 -64.65
CA ASP R 203 -30.19 -105.59 -65.73
C ASP R 203 -30.37 -106.30 -67.07
N ASN R 204 -30.88 -105.58 -68.06
CA ASN R 204 -31.10 -106.15 -69.38
C ASN R 204 -29.80 -106.39 -70.14
N GLU R 205 -28.72 -105.69 -69.78
CA GLU R 205 -27.42 -105.93 -70.40
C GLU R 205 -26.92 -107.33 -70.07
N ALA R 206 -27.01 -107.73 -68.80
CA ALA R 206 -26.61 -109.06 -68.39
C ALA R 206 -27.57 -110.13 -68.94
N LEU R 207 -28.84 -109.78 -69.10
CA LEU R 207 -29.79 -110.70 -69.74
C LEU R 207 -29.44 -110.96 -71.20
N TYR R 208 -29.08 -109.89 -71.92
CA TYR R 208 -28.64 -110.04 -73.31
C TYR R 208 -27.34 -110.83 -73.38
N ASP R 209 -26.42 -110.60 -72.43
CA ASP R 209 -25.17 -111.36 -72.38
C ASP R 209 -25.42 -112.84 -72.10
N ILE R 210 -26.37 -113.14 -71.21
CA ILE R 210 -26.72 -114.53 -70.90
C ILE R 210 -27.34 -115.20 -72.12
N CYS R 211 -28.28 -114.52 -72.78
CA CYS R 211 -28.90 -115.07 -73.99
C CYS R 211 -27.93 -115.20 -75.15
N PHE R 212 -26.87 -114.39 -75.18
CA PHE R 212 -25.89 -114.46 -76.26
C PHE R 212 -24.87 -115.57 -76.01
N ARG R 213 -24.28 -115.62 -74.81
CA ARG R 213 -23.23 -116.56 -74.52
C ARG R 213 -23.76 -117.93 -74.09
N THR R 214 -24.64 -117.96 -73.08
CA THR R 214 -25.09 -119.23 -72.53
C THR R 214 -26.08 -119.91 -73.46
N LEU R 215 -27.16 -119.21 -73.82
CA LEU R 215 -28.21 -119.80 -74.65
C LEU R 215 -27.85 -119.82 -76.13
N LYS R 216 -26.78 -119.14 -76.53
CA LYS R 216 -26.26 -119.08 -77.91
C LYS R 216 -27.29 -118.53 -78.89
N LEU R 217 -28.17 -117.65 -78.42
CA LEU R 217 -29.16 -116.99 -79.26
C LEU R 217 -28.72 -115.56 -79.52
N THR R 218 -28.48 -115.25 -80.80
CA THR R 218 -28.01 -113.91 -81.16
C THR R 218 -29.08 -112.86 -80.95
N ASN R 219 -30.32 -113.16 -81.31
CA ASN R 219 -31.38 -112.17 -81.19
C ASN R 219 -31.83 -112.03 -79.74
N PRO R 220 -31.86 -110.82 -79.18
CA PRO R 220 -32.40 -110.62 -77.83
C PRO R 220 -33.90 -110.34 -77.86
N THR R 221 -34.67 -111.38 -78.18
CA THR R 221 -36.13 -111.26 -78.19
C THR R 221 -36.67 -111.08 -76.79
N TYR R 222 -37.77 -110.31 -76.69
CA TYR R 222 -38.30 -109.94 -75.39
C TYR R 222 -39.02 -111.10 -74.70
N GLY R 223 -39.45 -112.12 -75.45
CA GLY R 223 -40.05 -113.29 -74.83
C GLY R 223 -39.08 -114.09 -74.00
N ASP R 224 -37.85 -114.26 -74.51
CA ASP R 224 -36.83 -115.00 -73.77
C ASP R 224 -36.38 -114.25 -72.53
N LEU R 225 -36.25 -112.93 -72.62
CA LEU R 225 -35.94 -112.11 -71.45
C LEU R 225 -37.07 -112.15 -70.43
N ASN R 226 -38.32 -112.14 -70.91
CA ASN R 226 -39.48 -112.27 -70.03
C ASN R 226 -39.47 -113.60 -69.30
N HIS R 227 -39.15 -114.69 -70.02
CA HIS R 227 -39.10 -116.02 -69.43
C HIS R 227 -37.98 -116.12 -68.39
N LEU R 228 -36.82 -115.53 -68.68
CA LEU R 228 -35.69 -115.59 -67.76
C LEU R 228 -35.95 -114.79 -66.48
N VAL R 229 -36.45 -113.57 -66.62
CA VAL R 229 -36.77 -112.75 -65.45
C VAL R 229 -37.92 -113.36 -64.66
N SER R 230 -38.89 -113.99 -65.33
CA SER R 230 -39.98 -114.65 -64.62
C SER R 230 -39.48 -115.85 -63.83
N LEU R 231 -38.56 -116.64 -64.41
CA LEU R 231 -37.96 -117.76 -63.69
C LEU R 231 -37.16 -117.30 -62.48
N THR R 232 -36.38 -116.22 -62.65
CA THR R 232 -35.59 -115.70 -61.53
C THR R 232 -36.48 -115.09 -60.46
N MET R 233 -37.59 -114.45 -60.86
CA MET R 233 -38.50 -113.88 -59.88
C MET R 233 -39.25 -114.97 -59.11
N SER R 234 -39.61 -116.07 -59.79
CA SER R 234 -40.21 -117.20 -59.10
C SER R 234 -39.23 -117.83 -58.11
N GLY R 235 -37.97 -117.98 -58.52
CA GLY R 235 -36.96 -118.52 -57.61
C GLY R 235 -36.64 -117.60 -56.45
N VAL R 236 -36.77 -116.29 -56.65
CA VAL R 236 -36.60 -115.35 -55.54
C VAL R 236 -37.78 -115.44 -54.59
N THR R 237 -39.00 -115.48 -55.13
CA THR R 237 -40.20 -115.43 -54.31
C THR R 237 -40.63 -116.80 -53.79
N THR R 238 -39.85 -117.85 -54.06
CA THR R 238 -40.14 -119.14 -53.42
C THR R 238 -39.91 -119.12 -51.91
N SER R 239 -39.19 -118.14 -51.37
CA SER R 239 -39.11 -118.00 -49.92
C SER R 239 -40.39 -117.44 -49.35
N LEU R 240 -41.00 -116.48 -50.05
CA LEU R 240 -42.26 -115.91 -49.59
C LEU R 240 -43.45 -116.83 -49.86
N ARG R 241 -43.39 -117.62 -50.93
CA ARG R 241 -44.54 -118.43 -51.31
C ARG R 241 -44.62 -119.76 -50.58
N PHE R 242 -43.53 -120.20 -49.96
CA PHE R 242 -43.53 -121.49 -49.27
C PHE R 242 -42.91 -121.36 -47.89
N PRO R 243 -43.47 -122.03 -46.89
CA PRO R 243 -42.87 -121.99 -45.55
C PRO R 243 -41.56 -122.78 -45.51
N GLY R 244 -40.67 -122.32 -44.64
CA GLY R 244 -39.38 -122.96 -44.51
C GLY R 244 -38.60 -122.38 -43.35
N GLN R 245 -37.33 -122.77 -43.28
CA GLN R 245 -36.43 -122.23 -42.26
C GLN R 245 -36.22 -120.74 -42.47
N LEU R 246 -35.87 -120.34 -43.69
CA LEU R 246 -35.74 -118.93 -44.04
C LEU R 246 -37.07 -118.52 -44.67
N ASN R 247 -37.94 -117.92 -43.84
CA ASN R 247 -39.18 -117.36 -44.35
C ASN R 247 -38.91 -116.17 -45.26
N ALA R 248 -38.09 -115.22 -44.77
CA ALA R 248 -37.69 -114.00 -45.49
C ALA R 248 -38.89 -113.20 -45.98
N ASP R 249 -39.92 -113.10 -45.14
CA ASP R 249 -41.18 -112.44 -45.51
C ASP R 249 -40.98 -110.93 -45.47
N LEU R 250 -40.37 -110.42 -46.54
CA LEU R 250 -40.20 -109.00 -46.85
C LEU R 250 -39.39 -108.25 -45.80
N ARG R 251 -39.94 -108.11 -44.58
CA ARG R 251 -39.21 -107.42 -43.53
C ARG R 251 -38.01 -108.23 -43.05
N LYS R 252 -38.15 -109.56 -42.96
CA LYS R 252 -37.03 -110.41 -42.59
C LYS R 252 -35.93 -110.37 -43.63
N LEU R 253 -36.30 -110.35 -44.92
CA LEU R 253 -35.32 -110.24 -45.99
C LEU R 253 -34.59 -108.90 -45.95
N ALA R 254 -35.31 -107.83 -45.60
CA ALA R 254 -34.67 -106.53 -45.46
C ALA R 254 -33.78 -106.46 -44.23
N VAL R 255 -34.14 -107.16 -43.16
CA VAL R 255 -33.29 -107.18 -41.97
C VAL R 255 -32.02 -107.98 -42.23
N ASN R 256 -32.13 -109.10 -42.94
CA ASN R 256 -30.96 -109.92 -43.24
C ASN R 256 -30.04 -109.25 -44.24
N MET R 257 -30.59 -108.77 -45.35
CA MET R 257 -29.76 -108.44 -46.52
C MET R 257 -29.32 -106.98 -46.60
N VAL R 258 -29.96 -106.07 -45.86
CA VAL R 258 -29.74 -104.64 -46.05
C VAL R 258 -29.04 -104.10 -44.80
N PRO R 259 -27.74 -103.79 -44.87
CA PRO R 259 -27.07 -103.19 -43.72
C PRO R 259 -27.22 -101.68 -43.61
N PHE R 260 -27.54 -100.99 -44.70
CA PHE R 260 -27.54 -99.54 -44.71
C PHE R 260 -28.71 -99.03 -45.54
N PRO R 261 -29.30 -97.88 -45.16
CA PRO R 261 -30.51 -97.41 -45.86
C PRO R 261 -30.28 -96.97 -47.31
N ARG R 262 -29.03 -96.74 -47.73
CA ARG R 262 -28.74 -96.40 -49.10
C ARG R 262 -28.21 -97.57 -49.90
N LEU R 263 -27.50 -98.50 -49.26
CA LEU R 263 -26.86 -99.62 -49.97
C LEU R 263 -27.76 -100.85 -49.96
N HIS R 264 -28.93 -100.71 -50.57
CA HIS R 264 -29.93 -101.77 -50.59
C HIS R 264 -30.23 -102.25 -52.00
N PHE R 265 -29.19 -102.34 -52.84
CA PHE R 265 -29.34 -102.76 -54.22
C PHE R 265 -28.85 -104.21 -54.33
N PHE R 266 -29.78 -105.12 -54.66
CA PHE R 266 -29.49 -106.55 -54.64
C PHE R 266 -28.85 -106.96 -55.96
N MET R 267 -28.75 -108.27 -56.17
CA MET R 267 -28.20 -108.83 -57.41
C MET R 267 -28.71 -110.25 -57.60
N PRO R 268 -29.94 -110.44 -58.07
CA PRO R 268 -30.48 -111.80 -58.20
C PRO R 268 -29.83 -112.56 -59.35
N GLY R 269 -29.87 -113.88 -59.23
CA GLY R 269 -29.30 -114.76 -60.24
C GLY R 269 -29.97 -116.11 -60.22
N PHE R 270 -29.81 -116.84 -61.33
CA PHE R 270 -30.46 -118.13 -61.50
C PHE R 270 -29.47 -119.08 -62.17
N ALA R 271 -29.08 -120.13 -61.45
CA ALA R 271 -28.03 -121.02 -61.94
C ALA R 271 -28.49 -121.96 -63.06
N PRO R 272 -29.60 -122.76 -62.94
CA PRO R 272 -29.91 -123.60 -64.12
C PRO R 272 -30.78 -122.88 -65.15
N LEU R 273 -30.17 -121.94 -65.87
CA LEU R 273 -30.89 -121.15 -66.85
C LEU R 273 -30.87 -121.86 -68.20
N THR R 274 -32.06 -122.23 -68.69
CA THR R 274 -32.21 -122.89 -69.98
C THR R 274 -33.36 -122.25 -70.73
N ALA R 275 -33.17 -122.06 -72.04
CA ALA R 275 -34.18 -121.45 -72.89
C ALA R 275 -35.32 -122.43 -73.18
N ARG R 276 -36.34 -121.94 -73.87
CA ARG R 276 -37.49 -122.76 -74.25
C ARG R 276 -37.12 -123.79 -75.31
N ARG R 282 -29.77 -132.95 -69.53
CA ARG R 282 -29.44 -131.87 -68.61
C ARG R 282 -29.36 -132.37 -67.18
N ALA R 283 -28.21 -132.93 -66.81
CA ALA R 283 -28.00 -133.41 -65.46
C ALA R 283 -27.86 -132.24 -64.48
N LEU R 284 -28.55 -132.33 -63.35
CA LEU R 284 -28.53 -131.30 -62.33
C LEU R 284 -28.11 -131.92 -61.00
N SER R 285 -27.10 -131.32 -60.38
CA SER R 285 -26.60 -131.80 -59.10
C SER R 285 -26.12 -130.61 -58.29
N VAL R 286 -25.69 -130.87 -57.06
CA VAL R 286 -25.36 -129.83 -56.08
C VAL R 286 -24.09 -129.04 -56.42
N PRO R 287 -22.89 -129.64 -56.65
CA PRO R 287 -21.71 -128.77 -56.81
C PRO R 287 -21.67 -128.01 -58.12
N GLU R 288 -22.25 -128.55 -59.20
CA GLU R 288 -22.36 -127.78 -60.43
C GLU R 288 -23.30 -126.60 -60.28
N LEU R 289 -24.40 -126.78 -59.54
CA LEU R 289 -25.32 -125.67 -59.27
C LEU R 289 -24.67 -124.63 -58.37
N THR R 290 -23.83 -125.06 -57.42
CA THR R 290 -23.16 -124.11 -56.54
C THR R 290 -22.07 -123.35 -57.27
N GLN R 291 -21.31 -124.01 -58.15
CA GLN R 291 -20.30 -123.31 -58.93
C GLN R 291 -20.91 -122.46 -60.04
N GLN R 292 -22.14 -122.76 -60.47
CA GLN R 292 -22.88 -121.87 -61.35
C GLN R 292 -23.61 -120.77 -60.60
N MET R 293 -23.72 -120.88 -59.27
CA MET R 293 -24.47 -119.90 -58.50
C MET R 293 -23.74 -118.57 -58.41
N PHE R 294 -22.43 -118.61 -58.16
CA PHE R 294 -21.65 -117.41 -57.90
C PHE R 294 -20.81 -116.99 -59.11
N ASP R 295 -21.12 -117.51 -60.29
CA ASP R 295 -20.39 -117.15 -61.49
C ASP R 295 -20.77 -115.75 -61.96
N ALA R 296 -19.79 -115.05 -62.55
CA ALA R 296 -20.03 -113.71 -63.08
C ALA R 296 -20.97 -113.75 -64.28
N ARG R 297 -20.82 -114.78 -65.13
CA ARG R 297 -21.64 -114.89 -66.33
C ARG R 297 -23.09 -115.23 -65.99
N ASN R 298 -23.31 -115.99 -64.92
CA ASN R 298 -24.65 -116.45 -64.60
C ASN R 298 -25.53 -115.36 -63.99
N MET R 299 -24.92 -114.37 -63.34
CA MET R 299 -25.69 -113.35 -62.63
C MET R 299 -26.37 -112.39 -63.59
N MET R 300 -27.55 -111.92 -63.19
CA MET R 300 -28.41 -111.10 -64.03
C MET R 300 -28.23 -109.61 -63.79
N ALA R 301 -27.03 -109.20 -63.40
CA ALA R 301 -26.67 -107.79 -63.35
C ALA R 301 -25.26 -107.64 -63.90
N ALA R 302 -25.03 -106.57 -64.66
CA ALA R 302 -23.75 -106.36 -65.34
C ALA R 302 -22.72 -105.92 -64.31
N CYS R 303 -22.17 -106.91 -63.61
CA CYS R 303 -21.28 -106.68 -62.49
C CYS R 303 -20.13 -107.68 -62.55
N ASP R 304 -19.06 -107.37 -61.83
CA ASP R 304 -17.92 -108.28 -61.68
C ASP R 304 -17.74 -108.61 -60.21
N PRO R 305 -18.20 -109.79 -59.76
CA PRO R 305 -18.10 -110.14 -58.33
C PRO R 305 -16.67 -110.35 -57.84
N ARG R 306 -15.71 -110.53 -58.75
CA ARG R 306 -14.31 -110.61 -58.33
C ARG R 306 -13.78 -109.26 -57.86
N ARG R 307 -14.38 -108.16 -58.29
CA ARG R 307 -13.96 -106.82 -57.89
C ARG R 307 -14.73 -106.30 -56.68
N GLY R 308 -15.69 -107.07 -56.15
CA GLY R 308 -16.51 -106.62 -55.05
C GLY R 308 -16.63 -107.70 -53.98
N ARG R 309 -17.25 -107.30 -52.87
CA ARG R 309 -17.41 -108.17 -51.71
C ARG R 309 -18.89 -108.38 -51.43
N TYR R 310 -19.28 -109.64 -51.24
CA TYR R 310 -20.66 -109.99 -50.92
C TYR R 310 -20.96 -109.56 -49.48
N LEU R 311 -21.81 -108.55 -49.31
CA LEU R 311 -22.18 -108.14 -47.96
C LEU R 311 -23.15 -109.14 -47.33
N THR R 312 -24.14 -109.59 -48.10
CA THR R 312 -25.07 -110.61 -47.63
C THR R 312 -25.44 -111.50 -48.80
N VAL R 313 -25.64 -112.79 -48.53
CA VAL R 313 -25.99 -113.78 -49.55
C VAL R 313 -27.16 -114.60 -49.01
N ALA R 314 -28.21 -114.76 -49.81
CA ALA R 314 -29.32 -115.65 -49.46
C ALA R 314 -29.52 -116.62 -50.62
N CYS R 315 -28.78 -117.72 -50.60
CA CYS R 315 -28.87 -118.74 -51.64
C CYS R 315 -29.99 -119.71 -51.31
N ILE R 316 -30.94 -119.86 -52.22
CA ILE R 316 -32.11 -120.70 -52.01
C ILE R 316 -32.10 -121.80 -53.06
N PHE R 317 -32.26 -123.05 -52.61
CA PHE R 317 -32.30 -124.20 -53.49
C PHE R 317 -33.72 -124.74 -53.57
N ARG R 318 -34.13 -125.15 -54.77
CA ARG R 318 -35.45 -125.71 -55.02
C ARG R 318 -35.30 -127.08 -55.65
N GLY R 319 -36.08 -128.05 -55.17
CA GLY R 319 -36.10 -129.39 -55.70
C GLY R 319 -35.83 -130.40 -54.62
N ARG R 320 -35.62 -131.64 -55.04
CA ARG R 320 -35.32 -132.75 -54.13
C ARG R 320 -33.82 -132.95 -54.08
N MET R 321 -33.18 -132.39 -53.06
CA MET R 321 -31.74 -132.48 -52.90
C MET R 321 -31.41 -132.80 -51.44
N SER R 322 -30.21 -133.33 -51.23
CA SER R 322 -29.71 -133.59 -49.89
C SER R 322 -29.21 -132.29 -49.27
N THR R 323 -29.73 -131.96 -48.09
CA THR R 323 -29.40 -130.69 -47.46
C THR R 323 -27.98 -130.66 -46.92
N ARG R 324 -27.48 -131.82 -46.47
CA ARG R 324 -26.13 -131.91 -45.94
C ARG R 324 -25.08 -131.65 -47.02
N GLU R 325 -25.30 -132.19 -48.23
CA GLU R 325 -24.37 -131.96 -49.32
C GLU R 325 -24.40 -130.51 -49.79
N VAL R 326 -25.58 -129.89 -49.77
CA VAL R 326 -25.71 -128.48 -50.12
C VAL R 326 -24.96 -127.61 -49.10
N ASP R 327 -25.13 -127.91 -47.81
CA ASP R 327 -24.44 -127.16 -46.76
C ASP R 327 -22.93 -127.35 -46.84
N GLU R 328 -22.48 -128.58 -47.10
CA GLU R 328 -21.05 -128.86 -47.22
C GLU R 328 -20.45 -128.14 -48.43
N GLN R 329 -21.14 -128.17 -49.57
CA GLN R 329 -20.65 -127.52 -50.78
C GLN R 329 -20.60 -126.00 -50.61
N LEU R 330 -21.63 -125.42 -49.99
CA LEU R 330 -21.64 -123.98 -49.80
C LEU R 330 -20.64 -123.53 -48.74
N LEU R 331 -20.39 -124.36 -47.71
CA LEU R 331 -19.33 -124.06 -46.75
C LEU R 331 -17.96 -124.13 -47.40
N SER R 332 -17.76 -125.12 -48.28
CA SER R 332 -16.50 -125.22 -49.03
C SER R 332 -16.31 -124.04 -49.96
N VAL R 333 -17.39 -123.57 -50.59
CA VAL R 333 -17.33 -122.39 -51.45
C VAL R 333 -17.00 -121.15 -50.63
N GLN R 334 -17.61 -121.00 -49.46
CA GLN R 334 -17.36 -119.84 -48.60
C GLN R 334 -15.94 -119.83 -48.05
N THR R 335 -15.41 -121.01 -47.70
CA THR R 335 -14.05 -121.07 -47.17
C THR R 335 -13.00 -120.92 -48.27
N LYS R 336 -13.28 -121.47 -49.46
CA LYS R 336 -12.33 -121.38 -50.57
C LYS R 336 -12.24 -119.97 -51.14
N ASN R 337 -13.26 -119.14 -50.95
CA ASN R 337 -13.35 -117.80 -51.52
C ASN R 337 -13.60 -116.78 -50.42
N SER R 338 -12.84 -116.89 -49.33
CA SER R 338 -13.02 -116.02 -48.18
C SER R 338 -12.59 -114.58 -48.44
N SER R 339 -11.81 -114.34 -49.49
CA SER R 339 -11.49 -112.98 -49.88
C SER R 339 -12.62 -112.29 -50.63
N TYR R 340 -13.61 -113.06 -51.10
CA TYR R 340 -14.74 -112.49 -51.84
C TYR R 340 -15.88 -112.07 -50.94
N PHE R 341 -15.83 -112.40 -49.65
CA PHE R 341 -16.86 -112.04 -48.69
C PHE R 341 -16.26 -111.08 -47.67
N VAL R 342 -17.11 -110.22 -47.11
CA VAL R 342 -16.66 -109.33 -46.05
C VAL R 342 -16.46 -110.13 -44.78
N GLU R 343 -15.39 -109.84 -44.06
CA GLU R 343 -15.06 -110.54 -42.84
C GLU R 343 -15.63 -109.87 -41.60
N TRP R 344 -16.22 -108.68 -41.73
CA TRP R 344 -16.83 -107.99 -40.60
C TRP R 344 -18.32 -108.25 -40.48
N ILE R 345 -18.90 -109.06 -41.35
CA ILE R 345 -20.26 -109.56 -41.20
C ILE R 345 -20.19 -111.09 -41.19
N PRO R 346 -20.18 -111.71 -40.00
CA PRO R 346 -20.02 -113.15 -39.93
C PRO R 346 -21.32 -113.90 -40.19
N ASN R 347 -21.18 -115.06 -40.83
CA ASN R 347 -22.28 -115.94 -41.26
C ASN R 347 -23.29 -115.18 -42.13
N ASN R 348 -22.79 -114.71 -43.27
CA ASN R 348 -23.58 -113.91 -44.19
C ASN R 348 -24.28 -114.72 -45.27
N VAL R 349 -24.12 -116.04 -45.27
CA VAL R 349 -24.74 -116.91 -46.26
C VAL R 349 -25.85 -117.69 -45.58
N LYS R 350 -27.08 -117.47 -46.04
CA LYS R 350 -28.25 -118.18 -45.51
C LYS R 350 -28.79 -119.12 -46.57
N VAL R 351 -28.95 -120.39 -46.21
CA VAL R 351 -29.33 -121.44 -47.14
C VAL R 351 -30.70 -121.96 -46.77
N ALA R 352 -31.60 -122.06 -47.74
CA ALA R 352 -32.90 -122.65 -47.55
C ALA R 352 -33.18 -123.61 -48.69
N VAL R 353 -33.91 -124.68 -48.39
CA VAL R 353 -34.21 -125.73 -49.36
C VAL R 353 -35.72 -125.92 -49.40
N CYS R 354 -36.32 -125.74 -50.58
CA CYS R 354 -37.73 -126.00 -50.81
C CYS R 354 -37.88 -127.24 -51.69
N ASP R 355 -38.84 -128.09 -51.33
CA ASP R 355 -39.00 -129.37 -52.02
C ASP R 355 -39.77 -129.25 -53.33
N ILE R 356 -40.38 -128.11 -53.62
CA ILE R 356 -41.20 -127.93 -54.82
C ILE R 356 -40.35 -127.20 -55.86
N PRO R 357 -39.96 -127.85 -56.95
CA PRO R 357 -39.18 -127.17 -57.98
C PRO R 357 -40.07 -126.37 -58.91
N PRO R 358 -39.51 -125.39 -59.63
CA PRO R 358 -40.27 -124.74 -60.70
C PRO R 358 -40.58 -125.71 -61.83
N ARG R 359 -41.69 -125.45 -62.52
CA ARG R 359 -42.12 -126.32 -63.60
C ARG R 359 -41.18 -126.24 -64.79
N GLY R 360 -40.82 -127.40 -65.33
CA GLY R 360 -39.84 -127.50 -66.38
C GLY R 360 -38.43 -127.79 -65.91
N LEU R 361 -38.16 -127.68 -64.61
CA LEU R 361 -36.84 -127.90 -64.06
C LEU R 361 -36.93 -128.88 -62.90
N LYS R 362 -36.00 -129.84 -62.87
CA LYS R 362 -35.95 -130.78 -61.76
C LYS R 362 -35.38 -130.12 -60.51
N MET R 363 -34.33 -129.32 -60.68
CA MET R 363 -33.71 -128.61 -59.57
C MET R 363 -33.48 -127.16 -59.95
N ALA R 364 -33.49 -126.28 -58.94
CA ALA R 364 -33.28 -124.86 -59.16
C ALA R 364 -32.34 -124.31 -58.09
N ALA R 365 -31.71 -123.19 -58.42
CA ALA R 365 -30.73 -122.58 -57.52
C ALA R 365 -30.77 -121.07 -57.73
N THR R 366 -31.37 -120.34 -56.80
CA THR R 366 -31.56 -118.90 -56.91
C THR R 366 -30.77 -118.20 -55.80
N PHE R 367 -30.02 -117.17 -56.19
CA PHE R 367 -29.17 -116.44 -55.25
C PHE R 367 -29.56 -114.97 -55.25
N ILE R 368 -29.64 -114.39 -54.06
CA ILE R 368 -29.83 -112.95 -53.87
C ILE R 368 -28.61 -112.43 -53.11
N GLY R 369 -28.08 -111.30 -53.57
CA GLY R 369 -26.90 -110.77 -52.91
C GLY R 369 -26.73 -109.26 -52.96
N ASN R 370 -26.34 -108.67 -51.84
CA ASN R 370 -25.99 -107.26 -51.79
C ASN R 370 -24.48 -107.08 -51.99
N ASN R 371 -24.02 -107.48 -53.16
CA ASN R 371 -22.60 -107.35 -53.49
C ASN R 371 -22.23 -105.89 -53.74
N THR R 372 -20.95 -105.58 -53.54
CA THR R 372 -20.42 -104.26 -53.82
C THR R 372 -20.20 -104.05 -55.32
N ALA R 373 -20.25 -105.12 -56.11
CA ALA R 373 -20.06 -105.04 -57.56
C ALA R 373 -21.20 -104.34 -58.29
N ILE R 374 -22.32 -104.07 -57.61
CA ILE R 374 -23.42 -103.29 -58.21
C ILE R 374 -23.06 -101.83 -58.44
N GLN R 375 -21.98 -101.33 -57.82
CA GLN R 375 -21.57 -99.95 -58.08
C GLN R 375 -20.95 -99.77 -59.46
N GLU R 376 -20.55 -100.87 -60.12
CA GLU R 376 -20.12 -100.77 -61.52
C GLU R 376 -21.30 -100.39 -62.41
N LEU R 377 -22.49 -100.92 -62.10
CA LEU R 377 -23.70 -100.56 -62.84
C LEU R 377 -24.07 -99.10 -62.64
N PHE R 378 -23.97 -98.60 -61.41
CA PHE R 378 -24.25 -97.20 -61.13
C PHE R 378 -23.10 -96.28 -61.50
N ILE R 379 -21.97 -96.82 -61.91
CA ILE R 379 -20.93 -96.02 -62.57
C ILE R 379 -21.18 -95.98 -64.08
N ARG R 380 -21.59 -97.11 -64.66
CA ARG R 380 -21.87 -97.19 -66.09
C ARG R 380 -23.06 -96.31 -66.49
N VAL R 381 -24.15 -96.40 -65.73
CA VAL R 381 -25.33 -95.59 -66.05
C VAL R 381 -25.07 -94.12 -65.76
N SER R 382 -24.30 -93.81 -64.73
CA SER R 382 -23.97 -92.42 -64.44
C SER R 382 -23.01 -91.83 -65.48
N GLU R 383 -22.10 -92.64 -66.02
CA GLU R 383 -21.18 -92.13 -67.04
C GLU R 383 -21.85 -92.02 -68.40
N GLN R 384 -22.87 -92.85 -68.67
CA GLN R 384 -23.71 -92.60 -69.84
C GLN R 384 -24.58 -91.37 -69.63
N PHE R 385 -24.97 -91.10 -68.39
CA PHE R 385 -25.69 -89.88 -68.06
C PHE R 385 -24.79 -88.65 -68.19
N SER R 386 -23.49 -88.81 -67.90
CA SER R 386 -22.57 -87.68 -68.03
C SER R 386 -22.35 -87.31 -69.49
N ALA R 387 -22.29 -88.31 -70.37
CA ALA R 387 -22.14 -88.06 -71.80
C ALA R 387 -23.40 -87.50 -72.43
N MET R 388 -24.54 -87.58 -71.76
CA MET R 388 -25.78 -87.01 -72.25
C MET R 388 -26.15 -85.71 -71.57
N PHE R 389 -25.48 -85.35 -70.48
CA PHE R 389 -25.75 -84.09 -69.79
C PHE R 389 -24.69 -83.04 -70.03
N ARG R 390 -23.49 -83.43 -70.47
CA ARG R 390 -22.47 -82.45 -70.82
C ARG R 390 -22.80 -81.72 -72.11
N ARG R 391 -23.67 -82.29 -72.95
CA ARG R 391 -24.13 -81.62 -74.16
C ARG R 391 -25.62 -81.34 -74.16
N LYS R 392 -26.33 -81.62 -73.05
CA LYS R 392 -27.73 -81.23 -72.81
C LYS R 392 -28.67 -81.80 -73.88
N ALA R 393 -28.42 -83.04 -74.29
CA ALA R 393 -29.26 -83.66 -75.31
C ALA R 393 -30.64 -83.96 -74.76
N PHE R 394 -31.67 -83.51 -75.49
CA PHE R 394 -33.09 -83.66 -75.16
C PHE R 394 -33.45 -83.04 -73.81
N LEU R 395 -32.68 -82.04 -73.37
CA LEU R 395 -32.94 -81.38 -72.10
C LEU R 395 -34.13 -80.44 -72.16
N HIS R 396 -34.54 -80.01 -73.35
CA HIS R 396 -35.66 -79.10 -73.48
C HIS R 396 -36.99 -79.80 -73.22
N TRP R 397 -37.06 -81.12 -73.40
CA TRP R 397 -38.28 -81.85 -73.13
C TRP R 397 -38.59 -81.89 -71.64
N TYR R 398 -37.60 -82.26 -70.83
CA TYR R 398 -37.83 -82.45 -69.40
C TYR R 398 -37.91 -81.11 -68.68
N THR R 399 -37.07 -80.14 -69.04
CA THR R 399 -37.07 -78.86 -68.36
C THR R 399 -38.28 -78.02 -68.72
N GLY R 400 -38.99 -78.34 -69.81
CA GLY R 400 -40.21 -77.64 -70.15
C GLY R 400 -41.43 -78.13 -69.42
N GLU R 401 -41.33 -79.23 -68.68
CA GLU R 401 -42.43 -79.78 -67.90
C GLU R 401 -42.41 -79.30 -66.46
N GLY R 402 -41.61 -78.29 -66.15
CA GLY R 402 -41.49 -77.78 -64.80
C GLY R 402 -40.33 -78.35 -64.01
N MET R 403 -39.63 -79.35 -64.55
CA MET R 403 -38.45 -79.87 -63.90
C MET R 403 -37.32 -78.86 -63.97
N ASP R 404 -36.70 -78.59 -62.83
CA ASP R 404 -35.52 -77.73 -62.84
C ASP R 404 -34.32 -78.50 -63.42
N GLU R 405 -33.35 -77.75 -63.91
CA GLU R 405 -32.12 -78.37 -64.38
C GLU R 405 -31.18 -78.73 -63.23
N MET R 406 -31.45 -78.25 -62.02
CA MET R 406 -30.71 -78.68 -60.84
C MET R 406 -31.11 -80.06 -60.36
N GLU R 407 -32.24 -80.59 -60.84
CA GLU R 407 -32.68 -81.94 -60.47
C GLU R 407 -31.74 -83.00 -61.02
N PHE R 408 -31.26 -82.82 -62.25
CA PHE R 408 -30.29 -83.75 -62.83
C PHE R 408 -28.95 -83.69 -62.10
N SER R 409 -28.54 -82.48 -61.68
CA SER R 409 -27.32 -82.33 -60.90
C SER R 409 -27.45 -82.98 -59.53
N GLU R 410 -28.62 -82.85 -58.90
CA GLU R 410 -28.88 -83.48 -57.61
C GLU R 410 -28.86 -85.00 -57.72
N ALA R 411 -29.48 -85.55 -58.78
CA ALA R 411 -29.48 -86.98 -59.00
C ALA R 411 -28.07 -87.52 -59.28
N GLU R 412 -27.29 -86.79 -60.09
CA GLU R 412 -25.91 -87.18 -60.36
C GLU R 412 -25.06 -87.12 -59.10
N GLY R 413 -25.24 -86.08 -58.28
CA GLY R 413 -24.50 -85.99 -57.03
C GLY R 413 -24.87 -87.07 -56.04
N ASN R 414 -26.15 -87.44 -55.99
CA ASN R 414 -26.57 -88.52 -55.08
C ASN R 414 -26.04 -89.87 -55.54
N THR R 415 -26.04 -90.13 -56.85
CA THR R 415 -25.46 -91.38 -57.34
C THR R 415 -23.95 -91.43 -57.17
N ASN R 416 -23.27 -90.29 -57.33
CA ASN R 416 -21.83 -90.25 -57.09
C ASN R 416 -21.51 -90.42 -55.61
N ASP R 417 -22.36 -89.90 -54.72
CA ASP R 417 -22.19 -90.12 -53.30
C ASP R 417 -22.42 -91.58 -52.93
N LEU R 418 -23.39 -92.23 -53.59
CA LEU R 418 -23.62 -93.66 -53.37
C LEU R 418 -22.43 -94.48 -53.84
N VAL R 419 -21.84 -94.12 -54.98
CA VAL R 419 -20.65 -94.81 -55.49
C VAL R 419 -19.47 -94.62 -54.53
N SER R 420 -19.31 -93.38 -54.01
CA SER R 420 -18.24 -93.09 -53.06
C SER R 420 -18.41 -93.86 -51.76
N GLU R 421 -19.64 -93.96 -51.26
CA GLU R 421 -19.87 -94.71 -50.02
C GLU R 421 -19.71 -96.20 -50.23
N TYR R 422 -20.11 -96.72 -51.40
CA TYR R 422 -19.87 -98.11 -51.75
C TYR R 422 -18.40 -98.44 -51.79
N GLN R 423 -17.59 -97.57 -52.42
CA GLN R 423 -16.15 -97.81 -52.49
C GLN R 423 -15.49 -97.66 -51.13
N GLN R 424 -15.96 -96.70 -50.33
CA GLN R 424 -15.41 -96.50 -48.98
C GLN R 424 -15.68 -97.69 -48.07
N TYR R 425 -16.89 -98.24 -48.12
CA TYR R 425 -17.20 -99.42 -47.33
C TYR R 425 -16.62 -100.70 -47.93
N GLN R 426 -16.25 -100.69 -49.21
CA GLN R 426 -15.49 -101.82 -49.74
C GLN R 426 -14.05 -101.78 -49.30
N ASP R 427 -13.46 -100.58 -49.20
CA ASP R 427 -12.06 -100.46 -48.82
C ASP R 427 -11.81 -100.77 -47.34
N ALA R 428 -12.83 -100.68 -46.50
CA ALA R 428 -12.66 -100.98 -45.09
C ALA R 428 -12.55 -102.49 -44.88
N THR R 429 -11.70 -102.88 -43.93
CA THR R 429 -11.47 -104.28 -43.63
C THR R 429 -11.55 -104.50 -42.12
N ALA R 430 -11.95 -105.70 -41.73
CA ALA R 430 -12.07 -106.05 -40.32
C ALA R 430 -10.69 -106.25 -39.69
#